data_3J26
#
_entry.id   3J26
#
_cell.length_a   1
_cell.length_b   1
_cell.length_c   1
_cell.angle_alpha   90.00
_cell.angle_beta   90.00
_cell.angle_gamma   90.00
#
_symmetry.space_group_name_H-M   'P 1'
#
loop_
_entity.id
_entity.type
_entity.pdbx_description
1 polymer 'capsid protein V20'
2 polymer 'Minor virion protein'
#
loop_
_entity_poly.entity_id
_entity_poly.type
_entity_poly.pdbx_seq_one_letter_code
_entity_poly.pdbx_strand_id
1 'polypeptide(L)'
;MSNSAIPLNVVAVQEPRLELNNERTWVVVKGGQQVTYYPFPSTSFSSNQFNFICNPPSAQTVLDRLVFIQVPYDITFTAN
PSHAGITENLLQPGRDAFRAFPISSITNTLNATINGFPVNIELAQIIHALSRYHTPLKVKNGWMSMQPSFEDNYQSYRDA
DGANNNPLGVFTSAAGLSELPRGSYTMNVVTNTTTTARITGVLYEQVFLPPFLWDGEQAGGLANLTSLTFNWVLNNNLAR
IWSHSDITNDVSGNSTIGSMNISFQQPSMYLGFVTPRLNIPIPPRITYPYFKLSRYTTQFQNTLAPNASSTFKSNVVQLD
SIPRKLYLFVKQSDNVIYQNLNNQITTPDVFLQINNLNLTWNNQQGILSGASSQNLYDFSVQNGYNKTWSEFNGVTQQFN
GVSGQPTKVIGLEGGIVCLELGKDVGLRDDEAEGVIGNFNLQVQMTVTNTNQYVTVTPDMYIVAVYDGTLVISNTSAMAS
IGVASKEEVLNARITHGVSYNELQRIYG
;
A,B,C,D,E,F,G,H,I,J,K,L,M
2 'polypeptide(L)'
;MSYSHSIKDCQEPDTVYYDILIPFKPNDQGFSPAIFQAQLTQPIVHNPSEYFLSVVRFSIPTQNIPLTIPQIQPYPNTNV
NNTIYSVSIGYNGTYSSQNFVQFDPSLTSPNIPAPNAPTVTSPNVEVTPYYYIYDYSTFLQMINTALENAFNEISAPVGA
DAPFFFYDSNTEKISLIAQAAYYDRTLTTPIEIYCNVNLFTFFDSIKHIGLGYNTPTGRDILFDVRFLGNNYYQDPETAP
SYPPEFIQMQQEYPTLSNWNAVKTIQLVSNLLPINKESIPSFRNSNVGIINAQGILADFVPLVTNGPEARISIDFVATGP
WRLIDMFGSVPIYMVDLYVYWTDQTGGQYLINIPPGRILTCKLVFIKKSLSKYLVSEK
;
N
#
# COMPACT_ATOMS: atom_id res chain seq x y z
N MET A 1 111.23 -2.99 51.37
CA MET A 1 110.16 -2.78 50.35
C MET A 1 110.69 -1.83 49.29
N SER A 2 111.17 -0.68 49.77
CA SER A 2 111.83 0.28 48.94
C SER A 2 113.27 -0.16 48.86
N ASN A 3 113.48 -1.35 48.33
CA ASN A 3 114.82 -1.83 48.15
C ASN A 3 115.22 -1.86 46.70
N SER A 4 114.24 -2.12 45.84
CA SER A 4 114.53 -2.55 44.48
C SER A 4 114.06 -1.62 43.39
N ALA A 5 114.98 -1.19 42.53
CA ALA A 5 114.60 -0.51 41.32
C ALA A 5 113.66 0.59 41.75
N ILE A 6 112.51 0.66 41.09
CA ILE A 6 111.44 1.54 41.57
C ILE A 6 110.88 0.99 42.87
N PRO A 7 110.96 1.78 43.96
CA PRO A 7 110.48 1.32 45.27
C PRO A 7 108.98 1.00 45.26
N LEU A 8 108.55 0.07 46.11
CA LEU A 8 107.15 -0.33 46.16
C LEU A 8 106.49 0.18 47.42
N ASN A 9 105.21 -0.14 47.60
CA ASN A 9 104.55 0.22 48.84
C ASN A 9 104.41 -0.97 49.78
N VAL A 10 104.66 -0.75 51.08
CA VAL A 10 104.50 -1.78 52.12
C VAL A 10 103.07 -2.02 52.54
N VAL A 11 102.67 -3.29 52.68
CA VAL A 11 101.48 -3.62 53.49
C VAL A 11 101.73 -4.93 54.17
N ALA A 12 101.14 -5.13 55.34
CA ALA A 12 101.22 -6.41 56.02
C ALA A 12 99.86 -7.05 56.10
N VAL A 13 99.84 -8.37 56.15
CA VAL A 13 98.59 -9.12 56.24
C VAL A 13 98.75 -10.13 57.34
N GLN A 14 97.69 -10.32 58.12
CA GLN A 14 97.67 -11.35 59.13
C GLN A 14 97.38 -12.72 58.53
N GLU A 15 98.07 -13.73 59.00
CA GLU A 15 97.82 -15.10 58.57
C GLU A 15 96.41 -15.59 58.93
N PRO A 16 95.93 -16.67 58.29
CA PRO A 16 94.51 -16.95 58.52
C PRO A 16 94.21 -17.32 59.98
N ARG A 17 95.10 -18.07 60.60
CA ARG A 17 94.88 -18.59 61.96
C ARG A 17 94.76 -17.53 63.04
N LEU A 18 94.89 -16.26 62.67
CA LEU A 18 94.86 -15.21 63.68
C LEU A 18 94.69 -13.84 63.07
N GLU A 19 93.70 -13.09 63.55
CA GLU A 19 93.60 -11.67 63.21
C GLU A 19 94.19 -10.80 64.33
N LEU A 20 93.73 -10.95 65.58
CA LEU A 20 92.51 -11.70 65.92
C LEU A 20 91.44 -10.64 65.93
N ASN A 21 91.87 -9.39 65.92
CA ASN A 21 90.98 -8.27 65.81
C ASN A 21 90.87 -7.77 64.37
N ASN A 22 89.66 -7.33 64.06
CA ASN A 22 89.28 -6.55 62.90
C ASN A 22 87.86 -6.17 63.26
N GLU A 23 87.17 -5.35 62.46
CA GLU A 23 85.83 -4.95 62.88
C GLU A 23 84.67 -5.89 62.45
N ARG A 24 84.14 -6.64 63.43
CA ARG A 24 83.20 -7.75 63.19
C ARG A 24 81.74 -7.33 63.31
N THR A 25 81.09 -7.18 62.17
CA THR A 25 79.77 -6.55 62.11
C THR A 25 78.70 -7.60 61.89
N TRP A 26 77.74 -7.69 62.80
CA TRP A 26 76.62 -8.61 62.66
C TRP A 26 75.72 -8.21 61.53
N VAL A 27 75.37 -9.16 60.65
CA VAL A 27 74.65 -8.86 59.40
C VAL A 27 73.32 -9.61 59.23
N VAL A 28 72.21 -8.92 59.50
CA VAL A 28 70.86 -9.50 59.37
C VAL A 28 70.42 -9.63 57.91
N VAL A 29 70.31 -10.86 57.43
CA VAL A 29 69.87 -11.09 56.06
C VAL A 29 68.36 -11.01 56.02
N LYS A 30 67.82 -10.18 55.11
CA LYS A 30 66.37 -10.03 54.97
C LYS A 30 65.93 -10.06 53.52
N GLY A 31 64.88 -10.84 53.26
CA GLY A 31 64.23 -10.88 51.96
C GLY A 31 62.73 -10.97 52.17
N GLY A 32 61.96 -10.41 51.24
CA GLY A 32 60.50 -10.28 51.37
C GLY A 32 59.81 -11.56 51.79
N GLN A 33 58.73 -11.42 52.57
CA GLN A 33 57.93 -12.56 53.03
C GLN A 33 57.03 -13.10 51.92
N GLN A 34 56.69 -14.38 52.02
CA GLN A 34 55.80 -15.02 51.06
C GLN A 34 56.53 -15.35 49.78
N VAL A 35 57.27 -16.45 49.79
CA VAL A 35 57.74 -16.98 48.52
C VAL A 35 56.92 -18.24 48.21
N THR A 36 56.25 -18.26 47.05
CA THR A 36 55.26 -19.33 46.74
C THR A 36 55.42 -19.90 45.33
N TYR A 37 55.11 -21.17 45.14
CA TYR A 37 55.30 -21.77 43.83
C TYR A 37 54.00 -22.22 43.19
N TYR A 38 53.79 -21.91 41.91
CA TYR A 38 52.59 -22.34 41.20
C TYR A 38 52.88 -23.32 40.10
N PRO A 39 51.94 -24.23 39.84
CA PRO A 39 52.09 -25.12 38.71
C PRO A 39 51.11 -24.81 37.57
N PHE A 40 51.48 -23.97 36.61
CA PHE A 40 50.54 -23.58 35.53
C PHE A 40 50.35 -24.57 34.39
N PRO A 41 49.29 -25.40 34.45
CA PRO A 41 49.15 -26.44 33.42
C PRO A 41 48.76 -25.81 32.10
N SER A 42 49.46 -26.22 31.04
CA SER A 42 49.42 -25.51 29.77
C SER A 42 48.04 -25.52 29.15
N THR A 43 47.57 -24.34 28.75
CA THR A 43 46.32 -24.23 28.02
C THR A 43 46.69 -24.52 26.58
N SER A 44 45.89 -25.35 25.91
CA SER A 44 46.07 -25.61 24.46
C SER A 44 47.31 -26.48 24.09
N PHE A 45 47.62 -27.46 24.93
CA PHE A 45 48.67 -28.41 24.59
C PHE A 45 48.24 -29.17 23.32
N SER A 46 49.23 -29.71 22.60
CA SER A 46 48.96 -30.42 21.36
C SER A 46 49.97 -31.56 21.19
N SER A 47 50.26 -31.95 19.95
CA SER A 47 51.29 -32.95 19.62
C SER A 47 52.51 -32.31 18.92
N ASN A 48 52.33 -31.06 18.52
CA ASN A 48 53.36 -30.27 17.85
C ASN A 48 53.56 -28.90 18.53
N GLN A 49 52.85 -28.66 19.64
CA GLN A 49 52.94 -27.40 20.36
C GLN A 49 52.75 -27.57 21.85
N PHE A 50 53.23 -26.59 22.63
CA PHE A 50 52.86 -26.40 24.05
C PHE A 50 52.75 -24.91 24.31
N ASN A 51 51.67 -24.45 24.93
CA ASN A 51 51.50 -23.02 25.20
C ASN A 51 51.10 -22.72 26.63
N PHE A 52 51.95 -22.05 27.38
CA PHE A 52 51.63 -21.76 28.78
C PHE A 52 51.46 -20.28 29.01
N ILE A 53 50.23 -19.82 29.04
CA ILE A 53 50.01 -18.41 29.29
C ILE A 53 49.58 -18.21 30.73
N CYS A 54 50.50 -17.66 31.52
CA CYS A 54 50.33 -17.48 32.95
C CYS A 54 50.57 -16.02 33.28
N ASN A 55 49.85 -15.52 34.27
CA ASN A 55 49.94 -14.13 34.65
C ASN A 55 50.48 -13.99 36.06
N PRO A 56 51.34 -13.01 36.25
CA PRO A 56 51.94 -12.72 37.53
C PRO A 56 50.83 -12.37 38.49
N PRO A 57 50.94 -12.80 39.73
CA PRO A 57 49.82 -12.62 40.66
C PRO A 57 49.48 -11.17 40.97
N SER A 58 50.45 -10.33 41.26
CA SER A 58 50.11 -8.96 41.62
C SER A 58 50.71 -7.89 40.75
N ALA A 59 51.83 -8.19 40.11
CA ALA A 59 52.51 -7.20 39.29
C ALA A 59 53.33 -6.26 40.17
N GLN A 60 53.28 -6.53 41.47
CA GLN A 60 54.19 -5.95 42.42
C GLN A 60 55.04 -7.04 43.05
N THR A 61 55.00 -8.23 42.47
CA THR A 61 55.77 -9.35 43.00
C THR A 61 56.84 -9.83 42.03
N VAL A 62 58.10 -9.77 42.46
CA VAL A 62 59.21 -10.18 41.61
C VAL A 62 59.12 -11.65 41.30
N LEU A 63 59.50 -12.00 40.09
CA LEU A 63 59.38 -13.36 39.59
C LEU A 63 60.75 -13.97 39.52
N ASP A 64 60.97 -15.04 40.26
CA ASP A 64 62.30 -15.69 40.29
C ASP A 64 62.72 -16.31 38.93
N ARG A 65 64.03 -16.32 38.67
CA ARG A 65 64.53 -16.51 37.31
C ARG A 65 64.59 -17.93 36.79
N LEU A 66 64.93 -18.90 37.65
CA LEU A 66 64.90 -20.30 37.22
C LEU A 66 63.45 -20.73 36.93
N VAL A 67 63.21 -21.30 35.76
CA VAL A 67 61.89 -21.83 35.39
C VAL A 67 62.12 -23.17 34.74
N PHE A 68 61.19 -24.10 34.91
CA PHE A 68 61.27 -25.39 34.23
C PHE A 68 59.90 -25.95 33.95
N ILE A 69 59.82 -26.90 33.02
CA ILE A 69 58.53 -27.54 32.69
C ILE A 69 58.66 -29.03 32.93
N GLN A 70 57.53 -29.73 33.05
CA GLN A 70 57.53 -31.18 33.15
C GLN A 70 56.48 -31.79 32.23
N VAL A 71 56.90 -32.77 31.41
CA VAL A 71 55.98 -33.43 30.47
C VAL A 71 55.86 -34.93 30.73
N PRO A 72 54.63 -35.40 31.05
CA PRO A 72 54.41 -36.85 31.11
C PRO A 72 54.29 -37.32 29.70
N TYR A 73 54.82 -38.50 29.40
CA TYR A 73 55.00 -38.95 28.02
C TYR A 73 54.80 -40.46 27.94
N ASP A 74 54.70 -41.00 26.72
CA ASP A 74 54.45 -42.42 26.50
C ASP A 74 54.90 -42.93 25.12
N ILE A 75 55.81 -43.91 25.10
CA ILE A 75 56.36 -44.45 23.85
C ILE A 75 56.05 -45.92 23.67
N THR A 76 55.75 -46.32 22.44
CA THR A 76 55.62 -47.74 22.11
C THR A 76 56.65 -48.10 21.04
N PHE A 77 57.49 -49.09 21.31
CA PHE A 77 58.40 -49.58 20.28
C PHE A 77 57.80 -50.82 19.65
N THR A 78 58.35 -51.24 18.50
CA THR A 78 57.92 -52.47 17.81
C THR A 78 58.99 -52.92 16.79
N ALA A 79 59.18 -54.23 16.64
CA ALA A 79 60.26 -54.77 15.80
C ALA A 79 59.90 -54.89 14.32
N ASN A 80 60.82 -54.48 13.44
CA ASN A 80 60.64 -54.62 11.98
C ASN A 80 61.15 -55.97 11.47
N PRO A 81 60.44 -56.59 10.51
CA PRO A 81 60.97 -57.80 9.88
C PRO A 81 61.22 -57.65 8.38
N SER A 82 62.44 -57.84 7.85
CA SER A 82 63.70 -58.12 8.55
C SER A 82 64.40 -56.76 8.79
N HIS A 83 65.53 -56.68 9.52
CA HIS A 83 66.23 -57.77 10.22
C HIS A 83 65.36 -58.53 11.17
N ALA A 84 65.37 -59.86 11.04
CA ALA A 84 64.55 -60.76 11.86
C ALA A 84 64.97 -62.21 11.64
N GLY A 85 65.09 -62.97 12.74
CA GLY A 85 64.94 -62.44 14.09
C GLY A 85 66.25 -62.56 14.87
N ILE A 86 66.37 -61.97 16.07
CA ILE A 86 65.41 -61.09 16.76
C ILE A 86 65.38 -61.44 18.25
N THR A 87 66.01 -62.55 18.64
CA THR A 87 65.74 -63.12 19.95
C THR A 87 66.51 -62.44 21.09
N GLU A 88 66.12 -61.21 21.38
CA GLU A 88 66.50 -60.49 22.58
C GLU A 88 65.41 -59.45 22.81
N ASN A 89 65.30 -58.95 24.03
CA ASN A 89 64.28 -57.95 24.28
C ASN A 89 64.56 -56.71 23.48
N LEU A 90 63.52 -56.04 23.02
CA LEU A 90 63.63 -54.93 22.10
C LEU A 90 64.34 -53.77 22.77
N LEU A 91 64.47 -53.84 24.11
CA LEU A 91 65.26 -52.86 24.87
C LEU A 91 66.41 -53.55 25.59
N GLN A 92 67.62 -53.00 25.45
CA GLN A 92 68.83 -53.69 25.84
C GLN A 92 69.60 -53.05 27.02
N PRO A 93 69.96 -53.88 28.04
CA PRO A 93 70.58 -53.42 29.29
C PRO A 93 71.59 -52.27 29.14
N GLY A 94 72.51 -52.39 28.19
CA GLY A 94 73.57 -51.40 28.05
C GLY A 94 73.53 -50.59 26.78
N ARG A 95 72.56 -50.88 25.90
CA ARG A 95 72.54 -50.30 24.56
C ARG A 95 71.27 -49.51 24.29
N ASP A 96 70.97 -48.51 25.13
CA ASP A 96 69.65 -47.85 25.07
C ASP A 96 69.44 -46.74 26.11
N ALA A 97 68.96 -45.57 25.68
CA ALA A 97 68.70 -44.43 26.58
C ALA A 97 67.81 -43.31 25.98
N PHE A 98 67.65 -42.21 26.73
CA PHE A 98 67.17 -40.94 26.16
C PHE A 98 68.39 -40.25 25.58
N ARG A 99 68.19 -39.47 24.51
CA ARG A 99 69.21 -38.50 24.08
C ARG A 99 69.16 -37.35 25.09
N ALA A 100 70.29 -36.68 25.31
CA ALA A 100 70.35 -35.58 26.28
C ALA A 100 70.58 -34.24 25.60
N PHE A 101 69.74 -33.24 25.87
CA PHE A 101 68.67 -33.27 26.85
C PHE A 101 67.41 -33.48 26.06
N PRO A 102 66.58 -34.46 26.46
CA PRO A 102 65.58 -35.00 25.53
C PRO A 102 64.59 -33.98 24.99
N ILE A 103 63.73 -33.45 25.84
CA ILE A 103 62.65 -32.62 25.32
C ILE A 103 63.18 -31.27 24.82
N SER A 104 64.51 -31.17 24.67
CA SER A 104 65.14 -29.96 24.16
C SER A 104 65.47 -30.03 22.67
N SER A 105 66.46 -30.84 22.32
CA SER A 105 66.86 -30.97 20.93
C SER A 105 65.68 -31.36 20.04
N ILE A 106 64.67 -31.99 20.64
CA ILE A 106 63.46 -32.33 19.93
C ILE A 106 62.66 -31.08 19.54
N THR A 107 62.75 -30.03 20.34
CA THR A 107 61.97 -28.83 20.06
C THR A 107 62.63 -27.92 19.05
N ASN A 108 61.88 -27.54 18.03
CA ASN A 108 62.41 -26.65 17.00
C ASN A 108 62.71 -25.24 17.45
N THR A 109 61.81 -24.64 18.22
CA THR A 109 62.09 -23.32 18.76
C THR A 109 61.26 -22.99 19.97
N LEU A 110 61.77 -22.10 20.81
CA LEU A 110 61.05 -21.70 22.00
C LEU A 110 61.04 -20.20 22.07
N ASN A 111 59.89 -19.59 22.28
CA ASN A 111 59.89 -18.15 22.49
C ASN A 111 59.00 -17.68 23.61
N ALA A 112 59.58 -17.18 24.69
CA ALA A 112 58.80 -16.53 25.74
C ALA A 112 58.66 -15.03 25.52
N THR A 113 57.42 -14.53 25.62
CA THR A 113 57.18 -13.08 25.58
C THR A 113 57.06 -12.45 26.97
N ILE A 114 57.91 -11.48 27.26
CA ILE A 114 57.75 -10.72 28.48
C ILE A 114 57.23 -9.31 28.27
N ASN A 115 56.11 -9.03 28.92
CA ASN A 115 55.71 -7.70 29.32
C ASN A 115 55.18 -6.70 28.33
N GLY A 116 54.85 -7.12 27.12
CA GLY A 116 55.35 -8.35 26.59
C GLY A 116 55.96 -7.98 25.28
N PHE A 117 57.28 -8.14 25.20
CA PHE A 117 58.00 -8.04 23.97
C PHE A 117 58.77 -9.32 23.97
N PRO A 118 58.68 -10.04 22.87
CA PRO A 118 59.15 -11.41 22.78
C PRO A 118 60.65 -11.52 22.73
N VAL A 119 61.17 -12.51 23.46
CA VAL A 119 62.58 -12.89 23.41
C VAL A 119 62.61 -14.39 23.13
N ASN A 120 63.11 -14.78 21.96
CA ASN A 120 63.03 -16.17 21.58
C ASN A 120 64.37 -16.70 21.13
N ILE A 121 64.56 -18.01 21.23
CA ILE A 121 65.83 -18.65 20.86
C ILE A 121 65.60 -19.91 20.06
N GLU A 122 66.64 -20.37 19.38
CA GLU A 122 66.55 -21.59 18.60
C GLU A 122 67.14 -22.83 19.34
N LEU A 123 66.27 -23.67 19.91
CA LEU A 123 66.73 -24.70 20.82
C LEU A 123 67.24 -26.00 20.23
N ALA A 124 67.02 -26.23 18.94
CA ALA A 124 67.39 -27.54 18.38
C ALA A 124 68.87 -27.67 18.05
N GLN A 125 69.40 -26.68 17.30
CA GLN A 125 70.81 -26.71 16.88
C GLN A 125 71.72 -25.95 17.81
N ILE A 126 71.23 -24.84 18.37
CA ILE A 126 72.01 -24.05 19.32
C ILE A 126 72.52 -24.88 20.50
N ILE A 127 71.60 -25.56 21.19
CA ILE A 127 71.88 -26.07 22.52
C ILE A 127 72.99 -27.12 22.59
N HIS A 128 73.00 -28.05 21.65
CA HIS A 128 73.93 -29.19 21.75
C HIS A 128 75.38 -28.83 21.79
N ALA A 129 75.67 -27.62 21.34
CA ALA A 129 77.00 -27.08 21.40
C ALA A 129 77.13 -26.05 22.52
N LEU A 130 76.02 -25.61 23.06
CA LEU A 130 76.06 -24.62 24.12
C LEU A 130 76.30 -25.31 25.46
N SER A 131 76.00 -26.61 25.52
CA SER A 131 76.08 -27.36 26.78
C SER A 131 77.51 -27.54 27.30
N ARG A 132 78.40 -27.98 26.41
CA ARG A 132 79.81 -28.16 26.76
C ARG A 132 80.37 -26.95 27.48
N TYR A 133 79.88 -25.77 27.13
CA TYR A 133 80.70 -24.58 27.28
C TYR A 133 80.87 -23.84 28.58
N HIS A 134 80.06 -24.07 29.59
CA HIS A 134 80.30 -23.27 30.79
C HIS A 134 80.16 -23.95 32.09
N THR A 135 79.90 -25.25 32.07
CA THR A 135 79.58 -25.99 33.28
C THR A 135 80.72 -26.82 33.88
N PRO A 136 81.06 -26.50 35.13
CA PRO A 136 82.02 -27.25 35.93
C PRO A 136 81.31 -28.44 36.53
N LEU A 137 82.03 -29.35 37.19
CA LEU A 137 81.36 -30.49 37.80
C LEU A 137 80.38 -30.03 38.86
N LYS A 138 80.77 -29.05 39.68
CA LYS A 138 79.79 -28.42 40.54
C LYS A 138 78.40 -28.18 39.93
N VAL A 139 78.33 -27.74 38.68
CA VAL A 139 77.04 -27.43 38.06
C VAL A 139 76.35 -28.64 37.48
N LYS A 140 77.11 -29.51 36.83
CA LYS A 140 76.50 -30.65 36.18
C LYS A 140 75.97 -31.69 37.18
N ASN A 141 76.17 -31.44 38.47
CA ASN A 141 75.58 -32.27 39.54
C ASN A 141 74.53 -31.52 40.32
N GLY A 142 74.26 -30.28 39.90
CA GLY A 142 73.24 -29.46 40.52
C GLY A 142 72.03 -29.28 39.62
N TRP A 143 71.75 -28.05 39.24
CA TRP A 143 70.55 -27.78 38.48
C TRP A 143 70.49 -28.56 37.22
N MET A 144 71.62 -28.75 36.56
CA MET A 144 71.64 -29.41 35.25
C MET A 144 71.25 -30.88 35.32
N SER A 145 70.96 -31.37 36.51
CA SER A 145 70.81 -32.81 36.72
C SER A 145 69.39 -33.35 36.53
N MET A 146 68.41 -32.46 36.46
CA MET A 146 67.00 -32.87 36.37
C MET A 146 66.63 -33.57 35.08
N GLN A 147 67.30 -33.25 33.98
CA GLN A 147 67.10 -34.02 32.73
C GLN A 147 68.33 -34.86 32.45
N PRO A 148 68.19 -35.95 31.67
CA PRO A 148 69.42 -36.64 31.24
C PRO A 148 70.47 -35.61 30.80
N SER A 149 71.72 -35.82 31.21
CA SER A 149 72.72 -34.74 31.14
C SER A 149 74.14 -35.17 30.72
N PHE A 150 74.30 -36.40 30.24
CA PHE A 150 75.62 -36.89 29.87
C PHE A 150 75.87 -36.87 28.36
N GLU A 151 76.77 -35.99 27.94
CA GLU A 151 76.97 -35.73 26.50
C GLU A 151 77.77 -36.80 25.82
N ASP A 152 77.46 -37.00 24.54
CA ASP A 152 78.06 -38.05 23.70
C ASP A 152 79.54 -37.81 23.45
N ASN A 153 80.35 -38.79 23.82
CA ASN A 153 81.78 -38.64 23.80
C ASN A 153 82.44 -39.73 22.97
N TYR A 154 81.62 -40.61 22.41
CA TYR A 154 82.11 -41.53 21.39
C TYR A 154 81.61 -41.12 20.03
N GLN A 155 82.52 -41.16 19.07
CA GLN A 155 82.19 -40.87 17.67
C GLN A 155 81.15 -41.80 17.08
N SER A 156 81.03 -42.99 17.67
CA SER A 156 80.02 -43.94 17.26
C SER A 156 79.56 -44.73 18.48
N TYR A 157 78.24 -44.82 18.66
CA TYR A 157 77.62 -45.52 19.80
C TYR A 157 78.01 -46.97 19.92
N ARG A 158 78.21 -47.62 18.78
CA ARG A 158 78.46 -49.05 18.71
C ARG A 158 79.74 -49.42 19.42
N ASP A 159 80.77 -48.60 19.24
CA ASP A 159 82.04 -48.81 19.86
C ASP A 159 81.95 -48.91 21.39
N ALA A 160 81.29 -47.93 22.01
CA ALA A 160 81.27 -47.74 23.47
C ALA A 160 81.28 -49.02 24.31
N ASP A 161 80.46 -49.99 23.90
CA ASP A 161 80.23 -51.23 24.66
C ASP A 161 81.48 -52.11 24.79
N GLY A 162 81.88 -52.43 26.01
CA GLY A 162 81.24 -51.91 27.22
C GLY A 162 82.26 -51.22 28.08
N ALA A 163 82.31 -49.89 27.99
CA ALA A 163 83.28 -49.11 28.72
C ALA A 163 82.75 -48.77 30.11
N ASN A 164 83.61 -48.17 30.92
CA ASN A 164 83.20 -47.59 32.18
C ASN A 164 82.61 -46.21 32.04
N ASN A 165 82.69 -45.66 30.82
CA ASN A 165 82.10 -44.36 30.56
C ASN A 165 81.27 -44.40 29.28
N ASN A 166 80.74 -45.58 28.95
CA ASN A 166 79.74 -45.70 27.88
C ASN A 166 78.57 -44.75 28.17
N PRO A 167 78.31 -43.82 27.24
CA PRO A 167 77.47 -42.66 27.52
C PRO A 167 76.02 -43.01 27.83
N LEU A 168 75.67 -44.29 27.72
CA LEU A 168 74.29 -44.75 27.97
C LEU A 168 74.22 -46.11 28.67
N GLY A 169 74.69 -46.16 29.92
CA GLY A 169 74.65 -47.41 30.70
C GLY A 169 73.78 -47.36 31.94
N VAL A 170 73.71 -48.45 32.68
CA VAL A 170 72.96 -48.52 33.94
C VAL A 170 73.64 -47.66 35.02
N PHE A 171 72.90 -47.31 36.08
CA PHE A 171 73.47 -46.45 37.13
C PHE A 171 74.70 -47.06 37.77
N THR A 172 74.58 -48.33 38.15
CA THR A 172 75.71 -49.12 38.62
C THR A 172 76.75 -49.09 37.50
N SER A 173 77.96 -48.61 37.80
CA SER A 173 79.03 -48.40 36.81
C SER A 173 79.25 -46.94 36.45
N ALA A 174 79.03 -46.07 37.42
CA ALA A 174 79.53 -44.69 37.38
C ALA A 174 80.21 -44.46 38.73
N ALA A 175 81.52 -44.24 38.71
CA ALA A 175 82.33 -44.17 39.94
C ALA A 175 81.93 -43.03 40.89
N GLY A 176 81.96 -43.33 42.19
CA GLY A 176 81.42 -42.46 43.26
C GLY A 176 81.68 -40.96 43.19
N LEU A 177 80.59 -40.19 43.21
CA LEU A 177 80.58 -38.71 43.15
C LEU A 177 81.04 -38.16 41.79
N SER A 178 80.26 -38.49 40.76
CA SER A 178 80.50 -38.11 39.36
C SER A 178 79.20 -38.15 38.55
N GLU A 179 79.26 -37.67 37.31
CA GLU A 179 78.07 -37.61 36.48
C GLU A 179 77.76 -38.98 35.91
N LEU A 180 76.56 -39.47 36.23
CA LEU A 180 76.09 -40.76 35.74
C LEU A 180 75.79 -40.77 34.23
N PRO A 181 75.69 -41.96 33.61
CA PRO A 181 75.23 -42.02 32.22
C PRO A 181 73.70 -41.92 32.12
N ARG A 182 73.17 -41.84 30.90
CA ARG A 182 71.75 -41.54 30.66
C ARG A 182 70.76 -42.71 30.73
N GLY A 183 71.27 -43.92 30.91
CA GLY A 183 70.44 -45.07 31.28
C GLY A 183 70.26 -45.13 32.80
N SER A 184 70.69 -44.07 33.49
CA SER A 184 70.46 -43.93 34.92
C SER A 184 69.03 -43.45 35.21
N TYR A 185 68.51 -42.60 34.33
CA TYR A 185 67.24 -41.89 34.51
C TYR A 185 66.02 -42.81 34.68
N THR A 186 65.19 -42.47 35.66
CA THR A 186 64.09 -43.33 36.14
C THR A 186 62.81 -43.29 35.30
N MET A 187 62.27 -44.47 34.98
CA MET A 187 60.93 -44.58 34.32
C MET A 187 60.36 -46.01 34.22
N ASN A 188 59.04 -46.13 34.40
CA ASN A 188 58.33 -47.43 34.43
C ASN A 188 58.54 -48.20 33.15
N VAL A 189 58.62 -49.51 33.26
CA VAL A 189 58.65 -50.34 32.05
C VAL A 189 57.44 -51.27 32.03
N VAL A 190 56.33 -50.78 31.45
CA VAL A 190 55.06 -51.51 31.47
C VAL A 190 55.16 -52.87 30.77
N THR A 191 55.89 -52.92 29.65
CA THR A 191 56.21 -54.18 28.94
C THR A 191 57.63 -54.14 28.35
N ASN A 192 58.19 -55.33 28.10
CA ASN A 192 59.48 -55.47 27.42
C ASN A 192 59.73 -56.91 27.01
N THR A 193 59.36 -57.25 25.78
CA THR A 193 59.60 -58.58 25.23
C THR A 193 60.21 -58.38 23.85
N THR A 194 60.64 -59.46 23.20
CA THR A 194 61.02 -59.33 21.79
C THR A 194 59.76 -58.94 21.02
N THR A 195 59.92 -58.14 19.97
CA THR A 195 58.77 -57.61 19.15
C THR A 195 57.98 -56.43 19.75
N THR A 196 58.17 -56.13 21.04
CA THR A 196 57.44 -55.04 21.70
C THR A 196 58.04 -54.56 23.02
N ALA A 197 58.22 -53.24 23.14
CA ALA A 197 58.44 -52.60 24.44
C ALA A 197 57.49 -51.43 24.57
N ARG A 198 57.27 -50.96 25.80
CA ARG A 198 56.39 -49.80 26.05
C ARG A 198 56.68 -49.14 27.38
N ILE A 199 57.12 -47.88 27.34
CA ILE A 199 57.61 -47.21 28.56
C ILE A 199 56.82 -45.94 28.88
N THR A 200 56.91 -45.48 30.12
CA THR A 200 56.15 -44.32 30.62
C THR A 200 56.91 -43.68 31.78
N GLY A 201 56.69 -42.39 32.02
CA GLY A 201 57.31 -41.67 33.14
C GLY A 201 57.01 -40.18 33.05
N VAL A 202 57.98 -39.34 33.43
CA VAL A 202 57.81 -37.88 33.39
C VAL A 202 59.16 -37.17 33.41
N LEU A 203 59.45 -36.33 32.42
CA LEU A 203 60.77 -35.66 32.36
C LEU A 203 60.76 -34.15 32.60
N TYR A 204 61.67 -33.71 33.46
CA TYR A 204 61.81 -32.28 33.81
C TYR A 204 62.89 -31.63 32.98
N GLU A 205 62.51 -30.78 32.02
CA GLU A 205 63.48 -30.00 31.28
C GLU A 205 63.38 -28.53 31.64
N GLN A 206 64.50 -27.94 32.04
CA GLN A 206 64.53 -26.52 32.33
C GLN A 206 64.60 -25.72 31.06
N VAL A 207 64.06 -24.51 31.06
CA VAL A 207 64.17 -23.63 29.91
C VAL A 207 65.55 -22.96 29.86
N PHE A 208 66.07 -22.77 28.65
CA PHE A 208 67.29 -22.01 28.43
C PHE A 208 66.86 -20.71 27.77
N LEU A 209 67.81 -19.93 27.25
CA LEU A 209 67.57 -18.55 26.75
C LEU A 209 67.47 -17.53 27.86
N PRO A 210 68.11 -16.39 27.69
CA PRO A 210 68.10 -15.30 28.69
C PRO A 210 66.79 -14.53 28.68
N PRO A 211 66.40 -13.94 29.82
CA PRO A 211 67.16 -13.86 31.05
C PRO A 211 66.87 -14.98 32.06
N PHE A 212 66.21 -16.06 31.65
CA PHE A 212 66.07 -17.22 32.52
C PHE A 212 67.40 -17.98 32.54
N LEU A 213 67.86 -18.39 33.72
CA LEU A 213 69.26 -18.86 33.87
C LEU A 213 69.48 -20.29 34.35
N TRP A 214 70.34 -21.01 33.62
CA TRP A 214 70.61 -22.41 33.91
C TRP A 214 71.96 -22.60 34.58
N ASP A 215 72.57 -21.49 35.00
CA ASP A 215 73.69 -21.54 35.96
C ASP A 215 73.12 -21.63 37.38
N GLY A 216 73.91 -22.12 38.34
CA GLY A 216 73.41 -22.25 39.71
C GLY A 216 73.38 -20.98 40.56
N GLU A 217 74.06 -19.94 40.06
CA GLU A 217 74.59 -18.86 40.91
C GLU A 217 73.65 -17.69 41.22
N GLN A 218 72.55 -17.57 40.47
CA GLN A 218 71.44 -16.67 40.80
C GLN A 218 71.72 -15.17 40.61
N ALA A 219 70.63 -14.39 40.46
CA ALA A 219 70.64 -12.93 40.38
C ALA A 219 69.19 -12.46 40.39
N GLY A 220 68.95 -11.20 40.79
CA GLY A 220 67.59 -10.66 40.98
C GLY A 220 66.58 -10.86 39.86
N GLY A 221 65.53 -11.63 40.12
CA GLY A 221 64.53 -11.98 39.11
C GLY A 221 63.70 -10.82 38.59
N LEU A 222 63.09 -11.00 37.42
CA LEU A 222 62.35 -9.94 36.71
C LEU A 222 61.06 -9.51 37.40
N ALA A 223 61.10 -8.32 38.03
CA ALA A 223 59.90 -7.57 38.38
C ALA A 223 60.07 -6.31 37.56
N ASN A 224 59.01 -5.63 37.13
CA ASN A 224 57.66 -5.77 37.63
C ASN A 224 56.73 -6.04 36.46
N LEU A 225 56.88 -7.23 35.86
CA LEU A 225 56.15 -7.56 34.65
C LEU A 225 54.65 -7.72 34.91
N THR A 226 53.84 -7.60 33.85
CA THR A 226 52.38 -7.68 33.99
C THR A 226 51.77 -8.94 33.38
N SER A 227 52.47 -9.55 32.40
CA SER A 227 52.10 -10.87 31.85
C SER A 227 53.24 -11.47 31.10
N LEU A 228 53.51 -12.76 31.33
CA LEU A 228 54.51 -13.52 30.57
C LEU A 228 53.93 -14.83 30.02
N THR A 229 54.56 -15.39 28.99
CA THR A 229 53.98 -16.55 28.31
C THR A 229 54.93 -17.25 27.32
N PHE A 230 55.13 -18.55 27.53
CA PHE A 230 56.03 -19.39 26.72
C PHE A 230 55.31 -20.06 25.57
N ASN A 231 56.08 -20.43 24.56
CA ASN A 231 55.53 -21.07 23.39
C ASN A 231 56.55 -21.94 22.66
N TRP A 232 56.43 -23.25 22.84
CA TRP A 232 57.27 -24.20 22.13
C TRP A 232 56.70 -24.46 20.79
N VAL A 233 57.50 -25.08 19.92
CA VAL A 233 56.97 -25.77 18.75
C VAL A 233 57.96 -26.88 18.52
N LEU A 234 57.50 -28.09 18.25
CA LEU A 234 58.46 -29.16 18.06
C LEU A 234 58.52 -29.49 16.58
N ASN A 235 59.72 -29.71 16.05
CA ASN A 235 59.84 -30.15 14.67
C ASN A 235 59.22 -31.53 14.54
N ASN A 236 58.77 -31.84 13.32
CA ASN A 236 57.90 -32.99 13.02
C ASN A 236 58.31 -34.40 13.51
N ASN A 237 59.59 -34.72 13.36
CA ASN A 237 59.99 -36.12 13.38
C ASN A 237 59.87 -36.92 14.67
N LEU A 238 60.37 -36.36 15.76
CA LEU A 238 60.08 -36.86 17.09
C LEU A 238 60.67 -38.23 17.36
N ALA A 239 61.51 -38.72 16.47
CA ALA A 239 62.16 -39.99 16.71
C ALA A 239 63.52 -39.68 17.24
N ARG A 240 63.80 -38.40 17.34
CA ARG A 240 65.12 -37.95 17.80
C ARG A 240 65.33 -38.08 19.29
N ILE A 241 64.24 -38.16 20.06
CA ILE A 241 64.34 -38.29 21.51
C ILE A 241 65.10 -39.56 21.91
N TRP A 242 64.84 -40.67 21.22
CA TRP A 242 65.46 -41.94 21.59
C TRP A 242 66.88 -42.10 21.09
N SER A 243 67.58 -43.09 21.64
CA SER A 243 68.97 -43.38 21.27
C SER A 243 69.24 -44.89 21.18
N HIS A 244 70.30 -45.27 20.46
CA HIS A 244 70.52 -46.67 20.18
C HIS A 244 71.95 -47.02 19.89
N SER A 245 72.24 -48.31 19.73
CA SER A 245 73.60 -48.78 19.42
C SER A 245 73.58 -49.69 18.23
N ASP A 246 74.59 -49.55 17.39
CA ASP A 246 74.74 -50.41 16.22
C ASP A 246 75.06 -51.87 16.61
N ILE A 247 75.76 -52.04 17.72
CA ILE A 247 76.24 -53.36 18.15
C ILE A 247 75.19 -54.48 18.15
N THR A 248 73.92 -54.10 18.16
CA THR A 248 72.81 -55.08 18.17
C THR A 248 72.04 -55.11 16.85
N ASN A 249 72.30 -54.14 15.98
CA ASN A 249 71.53 -53.95 14.75
C ASN A 249 72.03 -54.78 13.57
N ASP A 250 73.01 -55.63 13.86
CA ASP A 250 73.87 -56.22 12.85
C ASP A 250 73.17 -57.09 11.81
N VAL A 251 73.62 -56.97 10.57
CA VAL A 251 73.11 -57.75 9.46
C VAL A 251 73.42 -57.08 8.13
N SER A 252 72.73 -57.53 7.09
CA SER A 252 72.72 -56.84 5.81
C SER A 252 71.89 -55.60 6.08
N GLY A 253 71.28 -55.62 7.25
CA GLY A 253 70.37 -54.59 7.73
C GLY A 253 71.07 -53.30 8.08
N ASN A 254 70.29 -52.26 8.35
CA ASN A 254 68.93 -52.41 8.86
C ASN A 254 69.12 -52.62 10.36
N SER A 255 68.06 -52.91 11.11
CA SER A 255 68.24 -53.06 12.56
C SER A 255 67.04 -53.70 13.25
N THR A 256 66.96 -53.52 14.58
CA THR A 256 65.92 -54.15 15.39
C THR A 256 64.67 -53.29 15.64
N ILE A 257 64.84 -51.97 15.72
CA ILE A 257 63.77 -51.11 16.24
C ILE A 257 62.68 -50.71 15.24
N GLY A 258 63.06 -50.16 14.09
CA GLY A 258 62.10 -49.55 13.15
C GLY A 258 60.72 -50.21 13.03
N SER A 259 59.64 -49.53 13.44
CA SER A 259 59.67 -48.18 14.05
C SER A 259 58.77 -48.06 15.30
N MET A 260 58.49 -46.82 15.72
CA MET A 260 57.99 -46.54 17.07
C MET A 260 57.38 -45.14 17.16
N ASN A 261 56.59 -44.85 18.20
CA ASN A 261 55.92 -43.54 18.31
C ASN A 261 55.61 -43.02 19.71
N ILE A 262 55.51 -41.69 19.81
CA ILE A 262 55.41 -41.00 21.11
C ILE A 262 54.03 -40.39 21.33
N SER A 263 53.78 -39.98 22.57
CA SER A 263 52.51 -39.40 22.97
C SER A 263 52.70 -38.60 24.26
N PHE A 264 52.27 -37.35 24.26
CA PHE A 264 52.36 -36.53 25.46
C PHE A 264 51.02 -36.43 26.17
N GLN A 265 51.06 -35.95 27.41
CA GLN A 265 49.84 -35.60 28.15
C GLN A 265 49.88 -34.12 28.53
N GLN A 266 49.14 -33.75 29.57
CA GLN A 266 49.18 -32.40 30.13
C GLN A 266 50.56 -31.96 30.67
N PRO A 267 51.31 -31.18 29.88
CA PRO A 267 52.52 -30.61 30.45
C PRO A 267 52.15 -29.45 31.38
N SER A 268 53.09 -28.99 32.21
CA SER A 268 52.90 -27.77 32.99
C SER A 268 54.21 -27.10 33.32
N MET A 269 54.21 -25.78 33.26
CA MET A 269 55.35 -24.98 33.66
C MET A 269 55.43 -24.89 35.19
N TYR A 270 56.53 -24.36 35.73
CA TYR A 270 56.65 -24.10 37.16
C TYR A 270 57.30 -22.77 37.51
N LEU A 271 56.47 -21.74 37.71
CA LEU A 271 56.97 -20.38 38.01
C LEU A 271 57.06 -20.13 39.50
N GLY A 272 57.82 -19.13 39.93
CA GLY A 272 57.93 -18.82 41.36
C GLY A 272 57.96 -17.34 41.63
N PHE A 273 57.16 -16.88 42.60
CA PHE A 273 57.03 -15.44 42.84
C PHE A 273 57.22 -15.04 44.30
N VAL A 274 58.36 -14.44 44.62
CA VAL A 274 58.54 -13.79 45.92
C VAL A 274 57.70 -12.52 45.93
N THR A 275 57.57 -11.96 47.12
CA THR A 275 56.96 -10.66 47.34
C THR A 275 57.95 -9.87 48.16
N PRO A 276 58.24 -8.64 47.79
CA PRO A 276 59.10 -7.81 48.65
C PRO A 276 58.31 -7.17 49.78
N ARG A 277 58.96 -6.97 50.91
CA ARG A 277 58.27 -6.47 52.11
C ARG A 277 58.01 -4.94 52.04
N LEU A 278 57.00 -4.49 52.78
CA LEU A 278 56.51 -3.09 52.70
C LEU A 278 57.47 -2.03 53.21
N ASN A 279 58.60 -2.46 53.75
CA ASN A 279 59.57 -1.51 54.22
C ASN A 279 60.44 -0.96 53.09
N ILE A 280 60.97 -1.86 52.27
CA ILE A 280 61.94 -1.49 51.23
C ILE A 280 61.30 -1.48 49.84
N PRO A 281 61.17 -0.28 49.22
CA PRO A 281 60.46 -0.18 47.93
C PRO A 281 61.41 -0.36 46.74
N ILE A 282 60.98 -1.13 45.74
CA ILE A 282 61.80 -1.37 44.53
C ILE A 282 61.38 -0.38 43.44
N PRO A 283 62.34 0.09 42.62
CA PRO A 283 62.10 1.25 41.74
C PRO A 283 60.98 1.05 40.72
N PRO A 284 60.38 2.15 40.25
CA PRO A 284 59.25 2.02 39.31
C PRO A 284 59.66 1.31 38.02
N ARG A 285 60.79 1.71 37.44
CA ARG A 285 61.30 1.03 36.27
C ARG A 285 62.67 0.53 36.65
N ILE A 286 63.18 -0.47 35.93
CA ILE A 286 64.41 -1.15 36.34
C ILE A 286 65.08 -1.80 35.13
N THR A 287 66.41 -1.81 35.06
CA THR A 287 67.11 -2.28 33.87
C THR A 287 67.80 -3.63 34.03
N TYR A 288 67.74 -4.48 33.01
CA TYR A 288 68.32 -5.83 33.07
C TYR A 288 69.31 -6.10 31.94
N PRO A 289 70.31 -6.96 32.17
CA PRO A 289 71.15 -7.46 31.07
C PRO A 289 70.34 -8.40 30.20
N TYR A 290 70.60 -8.41 28.90
CA TYR A 290 69.87 -9.28 27.98
C TYR A 290 70.63 -9.73 26.74
N PHE A 291 70.74 -11.04 26.56
CA PHE A 291 71.56 -11.64 25.50
C PHE A 291 70.70 -12.28 24.42
N LYS A 292 71.12 -12.19 23.17
CA LYS A 292 70.45 -12.90 22.08
C LYS A 292 71.46 -13.72 21.28
N LEU A 293 71.16 -14.99 21.03
CA LEU A 293 72.07 -15.82 20.26
C LEU A 293 71.37 -16.47 19.07
N SER A 294 71.95 -16.28 17.88
CA SER A 294 71.32 -16.61 16.59
C SER A 294 72.29 -17.22 15.57
N ARG A 295 72.02 -18.44 15.14
CA ARG A 295 73.03 -19.20 14.39
C ARG A 295 72.98 -19.07 12.85
N TYR A 296 74.16 -18.98 12.23
CA TYR A 296 74.30 -18.86 10.78
C TYR A 296 74.94 -20.12 10.28
N THR A 297 74.51 -20.61 9.13
CA THR A 297 74.76 -22.01 8.72
C THR A 297 74.84 -22.33 7.22
N THR A 298 75.99 -22.81 6.76
CA THR A 298 76.15 -23.20 5.36
C THR A 298 75.93 -24.70 5.22
N GLN A 299 75.61 -25.16 4.02
CA GLN A 299 75.61 -26.59 3.76
C GLN A 299 76.39 -26.90 2.51
N PHE A 300 77.19 -27.97 2.54
CA PHE A 300 78.01 -28.33 1.39
C PHE A 300 77.55 -29.62 0.71
N GLN A 301 78.17 -29.95 -0.42
CA GLN A 301 77.82 -31.12 -1.25
C GLN A 301 78.89 -32.21 -1.21
N ASN A 302 80.13 -31.80 -0.93
CA ASN A 302 81.30 -32.69 -0.93
C ASN A 302 81.25 -33.71 0.21
N THR A 303 81.54 -34.97 -0.10
CA THR A 303 81.47 -36.05 0.90
C THR A 303 82.87 -36.62 1.28
N LEU A 304 83.25 -36.49 2.55
CA LEU A 304 84.61 -36.80 2.99
C LEU A 304 84.66 -37.89 4.07
N ALA A 305 85.32 -39.01 3.79
CA ALA A 305 85.57 -40.07 4.81
C ALA A 305 86.32 -41.30 4.27
N PRO A 306 86.53 -42.33 5.12
CA PRO A 306 86.12 -42.40 6.52
C PRO A 306 87.05 -41.63 7.44
N ASN A 307 88.31 -41.43 7.04
CA ASN A 307 89.15 -40.43 7.69
C ASN A 307 90.06 -39.66 6.74
N ALA A 308 89.43 -38.94 5.83
CA ALA A 308 90.12 -38.08 4.90
C ALA A 308 89.75 -36.64 5.19
N SER A 309 90.62 -35.72 4.76
CA SER A 309 90.52 -34.29 5.09
C SER A 309 90.16 -33.40 3.88
N SER A 310 89.85 -32.14 4.18
CA SER A 310 89.56 -31.12 3.17
C SER A 310 89.44 -29.74 3.81
N THR A 311 88.84 -28.80 3.08
CA THR A 311 88.80 -27.40 3.49
C THR A 311 87.46 -26.77 3.07
N PHE A 312 86.99 -25.78 3.85
CA PHE A 312 85.66 -25.17 3.60
C PHE A 312 85.59 -23.70 3.98
N LYS A 313 84.74 -22.94 3.29
CA LYS A 313 84.37 -21.56 3.67
C LYS A 313 82.85 -21.39 3.72
N SER A 314 82.39 -20.33 4.38
CA SER A 314 80.96 -20.11 4.64
C SER A 314 80.52 -18.72 4.21
N ASN A 315 79.39 -18.63 3.50
CA ASN A 315 78.92 -17.36 2.94
C ASN A 315 79.05 -16.18 3.91
N VAL A 316 79.47 -15.03 3.41
CA VAL A 316 79.64 -13.86 4.27
C VAL A 316 78.36 -13.51 5.00
N VAL A 317 78.49 -12.98 6.21
CA VAL A 317 77.35 -12.44 6.96
C VAL A 317 77.73 -11.03 7.42
N GLN A 318 76.74 -10.19 7.72
CA GLN A 318 77.03 -8.82 8.15
C GLN A 318 76.43 -8.59 9.52
N LEU A 319 77.23 -8.63 10.56
CA LEU A 319 76.67 -8.51 11.87
C LEU A 319 76.23 -7.08 12.04
N ASP A 320 75.10 -6.86 12.69
CA ASP A 320 74.69 -5.50 12.98
C ASP A 320 75.70 -4.86 13.89
N SER A 321 76.15 -5.62 14.89
CA SER A 321 77.06 -5.13 15.91
C SER A 321 77.92 -6.25 16.43
N ILE A 322 79.07 -5.92 17.00
CA ILE A 322 80.05 -6.94 17.39
C ILE A 322 79.37 -7.85 18.38
N PRO A 323 79.32 -9.16 18.11
CA PRO A 323 78.81 -10.01 19.18
C PRO A 323 79.81 -9.93 20.33
N ARG A 324 79.40 -10.22 21.56
CA ARG A 324 80.34 -10.16 22.66
C ARG A 324 81.30 -11.32 22.52
N LYS A 325 80.87 -12.38 21.84
CA LYS A 325 81.70 -13.57 21.53
C LYS A 325 80.97 -14.55 20.62
N LEU A 326 81.70 -15.27 19.77
CA LEU A 326 81.04 -16.27 18.89
C LEU A 326 81.69 -17.67 18.86
N TYR A 327 80.87 -18.71 18.63
CA TYR A 327 81.29 -20.12 18.60
C TYR A 327 81.30 -20.59 17.17
N LEU A 328 82.19 -21.52 16.82
CA LEU A 328 82.23 -22.04 15.45
C LEU A 328 82.53 -23.52 15.47
N PHE A 329 81.72 -24.33 14.82
CA PHE A 329 82.03 -25.76 14.72
C PHE A 329 81.48 -26.41 13.45
N VAL A 330 82.10 -27.51 13.03
CA VAL A 330 81.59 -28.25 11.88
C VAL A 330 80.98 -29.54 12.37
N LYS A 331 79.66 -29.66 12.29
CA LYS A 331 78.95 -30.85 12.72
C LYS A 331 78.49 -31.68 11.53
N GLN A 332 78.29 -32.98 11.73
CA GLN A 332 77.67 -33.83 10.73
C GLN A 332 76.29 -33.25 10.33
N SER A 333 75.96 -33.22 9.04
CA SER A 333 74.80 -32.45 8.51
C SER A 333 73.38 -32.93 8.82
N ASP A 334 72.43 -32.01 8.68
CA ASP A 334 71.01 -32.24 8.91
C ASP A 334 70.27 -32.97 7.79
N ASN A 335 70.69 -32.74 6.55
CA ASN A 335 69.97 -33.27 5.40
C ASN A 335 69.93 -34.78 5.49
N VAL A 336 71.00 -35.38 5.97
CA VAL A 336 71.00 -36.80 6.36
C VAL A 336 70.55 -36.87 7.84
N ILE A 337 70.37 -38.07 8.38
CA ILE A 337 69.81 -38.30 9.74
C ILE A 337 68.41 -37.73 9.91
N TYR A 338 67.79 -37.32 8.80
CA TYR A 338 66.36 -37.03 8.84
C TYR A 338 65.62 -37.81 7.78
N GLN A 339 66.18 -38.96 7.45
CA GLN A 339 65.55 -39.92 6.59
C GLN A 339 65.60 -41.27 7.27
N ASN A 340 64.69 -42.17 6.89
CA ASN A 340 64.73 -43.57 7.31
C ASN A 340 65.32 -43.77 8.70
N LEU A 341 64.43 -43.67 9.68
CA LEU A 341 64.59 -43.12 11.00
C LEU A 341 65.66 -43.83 11.80
N ASN A 342 66.03 -45.03 11.39
CA ASN A 342 66.99 -45.77 12.18
C ASN A 342 68.18 -44.87 12.30
N ASN A 343 68.45 -44.10 11.26
CA ASN A 343 69.52 -43.14 11.33
C ASN A 343 69.27 -42.13 12.42
N GLN A 344 68.04 -41.67 12.56
CA GLN A 344 67.78 -40.64 13.55
C GLN A 344 68.10 -41.13 14.94
N ILE A 345 67.73 -42.37 15.24
CA ILE A 345 67.96 -42.92 16.59
C ILE A 345 69.39 -43.42 16.89
N THR A 346 70.23 -43.58 15.87
CA THR A 346 71.57 -44.13 16.09
C THR A 346 72.74 -43.26 15.65
N THR A 347 72.56 -41.96 15.52
CA THR A 347 73.71 -41.09 15.25
C THR A 347 73.97 -40.16 16.43
N PRO A 348 75.19 -40.17 16.96
CA PRO A 348 75.49 -39.35 18.12
C PRO A 348 75.58 -37.88 17.70
N ASP A 349 75.74 -36.98 18.66
CA ASP A 349 75.73 -35.53 18.39
C ASP A 349 77.04 -34.97 17.82
N VAL A 350 78.13 -35.61 18.20
CA VAL A 350 79.49 -35.10 18.06
C VAL A 350 79.88 -34.37 16.76
N PHE A 351 80.84 -33.45 16.88
CA PHE A 351 81.35 -32.70 15.75
C PHE A 351 82.68 -33.28 15.22
N LEU A 352 83.04 -32.94 13.97
CA LEU A 352 84.31 -33.35 13.31
C LEU A 352 85.53 -32.65 13.89
N GLN A 353 86.69 -33.32 13.83
CA GLN A 353 87.96 -32.76 14.33
C GLN A 353 88.52 -31.62 13.47
N ILE A 354 88.84 -30.48 14.10
CA ILE A 354 89.39 -29.31 13.40
C ILE A 354 90.90 -29.42 13.23
N ASN A 355 91.40 -29.01 12.06
CA ASN A 355 92.84 -28.98 11.82
C ASN A 355 93.42 -27.59 12.02
N ASN A 356 92.74 -26.59 11.47
CA ASN A 356 93.06 -25.18 11.72
C ASN A 356 91.88 -24.32 11.33
N LEU A 357 91.87 -23.08 11.82
CA LEU A 357 90.81 -22.15 11.51
C LEU A 357 91.40 -20.78 11.23
N ASN A 358 91.15 -20.26 10.04
CA ASN A 358 91.39 -18.85 9.76
C ASN A 358 90.07 -18.16 9.48
N LEU A 359 89.87 -16.96 10.03
CA LEU A 359 88.62 -16.25 9.81
C LEU A 359 88.91 -14.79 9.51
N THR A 360 87.88 -14.07 9.10
CA THR A 360 88.00 -12.64 8.84
C THR A 360 86.98 -11.77 9.58
N TRP A 361 87.47 -10.79 10.32
CA TRP A 361 86.64 -9.75 10.88
C TRP A 361 86.57 -8.73 9.77
N ASN A 362 86.06 -7.54 10.04
CA ASN A 362 85.85 -6.58 8.92
C ASN A 362 87.13 -6.32 8.14
N ASN A 363 87.18 -6.93 6.97
CA ASN A 363 88.13 -6.63 5.94
C ASN A 363 89.49 -7.23 6.21
N GLN A 364 89.69 -7.80 7.39
CA GLN A 364 91.01 -8.28 7.73
C GLN A 364 91.56 -9.48 6.96
N GLN A 365 90.77 -10.54 6.86
CA GLN A 365 91.21 -11.70 6.10
C GLN A 365 92.22 -12.41 6.95
N GLY A 366 92.24 -13.73 6.93
CA GLY A 366 93.29 -14.51 7.57
C GLY A 366 93.63 -14.32 9.05
N ILE A 367 92.65 -14.07 9.90
CA ILE A 367 92.92 -13.88 11.32
C ILE A 367 93.33 -15.20 11.97
N LEU A 368 94.13 -15.18 13.03
CA LEU A 368 94.46 -16.51 13.63
C LEU A 368 95.15 -17.51 12.69
N SER A 369 95.19 -17.22 11.40
CA SER A 369 95.54 -18.20 10.34
C SER A 369 96.74 -19.12 10.63
N GLY A 370 97.66 -18.67 11.47
CA GLY A 370 98.86 -19.44 11.78
C GLY A 370 98.92 -20.05 13.17
N ALA A 371 97.77 -20.17 13.83
CA ALA A 371 97.70 -20.74 15.18
C ALA A 371 97.41 -22.25 15.17
N SER A 372 98.29 -23.02 15.80
CA SER A 372 98.16 -24.48 15.83
C SER A 372 96.86 -24.93 16.49
N SER A 373 96.22 -25.95 15.90
CA SER A 373 94.98 -26.52 16.43
C SER A 373 95.04 -26.72 17.93
N GLN A 374 96.26 -26.94 18.42
CA GLN A 374 96.54 -27.01 19.84
C GLN A 374 96.32 -25.65 20.45
N ASN A 375 96.92 -24.66 19.81
CA ASN A 375 96.81 -23.27 20.21
C ASN A 375 95.40 -22.66 20.11
N LEU A 376 94.42 -23.42 19.59
CA LEU A 376 93.01 -22.99 19.55
C LEU A 376 92.29 -23.49 20.77
N TYR A 377 92.84 -24.53 21.37
CA TYR A 377 92.24 -25.16 22.50
C TYR A 377 92.67 -24.45 23.78
N ASP A 378 93.47 -23.41 23.62
CA ASP A 378 93.95 -22.64 24.76
C ASP A 378 92.90 -21.65 25.20
N PHE A 379 92.01 -21.35 24.28
CA PHE A 379 90.95 -20.38 24.50
C PHE A 379 89.74 -20.81 23.67
N SER A 380 88.64 -21.19 24.30
CA SER A 380 88.65 -21.68 25.63
C SER A 380 89.25 -23.06 25.45
N VAL A 381 89.82 -23.69 26.49
CA VAL A 381 89.50 -23.57 27.92
C VAL A 381 89.60 -22.25 28.70
N GLN A 382 89.95 -21.14 28.08
CA GLN A 382 89.99 -19.93 28.90
C GLN A 382 88.69 -19.16 28.94
N ASN A 383 87.78 -19.47 28.03
CA ASN A 383 86.41 -18.99 28.15
C ASN A 383 85.47 -20.06 28.76
N GLY A 384 86.08 -21.14 29.25
CA GLY A 384 85.38 -22.13 30.09
C GLY A 384 85.08 -23.47 29.45
N TYR A 385 85.90 -23.95 28.53
CA TYR A 385 85.58 -25.14 27.71
C TYR A 385 85.29 -26.45 28.44
N ASN A 386 86.26 -26.99 29.20
CA ASN A 386 86.05 -28.13 30.11
C ASN A 386 86.22 -29.60 29.60
N LYS A 387 86.91 -29.81 28.49
CA LYS A 387 87.20 -31.17 28.06
C LYS A 387 88.68 -31.39 27.78
N THR A 388 89.23 -32.48 28.31
CA THR A 388 90.65 -32.79 28.15
C THR A 388 91.16 -32.72 26.71
N TRP A 389 92.44 -32.43 26.53
CA TRP A 389 93.01 -32.26 25.20
C TRP A 389 92.63 -33.33 24.25
N SER A 390 92.67 -34.57 24.70
CA SER A 390 92.37 -35.72 23.85
C SER A 390 90.93 -35.72 23.32
N GLU A 391 90.06 -35.01 24.01
CA GLU A 391 88.69 -34.89 23.59
C GLU A 391 88.55 -33.94 22.42
N PHE A 392 89.00 -32.70 22.58
CA PHE A 392 89.24 -31.83 21.44
C PHE A 392 90.13 -32.65 20.51
N ASN A 393 90.26 -32.27 19.26
CA ASN A 393 91.10 -33.04 18.31
C ASN A 393 90.81 -34.56 18.35
N GLY A 394 89.56 -34.93 18.59
CA GLY A 394 89.19 -36.32 18.88
C GLY A 394 89.78 -37.40 17.99
N VAL A 395 90.75 -38.14 18.53
CA VAL A 395 91.25 -39.41 17.97
C VAL A 395 91.92 -40.15 19.12
N THR A 396 91.86 -41.48 19.10
CA THR A 396 92.47 -42.30 20.16
C THR A 396 92.80 -43.70 19.69
N GLN A 397 94.09 -44.01 19.72
CA GLN A 397 94.54 -45.34 19.46
C GLN A 397 94.30 -46.18 20.72
N GLN A 398 94.09 -47.49 20.53
CA GLN A 398 93.88 -48.41 21.64
C GLN A 398 94.12 -49.86 21.16
N PHE A 399 95.32 -50.40 21.42
CA PHE A 399 95.77 -51.60 20.69
C PHE A 399 95.49 -52.95 21.32
N ASN A 400 95.55 -53.97 20.44
CA ASN A 400 95.13 -55.33 20.69
C ASN A 400 96.29 -56.31 20.84
N GLY A 401 96.26 -57.07 21.93
CA GLY A 401 97.38 -57.94 22.28
C GLY A 401 97.33 -59.37 21.77
N VAL A 402 97.43 -59.57 20.47
CA VAL A 402 97.51 -60.92 19.94
C VAL A 402 98.11 -60.91 18.55
N SER A 403 98.58 -62.06 18.09
CA SER A 403 99.07 -62.15 16.74
C SER A 403 98.05 -62.93 15.95
N GLY A 404 97.52 -62.29 14.90
CA GLY A 404 97.85 -60.91 14.60
C GLY A 404 96.56 -60.14 14.32
N GLN A 405 96.25 -59.17 15.17
CA GLN A 405 95.06 -58.34 15.00
C GLN A 405 95.50 -56.89 15.00
N PRO A 406 95.24 -56.15 13.91
CA PRO A 406 95.71 -54.77 13.84
C PRO A 406 95.04 -53.91 14.92
N THR A 407 95.80 -52.98 15.50
CA THR A 407 95.28 -52.04 16.50
C THR A 407 94.02 -51.31 16.01
N LYS A 408 93.08 -51.03 16.93
CA LYS A 408 91.85 -50.33 16.55
C LYS A 408 91.79 -48.86 16.96
N VAL A 409 91.48 -48.01 15.99
CA VAL A 409 91.43 -46.59 16.18
C VAL A 409 89.97 -46.18 16.32
N ILE A 410 89.68 -45.36 17.33
CA ILE A 410 88.33 -44.84 17.57
C ILE A 410 88.34 -43.33 17.40
N GLY A 411 87.25 -42.77 16.89
CA GLY A 411 87.07 -41.32 16.96
C GLY A 411 86.65 -41.02 18.38
N LEU A 412 87.22 -39.99 19.00
CA LEU A 412 86.79 -39.67 20.35
C LEU A 412 85.87 -38.46 20.45
N GLU A 413 85.24 -38.11 19.33
CA GLU A 413 84.36 -36.93 19.22
C GLU A 413 85.16 -35.62 19.19
N GLY A 414 84.86 -34.75 18.21
CA GLY A 414 85.69 -33.55 17.93
C GLY A 414 85.54 -32.36 18.85
N GLY A 415 85.95 -31.19 18.36
CA GLY A 415 85.94 -29.97 19.17
C GLY A 415 85.13 -28.80 18.61
N ILE A 416 84.95 -27.78 19.44
CA ILE A 416 84.19 -26.59 19.08
C ILE A 416 84.91 -25.37 19.62
N VAL A 417 85.39 -24.52 18.74
CA VAL A 417 86.13 -23.32 19.16
C VAL A 417 85.21 -22.19 19.55
N CYS A 418 85.53 -21.52 20.65
CA CYS A 418 84.85 -20.29 21.00
C CYS A 418 85.88 -19.21 21.19
N LEU A 419 85.72 -18.12 20.45
CA LEU A 419 86.61 -17.00 20.56
C LEU A 419 85.86 -15.77 21.03
N GLU A 420 86.19 -15.32 22.23
CA GLU A 420 85.61 -14.11 22.80
C GLU A 420 86.13 -12.93 21.95
N LEU A 421 85.21 -12.11 21.46
CA LEU A 421 85.46 -11.25 20.30
C LEU A 421 86.28 -9.99 20.45
N GLY A 422 86.53 -9.60 21.70
CA GLY A 422 87.49 -8.53 21.99
C GLY A 422 88.65 -9.12 22.76
N LYS A 423 88.36 -10.22 23.48
CA LYS A 423 89.32 -10.90 24.35
C LYS A 423 90.53 -11.40 23.59
N ASP A 424 90.29 -11.97 22.41
CA ASP A 424 91.39 -12.45 21.60
C ASP A 424 91.07 -12.43 20.09
N VAL A 425 90.35 -11.40 19.66
CA VAL A 425 90.22 -11.18 18.23
C VAL A 425 90.71 -9.77 17.88
N GLY A 426 90.62 -8.86 18.85
CA GLY A 426 91.13 -7.52 18.67
C GLY A 426 90.27 -6.65 17.78
N LEU A 427 90.06 -5.41 18.21
CA LEU A 427 89.14 -4.51 17.52
C LEU A 427 89.78 -3.14 17.38
N ARG A 428 89.57 -2.52 16.23
CA ARG A 428 90.10 -1.20 15.90
C ARG A 428 89.88 -0.22 17.05
N ASP A 429 90.82 0.69 17.20
CA ASP A 429 90.74 1.81 18.14
C ASP A 429 89.31 2.36 18.20
N ASP A 430 88.81 2.57 19.42
CA ASP A 430 87.48 3.15 19.65
C ASP A 430 86.31 2.30 19.12
N GLU A 431 86.32 1.03 19.49
CA GLU A 431 85.29 0.11 19.11
C GLU A 431 85.12 -0.86 20.26
N ALA A 432 83.94 -0.80 20.88
CA ALA A 432 83.65 -1.54 22.12
C ALA A 432 83.39 -3.02 21.84
N GLU A 433 82.80 -3.70 22.82
CA GLU A 433 82.49 -5.10 22.64
C GLU A 433 81.16 -5.31 21.93
N GLY A 434 80.39 -4.23 21.80
CA GLY A 434 79.11 -4.29 21.09
C GLY A 434 78.59 -2.91 20.75
N VAL A 435 78.99 -2.40 19.58
CA VAL A 435 78.49 -1.13 19.05
C VAL A 435 78.01 -1.32 17.59
N ILE A 436 76.93 -0.63 17.20
CA ILE A 436 76.48 -0.67 15.79
C ILE A 436 77.38 0.27 14.97
N GLY A 437 77.88 -0.09 13.77
CA GLY A 437 77.63 -1.32 12.95
C GLY A 437 78.03 -0.87 11.53
N ASN A 438 78.40 -1.75 10.59
CA ASN A 438 78.17 -3.18 10.52
C ASN A 438 79.33 -3.90 9.82
N PHE A 439 79.74 -5.05 10.33
CA PHE A 439 81.01 -5.66 9.88
C PHE A 439 80.84 -7.09 9.42
N ASN A 440 81.29 -7.37 8.21
CA ASN A 440 81.28 -8.74 7.66
C ASN A 440 82.05 -9.76 8.51
N LEU A 441 81.77 -11.04 8.28
CA LEU A 441 82.45 -12.14 8.93
C LEU A 441 82.44 -13.26 7.92
N GLN A 442 83.47 -14.09 7.94
CA GLN A 442 83.62 -15.15 6.95
C GLN A 442 84.57 -16.20 7.51
N VAL A 443 84.13 -17.44 7.63
CA VAL A 443 84.98 -18.44 8.28
C VAL A 443 85.45 -19.53 7.35
N GLN A 444 86.75 -19.53 7.14
CA GLN A 444 87.39 -20.47 6.25
C GLN A 444 88.12 -21.50 7.10
N MET A 445 87.63 -22.73 7.16
CA MET A 445 88.17 -23.74 8.08
C MET A 445 88.29 -25.17 7.55
N THR A 446 89.51 -25.74 7.63
CA THR A 446 89.78 -27.10 7.16
C THR A 446 89.49 -28.11 8.26
N VAL A 447 88.90 -29.24 7.88
CA VAL A 447 88.40 -30.19 8.87
C VAL A 447 88.66 -31.65 8.46
N THR A 448 88.55 -32.57 9.41
CA THR A 448 88.72 -33.99 9.14
C THR A 448 87.71 -34.82 9.89
N ASN A 449 87.10 -35.74 9.16
CA ASN A 449 86.18 -36.72 9.74
C ASN A 449 87.00 -37.85 10.35
N THR A 450 86.87 -38.05 11.66
CA THR A 450 87.66 -39.06 12.38
C THR A 450 86.86 -40.29 12.79
N ASN A 451 85.55 -40.24 12.55
CA ASN A 451 84.67 -41.37 12.77
C ASN A 451 84.98 -42.46 11.76
N GLN A 452 85.30 -43.67 12.25
CA GLN A 452 85.79 -44.74 11.37
C GLN A 452 84.87 -45.22 10.23
N TYR A 453 83.57 -45.18 10.47
CA TYR A 453 82.58 -45.59 9.47
C TYR A 453 81.25 -44.92 9.82
N VAL A 454 80.67 -44.12 8.92
CA VAL A 454 81.09 -43.99 7.52
C VAL A 454 81.31 -42.53 7.10
N THR A 455 81.25 -42.29 5.77
CA THR A 455 81.27 -40.95 5.17
C THR A 455 80.14 -40.05 5.64
N VAL A 456 80.35 -38.74 5.50
CA VAL A 456 79.49 -37.72 6.06
C VAL A 456 79.61 -36.43 5.28
N THR A 457 78.48 -35.87 4.84
CA THR A 457 78.48 -34.48 4.34
C THR A 457 78.36 -33.57 5.56
N PRO A 458 79.22 -32.55 5.65
CA PRO A 458 79.12 -31.74 6.84
C PRO A 458 78.36 -30.42 6.60
N ASP A 459 78.21 -29.65 7.65
CA ASP A 459 77.70 -28.29 7.62
C ASP A 459 78.61 -27.47 8.56
N MET A 460 78.58 -26.15 8.46
CA MET A 460 79.30 -25.34 9.45
C MET A 460 78.31 -24.52 10.22
N TYR A 461 78.53 -24.37 11.52
CA TYR A 461 77.65 -23.57 12.36
C TYR A 461 78.43 -22.48 13.08
N ILE A 462 77.87 -21.27 13.19
CA ILE A 462 78.56 -20.19 13.93
C ILE A 462 77.55 -19.40 14.74
N VAL A 463 77.56 -19.60 16.06
CA VAL A 463 76.54 -18.99 16.93
C VAL A 463 77.07 -17.78 17.69
N ALA A 464 76.52 -16.61 17.42
CA ALA A 464 77.05 -15.37 17.99
C ALA A 464 76.11 -14.76 19.04
N VAL A 465 76.61 -14.53 20.25
CA VAL A 465 75.76 -13.91 21.29
C VAL A 465 76.03 -12.40 21.39
N TYR A 466 74.97 -11.58 21.33
CA TYR A 466 75.10 -10.12 21.41
C TYR A 466 74.69 -9.68 22.79
N ASP A 467 75.18 -8.52 23.24
CA ASP A 467 74.86 -8.05 24.60
C ASP A 467 74.07 -6.73 24.65
N GLY A 468 72.75 -6.84 24.79
CA GLY A 468 71.87 -5.68 24.83
C GLY A 468 71.25 -5.36 26.18
N THR A 469 71.00 -4.08 26.40
CA THR A 469 70.27 -3.66 27.57
C THR A 469 68.80 -4.03 27.35
N LEU A 470 68.07 -4.29 28.43
CA LEU A 470 66.60 -4.43 28.35
C LEU A 470 65.93 -3.85 29.59
N VAL A 471 65.14 -2.81 29.40
CA VAL A 471 64.53 -2.12 30.51
C VAL A 471 63.10 -2.57 30.66
N ILE A 472 62.80 -3.41 31.63
CA ILE A 472 61.41 -3.76 31.85
C ILE A 472 60.76 -2.83 32.85
N SER A 473 60.01 -1.86 32.34
CA SER A 473 59.16 -1.04 33.19
C SER A 473 57.73 -1.33 32.81
N ASN A 474 56.85 -1.59 33.77
CA ASN A 474 55.47 -1.88 33.42
C ASN A 474 54.81 -0.68 32.80
N THR A 475 54.18 -0.88 31.65
CA THR A 475 54.21 -2.18 31.02
C THR A 475 54.70 -2.03 29.61
N SER A 476 55.99 -1.77 29.52
CA SER A 476 56.70 -1.60 28.27
C SER A 476 57.99 -2.37 28.39
N ALA A 477 58.58 -2.76 27.29
CA ALA A 477 59.84 -3.47 27.35
C ALA A 477 60.75 -3.03 26.21
N MET A 478 61.26 -1.81 26.33
CA MET A 478 62.17 -1.29 25.34
C MET A 478 63.46 -2.08 25.44
N ALA A 479 64.09 -2.31 24.29
CA ALA A 479 65.33 -3.09 24.28
C ALA A 479 66.40 -2.56 23.33
N SER A 480 67.08 -1.49 23.73
CA SER A 480 68.16 -0.90 22.93
C SER A 480 69.37 -1.82 22.78
N ILE A 481 69.85 -1.98 21.55
CA ILE A 481 71.06 -2.76 21.30
C ILE A 481 72.13 -1.78 20.89
N GLY A 482 73.40 -2.16 21.08
CA GLY A 482 74.51 -1.24 20.88
C GLY A 482 74.40 -0.01 21.76
N VAL A 483 74.49 -0.22 23.07
CA VAL A 483 74.14 0.81 24.06
C VAL A 483 75.17 1.94 24.20
N ALA A 484 76.46 1.64 24.05
CA ALA A 484 77.53 2.65 24.18
C ALA A 484 77.81 3.40 22.88
N SER A 485 78.01 4.71 22.95
CA SER A 485 78.33 5.53 21.77
C SER A 485 79.80 5.40 21.35
N LYS A 486 80.10 5.57 20.07
CA LYS A 486 81.49 5.44 19.61
C LYS A 486 82.41 6.51 20.20
N GLU A 487 81.85 7.64 20.61
CA GLU A 487 82.63 8.70 21.22
C GLU A 487 82.87 8.42 22.72
N GLU A 488 81.91 7.72 23.31
CA GLU A 488 81.96 7.36 24.71
C GLU A 488 82.93 6.22 24.97
N VAL A 489 83.31 5.51 23.91
CA VAL A 489 84.17 4.31 24.03
C VAL A 489 85.63 4.68 24.12
N LEU A 490 86.03 5.72 23.41
CA LEU A 490 87.27 6.45 23.69
C LEU A 490 87.07 7.08 25.03
N ASN A 491 88.14 7.19 25.81
CA ASN A 491 88.13 7.93 27.07
C ASN A 491 86.96 7.61 28.04
N ALA A 492 86.55 6.34 28.07
CA ALA A 492 85.74 5.82 29.17
C ALA A 492 86.72 5.27 30.17
N ARG A 493 86.97 6.03 31.24
CA ARG A 493 88.09 5.77 32.16
C ARG A 493 88.10 4.35 32.71
N ILE A 494 89.29 3.75 32.75
CA ILE A 494 89.44 2.38 33.25
C ILE A 494 89.27 2.36 34.78
N THR A 495 88.88 1.23 35.32
CA THR A 495 88.70 1.11 36.75
C THR A 495 89.63 0.03 37.28
N HIS A 496 90.06 0.15 38.53
CA HIS A 496 90.86 -0.91 39.13
C HIS A 496 90.15 -1.73 40.16
N GLY A 497 88.86 -1.43 40.36
CA GLY A 497 87.99 -2.19 41.27
C GLY A 497 87.53 -3.50 40.64
N VAL A 498 86.86 -3.40 39.50
CA VAL A 498 86.31 -4.57 38.79
C VAL A 498 87.43 -5.49 38.28
N SER A 499 87.26 -6.80 38.50
CA SER A 499 88.12 -7.83 37.94
C SER A 499 87.46 -8.44 36.72
N TYR A 500 88.25 -8.63 35.66
CA TYR A 500 87.73 -9.18 34.40
C TYR A 500 87.24 -10.61 34.58
N ASN A 501 87.85 -11.33 35.52
CA ASN A 501 87.46 -12.70 35.80
C ASN A 501 86.04 -12.77 36.38
N GLU A 502 85.64 -11.72 37.11
CA GLU A 502 84.30 -11.60 37.69
C GLU A 502 83.21 -11.28 36.65
N LEU A 503 83.63 -10.80 35.49
CA LEU A 503 82.70 -10.51 34.39
C LEU A 503 82.48 -11.74 33.53
N GLN A 504 83.49 -12.59 33.43
CA GLN A 504 83.34 -13.85 32.71
C GLN A 504 82.64 -14.86 33.61
N ARG A 505 82.53 -14.52 34.90
CA ARG A 505 81.71 -15.25 35.87
C ARG A 505 80.23 -15.13 35.55
N ILE A 506 79.77 -13.89 35.37
CA ILE A 506 78.39 -13.63 34.95
C ILE A 506 78.18 -14.09 33.48
N TYR A 507 77.58 -15.27 33.38
CA TYR A 507 77.14 -15.83 32.13
C TYR A 507 75.90 -15.05 31.74
N GLY A 508 75.58 -14.92 30.45
CA GLY A 508 76.32 -15.50 29.33
C GLY A 508 75.39 -16.27 28.40
N MET B 1 -22.51 40.59 -25.56
CA MET B 1 -23.42 41.28 -26.46
C MET B 1 -24.05 40.31 -27.47
N SER B 2 -24.68 39.25 -26.95
CA SER B 2 -24.71 39.02 -25.50
C SER B 2 -24.93 37.55 -25.09
N ASN B 3 -24.60 37.25 -23.83
CA ASN B 3 -24.94 35.99 -23.16
C ASN B 3 -23.95 34.82 -23.11
N SER B 4 -22.85 34.87 -23.84
CA SER B 4 -21.79 33.87 -23.70
C SER B 4 -20.84 34.23 -22.55
N ALA B 5 -20.16 33.26 -21.94
CA ALA B 5 -19.14 33.70 -20.99
C ALA B 5 -18.51 34.99 -21.46
N ILE B 6 -18.25 35.08 -22.75
CA ILE B 6 -17.73 36.30 -23.34
C ILE B 6 -18.75 36.80 -24.33
N PRO B 7 -19.21 38.04 -24.17
CA PRO B 7 -20.17 38.58 -25.10
C PRO B 7 -19.49 38.66 -26.44
N LEU B 8 -20.17 38.26 -27.51
CA LEU B 8 -19.64 38.37 -28.85
C LEU B 8 -20.65 39.09 -29.70
N ASN B 9 -20.22 40.10 -30.44
CA ASN B 9 -21.13 40.98 -31.18
C ASN B 9 -21.87 40.31 -32.34
N VAL B 10 -22.89 41.00 -32.84
CA VAL B 10 -23.85 40.47 -33.81
C VAL B 10 -23.78 41.11 -35.19
N VAL B 11 -24.25 40.39 -36.20
CA VAL B 11 -24.62 40.97 -37.49
C VAL B 11 -25.72 40.13 -38.08
N ALA B 12 -26.71 40.76 -38.72
CA ALA B 12 -27.79 40.01 -39.35
C ALA B 12 -27.56 39.91 -40.85
N VAL B 13 -27.90 38.76 -41.41
CA VAL B 13 -27.64 38.51 -42.82
C VAL B 13 -28.93 38.13 -43.56
N GLN B 14 -29.11 38.73 -44.73
CA GLN B 14 -30.30 38.52 -45.53
C GLN B 14 -30.26 37.20 -46.28
N GLU B 15 -31.35 36.46 -46.18
CA GLU B 15 -31.60 35.23 -46.94
C GLU B 15 -31.27 35.36 -48.43
N PRO B 16 -30.89 34.24 -49.10
CA PRO B 16 -30.49 34.36 -50.51
C PRO B 16 -31.60 34.88 -51.43
N ARG B 17 -32.84 34.50 -51.19
CA ARG B 17 -33.93 34.97 -52.05
C ARG B 17 -34.21 36.46 -51.94
N LEU B 18 -33.69 37.11 -50.91
CA LEU B 18 -33.99 38.51 -50.67
C LEU B 18 -32.77 39.30 -50.22
N GLU B 19 -32.21 40.11 -51.11
CA GLU B 19 -31.14 41.02 -50.72
C GLU B 19 -31.78 42.26 -50.10
N LEU B 20 -32.52 43.06 -50.88
CA LEU B 20 -32.47 43.05 -52.34
C LEU B 20 -31.78 44.34 -52.72
N ASN B 21 -31.41 45.08 -51.69
CA ASN B 21 -30.74 46.35 -51.83
C ASN B 21 -29.32 46.25 -51.35
N ASN B 22 -28.40 46.42 -52.30
CA ASN B 22 -26.97 46.47 -52.04
C ASN B 22 -26.29 47.10 -53.25
N GLU B 23 -25.12 47.68 -53.06
CA GLU B 23 -24.41 48.37 -54.14
C GLU B 23 -24.08 47.45 -55.31
N ARG B 24 -24.97 47.42 -56.30
CA ARG B 24 -24.74 46.65 -57.52
C ARG B 24 -23.94 47.46 -58.51
N THR B 25 -22.77 46.94 -58.89
CA THR B 25 -21.85 47.66 -59.78
C THR B 25 -21.62 46.89 -61.07
N TRP B 26 -21.70 47.57 -62.20
CA TRP B 26 -21.39 46.90 -63.46
C TRP B 26 -19.92 46.79 -63.69
N VAL B 27 -19.42 45.56 -63.82
CA VAL B 27 -17.98 45.29 -63.91
C VAL B 27 -17.58 44.82 -65.30
N VAL B 28 -16.55 45.45 -65.87
CA VAL B 28 -16.01 45.03 -67.17
C VAL B 28 -14.63 44.37 -67.06
N VAL B 29 -14.44 43.30 -67.82
CA VAL B 29 -13.19 42.55 -67.78
C VAL B 29 -12.34 42.90 -69.01
N LYS B 30 -11.08 43.23 -68.78
CA LYS B 30 -10.22 43.69 -69.87
C LYS B 30 -8.87 43.00 -69.94
N GLY B 31 -8.61 42.37 -71.08
CA GLY B 31 -7.36 41.69 -71.35
C GLY B 31 -6.84 42.10 -72.72
N GLY B 32 -5.54 42.01 -72.93
CA GLY B 32 -4.92 42.61 -74.09
C GLY B 32 -5.43 42.02 -75.38
N GLN B 33 -5.54 42.86 -76.40
CA GLN B 33 -6.02 42.43 -77.72
C GLN B 33 -5.09 41.51 -78.46
N GLN B 34 -5.68 40.59 -79.20
CA GLN B 34 -4.93 39.59 -79.95
C GLN B 34 -4.15 38.65 -79.07
N VAL B 35 -4.65 37.44 -78.92
CA VAL B 35 -3.88 36.32 -78.42
C VAL B 35 -3.82 35.32 -79.55
N THR B 36 -2.63 34.97 -80.00
CA THR B 36 -2.50 34.19 -81.22
C THR B 36 -1.58 32.99 -81.07
N TYR B 37 -1.91 31.89 -81.71
CA TYR B 37 -1.15 30.68 -81.46
C TYR B 37 -0.24 30.40 -82.64
N TYR B 38 0.98 29.94 -82.35
CA TYR B 38 1.90 29.55 -83.42
C TYR B 38 2.29 28.12 -83.23
N PRO B 39 2.36 27.36 -84.32
CA PRO B 39 2.90 26.02 -84.20
C PRO B 39 4.35 25.97 -84.64
N PHE B 40 5.27 25.65 -83.72
CA PHE B 40 6.68 25.48 -84.09
C PHE B 40 6.99 24.04 -84.45
N PRO B 41 7.32 23.79 -85.72
CA PRO B 41 7.78 22.45 -85.98
C PRO B 41 9.11 22.31 -85.25
N SER B 42 9.58 21.08 -85.08
CA SER B 42 10.86 20.85 -84.41
C SER B 42 11.90 20.31 -85.37
N THR B 43 12.87 21.14 -85.69
CA THR B 43 14.09 20.68 -86.34
C THR B 43 14.89 19.94 -85.29
N SER B 44 15.69 18.96 -85.73
CA SER B 44 16.62 18.26 -84.84
C SER B 44 15.91 17.28 -83.85
N PHE B 45 14.99 16.47 -84.37
CA PHE B 45 14.27 15.47 -83.59
C PHE B 45 14.78 14.09 -83.97
N SER B 46 14.81 13.19 -82.99
CA SER B 46 15.31 11.83 -83.19
C SER B 46 14.59 10.89 -82.23
N SER B 47 14.85 9.59 -82.35
CA SER B 47 14.31 8.61 -81.41
C SER B 47 15.03 8.71 -80.06
N ASN B 48 16.17 9.39 -80.05
CA ASN B 48 16.94 9.57 -78.83
C ASN B 48 16.60 10.82 -78.06
N GLN B 49 16.05 11.83 -78.74
CA GLN B 49 15.47 13.04 -78.10
C GLN B 49 14.82 14.05 -79.04
N PHE B 50 13.95 14.90 -78.50
CA PHE B 50 13.29 15.99 -79.22
C PHE B 50 13.88 17.34 -78.82
N ASN B 51 14.00 18.25 -79.79
CA ASN B 51 14.58 19.56 -79.51
C ASN B 51 13.76 20.70 -80.02
N PHE B 52 13.26 21.54 -79.13
CA PHE B 52 12.53 22.72 -79.57
C PHE B 52 13.29 24.01 -79.30
N ILE B 53 13.09 25.01 -80.17
CA ILE B 53 13.63 26.35 -79.93
C ILE B 53 12.69 27.42 -80.48
N CYS B 54 12.39 28.42 -79.67
CA CYS B 54 11.31 29.37 -80.02
C CYS B 54 11.63 30.82 -79.63
N ASN B 55 11.62 31.71 -80.61
CA ASN B 55 11.66 33.11 -80.29
C ASN B 55 10.25 33.58 -80.15
N PRO B 56 9.99 34.36 -79.09
CA PRO B 56 8.76 35.12 -78.97
C PRO B 56 8.60 36.06 -80.17
N PRO B 57 7.37 36.51 -80.46
CA PRO B 57 7.20 37.61 -81.39
C PRO B 57 8.12 38.79 -81.07
N SER B 58 8.38 39.02 -79.79
CA SER B 58 9.29 40.09 -79.36
C SER B 58 9.40 40.02 -77.87
N ALA B 59 9.74 41.15 -77.25
CA ALA B 59 9.46 41.39 -75.82
C ALA B 59 8.17 42.21 -75.79
N GLN B 60 7.63 42.45 -74.60
CA GLN B 60 6.36 43.20 -74.43
C GLN B 60 5.12 42.36 -74.76
N THR B 61 5.28 41.04 -74.87
CA THR B 61 4.19 40.14 -75.28
C THR B 61 4.07 38.99 -74.30
N VAL B 62 3.09 39.08 -73.41
CA VAL B 62 2.93 38.09 -72.33
C VAL B 62 2.66 36.69 -72.89
N LEU B 63 3.51 35.73 -72.54
CA LEU B 63 3.34 34.38 -73.06
C LEU B 63 2.51 33.60 -72.08
N ASP B 64 1.36 33.07 -72.55
CA ASP B 64 0.47 32.25 -71.73
C ASP B 64 1.17 31.02 -71.13
N ARG B 65 0.66 30.54 -70.01
CA ARG B 65 1.42 29.57 -69.21
C ARG B 65 1.19 28.11 -69.58
N LEU B 66 0.01 27.78 -70.09
CA LEU B 66 -0.29 26.42 -70.55
C LEU B 66 0.51 26.12 -71.85
N VAL B 67 1.14 24.96 -71.92
CA VAL B 67 1.92 24.55 -73.12
C VAL B 67 1.67 23.08 -73.35
N PHE B 68 1.74 22.64 -74.61
CA PHE B 68 1.71 21.19 -74.91
C PHE B 68 2.36 20.85 -76.27
N ILE B 69 2.69 19.57 -76.46
CA ILE B 69 3.40 19.11 -77.66
C ILE B 69 2.70 17.93 -78.28
N GLN B 70 2.39 18.03 -79.57
CA GLN B 70 1.70 16.97 -80.27
C GLN B 70 2.65 16.19 -81.14
N VAL B 71 2.69 14.87 -80.98
CA VAL B 71 3.68 14.03 -81.65
C VAL B 71 3.07 12.85 -82.41
N PRO B 72 3.39 12.70 -83.71
CA PRO B 72 2.89 11.60 -84.55
C PRO B 72 3.81 10.38 -84.51
N TYR B 73 3.28 9.16 -84.58
CA TYR B 73 4.14 7.97 -84.45
C TYR B 73 3.90 6.81 -85.43
N ASP B 74 4.58 5.70 -85.18
CA ASP B 74 4.47 4.49 -86.01
C ASP B 74 5.06 3.26 -85.29
N ILE B 75 4.18 2.39 -84.79
CA ILE B 75 4.61 1.22 -84.04
C ILE B 75 4.21 -0.04 -84.78
N THR B 76 5.10 -1.03 -84.79
CA THR B 76 4.77 -2.35 -85.32
C THR B 76 5.15 -3.40 -84.31
N PHE B 77 4.29 -4.39 -84.13
CA PHE B 77 4.56 -5.53 -83.25
C PHE B 77 4.83 -6.77 -84.09
N THR B 78 5.51 -7.74 -83.49
CA THR B 78 5.71 -9.05 -84.11
C THR B 78 5.55 -10.21 -83.10
N ALA B 79 5.06 -11.36 -83.57
CA ALA B 79 4.77 -12.52 -82.71
C ALA B 79 6.01 -13.17 -82.08
N ASN B 80 5.83 -13.79 -80.92
CA ASN B 80 6.92 -14.43 -80.18
C ASN B 80 7.04 -15.96 -80.35
N PRO B 81 8.21 -16.44 -80.85
CA PRO B 81 8.57 -17.85 -80.64
C PRO B 81 9.08 -18.10 -79.20
N SER B 82 8.53 -19.11 -78.52
CA SER B 82 7.67 -20.09 -79.17
C SER B 82 6.42 -20.50 -78.39
N HIS B 83 5.97 -19.66 -77.44
CA HIS B 83 4.75 -19.96 -76.66
C HIS B 83 3.61 -20.39 -77.56
N ALA B 84 3.76 -20.08 -78.84
CA ALA B 84 2.82 -20.38 -79.92
C ALA B 84 2.28 -21.82 -79.95
N GLY B 85 1.00 -22.04 -80.28
CA GLY B 85 0.13 -21.10 -80.93
C GLY B 85 -0.29 -19.90 -80.13
N ILE B 86 -0.50 -18.81 -80.86
CA ILE B 86 -1.01 -17.61 -80.28
C ILE B 86 -2.15 -17.30 -81.21
N THR B 87 -3.19 -18.11 -81.12
CA THR B 87 -4.33 -17.97 -82.01
C THR B 87 -5.08 -16.70 -81.70
N GLU B 88 -5.66 -16.09 -82.72
CA GLU B 88 -6.45 -14.90 -82.50
C GLU B 88 -5.62 -13.63 -82.58
N ASN B 89 -6.31 -12.52 -82.83
CA ASN B 89 -5.65 -11.32 -83.27
C ASN B 89 -4.65 -10.89 -82.24
N LEU B 90 -3.52 -10.39 -82.71
CA LEU B 90 -2.40 -10.09 -81.84
C LEU B 90 -2.80 -9.13 -80.72
N LEU B 91 -3.66 -8.17 -81.03
CA LEU B 91 -4.12 -7.23 -80.02
C LEU B 91 -5.57 -7.48 -79.63
N GLN B 92 -5.81 -7.54 -78.32
CA GLN B 92 -7.12 -7.96 -77.78
C GLN B 92 -8.14 -6.83 -77.53
N PRO B 93 -9.45 -7.17 -77.45
CA PRO B 93 -10.48 -6.14 -77.36
C PRO B 93 -10.44 -5.32 -76.07
N GLY B 94 -10.34 -5.98 -74.93
CA GLY B 94 -10.27 -5.30 -73.65
C GLY B 94 -8.85 -5.34 -73.13
N ARG B 95 -8.07 -6.28 -73.64
CA ARG B 95 -6.76 -6.59 -73.08
C ARG B 95 -5.69 -5.49 -73.13
N ASP B 96 -5.46 -4.88 -74.29
CA ASP B 96 -4.22 -4.11 -74.48
C ASP B 96 -4.28 -2.73 -75.15
N ALA B 97 -3.77 -1.71 -74.43
CA ALA B 97 -3.79 -0.31 -74.87
C ALA B 97 -2.51 0.45 -74.51
N PHE B 98 -2.58 1.79 -74.62
CA PHE B 98 -1.48 2.68 -74.24
C PHE B 98 -1.32 2.76 -72.73
N ARG B 99 -0.08 2.85 -72.25
CA ARG B 99 0.19 3.22 -70.86
C ARG B 99 -0.09 4.72 -70.75
N ALA B 100 -0.24 5.26 -69.54
CA ALA B 100 -0.50 6.71 -69.35
C ALA B 100 0.36 7.30 -68.27
N PHE B 101 0.90 8.51 -68.44
CA PHE B 101 0.75 9.39 -69.61
C PHE B 101 1.88 9.13 -70.60
N PRO B 102 1.60 8.44 -71.72
CA PRO B 102 2.62 7.73 -72.50
C PRO B 102 3.94 8.46 -72.71
N ILE B 103 3.92 9.61 -73.38
CA ILE B 103 5.19 10.28 -73.72
C ILE B 103 5.89 10.89 -72.52
N SER B 104 5.14 11.15 -71.46
CA SER B 104 5.72 11.66 -70.20
C SER B 104 6.53 10.57 -69.49
N SER B 105 5.92 9.40 -69.34
CA SER B 105 6.54 8.29 -68.63
C SER B 105 7.78 7.76 -69.35
N ILE B 106 7.79 7.86 -70.68
CA ILE B 106 8.95 7.43 -71.47
C ILE B 106 10.13 8.39 -71.36
N THR B 107 9.84 9.68 -71.18
CA THR B 107 10.87 10.71 -71.11
C THR B 107 11.78 10.53 -69.92
N ASN B 108 13.05 10.28 -70.19
CA ASN B 108 13.96 10.02 -69.09
C ASN B 108 14.16 11.20 -68.17
N THR B 109 14.32 12.37 -68.76
CA THR B 109 14.32 13.60 -67.99
C THR B 109 13.96 14.74 -68.92
N LEU B 110 13.38 15.79 -68.39
CA LEU B 110 12.91 16.86 -69.23
C LEU B 110 13.54 18.16 -68.83
N ASN B 111 14.10 18.88 -69.79
CA ASN B 111 14.62 20.20 -69.48
C ASN B 111 14.04 21.29 -70.35
N ALA B 112 13.64 22.38 -69.70
CA ALA B 112 13.29 23.63 -70.39
C ALA B 112 14.13 24.79 -69.82
N THR B 113 14.32 25.85 -70.60
CA THR B 113 15.00 27.05 -70.08
C THR B 113 14.33 28.34 -70.49
N ILE B 114 13.68 28.98 -69.52
CA ILE B 114 13.10 30.30 -69.71
C ILE B 114 14.25 31.27 -69.82
N ASN B 115 14.36 31.92 -70.96
CA ASN B 115 15.07 33.17 -71.04
C ASN B 115 16.44 33.15 -70.36
N GLY B 116 17.15 32.04 -70.51
CA GLY B 116 18.53 31.94 -70.01
C GLY B 116 18.77 31.10 -68.77
N PHE B 117 17.77 30.97 -67.90
CA PHE B 117 17.95 30.23 -66.68
C PHE B 117 17.28 28.88 -66.78
N PRO B 118 18.04 27.81 -66.56
CA PRO B 118 17.51 26.46 -66.82
C PRO B 118 16.64 25.96 -65.69
N VAL B 119 15.47 25.45 -66.05
CA VAL B 119 14.54 24.93 -65.06
C VAL B 119 14.01 23.59 -65.54
N ASN B 120 14.50 22.51 -64.95
CA ASN B 120 14.14 21.20 -65.43
C ASN B 120 13.73 20.26 -64.31
N ILE B 121 12.78 19.37 -64.57
CA ILE B 121 12.48 18.29 -63.63
C ILE B 121 12.60 16.95 -64.31
N GLU B 122 12.73 15.90 -63.50
CA GLU B 122 12.79 14.55 -64.01
C GLU B 122 11.36 14.01 -64.16
N LEU B 123 11.04 13.37 -65.29
CA LEU B 123 9.68 12.88 -65.52
C LEU B 123 9.38 11.42 -65.17
N ALA B 124 10.28 10.51 -65.49
CA ALA B 124 10.05 9.05 -65.39
C ALA B 124 9.62 8.48 -64.03
N GLN B 125 10.31 8.87 -62.95
CA GLN B 125 9.94 8.40 -61.62
C GLN B 125 8.96 9.33 -60.91
N ILE B 126 9.07 10.64 -61.14
CA ILE B 126 8.24 11.63 -60.43
C ILE B 126 6.76 11.54 -60.70
N ILE B 127 6.39 11.35 -61.96
CA ILE B 127 5.03 11.61 -62.41
C ILE B 127 3.97 10.63 -61.90
N HIS B 128 4.31 9.34 -61.83
CA HIS B 128 3.33 8.36 -61.39
C HIS B 128 2.88 8.52 -59.97
N ALA B 129 3.67 9.22 -59.18
CA ALA B 129 3.27 9.59 -57.83
C ALA B 129 2.55 10.95 -57.82
N LEU B 130 3.23 11.99 -58.29
CA LEU B 130 2.64 13.32 -58.27
C LEU B 130 1.32 13.34 -59.04
N SER B 131 1.07 12.32 -59.85
CA SER B 131 -0.19 12.20 -60.57
C SER B 131 -1.42 12.28 -59.69
N ARG B 132 -1.42 11.46 -58.63
CA ARG B 132 -2.57 11.26 -57.75
C ARG B 132 -3.10 12.50 -57.08
N TYR B 133 -2.23 13.46 -56.85
CA TYR B 133 -2.43 14.34 -55.72
C TYR B 133 -3.35 15.55 -55.74
N HIS B 134 -3.60 16.17 -56.87
CA HIS B 134 -4.43 17.36 -56.77
C HIS B 134 -5.45 17.48 -57.82
N THR B 135 -6.31 16.47 -57.89
CA THR B 135 -7.32 16.42 -58.93
C THR B 135 -8.60 15.89 -58.34
N PRO B 136 -9.72 16.59 -58.55
CA PRO B 136 -11.03 15.98 -58.32
C PRO B 136 -11.56 15.37 -59.60
N LEU B 137 -12.87 15.41 -59.79
CA LEU B 137 -13.45 14.88 -61.00
C LEU B 137 -13.28 15.89 -62.13
N LYS B 138 -13.69 17.13 -61.90
CA LYS B 138 -13.67 18.15 -62.95
C LYS B 138 -12.27 18.39 -63.49
N VAL B 139 -11.29 18.53 -62.60
CA VAL B 139 -9.91 18.89 -62.98
C VAL B 139 -9.17 17.79 -63.73
N LYS B 140 -9.51 16.55 -63.44
CA LYS B 140 -8.84 15.46 -64.11
C LYS B 140 -9.52 15.20 -65.46
N ASN B 141 -10.80 15.49 -65.53
CA ASN B 141 -11.57 15.29 -66.73
C ASN B 141 -11.54 16.48 -67.68
N GLY B 142 -10.58 17.38 -67.44
CA GLY B 142 -10.40 18.65 -68.16
C GLY B 142 -9.12 18.66 -68.97
N TRP B 143 -8.15 19.49 -68.59
CA TRP B 143 -6.94 19.57 -69.38
C TRP B 143 -6.22 18.28 -69.43
N MET B 144 -6.06 17.61 -68.30
CA MET B 144 -5.36 16.33 -68.29
C MET B 144 -6.06 15.24 -69.10
N SER B 145 -7.18 15.59 -69.72
CA SER B 145 -7.92 14.65 -70.55
C SER B 145 -7.19 14.21 -71.80
N MET B 146 -6.33 15.07 -72.33
CA MET B 146 -5.79 14.85 -73.68
C MET B 146 -4.87 13.63 -73.87
N GLN B 147 -3.91 13.43 -72.96
CA GLN B 147 -3.14 12.20 -72.94
C GLN B 147 -3.98 11.21 -72.17
N PRO B 148 -3.83 9.89 -72.43
CA PRO B 148 -4.53 8.89 -71.58
C PRO B 148 -4.23 9.17 -70.10
N SER B 149 -5.18 8.91 -69.21
CA SER B 149 -5.04 9.44 -67.84
C SER B 149 -5.55 8.55 -66.70
N PHE B 150 -6.13 7.39 -67.03
CA PHE B 150 -6.69 6.53 -66.01
C PHE B 150 -5.58 5.79 -65.28
N GLU B 151 -5.63 5.86 -63.95
CA GLU B 151 -4.55 5.29 -63.14
C GLU B 151 -4.46 3.78 -63.15
N ASP B 152 -3.36 3.25 -62.65
CA ASP B 152 -3.23 1.81 -62.49
C ASP B 152 -3.57 1.38 -61.07
N ASN B 153 -4.86 1.26 -60.83
CA ASN B 153 -5.39 0.86 -59.53
C ASN B 153 -5.22 -0.62 -59.19
N TYR B 154 -5.22 -1.49 -60.21
CA TYR B 154 -5.06 -2.91 -59.97
C TYR B 154 -3.61 -3.31 -59.85
N GLN B 155 -3.36 -4.25 -58.94
CA GLN B 155 -2.01 -4.70 -58.61
C GLN B 155 -1.35 -5.54 -59.68
N SER B 156 -2.16 -6.09 -60.59
CA SER B 156 -1.64 -6.69 -61.83
C SER B 156 -2.78 -6.75 -62.84
N TYR B 157 -2.42 -6.63 -64.11
CA TYR B 157 -3.42 -6.65 -65.19
C TYR B 157 -4.01 -8.04 -65.37
N ARG B 158 -3.36 -9.02 -64.75
CA ARG B 158 -3.82 -10.39 -64.80
C ARG B 158 -5.21 -10.54 -64.18
N ASP B 159 -5.41 -9.93 -63.01
CA ASP B 159 -6.65 -10.09 -62.27
C ASP B 159 -7.79 -9.21 -62.80
N ALA B 160 -7.46 -8.06 -63.35
CA ALA B 160 -8.45 -7.08 -63.79
C ALA B 160 -9.55 -7.74 -64.63
N ASP B 161 -9.16 -8.20 -65.83
CA ASP B 161 -10.04 -8.83 -66.82
C ASP B 161 -10.94 -9.92 -66.22
N GLY B 162 -12.23 -9.88 -66.55
CA GLY B 162 -12.85 -8.79 -67.30
C GLY B 162 -13.72 -8.03 -66.32
N ALA B 163 -13.27 -6.84 -65.94
CA ALA B 163 -13.96 -6.02 -64.93
C ALA B 163 -14.53 -4.75 -65.52
N ASN B 164 -15.67 -4.32 -64.99
CA ASN B 164 -16.32 -3.10 -65.44
C ASN B 164 -15.39 -1.94 -65.15
N ASN B 165 -14.64 -2.05 -64.07
CA ASN B 165 -13.77 -0.99 -63.60
C ASN B 165 -12.33 -1.13 -64.09
N ASN B 166 -12.10 -2.03 -65.04
CA ASN B 166 -10.74 -2.36 -65.44
C ASN B 166 -10.00 -1.15 -65.98
N PRO B 167 -8.71 -1.12 -65.70
CA PRO B 167 -7.84 0.03 -65.89
C PRO B 167 -7.77 0.45 -67.33
N LEU B 168 -7.81 -0.51 -68.23
CA LEU B 168 -7.53 -0.25 -69.64
C LEU B 168 -8.50 -1.03 -70.51
N GLY B 169 -9.63 -0.38 -70.85
CA GLY B 169 -10.69 -1.06 -71.59
C GLY B 169 -11.32 -0.12 -72.60
N VAL B 170 -12.24 -0.64 -73.42
CA VAL B 170 -12.86 0.17 -74.49
C VAL B 170 -13.90 1.15 -73.97
N PHE B 171 -14.09 2.27 -74.66
CA PHE B 171 -14.83 3.36 -74.10
C PHE B 171 -16.24 2.90 -73.85
N THR B 172 -16.62 1.81 -74.50
CA THR B 172 -18.00 1.37 -74.41
C THR B 172 -18.35 1.10 -72.96
N SER B 173 -17.44 0.48 -72.22
CA SER B 173 -17.73 0.17 -70.83
C SER B 173 -17.10 1.16 -69.87
N ALA B 174 -17.94 2.08 -69.38
CA ALA B 174 -17.54 3.13 -68.46
C ALA B 174 -18.81 3.66 -67.84
N ALA B 175 -18.71 4.50 -66.82
CA ALA B 175 -19.92 5.09 -66.25
C ALA B 175 -20.08 6.52 -66.75
N GLY B 176 -21.25 6.82 -67.33
CA GLY B 176 -21.46 8.15 -67.92
C GLY B 176 -20.94 9.29 -67.07
N LEU B 177 -20.21 10.20 -67.72
CA LEU B 177 -19.57 11.33 -67.03
C LEU B 177 -18.67 10.85 -65.88
N SER B 178 -17.56 10.23 -66.28
CA SER B 178 -16.42 9.94 -65.40
C SER B 178 -15.21 9.60 -66.27
N GLU B 179 -14.04 9.48 -65.66
CA GLU B 179 -12.82 9.30 -66.43
C GLU B 179 -12.90 8.03 -67.26
N LEU B 180 -12.43 8.12 -68.50
CA LEU B 180 -12.47 6.95 -69.38
C LEU B 180 -11.27 6.03 -69.16
N PRO B 181 -11.44 4.73 -69.44
CA PRO B 181 -10.27 3.86 -69.42
C PRO B 181 -9.36 4.16 -70.61
N ARG B 182 -8.06 3.95 -70.43
CA ARG B 182 -7.01 4.25 -71.43
C ARG B 182 -7.29 3.71 -72.83
N GLY B 183 -8.07 2.64 -72.91
CA GLY B 183 -8.41 1.99 -74.17
C GLY B 183 -9.20 2.85 -75.13
N SER B 184 -10.00 3.77 -74.61
CA SER B 184 -10.81 4.62 -75.47
C SER B 184 -10.00 5.44 -76.52
N TYR B 185 -8.79 5.80 -76.16
CA TYR B 185 -7.96 6.72 -76.94
C TYR B 185 -7.77 6.18 -78.34
N THR B 186 -7.82 7.07 -79.32
CA THR B 186 -7.72 6.66 -80.70
C THR B 186 -6.33 6.15 -81.01
N MET B 187 -6.28 5.01 -81.69
CA MET B 187 -5.03 4.44 -82.16
C MET B 187 -5.22 4.02 -83.59
N ASN B 188 -5.25 4.95 -84.53
CA ASN B 188 -5.66 4.55 -85.85
C ASN B 188 -4.78 3.39 -86.25
N VAL B 189 -5.40 2.34 -86.75
CA VAL B 189 -4.73 1.06 -87.03
C VAL B 189 -4.57 0.71 -88.50
N VAL B 190 -3.37 0.30 -88.90
CA VAL B 190 -3.06 -0.01 -90.28
C VAL B 190 -3.47 -1.43 -90.65
N THR B 191 -3.19 -2.34 -89.74
CA THR B 191 -3.52 -3.76 -89.84
C THR B 191 -3.19 -4.48 -88.56
N ASN B 192 -3.85 -5.59 -88.31
CA ASN B 192 -3.42 -6.53 -87.30
C ASN B 192 -3.86 -7.95 -87.60
N THR B 193 -3.01 -8.91 -87.30
CA THR B 193 -3.40 -10.31 -87.40
C THR B 193 -2.45 -11.12 -86.55
N THR B 194 -2.80 -12.34 -86.18
CA THR B 194 -1.89 -13.09 -85.35
C THR B 194 -0.58 -13.11 -86.11
N THR B 195 0.51 -12.83 -85.41
CA THR B 195 1.83 -12.67 -86.00
C THR B 195 2.19 -11.24 -86.34
N THR B 196 1.23 -10.32 -86.30
CA THR B 196 1.61 -8.92 -86.46
C THR B 196 0.56 -7.87 -86.12
N ALA B 197 1.02 -6.63 -86.00
CA ALA B 197 0.14 -5.47 -85.87
C ALA B 197 0.88 -4.16 -86.17
N ARG B 198 0.14 -3.16 -86.63
CA ARG B 198 0.68 -1.85 -86.98
C ARG B 198 -0.32 -0.79 -86.61
N ILE B 199 0.07 0.14 -85.74
CA ILE B 199 -0.82 1.24 -85.38
C ILE B 199 -0.14 2.57 -85.65
N THR B 200 -0.93 3.60 -85.89
CA THR B 200 -0.40 4.94 -86.23
C THR B 200 -1.39 6.01 -85.77
N GLY B 201 -0.87 7.07 -85.14
CA GLY B 201 -1.73 8.09 -84.58
C GLY B 201 -0.95 9.22 -83.98
N VAL B 202 -1.68 10.23 -83.51
CA VAL B 202 -1.10 11.46 -82.96
C VAL B 202 -1.51 11.59 -81.49
N LEU B 203 -0.54 11.87 -80.62
CA LEU B 203 -0.82 11.98 -79.20
C LEU B 203 -0.35 13.29 -78.59
N TYR B 204 -1.15 13.85 -77.70
CA TYR B 204 -0.88 15.13 -77.11
C TYR B 204 -0.46 14.90 -75.68
N GLU B 205 0.48 15.71 -75.18
CA GLU B 205 0.90 15.65 -73.80
C GLU B 205 1.31 17.03 -73.36
N GLN B 206 0.91 17.42 -72.15
CA GLN B 206 1.28 18.75 -71.65
C GLN B 206 2.57 18.75 -70.88
N VAL B 207 3.40 19.76 -71.12
CA VAL B 207 4.59 19.99 -70.30
C VAL B 207 4.23 20.02 -68.80
N PHE B 208 5.00 19.26 -68.03
CA PHE B 208 4.84 19.20 -66.59
C PHE B 208 6.08 19.80 -65.95
N LEU B 209 5.87 20.72 -65.03
CA LEU B 209 6.98 21.38 -64.36
C LEU B 209 6.54 22.77 -64.01
N PRO B 210 7.43 23.54 -63.41
CA PRO B 210 7.09 24.89 -62.98
C PRO B 210 7.92 25.93 -63.72
N PRO B 211 7.31 27.04 -64.10
CA PRO B 211 5.97 27.40 -63.67
C PRO B 211 4.88 26.68 -64.44
N PHE B 212 5.08 26.41 -65.71
CA PHE B 212 3.94 26.07 -66.56
C PHE B 212 3.11 24.98 -65.91
N LEU B 213 1.80 25.16 -65.94
CA LEU B 213 0.88 24.37 -65.12
C LEU B 213 -0.05 23.42 -65.88
N TRP B 214 -0.34 22.29 -65.24
CA TRP B 214 -1.16 21.21 -65.79
C TRP B 214 -2.46 21.11 -65.04
N ASP B 215 -2.73 22.12 -64.22
CA ASP B 215 -3.90 22.15 -63.34
C ASP B 215 -5.08 22.94 -63.92
N GLY B 216 -6.21 22.98 -63.19
CA GLY B 216 -7.44 23.57 -63.71
C GLY B 216 -7.52 25.09 -63.85
N GLU B 217 -6.86 25.82 -62.94
CA GLU B 217 -7.16 27.26 -62.75
C GLU B 217 -6.55 28.23 -63.76
N GLN B 218 -5.23 28.41 -63.69
CA GLN B 218 -4.51 29.39 -64.52
C GLN B 218 -4.20 30.69 -63.77
N ALA B 219 -3.05 31.29 -64.10
CA ALA B 219 -2.59 32.55 -63.50
C ALA B 219 -1.77 33.32 -64.54
N GLY B 220 -1.14 34.42 -64.11
CA GLY B 220 -0.45 35.38 -65.00
C GLY B 220 0.72 34.89 -65.84
N GLY B 221 0.62 35.07 -67.15
CA GLY B 221 1.59 34.50 -68.07
C GLY B 221 2.97 35.10 -67.93
N LEU B 222 4.01 34.30 -68.16
CA LEU B 222 5.37 34.77 -67.97
C LEU B 222 5.69 35.88 -68.93
N ALA B 223 6.32 36.94 -68.42
CA ALA B 223 6.90 37.99 -69.23
C ALA B 223 7.92 38.68 -68.35
N ASN B 224 8.84 39.45 -68.94
CA ASN B 224 8.94 39.61 -70.36
C ASN B 224 10.21 38.94 -70.78
N LEU B 225 10.13 38.09 -71.78
CA LEU B 225 11.26 37.20 -72.03
C LEU B 225 11.76 37.32 -73.46
N THR B 226 12.97 36.84 -73.72
CA THR B 226 13.53 36.82 -75.09
C THR B 226 13.64 35.42 -75.64
N SER B 227 14.06 34.46 -74.84
CA SER B 227 14.27 33.12 -75.36
C SER B 227 13.65 32.03 -74.52
N LEU B 228 13.18 30.98 -75.17
CA LEU B 228 12.66 29.82 -74.49
C LEU B 228 13.12 28.62 -75.26
N THR B 229 13.33 27.50 -74.59
CA THR B 229 13.58 26.26 -75.32
C THR B 229 13.23 25.03 -74.52
N PHE B 230 12.82 23.96 -75.20
CA PHE B 230 12.53 22.72 -74.52
C PHE B 230 13.40 21.60 -75.06
N ASN B 231 13.88 20.74 -74.18
CA ASN B 231 14.59 19.53 -74.57
C ASN B 231 13.91 18.39 -73.89
N TRP B 232 13.32 17.50 -74.67
CA TRP B 232 12.95 16.19 -74.14
C TRP B 232 14.13 15.29 -74.40
N VAL B 233 14.79 14.79 -73.37
CA VAL B 233 15.78 13.74 -73.61
C VAL B 233 15.15 12.41 -73.26
N LEU B 234 14.70 11.70 -74.28
CA LEU B 234 13.99 10.45 -74.13
C LEU B 234 14.83 9.40 -73.40
N ASN B 235 14.14 8.41 -72.83
CA ASN B 235 14.78 7.28 -72.18
C ASN B 235 15.23 6.28 -73.26
N ASN B 236 16.18 5.42 -72.93
CA ASN B 236 16.77 4.56 -73.96
C ASN B 236 16.01 3.26 -74.32
N ASN B 237 14.95 2.93 -73.57
CA ASN B 237 14.18 1.71 -73.80
C ASN B 237 13.09 1.85 -74.84
N LEU B 238 12.15 2.75 -74.59
CA LEU B 238 11.17 3.18 -75.60
C LEU B 238 10.05 2.17 -75.86
N ALA B 239 10.18 0.97 -75.29
CA ALA B 239 9.14 -0.05 -75.38
C ALA B 239 8.08 0.16 -74.32
N ARG B 240 8.43 0.90 -73.27
CA ARG B 240 7.59 1.13 -72.10
C ARG B 240 6.24 1.77 -72.42
N ILE B 241 6.16 2.56 -73.50
CA ILE B 241 4.93 3.24 -73.89
C ILE B 241 3.68 2.34 -73.82
N TRP B 242 3.76 1.16 -74.43
CA TRP B 242 2.62 0.25 -74.57
C TRP B 242 2.52 -0.64 -73.36
N SER B 243 1.30 -1.02 -72.99
CA SER B 243 1.09 -1.87 -71.82
C SER B 243 0.34 -3.14 -72.19
N HIS B 244 0.72 -4.27 -71.61
CA HIS B 244 0.15 -5.59 -71.95
C HIS B 244 -0.50 -6.27 -70.78
N SER B 245 -1.10 -7.43 -70.99
CA SER B 245 -1.76 -8.20 -69.92
C SER B 245 -1.30 -9.66 -69.86
N ASP B 246 -1.08 -10.18 -68.65
CA ASP B 246 -0.48 -11.51 -68.53
C ASP B 246 -1.46 -12.68 -68.74
N ILE B 247 -2.75 -12.41 -68.67
CA ILE B 247 -3.73 -13.48 -68.79
C ILE B 247 -3.59 -14.13 -70.15
N THR B 248 -3.35 -13.30 -71.15
CA THR B 248 -3.21 -13.78 -72.51
C THR B 248 -2.03 -14.72 -72.63
N ASN B 249 -0.95 -14.40 -71.95
CA ASN B 249 0.28 -15.17 -72.10
C ASN B 249 0.55 -16.16 -70.99
N ASP B 250 0.71 -17.42 -71.37
CA ASP B 250 1.15 -18.47 -70.47
C ASP B 250 2.05 -19.38 -71.30
N VAL B 251 2.95 -20.12 -70.65
CA VAL B 251 3.09 -20.17 -69.21
C VAL B 251 4.55 -20.25 -68.72
N SER B 252 5.51 -19.98 -69.58
CA SER B 252 6.93 -20.12 -69.23
C SER B 252 7.59 -18.77 -68.99
N GLY B 253 6.74 -17.80 -68.69
CA GLY B 253 6.96 -16.38 -68.90
C GLY B 253 7.26 -16.08 -70.35
N ASN B 254 6.57 -16.75 -71.26
CA ASN B 254 6.73 -16.51 -72.68
C ASN B 254 5.49 -15.80 -73.15
N SER B 255 5.68 -14.62 -73.74
CA SER B 255 4.56 -13.68 -73.98
C SER B 255 4.39 -13.31 -75.46
N THR B 256 3.14 -13.19 -75.89
CA THR B 256 2.81 -13.00 -77.31
C THR B 256 3.62 -11.91 -78.04
N ILE B 257 3.76 -10.76 -77.39
CA ILE B 257 4.15 -9.50 -78.06
C ILE B 257 5.63 -9.30 -78.38
N GLY B 258 6.50 -9.98 -77.66
CA GLY B 258 7.95 -9.88 -77.87
C GLY B 258 8.28 -10.42 -79.26
N SER B 259 8.86 -9.59 -80.13
CA SER B 259 9.31 -8.22 -79.85
C SER B 259 8.71 -7.14 -80.79
N MET B 260 9.21 -5.91 -80.72
CA MET B 260 8.66 -4.78 -81.51
C MET B 260 9.57 -3.54 -81.60
N ASN B 261 9.12 -2.54 -82.35
CA ASN B 261 9.90 -1.31 -82.65
C ASN B 261 9.08 -0.07 -82.97
N ILE B 262 9.26 0.96 -82.17
CA ILE B 262 8.49 2.18 -82.31
C ILE B 262 9.24 3.17 -83.20
N SER B 263 8.50 4.08 -83.84
CA SER B 263 9.09 5.15 -84.65
C SER B 263 8.31 6.43 -84.43
N PHE B 264 8.97 7.58 -84.52
CA PHE B 264 8.27 8.85 -84.45
C PHE B 264 8.40 9.59 -85.77
N GLN B 265 7.45 10.47 -86.06
CA GLN B 265 7.60 11.49 -87.10
C GLN B 265 7.97 12.84 -86.45
N GLN B 266 8.04 13.90 -87.26
CA GLN B 266 8.42 15.22 -86.72
C GLN B 266 7.34 15.80 -85.77
N PRO B 267 7.71 16.05 -84.50
CA PRO B 267 6.75 16.60 -83.55
C PRO B 267 6.73 18.12 -83.58
N SER B 268 5.62 18.72 -83.16
CA SER B 268 5.49 20.19 -83.08
C SER B 268 4.89 20.59 -81.75
N MET B 269 5.31 21.72 -81.22
CA MET B 269 4.80 22.16 -79.94
C MET B 269 4.10 23.50 -80.04
N TYR B 270 2.92 23.58 -79.44
CA TYR B 270 2.05 24.76 -79.58
C TYR B 270 2.08 25.64 -78.37
N LEU B 271 2.35 26.93 -78.57
CA LEU B 271 2.21 27.89 -77.48
C LEU B 271 1.70 29.23 -77.99
N GLY B 272 0.81 29.86 -77.22
CA GLY B 272 0.15 31.11 -77.65
C GLY B 272 0.59 32.35 -76.91
N PHE B 273 0.72 33.47 -77.63
CA PHE B 273 1.28 34.70 -77.06
C PHE B 273 0.31 35.88 -77.06
N VAL B 274 -0.24 36.19 -75.90
CA VAL B 274 -1.13 37.35 -75.76
C VAL B 274 -0.32 38.64 -75.75
N THR B 275 -0.86 39.69 -76.34
CA THR B 275 -0.23 40.99 -76.27
C THR B 275 -1.11 41.92 -75.48
N PRO B 276 -0.53 42.65 -74.52
CA PRO B 276 -1.33 43.46 -73.60
C PRO B 276 -1.83 44.70 -74.32
N ARG B 277 -2.78 45.43 -73.74
CA ARG B 277 -3.28 46.65 -74.40
C ARG B 277 -2.44 47.89 -74.06
N LEU B 278 -2.07 48.62 -75.11
CA LEU B 278 -1.12 49.74 -75.04
C LEU B 278 -1.31 50.67 -73.84
N ASN B 279 -2.56 50.99 -73.55
CA ASN B 279 -2.88 52.02 -72.58
C ASN B 279 -2.42 51.73 -71.14
N ILE B 280 -2.88 50.62 -70.56
CA ILE B 280 -2.42 50.18 -69.25
C ILE B 280 -1.12 49.35 -69.41
N PRO B 281 0.01 49.81 -68.81
CA PRO B 281 1.30 49.16 -69.07
C PRO B 281 1.64 48.04 -68.09
N ILE B 282 2.56 47.15 -68.48
CA ILE B 282 3.11 46.09 -67.58
C ILE B 282 4.58 46.39 -67.18
N PRO B 283 4.96 46.23 -65.90
CA PRO B 283 6.24 46.72 -65.38
C PRO B 283 7.48 46.06 -66.00
N PRO B 284 8.65 46.69 -65.84
CA PRO B 284 9.86 46.19 -66.51
C PRO B 284 10.45 44.92 -65.88
N ARG B 285 10.12 44.60 -64.62
CA ARG B 285 10.55 43.32 -64.01
C ARG B 285 9.55 42.67 -63.06
N ILE B 286 8.95 41.56 -63.54
CA ILE B 286 7.86 40.84 -62.85
C ILE B 286 8.34 39.61 -62.06
N THR B 287 7.73 39.36 -60.90
CA THR B 287 8.19 38.29 -60.03
C THR B 287 7.15 37.20 -59.79
N TYR B 288 7.50 35.95 -60.11
CA TYR B 288 6.57 34.82 -60.08
C TYR B 288 6.79 33.92 -58.88
N PRO B 289 5.91 32.91 -58.69
CA PRO B 289 6.24 31.78 -57.80
C PRO B 289 7.02 30.69 -58.53
N TYR B 290 7.97 30.04 -57.85
CA TYR B 290 8.79 29.02 -58.50
C TYR B 290 9.04 27.76 -57.66
N PHE B 291 8.53 26.62 -58.11
CA PHE B 291 8.71 25.35 -57.41
C PHE B 291 9.66 24.44 -58.16
N LYS B 292 10.31 23.50 -57.46
CA LYS B 292 11.21 22.50 -58.08
C LYS B 292 11.42 21.28 -57.18
N LEU B 293 11.23 20.09 -57.75
CA LEU B 293 11.07 18.89 -56.95
C LEU B 293 12.13 17.83 -57.21
N SER B 294 13.15 17.76 -56.32
CA SER B 294 14.27 16.80 -56.47
C SER B 294 14.07 15.48 -55.72
N ARG B 295 14.16 14.37 -56.43
CA ARG B 295 13.88 13.08 -55.79
C ARG B 295 15.13 12.48 -55.17
N TYR B 296 14.94 11.62 -54.16
CA TYR B 296 16.03 10.86 -53.54
C TYR B 296 15.60 9.43 -53.37
N THR B 297 16.45 8.48 -53.73
CA THR B 297 16.06 7.06 -53.70
C THR B 297 17.07 6.17 -52.93
N THR B 298 16.74 4.89 -52.77
CA THR B 298 17.66 3.91 -52.17
C THR B 298 17.43 2.51 -52.74
N GLN B 299 18.51 1.75 -52.94
CA GLN B 299 18.38 0.41 -53.50
C GLN B 299 18.55 -0.68 -52.46
N PHE B 300 17.58 -1.57 -52.37
CA PHE B 300 17.68 -2.70 -51.45
C PHE B 300 17.72 -4.02 -52.21
N GLN B 301 18.39 -5.02 -51.62
CA GLN B 301 18.51 -6.35 -52.21
C GLN B 301 17.72 -7.45 -51.45
N ASN B 302 17.18 -7.09 -50.28
CA ASN B 302 16.33 -8.00 -49.47
C ASN B 302 14.96 -8.21 -50.08
N THR B 303 14.74 -9.44 -50.55
CA THR B 303 13.56 -9.81 -51.34
C THR B 303 12.39 -10.32 -50.50
N LEU B 304 11.17 -9.89 -50.83
CA LEU B 304 9.99 -10.30 -50.06
C LEU B 304 8.79 -10.58 -50.97
N ALA B 305 8.12 -11.70 -50.75
CA ALA B 305 6.94 -12.10 -51.55
C ALA B 305 6.33 -13.41 -51.06
N PRO B 306 5.05 -13.69 -51.42
CA PRO B 306 4.17 -12.84 -52.19
C PRO B 306 3.56 -11.76 -51.30
N ASN B 307 3.36 -12.07 -50.02
CA ASN B 307 2.83 -11.07 -49.11
C ASN B 307 3.45 -11.11 -47.72
N ALA B 308 4.77 -11.27 -47.70
CA ALA B 308 5.53 -11.18 -46.46
C ALA B 308 5.75 -9.72 -46.04
N SER B 309 5.92 -9.52 -44.75
CA SER B 309 6.13 -8.20 -44.14
C SER B 309 7.62 -7.92 -43.90
N SER B 310 8.01 -6.65 -43.95
CA SER B 310 9.38 -6.25 -43.65
C SER B 310 9.50 -4.78 -43.24
N THR B 311 10.71 -4.37 -42.88
CA THR B 311 11.01 -2.98 -42.53
C THR B 311 12.26 -2.43 -43.24
N PHE B 312 12.36 -1.13 -43.39
CA PHE B 312 13.48 -0.53 -44.10
C PHE B 312 14.03 0.71 -43.42
N LYS B 313 15.06 1.31 -44.02
CA LYS B 313 15.60 2.60 -43.58
C LYS B 313 16.14 3.24 -44.84
N SER B 314 15.92 4.55 -44.98
CA SER B 314 16.26 5.29 -46.19
C SER B 314 17.72 5.51 -46.52
N ASN B 315 18.49 5.86 -45.49
CA ASN B 315 19.81 6.45 -45.67
C ASN B 315 19.69 7.96 -45.53
N VAL B 316 20.70 8.61 -44.97
CA VAL B 316 20.62 10.02 -44.66
C VAL B 316 20.75 10.91 -45.88
N VAL B 317 20.07 12.05 -45.87
CA VAL B 317 20.26 13.05 -46.92
C VAL B 317 20.22 14.40 -46.22
N GLN B 318 20.56 15.47 -46.91
CA GLN B 318 20.66 16.76 -46.23
C GLN B 318 20.06 17.92 -46.99
N LEU B 319 18.73 17.93 -47.10
CA LEU B 319 17.98 19.01 -47.75
C LEU B 319 18.48 20.41 -47.40
N ASP B 320 18.58 21.28 -48.39
CA ASP B 320 19.17 22.58 -48.19
C ASP B 320 18.37 23.43 -47.23
N SER B 321 17.05 23.35 -47.35
CA SER B 321 16.17 24.19 -46.59
C SER B 321 14.85 23.46 -46.48
N ILE B 322 13.97 23.90 -45.60
CA ILE B 322 12.74 23.16 -45.45
C ILE B 322 12.06 23.16 -46.80
N PRO B 323 11.55 22.02 -47.18
CA PRO B 323 10.78 21.86 -48.41
C PRO B 323 9.29 22.02 -48.14
N ARG B 324 8.55 22.57 -49.09
CA ARG B 324 7.12 22.81 -48.91
C ARG B 324 6.33 21.55 -48.58
N LYS B 325 6.65 20.44 -49.26
CA LYS B 325 5.95 19.17 -49.07
C LYS B 325 6.92 18.01 -49.15
N LEU B 326 6.44 16.79 -48.93
CA LEU B 326 7.31 15.62 -49.03
C LEU B 326 6.54 14.32 -49.22
N TYR B 327 6.72 13.70 -50.38
CA TYR B 327 6.02 12.47 -50.73
C TYR B 327 6.92 11.29 -50.51
N LEU B 328 6.57 10.40 -49.59
CA LEU B 328 7.36 9.19 -49.38
C LEU B 328 6.54 7.99 -49.75
N PHE B 329 7.17 7.01 -50.39
CA PHE B 329 6.48 5.80 -50.82
C PHE B 329 7.46 4.76 -51.33
N VAL B 330 7.20 3.50 -51.00
CA VAL B 330 8.00 2.42 -51.56
C VAL B 330 7.37 2.11 -52.90
N LYS B 331 8.17 1.74 -53.89
CA LYS B 331 7.65 1.26 -55.17
C LYS B 331 8.55 0.17 -55.72
N GLN B 332 8.02 -0.81 -56.44
CA GLN B 332 8.84 -1.95 -56.85
C GLN B 332 9.97 -1.73 -57.87
N SER B 333 11.12 -2.32 -57.59
CA SER B 333 12.01 -2.94 -58.57
C SER B 333 12.49 -2.14 -59.78
N ASP B 334 12.97 -0.92 -59.60
CA ASP B 334 13.26 -0.10 -60.79
C ASP B 334 14.27 -0.74 -61.77
N ASN B 335 15.31 -1.35 -61.23
CA ASN B 335 16.34 -1.98 -62.05
C ASN B 335 15.76 -3.25 -62.63
N VAL B 336 15.05 -3.99 -61.78
CA VAL B 336 14.56 -5.32 -62.12
C VAL B 336 13.59 -5.28 -63.29
N ILE B 337 12.75 -4.27 -63.34
CA ILE B 337 11.71 -4.20 -64.35
C ILE B 337 12.25 -4.12 -65.78
N TYR B 338 13.32 -3.35 -65.98
CA TYR B 338 13.80 -3.06 -67.33
C TYR B 338 14.30 -4.23 -68.19
N GLN B 339 15.05 -5.16 -67.63
CA GLN B 339 15.51 -6.29 -68.41
C GLN B 339 14.31 -7.04 -68.91
N ASN B 340 14.33 -7.44 -70.17
CA ASN B 340 13.24 -8.23 -70.74
C ASN B 340 12.23 -7.32 -71.39
N LEU B 341 11.81 -7.62 -72.61
CA LEU B 341 10.72 -6.86 -73.18
C LEU B 341 9.50 -7.15 -72.34
N ASN B 342 9.32 -8.42 -72.05
CA ASN B 342 8.21 -8.91 -71.24
C ASN B 342 7.95 -8.03 -70.01
N ASN B 343 9.00 -7.71 -69.26
CA ASN B 343 8.86 -6.92 -68.04
C ASN B 343 8.39 -5.50 -68.26
N GLN B 344 8.96 -4.84 -69.27
CA GLN B 344 8.66 -3.43 -69.55
C GLN B 344 7.19 -3.21 -69.87
N ILE B 345 6.61 -4.17 -70.59
CA ILE B 345 5.27 -4.06 -71.13
C ILE B 345 4.18 -4.44 -70.11
N THR B 346 4.31 -5.61 -69.49
CA THR B 346 3.23 -6.19 -68.68
C THR B 346 3.25 -5.94 -67.16
N THR B 347 3.84 -4.85 -66.70
CA THR B 347 3.79 -4.58 -65.25
C THR B 347 3.31 -3.14 -64.90
N PRO B 348 2.41 -3.01 -63.90
CA PRO B 348 1.81 -1.72 -63.52
C PRO B 348 2.71 -0.89 -62.59
N ASP B 349 2.23 0.29 -62.18
CA ASP B 349 3.06 1.25 -61.38
C ASP B 349 2.54 1.55 -59.97
N VAL B 350 1.67 0.67 -59.49
CA VAL B 350 1.24 0.65 -58.10
C VAL B 350 2.42 0.49 -57.15
N PHE B 351 2.26 0.96 -55.92
CA PHE B 351 3.28 0.79 -54.89
C PHE B 351 2.76 0.06 -53.65
N LEU B 352 3.58 -0.77 -53.00
CA LEU B 352 3.15 -1.58 -51.84
C LEU B 352 2.59 -0.76 -50.67
N GLN B 353 1.66 -1.38 -49.93
CA GLN B 353 0.95 -0.71 -48.83
C GLN B 353 1.84 -0.46 -47.62
N ILE B 354 1.83 0.76 -47.12
CA ILE B 354 2.55 1.09 -45.89
C ILE B 354 1.82 0.48 -44.71
N ASN B 355 2.42 -0.51 -44.07
CA ASN B 355 1.86 -1.05 -42.86
C ASN B 355 1.92 -0.05 -41.75
N ASN B 356 3.08 0.57 -41.63
CA ASN B 356 3.28 1.64 -40.66
C ASN B 356 4.56 2.37 -41.01
N LEU B 357 4.68 3.62 -40.58
CA LEU B 357 5.92 4.34 -40.83
C LEU B 357 6.31 5.22 -39.66
N ASN B 358 7.61 5.39 -39.49
CA ASN B 358 8.16 6.26 -38.49
C ASN B 358 9.05 7.20 -39.24
N LEU B 359 9.28 8.39 -38.72
CA LEU B 359 10.18 9.26 -39.47
C LEU B 359 11.04 10.09 -38.56
N THR B 360 12.25 10.43 -39.01
CA THR B 360 13.07 11.39 -38.27
C THR B 360 13.40 12.68 -39.01
N TRP B 361 13.20 13.81 -38.35
CA TRP B 361 13.60 15.11 -38.87
C TRP B 361 14.97 15.38 -38.35
N ASN B 362 15.40 16.64 -38.37
CA ASN B 362 16.63 17.00 -37.70
C ASN B 362 16.35 17.06 -36.20
N ASN B 363 17.11 16.32 -35.44
CA ASN B 363 17.17 16.47 -33.99
C ASN B 363 16.04 15.80 -33.21
N GLN B 364 15.08 15.21 -33.91
CA GLN B 364 14.04 14.42 -33.27
C GLN B 364 13.78 13.21 -34.11
N GLN B 365 13.51 12.09 -33.48
CA GLN B 365 13.23 10.88 -34.23
C GLN B 365 12.04 10.19 -33.59
N GLY B 366 11.29 9.43 -34.37
CA GLY B 366 10.07 8.92 -33.82
C GLY B 366 8.94 9.93 -33.97
N ILE B 367 9.05 10.80 -34.95
CA ILE B 367 7.91 11.62 -35.30
C ILE B 367 6.91 10.67 -35.91
N LEU B 368 5.69 10.68 -35.39
CA LEU B 368 4.64 9.78 -35.85
C LEU B 368 4.93 8.34 -35.46
N SER B 369 5.48 8.11 -34.27
CA SER B 369 5.77 6.75 -33.84
C SER B 369 4.55 5.86 -34.01
N GLY B 370 3.50 6.18 -33.27
CA GLY B 370 2.33 5.33 -33.21
C GLY B 370 1.13 5.97 -33.87
N ALA B 371 1.28 6.37 -35.12
CA ALA B 371 0.13 6.79 -35.89
C ALA B 371 -0.26 5.63 -36.81
N SER B 372 -1.47 5.12 -36.63
CA SER B 372 -1.95 3.99 -37.42
C SER B 372 -1.79 4.23 -38.91
N SER B 373 -1.38 3.20 -39.65
CA SER B 373 -1.23 3.29 -41.08
C SER B 373 -2.42 4.03 -41.66
N GLN B 374 -3.54 3.91 -40.94
CA GLN B 374 -4.78 4.51 -41.35
C GLN B 374 -4.75 5.99 -41.01
N ASN B 375 -4.26 6.30 -39.84
CA ASN B 375 -4.12 7.67 -39.42
C ASN B 375 -3.34 8.50 -40.44
N LEU B 376 -2.43 7.84 -41.18
CA LEU B 376 -1.65 8.45 -42.27
C LEU B 376 -2.43 8.70 -43.55
N TYR B 377 -3.61 8.12 -43.67
CA TYR B 377 -4.46 8.40 -44.80
C TYR B 377 -5.38 9.52 -44.41
N ASP B 378 -5.63 9.68 -43.11
CA ASP B 378 -6.43 10.80 -42.64
C ASP B 378 -5.78 12.13 -42.97
N PHE B 379 -4.46 12.15 -43.04
CA PHE B 379 -3.72 13.23 -43.65
C PHE B 379 -2.65 12.49 -44.47
N SER B 380 -2.69 12.65 -45.79
CA SER B 380 -3.61 13.56 -46.36
C SER B 380 -4.59 12.87 -47.25
N VAL B 381 -5.85 13.23 -47.02
CA VAL B 381 -6.78 13.60 -48.07
C VAL B 381 -7.02 15.06 -47.74
N GLN B 382 -6.26 15.57 -46.78
CA GLN B 382 -6.34 16.96 -46.43
C GLN B 382 -5.52 17.80 -47.39
N ASN B 383 -4.47 17.16 -47.90
CA ASN B 383 -3.62 17.60 -48.99
C ASN B 383 -4.01 16.87 -50.26
N GLY B 384 -5.30 16.57 -50.39
CA GLY B 384 -5.88 16.05 -51.60
C GLY B 384 -5.43 14.76 -52.25
N TYR B 385 -5.27 13.70 -51.48
CA TYR B 385 -4.79 12.46 -52.03
C TYR B 385 -5.70 11.97 -53.14
N ASN B 386 -7.00 12.12 -52.97
CA ASN B 386 -7.91 11.79 -54.06
C ASN B 386 -8.16 10.31 -54.38
N LYS B 387 -8.04 9.44 -53.39
CA LYS B 387 -8.52 8.07 -53.53
C LYS B 387 -9.30 7.65 -52.31
N THR B 388 -9.91 6.48 -52.37
CA THR B 388 -10.64 5.92 -51.23
C THR B 388 -9.67 5.34 -50.23
N TRP B 389 -10.08 5.24 -48.97
CA TRP B 389 -9.24 4.59 -47.98
C TRP B 389 -9.06 3.18 -48.37
N SER B 390 -10.15 2.55 -48.79
CA SER B 390 -10.13 1.15 -49.17
C SER B 390 -8.98 0.82 -50.14
N GLU B 391 -8.87 1.57 -51.23
CA GLU B 391 -7.84 1.33 -52.25
C GLU B 391 -6.43 1.68 -51.78
N PHE B 392 -6.28 2.78 -51.05
CA PHE B 392 -5.07 3.04 -50.24
C PHE B 392 -4.95 1.87 -49.28
N ASN B 393 -3.73 1.40 -48.99
CA ASN B 393 -3.53 0.18 -48.19
C ASN B 393 -4.27 -1.04 -48.77
N GLY B 394 -4.61 -0.94 -50.04
CA GLY B 394 -5.57 -1.83 -50.68
C GLY B 394 -5.22 -3.30 -50.73
N VAL B 395 -6.06 -4.09 -50.08
CA VAL B 395 -6.10 -5.53 -50.27
C VAL B 395 -7.58 -5.83 -50.47
N THR B 396 -7.91 -6.86 -51.24
CA THR B 396 -9.31 -7.07 -51.54
C THR B 396 -9.75 -8.48 -51.30
N GLN B 397 -10.71 -8.60 -50.40
CA GLN B 397 -11.38 -9.85 -50.17
C GLN B 397 -12.47 -9.99 -51.21
N GLN B 398 -12.38 -11.01 -52.05
CA GLN B 398 -13.51 -11.35 -52.91
C GLN B 398 -13.84 -12.84 -52.81
N PHE B 399 -15.04 -13.18 -52.31
CA PHE B 399 -15.37 -14.60 -52.13
C PHE B 399 -16.07 -15.28 -53.29
N ASN B 400 -15.77 -16.56 -53.46
CA ASN B 400 -16.39 -17.32 -54.52
C ASN B 400 -17.23 -18.43 -53.95
N GLY B 401 -18.48 -18.50 -54.38
CA GLY B 401 -19.35 -19.53 -53.87
C GLY B 401 -19.50 -20.70 -54.81
N VAL B 402 -18.76 -21.75 -54.51
CA VAL B 402 -19.00 -23.08 -55.02
C VAL B 402 -18.23 -23.97 -54.05
N SER B 403 -18.57 -25.24 -53.97
CA SER B 403 -17.80 -26.09 -53.12
C SER B 403 -16.96 -27.00 -53.99
N GLY B 404 -15.65 -26.88 -53.84
CA GLY B 404 -15.07 -25.86 -52.99
C GLY B 404 -13.96 -25.16 -53.75
N GLN B 405 -14.05 -23.84 -53.85
CA GLN B 405 -12.97 -23.06 -54.42
C GLN B 405 -12.55 -22.06 -53.37
N PRO B 406 -11.28 -22.02 -53.05
CA PRO B 406 -10.87 -21.07 -52.02
C PRO B 406 -11.13 -19.68 -52.53
N THR B 407 -11.72 -18.83 -51.72
CA THR B 407 -11.83 -17.40 -52.04
C THR B 407 -10.44 -16.82 -52.38
N LYS B 408 -10.39 -15.77 -53.21
CA LYS B 408 -9.10 -15.18 -53.54
C LYS B 408 -8.93 -13.72 -53.15
N VAL B 409 -7.75 -13.44 -52.62
CA VAL B 409 -7.35 -12.09 -52.34
C VAL B 409 -6.90 -11.49 -53.66
N ILE B 410 -6.95 -10.17 -53.72
CA ILE B 410 -6.68 -9.42 -54.92
C ILE B 410 -5.70 -8.32 -54.60
N GLY B 411 -4.73 -8.12 -55.48
CA GLY B 411 -3.78 -7.05 -55.28
C GLY B 411 -4.44 -5.72 -55.54
N LEU B 412 -3.85 -4.65 -55.03
CA LEU B 412 -4.35 -3.31 -55.27
C LEU B 412 -3.23 -2.30 -55.12
N GLU B 413 -3.45 -1.08 -55.56
CA GLU B 413 -2.45 -0.06 -55.34
C GLU B 413 -2.30 0.20 -53.86
N GLY B 414 -1.08 0.48 -53.45
CA GLY B 414 -0.79 0.92 -52.09
C GLY B 414 -0.71 2.42 -51.85
N GLY B 415 -0.77 2.81 -50.59
CA GLY B 415 -0.61 4.20 -50.22
C GLY B 415 0.66 4.87 -50.68
N ILE B 416 0.52 6.11 -51.15
CA ILE B 416 1.62 7.02 -51.26
C ILE B 416 1.30 8.16 -50.31
N VAL B 417 2.05 8.24 -49.22
CA VAL B 417 1.81 9.20 -48.16
C VAL B 417 2.43 10.53 -48.50
N CYS B 418 1.87 11.62 -47.99
CA CYS B 418 2.53 12.92 -48.09
C CYS B 418 2.37 13.70 -46.79
N LEU B 419 3.20 14.71 -46.61
CA LEU B 419 3.11 15.61 -45.44
C LEU B 419 3.72 16.97 -45.73
N GLU B 420 2.91 18.03 -45.66
CA GLU B 420 3.50 19.37 -45.71
C GLU B 420 4.12 19.61 -44.36
N LEU B 421 5.26 20.30 -44.36
CA LEU B 421 6.15 20.34 -43.19
C LEU B 421 5.71 21.18 -42.00
N GLY B 422 5.10 22.34 -42.25
CA GLY B 422 4.48 23.14 -41.19
C GLY B 422 3.33 22.40 -40.55
N LYS B 423 2.49 21.77 -41.36
CA LYS B 423 1.22 21.19 -40.90
C LYS B 423 1.36 19.96 -40.02
N ASP B 424 2.12 18.98 -40.48
CA ASP B 424 2.27 17.76 -39.71
C ASP B 424 3.54 17.76 -38.88
N VAL B 425 4.68 17.78 -39.56
CA VAL B 425 5.92 17.43 -38.90
C VAL B 425 6.19 18.27 -37.66
N GLY B 426 5.70 19.51 -37.67
CA GLY B 426 5.96 20.44 -36.56
C GLY B 426 7.36 21.01 -36.70
N LEU B 427 7.58 22.23 -36.24
CA LEU B 427 8.80 22.91 -36.59
C LEU B 427 9.36 23.75 -35.46
N ARG B 428 10.68 23.73 -35.28
CA ARG B 428 11.33 24.63 -34.33
C ARG B 428 10.96 26.08 -34.63
N ASP B 429 10.41 26.77 -33.65
CA ASP B 429 9.94 28.11 -33.92
C ASP B 429 11.07 28.95 -34.46
N ASP B 430 10.75 29.82 -35.42
CA ASP B 430 11.72 30.57 -36.19
C ASP B 430 12.06 29.88 -37.50
N GLU B 431 11.56 28.66 -37.69
CA GLU B 431 11.68 27.93 -38.94
C GLU B 431 10.34 27.90 -39.62
N ALA B 432 10.29 28.31 -40.90
CA ALA B 432 9.03 28.23 -41.67
C ALA B 432 9.22 27.49 -42.98
N GLU B 433 8.28 27.67 -43.91
CA GLU B 433 8.25 26.89 -45.14
C GLU B 433 9.33 27.23 -46.18
N GLY B 434 9.92 28.42 -46.06
CA GLY B 434 10.89 28.89 -47.06
C GLY B 434 12.33 28.87 -46.61
N VAL B 435 12.56 29.31 -45.37
CA VAL B 435 13.89 29.64 -44.82
C VAL B 435 15.05 28.63 -45.02
N ILE B 436 16.19 29.18 -45.43
CA ILE B 436 17.46 28.48 -45.62
C ILE B 436 18.25 28.68 -44.32
N GLY B 437 19.06 27.71 -43.88
CA GLY B 437 19.52 26.57 -44.67
C GLY B 437 19.45 25.15 -44.13
N ASN B 438 20.57 24.62 -43.69
CA ASN B 438 20.82 23.16 -43.60
C ASN B 438 19.94 22.33 -42.65
N PHE B 439 19.50 21.17 -43.10
CA PHE B 439 18.74 20.20 -42.27
C PHE B 439 18.99 18.78 -42.76
N ASN B 440 18.78 17.78 -41.91
CA ASN B 440 18.98 16.38 -42.34
C ASN B 440 17.89 15.40 -41.93
N LEU B 441 17.49 14.55 -42.85
CA LEU B 441 16.30 13.74 -42.67
C LEU B 441 16.54 12.32 -43.11
N GLN B 442 16.10 11.37 -42.30
CA GLN B 442 16.09 9.96 -42.66
C GLN B 442 14.73 9.33 -42.40
N VAL B 443 14.16 8.67 -43.39
CA VAL B 443 12.88 7.99 -43.23
C VAL B 443 13.06 6.50 -42.96
N GLN B 444 12.38 5.97 -41.97
CA GLN B 444 12.32 4.54 -41.85
C GLN B 444 10.86 4.16 -42.06
N MET B 445 10.58 2.97 -42.58
CA MET B 445 9.18 2.56 -42.76
C MET B 445 8.98 1.12 -43.16
N THR B 446 7.86 0.56 -42.72
CA THR B 446 7.54 -0.85 -42.96
C THR B 446 6.43 -0.97 -43.97
N VAL B 447 6.68 -1.72 -45.02
CA VAL B 447 5.73 -1.87 -46.07
C VAL B 447 5.46 -3.35 -46.20
N THR B 448 4.32 -3.72 -46.75
CA THR B 448 4.08 -5.12 -47.04
C THR B 448 3.57 -5.36 -48.45
N ASN B 449 4.28 -6.22 -49.18
CA ASN B 449 3.85 -6.63 -50.49
C ASN B 449 2.39 -7.09 -50.44
N THR B 450 1.61 -6.72 -51.45
CA THR B 450 0.19 -7.09 -51.48
C THR B 450 -0.28 -7.86 -52.71
N ASN B 451 0.42 -7.73 -53.84
CA ASN B 451 0.03 -8.50 -55.01
C ASN B 451 0.50 -9.93 -54.85
N GLN B 452 -0.05 -10.85 -55.65
CA GLN B 452 0.16 -12.28 -55.47
C GLN B 452 1.33 -12.95 -56.17
N TYR B 453 1.44 -12.77 -57.48
CA TYR B 453 2.30 -13.64 -58.28
C TYR B 453 3.78 -13.35 -58.17
N VAL B 454 4.17 -12.09 -58.40
CA VAL B 454 5.59 -11.73 -58.49
C VAL B 454 6.16 -11.31 -57.13
N THR B 455 7.36 -11.79 -56.81
CA THR B 455 8.03 -11.31 -55.59
C THR B 455 8.69 -10.00 -55.91
N VAL B 456 8.35 -8.97 -55.15
CA VAL B 456 8.90 -7.64 -55.40
C VAL B 456 10.22 -7.48 -54.64
N THR B 457 11.14 -6.71 -55.22
CA THR B 457 12.38 -6.30 -54.54
C THR B 457 12.39 -4.77 -54.55
N PRO B 458 12.20 -4.19 -53.38
CA PRO B 458 11.87 -2.76 -53.21
C PRO B 458 12.98 -1.76 -53.42
N ASP B 459 12.59 -0.53 -53.70
CA ASP B 459 13.40 0.65 -53.53
C ASP B 459 12.41 1.75 -53.18
N MET B 460 12.80 2.74 -52.37
CA MET B 460 11.81 3.76 -51.98
C MET B 460 12.19 5.21 -52.27
N TYR B 461 11.41 5.92 -53.08
CA TYR B 461 11.73 7.32 -53.38
C TYR B 461 11.25 8.31 -52.34
N ILE B 462 11.86 9.49 -52.28
CA ILE B 462 11.43 10.55 -51.37
C ILE B 462 11.40 11.94 -51.99
N VAL B 463 10.46 12.23 -52.87
CA VAL B 463 10.43 13.52 -53.55
C VAL B 463 10.18 14.65 -52.58
N ALA B 464 10.76 15.83 -52.83
CA ALA B 464 10.61 16.94 -51.91
C ALA B 464 10.44 18.19 -52.76
N VAL B 465 9.33 18.90 -52.62
CA VAL B 465 9.15 20.07 -53.46
C VAL B 465 9.41 21.39 -52.71
N TYR B 466 10.46 22.08 -53.11
CA TYR B 466 10.86 23.34 -52.51
C TYR B 466 9.95 24.49 -52.91
N ASP B 467 10.05 25.61 -52.17
CA ASP B 467 9.32 26.84 -52.50
C ASP B 467 10.27 28.01 -52.72
N GLY B 468 9.91 28.90 -53.63
CA GLY B 468 10.79 30.02 -53.94
C GLY B 468 10.30 31.00 -54.98
N THR B 469 10.88 32.19 -54.96
CA THR B 469 10.54 33.26 -55.87
C THR B 469 11.43 33.21 -57.11
N LEU B 470 10.92 33.67 -58.25
CA LEU B 470 11.73 33.83 -59.45
C LEU B 470 11.35 35.08 -60.20
N VAL B 471 12.32 35.96 -60.44
CA VAL B 471 12.08 37.24 -61.10
C VAL B 471 12.57 37.21 -62.53
N ILE B 472 11.68 37.43 -63.48
CA ILE B 472 12.04 37.37 -64.89
C ILE B 472 12.03 38.74 -65.49
N SER B 473 13.21 39.22 -65.84
CA SER B 473 13.43 40.56 -66.35
C SER B 473 14.24 40.37 -67.61
N ASN B 474 14.16 41.32 -68.51
CA ASN B 474 14.43 41.00 -69.88
C ASN B 474 15.80 40.42 -70.12
N THR B 475 16.83 41.01 -69.54
CA THR B 475 18.18 40.49 -69.76
C THR B 475 18.39 39.11 -69.21
N SER B 476 17.92 38.90 -67.99
CA SER B 476 18.21 37.70 -67.24
C SER B 476 17.18 37.46 -66.15
N ALA B 477 17.08 36.20 -65.73
CA ALA B 477 16.08 35.73 -64.78
C ALA B 477 16.79 35.06 -63.65
N MET B 478 16.42 35.35 -62.41
CA MET B 478 17.12 34.87 -61.23
C MET B 478 16.17 34.18 -60.28
N ALA B 479 16.66 33.34 -59.37
CA ALA B 479 15.67 32.82 -58.45
C ALA B 479 16.35 32.55 -57.11
N SER B 480 15.63 32.73 -56.01
CA SER B 480 16.13 32.30 -54.72
C SER B 480 15.18 31.28 -54.20
N ILE B 481 15.71 30.20 -53.64
CA ILE B 481 14.96 29.43 -52.67
C ILE B 481 15.47 30.01 -51.37
N GLY B 482 14.73 29.88 -50.29
CA GLY B 482 15.10 30.58 -49.05
C GLY B 482 14.95 32.09 -49.18
N VAL B 483 13.79 32.51 -49.67
CA VAL B 483 13.47 33.91 -49.84
C VAL B 483 13.28 34.59 -48.50
N ALA B 484 12.91 33.82 -47.48
CA ALA B 484 12.77 34.36 -46.12
C ALA B 484 14.06 34.25 -45.31
N SER B 485 14.27 35.18 -44.39
CA SER B 485 15.37 35.11 -43.43
C SER B 485 14.83 34.69 -42.05
N LYS B 486 15.72 34.36 -41.13
CA LYS B 486 15.28 33.86 -39.82
C LYS B 486 14.59 34.93 -38.98
N GLU B 487 15.22 36.08 -38.79
CA GLU B 487 14.63 37.13 -37.95
C GLU B 487 13.29 37.68 -38.46
N GLU B 488 13.05 37.53 -39.76
CA GLU B 488 11.82 38.05 -40.36
C GLU B 488 10.67 37.10 -40.17
N VAL B 489 10.96 35.80 -40.09
CA VAL B 489 9.91 34.78 -39.94
C VAL B 489 9.29 34.89 -38.55
N LEU B 490 10.13 34.75 -37.52
CA LEU B 490 9.78 35.12 -36.17
C LEU B 490 9.27 36.54 -36.25
N ASN B 491 8.23 36.85 -35.47
CA ASN B 491 7.62 38.19 -35.43
C ASN B 491 7.16 38.77 -36.78
N ALA B 492 6.52 37.94 -37.59
CA ALA B 492 5.81 38.38 -38.80
C ALA B 492 4.32 38.63 -38.49
N ARG B 493 3.83 39.86 -38.71
CA ARG B 493 2.47 40.20 -38.28
C ARG B 493 1.43 39.26 -38.88
N ILE B 494 0.68 38.61 -37.99
CA ILE B 494 -0.29 37.58 -38.41
C ILE B 494 -1.66 38.13 -38.83
N THR B 495 -2.25 37.53 -39.84
CA THR B 495 -3.41 38.07 -40.53
C THR B 495 -4.62 37.18 -40.42
N HIS B 496 -5.64 37.64 -39.68
CA HIS B 496 -6.90 36.90 -39.61
C HIS B 496 -7.64 37.01 -40.90
N GLY B 497 -7.13 37.87 -41.78
CA GLY B 497 -7.83 38.26 -43.01
C GLY B 497 -7.90 37.22 -44.10
N VAL B 498 -6.75 36.70 -44.52
CA VAL B 498 -6.73 35.66 -45.56
C VAL B 498 -6.99 34.28 -44.95
N SER B 499 -7.78 33.47 -45.65
CA SER B 499 -8.12 32.11 -45.23
C SER B 499 -7.02 31.13 -45.63
N TYR B 500 -6.89 30.04 -44.88
CA TYR B 500 -5.87 29.04 -45.17
C TYR B 500 -6.22 28.08 -46.31
N ASN B 501 -7.48 27.68 -46.41
CA ASN B 501 -7.91 26.82 -47.50
C ASN B 501 -7.76 27.49 -48.89
N GLU B 502 -7.21 28.70 -48.90
CA GLU B 502 -6.88 29.40 -50.12
C GLU B 502 -5.50 28.91 -50.61
N LEU B 503 -4.61 28.65 -49.67
CA LEU B 503 -3.28 28.17 -50.00
C LEU B 503 -3.29 26.77 -50.60
N GLN B 504 -4.41 26.07 -50.46
CA GLN B 504 -4.59 24.79 -51.14
C GLN B 504 -4.67 25.07 -52.62
N ARG B 505 -5.29 26.19 -52.96
CA ARG B 505 -5.64 26.50 -54.33
C ARG B 505 -4.43 26.94 -55.17
N ILE B 506 -3.38 27.44 -54.52
CA ILE B 506 -2.20 28.02 -55.21
C ILE B 506 -1.51 27.10 -56.24
N TYR B 507 -1.35 25.83 -55.91
CA TYR B 507 -0.66 24.86 -56.74
C TYR B 507 -1.07 23.54 -56.12
N GLY B 508 -1.01 22.41 -56.83
CA GLY B 508 -0.54 22.27 -58.20
C GLY B 508 -0.02 20.84 -58.41
N MET C 1 -22.07 53.28 -68.57
CA MET C 1 -22.33 52.65 -67.25
C MET C 1 -23.49 53.39 -66.58
N SER C 2 -23.40 54.70 -66.50
CA SER C 2 -24.52 55.41 -65.94
C SER C 2 -25.48 55.46 -67.10
N ASN C 3 -25.76 54.28 -67.63
CA ASN C 3 -26.63 54.15 -68.77
C ASN C 3 -27.95 53.46 -68.49
N SER C 4 -28.09 53.04 -67.24
CA SER C 4 -29.21 52.27 -66.74
C SER C 4 -30.29 53.18 -66.19
N ALA C 5 -31.41 52.62 -65.77
CA ALA C 5 -32.48 53.45 -65.28
C ALA C 5 -31.96 54.25 -64.09
N ILE C 6 -31.20 53.59 -63.22
CA ILE C 6 -30.58 54.26 -62.08
C ILE C 6 -29.11 54.16 -62.31
N PRO C 7 -28.37 55.24 -62.16
CA PRO C 7 -26.96 55.07 -62.52
C PRO C 7 -26.27 54.02 -61.65
N LEU C 8 -25.42 53.20 -62.27
CA LEU C 8 -24.66 52.22 -61.52
C LEU C 8 -23.19 52.53 -61.65
N ASN C 9 -22.41 52.04 -60.70
CA ASN C 9 -20.99 52.33 -60.65
C ASN C 9 -20.16 51.25 -61.32
N VAL C 10 -19.05 51.66 -61.94
CA VAL C 10 -18.17 50.76 -62.71
C VAL C 10 -16.92 50.35 -61.94
N VAL C 11 -16.38 49.16 -62.25
CA VAL C 11 -14.97 48.85 -61.94
C VAL C 11 -14.40 47.98 -63.05
N ALA C 12 -13.07 47.87 -63.10
CA ALA C 12 -12.45 47.00 -64.07
C ALA C 12 -11.79 45.81 -63.39
N VAL C 13 -11.63 44.72 -64.15
CA VAL C 13 -10.92 43.55 -63.69
C VAL C 13 -9.95 43.22 -64.80
N GLN C 14 -8.94 42.42 -64.50
CA GLN C 14 -8.03 41.92 -65.54
C GLN C 14 -8.25 40.44 -65.83
N GLU C 15 -8.13 40.08 -67.09
CA GLU C 15 -8.32 38.71 -67.48
C GLU C 15 -7.22 37.83 -66.91
N PRO C 16 -7.54 36.55 -66.60
CA PRO C 16 -6.67 35.77 -65.73
C PRO C 16 -5.22 35.78 -66.20
N ARG C 17 -5.05 35.81 -67.52
CA ARG C 17 -3.74 35.60 -68.11
C ARG C 17 -2.86 36.83 -68.03
N LEU C 18 -3.38 37.91 -67.46
CA LEU C 18 -2.54 39.07 -67.24
C LEU C 18 -3.06 40.02 -66.15
N GLU C 19 -2.24 40.24 -65.11
CA GLU C 19 -2.51 41.31 -64.13
C GLU C 19 -1.84 42.60 -64.60
N LEU C 20 -0.54 42.54 -64.94
CA LEU C 20 0.33 41.42 -64.56
C LEU C 20 0.93 41.89 -63.25
N ASN C 21 0.49 43.08 -62.86
CA ASN C 21 0.96 43.80 -61.70
C ASN C 21 -0.13 44.02 -60.67
N ASN C 22 0.23 43.72 -59.42
CA ASN C 22 -0.54 43.94 -58.21
C ASN C 22 0.42 43.54 -57.12
N GLU C 23 0.21 44.00 -55.90
CA GLU C 23 1.17 43.68 -54.84
C GLU C 23 1.18 42.20 -54.46
N ARG C 24 2.36 41.59 -54.51
CA ARG C 24 2.51 40.20 -54.11
C ARG C 24 3.05 40.17 -52.71
N THR C 25 2.76 39.09 -52.00
CA THR C 25 3.36 38.85 -50.68
C THR C 25 3.89 37.43 -50.59
N TRP C 26 4.58 37.15 -49.49
CA TRP C 26 5.10 35.83 -49.21
C TRP C 26 4.48 35.45 -47.90
N VAL C 27 3.74 34.34 -47.92
CA VAL C 27 2.89 33.94 -46.81
C VAL C 27 3.45 32.70 -46.09
N VAL C 28 4.29 32.91 -45.07
CA VAL C 28 4.86 31.77 -44.30
C VAL C 28 3.79 31.18 -43.39
N VAL C 29 3.76 29.85 -43.24
CA VAL C 29 2.60 29.19 -42.67
C VAL C 29 2.87 28.51 -41.29
N LYS C 30 2.59 29.23 -40.20
CA LYS C 30 3.11 28.88 -38.88
C LYS C 30 2.21 27.91 -38.17
N GLY C 31 2.76 26.76 -37.78
CA GLY C 31 2.01 25.75 -37.02
C GLY C 31 2.82 25.16 -35.89
N GLY C 32 2.25 25.15 -34.68
CA GLY C 32 2.99 24.78 -33.46
C GLY C 32 3.82 23.52 -33.62
N GLN C 33 5.02 23.51 -33.03
CA GLN C 33 5.92 22.35 -33.16
C GLN C 33 5.42 21.15 -32.38
N GLN C 34 5.67 19.95 -32.90
CA GLN C 34 5.42 18.72 -32.16
C GLN C 34 3.97 18.23 -32.28
N VAL C 35 3.53 17.90 -33.48
CA VAL C 35 2.27 17.18 -33.63
C VAL C 35 2.53 15.71 -33.29
N THR C 36 1.64 15.09 -32.53
CA THR C 36 1.78 13.66 -32.14
C THR C 36 0.48 12.87 -32.35
N TYR C 37 0.55 11.55 -32.35
CA TYR C 37 -0.66 10.71 -32.33
C TYR C 37 -0.51 9.54 -31.36
N TYR C 38 -1.61 8.98 -30.87
CA TYR C 38 -1.56 7.84 -29.96
C TYR C 38 -2.83 7.04 -29.90
N PRO C 39 -2.72 5.72 -30.02
CA PRO C 39 -3.91 4.90 -29.81
C PRO C 39 -4.28 4.72 -28.34
N PHE C 40 -5.35 5.33 -27.87
CA PHE C 40 -5.83 5.07 -26.53
C PHE C 40 -6.71 3.83 -26.46
N PRO C 41 -6.21 2.74 -25.87
CA PRO C 41 -7.02 1.53 -25.84
C PRO C 41 -8.08 1.64 -24.77
N SER C 42 -9.20 0.92 -24.98
CA SER C 42 -10.37 1.00 -24.10
C SER C 42 -10.16 0.46 -22.69
N THR C 43 -10.18 1.35 -21.71
CA THR C 43 -10.20 0.94 -20.32
C THR C 43 -11.53 0.26 -20.05
N SER C 44 -11.49 -1.08 -20.03
CA SER C 44 -12.64 -1.91 -19.66
C SER C 44 -13.76 -1.92 -20.72
N PHE C 45 -13.41 -2.35 -21.93
CA PHE C 45 -14.42 -2.70 -22.91
C PHE C 45 -15.24 -3.85 -22.35
N SER C 46 -16.20 -4.31 -23.13
CA SER C 46 -16.94 -5.54 -22.83
C SER C 46 -17.71 -5.92 -24.09
N SER C 47 -18.63 -6.89 -23.96
CA SER C 47 -19.50 -7.27 -25.06
C SER C 47 -20.75 -6.39 -25.11
N ASN C 48 -21.14 -5.87 -23.95
CA ASN C 48 -22.34 -5.08 -23.84
C ASN C 48 -22.15 -3.62 -24.22
N GLN C 49 -21.20 -2.97 -23.56
CA GLN C 49 -20.90 -1.57 -23.80
C GLN C 49 -19.41 -1.43 -23.66
N PHE C 50 -18.73 -0.68 -24.54
CA PHE C 50 -17.32 -0.33 -24.26
C PHE C 50 -17.06 1.14 -24.20
N ASN C 51 -15.97 1.53 -23.51
CA ASN C 51 -15.72 2.94 -23.22
C ASN C 51 -14.28 3.35 -22.89
N PHE C 52 -13.79 4.39 -23.56
CA PHE C 52 -12.42 4.83 -23.38
C PHE C 52 -12.44 6.10 -22.58
N ILE C 53 -11.33 6.38 -21.90
CA ILE C 53 -11.11 7.70 -21.30
C ILE C 53 -9.69 8.10 -21.59
N CYS C 54 -9.50 9.35 -21.99
CA CYS C 54 -8.16 9.90 -22.17
C CYS C 54 -8.08 11.35 -21.68
N ASN C 55 -6.94 11.71 -21.10
CA ASN C 55 -6.72 13.09 -20.73
C ASN C 55 -5.67 13.71 -21.61
N PRO C 56 -6.00 14.84 -22.22
CA PRO C 56 -5.00 15.64 -22.92
C PRO C 56 -3.83 15.92 -21.98
N PRO C 57 -2.60 15.99 -22.52
CA PRO C 57 -1.44 16.27 -21.68
C PRO C 57 -1.59 17.45 -20.68
N SER C 58 -1.92 18.65 -21.12
CA SER C 58 -2.07 19.75 -20.18
C SER C 58 -3.08 20.76 -20.62
N ALA C 59 -2.98 21.95 -20.04
CA ALA C 59 -3.86 23.09 -20.38
C ALA C 59 -3.56 23.68 -21.77
N GLN C 60 -2.31 23.59 -22.19
CA GLN C 60 -1.88 24.26 -23.42
C GLN C 60 -1.82 23.44 -24.70
N THR C 61 -2.14 22.15 -24.64
CA THR C 61 -2.10 21.34 -25.83
C THR C 61 -3.46 21.24 -26.48
N VAL C 62 -3.55 21.67 -27.75
CA VAL C 62 -4.82 21.67 -28.49
C VAL C 62 -5.06 20.32 -29.16
N LEU C 63 -6.09 19.63 -28.69
CA LEU C 63 -6.54 18.36 -29.28
C LEU C 63 -7.23 18.71 -30.57
N ASP C 64 -7.27 17.78 -31.52
CA ASP C 64 -7.94 18.07 -32.80
C ASP C 64 -9.33 17.44 -32.88
N ARG C 65 -10.20 18.04 -33.70
CA ARG C 65 -11.61 17.71 -33.80
C ARG C 65 -11.94 16.36 -34.46
N LEU C 66 -11.16 15.93 -35.44
CA LEU C 66 -11.39 14.63 -36.08
C LEU C 66 -10.93 13.45 -35.22
N VAL C 67 -11.87 12.71 -34.62
CA VAL C 67 -11.55 11.53 -33.80
C VAL C 67 -12.17 10.32 -34.47
N PHE C 68 -11.58 9.13 -34.31
CA PHE C 68 -12.22 7.91 -34.78
C PHE C 68 -11.83 6.74 -33.94
N ILE C 69 -12.60 5.67 -34.04
CA ILE C 69 -12.40 4.49 -33.21
C ILE C 69 -12.37 3.24 -34.07
N GLN C 70 -11.24 2.55 -34.07
CA GLN C 70 -11.12 1.31 -34.82
C GLN C 70 -11.37 0.11 -33.92
N VAL C 71 -12.09 -0.88 -34.43
CA VAL C 71 -12.43 -2.04 -33.61
C VAL C 71 -12.27 -3.37 -34.35
N PRO C 72 -11.41 -4.28 -33.85
CA PRO C 72 -11.23 -5.60 -34.44
C PRO C 72 -12.35 -6.51 -34.00
N TYR C 73 -12.66 -7.51 -34.83
CA TYR C 73 -13.81 -8.38 -34.62
C TYR C 73 -13.62 -9.72 -35.27
N ASP C 74 -14.45 -10.67 -34.85
CA ASP C 74 -14.67 -11.89 -35.63
C ASP C 74 -16.17 -12.22 -35.61
N ILE C 75 -16.61 -13.05 -36.55
CA ILE C 75 -17.99 -13.49 -36.61
C ILE C 75 -18.02 -14.97 -36.94
N THR C 76 -19.21 -15.55 -37.01
CA THR C 76 -19.39 -16.91 -37.48
C THR C 76 -20.86 -17.18 -37.78
N PHE C 77 -21.16 -17.56 -39.01
CA PHE C 77 -22.52 -17.95 -39.37
C PHE C 77 -22.63 -19.49 -39.39
N THR C 78 -23.82 -20.03 -39.17
CA THR C 78 -24.06 -21.49 -39.33
C THR C 78 -25.43 -21.82 -39.93
N ALA C 79 -25.45 -22.52 -41.06
CA ALA C 79 -26.68 -22.90 -41.76
C ALA C 79 -27.69 -23.62 -40.86
N ASN C 80 -28.92 -23.13 -40.87
CA ASN C 80 -30.00 -23.69 -40.07
C ASN C 80 -30.71 -24.86 -40.73
N PRO C 81 -31.33 -25.73 -39.93
CA PRO C 81 -32.48 -26.44 -40.49
C PRO C 81 -33.64 -25.42 -40.57
N SER C 82 -34.57 -25.57 -41.51
CA SER C 82 -34.70 -26.73 -42.38
C SER C 82 -34.80 -26.30 -43.84
N HIS C 83 -34.20 -25.17 -44.16
CA HIS C 83 -34.35 -24.54 -45.47
C HIS C 83 -33.87 -25.33 -46.69
N ALA C 84 -32.74 -26.01 -46.56
CA ALA C 84 -31.95 -26.44 -47.72
C ALA C 84 -32.70 -27.34 -48.69
N GLY C 85 -32.42 -27.10 -49.98
CA GLY C 85 -31.46 -26.07 -50.32
C GLY C 85 -30.10 -26.38 -49.74
N ILE C 86 -29.57 -25.46 -48.94
CA ILE C 86 -28.28 -25.69 -48.31
C ILE C 86 -27.19 -26.00 -49.33
N THR C 87 -27.09 -25.19 -50.36
CA THR C 87 -26.14 -25.45 -51.44
C THR C 87 -25.27 -24.24 -51.78
N GLU C 88 -24.04 -24.51 -52.18
CA GLU C 88 -23.09 -23.47 -52.54
C GLU C 88 -22.45 -22.97 -51.27
N ASN C 89 -21.46 -22.09 -51.40
CA ASN C 89 -20.83 -21.53 -50.22
C ASN C 89 -21.79 -20.61 -49.50
N LEU C 90 -21.78 -20.71 -48.18
CA LEU C 90 -22.77 -20.02 -47.36
C LEU C 90 -22.76 -18.53 -47.59
N LEU C 91 -21.60 -17.97 -47.91
CA LEU C 91 -21.55 -16.61 -48.46
C LEU C 91 -21.44 -16.69 -49.98
N GLN C 92 -21.93 -15.68 -50.68
CA GLN C 92 -21.89 -15.68 -52.12
C GLN C 92 -21.34 -14.33 -52.56
N PRO C 93 -20.77 -14.25 -53.78
CA PRO C 93 -19.97 -13.09 -54.19
C PRO C 93 -20.72 -11.76 -54.25
N GLY C 94 -21.98 -11.80 -54.64
CA GLY C 94 -22.72 -10.58 -54.86
C GLY C 94 -23.67 -10.21 -53.74
N ARG C 95 -23.77 -11.07 -52.73
CA ARG C 95 -24.92 -11.01 -51.84
C ARG C 95 -24.67 -10.51 -50.42
N ASP C 96 -23.41 -10.34 -50.02
CA ASP C 96 -23.10 -10.09 -48.60
C ASP C 96 -22.15 -8.92 -48.32
N ALA C 97 -22.38 -8.22 -47.20
CA ALA C 97 -21.52 -7.10 -46.74
C ALA C 97 -21.82 -6.63 -45.30
N PHE C 98 -21.21 -5.53 -44.87
CA PHE C 98 -21.57 -4.83 -43.63
C PHE C 98 -22.60 -3.76 -43.95
N ARG C 99 -23.47 -3.41 -42.99
CA ARG C 99 -24.34 -2.23 -43.15
C ARG C 99 -23.54 -0.93 -43.09
N ALA C 100 -23.86 0.00 -43.98
CA ALA C 100 -23.27 1.33 -43.92
C ALA C 100 -24.01 2.17 -42.88
N PHE C 101 -23.40 2.52 -41.74
CA PHE C 101 -22.02 2.24 -41.40
C PHE C 101 -22.07 1.31 -40.21
N PRO C 102 -21.15 0.36 -40.12
CA PRO C 102 -21.39 -0.88 -39.38
C PRO C 102 -21.58 -0.75 -37.88
N ILE C 103 -20.65 -0.13 -37.16
CA ILE C 103 -20.85 -0.03 -35.71
C ILE C 103 -21.77 1.15 -35.36
N SER C 104 -21.89 2.12 -36.25
CA SER C 104 -22.83 3.23 -36.05
C SER C 104 -24.27 2.74 -35.96
N SER C 105 -24.61 1.78 -36.82
CA SER C 105 -25.95 1.22 -36.91
C SER C 105 -26.37 0.43 -35.65
N ILE C 106 -25.40 0.06 -34.81
CA ILE C 106 -25.67 -0.77 -33.67
C ILE C 106 -25.73 0.01 -32.38
N THR C 107 -24.94 1.07 -32.29
CA THR C 107 -24.92 1.95 -31.12
C THR C 107 -26.34 2.38 -30.72
N ASN C 108 -26.69 2.15 -29.45
CA ASN C 108 -27.95 2.62 -28.94
C ASN C 108 -27.84 4.09 -28.70
N THR C 109 -26.77 4.49 -28.03
CA THR C 109 -26.40 5.91 -27.91
C THR C 109 -24.90 6.06 -27.68
N LEU C 110 -24.29 7.08 -28.27
CA LEU C 110 -22.91 7.40 -27.94
C LEU C 110 -22.86 8.63 -27.07
N ASN C 111 -22.37 8.49 -25.84
CA ASN C 111 -22.22 9.66 -25.01
C ASN C 111 -20.75 10.11 -24.91
N ALA C 112 -20.51 11.41 -25.04
CA ALA C 112 -19.14 11.94 -24.87
C ALA C 112 -19.13 13.27 -24.10
N THR C 113 -18.62 13.24 -22.87
CA THR C 113 -18.57 14.47 -22.06
C THR C 113 -17.25 15.20 -22.27
N ILE C 114 -17.31 16.53 -22.36
CA ILE C 114 -16.13 17.35 -22.59
C ILE C 114 -15.90 18.24 -21.40
N ASN C 115 -14.73 18.14 -20.78
CA ASN C 115 -14.33 19.14 -19.79
C ASN C 115 -15.31 19.19 -18.63
N GLY C 116 -16.16 18.17 -18.52
CA GLY C 116 -17.13 18.10 -17.43
C GLY C 116 -18.60 18.39 -17.72
N PHE C 117 -18.95 18.66 -18.96
CA PHE C 117 -20.34 18.93 -19.31
C PHE C 117 -20.72 17.95 -20.38
N PRO C 118 -21.75 17.14 -20.13
CA PRO C 118 -21.97 15.97 -20.98
C PRO C 118 -22.87 16.25 -22.15
N VAL C 119 -22.38 15.97 -23.35
CA VAL C 119 -23.16 16.13 -24.57
C VAL C 119 -23.27 14.78 -25.24
N ASN C 120 -24.47 14.36 -25.61
CA ASN C 120 -24.58 13.04 -26.20
C ASN C 120 -25.52 13.03 -27.39
N ILE C 121 -25.32 12.05 -28.26
CA ILE C 121 -26.19 11.87 -29.41
C ILE C 121 -26.73 10.46 -29.52
N GLU C 122 -28.04 10.27 -29.54
CA GLU C 122 -28.53 8.93 -29.89
C GLU C 122 -28.11 8.62 -31.32
N LEU C 123 -27.76 7.37 -31.64
CA LEU C 123 -27.24 7.07 -32.99
C LEU C 123 -27.85 5.99 -33.89
N ALA C 124 -28.78 5.17 -33.43
CA ALA C 124 -29.22 4.06 -34.28
C ALA C 124 -29.90 4.47 -35.60
N GLN C 125 -30.78 5.45 -35.48
CA GLN C 125 -31.67 6.01 -36.53
C GLN C 125 -31.33 7.45 -36.90
N ILE C 126 -30.80 8.21 -35.96
CA ILE C 126 -30.39 9.57 -36.25
C ILE C 126 -29.23 9.58 -37.25
N ILE C 127 -28.45 8.52 -37.30
CA ILE C 127 -27.30 8.47 -38.21
C ILE C 127 -27.66 8.39 -39.70
N HIS C 128 -28.78 7.77 -40.04
CA HIS C 128 -29.13 7.61 -41.45
C HIS C 128 -29.77 8.78 -42.07
N ALA C 129 -30.48 9.55 -41.27
CA ALA C 129 -30.96 10.85 -41.70
C ALA C 129 -29.77 11.76 -42.09
N LEU C 130 -28.83 11.92 -41.18
CA LEU C 130 -27.68 12.77 -41.41
C LEU C 130 -26.78 12.23 -42.52
N SER C 131 -26.87 10.94 -42.83
CA SER C 131 -25.94 10.32 -43.77
C SER C 131 -26.08 10.75 -45.22
N ARG C 132 -27.31 10.74 -45.74
CA ARG C 132 -27.59 11.14 -47.11
C ARG C 132 -27.39 12.62 -47.32
N TYR C 133 -27.55 13.39 -46.24
CA TYR C 133 -27.75 14.82 -46.39
C TYR C 133 -26.65 15.72 -46.89
N HIS C 134 -25.53 15.87 -46.19
CA HIS C 134 -24.70 17.01 -46.58
C HIS C 134 -23.53 16.70 -47.44
N THR C 135 -23.21 15.44 -47.60
CA THR C 135 -22.00 15.07 -48.30
C THR C 135 -22.15 15.19 -49.82
N PRO C 136 -21.09 15.65 -50.51
CA PRO C 136 -20.96 15.57 -51.96
C PRO C 136 -19.95 14.49 -52.32
N LEU C 137 -19.78 14.21 -53.61
CA LEU C 137 -18.94 13.08 -54.06
C LEU C 137 -17.51 13.19 -53.58
N LYS C 138 -16.92 14.37 -53.75
CA LYS C 138 -15.51 14.55 -53.43
C LYS C 138 -15.21 14.44 -51.94
N VAL C 139 -16.19 14.74 -51.10
CA VAL C 139 -16.03 14.62 -49.66
C VAL C 139 -16.52 13.27 -49.13
N LYS C 140 -17.41 12.64 -49.87
CA LYS C 140 -17.86 11.29 -49.56
C LYS C 140 -16.69 10.34 -49.70
N ASN C 141 -15.88 10.61 -50.72
CA ASN C 141 -14.77 9.75 -51.13
C ASN C 141 -13.49 10.03 -50.35
N GLY C 142 -13.55 10.99 -49.44
CA GLY C 142 -12.46 11.30 -48.52
C GLY C 142 -12.73 10.65 -47.18
N TRP C 143 -12.65 11.40 -46.10
CA TRP C 143 -12.67 10.81 -44.77
C TRP C 143 -13.69 9.76 -44.59
N MET C 144 -14.89 9.99 -45.10
CA MET C 144 -15.94 9.04 -44.84
C MET C 144 -15.75 7.77 -45.65
N SER C 145 -14.52 7.50 -46.06
CA SER C 145 -14.25 6.31 -46.83
C SER C 145 -13.87 5.16 -45.97
N MET C 146 -13.58 5.40 -44.70
CA MET C 146 -13.13 4.31 -43.84
C MET C 146 -14.22 3.33 -43.40
N GLN C 147 -15.41 3.81 -43.09
CA GLN C 147 -16.50 2.88 -42.78
C GLN C 147 -17.06 2.44 -44.10
N PRO C 148 -17.53 1.19 -44.22
CA PRO C 148 -18.21 0.76 -45.46
C PRO C 148 -19.45 1.62 -45.72
N SER C 149 -19.29 2.71 -46.46
CA SER C 149 -20.26 3.80 -46.45
C SER C 149 -20.92 4.14 -47.81
N PHE C 150 -21.60 3.16 -48.39
CA PHE C 150 -22.37 3.35 -49.62
C PHE C 150 -23.84 3.12 -49.28
N GLU C 151 -24.68 4.09 -49.62
CA GLU C 151 -26.08 4.14 -49.14
C GLU C 151 -26.98 3.14 -49.83
N ASP C 152 -27.86 2.49 -49.08
CA ASP C 152 -28.74 1.49 -49.68
C ASP C 152 -29.83 2.16 -50.51
N ASN C 153 -29.80 1.87 -51.81
CA ASN C 153 -30.58 2.60 -52.81
C ASN C 153 -31.81 1.88 -53.36
N TYR C 154 -31.85 0.55 -53.25
CA TYR C 154 -33.07 -0.20 -53.61
C TYR C 154 -33.94 -0.42 -52.41
N GLN C 155 -35.21 -0.76 -52.64
CA GLN C 155 -36.16 -0.99 -51.57
C GLN C 155 -36.06 -2.39 -50.93
N SER C 156 -35.22 -3.23 -51.52
CA SER C 156 -34.94 -4.59 -51.05
C SER C 156 -33.75 -5.09 -51.85
N TYR C 157 -32.87 -5.85 -51.22
CA TYR C 157 -31.70 -6.40 -51.91
C TYR C 157 -32.10 -7.34 -53.04
N ARG C 158 -33.20 -8.04 -52.85
CA ARG C 158 -33.60 -9.14 -53.70
C ARG C 158 -33.45 -8.76 -55.16
N ASP C 159 -33.95 -7.57 -55.52
CA ASP C 159 -33.96 -7.14 -56.91
C ASP C 159 -32.58 -6.69 -57.40
N ALA C 160 -31.80 -6.13 -56.50
CA ALA C 160 -30.54 -5.47 -56.85
C ALA C 160 -29.71 -6.28 -57.84
N ASP C 161 -29.40 -7.52 -57.49
CA ASP C 161 -28.47 -8.36 -58.25
C ASP C 161 -29.04 -8.70 -59.62
N GLY C 162 -28.21 -8.61 -60.66
CA GLY C 162 -26.87 -8.04 -60.58
C GLY C 162 -26.80 -6.79 -61.43
N ALA C 163 -26.84 -5.64 -60.77
CA ALA C 163 -26.65 -4.36 -61.43
C ALA C 163 -25.27 -3.86 -61.04
N ASN C 164 -24.57 -3.22 -61.97
CA ASN C 164 -23.22 -2.74 -61.69
C ASN C 164 -23.22 -1.50 -60.80
N ASN C 165 -24.36 -1.23 -60.15
CA ASN C 165 -24.43 -0.22 -59.10
C ASN C 165 -25.11 -0.78 -57.85
N ASN C 166 -25.25 -2.11 -57.84
CA ASN C 166 -25.78 -2.89 -56.73
C ASN C 166 -25.08 -2.54 -55.41
N PRO C 167 -25.86 -2.32 -54.33
CA PRO C 167 -25.34 -1.68 -53.12
C PRO C 167 -24.31 -2.49 -52.33
N LEU C 168 -24.23 -3.80 -52.58
CA LEU C 168 -23.25 -4.66 -51.91
C LEU C 168 -22.57 -5.64 -52.86
N GLY C 169 -21.79 -5.12 -53.80
CA GLY C 169 -21.06 -5.95 -54.75
C GLY C 169 -19.57 -6.00 -54.47
N VAL C 170 -18.82 -6.73 -55.31
CA VAL C 170 -17.35 -6.83 -55.19
C VAL C 170 -16.62 -5.68 -55.90
N PHE C 171 -15.40 -5.36 -55.44
CA PHE C 171 -14.67 -4.17 -55.96
C PHE C 171 -14.68 -4.08 -57.47
N THR C 172 -14.12 -5.08 -58.13
CA THR C 172 -14.22 -5.06 -59.57
C THR C 172 -15.72 -5.11 -59.79
N SER C 173 -16.17 -4.46 -60.86
CA SER C 173 -17.60 -4.29 -61.07
C SER C 173 -18.11 -2.93 -60.61
N ALA C 174 -17.25 -2.13 -60.00
CA ALA C 174 -17.64 -0.78 -59.62
C ALA C 174 -16.89 0.21 -60.46
N ALA C 175 -17.59 1.10 -61.14
CA ALA C 175 -16.93 1.99 -62.12
C ALA C 175 -15.76 2.84 -61.58
N GLY C 176 -14.92 3.32 -62.52
CA GLY C 176 -13.67 4.05 -62.21
C GLY C 176 -13.79 5.46 -61.67
N LEU C 177 -13.14 5.69 -60.53
CA LEU C 177 -13.28 6.93 -59.74
C LEU C 177 -14.74 7.25 -59.45
N SER C 178 -15.29 6.51 -58.50
CA SER C 178 -16.71 6.54 -58.15
C SER C 178 -16.83 6.16 -56.67
N GLU C 179 -18.04 6.03 -56.17
CA GLU C 179 -18.20 5.53 -54.82
C GLU C 179 -18.30 4.01 -54.94
N LEU C 180 -17.33 3.31 -54.36
CA LEU C 180 -17.31 1.82 -54.45
C LEU C 180 -18.27 1.13 -53.47
N PRO C 181 -18.91 0.03 -53.91
CA PRO C 181 -20.05 -0.55 -53.18
C PRO C 181 -19.60 -1.19 -51.85
N ARG C 182 -20.55 -1.69 -51.05
CA ARG C 182 -20.27 -2.14 -49.67
C ARG C 182 -19.40 -3.38 -49.56
N GLY C 183 -19.63 -4.35 -50.44
CA GLY C 183 -18.89 -5.60 -50.40
C GLY C 183 -17.38 -5.49 -50.45
N SER C 184 -16.86 -4.41 -51.03
CA SER C 184 -15.44 -4.26 -51.35
C SER C 184 -14.47 -4.20 -50.16
N TYR C 185 -14.94 -3.67 -49.04
CA TYR C 185 -14.17 -3.53 -47.79
C TYR C 185 -13.58 -4.84 -47.26
N THR C 186 -12.27 -4.91 -47.10
CA THR C 186 -11.59 -6.17 -46.79
C THR C 186 -11.63 -6.70 -45.37
N MET C 187 -11.90 -7.99 -45.24
CA MET C 187 -11.51 -8.78 -44.07
C MET C 187 -11.31 -10.24 -44.50
N ASN C 188 -10.35 -10.94 -43.89
CA ASN C 188 -10.04 -12.30 -44.33
C ASN C 188 -11.04 -13.37 -43.95
N VAL C 189 -11.24 -14.36 -44.83
CA VAL C 189 -12.13 -15.47 -44.55
C VAL C 189 -11.25 -16.64 -44.21
N VAL C 190 -11.32 -17.09 -42.96
CA VAL C 190 -10.57 -18.29 -42.53
C VAL C 190 -11.22 -19.57 -43.07
N THR C 191 -12.56 -19.58 -43.20
CA THR C 191 -13.30 -20.71 -43.75
C THR C 191 -14.63 -20.29 -44.33
N ASN C 192 -15.17 -21.15 -45.20
CA ASN C 192 -16.43 -20.94 -45.86
C ASN C 192 -16.82 -22.23 -46.56
N THR C 193 -18.07 -22.67 -46.37
CA THR C 193 -18.66 -23.81 -47.08
C THR C 193 -20.16 -23.70 -46.95
N THR C 194 -20.87 -24.81 -47.13
CA THR C 194 -22.20 -24.93 -46.56
C THR C 194 -22.03 -25.36 -45.11
N THR C 195 -23.06 -25.13 -44.30
CA THR C 195 -23.10 -25.48 -42.87
C THR C 195 -22.23 -24.63 -41.92
N THR C 196 -21.33 -23.80 -42.46
CA THR C 196 -20.45 -22.97 -41.61
C THR C 196 -19.72 -21.85 -42.38
N ALA C 197 -19.32 -20.81 -41.66
CA ALA C 197 -18.48 -19.70 -42.18
C ALA C 197 -17.89 -18.85 -41.03
N ARG C 198 -16.72 -18.26 -41.23
CA ARG C 198 -16.05 -17.49 -40.16
C ARG C 198 -15.11 -16.43 -40.71
N ILE C 199 -15.38 -15.16 -40.40
CA ILE C 199 -14.54 -14.07 -40.90
C ILE C 199 -13.90 -13.26 -39.76
N THR C 200 -12.78 -12.62 -40.05
CA THR C 200 -12.03 -11.83 -39.06
C THR C 200 -11.50 -10.57 -39.74
N GLY C 201 -11.48 -9.45 -39.01
CA GLY C 201 -10.90 -8.22 -39.56
C GLY C 201 -10.85 -7.07 -38.56
N VAL C 202 -10.91 -5.85 -39.09
CA VAL C 202 -10.86 -4.65 -38.26
C VAL C 202 -11.59 -3.51 -38.96
N LEU C 203 -12.73 -3.09 -38.43
CA LEU C 203 -13.54 -2.05 -39.08
C LEU C 203 -13.37 -0.70 -38.40
N TYR C 204 -13.07 0.32 -39.19
CA TYR C 204 -12.97 1.70 -38.70
C TYR C 204 -14.34 2.35 -38.75
N GLU C 205 -14.57 3.28 -37.82
CA GLU C 205 -15.73 4.12 -37.88
C GLU C 205 -15.33 5.36 -37.15
N GLN C 206 -15.59 6.53 -37.67
CA GLN C 206 -15.10 7.71 -36.97
C GLN C 206 -16.22 8.26 -36.13
N VAL C 207 -15.94 8.54 -34.87
CA VAL C 207 -17.00 8.94 -33.97
C VAL C 207 -17.65 10.19 -34.50
N PHE C 208 -18.95 10.09 -34.72
CA PHE C 208 -19.76 11.12 -35.39
C PHE C 208 -20.14 12.46 -34.75
N LEU C 209 -20.48 12.45 -33.47
CA LEU C 209 -21.13 13.60 -32.84
C LEU C 209 -20.28 14.86 -32.78
N PRO C 210 -20.89 16.00 -33.05
CA PRO C 210 -20.24 17.31 -32.92
C PRO C 210 -20.02 17.57 -31.46
N PRO C 211 -18.99 18.28 -31.04
CA PRO C 211 -18.09 19.07 -31.90
C PRO C 211 -17.30 18.29 -32.93
N PHE C 212 -16.89 17.09 -32.60
CA PHE C 212 -15.98 16.39 -33.49
C PHE C 212 -16.63 16.28 -34.85
N LEU C 213 -15.81 16.42 -35.89
CA LEU C 213 -16.26 16.66 -37.25
C LEU C 213 -15.99 15.52 -38.21
N TRP C 214 -16.82 15.37 -39.24
CA TRP C 214 -16.58 14.33 -40.23
C TRP C 214 -16.50 14.85 -41.65
N ASP C 215 -16.46 16.16 -41.80
CA ASP C 215 -16.42 16.76 -43.12
C ASP C 215 -15.05 17.38 -43.30
N GLY C 216 -14.53 17.46 -44.51
CA GLY C 216 -13.09 17.58 -44.65
C GLY C 216 -12.34 18.74 -43.99
N GLU C 217 -12.87 19.95 -44.00
CA GLU C 217 -12.13 21.10 -43.47
C GLU C 217 -11.92 21.13 -41.96
N GLN C 218 -10.89 21.84 -41.52
CA GLN C 218 -10.49 21.93 -40.10
C GLN C 218 -10.84 23.26 -39.44
N ALA C 219 -11.42 23.18 -38.26
CA ALA C 219 -11.75 24.35 -37.47
C ALA C 219 -10.98 24.14 -36.20
N GLY C 220 -10.65 25.20 -35.49
CA GLY C 220 -9.78 25.02 -34.33
C GLY C 220 -10.27 23.95 -33.36
N GLY C 221 -9.37 23.03 -33.06
CA GLY C 221 -9.62 21.84 -32.28
C GLY C 221 -9.79 22.20 -30.83
N LEU C 222 -10.55 21.41 -30.09
CA LEU C 222 -10.85 21.82 -28.75
C LEU C 222 -9.57 21.97 -27.97
N ALA C 223 -9.46 23.09 -27.30
CA ALA C 223 -8.49 23.30 -26.26
C ALA C 223 -9.19 24.41 -25.54
N ASN C 224 -8.88 24.65 -24.28
CA ASN C 224 -7.90 23.95 -23.51
C ASN C 224 -8.65 22.97 -22.65
N LEU C 225 -8.91 21.79 -23.21
CA LEU C 225 -9.55 20.70 -22.48
C LEU C 225 -8.76 20.31 -21.25
N THR C 226 -9.47 19.80 -20.26
CA THR C 226 -8.85 19.27 -19.06
C THR C 226 -8.96 17.75 -19.00
N SER C 227 -10.09 17.22 -19.47
CA SER C 227 -10.36 15.79 -19.48
C SER C 227 -11.53 15.50 -20.41
N LEU C 228 -11.58 14.29 -20.95
CA LEU C 228 -12.57 13.93 -21.94
C LEU C 228 -12.84 12.45 -21.86
N THR C 229 -14.10 12.05 -21.71
CA THR C 229 -14.41 10.62 -21.71
C THR C 229 -15.60 10.23 -22.60
N PHE C 230 -15.36 9.38 -23.58
CA PHE C 230 -16.42 8.79 -24.38
C PHE C 230 -16.95 7.58 -23.64
N ASN C 231 -18.09 7.08 -24.09
CA ASN C 231 -18.48 5.72 -23.80
C ASN C 231 -19.69 5.38 -24.64
N TRP C 232 -19.68 4.21 -25.27
CA TRP C 232 -20.80 3.81 -26.10
C TRP C 232 -21.69 2.97 -25.26
N VAL C 233 -22.83 2.57 -25.82
CA VAL C 233 -23.67 1.54 -25.21
C VAL C 233 -24.40 0.97 -26.39
N LEU C 234 -24.32 -0.34 -26.60
CA LEU C 234 -24.86 -0.93 -27.84
C LEU C 234 -26.19 -1.65 -27.66
N ASN C 235 -26.94 -1.79 -28.76
CA ASN C 235 -28.18 -2.56 -28.76
C ASN C 235 -27.88 -4.03 -28.57
N ASN C 236 -28.62 -4.67 -27.67
CA ASN C 236 -28.41 -6.08 -27.32
C ASN C 236 -28.42 -6.96 -28.55
N ASN C 237 -29.27 -6.59 -29.51
CA ASN C 237 -29.53 -7.38 -30.71
C ASN C 237 -28.28 -7.67 -31.54
N LEU C 238 -27.51 -6.62 -31.87
CA LEU C 238 -26.15 -6.78 -32.38
C LEU C 238 -26.07 -7.49 -33.73
N ALA C 239 -27.10 -8.25 -34.07
CA ALA C 239 -27.15 -9.04 -35.29
C ALA C 239 -27.24 -8.12 -36.50
N ARG C 240 -27.47 -6.84 -36.24
CA ARG C 240 -27.65 -5.87 -37.31
C ARG C 240 -26.41 -5.53 -38.15
N ILE C 241 -25.21 -5.78 -37.63
CA ILE C 241 -23.96 -5.43 -38.34
C ILE C 241 -23.94 -6.03 -39.74
N TRP C 242 -24.14 -7.35 -39.83
CA TRP C 242 -24.13 -8.03 -41.11
C TRP C 242 -25.40 -7.76 -41.84
N SER C 243 -25.31 -7.62 -43.16
CA SER C 243 -26.51 -7.59 -44.01
C SER C 243 -26.45 -8.64 -45.12
N HIS C 244 -27.60 -9.14 -45.53
CA HIS C 244 -27.63 -10.29 -46.40
C HIS C 244 -28.72 -10.12 -47.42
N SER C 245 -28.53 -10.67 -48.62
CA SER C 245 -29.53 -10.56 -49.70
C SER C 245 -30.64 -11.60 -49.61
N ASP C 246 -31.72 -11.35 -50.34
CA ASP C 246 -32.90 -12.17 -50.22
C ASP C 246 -32.92 -13.38 -51.15
N ILE C 247 -32.65 -13.15 -52.43
CA ILE C 247 -32.72 -14.19 -53.46
C ILE C 247 -32.24 -15.57 -52.99
N THR C 248 -31.09 -15.62 -52.33
CA THR C 248 -30.46 -16.90 -52.07
C THR C 248 -31.36 -17.76 -51.20
N ASN C 249 -32.00 -17.14 -50.21
CA ASN C 249 -32.89 -17.88 -49.34
C ASN C 249 -33.98 -18.43 -50.22
N ASP C 250 -34.40 -19.64 -49.89
CA ASP C 250 -35.45 -20.38 -50.58
C ASP C 250 -36.88 -20.00 -50.17
N VAL C 251 -37.85 -20.45 -50.95
CA VAL C 251 -39.27 -20.19 -50.74
C VAL C 251 -39.81 -20.97 -49.56
N SER C 252 -41.01 -20.63 -49.10
CA SER C 252 -41.51 -21.14 -47.83
C SER C 252 -41.01 -20.20 -46.74
N GLY C 253 -40.59 -19.03 -47.19
CA GLY C 253 -39.81 -18.05 -46.41
C GLY C 253 -38.55 -18.45 -45.64
N ASN C 254 -38.10 -19.70 -45.78
CA ASN C 254 -36.89 -20.24 -45.14
C ASN C 254 -35.60 -19.49 -45.49
N SER C 255 -34.76 -19.23 -44.48
CA SER C 255 -33.52 -18.43 -44.64
C SER C 255 -32.23 -19.25 -44.46
N THR C 256 -31.34 -19.17 -45.44
CA THR C 256 -30.07 -19.91 -45.42
C THR C 256 -29.27 -19.73 -44.14
N ILE C 257 -29.19 -18.49 -43.67
CA ILE C 257 -28.19 -18.13 -42.67
C ILE C 257 -28.48 -18.58 -41.25
N GLY C 258 -29.54 -18.06 -40.63
CA GLY C 258 -29.79 -18.17 -39.17
C GLY C 258 -29.33 -19.44 -38.45
N SER C 259 -28.60 -19.32 -37.34
CA SER C 259 -28.22 -18.05 -36.70
C SER C 259 -26.71 -17.94 -36.47
N MET C 260 -26.27 -16.85 -35.87
CA MET C 260 -24.84 -16.58 -35.72
C MET C 260 -24.53 -15.59 -34.60
N ASN C 261 -23.27 -15.52 -34.20
CA ASN C 261 -22.82 -14.59 -33.16
C ASN C 261 -21.57 -13.81 -33.55
N ILE C 262 -21.32 -12.75 -32.81
CA ILE C 262 -20.25 -11.80 -33.09
C ILE C 262 -19.26 -11.81 -31.93
N SER C 263 -18.05 -11.36 -32.18
CA SER C 263 -17.07 -11.18 -31.13
C SER C 263 -16.26 -9.92 -31.37
N PHE C 264 -15.77 -9.32 -30.30
CA PHE C 264 -14.95 -8.14 -30.39
C PHE C 264 -13.72 -8.39 -29.54
N GLN C 265 -12.59 -7.86 -29.97
CA GLN C 265 -11.40 -7.87 -29.14
C GLN C 265 -11.22 -6.44 -28.73
N GLN C 266 -10.53 -6.18 -27.63
CA GLN C 266 -10.43 -4.81 -27.13
C GLN C 266 -10.16 -3.77 -28.26
N PRO C 267 -10.99 -2.71 -28.34
CA PRO C 267 -10.85 -1.76 -29.43
C PRO C 267 -10.20 -0.47 -28.96
N SER C 268 -9.75 0.36 -29.91
CA SER C 268 -9.06 1.62 -29.58
C SER C 268 -9.58 2.86 -30.30
N MET C 269 -8.95 4.00 -30.04
CA MET C 269 -9.47 5.25 -30.50
C MET C 269 -8.34 6.27 -30.58
N TYR C 270 -8.21 6.94 -31.72
CA TYR C 270 -7.02 7.72 -32.01
C TYR C 270 -7.23 9.20 -31.92
N LEU C 271 -6.62 9.81 -30.91
CA LEU C 271 -6.67 11.26 -30.71
C LEU C 271 -5.38 11.94 -31.21
N GLY C 272 -5.46 13.22 -31.57
CA GLY C 272 -4.29 13.92 -32.12
C GLY C 272 -3.94 15.22 -31.44
N PHE C 273 -2.94 15.20 -30.57
CA PHE C 273 -2.59 16.39 -29.81
C PHE C 273 -1.52 17.25 -30.46
N VAL C 274 -1.79 18.55 -30.54
CA VAL C 274 -0.89 19.49 -31.17
C VAL C 274 -0.56 20.50 -30.11
N THR C 275 0.66 21.02 -30.11
CA THR C 275 1.02 22.02 -29.12
C THR C 275 1.66 23.23 -29.75
N PRO C 276 1.22 24.44 -29.36
CA PRO C 276 1.57 25.68 -30.09
C PRO C 276 3.02 26.16 -29.95
N ARG C 277 3.40 27.17 -30.73
CA ARG C 277 4.77 27.75 -30.73
C ARG C 277 5.13 28.48 -29.44
N LEU C 278 6.42 28.78 -29.26
CA LEU C 278 6.87 29.52 -28.09
C LEU C 278 6.17 30.86 -27.84
N ASN C 279 6.13 31.71 -28.87
CA ASN C 279 5.68 33.08 -28.73
C ASN C 279 4.17 33.33 -28.88
N ILE C 280 3.51 32.58 -29.78
CA ILE C 280 2.06 32.71 -29.98
C ILE C 280 1.30 31.91 -28.91
N PRO C 281 0.55 32.62 -28.06
CA PRO C 281 -0.21 31.91 -27.05
C PRO C 281 -1.74 31.93 -27.31
N ILE C 282 -2.41 30.89 -26.85
CA ILE C 282 -3.85 30.69 -26.98
C ILE C 282 -4.60 31.42 -25.84
N PRO C 283 -5.70 32.15 -26.14
CA PRO C 283 -6.41 32.93 -25.11
C PRO C 283 -6.86 32.09 -23.90
N PRO C 284 -6.90 32.66 -22.68
CA PRO C 284 -7.35 31.87 -21.54
C PRO C 284 -8.63 31.10 -21.84
N ARG C 285 -9.69 31.80 -22.22
CA ARG C 285 -11.00 31.20 -22.45
C ARG C 285 -11.47 31.43 -23.87
N ILE C 286 -12.02 30.41 -24.52
CA ILE C 286 -12.40 30.50 -25.95
C ILE C 286 -13.90 30.15 -26.19
N THR C 287 -14.43 30.27 -27.42
CA THR C 287 -15.84 29.90 -27.68
C THR C 287 -16.17 29.18 -29.01
N TYR C 288 -16.60 27.92 -28.93
CA TYR C 288 -16.89 27.09 -30.10
C TYR C 288 -18.36 27.03 -30.43
N PRO C 289 -18.72 26.68 -31.68
CA PRO C 289 -20.13 26.49 -32.06
C PRO C 289 -20.61 25.17 -31.48
N TYR C 290 -21.86 25.13 -31.01
CA TYR C 290 -22.35 23.97 -30.28
C TYR C 290 -23.71 23.50 -30.77
N PHE C 291 -23.74 22.39 -31.50
CA PHE C 291 -24.98 21.93 -32.11
C PHE C 291 -25.61 20.93 -31.17
N LYS C 292 -26.79 20.42 -31.53
CA LYS C 292 -27.53 19.53 -30.61
C LYS C 292 -28.71 18.83 -31.28
N LEU C 293 -28.52 17.60 -31.72
CA LEU C 293 -29.60 16.86 -32.36
C LEU C 293 -30.56 16.29 -31.33
N SER C 294 -31.78 16.02 -31.76
CA SER C 294 -32.79 15.39 -30.94
C SER C 294 -33.66 14.56 -31.86
N ARG C 295 -34.34 13.56 -31.31
CA ARG C 295 -35.23 12.75 -32.12
C ARG C 295 -36.59 12.59 -31.46
N TYR C 296 -37.67 12.78 -32.21
CA TYR C 296 -39.02 12.52 -31.72
C TYR C 296 -39.69 11.49 -32.61
N THR C 297 -40.29 10.45 -32.03
CA THR C 297 -40.77 9.35 -32.86
C THR C 297 -42.21 8.95 -32.54
N THR C 298 -43.03 8.74 -33.58
CA THR C 298 -44.43 8.37 -33.36
C THR C 298 -44.83 7.19 -34.22
N GLN C 299 -45.30 6.13 -33.56
CA GLN C 299 -45.72 4.91 -34.27
C GLN C 299 -47.23 4.69 -34.21
N PHE C 300 -47.79 4.05 -35.25
CA PHE C 300 -49.23 3.77 -35.28
C PHE C 300 -49.54 2.29 -35.44
N GLN C 301 -50.81 1.94 -35.35
CA GLN C 301 -51.28 0.56 -35.44
C GLN C 301 -51.58 0.13 -36.90
N ASN C 302 -52.31 0.99 -37.61
CA ASN C 302 -52.65 0.78 -39.03
C ASN C 302 -51.44 0.37 -39.88
N THR C 303 -51.69 -0.41 -40.95
CA THR C 303 -50.63 -0.80 -41.90
C THR C 303 -51.09 -0.65 -43.36
N LEU C 304 -50.14 -0.41 -44.25
CA LEU C 304 -50.41 -0.22 -45.68
C LEU C 304 -49.47 -1.09 -46.51
N ALA C 305 -49.95 -1.61 -47.65
CA ALA C 305 -49.13 -2.43 -48.54
C ALA C 305 -49.96 -3.02 -49.67
N PRO C 306 -49.31 -3.47 -50.75
CA PRO C 306 -47.87 -3.42 -51.02
C PRO C 306 -47.50 -2.09 -51.66
N ASN C 307 -48.52 -1.35 -52.11
CA ASN C 307 -48.40 0.05 -52.56
C ASN C 307 -49.74 0.80 -52.50
N ALA C 308 -50.21 1.03 -51.28
CA ALA C 308 -51.34 1.89 -51.01
C ALA C 308 -50.89 3.06 -50.13
N SER C 309 -51.55 4.20 -50.32
CA SER C 309 -51.23 5.44 -49.62
C SER C 309 -51.86 5.52 -48.24
N SER C 310 -51.36 6.45 -47.44
CA SER C 310 -51.97 6.73 -46.16
C SER C 310 -51.60 8.14 -45.71
N THR C 311 -52.33 8.64 -44.72
CA THR C 311 -51.98 9.91 -44.10
C THR C 311 -51.86 9.62 -42.63
N PHE C 312 -51.15 10.47 -41.92
CA PHE C 312 -50.80 10.17 -40.53
C PHE C 312 -50.65 11.42 -39.69
N LYS C 313 -50.74 11.30 -38.37
CA LYS C 313 -50.55 12.49 -37.57
C LYS C 313 -49.40 12.37 -36.59
N SER C 314 -48.44 13.27 -36.70
CA SER C 314 -47.34 13.34 -35.76
C SER C 314 -47.87 13.89 -34.47
N ASN C 315 -47.28 13.51 -33.35
CA ASN C 315 -47.70 14.03 -32.06
C ASN C 315 -47.33 15.49 -31.90
N VAL C 316 -48.10 16.22 -31.10
CA VAL C 316 -47.80 17.61 -30.84
C VAL C 316 -46.57 17.74 -29.98
N VAL C 317 -45.86 18.85 -30.12
CA VAL C 317 -44.65 19.08 -29.30
C VAL C 317 -44.57 20.56 -28.94
N GLN C 318 -43.66 20.91 -28.07
CA GLN C 318 -43.43 22.31 -27.76
C GLN C 318 -41.95 22.50 -27.89
N LEU C 319 -41.52 23.52 -28.61
CA LEU C 319 -40.08 23.67 -28.85
C LEU C 319 -39.49 24.89 -28.18
N ASP C 320 -38.43 24.67 -27.42
CA ASP C 320 -37.82 25.75 -26.65
C ASP C 320 -37.24 26.84 -27.52
N SER C 321 -36.59 26.46 -28.62
CA SER C 321 -36.05 27.47 -29.51
C SER C 321 -36.18 27.01 -30.94
N ILE C 322 -36.33 27.96 -31.86
CA ILE C 322 -36.49 27.56 -33.23
C ILE C 322 -35.18 26.91 -33.56
N PRO C 323 -35.23 25.74 -34.16
CA PRO C 323 -33.97 25.08 -34.49
C PRO C 323 -33.48 25.52 -35.85
N ARG C 324 -32.20 25.26 -36.13
CA ARG C 324 -31.61 25.63 -37.41
C ARG C 324 -32.25 24.83 -38.54
N LYS C 325 -32.22 23.51 -38.39
CA LYS C 325 -32.59 22.56 -39.43
C LYS C 325 -33.55 21.53 -38.91
N LEU C 326 -34.36 20.91 -39.77
CA LEU C 326 -35.18 19.80 -39.36
C LEU C 326 -35.20 18.73 -40.42
N TYR C 327 -35.39 17.48 -40.02
CA TYR C 327 -35.48 16.38 -40.98
C TYR C 327 -36.74 15.57 -40.75
N LEU C 328 -37.49 15.26 -41.79
CA LEU C 328 -38.76 14.58 -41.60
C LEU C 328 -38.98 13.36 -42.46
N PHE C 329 -38.31 12.27 -42.13
CA PHE C 329 -38.37 11.07 -42.94
C PHE C 329 -39.16 10.01 -42.22
N VAL C 330 -40.08 9.37 -42.92
CA VAL C 330 -40.84 8.29 -42.32
C VAL C 330 -40.30 6.99 -42.83
N LYS C 331 -39.98 6.09 -41.91
CA LYS C 331 -39.32 4.81 -42.23
C LYS C 331 -40.04 3.60 -41.66
N GLN C 332 -39.90 2.46 -42.34
CA GLN C 332 -40.38 1.18 -41.82
C GLN C 332 -40.08 1.08 -40.33
N SER C 333 -41.05 0.65 -39.52
CA SER C 333 -40.95 0.75 -38.05
C SER C 333 -39.84 -0.04 -37.37
N ASP C 334 -39.44 0.44 -36.20
CA ASP C 334 -38.51 -0.25 -35.30
C ASP C 334 -39.16 -1.37 -34.41
N ASN C 335 -40.45 -1.21 -34.09
CA ASN C 335 -41.17 -2.24 -33.35
C ASN C 335 -40.87 -3.63 -33.96
N VAL C 336 -41.18 -3.81 -35.25
CA VAL C 336 -40.74 -4.99 -36.02
C VAL C 336 -39.28 -4.77 -36.47
N ILE C 337 -38.65 -5.79 -37.04
CA ILE C 337 -37.21 -5.77 -37.46
C ILE C 337 -36.18 -5.81 -36.33
N TYR C 338 -36.65 -6.03 -35.11
CA TYR C 338 -35.78 -6.53 -34.08
C TYR C 338 -36.31 -7.86 -33.60
N GLN C 339 -37.43 -8.28 -34.18
CA GLN C 339 -37.98 -9.59 -33.87
C GLN C 339 -37.66 -10.54 -35.00
N ASN C 340 -37.14 -11.71 -34.64
CA ASN C 340 -36.91 -12.82 -35.57
C ASN C 340 -35.86 -12.52 -36.64
N LEU C 341 -34.60 -12.83 -36.36
CA LEU C 341 -33.56 -12.67 -37.38
C LEU C 341 -33.57 -13.88 -38.31
N ASN C 342 -34.21 -13.76 -39.46
CA ASN C 342 -33.64 -13.51 -40.76
C ASN C 342 -34.02 -12.13 -41.25
N ASN C 343 -35.23 -11.73 -40.88
CA ASN C 343 -35.74 -10.46 -41.31
C ASN C 343 -34.85 -9.35 -40.78
N GLN C 344 -34.40 -9.50 -39.55
CA GLN C 344 -33.63 -8.45 -38.92
C GLN C 344 -32.31 -8.19 -39.63
N ILE C 345 -31.61 -9.24 -40.03
CA ILE C 345 -30.42 -9.08 -40.84
C ILE C 345 -30.76 -8.53 -42.22
N THR C 346 -31.81 -9.06 -42.82
CA THR C 346 -32.19 -8.74 -44.21
C THR C 346 -32.66 -7.33 -44.58
N THR C 347 -33.46 -6.70 -43.74
CA THR C 347 -34.16 -5.47 -44.16
C THR C 347 -33.21 -4.35 -44.59
N PRO C 348 -33.58 -3.59 -45.61
CA PRO C 348 -32.64 -2.57 -46.07
C PRO C 348 -32.67 -1.31 -45.22
N ASP C 349 -32.17 -0.20 -45.72
CA ASP C 349 -32.27 1.09 -45.03
C ASP C 349 -32.85 2.22 -45.89
N VAL C 350 -34.08 2.00 -46.33
CA VAL C 350 -34.79 2.95 -47.12
C VAL C 350 -36.11 3.27 -46.42
N PHE C 351 -36.67 4.43 -46.71
CA PHE C 351 -37.96 4.80 -46.16
C PHE C 351 -39.02 4.97 -47.25
N LEU C 352 -40.28 5.04 -46.85
CA LEU C 352 -41.41 5.20 -47.76
C LEU C 352 -41.39 6.53 -48.49
N GLN C 353 -42.02 6.60 -49.66
CA GLN C 353 -42.06 7.84 -50.44
C GLN C 353 -43.15 8.79 -49.95
N ILE C 354 -42.87 10.09 -50.04
CA ILE C 354 -43.77 11.12 -49.54
C ILE C 354 -44.62 11.63 -50.68
N ASN C 355 -45.91 11.34 -50.66
CA ASN C 355 -46.80 11.87 -51.69
C ASN C 355 -46.96 13.37 -51.59
N ASN C 356 -46.88 13.87 -50.36
CA ASN C 356 -46.87 15.28 -50.04
C ASN C 356 -46.84 15.43 -48.52
N LEU C 357 -46.65 16.64 -48.02
CA LEU C 357 -46.72 16.87 -46.60
C LEU C 357 -47.49 18.13 -46.35
N ASN C 358 -48.23 18.14 -45.26
CA ASN C 358 -48.88 19.32 -44.75
C ASN C 358 -48.29 19.58 -43.37
N LEU C 359 -47.90 20.81 -43.08
CA LEU C 359 -47.24 21.07 -41.82
C LEU C 359 -47.90 22.25 -41.14
N THR C 360 -47.92 22.24 -39.82
CA THR C 360 -48.27 23.44 -39.08
C THR C 360 -47.23 23.82 -38.04
N TRP C 361 -46.68 25.02 -38.20
CA TRP C 361 -45.81 25.63 -37.21
C TRP C 361 -46.84 26.28 -36.32
N ASN C 362 -46.43 27.14 -35.40
CA ASN C 362 -47.40 27.71 -34.49
C ASN C 362 -48.47 28.57 -35.16
N ASN C 363 -49.69 28.37 -34.72
CA ASN C 363 -50.82 29.20 -34.99
C ASN C 363 -51.11 29.38 -36.47
N GLN C 364 -50.46 28.56 -37.27
CA GLN C 364 -50.78 28.52 -38.68
C GLN C 364 -50.86 27.08 -39.10
N GLN C 365 -51.66 26.78 -40.10
CA GLN C 365 -51.77 25.43 -40.60
C GLN C 365 -51.71 25.48 -42.11
N GLY C 366 -51.34 24.39 -42.75
CA GLY C 366 -51.50 24.39 -44.19
C GLY C 366 -50.20 24.79 -44.89
N ILE C 367 -49.20 25.16 -44.10
CA ILE C 367 -47.85 25.42 -44.61
C ILE C 367 -47.43 24.26 -45.53
N LEU C 368 -47.11 24.60 -46.79
CA LEU C 368 -46.63 23.64 -47.79
C LEU C 368 -47.70 22.69 -48.31
N SER C 369 -48.96 22.92 -47.96
CA SER C 369 -50.03 21.97 -48.31
C SER C 369 -50.34 21.83 -49.81
N GLY C 370 -50.07 22.89 -50.57
CA GLY C 370 -50.28 22.86 -52.02
C GLY C 370 -49.02 22.66 -52.84
N ALA C 371 -47.88 22.47 -52.17
CA ALA C 371 -46.60 22.24 -52.83
C ALA C 371 -46.45 20.77 -53.23
N SER C 372 -46.30 20.51 -54.52
CA SER C 372 -46.21 19.14 -55.00
C SER C 372 -44.92 18.48 -54.57
N SER C 373 -44.95 17.17 -54.32
CA SER C 373 -43.77 16.40 -53.90
C SER C 373 -42.50 16.88 -54.58
N GLN C 374 -42.63 17.23 -55.85
CA GLN C 374 -41.46 17.61 -56.62
C GLN C 374 -40.84 18.81 -55.95
N ASN C 375 -41.63 19.72 -55.40
CA ASN C 375 -41.04 20.93 -54.82
C ASN C 375 -40.12 20.63 -53.63
N LEU C 376 -40.54 19.66 -52.83
CA LEU C 376 -39.83 19.32 -51.62
C LEU C 376 -38.45 18.91 -52.02
N TYR C 377 -38.38 18.15 -53.10
CA TYR C 377 -37.09 17.64 -53.49
C TYR C 377 -36.19 18.80 -53.79
N ASP C 378 -36.69 19.81 -54.47
CA ASP C 378 -35.81 20.89 -54.84
C ASP C 378 -35.28 21.59 -53.61
N PHE C 379 -36.13 21.90 -52.64
CA PHE C 379 -35.50 22.58 -51.50
C PHE C 379 -34.50 21.69 -50.75
N SER C 380 -34.83 20.41 -50.65
CA SER C 380 -33.94 19.49 -49.98
C SER C 380 -32.58 19.41 -50.67
N VAL C 381 -32.56 19.37 -52.00
CA VAL C 381 -31.29 19.34 -52.72
C VAL C 381 -30.53 20.60 -52.47
N GLN C 382 -31.27 21.69 -52.42
CA GLN C 382 -30.63 22.98 -52.20
C GLN C 382 -29.90 22.96 -50.88
N ASN C 383 -30.46 22.29 -49.89
CA ASN C 383 -29.76 22.16 -48.61
C ASN C 383 -28.55 21.23 -48.64
N GLY C 384 -28.40 20.56 -49.76
CA GLY C 384 -27.37 19.58 -50.11
C GLY C 384 -27.78 18.14 -50.39
N TYR C 385 -29.09 17.88 -50.45
CA TYR C 385 -29.61 16.51 -50.49
C TYR C 385 -28.80 15.46 -51.25
N ASN C 386 -28.31 15.83 -52.44
CA ASN C 386 -27.32 15.02 -53.23
C ASN C 386 -27.78 13.75 -53.98
N LYS C 387 -29.06 13.41 -53.90
CA LYS C 387 -29.55 12.22 -54.56
C LYS C 387 -30.44 12.69 -55.69
N THR C 388 -30.53 11.93 -56.79
CA THR C 388 -31.32 12.39 -57.97
C THR C 388 -32.82 12.23 -57.80
N TRP C 389 -33.59 13.08 -58.48
CA TRP C 389 -35.05 13.08 -58.32
C TRP C 389 -35.65 11.74 -58.54
N SER C 390 -35.13 11.00 -59.51
CA SER C 390 -35.57 9.64 -59.74
C SER C 390 -35.67 8.76 -58.46
N GLU C 391 -34.65 8.74 -57.59
CA GLU C 391 -34.73 7.91 -56.37
C GLU C 391 -35.63 8.48 -55.28
N PHE C 392 -35.45 9.75 -54.93
CA PHE C 392 -36.46 10.43 -54.12
C PHE C 392 -37.79 10.07 -54.77
N ASN C 393 -38.83 9.80 -54.00
CA ASN C 393 -40.11 9.42 -54.61
C ASN C 393 -39.97 8.15 -55.45
N GLY C 394 -38.87 7.47 -55.23
CA GLY C 394 -38.48 6.35 -56.06
C GLY C 394 -39.54 5.37 -56.46
N VAL C 395 -39.50 5.03 -57.74
CA VAL C 395 -40.08 3.83 -58.31
C VAL C 395 -39.48 3.85 -59.71
N THR C 396 -39.40 2.71 -60.39
CA THR C 396 -38.86 2.72 -61.75
C THR C 396 -39.54 1.73 -62.66
N GLN C 397 -39.84 2.16 -63.87
CA GLN C 397 -40.37 1.27 -64.86
C GLN C 397 -39.19 0.70 -65.62
N GLN C 398 -38.67 -0.44 -65.18
CA GLN C 398 -37.73 -1.21 -65.99
C GLN C 398 -38.55 -2.20 -66.78
N PHE C 399 -38.55 -2.08 -68.10
CA PHE C 399 -39.42 -2.96 -68.88
C PHE C 399 -38.82 -4.14 -69.62
N ASN C 400 -39.49 -5.27 -69.40
CA ASN C 400 -39.26 -6.56 -70.05
C ASN C 400 -39.45 -6.45 -71.56
N GLY C 401 -38.70 -7.26 -72.30
CA GLY C 401 -38.88 -7.42 -73.73
C GLY C 401 -38.88 -8.90 -74.08
N VAL C 402 -39.89 -9.62 -73.59
CA VAL C 402 -40.14 -11.02 -73.97
C VAL C 402 -41.65 -11.23 -74.10
N SER C 403 -42.07 -11.88 -75.19
CA SER C 403 -43.46 -12.31 -75.30
C SER C 403 -43.64 -13.52 -74.38
N GLY C 404 -44.52 -13.41 -73.38
CA GLY C 404 -45.27 -12.20 -73.06
C GLY C 404 -45.45 -12.07 -71.53
N GLN C 405 -44.35 -11.78 -70.83
CA GLN C 405 -44.38 -11.60 -69.37
C GLN C 405 -44.88 -10.20 -69.04
N PRO C 406 -45.34 -9.96 -67.78
CA PRO C 406 -45.59 -8.57 -67.41
C PRO C 406 -44.27 -7.90 -67.08
N THR C 407 -44.29 -6.59 -66.92
CA THR C 407 -43.06 -5.83 -66.88
C THR C 407 -42.75 -5.24 -65.50
N LYS C 408 -41.68 -5.76 -64.90
CA LYS C 408 -41.34 -5.52 -63.50
C LYS C 408 -41.28 -4.05 -63.10
N VAL C 409 -41.77 -3.80 -61.89
CA VAL C 409 -41.70 -2.50 -61.27
C VAL C 409 -40.70 -2.67 -60.14
N ILE C 410 -39.91 -1.64 -59.87
CA ILE C 410 -38.93 -1.72 -58.81
C ILE C 410 -39.29 -0.67 -57.76
N GLY C 411 -39.20 -1.07 -56.49
CA GLY C 411 -39.29 -0.13 -55.37
C GLY C 411 -37.92 0.46 -55.17
N LEU C 412 -37.79 1.77 -55.17
CA LEU C 412 -36.47 2.33 -55.09
C LEU C 412 -36.28 3.33 -53.97
N GLU C 413 -35.37 3.03 -53.06
CA GLU C 413 -34.90 3.96 -52.05
C GLU C 413 -36.01 4.61 -51.24
N GLY C 414 -35.89 5.91 -51.02
CA GLY C 414 -36.81 6.66 -50.20
C GLY C 414 -36.64 8.16 -50.36
N GLY C 415 -37.51 8.95 -49.74
CA GLY C 415 -37.35 10.38 -49.72
C GLY C 415 -37.28 10.92 -48.31
N ILE C 416 -36.40 11.89 -48.05
CA ILE C 416 -36.32 12.43 -46.71
C ILE C 416 -36.28 13.94 -46.80
N VAL C 417 -37.44 14.56 -46.58
CA VAL C 417 -37.61 16.01 -46.67
C VAL C 417 -36.89 16.74 -45.56
N CYS C 418 -36.22 17.83 -45.90
CA CYS C 418 -35.70 18.71 -44.87
C CYS C 418 -36.05 20.17 -45.13
N LEU C 419 -36.29 20.92 -44.06
CA LEU C 419 -36.56 22.36 -44.14
C LEU C 419 -35.65 23.12 -43.21
N GLU C 420 -35.23 24.31 -43.63
CA GLU C 420 -34.56 25.23 -42.72
C GLU C 420 -35.56 26.31 -42.41
N LEU C 421 -35.74 26.61 -41.13
CA LEU C 421 -36.86 27.45 -40.70
C LEU C 421 -36.86 28.89 -41.21
N GLY C 422 -35.67 29.53 -41.25
CA GLY C 422 -35.52 30.87 -41.82
C GLY C 422 -35.62 30.85 -43.34
N LYS C 423 -35.10 29.77 -43.93
CA LYS C 423 -35.02 29.59 -45.38
C LYS C 423 -36.34 29.20 -46.02
N ASP C 424 -37.23 28.61 -45.24
CA ASP C 424 -38.23 27.73 -45.79
C ASP C 424 -39.61 27.91 -45.16
N VAL C 425 -39.64 28.09 -43.85
CA VAL C 425 -40.89 28.23 -43.14
C VAL C 425 -41.22 29.71 -43.00
N GLY C 426 -40.20 30.52 -42.78
CA GLY C 426 -40.39 31.94 -42.54
C GLY C 426 -40.91 32.20 -41.13
N LEU C 427 -40.07 32.84 -40.33
CA LEU C 427 -40.40 33.11 -38.94
C LEU C 427 -40.91 34.53 -38.81
N ARG C 428 -41.95 34.72 -37.99
CA ARG C 428 -42.60 36.02 -37.85
C ARG C 428 -41.60 37.07 -37.41
N ASP C 429 -41.86 38.34 -37.73
CA ASP C 429 -40.87 39.36 -37.48
C ASP C 429 -40.58 39.53 -36.00
N ASP C 430 -39.34 39.87 -35.67
CA ASP C 430 -38.92 40.01 -34.30
C ASP C 430 -38.42 38.68 -33.82
N GLU C 431 -38.56 37.68 -34.67
CA GLU C 431 -38.13 36.34 -34.32
C GLU C 431 -37.15 35.88 -35.36
N ALA C 432 -36.13 35.16 -34.95
CA ALA C 432 -35.16 34.66 -35.93
C ALA C 432 -34.59 33.30 -35.51
N GLU C 433 -33.57 32.83 -36.23
CA GLU C 433 -33.07 31.46 -36.09
C GLU C 433 -32.61 30.99 -34.71
N GLY C 434 -32.18 31.92 -33.86
CA GLY C 434 -31.66 31.55 -32.55
C GLY C 434 -32.60 31.76 -31.38
N VAL C 435 -33.61 32.60 -31.56
CA VAL C 435 -34.39 33.19 -30.47
C VAL C 435 -35.27 32.17 -29.69
N ILE C 436 -35.62 32.50 -28.44
CA ILE C 436 -36.35 31.58 -27.53
C ILE C 436 -37.77 32.04 -27.21
N GLY C 437 -38.67 31.08 -26.97
CA GLY C 437 -40.11 31.31 -26.75
C GLY C 437 -40.71 29.93 -26.95
N ASN C 438 -42.03 29.78 -27.01
CA ASN C 438 -42.60 28.40 -27.15
C ASN C 438 -43.54 28.12 -28.32
N PHE C 439 -42.98 27.52 -29.37
CA PHE C 439 -43.63 27.41 -30.67
C PHE C 439 -43.93 25.94 -30.98
N ASN C 440 -45.21 25.59 -30.96
CA ASN C 440 -45.64 24.20 -31.12
C ASN C 440 -45.82 23.79 -32.57
N LEU C 441 -45.20 22.70 -33.00
CA LEU C 441 -45.47 22.15 -34.33
C LEU C 441 -46.24 20.84 -34.26
N GLN C 442 -46.78 20.40 -35.40
CA GLN C 442 -47.48 19.11 -35.53
C GLN C 442 -47.65 18.80 -37.00
N VAL C 443 -46.85 17.88 -37.51
CA VAL C 443 -46.73 17.67 -38.95
C VAL C 443 -47.57 16.51 -39.51
N GLN C 444 -48.80 16.77 -39.93
CA GLN C 444 -49.58 15.74 -40.61
C GLN C 444 -48.92 15.43 -41.93
N MET C 445 -49.08 14.22 -42.48
CA MET C 445 -48.55 13.96 -43.82
C MET C 445 -48.98 12.65 -44.48
N THR C 446 -49.07 12.67 -45.81
CA THR C 446 -49.49 11.49 -46.59
C THR C 446 -48.32 10.81 -47.31
N VAL C 447 -48.38 9.48 -47.34
CA VAL C 447 -47.26 8.65 -47.75
C VAL C 447 -47.78 7.42 -48.46
N THR C 448 -47.03 6.97 -49.46
CA THR C 448 -47.27 5.69 -50.12
C THR C 448 -46.08 4.78 -49.84
N ASN C 449 -46.35 3.49 -49.71
CA ASN C 449 -45.29 2.48 -49.64
C ASN C 449 -44.99 1.97 -51.05
N THR C 450 -43.73 1.66 -51.34
CA THR C 450 -43.36 1.32 -52.73
C THR C 450 -42.76 -0.07 -53.01
N ASN C 451 -41.94 -0.61 -52.12
CA ASN C 451 -41.42 -1.96 -52.39
C ASN C 451 -42.57 -2.95 -52.58
N GLN C 452 -42.47 -3.77 -53.63
CA GLN C 452 -43.52 -4.71 -54.00
C GLN C 452 -43.68 -5.89 -53.07
N TYR C 453 -42.76 -6.06 -52.13
CA TYR C 453 -42.61 -7.36 -51.49
C TYR C 453 -43.28 -7.59 -50.16
N VAL C 454 -43.23 -6.61 -49.28
CA VAL C 454 -43.74 -6.81 -47.92
C VAL C 454 -44.75 -5.75 -47.47
N THR C 455 -45.58 -6.13 -46.49
CA THR C 455 -46.46 -5.17 -45.82
C THR C 455 -45.59 -4.38 -44.86
N VAL C 456 -45.95 -3.12 -44.62
CA VAL C 456 -45.12 -2.31 -43.74
C VAL C 456 -45.93 -1.47 -42.75
N THR C 457 -45.53 -1.51 -41.48
CA THR C 457 -46.06 -0.63 -40.45
C THR C 457 -45.02 0.44 -40.22
N PRO C 458 -45.41 1.69 -40.30
CA PRO C 458 -44.46 2.79 -40.43
C PRO C 458 -44.40 3.73 -39.24
N ASP C 459 -43.20 4.08 -38.79
CA ASP C 459 -43.06 5.03 -37.69
C ASP C 459 -42.40 6.29 -38.21
N MET C 460 -43.09 7.42 -38.04
CA MET C 460 -42.63 8.69 -38.57
C MET C 460 -41.52 9.27 -37.74
N TYR C 461 -40.86 10.31 -38.24
CA TYR C 461 -39.82 10.93 -37.43
C TYR C 461 -39.82 12.44 -37.56
N ILE C 462 -39.01 13.09 -36.74
CA ILE C 462 -38.64 14.49 -36.88
C ILE C 462 -37.34 14.63 -36.11
N VAL C 463 -36.25 14.93 -36.81
CA VAL C 463 -35.00 15.28 -36.14
C VAL C 463 -34.94 16.79 -36.16
N ALA C 464 -34.66 17.40 -35.01
CA ALA C 464 -34.46 18.84 -34.96
C ALA C 464 -33.01 19.10 -34.58
N VAL C 465 -32.49 20.28 -34.88
CA VAL C 465 -31.11 20.59 -34.49
C VAL C 465 -30.91 22.07 -34.13
N TYR C 466 -30.76 22.34 -32.83
CA TYR C 466 -30.56 23.70 -32.35
C TYR C 466 -29.11 24.14 -32.52
N ASP C 467 -28.90 25.44 -32.66
CA ASP C 467 -27.56 26.01 -32.77
C ASP C 467 -27.25 26.90 -31.57
N GLY C 468 -26.21 26.53 -30.84
CA GLY C 468 -25.81 27.29 -29.68
C GLY C 468 -24.32 27.55 -29.69
N THR C 469 -23.88 28.27 -28.67
CA THR C 469 -22.49 28.55 -28.48
C THR C 469 -22.09 27.89 -27.18
N LEU C 470 -20.97 27.17 -27.18
CA LEU C 470 -20.46 26.66 -25.93
C LEU C 470 -19.05 27.10 -25.71
N VAL C 471 -18.81 27.64 -24.53
CA VAL C 471 -17.52 28.18 -24.13
C VAL C 471 -16.76 27.12 -23.36
N ILE C 472 -15.53 26.85 -23.74
CA ILE C 472 -14.67 26.01 -22.91
C ILE C 472 -13.59 26.85 -22.26
N SER C 473 -13.45 26.74 -20.95
CA SER C 473 -12.28 27.16 -20.22
C SER C 473 -11.98 26.10 -19.18
N ASN C 474 -10.71 25.89 -18.88
CA ASN C 474 -10.37 24.80 -17.97
C ASN C 474 -10.62 25.14 -16.52
N THR C 475 -11.41 24.32 -15.85
CA THR C 475 -12.25 23.36 -16.54
C THR C 475 -13.66 23.83 -16.32
N SER C 476 -14.35 24.13 -17.40
CA SER C 476 -15.70 24.62 -17.33
C SER C 476 -16.33 24.24 -18.63
N ALA C 477 -17.65 24.16 -18.68
CA ALA C 477 -18.25 23.97 -19.99
C ALA C 477 -19.62 24.63 -20.06
N MET C 478 -19.67 25.95 -19.99
CA MET C 478 -20.95 26.65 -20.10
C MET C 478 -21.47 26.46 -21.51
N ALA C 479 -22.78 26.28 -21.65
CA ALA C 479 -23.34 26.17 -23.00
C ALA C 479 -24.70 26.84 -22.98
N SER C 480 -25.06 27.56 -24.04
CA SER C 480 -26.32 28.32 -24.05
C SER C 480 -26.96 28.42 -25.42
N ILE C 481 -28.27 28.21 -25.47
CA ILE C 481 -29.00 28.25 -26.71
C ILE C 481 -29.73 29.57 -26.84
N GLY C 482 -29.51 30.25 -27.96
CA GLY C 482 -30.16 31.53 -28.25
C GLY C 482 -29.50 32.67 -27.53
N VAL C 483 -28.43 33.19 -28.13
CA VAL C 483 -27.59 34.17 -27.49
C VAL C 483 -27.61 35.69 -27.80
N ALA C 484 -28.57 36.29 -28.54
CA ALA C 484 -29.95 35.92 -28.84
C ALA C 484 -30.92 36.56 -27.82
N SER C 485 -31.53 37.67 -28.23
CA SER C 485 -32.53 38.37 -27.43
C SER C 485 -33.51 38.99 -28.40
N LYS C 486 -34.74 39.24 -27.99
CA LYS C 486 -35.72 39.70 -28.96
C LYS C 486 -35.46 41.11 -29.44
N GLU C 487 -35.06 42.02 -28.56
CA GLU C 487 -34.88 43.37 -29.05
C GLU C 487 -33.58 43.46 -29.83
N GLU C 488 -32.55 42.82 -29.34
CA GLU C 488 -31.28 42.89 -30.03
C GLU C 488 -31.45 42.28 -31.39
N VAL C 489 -32.16 41.16 -31.48
CA VAL C 489 -32.31 40.47 -32.75
C VAL C 489 -33.07 41.32 -33.74
N LEU C 490 -34.06 42.04 -33.25
CA LEU C 490 -34.79 42.96 -34.09
C LEU C 490 -33.92 44.10 -34.62
N ASN C 491 -33.07 44.69 -33.79
CA ASN C 491 -32.28 45.84 -34.26
C ASN C 491 -31.29 45.60 -35.40
N ALA C 492 -30.53 44.51 -35.24
CA ALA C 492 -29.96 43.73 -36.32
C ALA C 492 -29.13 44.44 -37.37
N ARG C 493 -28.11 45.19 -36.98
CA ARG C 493 -27.40 45.91 -38.02
C ARG C 493 -27.02 44.83 -39.00
N ILE C 494 -27.25 45.10 -40.27
CA ILE C 494 -27.17 44.07 -41.30
C ILE C 494 -26.00 44.35 -42.20
N THR C 495 -25.16 43.35 -42.43
CA THR C 495 -24.01 43.57 -43.26
C THR C 495 -24.22 43.00 -44.65
N HIS C 496 -24.14 43.86 -45.65
CA HIS C 496 -24.10 43.42 -47.03
C HIS C 496 -22.74 42.87 -47.22
N GLY C 497 -22.10 42.47 -46.12
CA GLY C 497 -20.68 42.11 -46.12
C GLY C 497 -20.36 40.64 -46.32
N VAL C 498 -20.93 39.79 -45.48
CA VAL C 498 -20.70 38.36 -45.64
C VAL C 498 -21.73 37.75 -46.61
N SER C 499 -21.29 36.76 -47.37
CA SER C 499 -22.16 36.02 -48.29
C SER C 499 -23.06 35.11 -47.48
N TYR C 500 -24.11 34.56 -48.09
CA TYR C 500 -24.78 33.43 -47.48
C TYR C 500 -23.98 32.11 -47.46
N ASN C 501 -23.43 31.76 -48.60
CA ASN C 501 -22.91 30.43 -48.84
C ASN C 501 -21.75 30.04 -47.94
N GLU C 502 -20.86 30.98 -47.68
CA GLU C 502 -19.72 30.69 -46.84
C GLU C 502 -20.32 30.29 -45.51
N LEU C 503 -21.40 30.96 -45.18
CA LEU C 503 -22.16 30.70 -43.98
C LEU C 503 -22.68 29.29 -44.00
N GLN C 504 -23.04 28.82 -45.19
CA GLN C 504 -23.61 27.50 -45.34
C GLN C 504 -22.63 26.44 -44.85
N ARG C 505 -21.36 26.63 -45.14
CA ARG C 505 -20.37 25.60 -44.86
C ARG C 505 -20.21 25.14 -43.41
N ILE C 506 -20.20 26.04 -42.42
CA ILE C 506 -19.73 25.56 -41.09
C ILE C 506 -20.94 24.83 -40.44
N TYR C 507 -21.55 23.93 -41.21
CA TYR C 507 -22.61 23.07 -40.73
C TYR C 507 -21.93 22.02 -39.87
N GLY C 508 -22.67 21.24 -39.09
CA GLY C 508 -24.13 21.26 -39.01
C GLY C 508 -24.62 19.93 -38.48
N MET D 1 11.52 36.75 -46.68
CA MET D 1 10.65 37.81 -47.27
C MET D 1 11.48 38.75 -48.17
N SER D 2 12.28 39.58 -47.50
CA SER D 2 13.26 40.43 -48.13
C SER D 2 14.42 39.58 -48.58
N ASN D 3 15.29 40.12 -49.40
CA ASN D 3 16.40 39.31 -49.88
C ASN D 3 16.15 38.45 -51.11
N SER D 4 15.24 38.88 -52.00
CA SER D 4 15.15 38.28 -53.31
C SER D 4 14.93 39.39 -54.29
N ALA D 5 15.89 39.67 -55.16
CA ALA D 5 15.62 40.67 -56.17
C ALA D 5 15.04 41.84 -55.39
N ILE D 6 13.88 42.30 -55.83
CA ILE D 6 13.11 43.29 -55.07
C ILE D 6 12.67 42.69 -53.75
N PRO D 7 12.72 43.49 -52.69
CA PRO D 7 12.25 43.06 -51.37
C PRO D 7 10.71 42.97 -51.26
N LEU D 8 10.21 41.82 -50.82
CA LEU D 8 8.77 41.55 -50.75
C LEU D 8 8.15 41.91 -49.44
N ASN D 9 6.83 42.00 -49.42
CA ASN D 9 6.14 42.25 -48.17
C ASN D 9 5.60 40.96 -47.55
N VAL D 10 5.52 40.96 -46.22
CA VAL D 10 5.41 39.73 -45.42
C VAL D 10 4.14 39.62 -44.59
N VAL D 11 3.48 38.47 -44.65
CA VAL D 11 2.42 38.15 -43.70
C VAL D 11 2.55 36.72 -43.20
N ALA D 12 2.19 36.49 -41.95
CA ALA D 12 2.10 35.15 -41.41
C ALA D 12 0.65 34.71 -41.38
N VAL D 13 0.41 33.44 -41.66
CA VAL D 13 -0.95 32.94 -41.64
C VAL D 13 -0.99 31.70 -40.77
N GLN D 14 -2.00 31.62 -39.91
CA GLN D 14 -2.18 30.49 -39.02
C GLN D 14 -2.48 29.19 -39.74
N GLU D 15 -2.20 28.08 -39.08
CA GLU D 15 -2.57 26.80 -39.63
C GLU D 15 -4.08 26.58 -39.55
N PRO D 16 -4.55 25.39 -40.00
CA PRO D 16 -5.95 25.16 -39.73
C PRO D 16 -6.12 24.72 -38.28
N ARG D 17 -5.53 23.58 -37.89
CA ARG D 17 -5.76 22.99 -36.58
C ARG D 17 -5.88 24.00 -35.44
N LEU D 18 -5.15 25.10 -35.54
CA LEU D 18 -5.22 26.13 -34.51
C LEU D 18 -5.13 27.56 -35.05
N GLU D 19 -6.09 28.40 -34.66
CA GLU D 19 -6.04 29.84 -34.94
C GLU D 19 -5.41 30.58 -33.76
N LEU D 20 -5.91 30.35 -32.55
CA LEU D 20 -7.18 29.69 -32.31
C LEU D 20 -8.09 30.88 -32.09
N ASN D 21 -7.49 31.92 -31.53
CA ASN D 21 -8.14 33.19 -31.32
C ASN D 21 -8.22 34.01 -32.58
N ASN D 22 -9.44 34.33 -32.96
CA ASN D 22 -9.73 35.30 -33.99
C ASN D 22 -11.04 35.89 -33.57
N GLU D 23 -11.43 37.02 -34.14
CA GLU D 23 -12.64 37.67 -33.66
C GLU D 23 -13.94 37.09 -34.23
N ARG D 24 -14.51 36.17 -33.45
CA ARG D 24 -15.69 35.40 -33.85
C ARG D 24 -16.95 36.14 -33.50
N THR D 25 -17.94 36.09 -34.38
CA THR D 25 -19.19 36.84 -34.20
C THR D 25 -20.40 35.99 -34.53
N TRP D 26 -21.37 35.95 -33.63
CA TRP D 26 -22.60 35.22 -33.87
C TRP D 26 -23.38 35.97 -34.90
N VAL D 27 -23.95 35.24 -35.86
CA VAL D 27 -24.66 35.85 -36.98
C VAL D 27 -26.06 35.33 -36.95
N VAL D 28 -27.05 36.18 -37.21
CA VAL D 28 -28.44 35.73 -37.31
C VAL D 28 -28.94 35.83 -38.76
N VAL D 29 -29.42 34.72 -39.32
CA VAL D 29 -29.97 34.77 -40.68
C VAL D 29 -31.44 35.09 -40.58
N LYS D 30 -31.94 35.98 -41.45
CA LYS D 30 -33.34 36.43 -41.36
C LYS D 30 -34.05 36.65 -42.70
N GLY D 31 -34.80 35.65 -43.12
CA GLY D 31 -35.70 35.74 -44.26
C GLY D 31 -37.10 35.32 -43.85
N GLY D 32 -38.09 36.16 -44.13
CA GLY D 32 -39.43 35.94 -43.64
C GLY D 32 -40.48 36.62 -44.51
N GLN D 33 -41.75 36.31 -44.27
CA GLN D 33 -42.12 35.38 -43.23
C GLN D 33 -42.76 34.10 -43.74
N GLN D 34 -43.70 34.22 -44.66
CA GLN D 34 -44.47 33.07 -45.06
C GLN D 34 -43.88 32.65 -46.39
N VAL D 35 -43.57 31.38 -46.58
CA VAL D 35 -43.05 30.95 -47.86
C VAL D 35 -44.01 29.96 -48.48
N THR D 36 -44.31 30.08 -49.75
CA THR D 36 -45.38 29.27 -50.29
C THR D 36 -45.17 28.66 -51.64
N TYR D 37 -46.05 27.73 -52.00
CA TYR D 37 -45.99 27.26 -53.39
C TYR D 37 -47.35 27.02 -54.00
N TYR D 38 -47.61 27.65 -55.15
CA TYR D 38 -48.92 27.63 -55.80
C TYR D 38 -48.90 26.77 -57.02
N PRO D 39 -50.07 26.24 -57.41
CA PRO D 39 -50.09 25.50 -58.66
C PRO D 39 -51.08 26.05 -59.68
N PHE D 40 -50.69 27.07 -60.44
CA PHE D 40 -51.58 27.65 -61.46
C PHE D 40 -51.84 26.70 -62.62
N PRO D 41 -52.97 26.03 -62.66
CA PRO D 41 -53.16 25.02 -63.70
C PRO D 41 -53.25 25.77 -65.00
N SER D 42 -52.68 25.24 -66.08
CA SER D 42 -52.63 25.99 -67.30
C SER D 42 -54.04 26.21 -67.81
N THR D 43 -54.37 27.45 -68.11
CA THR D 43 -55.64 27.75 -68.74
C THR D 43 -55.55 27.29 -70.18
N SER D 44 -56.64 26.85 -70.80
CA SER D 44 -56.50 26.61 -72.25
C SER D 44 -55.31 25.71 -72.65
N PHE D 45 -55.41 24.41 -72.35
CA PHE D 45 -54.41 23.44 -72.76
C PHE D 45 -54.80 22.81 -74.09
N SER D 46 -53.80 22.38 -74.85
CA SER D 46 -54.03 21.82 -76.17
C SER D 46 -52.84 20.99 -76.61
N SER D 47 -52.95 20.38 -77.79
CA SER D 47 -51.83 19.67 -78.41
C SER D 47 -50.92 20.66 -79.13
N ASN D 48 -51.46 21.85 -79.40
CA ASN D 48 -50.69 22.88 -80.07
C ASN D 48 -49.99 23.82 -79.13
N GLN D 49 -50.63 24.18 -78.03
CA GLN D 49 -50.01 25.10 -77.08
C GLN D 49 -50.56 24.99 -75.67
N PHE D 50 -49.69 25.11 -74.68
CA PHE D 50 -50.13 25.30 -73.31
C PHE D 50 -50.01 26.79 -73.01
N ASN D 51 -50.96 27.34 -72.28
CA ASN D 51 -50.82 28.73 -71.87
C ASN D 51 -51.11 28.95 -70.40
N PHE D 52 -50.15 29.51 -69.67
CA PHE D 52 -50.40 29.82 -68.28
C PHE D 52 -50.48 31.33 -68.10
N ILE D 53 -51.24 31.76 -67.10
CA ILE D 53 -51.37 33.18 -66.81
C ILE D 53 -51.65 33.33 -65.33
N CYS D 54 -50.71 33.91 -64.59
CA CYS D 54 -50.73 33.84 -63.14
C CYS D 54 -50.12 35.07 -62.45
N ASN D 55 -50.93 35.79 -61.68
CA ASN D 55 -50.46 37.03 -61.09
C ASN D 55 -50.11 36.82 -59.65
N PRO D 56 -48.96 37.39 -59.21
CA PRO D 56 -48.52 37.28 -57.81
C PRO D 56 -49.64 37.64 -56.84
N PRO D 57 -49.74 36.85 -55.77
CA PRO D 57 -50.85 36.93 -54.84
C PRO D 57 -51.00 38.27 -54.19
N SER D 58 -49.91 38.94 -53.84
CA SER D 58 -50.05 40.14 -53.03
C SER D 58 -49.01 41.22 -53.26
N ALA D 59 -49.25 42.39 -52.69
CA ALA D 59 -48.36 43.53 -52.83
C ALA D 59 -46.98 43.28 -52.26
N GLN D 60 -45.99 43.82 -52.95
CA GLN D 60 -44.57 43.63 -52.59
C GLN D 60 -44.20 42.19 -52.22
N THR D 61 -44.63 41.26 -53.06
CA THR D 61 -44.36 39.84 -52.86
C THR D 61 -43.25 39.43 -53.81
N VAL D 62 -42.04 39.25 -53.29
CA VAL D 62 -40.90 38.84 -54.10
C VAL D 62 -41.17 37.45 -54.69
N LEU D 63 -40.58 37.15 -55.85
CA LEU D 63 -40.89 35.90 -56.55
C LEU D 63 -39.65 35.08 -56.86
N ASP D 64 -39.57 33.88 -56.29
CA ASP D 64 -38.41 32.99 -56.48
C ASP D 64 -38.14 32.65 -57.95
N ARG D 65 -36.90 32.30 -58.25
CA ARG D 65 -36.42 32.30 -59.62
C ARG D 65 -36.37 30.94 -60.31
N LEU D 66 -36.53 29.86 -59.54
CA LEU D 66 -36.71 28.53 -60.12
C LEU D 66 -38.19 28.33 -60.40
N VAL D 67 -38.53 28.21 -61.67
CA VAL D 67 -39.90 27.99 -62.10
C VAL D 67 -39.89 26.72 -62.91
N PHE D 68 -41.00 25.98 -62.92
CA PHE D 68 -41.11 24.83 -63.79
C PHE D 68 -42.56 24.48 -64.06
N ILE D 69 -42.80 23.41 -64.83
CA ILE D 69 -44.14 23.00 -65.29
C ILE D 69 -44.26 21.48 -65.36
N GLN D 70 -45.27 20.89 -64.74
CA GLN D 70 -45.52 19.43 -64.88
C GLN D 70 -46.67 19.14 -65.84
N VAL D 71 -46.52 18.14 -66.69
CA VAL D 71 -47.56 17.88 -67.70
C VAL D 71 -47.89 16.40 -67.90
N PRO D 72 -49.07 15.95 -67.39
CA PRO D 72 -49.45 14.55 -67.50
C PRO D 72 -49.77 14.26 -68.95
N TYR D 73 -49.33 13.10 -69.41
CA TYR D 73 -49.42 12.76 -70.82
C TYR D 73 -49.95 11.34 -71.04
N ASP D 74 -50.14 11.01 -72.30
CA ASP D 74 -50.52 9.68 -72.72
C ASP D 74 -49.99 9.46 -74.16
N ILE D 75 -49.44 8.27 -74.42
CA ILE D 75 -48.89 7.93 -75.73
C ILE D 75 -49.24 6.51 -76.12
N THR D 76 -49.50 6.29 -77.40
CA THR D 76 -49.62 4.91 -77.90
C THR D 76 -48.76 4.64 -79.13
N PHE D 77 -48.12 3.48 -79.15
CA PHE D 77 -47.27 3.08 -80.26
C PHE D 77 -47.99 2.03 -81.08
N THR D 78 -47.80 2.09 -82.40
CA THR D 78 -48.40 1.12 -83.31
C THR D 78 -47.36 0.52 -84.25
N ALA D 79 -47.48 -0.77 -84.53
CA ALA D 79 -46.51 -1.49 -85.38
C ALA D 79 -46.73 -1.21 -86.86
N ASN D 80 -45.62 -1.11 -87.59
CA ASN D 80 -45.63 -0.89 -89.04
C ASN D 80 -45.62 -2.21 -89.80
N PRO D 81 -46.69 -2.49 -90.58
CA PRO D 81 -46.91 -3.78 -91.23
C PRO D 81 -45.91 -4.12 -92.36
N SER D 82 -44.63 -3.85 -92.13
CA SER D 82 -43.53 -4.32 -93.00
C SER D 82 -42.40 -4.91 -92.12
N HIS D 83 -41.46 -5.61 -92.77
CA HIS D 83 -40.36 -6.36 -92.11
C HIS D 83 -40.80 -7.52 -91.23
N ALA D 84 -42.10 -7.58 -90.95
CA ALA D 84 -42.70 -8.54 -90.02
C ALA D 84 -42.36 -10.01 -90.29
N GLY D 85 -42.03 -10.78 -89.24
CA GLY D 85 -42.02 -10.32 -87.84
C GLY D 85 -40.67 -9.82 -87.37
N ILE D 86 -40.61 -9.02 -86.29
CA ILE D 86 -41.73 -8.51 -85.48
C ILE D 86 -42.04 -9.37 -84.23
N THR D 87 -41.23 -10.40 -83.97
CA THR D 87 -41.34 -11.12 -82.71
C THR D 87 -40.77 -10.25 -81.61
N GLU D 88 -41.29 -10.46 -80.40
CA GLU D 88 -40.90 -9.69 -79.22
C GLU D 88 -41.63 -8.37 -79.06
N ASN D 89 -41.87 -8.03 -77.80
CA ASN D 89 -42.61 -6.83 -77.46
C ASN D 89 -42.04 -5.56 -78.09
N LEU D 90 -42.95 -4.66 -78.50
CA LEU D 90 -42.54 -3.47 -79.21
C LEU D 90 -41.53 -2.64 -78.43
N LEU D 91 -41.84 -2.34 -77.17
CA LEU D 91 -40.89 -1.67 -76.28
C LEU D 91 -39.87 -2.65 -75.71
N GLN D 92 -38.59 -2.31 -75.83
CA GLN D 92 -37.50 -3.22 -75.45
C GLN D 92 -36.82 -2.86 -74.11
N PRO D 93 -35.92 -3.72 -73.60
CA PRO D 93 -35.44 -3.50 -72.23
C PRO D 93 -34.40 -2.39 -72.10
N GLY D 94 -33.35 -2.43 -72.92
CA GLY D 94 -32.34 -1.38 -72.94
C GLY D 94 -32.26 -0.76 -74.32
N ARG D 95 -33.42 -0.56 -74.93
CA ARG D 95 -33.48 -0.07 -76.29
C ARG D 95 -34.19 1.26 -76.45
N ASP D 96 -35.25 1.51 -75.67
CA ASP D 96 -36.08 2.70 -75.92
C ASP D 96 -36.60 3.46 -74.71
N ALA D 97 -36.31 4.76 -74.69
CA ALA D 97 -36.70 5.66 -73.59
C ALA D 97 -36.79 7.09 -74.08
N PHE D 98 -37.31 7.99 -73.23
CA PHE D 98 -37.44 9.42 -73.53
C PHE D 98 -36.17 10.10 -74.07
N ARG D 99 -36.36 11.09 -74.95
CA ARG D 99 -35.29 11.99 -75.39
C ARG D 99 -35.05 13.04 -74.32
N ALA D 100 -33.79 13.38 -74.05
CA ALA D 100 -33.49 14.36 -73.00
C ALA D 100 -33.07 15.73 -73.54
N PHE D 101 -33.69 16.81 -73.10
CA PHE D 101 -34.78 16.81 -72.15
C PHE D 101 -36.02 16.92 -73.00
N PRO D 102 -37.10 16.22 -72.63
CA PRO D 102 -38.15 15.96 -73.61
C PRO D 102 -38.96 17.21 -74.01
N ILE D 103 -39.71 17.78 -73.07
CA ILE D 103 -40.59 18.90 -73.40
C ILE D 103 -39.81 20.02 -74.08
N SER D 104 -38.73 20.48 -73.45
CA SER D 104 -37.94 21.56 -74.02
C SER D 104 -37.54 21.31 -75.47
N SER D 105 -37.25 20.06 -75.81
CA SER D 105 -36.78 19.73 -77.16
C SER D 105 -37.90 19.86 -78.19
N ILE D 106 -39.13 19.61 -77.74
CA ILE D 106 -40.26 19.65 -78.65
C ILE D 106 -41.02 20.95 -78.54
N THR D 107 -40.37 21.95 -77.94
CA THR D 107 -40.93 23.30 -77.88
C THR D 107 -40.32 24.16 -78.97
N ASN D 108 -41.18 24.65 -79.84
CA ASN D 108 -40.73 25.51 -80.91
C ASN D 108 -40.18 26.79 -80.35
N THR D 109 -40.86 27.35 -79.35
CA THR D 109 -40.40 28.54 -78.65
C THR D 109 -41.30 28.76 -77.44
N LEU D 110 -40.75 29.20 -76.33
CA LEU D 110 -41.60 29.56 -75.21
C LEU D 110 -41.48 31.06 -74.89
N ASN D 111 -42.60 31.68 -74.55
CA ASN D 111 -42.58 33.09 -74.20
C ASN D 111 -43.11 33.37 -72.79
N ALA D 112 -42.53 34.38 -72.15
CA ALA D 112 -42.98 34.89 -70.85
C ALA D 112 -42.83 36.39 -70.86
N THR D 113 -43.78 37.12 -70.28
CA THR D 113 -43.62 38.57 -70.18
C THR D 113 -43.63 39.04 -68.73
N ILE D 114 -42.45 39.37 -68.23
CA ILE D 114 -42.36 39.90 -66.88
C ILE D 114 -42.88 41.33 -66.91
N ASN D 115 -44.03 41.51 -66.30
CA ASN D 115 -44.58 42.84 -66.01
C ASN D 115 -44.86 43.67 -67.26
N GLY D 116 -45.30 43.01 -68.33
CA GLY D 116 -45.65 43.72 -69.55
C GLY D 116 -44.52 43.96 -70.56
N PHE D 117 -43.27 43.63 -70.21
CA PHE D 117 -42.18 43.64 -71.17
C PHE D 117 -41.83 42.20 -71.55
N PRO D 118 -41.82 41.89 -72.86
CA PRO D 118 -41.73 40.49 -73.32
C PRO D 118 -40.31 39.95 -73.41
N VAL D 119 -40.10 38.71 -72.96
CA VAL D 119 -38.81 38.04 -73.05
C VAL D 119 -38.99 36.63 -73.59
N ASN D 120 -38.32 36.28 -74.67
CA ASN D 120 -38.49 34.92 -75.18
C ASN D 120 -37.20 34.25 -75.58
N ILE D 121 -37.20 32.92 -75.53
CA ILE D 121 -36.06 32.12 -75.95
C ILE D 121 -36.44 31.09 -77.00
N GLU D 122 -35.45 30.54 -77.67
CA GLU D 122 -35.68 29.54 -78.69
C GLU D 122 -35.24 28.14 -78.22
N LEU D 123 -36.16 27.41 -77.58
CA LEU D 123 -35.84 26.19 -76.83
C LEU D 123 -35.33 25.01 -77.63
N ALA D 124 -35.69 24.96 -78.91
CA ALA D 124 -35.48 23.75 -79.69
C ALA D 124 -34.01 23.45 -79.93
N GLN D 125 -33.29 24.37 -80.55
CA GLN D 125 -31.90 24.13 -80.97
C GLN D 125 -30.91 24.67 -79.95
N ILE D 126 -31.28 25.75 -79.28
CA ILE D 126 -30.39 26.34 -78.28
C ILE D 126 -29.98 25.29 -77.25
N ILE D 127 -30.93 24.44 -76.86
CA ILE D 127 -30.78 23.63 -75.65
C ILE D 127 -29.60 22.66 -75.63
N HIS D 128 -29.57 21.71 -76.56
CA HIS D 128 -28.61 20.61 -76.48
C HIS D 128 -27.19 21.06 -76.46
N ALA D 129 -26.97 22.31 -76.84
CA ALA D 129 -25.64 22.91 -76.75
C ALA D 129 -25.46 23.66 -75.43
N LEU D 130 -26.48 24.41 -75.02
CA LEU D 130 -26.45 25.13 -73.76
C LEU D 130 -26.46 24.14 -72.59
N SER D 131 -26.87 22.90 -72.84
CA SER D 131 -26.94 21.90 -71.78
C SER D 131 -25.60 21.27 -71.51
N ARG D 132 -24.74 21.25 -72.53
CA ARG D 132 -23.45 20.59 -72.44
C ARG D 132 -22.51 21.24 -71.46
N TYR D 133 -22.70 22.53 -71.20
CA TYR D 133 -21.96 23.26 -70.16
C TYR D 133 -22.54 24.63 -69.95
N HIS D 134 -22.39 25.20 -68.76
CA HIS D 134 -21.38 24.81 -67.76
C HIS D 134 -21.95 23.95 -66.71
N THR D 135 -21.98 22.66 -66.99
CA THR D 135 -22.49 21.69 -66.02
C THR D 135 -21.36 20.97 -65.27
N PRO D 136 -21.47 20.89 -63.95
CA PRO D 136 -20.65 19.95 -63.20
C PRO D 136 -21.49 18.78 -62.67
N LEU D 137 -20.85 17.75 -62.15
CA LEU D 137 -21.59 16.59 -61.66
C LEU D 137 -22.51 16.98 -60.51
N LYS D 138 -22.00 17.75 -59.56
CA LYS D 138 -22.80 18.23 -58.45
C LYS D 138 -24.16 18.72 -58.92
N VAL D 139 -24.14 19.66 -59.86
CA VAL D 139 -25.34 20.35 -60.37
C VAL D 139 -26.21 19.46 -61.25
N LYS D 140 -25.57 18.67 -62.09
CA LYS D 140 -26.29 17.73 -62.91
C LYS D 140 -27.19 16.88 -62.03
N ASN D 141 -26.64 16.37 -60.93
CA ASN D 141 -27.37 15.52 -60.00
C ASN D 141 -28.47 16.20 -59.22
N GLY D 142 -28.49 17.53 -59.25
CA GLY D 142 -29.42 18.32 -58.44
C GLY D 142 -30.66 18.73 -59.21
N TRP D 143 -30.95 20.03 -59.22
CA TRP D 143 -32.16 20.55 -59.85
C TRP D 143 -32.45 19.92 -61.16
N MET D 144 -31.43 19.80 -61.99
CA MET D 144 -31.58 19.31 -63.35
C MET D 144 -32.22 17.94 -63.42
N SER D 145 -31.90 17.08 -62.45
CA SER D 145 -32.28 15.67 -62.49
C SER D 145 -33.74 15.34 -62.79
N MET D 146 -34.65 16.26 -62.50
CA MET D 146 -36.10 15.97 -62.59
C MET D 146 -36.53 15.58 -63.99
N GLN D 147 -36.15 16.39 -64.97
CA GLN D 147 -36.35 16.09 -66.37
C GLN D 147 -35.32 15.05 -66.76
N PRO D 148 -35.68 14.09 -67.64
CA PRO D 148 -34.65 13.20 -68.17
C PRO D 148 -33.39 13.99 -68.55
N SER D 149 -32.22 13.55 -68.10
CA SER D 149 -31.07 14.45 -67.96
C SER D 149 -29.75 14.03 -68.62
N PHE D 150 -29.67 12.82 -69.15
CA PHE D 150 -28.42 12.31 -69.71
C PHE D 150 -28.24 12.70 -71.18
N GLU D 151 -26.98 12.86 -71.60
CA GLU D 151 -26.65 13.29 -72.96
C GLU D 151 -26.62 12.17 -73.99
N ASP D 152 -26.30 12.54 -75.22
CA ASP D 152 -26.11 11.54 -76.27
C ASP D 152 -24.62 11.38 -76.59
N ASN D 153 -24.04 10.28 -76.12
CA ASN D 153 -22.61 10.04 -76.29
C ASN D 153 -22.26 9.52 -77.65
N TYR D 154 -22.97 8.51 -78.12
CA TYR D 154 -22.61 7.88 -79.37
C TYR D 154 -23.16 8.60 -80.58
N GLN D 155 -22.38 8.59 -81.65
CA GLN D 155 -22.75 9.18 -82.95
C GLN D 155 -24.02 8.58 -83.56
N SER D 156 -24.33 7.34 -83.17
CA SER D 156 -25.52 6.65 -83.65
C SER D 156 -25.92 5.62 -82.61
N TYR D 157 -27.21 5.37 -82.50
CA TYR D 157 -27.69 4.46 -81.46
C TYR D 157 -27.34 3.00 -81.65
N ARG D 158 -27.25 2.56 -82.91
CA ARG D 158 -27.10 1.14 -83.17
C ARG D 158 -25.96 0.56 -82.34
N ASP D 159 -24.74 1.07 -82.57
CA ASP D 159 -23.57 0.53 -81.90
C ASP D 159 -23.76 0.44 -80.38
N ALA D 160 -24.14 1.56 -79.76
CA ALA D 160 -24.16 1.72 -78.30
C ALA D 160 -24.46 0.43 -77.54
N ASP D 161 -25.54 -0.23 -77.92
CA ASP D 161 -26.09 -1.39 -77.18
C ASP D 161 -25.19 -2.64 -77.27
N GLY D 162 -24.90 -3.26 -76.13
CA GLY D 162 -25.23 -2.74 -74.81
C GLY D 162 -23.94 -2.39 -74.10
N ALA D 163 -23.90 -1.20 -73.51
CA ALA D 163 -22.71 -0.69 -72.82
C ALA D 163 -23.00 -0.49 -71.35
N ASN D 164 -21.96 -0.44 -70.51
CA ASN D 164 -22.12 -0.07 -69.10
C ASN D 164 -22.41 1.42 -69.00
N ASN D 165 -22.36 2.07 -70.16
CA ASN D 165 -22.47 3.51 -70.29
C ASN D 165 -23.64 3.90 -71.20
N ASN D 166 -24.23 2.91 -71.87
CA ASN D 166 -25.30 3.12 -72.87
C ASN D 166 -26.38 4.13 -72.48
N PRO D 167 -26.58 5.17 -73.32
CA PRO D 167 -27.46 6.32 -73.08
C PRO D 167 -28.87 5.97 -72.62
N LEU D 168 -29.54 5.07 -73.34
CA LEU D 168 -30.87 4.60 -72.97
C LEU D 168 -30.83 3.21 -72.33
N GLY D 169 -30.46 3.18 -71.05
CA GLY D 169 -30.40 1.92 -70.32
C GLY D 169 -31.25 2.01 -69.08
N VAL D 170 -31.69 0.87 -68.56
CA VAL D 170 -32.52 0.83 -67.35
C VAL D 170 -31.72 1.22 -66.09
N PHE D 171 -32.37 1.64 -65.02
CA PHE D 171 -31.62 2.26 -63.92
C PHE D 171 -30.56 1.33 -63.37
N THR D 172 -30.87 0.06 -63.20
CA THR D 172 -29.87 -0.85 -62.69
C THR D 172 -28.80 -0.84 -63.74
N SER D 173 -27.55 -0.97 -63.33
CA SER D 173 -26.47 -0.92 -64.30
C SER D 173 -25.96 0.49 -64.58
N ALA D 174 -26.37 1.43 -63.73
CA ALA D 174 -25.76 2.75 -63.72
C ALA D 174 -24.93 2.88 -62.47
N ALA D 175 -23.66 3.25 -62.61
CA ALA D 175 -22.72 3.24 -61.50
C ALA D 175 -23.10 4.21 -60.38
N GLY D 176 -22.94 3.74 -59.14
CA GLY D 176 -23.35 4.50 -57.95
C GLY D 176 -22.77 5.90 -57.84
N LEU D 177 -23.64 6.85 -57.53
CA LEU D 177 -23.31 8.29 -57.40
C LEU D 177 -22.73 8.87 -58.69
N SER D 178 -23.57 8.89 -59.72
CA SER D 178 -23.20 9.28 -61.08
C SER D 178 -24.48 9.40 -61.93
N GLU D 179 -24.43 10.25 -62.97
CA GLU D 179 -25.59 10.47 -63.85
C GLU D 179 -26.25 9.17 -64.35
N LEU D 180 -27.50 8.96 -63.95
CA LEU D 180 -28.25 7.76 -64.33
C LEU D 180 -28.81 7.90 -65.75
N PRO D 181 -29.23 6.79 -66.37
CA PRO D 181 -29.62 6.87 -67.76
C PRO D 181 -31.12 7.13 -67.93
N ARG D 182 -31.56 7.38 -69.17
CA ARG D 182 -32.94 7.81 -69.49
C ARG D 182 -34.03 6.73 -69.39
N GLY D 183 -33.62 5.47 -69.24
CA GLY D 183 -34.58 4.42 -69.03
C GLY D 183 -35.06 4.37 -67.59
N SER D 184 -34.45 5.16 -66.72
CA SER D 184 -34.82 5.14 -65.31
C SER D 184 -36.19 5.74 -65.06
N TYR D 185 -36.51 6.80 -65.80
CA TYR D 185 -37.69 7.63 -65.55
C TYR D 185 -38.99 6.85 -65.39
N THR D 186 -39.59 6.96 -64.22
CA THR D 186 -40.68 6.07 -63.88
C THR D 186 -42.02 6.53 -64.40
N MET D 187 -42.58 5.78 -65.35
CA MET D 187 -43.97 5.98 -65.75
C MET D 187 -44.59 4.63 -66.05
N ASN D 188 -45.88 4.47 -65.73
CA ASN D 188 -46.55 3.20 -65.91
C ASN D 188 -46.76 2.79 -67.36
N VAL D 189 -46.53 1.52 -67.63
CA VAL D 189 -46.86 0.92 -68.92
C VAL D 189 -48.19 0.18 -68.78
N VAL D 190 -49.21 0.66 -69.49
CA VAL D 190 -50.55 0.09 -69.37
C VAL D 190 -50.59 -1.30 -70.02
N THR D 191 -50.21 -1.37 -71.30
CA THR D 191 -50.03 -2.66 -71.99
C THR D 191 -48.85 -2.56 -72.93
N ASN D 192 -48.01 -3.58 -72.91
CA ASN D 192 -46.88 -3.71 -73.82
C ASN D 192 -47.07 -5.04 -74.53
N THR D 193 -47.13 -5.03 -75.85
CA THR D 193 -47.18 -6.28 -76.63
C THR D 193 -46.74 -6.08 -78.07
N THR D 194 -46.68 -7.18 -78.81
CA THR D 194 -46.51 -7.09 -80.26
C THR D 194 -47.76 -6.41 -80.84
N THR D 195 -47.54 -5.52 -81.81
CA THR D 195 -48.58 -4.71 -82.50
C THR D 195 -49.18 -3.53 -81.70
N THR D 196 -48.95 -3.49 -80.38
CA THR D 196 -49.55 -2.45 -79.54
C THR D 196 -48.73 -2.09 -78.30
N ALA D 197 -48.58 -0.80 -78.05
CA ALA D 197 -48.04 -0.31 -76.78
C ALA D 197 -48.76 0.99 -76.39
N ARG D 198 -48.86 1.25 -75.09
CA ARG D 198 -49.52 2.43 -74.58
C ARG D 198 -48.93 2.72 -73.21
N ILE D 199 -48.63 3.98 -72.92
CA ILE D 199 -48.01 4.34 -71.63
C ILE D 199 -48.46 5.71 -71.08
N THR D 200 -48.43 5.87 -69.76
CA THR D 200 -48.85 7.12 -69.10
C THR D 200 -47.91 7.48 -67.93
N GLY D 201 -47.72 8.78 -67.67
CA GLY D 201 -46.88 9.26 -66.56
C GLY D 201 -46.98 10.76 -66.45
N VAL D 202 -46.03 11.39 -65.76
CA VAL D 202 -46.05 12.87 -65.54
C VAL D 202 -44.67 13.54 -65.49
N LEU D 203 -44.33 14.30 -66.53
CA LEU D 203 -42.97 14.85 -66.67
C LEU D 203 -42.75 16.31 -66.27
N TYR D 204 -41.82 16.50 -65.34
CA TYR D 204 -41.39 17.80 -64.87
C TYR D 204 -40.28 18.35 -65.76
N GLU D 205 -40.49 19.54 -66.28
CA GLU D 205 -39.47 20.18 -67.11
C GLU D 205 -39.19 21.52 -66.49
N GLN D 206 -37.93 21.93 -66.51
CA GLN D 206 -37.60 23.25 -66.01
C GLN D 206 -37.84 24.32 -67.03
N VAL D 207 -38.32 25.47 -66.58
CA VAL D 207 -38.30 26.67 -67.40
C VAL D 207 -36.84 27.13 -67.54
N PHE D 208 -36.36 27.28 -68.77
CA PHE D 208 -34.94 27.45 -68.98
C PHE D 208 -34.36 28.81 -69.35
N LEU D 209 -35.17 29.86 -69.34
CA LEU D 209 -34.67 31.12 -69.83
C LEU D 209 -34.43 32.14 -68.73
N PRO D 210 -33.25 32.72 -68.71
CA PRO D 210 -32.89 33.70 -67.70
C PRO D 210 -33.82 34.85 -67.97
N PRO D 211 -34.13 35.67 -66.98
CA PRO D 211 -33.44 35.65 -65.70
C PRO D 211 -33.62 34.34 -64.96
N PHE D 212 -34.82 33.77 -64.99
CA PHE D 212 -34.98 32.50 -64.28
C PHE D 212 -33.72 31.64 -64.45
N LEU D 213 -33.43 30.79 -63.47
CA LEU D 213 -32.20 29.98 -63.48
C LEU D 213 -32.34 28.48 -63.17
N TRP D 214 -31.41 27.70 -63.72
CA TRP D 214 -31.44 26.25 -63.66
C TRP D 214 -30.23 25.66 -63.00
N ASP D 215 -29.16 26.44 -62.86
CA ASP D 215 -28.00 26.06 -62.05
C ASP D 215 -28.28 26.34 -60.55
N GLY D 216 -27.85 25.43 -59.68
CA GLY D 216 -28.30 25.39 -58.28
C GLY D 216 -28.03 26.54 -57.31
N GLU D 217 -27.21 27.48 -57.78
CA GLU D 217 -26.93 28.73 -57.09
C GLU D 217 -28.17 29.62 -57.04
N GLN D 218 -28.27 30.39 -55.98
CA GLN D 218 -29.45 31.18 -55.64
C GLN D 218 -29.14 32.66 -55.58
N ALA D 219 -29.98 33.46 -56.23
CA ALA D 219 -29.79 34.90 -56.26
C ALA D 219 -31.14 35.60 -56.20
N GLY D 220 -31.15 36.87 -55.84
CA GLY D 220 -32.44 37.58 -55.61
C GLY D 220 -33.60 37.28 -56.54
N GLY D 221 -34.81 37.40 -56.02
CA GLY D 221 -36.04 37.21 -56.80
C GLY D 221 -36.62 38.53 -57.28
N LEU D 222 -37.49 38.48 -58.28
CA LEU D 222 -38.00 39.69 -58.92
C LEU D 222 -39.25 40.27 -58.27
N ALA D 223 -39.07 41.00 -57.19
CA ALA D 223 -40.05 41.96 -56.76
C ALA D 223 -39.69 43.18 -57.58
N ASN D 224 -40.65 44.04 -57.93
CA ASN D 224 -42.02 43.98 -57.49
C ASN D 224 -42.90 43.83 -58.72
N LEU D 225 -43.19 42.58 -59.02
CA LEU D 225 -43.91 42.20 -60.22
C LEU D 225 -45.37 42.52 -60.02
N THR D 226 -46.11 42.75 -61.12
CA THR D 226 -47.58 42.80 -61.06
C THR D 226 -48.23 41.58 -61.70
N SER D 227 -47.73 41.19 -62.88
CA SER D 227 -48.32 40.08 -63.60
C SER D 227 -47.27 39.38 -64.43
N LEU D 228 -46.98 38.13 -64.07
CA LEU D 228 -46.20 37.25 -64.91
C LEU D 228 -47.19 36.49 -65.77
N THR D 229 -46.76 35.99 -66.92
CA THR D 229 -47.58 35.11 -67.75
C THR D 229 -46.65 34.41 -68.72
N PHE D 230 -46.86 33.11 -68.90
CA PHE D 230 -46.04 32.36 -69.85
C PHE D 230 -46.86 31.98 -71.07
N ASN D 231 -46.22 31.29 -72.00
CA ASN D 231 -46.87 30.83 -73.21
C ASN D 231 -45.99 29.79 -73.85
N TRP D 232 -46.54 28.61 -74.09
CA TRP D 232 -45.81 27.52 -74.69
C TRP D 232 -46.39 27.18 -76.04
N VAL D 233 -45.62 27.34 -77.10
CA VAL D 233 -46.08 26.85 -78.39
C VAL D 233 -45.27 25.60 -78.73
N LEU D 234 -45.99 24.51 -78.97
CA LEU D 234 -45.37 23.21 -79.21
C LEU D 234 -44.88 23.08 -80.63
N ASN D 235 -43.71 22.48 -80.79
CA ASN D 235 -43.17 22.16 -82.11
C ASN D 235 -44.06 21.12 -82.78
N ASN D 236 -44.38 21.37 -84.04
CA ASN D 236 -45.40 20.63 -84.77
C ASN D 236 -45.29 19.11 -84.76
N ASN D 237 -44.07 18.58 -84.78
CA ASN D 237 -43.87 17.15 -85.02
C ASN D 237 -44.30 16.18 -83.94
N LEU D 238 -43.89 16.44 -82.69
CA LEU D 238 -44.40 15.66 -81.54
C LEU D 238 -43.92 14.21 -81.41
N ALA D 239 -43.39 13.64 -82.48
CA ALA D 239 -42.74 12.34 -82.41
C ALA D 239 -41.36 12.48 -81.74
N ARG D 240 -40.75 13.63 -81.96
CA ARG D 240 -39.42 13.90 -81.47
C ARG D 240 -39.26 13.63 -79.97
N ILE D 241 -40.36 13.41 -79.24
CA ILE D 241 -40.27 13.13 -77.80
C ILE D 241 -39.55 11.80 -77.57
N TRP D 242 -39.86 10.83 -78.42
CA TRP D 242 -39.33 9.49 -78.27
C TRP D 242 -37.97 9.36 -78.86
N SER D 243 -37.18 8.44 -78.29
CA SER D 243 -35.91 8.01 -78.91
C SER D 243 -36.04 6.54 -79.34
N HIS D 244 -35.01 6.00 -79.99
CA HIS D 244 -35.06 4.63 -80.48
C HIS D 244 -33.68 4.07 -80.73
N SER D 245 -33.62 2.77 -81.01
CA SER D 245 -32.36 2.14 -81.42
C SER D 245 -32.52 1.76 -82.88
N ASP D 246 -31.52 2.09 -83.68
CA ASP D 246 -31.57 1.77 -85.11
C ASP D 246 -31.52 0.26 -85.33
N ILE D 247 -30.96 -0.43 -84.33
CA ILE D 247 -30.77 -1.88 -84.36
C ILE D 247 -32.08 -2.64 -84.57
N THR D 248 -33.02 -2.52 -83.64
CA THR D 248 -34.28 -3.30 -83.64
C THR D 248 -35.00 -3.38 -84.99
N ASN D 249 -34.48 -2.70 -86.01
CA ASN D 249 -35.22 -2.46 -87.27
C ASN D 249 -35.87 -3.68 -87.98
N ASP D 250 -35.13 -4.73 -88.36
CA ASP D 250 -33.66 -4.79 -88.54
C ASP D 250 -33.50 -5.31 -89.98
N VAL D 251 -32.45 -4.88 -90.66
CA VAL D 251 -32.02 -5.53 -91.90
C VAL D 251 -32.78 -5.18 -93.18
N SER D 252 -33.76 -4.28 -93.11
CA SER D 252 -34.49 -3.92 -94.32
C SER D 252 -34.09 -2.51 -94.74
N GLY D 253 -34.30 -1.58 -93.82
CA GLY D 253 -35.15 -1.87 -92.68
C GLY D 253 -36.21 -0.81 -92.48
N ASN D 254 -37.47 -1.24 -92.36
CA ASN D 254 -38.49 -0.32 -91.88
C ASN D 254 -38.60 -0.54 -90.38
N SER D 255 -38.32 0.49 -89.60
CA SER D 255 -38.32 0.34 -88.14
C SER D 255 -39.65 -0.21 -87.64
N THR D 256 -39.59 -1.08 -86.64
CA THR D 256 -40.74 -1.86 -86.24
C THR D 256 -41.89 -0.94 -85.83
N ILE D 257 -41.59 0.11 -85.09
CA ILE D 257 -42.64 1.07 -84.79
C ILE D 257 -43.06 1.63 -86.14
N GLY D 258 -44.36 1.71 -86.36
CA GLY D 258 -44.88 2.23 -87.61
C GLY D 258 -45.49 3.61 -87.45
N SER D 259 -45.25 4.24 -86.30
CA SER D 259 -46.04 5.40 -85.92
C SER D 259 -46.13 5.66 -84.41
N MET D 260 -46.81 6.74 -84.03
CA MET D 260 -47.03 7.05 -82.63
C MET D 260 -48.16 8.07 -82.47
N ASN D 261 -48.72 8.19 -81.26
CA ASN D 261 -49.67 9.26 -80.97
C ASN D 261 -49.40 9.79 -79.59
N ILE D 262 -49.32 11.11 -79.43
CA ILE D 262 -49.04 11.68 -78.12
C ILE D 262 -50.11 12.65 -77.65
N SER D 263 -50.57 12.47 -76.42
CA SER D 263 -51.66 13.29 -75.92
C SER D 263 -51.33 13.89 -74.57
N PHE D 264 -51.98 15.00 -74.25
CA PHE D 264 -51.67 15.70 -73.01
C PHE D 264 -52.96 15.99 -72.26
N GLN D 265 -52.77 16.43 -71.02
CA GLN D 265 -53.82 16.83 -70.11
C GLN D 265 -53.32 18.09 -69.45
N GLN D 266 -54.16 18.72 -68.65
CA GLN D 266 -53.78 19.99 -68.07
C GLN D 266 -52.50 19.80 -67.29
N PRO D 267 -51.60 20.76 -67.43
CA PRO D 267 -50.31 20.74 -66.75
C PRO D 267 -50.18 22.06 -66.03
N SER D 268 -49.48 22.09 -64.91
CA SER D 268 -49.51 23.26 -64.05
C SER D 268 -48.18 23.93 -63.83
N MET D 269 -48.12 25.24 -64.02
CA MET D 269 -46.93 25.94 -63.58
C MET D 269 -46.76 25.80 -62.06
N TYR D 270 -45.55 26.04 -61.54
CA TYR D 270 -45.31 26.04 -60.11
C TYR D 270 -44.38 27.15 -59.67
N LEU D 271 -44.94 28.24 -59.19
CA LEU D 271 -44.13 29.38 -58.75
C LEU D 271 -44.10 29.45 -57.23
N GLY D 272 -43.06 30.04 -56.67
CA GLY D 272 -43.03 30.28 -55.22
C GLY D 272 -42.97 31.75 -54.86
N PHE D 273 -43.84 32.21 -53.98
CA PHE D 273 -43.81 33.62 -53.60
C PHE D 273 -43.47 33.79 -52.14
N VAL D 274 -42.30 34.35 -51.85
CA VAL D 274 -41.95 34.78 -50.49
C VAL D 274 -42.46 36.19 -50.31
N THR D 275 -42.80 36.57 -49.09
CA THR D 275 -43.09 37.98 -48.84
C THR D 275 -42.24 38.52 -47.69
N PRO D 276 -41.63 39.70 -47.88
CA PRO D 276 -40.65 40.17 -46.91
C PRO D 276 -41.34 40.68 -45.66
N ARG D 277 -40.57 40.83 -44.59
CA ARG D 277 -41.07 41.31 -43.28
C ARG D 277 -41.13 42.84 -43.20
N LEU D 278 -42.00 43.36 -42.34
CA LEU D 278 -42.30 44.79 -42.31
C LEU D 278 -41.09 45.64 -42.01
N ASN D 279 -40.38 45.34 -40.93
CA ASN D 279 -39.20 46.10 -40.55
C ASN D 279 -38.24 46.48 -41.69
N ILE D 280 -37.61 45.49 -42.32
CA ILE D 280 -36.73 45.71 -43.47
C ILE D 280 -37.57 46.05 -44.72
N PRO D 281 -37.32 47.24 -45.33
CA PRO D 281 -38.03 47.62 -46.57
C PRO D 281 -37.26 47.35 -47.87
N ILE D 282 -37.97 46.91 -48.91
CA ILE D 282 -37.40 46.75 -50.25
C ILE D 282 -37.54 48.06 -51.05
N PRO D 283 -36.47 48.48 -51.75
CA PRO D 283 -36.54 49.77 -52.45
C PRO D 283 -37.56 49.74 -53.61
N PRO D 284 -38.20 50.89 -53.91
CA PRO D 284 -39.24 50.99 -54.95
C PRO D 284 -38.78 50.69 -56.38
N ARG D 285 -37.48 50.80 -56.65
CA ARG D 285 -36.96 50.48 -57.98
C ARG D 285 -35.63 49.72 -57.92
N ILE D 286 -35.61 48.50 -58.45
CA ILE D 286 -34.44 47.64 -58.31
C ILE D 286 -33.97 47.12 -59.67
N THR D 287 -32.71 46.75 -59.77
CA THR D 287 -32.10 46.34 -61.03
C THR D 287 -31.54 44.93 -60.99
N TYR D 288 -31.56 44.24 -62.13
CA TYR D 288 -31.18 42.83 -62.20
C TYR D 288 -30.33 42.53 -63.41
N PRO D 289 -29.54 41.45 -63.35
CA PRO D 289 -28.75 41.05 -64.52
C PRO D 289 -29.56 40.14 -65.42
N TYR D 290 -29.84 40.60 -66.63
CA TYR D 290 -30.61 39.82 -67.60
C TYR D 290 -29.82 39.59 -68.87
N PHE D 291 -29.71 38.33 -69.25
CA PHE D 291 -28.96 37.93 -70.43
C PHE D 291 -29.92 37.68 -71.61
N LYS D 292 -29.39 37.44 -72.81
CA LYS D 292 -30.25 37.28 -73.97
C LYS D 292 -29.68 36.28 -74.95
N LEU D 293 -30.45 35.24 -75.24
CA LEU D 293 -30.04 34.18 -76.15
C LEU D 293 -30.72 34.35 -77.50
N SER D 294 -29.94 34.35 -78.57
CA SER D 294 -30.48 34.37 -79.93
C SER D 294 -29.63 33.46 -80.78
N ARG D 295 -30.16 32.99 -81.91
CA ARG D 295 -29.42 32.04 -82.72
C ARG D 295 -29.50 32.44 -84.18
N TYR D 296 -28.36 32.45 -84.85
CA TYR D 296 -28.34 32.72 -86.29
C TYR D 296 -27.78 31.52 -87.01
N THR D 297 -28.56 30.98 -87.94
CA THR D 297 -28.21 29.70 -88.56
C THR D 297 -28.10 29.80 -90.09
N THR D 298 -27.46 28.81 -90.71
CA THR D 298 -27.21 28.83 -92.17
C THR D 298 -27.51 27.49 -92.83
N GLN D 299 -27.97 27.54 -94.08
CA GLN D 299 -28.23 26.34 -94.86
C GLN D 299 -27.11 25.89 -95.83
N PHE D 300 -27.12 24.62 -96.24
CA PHE D 300 -26.14 24.11 -97.23
C PHE D 300 -26.66 22.99 -98.13
N GLN D 301 -25.96 22.74 -99.25
CA GLN D 301 -26.40 21.75 -100.25
C GLN D 301 -25.45 20.56 -100.38
N ASN D 302 -24.15 20.81 -100.37
CA ASN D 302 -23.13 19.76 -100.50
C ASN D 302 -22.91 18.94 -99.23
N THR D 303 -23.06 17.64 -99.37
CA THR D 303 -23.02 16.69 -98.24
C THR D 303 -21.72 15.88 -98.21
N LEU D 304 -21.38 15.34 -97.04
CA LEU D 304 -20.22 14.48 -96.89
C LEU D 304 -20.62 13.13 -96.31
N ALA D 305 -19.85 12.08 -96.61
CA ALA D 305 -20.18 10.72 -96.20
C ALA D 305 -19.09 9.69 -96.48
N PRO D 306 -18.92 8.71 -95.57
CA PRO D 306 -19.37 8.84 -94.19
C PRO D 306 -18.31 9.61 -93.40
N ASN D 307 -17.06 9.54 -93.87
CA ASN D 307 -15.95 10.24 -93.23
C ASN D 307 -15.12 11.06 -94.21
N ALA D 308 -15.77 12.01 -94.85
CA ALA D 308 -15.09 12.96 -95.72
C ALA D 308 -15.08 14.35 -95.07
N SER D 309 -14.04 15.14 -95.32
CA SER D 309 -13.98 16.51 -94.81
C SER D 309 -14.37 17.55 -95.87
N SER D 310 -14.47 18.82 -95.46
CA SER D 310 -14.82 19.94 -96.34
C SER D 310 -14.65 21.29 -95.64
N THR D 311 -15.21 22.34 -96.24
CA THR D 311 -15.21 23.69 -95.69
C THR D 311 -16.58 24.35 -95.81
N PHE D 312 -16.94 25.18 -94.82
CA PHE D 312 -18.13 26.02 -94.91
C PHE D 312 -17.86 27.42 -94.38
N LYS D 313 -18.22 28.42 -95.17
CA LYS D 313 -18.24 29.80 -94.71
C LYS D 313 -19.62 30.09 -94.16
N SER D 314 -19.69 30.86 -93.09
CA SER D 314 -20.98 31.18 -92.47
C SER D 314 -21.64 32.31 -93.26
N ASN D 315 -22.67 32.91 -92.67
CA ASN D 315 -23.38 34.01 -93.29
C ASN D 315 -23.23 35.30 -92.51
N VAL D 316 -22.86 36.40 -93.18
CA VAL D 316 -22.68 37.67 -92.46
C VAL D 316 -23.91 38.02 -91.62
N VAL D 317 -23.71 38.19 -90.31
CA VAL D 317 -24.79 38.60 -89.41
C VAL D 317 -24.32 39.83 -88.66
N GLN D 318 -25.27 40.57 -88.10
CA GLN D 318 -24.99 41.78 -87.31
C GLN D 318 -25.51 41.61 -85.89
N LEU D 319 -24.72 42.04 -84.92
CA LEU D 319 -25.13 41.93 -83.52
C LEU D 319 -25.11 43.30 -82.88
N ASP D 320 -26.12 43.61 -82.08
CA ASP D 320 -26.30 44.96 -81.56
C ASP D 320 -25.31 45.39 -80.46
N SER D 321 -24.60 44.46 -79.84
CA SER D 321 -23.52 44.84 -78.94
C SER D 321 -22.55 43.70 -78.69
N ILE D 322 -21.38 43.97 -78.14
CA ILE D 322 -20.44 42.90 -77.97
C ILE D 322 -21.10 41.89 -77.07
N PRO D 323 -21.16 40.65 -77.51
CA PRO D 323 -21.80 39.60 -76.74
C PRO D 323 -20.91 39.19 -75.60
N ARG D 324 -21.47 38.72 -74.49
CA ARG D 324 -20.61 38.14 -73.44
C ARG D 324 -19.85 36.91 -73.89
N LYS D 325 -20.57 35.86 -74.30
CA LYS D 325 -19.95 34.63 -74.81
C LYS D 325 -20.55 34.31 -76.14
N LEU D 326 -19.93 33.41 -76.89
CA LEU D 326 -20.40 33.07 -78.23
C LEU D 326 -20.09 31.62 -78.58
N TYR D 327 -21.12 30.86 -78.93
CA TYR D 327 -21.01 29.43 -79.27
C TYR D 327 -21.02 29.21 -80.76
N LEU D 328 -20.33 28.17 -81.23
CA LEU D 328 -20.25 27.91 -82.67
C LEU D 328 -20.00 26.43 -82.97
N PHE D 329 -20.98 25.79 -83.61
CA PHE D 329 -20.87 24.35 -83.91
C PHE D 329 -21.65 23.91 -85.16
N VAL D 330 -21.18 22.85 -85.79
CA VAL D 330 -21.87 22.29 -86.95
C VAL D 330 -22.88 21.28 -86.43
N LYS D 331 -23.84 20.88 -87.27
CA LYS D 331 -24.84 19.89 -86.89
C LYS D 331 -25.56 19.28 -88.10
N GLN D 332 -26.10 18.08 -87.93
CA GLN D 332 -26.87 17.42 -88.97
C GLN D 332 -28.14 18.22 -89.24
N SER D 333 -28.32 18.61 -90.51
CA SER D 333 -29.37 19.56 -90.95
C SER D 333 -30.81 19.34 -90.42
N ASP D 334 -31.38 20.38 -89.83
CA ASP D 334 -32.75 20.31 -89.38
C ASP D 334 -33.73 20.10 -90.53
N ASN D 335 -33.49 20.82 -91.64
CA ASN D 335 -34.38 20.70 -92.80
C ASN D 335 -34.78 19.23 -93.00
N VAL D 336 -33.78 18.37 -93.23
CA VAL D 336 -33.99 16.92 -93.25
C VAL D 336 -34.12 16.42 -91.79
N ILE D 337 -34.12 15.10 -91.56
CA ILE D 337 -34.41 14.48 -90.24
C ILE D 337 -35.80 14.85 -89.70
N TYR D 338 -36.63 15.41 -90.56
CA TYR D 338 -37.95 15.79 -90.13
C TYR D 338 -39.02 15.04 -90.88
N GLN D 339 -38.78 14.85 -92.18
CA GLN D 339 -39.66 14.02 -93.00
C GLN D 339 -39.35 12.56 -92.71
N ASN D 340 -40.32 11.66 -92.85
CA ASN D 340 -39.99 10.27 -92.59
C ASN D 340 -39.49 10.11 -91.17
N LEU D 341 -40.44 10.10 -90.23
CA LEU D 341 -40.19 10.29 -88.81
C LEU D 341 -39.22 9.28 -88.21
N ASN D 342 -39.18 8.07 -88.75
CA ASN D 342 -38.44 7.01 -88.10
C ASN D 342 -37.00 7.42 -87.94
N ASN D 343 -36.44 8.09 -88.93
CA ASN D 343 -35.12 8.68 -88.78
C ASN D 343 -35.17 9.73 -87.67
N GLN D 344 -36.26 10.50 -87.65
CA GLN D 344 -36.46 11.55 -86.66
C GLN D 344 -36.50 10.99 -85.24
N ILE D 345 -37.13 9.82 -85.09
CA ILE D 345 -37.24 9.14 -83.79
C ILE D 345 -35.97 8.49 -83.30
N THR D 346 -35.26 7.82 -84.21
CA THR D 346 -34.00 7.12 -83.89
C THR D 346 -32.74 7.94 -84.13
N THR D 347 -32.85 9.13 -84.72
CA THR D 347 -31.66 9.95 -84.92
C THR D 347 -31.23 10.66 -83.65
N PRO D 348 -29.93 10.58 -83.32
CA PRO D 348 -29.43 11.05 -82.05
C PRO D 348 -29.21 12.55 -82.08
N ASP D 349 -28.38 13.07 -81.16
CA ASP D 349 -28.06 14.50 -81.12
C ASP D 349 -26.57 14.87 -80.95
N VAL D 350 -25.76 14.70 -81.99
CA VAL D 350 -24.33 14.97 -81.88
C VAL D 350 -23.75 15.81 -83.03
N PHE D 351 -22.64 16.49 -82.75
CA PHE D 351 -22.09 17.48 -83.67
C PHE D 351 -20.83 17.06 -84.37
N LEU D 352 -20.77 17.30 -85.67
CA LEU D 352 -19.58 16.94 -86.46
C LEU D 352 -18.32 17.52 -85.81
N GLN D 353 -17.18 16.84 -85.94
CA GLN D 353 -15.92 17.29 -85.30
C GLN D 353 -15.28 18.52 -85.97
N ILE D 354 -15.03 19.57 -85.19
CA ILE D 354 -14.49 20.83 -85.74
C ILE D 354 -13.00 20.72 -85.98
N ASN D 355 -12.59 20.55 -87.23
CA ASN D 355 -11.17 20.39 -87.45
C ASN D 355 -10.38 21.64 -87.16
N ASN D 356 -10.89 22.76 -87.64
CA ASN D 356 -10.34 24.05 -87.31
C ASN D 356 -11.39 25.11 -87.58
N LEU D 357 -11.28 26.25 -86.91
CA LEU D 357 -12.23 27.31 -87.15
C LEU D 357 -11.44 28.56 -87.39
N ASN D 358 -11.96 29.46 -88.21
CA ASN D 358 -11.28 30.71 -88.45
C ASN D 358 -12.34 31.79 -88.60
N LEU D 359 -12.26 32.80 -87.75
CA LEU D 359 -13.35 33.74 -87.57
C LEU D 359 -12.89 35.13 -87.89
N THR D 360 -13.67 35.87 -88.67
CA THR D 360 -13.33 37.25 -88.92
C THR D 360 -14.28 38.13 -88.16
N TRP D 361 -13.74 38.81 -87.15
CA TRP D 361 -14.51 39.73 -86.34
C TRP D 361 -14.44 41.09 -86.95
N ASN D 362 -14.92 42.09 -86.22
CA ASN D 362 -14.90 43.44 -86.73
C ASN D 362 -13.46 43.84 -86.97
N ASN D 363 -13.14 44.21 -88.20
CA ASN D 363 -11.79 44.64 -88.53
C ASN D 363 -10.70 43.59 -88.38
N GLN D 364 -11.04 42.32 -88.48
CA GLN D 364 -10.03 41.27 -88.46
C GLN D 364 -10.42 40.14 -89.37
N GLN D 365 -9.44 39.38 -89.82
CA GLN D 365 -9.74 38.17 -90.54
C GLN D 365 -8.78 37.10 -90.08
N GLY D 366 -9.21 35.86 -90.10
CA GLY D 366 -8.31 34.77 -89.77
C GLY D 366 -7.99 34.60 -88.30
N ILE D 367 -8.73 35.29 -87.43
CA ILE D 367 -8.49 35.11 -86.00
C ILE D 367 -8.59 33.63 -85.66
N LEU D 368 -7.65 33.16 -84.84
CA LEU D 368 -7.50 31.72 -84.52
C LEU D 368 -7.42 30.83 -85.79
N SER D 369 -6.66 31.27 -86.78
CA SER D 369 -6.45 30.46 -87.97
C SER D 369 -5.41 29.38 -87.70
N GLY D 370 -4.47 29.69 -86.81
CA GLY D 370 -3.38 28.78 -86.49
C GLY D 370 -3.54 28.00 -85.18
N ALA D 371 -4.75 27.90 -84.66
CA ALA D 371 -4.92 27.15 -83.43
C ALA D 371 -5.33 25.73 -83.75
N SER D 372 -4.53 24.77 -83.29
CA SER D 372 -4.81 23.37 -83.55
C SER D 372 -6.07 22.97 -82.82
N SER D 373 -6.88 22.12 -83.42
CA SER D 373 -8.24 21.95 -82.99
C SER D 373 -8.03 21.58 -81.58
N GLN D 374 -7.07 20.73 -81.38
CA GLN D 374 -6.62 20.46 -80.02
C GLN D 374 -6.58 21.75 -79.21
N ASN D 375 -5.99 22.79 -79.78
CA ASN D 375 -5.93 24.06 -79.10
C ASN D 375 -7.31 24.60 -78.78
N LEU D 376 -8.21 24.54 -79.77
CA LEU D 376 -9.60 25.01 -79.64
C LEU D 376 -10.35 24.33 -78.52
N TYR D 377 -9.78 23.27 -77.98
CA TYR D 377 -10.46 22.53 -76.95
C TYR D 377 -10.06 23.08 -75.60
N ASP D 378 -8.78 23.35 -75.39
CA ASP D 378 -8.34 23.83 -74.09
C ASP D 378 -9.08 25.09 -73.69
N PHE D 379 -9.39 25.93 -74.66
CA PHE D 379 -10.33 27.00 -74.44
C PHE D 379 -11.51 26.85 -75.39
N SER D 380 -12.69 26.73 -74.81
CA SER D 380 -12.74 26.59 -73.38
C SER D 380 -13.21 25.22 -72.98
N VAL D 381 -12.34 24.50 -72.28
CA VAL D 381 -12.74 23.53 -71.31
C VAL D 381 -12.72 24.40 -70.08
N GLN D 382 -11.98 25.49 -70.20
CA GLN D 382 -11.87 26.49 -69.16
C GLN D 382 -13.18 27.23 -68.90
N ASN D 383 -13.87 27.58 -69.97
CA ASN D 383 -15.16 28.27 -69.84
C ASN D 383 -16.21 27.40 -69.17
N GLY D 384 -16.24 26.11 -69.50
CA GLY D 384 -17.05 25.17 -68.74
C GLY D 384 -17.19 23.76 -69.24
N TYR D 385 -16.62 23.48 -70.40
CA TYR D 385 -16.98 22.32 -71.26
C TYR D 385 -17.46 21.00 -70.65
N ASN D 386 -16.72 20.49 -69.68
CA ASN D 386 -17.08 19.25 -68.93
C ASN D 386 -17.15 17.91 -69.70
N LYS D 387 -16.87 17.91 -70.99
CA LYS D 387 -16.72 16.65 -71.69
C LYS D 387 -15.22 16.33 -71.82
N THR D 388 -14.87 15.05 -71.96
CA THR D 388 -13.47 14.70 -72.02
C THR D 388 -12.98 14.87 -73.45
N TRP D 389 -11.68 15.09 -73.63
CA TRP D 389 -11.13 15.37 -74.97
C TRP D 389 -11.49 14.33 -75.95
N SER D 390 -11.43 13.07 -75.53
CA SER D 390 -11.81 11.96 -76.37
C SER D 390 -13.18 12.15 -77.05
N GLU D 391 -14.14 12.68 -76.31
CA GLU D 391 -15.45 12.93 -76.85
C GLU D 391 -15.34 13.97 -77.95
N PHE D 392 -14.54 14.98 -77.68
CA PHE D 392 -14.28 16.04 -78.63
C PHE D 392 -13.50 15.34 -79.71
N ASN D 393 -13.54 15.84 -80.94
CA ASN D 393 -12.86 15.15 -82.02
C ASN D 393 -13.36 13.71 -82.22
N GLY D 394 -14.67 13.53 -82.20
CA GLY D 394 -15.20 12.17 -82.08
C GLY D 394 -14.62 11.09 -82.97
N VAL D 395 -13.97 10.12 -82.34
CA VAL D 395 -13.63 8.80 -82.91
C VAL D 395 -13.03 7.94 -81.82
N THR D 396 -13.23 6.63 -81.88
CA THR D 396 -12.49 5.68 -81.03
C THR D 396 -12.39 4.35 -81.77
N GLN D 397 -11.19 3.79 -81.84
CA GLN D 397 -11.06 2.48 -82.43
C GLN D 397 -11.20 1.46 -81.32
N GLN D 398 -12.10 0.51 -81.48
CA GLN D 398 -12.14 -0.59 -80.55
C GLN D 398 -11.85 -1.83 -81.37
N PHE D 399 -10.70 -2.48 -81.13
CA PHE D 399 -10.43 -3.75 -81.81
C PHE D 399 -11.30 -4.86 -81.30
N ASN D 400 -11.50 -5.83 -82.18
CA ASN D 400 -12.14 -7.10 -81.87
C ASN D 400 -11.12 -8.21 -81.99
N GLY D 401 -10.89 -8.92 -80.89
CA GLY D 401 -9.84 -9.91 -80.85
C GLY D 401 -10.26 -11.28 -81.33
N VAL D 402 -10.57 -11.39 -82.61
CA VAL D 402 -10.71 -12.70 -83.21
C VAL D 402 -10.31 -12.66 -84.68
N SER D 403 -9.55 -13.65 -85.11
CA SER D 403 -9.31 -13.81 -86.53
C SER D 403 -10.60 -14.34 -87.14
N GLY D 404 -10.94 -13.86 -88.32
CA GLY D 404 -10.30 -12.70 -88.91
C GLY D 404 -11.41 -11.70 -89.14
N GLN D 405 -11.23 -10.47 -88.69
CA GLN D 405 -12.25 -9.46 -88.86
C GLN D 405 -11.60 -8.12 -89.06
N PRO D 406 -12.30 -7.19 -89.68
CA PRO D 406 -11.81 -5.81 -89.56
C PRO D 406 -12.13 -5.28 -88.17
N THR D 407 -11.18 -4.60 -87.53
CA THR D 407 -11.47 -3.85 -86.30
C THR D 407 -12.51 -2.78 -86.66
N LYS D 408 -13.20 -2.21 -85.67
CA LYS D 408 -14.19 -1.15 -86.00
C LYS D 408 -14.16 0.15 -85.20
N VAL D 409 -14.44 1.23 -85.92
CA VAL D 409 -14.44 2.57 -85.36
C VAL D 409 -15.83 2.91 -84.81
N ILE D 410 -15.86 3.84 -83.87
CA ILE D 410 -17.07 4.44 -83.34
C ILE D 410 -16.87 5.94 -83.46
N GLY D 411 -17.96 6.70 -83.47
CA GLY D 411 -17.90 8.15 -83.38
C GLY D 411 -18.70 8.57 -82.17
N LEU D 412 -18.15 9.46 -81.34
CA LEU D 412 -18.86 9.82 -80.13
C LEU D 412 -19.66 11.12 -80.21
N GLU D 413 -18.99 12.26 -80.19
CA GLU D 413 -19.69 13.52 -80.32
C GLU D 413 -18.78 14.61 -80.88
N GLY D 414 -19.38 15.62 -81.50
CA GLY D 414 -18.62 16.76 -81.98
C GLY D 414 -18.18 17.72 -80.89
N GLY D 415 -17.15 18.50 -81.20
CA GLY D 415 -16.83 19.67 -80.40
C GLY D 415 -17.89 20.75 -80.54
N ILE D 416 -18.10 21.50 -79.46
CA ILE D 416 -19.04 22.58 -79.48
C ILE D 416 -18.34 23.79 -78.82
N VAL D 417 -17.34 24.32 -79.54
CA VAL D 417 -16.45 25.40 -79.08
C VAL D 417 -17.22 26.63 -78.65
N CYS D 418 -16.60 27.46 -77.81
CA CYS D 418 -17.11 28.79 -77.52
C CYS D 418 -15.98 29.75 -77.20
N LEU D 419 -16.21 31.04 -77.47
CA LEU D 419 -15.19 32.05 -77.18
C LEU D 419 -15.80 33.18 -76.36
N GLU D 420 -15.46 33.23 -75.07
CA GLU D 420 -15.77 34.42 -74.28
C GLU D 420 -15.03 35.52 -75.03
N LEU D 421 -15.62 36.71 -75.12
CA LEU D 421 -15.12 37.72 -76.07
C LEU D 421 -13.89 38.54 -75.71
N GLY D 422 -13.89 39.19 -74.54
CA GLY D 422 -12.71 39.91 -74.08
C GLY D 422 -11.56 38.97 -73.75
N LYS D 423 -11.84 37.67 -73.67
CA LYS D 423 -10.80 36.73 -73.28
C LYS D 423 -10.11 36.01 -74.44
N ASP D 424 -10.90 35.50 -75.38
CA ASP D 424 -10.33 34.70 -76.46
C ASP D 424 -10.41 35.31 -77.87
N VAL D 425 -10.91 36.52 -77.98
CA VAL D 425 -10.92 37.19 -79.24
C VAL D 425 -9.93 38.33 -79.14
N GLY D 426 -9.84 38.92 -77.95
CA GLY D 426 -9.03 40.11 -77.76
C GLY D 426 -9.77 41.32 -78.28
N LEU D 427 -10.30 42.11 -77.36
CA LEU D 427 -11.15 43.22 -77.73
C LEU D 427 -10.36 44.51 -77.88
N ARG D 428 -10.52 45.18 -79.03
CA ARG D 428 -9.74 46.37 -79.36
C ARG D 428 -9.79 47.42 -78.26
N ASP D 429 -8.74 48.23 -78.19
CA ASP D 429 -8.56 49.21 -77.10
C ASP D 429 -9.82 50.03 -76.84
N ASP D 430 -9.99 50.49 -75.59
CA ASP D 430 -10.96 51.54 -75.27
C ASP D 430 -12.43 51.09 -75.44
N GLU D 431 -12.56 49.77 -75.51
CA GLU D 431 -13.82 49.06 -75.71
C GLU D 431 -13.80 47.80 -74.85
N ALA D 432 -14.98 47.34 -74.46
CA ALA D 432 -15.10 46.33 -73.43
C ALA D 432 -16.35 45.49 -73.67
N GLU D 433 -16.56 44.50 -72.83
CA GLU D 433 -17.64 43.54 -73.05
C GLU D 433 -19.00 44.21 -73.11
N GLY D 434 -19.24 45.24 -72.32
CA GLY D 434 -20.59 45.82 -72.29
C GLY D 434 -21.03 46.64 -73.49
N VAL D 435 -20.08 47.28 -74.17
CA VAL D 435 -20.33 48.43 -75.06
C VAL D 435 -21.24 48.29 -76.31
N ILE D 436 -22.15 49.26 -76.48
CA ILE D 436 -22.94 49.46 -77.72
C ILE D 436 -22.10 50.37 -78.61
N GLY D 437 -22.33 50.42 -79.93
CA GLY D 437 -23.46 49.82 -80.62
C GLY D 437 -23.11 48.67 -81.51
N ASN D 438 -23.29 48.86 -82.82
CA ASN D 438 -23.26 47.74 -83.76
C ASN D 438 -21.92 47.14 -84.13
N PHE D 439 -21.93 45.85 -84.41
CA PHE D 439 -20.79 45.12 -84.94
C PHE D 439 -21.32 44.06 -85.89
N ASN D 440 -20.44 43.19 -86.40
CA ASN D 440 -20.90 42.04 -87.17
C ASN D 440 -19.77 41.06 -87.44
N LEU D 441 -20.08 39.76 -87.51
CA LEU D 441 -19.06 38.73 -87.66
C LEU D 441 -19.55 37.56 -88.44
N GLN D 442 -18.66 36.89 -89.15
CA GLN D 442 -19.01 35.62 -89.78
C GLN D 442 -17.87 34.61 -89.70
N VAL D 443 -18.18 33.40 -89.25
CA VAL D 443 -17.15 32.39 -89.00
C VAL D 443 -17.07 31.38 -90.13
N GLN D 444 -15.93 31.34 -90.81
CA GLN D 444 -15.74 30.35 -91.86
C GLN D 444 -14.93 29.19 -91.28
N MET D 445 -15.52 27.98 -91.29
CA MET D 445 -14.97 26.89 -90.50
C MET D 445 -15.07 25.50 -91.14
N THR D 446 -13.92 24.82 -91.26
CA THR D 446 -13.84 23.48 -91.85
C THR D 446 -14.19 22.42 -90.82
N VAL D 447 -14.82 21.34 -91.27
CA VAL D 447 -15.33 20.36 -90.34
C VAL D 447 -15.35 18.98 -91.02
N THR D 448 -15.59 17.91 -90.27
CA THR D 448 -15.72 16.56 -90.86
C THR D 448 -16.90 15.73 -90.31
N ASN D 449 -17.48 14.90 -91.17
CA ASN D 449 -18.45 13.88 -90.77
C ASN D 449 -17.75 12.61 -90.28
N THR D 450 -18.20 12.07 -89.15
CA THR D 450 -17.50 10.97 -88.50
C THR D 450 -18.41 9.80 -88.15
N ASN D 451 -19.72 10.02 -88.28
CA ASN D 451 -20.74 8.99 -88.10
C ASN D 451 -20.64 7.99 -89.24
N GLN D 452 -20.57 6.70 -88.91
CA GLN D 452 -20.08 5.70 -89.86
C GLN D 452 -21.06 5.09 -90.87
N TYR D 453 -22.34 5.44 -90.79
CA TYR D 453 -23.31 4.89 -91.74
C TYR D 453 -24.00 5.94 -92.61
N VAL D 454 -24.48 7.02 -92.01
CA VAL D 454 -25.36 7.95 -92.72
C VAL D 454 -24.59 9.04 -93.48
N THR D 455 -25.24 9.62 -94.49
CA THR D 455 -24.70 10.74 -95.25
C THR D 455 -25.24 12.07 -94.69
N VAL D 456 -24.37 12.79 -94.00
CA VAL D 456 -24.79 13.91 -93.18
C VAL D 456 -24.71 15.23 -93.92
N THR D 457 -25.87 15.78 -94.27
CA THR D 457 -25.94 17.15 -94.76
C THR D 457 -25.85 18.10 -93.55
N PRO D 458 -24.95 19.09 -93.61
CA PRO D 458 -24.71 19.91 -92.45
C PRO D 458 -25.42 21.25 -92.46
N ASP D 459 -25.23 21.97 -91.37
CA ASP D 459 -25.74 23.32 -91.16
C ASP D 459 -24.77 23.95 -90.15
N MET D 460 -24.83 25.26 -89.93
CA MET D 460 -24.03 25.87 -88.88
C MET D 460 -24.93 26.64 -87.95
N TYR D 461 -24.51 26.79 -86.71
CA TYR D 461 -25.24 27.60 -85.73
C TYR D 461 -24.32 28.63 -85.12
N ILE D 462 -24.88 29.55 -84.34
CA ILE D 462 -24.08 30.55 -83.62
C ILE D 462 -24.92 31.17 -82.50
N VAL D 463 -24.81 30.63 -81.30
CA VAL D 463 -25.63 31.11 -80.19
C VAL D 463 -24.92 32.22 -79.42
N ALA D 464 -25.43 33.45 -79.52
CA ALA D 464 -24.84 34.60 -78.83
C ALA D 464 -25.52 34.89 -77.48
N VAL D 465 -24.75 35.37 -76.49
CA VAL D 465 -25.34 35.72 -75.19
C VAL D 465 -24.99 37.12 -74.71
N TYR D 466 -25.90 38.07 -74.92
CA TYR D 466 -25.67 39.46 -74.54
C TYR D 466 -25.82 39.66 -73.04
N ASP D 467 -25.17 40.70 -72.52
CA ASP D 467 -25.23 41.10 -71.10
C ASP D 467 -25.97 42.41 -70.92
N GLY D 468 -27.09 42.38 -70.22
CA GLY D 468 -27.88 43.59 -70.02
C GLY D 468 -28.32 43.75 -68.59
N THR D 469 -28.63 44.98 -68.20
CA THR D 469 -29.14 45.25 -66.87
C THR D 469 -30.56 45.82 -66.95
N LEU D 470 -31.55 45.04 -66.54
CA LEU D 470 -32.94 45.50 -66.61
C LEU D 470 -33.52 45.87 -65.25
N VAL D 471 -34.28 46.96 -65.22
CA VAL D 471 -34.88 47.47 -64.01
C VAL D 471 -36.34 47.09 -64.01
N ILE D 472 -36.79 46.50 -62.91
CA ILE D 472 -38.23 46.29 -62.74
C ILE D 472 -38.74 47.24 -61.67
N SER D 473 -39.62 48.16 -62.07
CA SER D 473 -40.33 49.02 -61.13
C SER D 473 -41.84 48.84 -61.24
N ASN D 474 -42.57 49.58 -60.42
CA ASN D 474 -44.01 49.43 -60.48
C ASN D 474 -44.77 50.73 -60.79
N THR D 475 -45.35 50.82 -61.98
CA THR D 475 -45.18 49.80 -63.00
C THR D 475 -44.35 50.33 -64.17
N SER D 476 -43.25 49.63 -64.41
CA SER D 476 -42.32 49.91 -65.51
C SER D 476 -41.57 48.62 -65.77
N ALA D 477 -40.92 48.54 -66.93
CA ALA D 477 -40.05 47.41 -67.17
C ALA D 477 -38.90 47.82 -68.09
N MET D 478 -38.11 48.79 -67.63
CA MET D 478 -36.95 49.21 -68.40
C MET D 478 -35.96 48.09 -68.62
N ALA D 479 -35.33 48.09 -69.79
CA ALA D 479 -34.26 47.15 -70.12
C ALA D 479 -33.22 47.86 -70.95
N SER D 480 -31.94 47.59 -70.70
CA SER D 480 -30.88 48.25 -71.45
C SER D 480 -29.77 47.28 -71.84
N ILE D 481 -29.28 47.43 -73.07
CA ILE D 481 -28.06 46.75 -73.51
C ILE D 481 -27.04 47.83 -73.85
N GLY D 482 -25.77 47.52 -73.64
CA GLY D 482 -24.71 48.50 -73.83
C GLY D 482 -24.83 49.61 -72.81
N VAL D 483 -24.82 49.23 -71.53
CA VAL D 483 -24.96 50.20 -70.44
C VAL D 483 -23.71 51.04 -70.26
N ALA D 484 -22.54 50.43 -70.47
CA ALA D 484 -21.27 51.16 -70.43
C ALA D 484 -21.13 52.14 -71.61
N SER D 485 -20.31 53.18 -71.42
CA SER D 485 -19.96 54.11 -72.52
C SER D 485 -18.46 54.11 -72.80
N LYS D 486 -18.10 54.57 -73.99
CA LYS D 486 -16.73 54.50 -74.49
C LYS D 486 -15.72 55.16 -73.57
N GLU D 487 -16.02 56.37 -73.13
CA GLU D 487 -15.19 57.13 -72.19
C GLU D 487 -15.03 56.45 -70.84
N GLU D 488 -16.06 55.71 -70.43
CA GLU D 488 -16.06 55.04 -69.13
C GLU D 488 -15.23 53.78 -69.15
N VAL D 489 -15.10 53.14 -70.31
CA VAL D 489 -14.35 51.89 -70.45
C VAL D 489 -12.85 52.16 -70.58
N LEU D 490 -12.50 53.24 -71.28
CA LEU D 490 -11.19 53.84 -71.13
C LEU D 490 -11.13 54.23 -69.68
N ASN D 491 -9.93 54.20 -69.09
CA ASN D 491 -9.71 54.64 -67.71
C ASN D 491 -10.85 54.38 -66.72
N ALA D 492 -11.32 53.15 -66.71
CA ALA D 492 -12.07 52.64 -65.58
C ALA D 492 -11.00 52.20 -64.61
N ARG D 493 -11.11 52.63 -63.35
CA ARG D 493 -10.11 52.26 -62.36
C ARG D 493 -10.26 50.77 -62.01
N ILE D 494 -9.13 50.06 -62.01
CA ILE D 494 -9.11 48.59 -61.78
C ILE D 494 -9.10 48.24 -60.29
N THR D 495 -9.36 46.98 -59.98
CA THR D 495 -9.38 46.53 -58.61
C THR D 495 -8.57 45.26 -58.51
N HIS D 496 -7.79 45.13 -57.45
CA HIS D 496 -7.17 43.84 -57.14
C HIS D 496 -8.12 42.99 -56.34
N GLY D 497 -9.14 43.65 -55.77
CA GLY D 497 -10.16 43.03 -54.91
C GLY D 497 -10.81 41.75 -55.41
N VAL D 498 -11.73 41.86 -56.38
CA VAL D 498 -12.35 40.67 -57.01
C VAL D 498 -11.42 40.04 -58.06
N SER D 499 -11.72 38.80 -58.44
CA SER D 499 -10.91 38.09 -59.42
C SER D 499 -11.78 37.24 -60.33
N TYR D 500 -11.24 36.89 -61.50
CA TYR D 500 -12.00 36.35 -62.62
C TYR D 500 -12.86 35.15 -62.29
N ASN D 501 -12.57 34.42 -61.23
CA ASN D 501 -13.43 33.32 -60.81
C ASN D 501 -14.84 33.73 -60.34
N GLU D 502 -14.84 34.74 -59.50
CA GLU D 502 -16.07 35.22 -58.89
C GLU D 502 -16.93 35.68 -60.02
N LEU D 503 -16.29 36.29 -61.02
CA LEU D 503 -16.98 36.74 -62.21
C LEU D 503 -17.57 35.51 -62.86
N GLN D 504 -16.84 34.40 -62.80
CA GLN D 504 -17.28 33.19 -63.45
C GLN D 504 -18.62 32.75 -62.91
N ARG D 505 -18.80 32.96 -61.60
CA ARG D 505 -19.96 32.47 -60.86
C ARG D 505 -21.32 32.99 -61.29
N ILE D 506 -21.39 34.26 -61.70
CA ILE D 506 -22.66 34.95 -61.83
C ILE D 506 -23.58 34.22 -62.80
N TYR D 507 -23.03 33.71 -63.88
CA TYR D 507 -23.80 32.84 -64.76
C TYR D 507 -23.14 31.48 -64.74
N GLY D 508 -23.92 30.41 -64.82
CA GLY D 508 -25.33 30.43 -65.18
C GLY D 508 -25.38 30.03 -66.64
N MET E 1 27.19 31.56 -21.57
CA MET E 1 26.82 30.88 -20.29
C MET E 1 25.48 31.42 -19.79
N SER E 2 25.43 32.74 -19.64
CA SER E 2 24.18 33.47 -19.53
C SER E 2 23.61 33.53 -20.93
N ASN E 3 22.37 34.00 -21.07
CA ASN E 3 21.73 34.03 -22.37
C ASN E 3 20.76 32.89 -22.53
N SER E 4 20.79 31.93 -21.60
CA SER E 4 19.78 30.89 -21.60
C SER E 4 18.89 31.09 -20.39
N ALA E 5 17.63 31.46 -20.61
CA ALA E 5 16.71 31.56 -19.48
C ALA E 5 17.42 32.42 -18.47
N ILE E 6 17.50 31.92 -17.25
CA ILE E 6 18.24 32.60 -16.20
C ILE E 6 19.68 32.72 -16.60
N PRO E 7 20.34 33.82 -16.26
CA PRO E 7 21.79 33.81 -16.44
C PRO E 7 22.50 33.03 -15.34
N LEU E 8 23.62 32.38 -15.66
CA LEU E 8 24.39 31.61 -14.68
C LEU E 8 25.87 31.93 -14.80
N ASN E 9 26.57 32.00 -13.67
CA ASN E 9 28.01 32.22 -13.70
C ASN E 9 28.69 31.21 -14.62
N VAL E 10 29.78 31.65 -15.24
CA VAL E 10 30.60 30.83 -16.13
C VAL E 10 31.88 30.41 -15.42
N VAL E 11 32.27 29.14 -15.57
CA VAL E 11 33.59 28.73 -15.06
C VAL E 11 34.19 27.69 -16.00
N ALA E 12 35.51 27.57 -16.00
CA ALA E 12 36.17 26.60 -16.86
C ALA E 12 36.98 25.56 -16.07
N VAL E 13 37.13 24.37 -16.64
CA VAL E 13 37.92 23.29 -16.04
C VAL E 13 38.95 22.77 -17.03
N GLN E 14 39.90 21.97 -16.55
CA GLN E 14 40.97 21.42 -17.37
C GLN E 14 40.88 19.90 -17.51
N GLU E 15 40.73 19.40 -18.74
CA GLU E 15 40.83 17.95 -19.02
C GLU E 15 42.02 17.38 -18.25
N PRO E 16 41.87 16.20 -17.60
CA PRO E 16 42.83 15.84 -16.56
C PRO E 16 44.26 15.70 -17.05
N ARG E 17 44.47 15.13 -18.23
CA ARG E 17 45.81 14.95 -18.77
C ARG E 17 46.71 16.18 -18.67
N LEU E 18 46.11 17.36 -18.59
CA LEU E 18 46.87 18.60 -18.47
C LEU E 18 46.25 19.52 -17.47
N GLU E 19 46.89 19.65 -16.32
CA GLU E 19 46.56 20.74 -15.39
C GLU E 19 46.99 22.08 -16.02
N LEU E 20 48.28 22.25 -16.31
CA LEU E 20 49.33 21.37 -15.80
C LEU E 20 49.84 22.15 -14.63
N ASN E 21 49.77 23.46 -14.77
CA ASN E 21 50.16 24.37 -13.73
C ASN E 21 49.04 24.54 -12.76
N ASN E 22 49.32 24.22 -11.51
CA ASN E 22 48.54 24.57 -10.37
C ASN E 22 49.57 24.49 -9.27
N GLU E 23 49.35 25.12 -8.13
CA GLU E 23 50.38 25.10 -7.10
C GLU E 23 50.53 23.70 -6.56
N ARG E 24 51.77 23.21 -6.63
CA ARG E 24 52.16 21.90 -6.13
C ARG E 24 52.72 22.06 -4.72
N THR E 25 52.26 21.23 -3.79
CA THR E 25 52.69 21.37 -2.40
C THR E 25 53.28 20.09 -1.90
N TRP E 26 54.46 20.16 -1.28
CA TRP E 26 55.08 18.96 -0.71
C TRP E 26 54.65 18.77 0.72
N VAL E 27 54.11 17.59 1.05
CA VAL E 27 53.49 17.35 2.36
C VAL E 27 54.13 16.22 3.14
N VAL E 28 54.56 16.52 4.37
CA VAL E 28 55.25 15.58 5.27
C VAL E 28 54.29 14.96 6.29
N VAL E 29 54.28 13.64 6.40
CA VAL E 29 53.25 13.00 7.23
C VAL E 29 53.76 12.60 8.62
N LYS E 30 53.43 13.43 9.61
CA LYS E 30 53.89 13.24 10.99
C LYS E 30 53.12 12.12 11.67
N GLY E 31 53.83 11.33 12.47
CA GLY E 31 53.23 10.25 13.24
C GLY E 31 54.10 9.91 14.45
N GLY E 32 53.51 10.00 15.64
CA GLY E 32 54.25 9.88 16.92
C GLY E 32 55.02 8.58 17.06
N GLN E 33 56.22 8.66 17.64
CA GLN E 33 57.06 7.47 17.81
C GLN E 33 56.35 6.33 18.54
N GLN E 34 56.84 5.10 18.34
CA GLN E 34 56.47 3.99 19.21
C GLN E 34 55.05 3.48 19.02
N VAL E 35 54.73 3.01 17.82
CA VAL E 35 53.49 2.26 17.61
C VAL E 35 53.79 0.82 17.97
N THR E 36 53.12 0.27 18.98
CA THR E 36 53.44 -1.08 19.46
C THR E 36 52.18 -1.86 19.66
N TYR E 37 52.25 -3.16 19.48
CA TYR E 37 51.11 -4.03 19.78
C TYR E 37 51.37 -4.82 21.03
N TYR E 38 50.42 -4.75 21.94
CA TYR E 38 50.53 -5.43 23.22
C TYR E 38 49.41 -6.45 23.33
N PRO E 39 49.75 -7.75 23.44
CA PRO E 39 48.70 -8.75 23.60
C PRO E 39 48.41 -9.09 25.06
N PHE E 40 47.19 -8.83 25.54
CA PHE E 40 46.79 -9.27 26.88
C PHE E 40 46.17 -10.64 26.90
N PRO E 41 46.61 -11.49 27.83
CA PRO E 41 45.97 -12.78 27.93
C PRO E 41 44.71 -12.60 28.75
N SER E 42 43.78 -13.54 28.65
CA SER E 42 42.54 -13.44 29.39
C SER E 42 42.79 -13.72 30.84
N THR E 43 42.23 -12.88 31.71
CA THR E 43 42.23 -13.21 33.12
C THR E 43 40.91 -13.90 33.39
N SER E 44 40.95 -15.09 33.98
CA SER E 44 39.72 -15.80 34.38
C SER E 44 38.70 -16.20 33.30
N PHE E 45 39.17 -16.70 32.18
CA PHE E 45 38.27 -17.23 31.14
C PHE E 45 37.56 -18.51 31.56
N SER E 46 36.37 -18.75 30.99
CA SER E 46 35.57 -19.96 31.25
C SER E 46 34.85 -20.44 29.99
N SER E 47 34.37 -21.69 30.00
CA SER E 47 33.77 -22.26 28.79
C SER E 47 32.71 -21.33 28.20
N ASN E 48 31.82 -20.84 29.04
CA ASN E 48 30.76 -19.97 28.58
C ASN E 48 31.04 -18.47 28.74
N GLN E 49 32.22 -18.07 29.24
CA GLN E 49 32.51 -16.64 29.35
C GLN E 49 33.99 -16.26 29.48
N PHE E 50 34.40 -15.15 28.87
CA PHE E 50 35.78 -14.62 28.98
C PHE E 50 35.83 -13.22 29.58
N ASN E 51 36.99 -12.82 30.10
CA ASN E 51 37.20 -11.49 30.71
C ASN E 51 38.59 -10.94 30.46
N PHE E 52 38.70 -9.66 30.15
CA PHE E 52 40.01 -9.04 30.08
C PHE E 52 40.01 -7.78 30.91
N ILE E 53 41.21 -7.32 31.26
CA ILE E 53 41.39 -6.03 31.91
C ILE E 53 42.75 -5.48 31.51
N CYS E 54 42.72 -4.48 30.64
CA CYS E 54 43.91 -3.98 30.00
C CYS E 54 44.06 -2.52 30.26
N ASN E 55 45.20 -2.11 30.77
CA ASN E 55 45.41 -0.72 30.99
C ASN E 55 46.42 -0.21 29.99
N PRO E 56 46.09 0.91 29.38
CA PRO E 56 47.01 1.53 28.46
C PRO E 56 48.21 1.75 29.32
N PRO E 57 49.40 1.59 28.80
CA PRO E 57 50.56 1.60 29.67
C PRO E 57 50.67 2.89 30.44
N SER E 58 50.41 4.02 29.80
CA SER E 58 50.51 5.29 30.51
C SER E 58 49.41 6.25 30.13
N ALA E 59 49.04 7.17 31.02
CA ALA E 59 48.13 8.23 30.59
C ALA E 59 48.84 9.09 29.54
N GLN E 60 48.12 9.37 28.45
CA GLN E 60 48.55 10.26 27.36
C GLN E 60 49.11 9.51 26.11
N THR E 61 48.99 8.19 26.09
CA THR E 61 49.29 7.46 24.88
C THR E 61 47.99 7.01 24.23
N VAL E 62 47.69 7.52 23.04
CA VAL E 62 46.46 7.18 22.31
C VAL E 62 46.36 5.71 21.86
N LEU E 63 45.25 5.07 22.18
CA LEU E 63 45.03 3.69 21.82
C LEU E 63 44.19 3.68 20.57
N ASP E 64 44.61 2.94 19.56
CA ASP E 64 43.86 2.89 18.29
C ASP E 64 42.51 2.19 18.45
N ARG E 65 41.70 2.24 17.40
CA ARG E 65 40.30 1.84 17.51
C ARG E 65 40.00 0.38 17.21
N LEU E 66 40.66 -0.20 16.21
CA LEU E 66 40.41 -1.60 15.84
C LEU E 66 41.05 -2.54 16.88
N VAL E 67 40.25 -3.44 17.43
CA VAL E 67 40.73 -4.40 18.42
C VAL E 67 40.22 -5.73 17.94
N PHE E 68 40.76 -6.84 18.46
CA PHE E 68 40.14 -8.17 18.24
C PHE E 68 40.66 -9.20 19.19
N ILE E 69 40.04 -10.37 19.18
CA ILE E 69 40.34 -11.41 20.15
C ILE E 69 40.51 -12.76 19.46
N GLN E 70 41.63 -13.42 19.68
CA GLN E 70 41.81 -14.74 19.09
C GLN E 70 41.55 -15.81 20.12
N VAL E 71 40.76 -16.81 19.76
CA VAL E 71 40.37 -17.84 20.72
C VAL E 71 40.57 -19.26 20.17
N PRO E 72 41.53 -20.01 20.72
CA PRO E 72 41.74 -21.36 20.22
C PRO E 72 40.66 -22.25 20.75
N TYR E 73 40.22 -23.22 19.96
CA TYR E 73 39.11 -24.09 20.35
C TYR E 73 39.45 -25.58 20.17
N ASP E 74 38.41 -26.38 20.15
CA ASP E 74 38.46 -27.78 19.79
C ASP E 74 37.03 -28.24 19.56
N ILE E 75 36.87 -29.43 19.00
CA ILE E 75 35.56 -30.11 18.96
C ILE E 75 35.69 -31.63 18.78
N THR E 76 34.67 -32.35 19.22
CA THR E 76 34.52 -33.77 18.87
C THR E 76 33.06 -34.02 18.49
N PHE E 77 32.84 -34.66 17.36
CA PHE E 77 31.51 -35.10 16.96
C PHE E 77 31.39 -36.59 17.22
N THR E 78 30.16 -37.10 17.28
CA THR E 78 29.97 -38.54 17.51
C THR E 78 28.77 -39.12 16.75
N ALA E 79 28.96 -40.27 16.10
CA ALA E 79 27.83 -40.92 15.43
C ALA E 79 26.81 -41.43 16.45
N ASN E 80 25.53 -41.17 16.20
CA ASN E 80 24.45 -41.67 17.06
C ASN E 80 23.61 -42.74 16.40
N PRO E 81 23.21 -43.77 17.17
CA PRO E 81 22.17 -44.70 16.69
C PRO E 81 20.85 -43.95 16.49
N SER E 82 20.07 -44.29 15.46
CA SER E 82 20.39 -45.39 14.55
C SER E 82 20.23 -44.98 13.09
N HIS E 83 20.75 -43.80 12.77
CA HIS E 83 20.51 -43.22 11.48
C HIS E 83 20.92 -44.39 10.64
N ALA E 84 20.15 -44.67 9.61
CA ALA E 84 19.80 -46.01 9.23
C ALA E 84 21.07 -46.77 8.98
N GLY E 85 22.01 -46.11 8.33
CA GLY E 85 23.37 -46.58 8.29
C GLY E 85 24.23 -45.37 8.06
N ILE E 86 25.48 -45.42 8.47
CA ILE E 86 26.42 -44.41 8.05
C ILE E 86 27.50 -45.11 7.29
N THR E 87 27.74 -44.62 6.08
CA THR E 87 28.87 -45.07 5.29
C THR E 87 29.67 -43.84 4.96
N GLU E 88 30.95 -43.87 5.21
CA GLU E 88 31.77 -42.69 4.97
C GLU E 88 31.91 -41.86 6.23
N ASN E 89 32.91 -41.00 6.22
CA ASN E 89 33.31 -40.25 7.39
C ASN E 89 32.30 -39.15 7.66
N LEU E 90 32.07 -38.81 8.94
CA LEU E 90 31.01 -37.86 9.29
C LEU E 90 31.13 -36.56 8.52
N LEU E 91 32.29 -35.94 8.57
CA LEU E 91 32.50 -34.72 7.81
C LEU E 91 32.68 -35.03 6.35
N GLN E 92 32.15 -34.17 5.49
CA GLN E 92 32.17 -34.38 4.04
C GLN E 92 32.89 -33.22 3.35
N PRO E 93 33.21 -33.37 2.06
CA PRO E 93 33.92 -32.28 1.38
C PRO E 93 33.12 -30.99 1.29
N GLY E 94 31.90 -31.07 0.75
CA GLY E 94 31.11 -29.87 0.53
C GLY E 94 29.97 -29.74 1.51
N ARG E 95 30.01 -30.52 2.60
CA ARG E 95 28.90 -30.49 3.52
C ARG E 95 29.06 -29.51 4.66
N ASP E 96 30.18 -29.52 5.38
CA ASP E 96 30.23 -28.67 6.58
C ASP E 96 31.45 -27.92 7.10
N ALA E 97 31.22 -26.64 7.41
CA ALA E 97 32.16 -25.72 8.08
C ALA E 97 31.40 -24.74 8.96
N PHE E 98 32.13 -23.92 9.74
CA PHE E 98 31.54 -22.95 10.72
C PHE E 98 30.36 -22.13 10.23
N ARG E 99 29.53 -21.65 11.15
CA ARG E 99 28.55 -20.60 10.82
C ARG E 99 29.30 -19.27 10.74
N ALA E 100 28.78 -18.30 10.00
CA ALA E 100 29.42 -17.00 9.89
C ALA E 100 28.63 -15.93 10.62
N PHE E 101 29.23 -15.16 11.54
CA PHE E 101 30.62 -15.29 11.98
C PHE E 101 30.54 -16.08 13.26
N PRO E 102 31.49 -17.00 13.48
CA PRO E 102 31.22 -18.10 14.43
C PRO E 102 31.20 -17.70 15.90
N ILE E 103 32.18 -16.92 16.35
CA ILE E 103 32.27 -16.62 17.77
C ILE E 103 31.11 -15.75 18.24
N SER E 104 30.75 -14.73 17.45
CA SER E 104 29.76 -13.76 17.90
C SER E 104 28.33 -14.27 17.77
N SER E 105 28.09 -15.15 16.81
CA SER E 105 26.78 -15.79 16.65
C SER E 105 26.44 -16.71 17.84
N ILE E 106 27.42 -16.96 18.69
CA ILE E 106 27.21 -17.69 19.93
C ILE E 106 27.14 -16.74 21.15
N THR E 107 27.86 -15.62 21.08
CA THR E 107 27.88 -14.60 22.13
C THR E 107 26.49 -14.18 22.52
N ASN E 108 26.22 -14.18 23.81
CA ASN E 108 24.97 -13.64 24.33
C ASN E 108 25.01 -12.13 24.21
N THR E 109 25.82 -11.54 25.08
CA THR E 109 26.09 -10.11 25.06
C THR E 109 27.59 -9.89 25.26
N LEU E 110 28.07 -8.76 24.75
CA LEU E 110 29.45 -8.33 24.94
C LEU E 110 29.45 -6.97 25.62
N ASN E 111 29.89 -6.94 26.86
CA ASN E 111 30.01 -5.67 27.52
C ASN E 111 31.46 -5.20 27.64
N ALA E 112 31.71 -3.95 27.30
CA ALA E 112 33.01 -3.35 27.54
C ALA E 112 32.80 -2.12 28.41
N THR E 113 33.76 -1.80 29.28
CA THR E 113 33.68 -0.56 30.08
C THR E 113 34.93 0.28 29.90
N ILE E 114 34.76 1.55 29.60
CA ILE E 114 35.88 2.43 29.24
C ILE E 114 36.01 3.59 30.20
N ASN E 115 37.16 3.69 30.87
CA ASN E 115 37.43 4.76 31.82
C ASN E 115 36.44 4.79 32.99
N GLY E 116 35.85 3.63 33.27
CA GLY E 116 34.92 3.48 34.40
C GLY E 116 33.44 3.56 34.09
N PHE E 117 33.08 3.70 32.82
CA PHE E 117 31.68 3.81 32.41
C PHE E 117 31.35 2.75 31.36
N PRO E 118 30.23 2.03 31.53
CA PRO E 118 30.01 0.85 30.69
C PRO E 118 29.23 1.14 29.41
N VAL E 119 29.48 0.35 28.36
CA VAL E 119 28.82 0.50 27.06
C VAL E 119 28.57 -0.87 26.45
N ASN E 120 27.32 -1.27 26.27
CA ASN E 120 27.12 -2.64 25.83
C ASN E 120 26.30 -2.82 24.56
N ILE E 121 26.55 -3.92 23.85
CA ILE E 121 25.75 -4.32 22.69
C ILE E 121 25.00 -5.60 23.03
N GLU E 122 24.18 -6.08 22.11
CA GLU E 122 23.64 -7.44 22.21
C GLU E 122 23.99 -8.20 20.92
N LEU E 123 25.09 -8.92 20.94
CA LEU E 123 25.69 -9.40 19.70
C LEU E 123 24.94 -10.54 19.01
N ALA E 124 24.48 -11.52 19.76
CA ALA E 124 23.82 -12.70 19.17
C ALA E 124 22.79 -12.33 18.12
N GLN E 125 21.91 -11.40 18.48
CA GLN E 125 20.75 -11.04 17.67
C GLN E 125 21.04 -10.09 16.50
N ILE E 126 21.75 -9.02 16.79
CA ILE E 126 22.04 -8.00 15.82
C ILE E 126 22.89 -8.37 14.62
N ILE E 127 23.90 -9.20 14.79
CA ILE E 127 24.95 -9.32 13.79
C ILE E 127 24.53 -9.78 12.41
N HIS E 128 23.72 -10.82 12.31
CA HIS E 128 23.37 -11.32 11.00
C HIS E 128 22.60 -10.28 10.23
N ALA E 129 21.74 -9.56 10.93
CA ALA E 129 20.99 -8.49 10.31
C ALA E 129 21.91 -7.28 10.04
N LEU E 130 22.78 -6.96 10.99
CA LEU E 130 23.70 -5.83 10.82
C LEU E 130 24.75 -6.13 9.76
N SER E 131 25.09 -7.40 9.58
CA SER E 131 26.16 -7.79 8.70
C SER E 131 25.99 -7.48 7.22
N ARG E 132 24.75 -7.47 6.73
CA ARG E 132 24.52 -7.19 5.29
C ARG E 132 24.76 -5.75 4.88
N TYR E 133 24.46 -4.82 5.79
CA TYR E 133 24.91 -3.46 5.66
C TYR E 133 26.28 -3.33 6.28
N HIS E 134 27.20 -2.60 5.68
CA HIS E 134 27.04 -2.11 4.35
C HIS E 134 28.43 -2.24 3.85
N THR E 135 28.79 -3.50 3.70
CA THR E 135 30.12 -3.91 3.30
C THR E 135 30.14 -3.96 1.77
N PRO E 136 30.79 -2.98 1.12
CA PRO E 136 31.05 -3.15 -0.31
C PRO E 136 31.92 -4.39 -0.51
N LEU E 137 32.07 -4.86 -1.73
CA LEU E 137 32.92 -6.04 -1.95
C LEU E 137 34.32 -5.83 -1.37
N LYS E 138 34.95 -4.70 -1.70
CA LYS E 138 36.28 -4.39 -1.22
C LYS E 138 36.43 -4.59 0.29
N VAL E 139 35.40 -4.25 1.05
CA VAL E 139 35.46 -4.33 2.51
C VAL E 139 35.06 -5.69 3.11
N LYS E 140 34.35 -6.52 2.35
CA LYS E 140 34.16 -7.88 2.83
C LYS E 140 35.48 -8.62 2.68
N ASN E 141 36.32 -8.18 1.75
CA ASN E 141 37.68 -8.71 1.61
C ASN E 141 38.69 -8.04 2.54
N GLY E 142 38.24 -7.02 3.27
CA GLY E 142 39.09 -6.22 4.15
C GLY E 142 39.27 -6.87 5.50
N TRP E 143 38.88 -6.19 6.56
CA TRP E 143 39.03 -6.76 7.87
C TRP E 143 38.08 -7.88 8.10
N MET E 144 36.87 -7.76 7.57
CA MET E 144 35.91 -8.85 7.59
C MET E 144 36.59 -10.17 7.35
N SER E 145 37.66 -10.15 6.58
CA SER E 145 38.29 -11.37 6.14
C SER E 145 38.64 -12.38 7.23
N MET E 146 39.04 -11.91 8.41
CA MET E 146 39.58 -12.81 9.45
C MET E 146 38.68 -13.99 9.90
N GLN E 147 37.42 -13.74 10.25
CA GLN E 147 36.47 -14.85 10.53
C GLN E 147 35.80 -15.27 9.24
N PRO E 148 35.20 -16.47 9.20
CA PRO E 148 34.40 -16.83 8.02
C PRO E 148 33.32 -15.77 7.78
N SER E 149 32.97 -15.50 6.53
CA SER E 149 32.17 -14.32 6.21
C SER E 149 31.05 -14.46 5.18
N PHE E 150 31.02 -15.59 4.46
CA PHE E 150 30.01 -15.81 3.44
C PHE E 150 28.61 -15.97 4.08
N GLU E 151 27.76 -14.98 3.85
CA GLU E 151 26.41 -14.96 4.41
C GLU E 151 25.52 -16.00 3.77
N ASP E 152 24.65 -16.62 4.56
CA ASP E 152 23.86 -17.71 4.05
C ASP E 152 22.74 -17.25 3.11
N ASN E 153 23.02 -17.32 1.81
CA ASN E 153 22.07 -16.96 0.76
C ASN E 153 20.91 -17.94 0.59
N TYR E 154 21.14 -19.22 0.90
CA TYR E 154 20.14 -20.26 0.72
C TYR E 154 19.22 -20.44 1.90
N GLN E 155 17.97 -20.77 1.58
CA GLN E 155 16.91 -20.85 2.58
C GLN E 155 16.88 -22.20 3.29
N SER E 156 17.46 -23.22 2.67
CA SER E 156 17.65 -24.50 3.32
C SER E 156 18.88 -25.11 2.69
N TYR E 157 19.88 -25.41 3.51
CA TYR E 157 21.16 -25.95 3.02
C TYR E 157 21.03 -27.11 2.05
N ARG E 158 20.03 -27.96 2.27
CA ARG E 158 19.88 -29.20 1.52
C ARG E 158 19.97 -28.92 0.03
N ASP E 159 19.33 -27.85 -0.43
CA ASP E 159 19.27 -27.53 -1.85
C ASP E 159 20.57 -26.93 -2.38
N ALA E 160 21.37 -26.35 -1.48
CA ALA E 160 22.62 -25.69 -1.89
C ALA E 160 23.43 -26.61 -2.79
N ASP E 161 23.72 -27.82 -2.30
CA ASP E 161 24.48 -28.84 -3.02
C ASP E 161 23.82 -29.25 -4.36
N GLY E 162 24.63 -29.38 -5.42
CA GLY E 162 26.06 -29.05 -5.38
C GLY E 162 26.29 -27.88 -6.30
N ALA E 163 26.57 -26.71 -5.71
CA ALA E 163 26.53 -25.45 -6.45
C ALA E 163 27.83 -24.66 -6.35
N ASN E 164 27.94 -23.62 -7.18
CA ASN E 164 29.14 -22.77 -7.20
C ASN E 164 29.19 -21.69 -6.15
N ASN E 165 28.05 -21.35 -5.57
CA ASN E 165 28.07 -20.42 -4.47
C ASN E 165 27.42 -21.03 -3.23
N ASN E 166 27.44 -22.36 -3.17
CA ASN E 166 27.16 -23.12 -1.95
C ASN E 166 27.91 -22.49 -0.77
N PRO E 167 27.17 -21.99 0.24
CA PRO E 167 27.72 -21.16 1.32
C PRO E 167 28.82 -21.84 2.15
N LEU E 168 28.80 -23.16 2.22
CA LEU E 168 29.84 -23.91 2.93
C LEU E 168 30.53 -24.86 1.99
N GLY E 169 31.55 -24.38 1.28
CA GLY E 169 32.26 -25.24 0.34
C GLY E 169 33.77 -25.12 0.43
N VAL E 170 34.48 -26.04 -0.24
CA VAL E 170 35.95 -26.02 -0.27
C VAL E 170 36.48 -24.73 -0.92
N PHE E 171 37.73 -24.35 -0.62
CA PHE E 171 38.29 -23.11 -1.18
C PHE E 171 38.25 -23.10 -2.69
N THR E 172 38.56 -24.22 -3.32
CA THR E 172 38.39 -24.28 -4.76
C THR E 172 36.90 -24.11 -5.01
N SER E 173 36.55 -23.57 -6.16
CA SER E 173 35.16 -23.32 -6.51
C SER E 173 34.77 -21.87 -6.23
N ALA E 174 35.59 -21.18 -5.45
CA ALA E 174 35.45 -19.75 -5.37
C ALA E 174 35.93 -19.25 -6.70
N ALA E 175 35.29 -18.25 -7.27
CA ALA E 175 35.85 -17.65 -8.49
C ALA E 175 36.89 -16.56 -8.10
N GLY E 176 37.93 -16.40 -8.92
CA GLY E 176 39.08 -15.52 -8.60
C GLY E 176 38.79 -14.08 -8.17
N LEU E 177 39.39 -13.67 -7.06
CA LEU E 177 39.19 -12.35 -6.43
C LEU E 177 37.72 -12.10 -6.08
N SER E 178 37.20 -12.90 -5.15
CA SER E 178 35.83 -12.77 -4.63
C SER E 178 35.78 -13.27 -3.18
N GLU E 179 34.58 -13.41 -2.64
CA GLU E 179 34.42 -13.99 -1.32
C GLU E 179 34.48 -15.50 -1.45
N LEU E 180 35.38 -16.11 -0.70
CA LEU E 180 35.54 -17.57 -0.65
C LEU E 180 34.44 -18.16 0.22
N PRO E 181 34.03 -19.41 -0.05
CA PRO E 181 32.95 -19.89 0.80
C PRO E 181 33.47 -20.21 2.19
N ARG E 182 32.57 -20.36 3.17
CA ARG E 182 32.92 -20.57 4.59
C ARG E 182 33.86 -21.74 4.84
N GLY E 183 33.74 -22.77 4.02
CA GLY E 183 34.54 -23.98 4.17
C GLY E 183 36.00 -23.81 3.81
N SER E 184 36.37 -22.63 3.30
CA SER E 184 37.76 -22.36 2.99
C SER E 184 38.62 -22.24 4.25
N TYR E 185 38.05 -21.66 5.30
CA TYR E 185 38.76 -21.39 6.54
C TYR E 185 39.46 -22.62 7.08
N THR E 186 40.67 -22.41 7.58
CA THR E 186 41.61 -23.48 7.91
C THR E 186 41.59 -23.94 9.36
N MET E 187 41.95 -25.20 9.57
CA MET E 187 42.13 -25.77 10.91
C MET E 187 42.54 -27.24 10.80
N ASN E 188 43.23 -27.75 11.82
CA ASN E 188 43.69 -29.13 11.79
C ASN E 188 42.57 -30.12 11.98
N VAL E 189 42.70 -31.29 11.37
CA VAL E 189 41.85 -32.43 11.69
C VAL E 189 42.68 -33.52 12.34
N VAL E 190 42.65 -33.60 13.67
CA VAL E 190 43.40 -34.64 14.38
C VAL E 190 43.02 -36.00 13.83
N THR E 191 41.71 -36.24 13.73
CA THR E 191 41.18 -37.51 13.25
C THR E 191 39.79 -37.30 12.65
N ASN E 192 39.47 -38.07 11.61
CA ASN E 192 38.15 -38.03 11.02
C ASN E 192 37.79 -39.36 10.41
N THR E 193 36.99 -40.15 11.13
CA THR E 193 36.55 -41.45 10.64
C THR E 193 35.11 -41.66 10.99
N THR E 194 34.45 -42.60 10.32
CA THR E 194 33.12 -43.02 10.71
C THR E 194 33.06 -43.25 12.22
N THR E 195 31.92 -42.89 12.80
CA THR E 195 31.65 -42.95 14.26
C THR E 195 32.32 -41.88 15.15
N THR E 196 33.31 -41.14 14.62
CA THR E 196 34.03 -40.13 15.44
C THR E 196 34.94 -39.13 14.70
N ALA E 197 34.91 -37.86 15.09
CA ALA E 197 35.80 -36.84 14.51
C ALA E 197 36.24 -35.77 15.51
N ARG E 198 37.53 -35.43 15.50
CA ARG E 198 38.12 -34.39 16.38
C ARG E 198 38.86 -33.32 15.58
N ILE E 199 38.67 -32.05 15.89
CA ILE E 199 39.23 -30.95 15.07
C ILE E 199 39.65 -29.73 15.89
N THR E 200 40.67 -29.00 15.44
CA THR E 200 41.24 -27.91 16.26
C THR E 200 42.11 -26.86 15.51
N GLY E 201 42.03 -25.59 15.93
CA GLY E 201 42.77 -24.48 15.31
C GLY E 201 42.25 -23.09 15.69
N VAL E 202 43.14 -22.10 15.85
CA VAL E 202 42.73 -20.83 16.49
C VAL E 202 41.99 -19.87 15.55
N LEU E 203 40.86 -19.31 15.99
CA LEU E 203 40.04 -18.44 15.14
C LEU E 203 39.77 -17.05 15.71
N TYR E 204 39.92 -16.02 14.87
CA TYR E 204 39.76 -14.62 15.28
C TYR E 204 38.36 -14.08 15.08
N GLU E 205 38.01 -13.05 15.85
CA GLU E 205 36.75 -12.34 15.67
C GLU E 205 36.99 -10.92 16.12
N GLN E 206 36.39 -9.95 15.44
CA GLN E 206 36.53 -8.56 15.86
C GLN E 206 35.58 -8.22 16.98
N VAL E 207 36.05 -7.41 17.92
CA VAL E 207 35.18 -6.76 18.86
C VAL E 207 34.33 -5.79 18.01
N PHE E 208 33.01 -5.89 18.14
CA PHE E 208 32.09 -4.92 17.53
C PHE E 208 31.67 -3.91 18.57
N LEU E 209 30.61 -3.16 18.27
CA LEU E 209 30.06 -2.15 19.19
C LEU E 209 30.93 -0.89 19.26
N PRO E 210 30.29 0.27 19.12
CA PRO E 210 31.02 1.53 19.12
C PRO E 210 31.61 1.85 20.49
N PRO E 211 32.64 2.70 20.54
CA PRO E 211 33.15 3.45 19.41
C PRO E 211 34.19 2.66 18.62
N PHE E 212 34.49 1.43 19.04
CA PHE E 212 35.38 0.54 18.30
C PHE E 212 34.83 0.24 16.91
N LEU E 213 35.71 0.20 15.90
CA LEU E 213 35.28 0.08 14.51
C LEU E 213 35.66 -1.26 13.86
N TRP E 214 35.06 -1.53 12.69
CA TRP E 214 35.28 -2.78 11.96
C TRP E 214 35.09 -2.59 10.49
N ASP E 215 35.42 -1.41 9.98
CA ASP E 215 35.10 -1.06 8.59
C ASP E 215 36.32 -0.51 7.86
N GLY E 216 36.16 -0.22 6.58
CA GLY E 216 37.11 0.62 5.87
C GLY E 216 37.12 1.99 6.53
N GLU E 217 38.24 2.72 6.38
CA GLU E 217 38.44 4.01 7.05
C GLU E 217 38.92 3.82 8.50
N GLN E 218 39.93 4.60 8.87
CA GLN E 218 40.36 4.73 10.26
C GLN E 218 39.82 6.04 10.85
N ALA E 219 39.93 6.20 12.17
CA ALA E 219 39.54 7.44 12.83
C ALA E 219 40.39 7.68 14.07
N GLY E 220 40.35 8.90 14.61
CA GLY E 220 41.14 9.24 15.80
C GLY E 220 40.83 8.38 17.01
N GLY E 221 41.86 7.73 17.56
CA GLY E 221 41.65 6.77 18.65
C GLY E 221 41.47 7.37 20.03
N LEU E 222 40.74 6.66 20.89
CA LEU E 222 40.52 7.08 22.26
C LEU E 222 41.82 7.36 22.98
N ALA E 223 41.88 8.52 23.60
CA ALA E 223 42.89 8.88 24.59
C ALA E 223 42.24 10.10 25.16
N ASN E 224 42.45 10.41 26.42
CA ASN E 224 43.42 9.80 27.31
C ASN E 224 42.68 8.89 28.27
N LEU E 225 42.92 7.59 28.17
CA LEU E 225 42.21 6.66 29.04
C LEU E 225 43.01 6.39 30.29
N THR E 226 42.35 5.80 31.27
CA THR E 226 43.00 5.27 32.47
C THR E 226 42.65 3.79 32.65
N SER E 227 41.52 3.36 32.11
CA SER E 227 41.09 1.96 32.21
C SER E 227 40.42 1.44 30.94
N LEU E 228 40.16 0.13 30.92
CA LEU E 228 39.38 -0.56 29.89
C LEU E 228 39.19 -1.95 30.41
N THR E 229 38.16 -2.64 29.94
CA THR E 229 37.92 -4.06 30.31
C THR E 229 36.82 -4.66 29.42
N PHE E 230 37.01 -5.89 28.97
CA PHE E 230 36.08 -6.47 28.00
C PHE E 230 35.54 -7.80 28.48
N ASN E 231 34.29 -7.81 28.93
CA ASN E 231 33.65 -9.01 29.44
C ASN E 231 32.75 -9.58 28.39
N TRP E 232 33.03 -10.81 27.96
CA TRP E 232 32.06 -11.53 27.18
C TRP E 232 31.09 -12.26 28.06
N VAL E 233 30.14 -12.91 27.41
CA VAL E 233 29.31 -13.93 28.05
C VAL E 233 28.60 -14.57 26.87
N LEU E 234 28.72 -15.89 26.75
CA LEU E 234 28.18 -16.58 25.57
C LEU E 234 27.01 -17.47 25.96
N ASN E 235 25.88 -17.29 25.27
CA ASN E 235 24.69 -18.12 25.47
C ASN E 235 24.97 -19.62 25.45
N ASN E 236 24.10 -20.40 26.09
CA ASN E 236 24.52 -21.67 26.66
C ASN E 236 24.69 -22.92 25.79
N ASN E 237 24.12 -22.92 24.58
CA ASN E 237 24.13 -24.13 23.73
C ASN E 237 25.46 -24.48 23.07
N LEU E 238 26.16 -23.49 22.52
CA LEU E 238 27.49 -23.70 21.93
C LEU E 238 27.47 -24.65 20.74
N ALA E 239 26.29 -25.09 20.32
CA ALA E 239 26.19 -25.96 19.15
C ALA E 239 25.97 -25.10 17.91
N ARG E 240 25.61 -23.85 18.14
CA ARG E 240 25.41 -22.89 17.06
C ARG E 240 26.71 -22.49 16.36
N ILE E 241 27.85 -22.87 16.93
CA ILE E 241 29.15 -22.59 16.34
C ILE E 241 29.24 -23.25 14.97
N TRP E 242 29.00 -24.56 14.95
CA TRP E 242 29.13 -25.38 13.75
C TRP E 242 27.93 -25.23 12.87
N SER E 243 28.06 -25.64 11.61
CA SER E 243 26.89 -25.71 10.71
C SER E 243 26.63 -27.15 10.27
N HIS E 244 25.57 -27.37 9.49
CA HIS E 244 25.34 -28.67 8.84
C HIS E 244 24.56 -28.50 7.57
N SER E 245 24.55 -29.54 6.74
CA SER E 245 23.62 -29.60 5.60
C SER E 245 22.83 -30.89 5.63
N ASP E 246 21.52 -30.77 5.54
CA ASP E 246 20.61 -31.87 5.85
C ASP E 246 20.46 -32.91 4.73
N ILE E 247 21.16 -32.70 3.62
CA ILE E 247 21.15 -33.68 2.54
C ILE E 247 21.59 -35.05 3.08
N THR E 248 22.64 -35.04 3.91
CA THR E 248 23.20 -36.28 4.48
C THR E 248 22.37 -36.83 5.62
N ASN E 249 21.42 -36.04 6.11
CA ASN E 249 20.52 -36.50 7.18
C ASN E 249 19.73 -37.72 6.72
N ASP E 250 19.50 -38.67 7.61
CA ASP E 250 18.85 -39.91 7.22
C ASP E 250 17.49 -39.61 6.66
N VAL E 251 17.04 -40.49 5.77
CA VAL E 251 15.79 -40.27 5.05
C VAL E 251 14.57 -40.18 5.97
N SER E 252 14.46 -41.09 6.93
CA SER E 252 13.29 -41.05 7.78
C SER E 252 13.21 -39.82 8.67
N GLY E 253 14.32 -39.48 9.32
CA GLY E 253 14.31 -38.41 10.29
C GLY E 253 15.66 -37.85 10.70
N ASN E 254 16.43 -38.73 11.33
CA ASN E 254 17.55 -38.42 12.20
C ASN E 254 18.82 -37.98 11.53
N SER E 255 19.77 -37.54 12.36
CA SER E 255 21.04 -37.04 11.88
C SER E 255 22.23 -37.89 12.34
N THR E 256 23.30 -37.78 11.57
CA THR E 256 24.59 -38.41 11.82
C THR E 256 25.32 -37.81 13.03
N ILE E 257 25.16 -36.52 13.25
CA ILE E 257 26.01 -35.82 14.23
C ILE E 257 25.74 -36.05 15.72
N GLY E 258 24.50 -35.90 16.20
CA GLY E 258 24.22 -35.93 17.66
C GLY E 258 25.08 -36.93 18.42
N SER E 259 25.88 -36.51 19.42
CA SER E 259 26.01 -35.14 19.92
C SER E 259 27.45 -34.60 19.86
N MET E 260 27.65 -33.30 20.15
CA MET E 260 28.98 -32.66 20.07
C MET E 260 29.44 -31.85 21.30
N ASN E 261 30.77 -31.69 21.43
CA ASN E 261 31.42 -31.13 22.63
C ASN E 261 32.40 -30.04 22.23
N ILE E 262 32.30 -28.88 22.86
CA ILE E 262 33.11 -27.74 22.40
C ILE E 262 33.96 -27.18 23.53
N SER E 263 35.24 -26.92 23.22
CA SER E 263 36.15 -26.32 24.18
C SER E 263 36.54 -24.91 23.78
N PHE E 264 37.38 -24.33 24.62
CA PHE E 264 38.04 -23.09 24.36
C PHE E 264 39.24 -23.10 25.28
N GLN E 265 40.32 -22.49 24.87
CA GLN E 265 41.47 -22.33 25.75
C GLN E 265 41.63 -20.85 25.99
N GLN E 266 42.47 -20.47 26.95
CA GLN E 266 42.71 -19.07 27.21
C GLN E 266 42.83 -18.26 25.89
N PRO E 267 41.98 -17.25 25.71
CA PRO E 267 42.06 -16.41 24.53
C PRO E 267 42.71 -15.06 24.76
N SER E 268 43.78 -14.74 24.04
CA SER E 268 44.40 -13.40 24.13
C SER E 268 43.58 -12.30 23.46
N MET E 269 43.93 -11.06 23.75
CA MET E 269 43.31 -9.94 23.08
C MET E 269 44.37 -8.94 22.62
N TYR E 270 44.26 -8.48 21.37
CA TYR E 270 45.29 -7.68 20.71
C TYR E 270 44.91 -6.24 20.51
N LEU E 271 45.61 -5.32 21.18
CA LEU E 271 45.37 -3.89 20.95
C LEU E 271 46.65 -3.07 20.78
N GLY E 272 46.54 -1.88 20.19
CA GLY E 272 47.72 -1.11 19.80
C GLY E 272 47.84 0.30 20.32
N PHE E 273 48.75 0.52 21.27
CA PHE E 273 48.94 1.83 21.89
C PHE E 273 49.98 2.69 21.17
N VAL E 274 49.55 3.79 20.56
CA VAL E 274 50.45 4.68 19.84
C VAL E 274 50.73 5.91 20.66
N THR E 275 51.87 6.01 21.31
CA THR E 275 52.22 7.26 21.99
C THR E 275 52.49 8.37 20.96
N PRO E 276 52.30 9.65 21.32
CA PRO E 276 52.47 10.66 20.30
C PRO E 276 53.70 11.52 20.53
N ARG E 277 54.06 12.35 19.54
CA ARG E 277 55.28 13.19 19.60
C ARG E 277 55.20 14.32 20.61
N LEU E 278 56.30 14.53 21.33
CA LEU E 278 56.41 15.54 22.39
C LEU E 278 56.01 16.94 21.95
N ASN E 279 56.52 17.39 20.81
CA ASN E 279 56.27 18.75 20.31
C ASN E 279 54.80 19.08 20.06
N ILE E 280 54.08 18.22 19.34
CA ILE E 280 52.64 18.38 19.13
C ILE E 280 51.95 17.95 20.41
N PRO E 281 51.12 18.84 21.01
CA PRO E 281 50.34 18.47 22.21
C PRO E 281 48.92 18.04 21.88
N ILE E 282 48.35 17.18 22.73
CA ILE E 282 47.01 16.62 22.55
C ILE E 282 46.07 17.13 23.65
N PRO E 283 44.85 17.54 23.27
CA PRO E 283 43.95 18.23 24.20
C PRO E 283 43.77 17.54 25.55
N PRO E 284 43.57 18.33 26.63
CA PRO E 284 43.22 17.80 27.96
C PRO E 284 41.87 17.10 27.97
N ARG E 285 40.87 17.64 27.28
CA ARG E 285 39.56 17.00 27.15
C ARG E 285 39.10 16.91 25.69
N ILE E 286 38.48 15.79 25.31
CA ILE E 286 38.18 15.57 23.89
C ILE E 286 36.93 14.70 23.66
N THR E 287 36.30 14.84 22.49
CA THR E 287 34.96 14.26 22.25
C THR E 287 34.84 13.32 21.05
N TYR E 288 34.22 12.16 21.25
CA TYR E 288 34.10 11.16 20.20
C TYR E 288 32.65 10.84 19.88
N PRO E 289 32.34 10.55 18.61
CA PRO E 289 30.97 10.18 18.25
C PRO E 289 30.68 8.74 18.64
N TYR E 290 29.61 8.50 19.40
CA TYR E 290 29.30 7.12 19.84
C TYR E 290 27.83 6.73 19.69
N PHE E 291 27.62 5.63 18.96
CA PHE E 291 26.28 5.12 18.70
C PHE E 291 25.95 4.05 19.72
N LYS E 292 24.68 3.66 19.81
CA LYS E 292 24.23 2.83 20.92
C LYS E 292 23.01 2.05 20.44
N LEU E 293 23.17 0.75 20.20
CA LEU E 293 22.12 0.01 19.50
C LEU E 293 21.30 -0.88 20.42
N SER E 294 19.99 -0.95 20.15
CA SER E 294 19.02 -1.70 20.97
C SER E 294 18.12 -2.61 20.13
N ARG E 295 17.61 -3.67 20.72
CA ARG E 295 16.72 -4.56 19.98
C ARG E 295 15.37 -4.72 20.65
N TYR E 296 14.34 -4.99 19.85
CA TYR E 296 12.98 -5.26 20.36
C TYR E 296 12.36 -6.37 19.56
N THR E 297 12.08 -7.49 20.20
CA THR E 297 11.47 -8.61 19.49
C THR E 297 10.06 -8.83 19.98
N THR E 298 9.21 -9.38 19.11
CA THR E 298 7.85 -9.70 19.50
C THR E 298 7.44 -10.90 18.68
N GLN E 299 7.19 -12.03 19.34
CA GLN E 299 6.78 -13.19 18.58
C GLN E 299 5.28 -13.13 18.37
N PHE E 300 4.87 -13.66 17.21
CA PHE E 300 3.50 -13.66 16.74
C PHE E 300 3.11 -15.09 16.47
N GLN E 301 1.80 -15.35 16.43
CA GLN E 301 1.27 -16.63 15.98
C GLN E 301 0.11 -16.36 15.03
N ASN E 302 -0.43 -17.37 14.36
CA ASN E 302 0.13 -18.71 14.25
C ASN E 302 1.17 -18.81 13.15
N THR E 303 1.87 -19.93 13.10
CA THR E 303 2.85 -20.20 12.07
C THR E 303 2.22 -20.33 10.67
N LEU E 304 2.99 -19.93 9.66
CA LEU E 304 2.53 -19.97 8.27
C LEU E 304 3.38 -20.95 7.47
N ALA E 305 2.75 -21.72 6.58
CA ALA E 305 3.41 -22.86 5.94
C ALA E 305 2.67 -23.25 4.68
N PRO E 306 3.35 -23.92 3.71
CA PRO E 306 4.80 -23.94 3.60
C PRO E 306 5.22 -22.63 2.96
N ASN E 307 4.33 -22.04 2.14
CA ASN E 307 4.50 -20.67 1.65
C ASN E 307 3.17 -19.92 1.46
N ALA E 308 2.59 -19.53 2.60
CA ALA E 308 1.40 -18.68 2.64
C ALA E 308 1.72 -17.36 3.33
N SER E 309 0.74 -16.44 3.38
CA SER E 309 0.96 -15.11 3.96
C SER E 309 0.08 -14.80 5.16
N SER E 310 0.43 -13.73 5.87
CA SER E 310 -0.39 -13.21 6.96
C SER E 310 0.08 -11.79 7.29
N THR E 311 -0.52 -11.20 8.32
CA THR E 311 -0.13 -9.86 8.78
C THR E 311 0.22 -9.87 10.28
N PHE E 312 1.06 -8.93 10.69
CA PHE E 312 1.52 -8.85 12.07
C PHE E 312 1.53 -7.41 12.54
N LYS E 313 1.20 -7.15 13.79
CA LYS E 313 1.30 -5.78 14.28
C LYS E 313 2.11 -5.77 15.56
N SER E 314 2.64 -4.62 15.92
CA SER E 314 3.40 -4.50 17.15
C SER E 314 2.78 -3.53 18.12
N ASN E 315 2.90 -3.81 19.42
CA ASN E 315 2.46 -2.87 20.44
C ASN E 315 3.35 -1.65 20.39
N VAL E 316 2.84 -0.51 20.78
CA VAL E 316 3.61 0.71 20.73
C VAL E 316 4.79 0.65 21.66
N VAL E 317 5.94 0.97 21.07
CA VAL E 317 7.19 1.08 21.78
C VAL E 317 7.57 2.53 21.73
N GLN E 318 7.89 3.11 22.86
CA GLN E 318 8.18 4.53 22.92
C GLN E 318 9.63 4.71 23.20
N LEU E 319 10.25 5.61 22.46
CA LEU E 319 11.70 5.86 22.56
C LEU E 319 11.98 7.26 23.06
N ASP E 320 13.24 7.53 23.34
CA ASP E 320 13.62 8.79 23.96
C ASP E 320 14.24 9.82 23.00
N SER E 321 14.64 9.39 21.82
CA SER E 321 15.01 10.34 20.79
C SER E 321 15.02 9.70 19.42
N ILE E 322 14.84 10.49 18.38
CA ILE E 322 14.73 9.87 17.09
C ILE E 322 16.02 9.15 16.89
N PRO E 323 15.95 7.87 16.54
CA PRO E 323 17.14 7.09 16.29
C PRO E 323 17.70 7.45 14.95
N ARG E 324 18.98 7.22 14.76
CA ARG E 324 19.64 7.40 13.46
C ARG E 324 19.05 6.58 12.33
N LYS E 325 18.66 5.34 12.64
CA LYS E 325 18.00 4.44 11.68
C LYS E 325 17.37 3.26 12.40
N LEU E 326 16.54 2.52 11.69
CA LEU E 326 15.70 1.51 12.29
C LEU E 326 15.57 0.33 11.34
N TYR E 327 16.11 -0.82 11.71
CA TYR E 327 16.03 -2.02 10.87
C TYR E 327 14.78 -2.80 11.21
N LEU E 328 14.26 -3.58 10.26
CA LEU E 328 13.08 -4.41 10.52
C LEU E 328 13.16 -5.67 9.70
N PHE E 329 12.69 -6.78 10.25
CA PHE E 329 12.67 -8.07 9.53
C PHE E 329 11.92 -9.16 10.30
N VAL E 330 11.73 -10.30 9.67
CA VAL E 330 11.00 -11.37 10.31
C VAL E 330 11.75 -12.69 10.27
N LYS E 331 12.40 -13.03 11.37
CA LYS E 331 13.21 -14.24 11.44
C LYS E 331 12.41 -15.47 11.91
N GLN E 332 12.84 -16.66 11.45
CA GLN E 332 12.38 -17.93 11.99
C GLN E 332 12.57 -17.93 13.50
N SER E 333 11.47 -18.06 14.25
CA SER E 333 11.49 -17.96 15.73
C SER E 333 12.55 -18.80 16.45
N ASP E 334 13.19 -18.21 17.46
CA ASP E 334 14.24 -18.91 18.18
C ASP E 334 13.69 -20.00 19.12
N ASN E 335 12.48 -19.85 19.62
CA ASN E 335 11.99 -20.81 20.60
C ASN E 335 11.99 -22.19 19.97
N VAL E 336 11.57 -22.26 18.71
CA VAL E 336 11.84 -23.46 17.91
C VAL E 336 13.27 -23.38 17.40
N ILE E 337 13.83 -24.50 16.97
CA ILE E 337 15.23 -24.62 16.50
C ILE E 337 16.31 -24.45 17.59
N TYR E 338 15.90 -24.39 18.84
CA TYR E 338 16.89 -24.59 19.90
C TYR E 338 16.73 -25.93 20.60
N GLN E 339 15.75 -26.66 20.09
CA GLN E 339 15.75 -28.11 20.17
C GLN E 339 16.75 -28.84 19.24
N ASN E 340 17.52 -29.69 19.88
CA ASN E 340 18.33 -30.66 19.22
C ASN E 340 19.64 -30.06 18.81
N LEU E 341 20.69 -30.83 18.92
CA LEU E 341 21.94 -30.39 18.35
C LEU E 341 21.62 -30.32 16.87
N ASN E 342 20.83 -31.27 16.38
CA ASN E 342 20.64 -31.36 14.96
C ASN E 342 19.99 -30.14 14.35
N ASN E 343 18.91 -29.66 14.94
CA ASN E 343 18.25 -28.53 14.33
C ASN E 343 19.12 -27.33 14.34
N GLN E 344 19.77 -27.13 15.48
CA GLN E 344 20.61 -25.97 15.69
C GLN E 344 21.75 -25.98 14.70
N ILE E 345 22.31 -27.14 14.41
CA ILE E 345 23.37 -27.17 13.43
C ILE E 345 22.88 -27.00 12.01
N THR E 346 21.80 -27.66 11.63
CA THR E 346 21.39 -27.61 10.24
C THR E 346 20.85 -26.29 9.73
N THR E 347 19.98 -25.66 10.50
CA THR E 347 19.27 -24.45 10.06
C THR E 347 20.10 -23.21 9.75
N PRO E 348 19.76 -22.54 8.66
CA PRO E 348 20.36 -21.28 8.23
C PRO E 348 19.81 -20.06 8.95
N ASP E 349 20.46 -18.92 8.81
CA ASP E 349 20.14 -17.68 9.53
C ASP E 349 19.33 -16.61 8.77
N VAL E 350 18.75 -16.97 7.64
CA VAL E 350 18.14 -16.04 6.71
C VAL E 350 16.70 -15.70 7.12
N PHE E 351 16.24 -14.51 6.75
CA PHE E 351 14.93 -13.99 7.15
C PHE E 351 13.80 -14.45 6.22
N LEU E 352 12.57 -14.02 6.51
CA LEU E 352 11.39 -14.30 5.66
C LEU E 352 11.05 -13.10 4.79
N GLN E 353 10.52 -13.35 3.59
CA GLN E 353 10.34 -12.29 2.57
C GLN E 353 9.21 -11.28 2.83
N ILE E 354 9.57 -9.99 3.01
CA ILE E 354 8.59 -8.93 3.30
C ILE E 354 7.88 -8.53 2.03
N ASN E 355 6.56 -8.72 2.00
CA ASN E 355 5.80 -8.41 0.80
C ASN E 355 5.15 -7.02 0.87
N ASN E 356 5.14 -6.42 2.06
CA ASN E 356 4.71 -5.03 2.23
C ASN E 356 4.95 -4.55 3.66
N LEU E 357 5.39 -3.30 3.80
CA LEU E 357 5.53 -2.67 5.12
C LEU E 357 4.62 -1.46 5.26
N ASN E 358 4.00 -1.33 6.43
CA ASN E 358 3.26 -0.12 6.81
C ASN E 358 3.61 0.23 8.25
N LEU E 359 4.17 1.42 8.49
CA LEU E 359 4.57 1.80 9.85
C LEU E 359 3.98 3.12 10.27
N THR E 360 3.96 3.40 11.57
CA THR E 360 3.38 4.66 12.05
C THR E 360 4.04 5.35 13.25
N TRP E 361 4.44 6.59 12.99
CA TRP E 361 5.00 7.53 13.94
C TRP E 361 3.79 8.10 14.63
N ASN E 362 3.97 8.76 15.77
CA ASN E 362 2.81 9.26 16.47
C ASN E 362 2.11 10.27 15.60
N ASN E 363 0.81 10.19 15.43
CA ASN E 363 0.16 11.28 14.72
C ASN E 363 0.29 11.21 13.21
N GLN E 364 0.98 10.20 12.71
CA GLN E 364 0.95 9.91 11.30
C GLN E 364 0.58 8.46 11.19
N GLN E 365 -0.42 8.14 10.41
CA GLN E 365 -0.83 6.76 10.33
C GLN E 365 -0.51 6.33 8.95
N GLY E 366 0.06 5.16 8.77
CA GLY E 366 0.25 4.71 7.40
C GLY E 366 1.31 5.51 6.67
N ILE E 367 2.52 5.53 7.20
CA ILE E 367 3.66 6.00 6.43
C ILE E 367 3.94 4.86 5.46
N LEU E 368 4.44 5.17 4.27
CA LEU E 368 4.59 4.16 3.23
C LEU E 368 3.32 3.32 3.21
N SER E 369 2.18 4.00 3.16
CA SER E 369 0.88 3.34 3.31
C SER E 369 0.69 2.25 2.27
N GLY E 370 1.09 2.54 1.04
CA GLY E 370 0.96 1.59 -0.05
C GLY E 370 2.18 1.68 -0.93
N ALA E 371 3.36 1.49 -0.32
CA ALA E 371 4.63 1.49 -1.07
C ALA E 371 4.90 0.11 -1.63
N SER E 372 5.25 0.05 -2.91
CA SER E 372 5.64 -1.22 -3.51
C SER E 372 6.62 -1.95 -2.61
N SER E 373 6.38 -3.25 -2.42
CA SER E 373 7.33 -4.12 -1.70
C SER E 373 8.72 -3.98 -2.31
N GLN E 374 8.72 -3.82 -3.63
CA GLN E 374 9.94 -3.72 -4.39
C GLN E 374 10.53 -2.35 -4.15
N ASN E 375 9.67 -1.35 -4.06
CA ASN E 375 10.13 -0.01 -3.79
C ASN E 375 10.79 0.12 -2.43
N LEU E 376 10.55 -0.83 -1.54
CA LEU E 376 11.27 -0.85 -0.27
C LEU E 376 12.72 -1.26 -0.46
N TYR E 377 12.97 -2.05 -1.48
CA TYR E 377 14.32 -2.46 -1.79
C TYR E 377 15.09 -1.34 -2.46
N ASP E 378 14.43 -0.22 -2.75
CA ASP E 378 15.10 0.91 -3.37
C ASP E 378 15.89 1.73 -2.38
N PHE E 379 15.39 1.81 -1.16
CA PHE E 379 16.07 2.55 -0.11
C PHE E 379 15.97 1.70 1.14
N SER E 380 17.07 1.17 1.68
CA SER E 380 18.35 0.98 1.03
C SER E 380 18.13 -0.29 0.26
N VAL E 381 18.79 -0.51 -0.88
CA VAL E 381 20.13 -0.04 -1.34
C VAL E 381 20.73 1.33 -1.03
N GLN E 382 19.93 2.39 -0.93
CA GLN E 382 20.51 3.72 -0.78
C GLN E 382 21.43 3.88 0.43
N ASN E 383 21.14 3.20 1.53
CA ASN E 383 22.02 3.18 2.71
C ASN E 383 22.98 1.98 2.72
N GLY E 384 22.93 1.18 1.64
CA GLY E 384 23.98 0.21 1.33
C GLY E 384 23.66 -1.27 1.38
N TYR E 385 22.46 -1.68 0.97
CA TYR E 385 22.02 -3.07 1.13
C TYR E 385 22.95 -4.12 0.53
N ASN E 386 23.59 -3.78 -0.58
CA ASN E 386 24.48 -4.68 -1.34
C ASN E 386 24.08 -6.17 -1.49
N LYS E 387 22.91 -6.40 -2.06
CA LYS E 387 22.58 -7.72 -2.57
C LYS E 387 21.44 -7.64 -3.57
N THR E 388 21.63 -8.27 -4.73
CA THR E 388 20.73 -8.13 -5.86
C THR E 388 19.25 -8.22 -5.53
N TRP E 389 18.39 -7.68 -6.40
CA TRP E 389 16.95 -7.71 -6.17
C TRP E 389 16.44 -9.09 -6.04
N SER E 390 17.13 -10.04 -6.63
CA SER E 390 16.73 -11.43 -6.51
C SER E 390 16.87 -12.02 -5.10
N GLU E 391 17.93 -11.63 -4.38
CA GLU E 391 18.07 -12.00 -2.96
C GLU E 391 16.86 -11.52 -2.18
N PHE E 392 16.65 -10.19 -2.16
CA PHE E 392 15.43 -9.60 -1.63
C PHE E 392 14.23 -10.35 -2.25
N ASN E 393 13.14 -10.51 -1.50
CA ASN E 393 11.98 -11.31 -1.95
C ASN E 393 12.32 -12.73 -2.44
N GLY E 394 13.41 -13.29 -1.89
CA GLY E 394 14.02 -14.50 -2.43
C GLY E 394 13.13 -15.68 -2.75
N VAL E 395 12.86 -15.86 -4.04
CA VAL E 395 12.40 -17.14 -4.57
C VAL E 395 12.90 -17.23 -6.01
N THR E 396 13.55 -18.34 -6.34
CA THR E 396 14.06 -18.52 -7.70
C THR E 396 13.42 -19.70 -8.39
N GLN E 397 12.73 -19.41 -9.48
CA GLN E 397 12.14 -20.46 -10.25
C GLN E 397 13.22 -21.04 -11.14
N GLN E 398 13.58 -22.30 -10.88
CA GLN E 398 14.53 -23.00 -11.73
C GLN E 398 13.86 -24.25 -12.35
N PHE E 399 13.96 -24.41 -13.67
CA PHE E 399 13.34 -25.56 -14.37
C PHE E 399 14.29 -26.62 -14.88
N ASN E 400 13.78 -27.84 -14.99
CA ASN E 400 14.55 -29.01 -15.47
C ASN E 400 14.00 -29.66 -16.77
N GLY E 401 14.91 -30.09 -17.64
CA GLY E 401 14.56 -30.63 -18.94
C GLY E 401 14.60 -32.15 -19.03
N VAL E 402 13.60 -32.79 -18.42
CA VAL E 402 13.43 -34.24 -18.52
C VAL E 402 11.96 -34.57 -18.31
N SER E 403 11.51 -35.71 -18.85
CA SER E 403 10.11 -36.11 -18.76
C SER E 403 9.83 -37.14 -17.64
N GLY E 404 9.02 -36.79 -16.64
CA GLY E 404 8.39 -35.47 -16.54
C GLY E 404 8.29 -35.00 -15.08
N GLN E 405 9.43 -34.99 -14.36
CA GLN E 405 9.45 -34.50 -12.97
C GLN E 405 9.39 -32.98 -12.92
N PRO E 406 8.36 -32.43 -12.23
CA PRO E 406 8.07 -30.99 -12.24
C PRO E 406 9.19 -30.15 -11.62
N THR E 407 9.30 -28.90 -12.11
CA THR E 407 10.42 -27.99 -11.84
C THR E 407 10.44 -27.48 -10.40
N LYS E 408 11.59 -27.57 -9.73
CA LYS E 408 11.64 -27.25 -8.30
C LYS E 408 11.97 -25.79 -7.99
N VAL E 409 11.34 -25.30 -6.92
CA VAL E 409 11.43 -23.92 -6.51
C VAL E 409 12.35 -23.80 -5.29
N ILE E 410 13.19 -22.78 -5.29
CA ILE E 410 14.14 -22.54 -4.20
C ILE E 410 13.78 -21.25 -3.46
N GLY E 411 13.65 -21.32 -2.13
CA GLY E 411 13.55 -20.12 -1.29
C GLY E 411 14.94 -19.53 -1.25
N LEU E 412 15.07 -18.21 -1.25
CA LEU E 412 16.41 -17.64 -1.40
C LEU E 412 16.83 -16.60 -0.39
N GLU E 413 16.20 -16.59 0.79
CA GLU E 413 16.47 -15.60 1.85
C GLU E 413 15.65 -14.31 1.71
N GLY E 414 14.84 -14.01 2.73
CA GLY E 414 14.04 -12.79 2.75
C GLY E 414 14.88 -11.55 2.88
N GLY E 415 14.23 -10.39 2.88
CA GLY E 415 14.93 -9.12 3.01
C GLY E 415 14.91 -8.51 4.41
N ILE E 416 15.86 -7.63 4.65
CA ILE E 416 15.85 -6.84 5.86
C ILE E 416 15.80 -5.38 5.45
N VAL E 417 14.69 -4.70 5.74
CA VAL E 417 14.46 -3.34 5.27
C VAL E 417 14.96 -2.38 6.28
N CYS E 418 15.76 -1.43 5.83
CA CYS E 418 16.23 -0.36 6.70
C CYS E 418 15.97 1.03 6.15
N LEU E 419 15.23 1.81 6.93
CA LEU E 419 14.91 3.17 6.56
C LEU E 419 15.65 4.11 7.49
N GLU E 420 16.50 4.95 6.91
CA GLU E 420 17.14 6.03 7.65
C GLU E 420 16.02 6.96 8.12
N LEU E 421 16.03 7.36 9.39
CA LEU E 421 14.84 7.94 10.01
C LEU E 421 14.43 9.35 9.58
N GLY E 422 15.35 10.31 9.64
CA GLY E 422 15.06 11.69 9.22
C GLY E 422 14.79 11.79 7.72
N LYS E 423 15.58 11.06 6.95
CA LYS E 423 15.63 11.17 5.49
C LYS E 423 14.44 10.49 4.81
N ASP E 424 14.19 9.23 5.14
CA ASP E 424 13.28 8.39 4.37
C ASP E 424 11.86 8.35 4.94
N VAL E 425 11.76 8.42 6.26
CA VAL E 425 10.46 8.35 6.91
C VAL E 425 9.70 9.69 6.86
N GLY E 426 10.44 10.80 6.79
CA GLY E 426 9.85 12.14 6.85
C GLY E 426 9.64 12.54 8.30
N LEU E 427 9.88 13.81 8.61
CA LEU E 427 9.87 14.23 10.01
C LEU E 427 9.48 15.68 10.21
N ARG E 428 8.61 15.91 11.20
CA ARG E 428 8.01 17.22 11.49
C ARG E 428 9.02 18.38 11.63
N ASP E 429 8.49 19.60 11.61
CA ASP E 429 9.26 20.83 11.83
C ASP E 429 10.04 20.78 13.14
N ASP E 430 11.26 21.34 13.13
CA ASP E 430 12.10 21.54 14.33
C ASP E 430 12.49 20.30 15.19
N GLU E 431 12.69 19.22 14.45
CA GLU E 431 13.06 17.88 14.91
C GLU E 431 14.22 17.47 14.04
N ALA E 432 15.07 16.59 14.53
CA ALA E 432 16.31 16.23 13.84
C ALA E 432 16.81 14.89 14.34
N GLU E 433 17.96 14.45 13.85
CA GLU E 433 18.48 13.14 14.24
C GLU E 433 18.79 12.92 15.72
N GLY E 434 19.41 13.85 16.45
CA GLY E 434 19.61 13.52 17.86
C GLY E 434 18.81 14.34 18.86
N VAL E 435 17.59 14.74 18.50
CA VAL E 435 16.78 15.57 19.38
C VAL E 435 15.99 14.69 20.38
N ILE E 436 15.57 15.25 21.51
CA ILE E 436 14.85 14.47 22.51
C ILE E 436 13.58 15.20 22.89
N GLY E 437 12.52 14.49 23.28
CA GLY E 437 12.46 13.03 23.35
C GLY E 437 11.02 12.55 23.46
N ASN E 438 10.80 11.23 23.42
CA ASN E 438 9.50 10.64 23.78
C ASN E 438 8.43 10.24 22.74
N PHE E 439 8.75 10.28 21.45
CA PHE E 439 7.76 9.84 20.45
C PHE E 439 7.42 8.34 20.40
N ASN E 440 6.15 8.01 20.13
CA ASN E 440 5.73 6.62 19.95
C ASN E 440 5.93 6.04 18.56
N LEU E 441 6.27 4.77 18.47
CA LEU E 441 6.44 4.10 17.19
C LEU E 441 5.72 2.75 17.13
N GLN E 442 4.92 2.50 16.10
CA GLN E 442 4.32 1.20 15.89
C GLN E 442 4.35 0.77 14.43
N VAL E 443 4.73 -0.48 14.11
CA VAL E 443 4.93 -0.93 12.72
C VAL E 443 4.16 -2.18 12.37
N GLN E 444 3.31 -2.13 11.35
CA GLN E 444 2.65 -3.38 10.94
C GLN E 444 2.94 -3.87 9.52
N MET E 445 3.99 -4.66 9.36
CA MET E 445 4.30 -5.22 8.05
C MET E 445 3.82 -6.65 7.92
N THR E 446 3.62 -7.09 6.67
CA THR E 446 3.09 -8.42 6.36
C THR E 446 4.14 -9.31 5.67
N VAL E 447 4.17 -10.59 6.03
CA VAL E 447 5.23 -11.47 5.53
C VAL E 447 4.71 -12.71 4.82
N THR E 448 5.45 -13.13 3.79
CA THR E 448 5.24 -14.43 3.15
C THR E 448 6.42 -15.32 3.49
N ASN E 449 6.11 -16.52 3.96
CA ASN E 449 7.12 -17.55 4.13
C ASN E 449 7.51 -18.05 2.75
N THR E 450 8.78 -18.40 2.54
CA THR E 450 9.21 -18.90 1.24
C THR E 450 9.83 -20.29 1.30
N ASN E 451 10.60 -20.52 2.35
CA ASN E 451 11.20 -21.81 2.64
C ASN E 451 10.26 -22.99 2.36
N GLN E 452 10.66 -23.88 1.46
CA GLN E 452 9.78 -24.97 1.04
C GLN E 452 9.51 -26.03 2.09
N TYR E 453 10.54 -26.49 2.77
CA TYR E 453 10.41 -27.71 3.56
C TYR E 453 9.74 -27.59 4.92
N VAL E 454 10.12 -26.58 5.69
CA VAL E 454 9.66 -26.49 7.09
C VAL E 454 8.53 -25.48 7.35
N THR E 455 7.62 -25.86 8.26
CA THR E 455 6.58 -24.97 8.80
C THR E 455 7.25 -23.95 9.71
N VAL E 456 7.16 -22.68 9.37
CA VAL E 456 7.92 -21.71 10.12
C VAL E 456 7.05 -20.88 11.04
N THR E 457 7.22 -21.08 12.34
CA THR E 457 6.70 -20.09 13.31
C THR E 457 7.52 -18.84 13.09
N PRO E 458 6.86 -17.67 13.17
CA PRO E 458 7.64 -16.49 12.88
C PRO E 458 7.91 -15.65 14.12
N ASP E 459 8.38 -14.43 13.89
CA ASP E 459 8.85 -13.53 14.93
C ASP E 459 9.27 -12.24 14.24
N MET E 460 8.95 -11.07 14.82
CA MET E 460 9.45 -9.81 14.26
C MET E 460 10.55 -9.19 15.10
N TYR E 461 11.36 -8.36 14.46
CA TYR E 461 12.40 -7.65 15.15
C TYR E 461 12.30 -6.18 14.79
N ILE E 462 12.95 -5.34 15.58
CA ILE E 462 13.23 -3.95 15.25
C ILE E 462 14.58 -3.66 15.86
N VAL E 463 15.38 -2.81 15.23
CA VAL E 463 16.64 -2.37 15.79
C VAL E 463 16.63 -0.87 15.73
N ALA E 464 17.12 -0.21 16.76
CA ALA E 464 17.32 1.23 16.70
C ALA E 464 18.82 1.52 16.80
N VAL E 465 19.27 2.68 16.35
CA VAL E 465 20.64 3.10 16.63
C VAL E 465 20.67 4.58 16.88
N TYR E 466 21.27 5.00 17.99
CA TYR E 466 21.20 6.39 18.43
C TYR E 466 22.48 7.18 18.19
N ASP E 467 22.33 8.37 17.60
CA ASP E 467 23.44 9.32 17.50
C ASP E 467 23.72 9.92 18.88
N GLY E 468 24.98 10.02 19.23
CA GLY E 468 25.37 10.52 20.54
C GLY E 468 26.84 10.83 20.63
N THR E 469 27.14 11.96 21.26
CA THR E 469 28.51 12.36 21.50
C THR E 469 28.93 11.75 22.84
N LEU E 470 30.22 11.47 23.00
CA LEU E 470 30.74 11.00 24.28
C LEU E 470 32.07 11.71 24.57
N VAL E 471 32.11 12.52 25.62
CA VAL E 471 33.36 13.17 25.98
C VAL E 471 34.09 12.26 26.96
N ILE E 472 35.37 12.01 26.72
CA ILE E 472 36.17 11.30 27.72
C ILE E 472 37.37 12.12 28.11
N SER E 473 37.30 12.71 29.30
CA SER E 473 38.43 13.46 29.81
C SER E 473 38.87 12.81 31.09
N ASN E 474 40.11 12.35 31.11
CA ASN E 474 40.63 11.65 32.29
C ASN E 474 40.56 12.56 33.53
N THR E 475 39.91 12.09 34.60
CA THR E 475 39.43 10.71 34.69
C THR E 475 37.90 10.56 34.85
N SER E 476 37.19 10.40 33.74
CA SER E 476 35.75 10.09 33.75
C SER E 476 35.19 10.09 32.34
N ALA E 477 33.92 9.77 32.18
CA ALA E 477 33.30 9.63 30.86
C ALA E 477 31.82 9.94 30.87
N MET E 478 31.48 11.22 30.79
CA MET E 478 30.08 11.59 30.65
C MET E 478 29.63 11.49 29.19
N ALA E 479 28.61 10.67 28.94
CA ALA E 479 28.08 10.52 27.60
C ALA E 479 26.62 10.93 27.58
N SER E 480 26.29 11.97 26.80
CA SER E 480 24.90 12.47 26.71
C SER E 480 24.19 12.01 25.45
N ILE E 481 22.87 11.80 25.55
CA ILE E 481 22.11 11.21 24.46
C ILE E 481 21.23 12.19 23.66
N GLY E 482 20.90 13.33 24.27
CA GLY E 482 20.24 14.44 23.57
C GLY E 482 21.19 15.62 23.48
N VAL E 483 21.89 15.73 22.36
CA VAL E 483 23.00 16.69 22.24
C VAL E 483 22.64 17.97 21.48
N ALA E 484 21.39 18.07 21.02
CA ALA E 484 20.94 19.24 20.28
C ALA E 484 19.74 19.90 20.94
N SER E 485 19.76 21.22 21.03
CA SER E 485 18.67 21.97 21.65
C SER E 485 17.51 22.18 20.67
N LYS E 486 16.30 21.91 21.13
CA LYS E 486 15.11 22.04 20.29
C LYS E 486 15.03 23.38 19.57
N GLU E 487 15.30 24.46 20.29
CA GLU E 487 15.22 25.80 19.71
C GLU E 487 16.45 26.16 18.88
N GLU E 488 17.44 25.26 18.84
CA GLU E 488 18.63 25.49 18.03
C GLU E 488 18.80 24.42 16.96
N VAL E 489 17.82 23.51 16.88
CA VAL E 489 17.76 22.57 15.77
C VAL E 489 16.85 23.15 14.69
N LEU E 490 15.86 23.93 15.13
CA LEU E 490 15.20 24.88 14.28
C LEU E 490 16.24 25.97 14.04
N ASN E 491 16.13 26.68 12.92
CA ASN E 491 17.03 27.81 12.58
C ASN E 491 18.53 27.60 12.90
N ALA E 492 19.10 26.60 12.26
CA ALA E 492 20.55 26.52 12.09
C ALA E 492 20.77 26.83 10.62
N ARG E 493 21.74 27.69 10.31
CA ARG E 493 22.02 27.99 8.90
C ARG E 493 22.35 26.70 8.16
N ILE E 494 21.83 26.56 6.94
CA ILE E 494 22.21 25.45 6.09
C ILE E 494 23.59 25.71 5.49
N THR E 495 24.18 24.69 4.88
CA THR E 495 25.53 24.82 4.37
C THR E 495 25.83 23.81 3.28
N HIS E 496 26.33 24.32 2.16
CA HIS E 496 26.72 23.46 1.04
C HIS E 496 28.18 23.11 1.16
N GLY E 497 28.72 23.32 2.35
CA GLY E 497 30.11 22.98 2.66
C GLY E 497 30.34 21.49 2.61
N VAL E 498 29.56 20.76 3.40
CA VAL E 498 29.63 19.29 3.40
C VAL E 498 28.51 18.69 2.54
N SER E 499 28.87 17.79 1.63
CA SER E 499 27.90 17.03 0.86
C SER E 499 27.34 15.84 1.69
N TYR E 500 26.04 15.59 1.57
CA TYR E 500 25.36 14.50 2.30
C TYR E 500 25.92 13.13 1.93
N ASN E 501 26.63 13.08 0.81
CA ASN E 501 27.39 11.89 0.45
C ASN E 501 28.49 11.64 1.48
N GLU E 502 29.07 12.72 2.02
CA GLU E 502 30.13 12.62 3.04
C GLU E 502 29.68 11.92 4.33
N LEU E 503 28.48 12.24 4.82
CA LEU E 503 27.95 11.65 6.05
C LEU E 503 27.70 10.15 5.93
N GLN E 504 27.38 9.72 4.71
CA GLN E 504 27.25 8.29 4.38
C GLN E 504 28.45 7.46 4.86
N ARG E 505 29.62 8.09 4.93
CA ARG E 505 30.83 7.43 5.41
C ARG E 505 30.85 7.25 6.94
N ILE E 506 30.89 8.32 7.70
CA ILE E 506 30.89 8.20 9.17
C ILE E 506 29.63 7.42 9.56
N TYR E 507 29.84 6.21 10.04
CA TYR E 507 28.77 5.25 10.27
C TYR E 507 29.10 4.42 11.49
N GLY E 508 28.11 3.73 12.04
CA GLY E 508 28.35 2.76 13.11
C GLY E 508 27.27 1.70 13.21
N MET F 1 22.71 21.46 20.62
CA MET F 1 24.11 21.46 20.09
C MET F 1 25.11 21.76 21.21
N SER F 2 24.96 22.93 21.81
CA SER F 2 25.56 23.19 23.10
C SER F 2 24.70 22.44 24.09
N ASN F 3 25.12 22.36 25.34
CA ASN F 3 24.44 21.51 26.31
C ASN F 3 25.11 20.15 26.35
N SER F 4 26.14 20.01 25.53
CA SER F 4 27.10 18.93 25.62
C SER F 4 28.12 19.26 26.70
N ALA F 5 28.97 18.32 27.03
CA ALA F 5 30.01 18.55 28.02
C ALA F 5 30.89 19.68 27.51
N ILE F 6 31.09 19.70 26.20
CA ILE F 6 31.76 20.80 25.51
C ILE F 6 30.82 21.38 24.48
N PRO F 7 30.67 22.71 24.39
CA PRO F 7 29.79 23.17 23.31
C PRO F 7 30.38 22.94 21.92
N LEU F 8 29.58 22.40 21.00
CA LEU F 8 30.02 22.12 19.63
C LEU F 8 29.24 22.96 18.64
N ASN F 9 29.89 23.44 17.59
CA ASN F 9 29.18 24.19 16.54
C ASN F 9 28.17 23.33 15.81
N VAL F 10 27.14 23.94 15.27
CA VAL F 10 26.11 23.24 14.51
C VAL F 10 25.98 23.73 13.06
N VAL F 11 25.79 22.81 12.12
CA VAL F 11 25.41 23.18 10.75
C VAL F 11 24.42 22.17 10.22
N ALA F 12 23.57 22.59 9.29
CA ALA F 12 22.51 21.70 8.80
C ALA F 12 22.66 21.43 7.32
N VAL F 13 22.75 20.16 6.95
CA VAL F 13 22.79 19.76 5.53
C VAL F 13 21.53 18.97 5.19
N GLN F 14 21.05 19.09 3.95
CA GLN F 14 19.82 18.38 3.57
C GLN F 14 20.05 17.08 2.86
N GLU F 15 19.11 16.16 3.05
CA GLU F 15 19.06 14.89 2.34
C GLU F 15 19.20 15.13 0.82
N PRO F 16 19.65 14.14 0.07
CA PRO F 16 19.98 14.51 -1.29
C PRO F 16 18.79 14.62 -2.23
N ARG F 17 17.61 14.12 -1.82
CA ARG F 17 16.43 14.08 -2.70
C ARG F 17 15.88 15.45 -3.02
N LEU F 18 16.27 16.44 -2.22
CA LEU F 18 15.99 17.83 -2.52
C LEU F 18 17.15 18.65 -2.01
N GLU F 19 17.85 19.33 -2.90
CA GLU F 19 18.88 20.25 -2.47
C GLU F 19 18.23 21.46 -1.83
N LEU F 20 17.41 22.22 -2.57
CA LEU F 20 17.26 22.10 -4.02
C LEU F 20 17.86 23.38 -4.57
N ASN F 21 17.94 24.39 -3.71
CA ASN F 21 18.51 25.67 -4.05
C ASN F 21 19.96 25.82 -3.59
N ASN F 22 20.74 26.48 -4.45
CA ASN F 22 22.17 26.74 -4.30
C ASN F 22 22.62 27.39 -5.60
N GLU F 23 23.82 27.95 -5.65
CA GLU F 23 24.28 28.58 -6.91
C GLU F 23 24.95 27.59 -7.83
N ARG F 24 24.14 27.08 -8.78
CA ARG F 24 24.53 26.01 -9.68
C ARG F 24 25.02 26.58 -10.99
N THR F 25 26.33 26.68 -11.12
CA THR F 25 26.91 27.27 -12.31
C THR F 25 27.10 26.22 -13.36
N TRP F 26 27.18 26.69 -14.60
CA TRP F 26 27.46 25.86 -15.76
C TRP F 26 28.96 25.87 -15.96
N VAL F 27 29.50 24.84 -16.61
CA VAL F 27 30.96 24.68 -16.64
C VAL F 27 31.49 24.06 -17.95
N VAL F 28 32.28 24.82 -18.70
CA VAL F 28 32.89 24.33 -19.95
C VAL F 28 34.20 23.63 -19.64
N VAL F 29 34.34 22.36 -20.06
CA VAL F 29 35.59 21.64 -19.83
C VAL F 29 36.49 21.69 -21.08
N LYS F 30 37.52 22.51 -20.99
CA LYS F 30 38.37 22.86 -22.13
C LYS F 30 39.79 22.30 -22.03
N GLY F 31 40.02 21.19 -22.72
CA GLY F 31 41.36 20.63 -22.88
C GLY F 31 41.84 20.78 -24.32
N GLY F 32 43.14 21.00 -24.49
CA GLY F 32 43.73 21.36 -25.79
C GLY F 32 43.32 20.55 -27.01
N GLN F 33 43.34 21.17 -28.17
CA GLN F 33 43.00 20.47 -29.40
C GLN F 33 44.13 19.56 -29.89
N GLN F 34 43.81 18.70 -30.86
CA GLN F 34 44.79 17.81 -31.45
C GLN F 34 45.52 16.80 -30.58
N VAL F 35 44.78 15.89 -29.96
CA VAL F 35 45.36 14.66 -29.45
C VAL F 35 45.71 13.71 -30.59
N THR F 36 46.69 12.84 -30.40
CA THR F 36 47.02 11.78 -31.38
C THR F 36 47.92 10.70 -30.78
N TYR F 37 47.99 9.56 -31.43
CA TYR F 37 48.87 8.47 -31.00
C TYR F 37 49.76 8.00 -32.15
N TYR F 38 51.05 7.83 -31.91
CA TYR F 38 51.96 7.36 -32.95
C TYR F 38 52.37 5.96 -32.66
N PRO F 39 52.75 5.20 -33.71
CA PRO F 39 53.32 3.89 -33.45
C PRO F 39 54.81 3.81 -33.80
N PHE F 40 55.71 4.18 -32.89
CA PHE F 40 57.15 4.10 -33.14
C PHE F 40 57.67 2.67 -33.23
N PRO F 41 58.11 2.22 -34.43
CA PRO F 41 58.70 0.89 -34.49
C PRO F 41 60.16 0.94 -34.05
N SER F 42 60.62 -0.07 -33.33
CA SER F 42 61.94 -0.04 -32.67
C SER F 42 63.10 -0.33 -33.59
N THR F 43 63.92 0.69 -33.81
CA THR F 43 65.19 0.53 -34.53
C THR F 43 66.09 -0.40 -33.71
N SER F 44 66.79 -1.30 -34.38
CA SER F 44 67.70 -2.27 -33.73
C SER F 44 67.05 -3.12 -32.61
N PHE F 45 66.02 -3.88 -32.97
CA PHE F 45 65.56 -4.95 -32.10
C PHE F 45 66.34 -6.21 -32.45
N SER F 46 66.65 -7.01 -31.44
CA SER F 46 67.43 -8.23 -31.61
C SER F 46 66.64 -9.33 -30.90
N SER F 47 67.28 -10.48 -30.66
CA SER F 47 66.68 -11.58 -29.89
C SER F 47 66.93 -11.40 -28.38
N ASN F 48 68.01 -10.71 -28.04
CA ASN F 48 68.27 -10.40 -26.67
C ASN F 48 67.52 -9.17 -26.16
N GLN F 49 67.64 -8.03 -26.82
CA GLN F 49 67.08 -6.78 -26.28
C GLN F 49 66.29 -5.93 -27.28
N PHE F 50 65.25 -5.23 -26.82
CA PHE F 50 64.55 -4.20 -27.64
C PHE F 50 64.88 -2.79 -27.17
N ASN F 51 64.72 -1.83 -28.08
CA ASN F 51 65.22 -0.50 -27.85
C ASN F 51 64.63 0.51 -28.84
N PHE F 52 63.93 1.52 -28.34
CA PHE F 52 63.27 2.53 -29.17
C PHE F 52 63.80 3.90 -28.82
N ILE F 53 63.71 4.83 -29.76
CA ILE F 53 63.98 6.24 -29.46
C ILE F 53 62.81 7.08 -29.97
N CYS F 54 62.22 7.91 -29.11
CA CYS F 54 61.02 8.65 -29.51
C CYS F 54 61.13 10.13 -29.17
N ASN F 55 60.99 10.99 -30.16
CA ASN F 55 60.99 12.40 -29.88
C ASN F 55 59.64 13.01 -30.10
N PRO F 56 59.21 13.88 -29.18
CA PRO F 56 57.92 14.55 -29.29
C PRO F 56 57.84 15.34 -30.59
N PRO F 57 56.69 15.25 -31.30
CA PRO F 57 56.31 16.01 -32.50
C PRO F 57 56.87 17.41 -32.60
N SER F 58 56.93 18.14 -31.49
CA SER F 58 57.54 19.47 -31.45
C SER F 58 57.49 20.06 -30.04
N ALA F 59 58.17 21.18 -29.85
CA ALA F 59 58.00 21.97 -28.63
C ALA F 59 56.53 22.39 -28.53
N GLN F 60 56.05 22.63 -27.31
CA GLN F 60 54.64 22.96 -27.02
C GLN F 60 53.73 21.73 -27.04
N THR F 61 54.23 20.62 -26.50
CA THR F 61 53.49 19.35 -26.44
C THR F 61 53.59 18.75 -25.03
N VAL F 62 52.50 18.21 -24.50
CA VAL F 62 52.60 17.54 -23.21
C VAL F 62 52.29 16.07 -23.41
N LEU F 63 53.31 15.22 -23.21
CA LEU F 63 53.17 13.77 -23.38
C LEU F 63 52.39 13.17 -22.24
N ASP F 64 51.38 12.36 -22.55
CA ASP F 64 50.53 11.78 -21.52
C ASP F 64 51.17 10.55 -20.87
N ARG F 65 50.84 10.32 -19.60
CA ARG F 65 51.61 9.39 -18.77
C ARG F 65 51.55 7.93 -19.18
N LEU F 66 50.40 7.47 -19.66
CA LEU F 66 50.23 6.04 -20.01
C LEU F 66 50.98 5.64 -21.30
N VAL F 67 51.96 4.73 -21.15
CA VAL F 67 52.79 4.23 -22.25
C VAL F 67 52.72 2.72 -22.27
N PHE F 68 52.74 2.10 -23.45
CA PHE F 68 52.72 0.63 -23.53
C PHE F 68 53.41 0.09 -24.78
N ILE F 69 53.99 -1.10 -24.67
CA ILE F 69 54.69 -1.71 -25.81
C ILE F 69 54.02 -2.98 -26.31
N GLN F 70 53.93 -3.16 -27.62
CA GLN F 70 53.38 -4.39 -28.20
C GLN F 70 54.43 -5.17 -28.98
N VAL F 71 54.34 -6.49 -28.99
CA VAL F 71 55.44 -7.28 -29.52
C VAL F 71 54.98 -8.63 -30.07
N PRO F 72 55.00 -8.80 -31.39
CA PRO F 72 54.57 -10.06 -32.01
C PRO F 72 55.59 -11.15 -31.79
N TYR F 73 55.14 -12.29 -31.28
CA TYR F 73 56.03 -13.40 -30.91
C TYR F 73 55.79 -14.67 -31.72
N ASP F 74 56.55 -15.71 -31.38
CA ASP F 74 56.38 -17.04 -31.97
C ASP F 74 57.02 -18.14 -31.12
N ILE F 75 56.28 -19.20 -30.84
CA ILE F 75 56.82 -20.28 -30.03
C ILE F 75 56.54 -21.65 -30.62
N THR F 76 57.56 -22.49 -30.63
CA THR F 76 57.45 -23.89 -31.00
C THR F 76 57.86 -24.73 -29.81
N PHE F 77 56.93 -25.52 -29.30
CA PHE F 77 57.28 -26.53 -28.30
C PHE F 77 57.70 -27.77 -29.06
N THR F 78 58.34 -28.70 -28.36
CA THR F 78 58.61 -30.02 -28.95
C THR F 78 58.56 -31.08 -27.86
N ALA F 79 57.88 -32.20 -28.13
CA ALA F 79 57.82 -33.27 -27.15
C ALA F 79 59.22 -33.83 -26.95
N ASN F 80 59.53 -34.19 -25.70
CA ASN F 80 60.87 -34.71 -25.39
C ASN F 80 60.92 -36.25 -25.29
N PRO F 81 62.13 -36.82 -25.42
CA PRO F 81 62.31 -38.23 -25.05
C PRO F 81 62.83 -38.40 -23.60
N SER F 82 62.39 -39.45 -22.89
CA SER F 82 61.42 -40.41 -23.42
C SER F 82 60.38 -40.76 -22.36
N HIS F 83 59.78 -39.72 -21.77
CA HIS F 83 58.62 -39.87 -20.88
C HIS F 83 57.54 -40.71 -21.52
N ALA F 84 57.52 -40.68 -22.85
CA ALA F 84 56.54 -41.35 -23.74
C ALA F 84 55.99 -42.72 -23.29
N GLY F 85 54.67 -42.90 -23.39
CA GLY F 85 53.74 -41.86 -23.86
C GLY F 85 53.32 -40.94 -22.72
N ILE F 86 53.00 -39.67 -22.97
CA ILE F 86 52.92 -38.97 -24.29
C ILE F 86 51.61 -39.22 -25.06
N THR F 87 50.79 -40.14 -24.59
CA THR F 87 49.50 -40.31 -25.23
C THR F 87 48.71 -39.02 -25.08
N GLU F 88 47.91 -38.69 -26.07
CA GLU F 88 47.13 -37.45 -26.04
C GLU F 88 47.92 -36.31 -26.65
N ASN F 89 47.39 -35.09 -26.50
CA ASN F 89 47.90 -33.94 -27.20
C ASN F 89 48.79 -33.09 -26.32
N LEU F 90 50.03 -32.87 -26.73
CA LEU F 90 50.86 -31.88 -26.05
C LEU F 90 49.98 -30.64 -25.99
N LEU F 91 50.02 -29.91 -24.87
CA LEU F 91 49.05 -28.83 -24.57
C LEU F 91 47.69 -29.41 -24.25
N GLN F 92 47.12 -28.97 -23.13
CA GLN F 92 45.83 -29.46 -22.67
C GLN F 92 44.90 -28.27 -22.47
N PRO F 93 43.59 -28.50 -22.17
CA PRO F 93 42.65 -27.38 -22.06
C PRO F 93 42.96 -26.37 -20.96
N GLY F 94 42.90 -26.78 -19.69
CA GLY F 94 43.17 -25.89 -18.59
C GLY F 94 44.46 -26.26 -17.89
N ARG F 95 45.46 -26.63 -18.68
CA ARG F 95 46.74 -26.98 -18.10
C ARG F 95 47.80 -25.95 -18.44
N ASP F 96 47.69 -25.32 -19.61
CA ASP F 96 48.74 -24.40 -20.07
C ASP F 96 48.25 -22.99 -20.42
N ALA F 97 49.11 -21.99 -20.20
CA ALA F 97 48.80 -20.59 -20.51
C ALA F 97 50.09 -19.79 -20.59
N PHE F 98 49.97 -18.47 -20.67
CA PHE F 98 51.11 -17.60 -20.40
C PHE F 98 51.23 -17.40 -18.91
N ARG F 99 52.40 -16.96 -18.46
CA ARG F 99 52.58 -16.54 -17.06
C ARG F 99 52.21 -15.07 -17.01
N ALA F 100 51.65 -14.62 -15.89
CA ALA F 100 51.21 -13.22 -15.78
C ALA F 100 52.12 -12.41 -14.86
N PHE F 101 52.64 -11.24 -15.28
CA PHE F 101 52.53 -10.66 -16.61
C PHE F 101 53.73 -11.15 -17.38
N PRO F 102 53.55 -11.54 -18.66
CA PRO F 102 54.64 -12.24 -19.33
C PRO F 102 55.84 -11.37 -19.68
N ILE F 103 55.74 -10.51 -20.68
CA ILE F 103 56.94 -9.83 -21.17
C ILE F 103 57.64 -9.01 -20.08
N SER F 104 57.00 -8.89 -18.92
CA SER F 104 57.58 -8.19 -17.77
C SER F 104 58.37 -9.08 -16.83
N SER F 105 57.94 -10.33 -16.68
CA SER F 105 58.64 -11.27 -15.80
C SER F 105 59.95 -11.77 -16.44
N ILE F 106 59.98 -11.79 -17.78
CA ILE F 106 61.20 -12.19 -18.49
C ILE F 106 62.27 -11.11 -18.47
N THR F 107 61.86 -9.87 -18.73
CA THR F 107 62.78 -8.76 -18.90
C THR F 107 63.56 -8.52 -17.62
N ASN F 108 64.85 -8.27 -17.75
CA ASN F 108 65.66 -7.98 -16.60
C ASN F 108 65.38 -6.59 -16.08
N THR F 109 65.52 -5.60 -16.96
CA THR F 109 65.46 -4.18 -16.56
C THR F 109 64.92 -3.27 -17.65
N LEU F 110 64.28 -2.18 -17.23
CA LEU F 110 63.66 -1.25 -18.17
C LEU F 110 64.10 0.18 -17.90
N ASN F 111 65.21 0.56 -18.52
CA ASN F 111 65.67 1.93 -18.41
C ASN F 111 65.11 2.84 -19.48
N ALA F 112 64.46 3.93 -19.05
CA ALA F 112 64.07 5.01 -19.96
C ALA F 112 64.80 6.28 -19.53
N THR F 113 64.76 7.33 -20.35
CA THR F 113 65.34 8.62 -19.95
C THR F 113 64.59 9.83 -20.46
N ILE F 114 64.39 10.82 -19.61
CA ILE F 114 63.77 12.06 -20.02
C ILE F 114 64.79 13.20 -19.99
N ASN F 115 64.85 13.95 -21.08
CA ASN F 115 65.72 15.13 -21.19
C ASN F 115 67.17 14.87 -20.84
N GLY F 116 67.62 13.63 -21.05
CA GLY F 116 68.99 13.27 -20.73
C GLY F 116 69.19 12.56 -19.40
N PHE F 117 68.30 12.79 -18.44
CA PHE F 117 68.42 12.15 -17.13
C PHE F 117 67.67 10.83 -17.08
N PRO F 118 68.38 9.71 -16.82
CA PRO F 118 67.78 8.36 -16.86
C PRO F 118 67.07 7.88 -15.58
N VAL F 119 65.78 7.61 -15.68
CA VAL F 119 64.99 6.96 -14.59
C VAL F 119 64.82 5.49 -14.96
N ASN F 120 64.86 4.58 -13.99
CA ASN F 120 64.85 3.16 -14.36
C ASN F 120 64.62 2.17 -13.24
N ILE F 121 63.47 1.51 -13.26
CA ILE F 121 63.14 0.45 -12.31
C ILE F 121 63.36 -0.89 -12.99
N GLU F 122 64.26 -1.70 -12.43
CA GLU F 122 64.43 -3.06 -12.91
C GLU F 122 63.14 -3.87 -12.66
N LEU F 123 62.74 -4.71 -13.61
CA LEU F 123 61.39 -5.31 -13.60
C LEU F 123 61.21 -6.67 -12.91
N ALA F 124 62.05 -7.65 -13.24
CA ALA F 124 61.96 -8.98 -12.64
C ALA F 124 61.87 -8.86 -11.11
N GLN F 125 61.15 -9.78 -10.50
CA GLN F 125 60.96 -9.80 -9.05
C GLN F 125 60.04 -8.70 -8.57
N ILE F 126 60.39 -7.47 -8.89
CA ILE F 126 59.67 -6.34 -8.36
C ILE F 126 58.22 -6.36 -8.79
N ILE F 127 57.97 -6.74 -10.03
CA ILE F 127 56.61 -6.71 -10.55
C ILE F 127 55.73 -7.63 -9.73
N HIS F 128 56.28 -8.77 -9.34
CA HIS F 128 55.47 -9.79 -8.67
C HIS F 128 55.05 -9.40 -7.29
N ALA F 129 55.85 -8.55 -6.67
CA ALA F 129 55.55 -7.99 -5.35
C ALA F 129 54.56 -6.82 -5.42
N LEU F 130 54.79 -5.89 -6.34
CA LEU F 130 53.97 -4.73 -6.47
C LEU F 130 52.59 -5.07 -7.03
N SER F 131 52.53 -6.01 -7.96
CA SER F 131 51.29 -6.40 -8.65
C SER F 131 50.11 -6.67 -7.73
N ARG F 132 50.36 -7.47 -6.70
CA ARG F 132 49.38 -7.80 -5.67
C ARG F 132 48.89 -6.58 -4.93
N TYR F 133 49.81 -5.66 -4.67
CA TYR F 133 49.52 -4.67 -3.69
C TYR F 133 48.43 -3.65 -4.00
N HIS F 134 48.64 -2.70 -4.88
CA HIS F 134 47.74 -1.57 -4.79
C HIS F 134 46.46 -1.59 -5.55
N THR F 135 46.20 -2.66 -6.29
CA THR F 135 45.04 -2.71 -7.21
C THR F 135 43.73 -3.33 -6.65
N PRO F 136 42.60 -2.62 -6.78
CA PRO F 136 41.32 -3.27 -6.46
C PRO F 136 40.62 -3.76 -7.73
N LEU F 137 39.51 -4.48 -7.57
CA LEU F 137 38.83 -5.13 -8.70
C LEU F 137 38.39 -4.18 -9.82
N LYS F 138 38.01 -2.96 -9.47
CA LYS F 138 37.68 -1.91 -10.45
C LYS F 138 38.89 -1.48 -11.29
N VAL F 139 40.06 -1.43 -10.66
CA VAL F 139 41.30 -1.09 -11.36
C VAL F 139 41.78 -2.22 -12.24
N LYS F 140 41.71 -3.44 -11.73
CA LYS F 140 42.12 -4.62 -12.47
C LYS F 140 41.44 -4.77 -13.84
N ASN F 141 40.13 -4.51 -13.91
CA ASN F 141 39.38 -4.54 -15.17
C ASN F 141 39.53 -3.30 -16.07
N GLY F 142 40.44 -2.40 -15.71
CA GLY F 142 40.69 -1.18 -16.49
C GLY F 142 41.83 -1.38 -17.47
N TRP F 143 42.92 -0.64 -17.28
CA TRP F 143 44.09 -0.81 -18.14
C TRP F 143 44.77 -2.09 -17.82
N MET F 144 44.94 -2.36 -16.52
CA MET F 144 45.68 -3.55 -16.11
C MET F 144 45.30 -4.72 -16.99
N SER F 145 44.15 -4.60 -17.65
CA SER F 145 43.56 -5.69 -18.40
C SER F 145 44.40 -6.24 -19.55
N MET F 146 45.17 -5.40 -20.21
CA MET F 146 45.82 -5.82 -21.46
C MET F 146 46.70 -7.08 -21.36
N GLN F 147 47.67 -7.09 -20.46
CA GLN F 147 48.45 -8.32 -20.26
C GLN F 147 47.63 -9.34 -19.46
N PRO F 148 47.99 -10.63 -19.52
CA PRO F 148 47.44 -11.60 -18.56
C PRO F 148 47.82 -11.20 -17.12
N SER F 149 46.83 -11.21 -16.20
CA SER F 149 47.03 -10.65 -14.84
C SER F 149 46.35 -11.38 -13.65
N PHE F 150 45.91 -12.63 -13.85
CA PHE F 150 45.38 -13.41 -12.74
C PHE F 150 46.59 -13.98 -11.99
N GLU F 151 47.03 -13.28 -10.95
CA GLU F 151 48.26 -13.64 -10.22
C GLU F 151 48.11 -14.91 -9.39
N ASP F 152 49.11 -15.79 -9.50
CA ASP F 152 49.05 -17.12 -8.93
C ASP F 152 48.74 -17.18 -7.42
N ASN F 153 47.88 -18.12 -7.03
CA ASN F 153 47.40 -18.26 -5.65
C ASN F 153 47.44 -19.71 -5.13
N TYR F 154 47.87 -20.63 -5.98
CA TYR F 154 48.04 -22.01 -5.57
C TYR F 154 49.52 -22.32 -5.42
N GLN F 155 49.90 -22.79 -4.24
CA GLN F 155 51.28 -23.15 -3.93
C GLN F 155 51.98 -24.00 -4.99
N SER F 156 51.20 -24.78 -5.73
CA SER F 156 51.68 -25.49 -6.90
C SER F 156 50.49 -25.73 -7.81
N TYR F 157 50.74 -25.71 -9.11
CA TYR F 157 49.67 -26.00 -10.06
C TYR F 157 49.15 -27.42 -9.94
N ARG F 158 49.98 -28.35 -9.50
CA ARG F 158 49.60 -29.75 -9.54
C ARG F 158 48.19 -29.96 -9.04
N ASP F 159 47.88 -29.42 -7.87
CA ASP F 159 46.56 -29.63 -7.29
C ASP F 159 45.50 -28.72 -7.91
N ALA F 160 45.93 -27.56 -8.42
CA ALA F 160 45.02 -26.50 -8.91
C ALA F 160 43.85 -26.96 -9.78
N ASP F 161 44.04 -28.06 -10.51
CA ASP F 161 43.02 -28.60 -11.42
C ASP F 161 41.95 -29.38 -10.66
N GLY F 162 40.68 -29.14 -10.94
CA GLY F 162 40.26 -28.12 -11.90
C GLY F 162 39.09 -27.35 -11.31
N ALA F 163 39.42 -26.40 -10.43
CA ALA F 163 38.42 -25.57 -9.75
C ALA F 163 38.09 -24.30 -10.54
N ASN F 164 36.91 -23.75 -10.30
CA ASN F 164 36.46 -22.59 -11.06
C ASN F 164 37.40 -21.42 -10.89
N ASN F 165 38.40 -21.55 -10.03
CA ASN F 165 39.38 -20.49 -9.86
C ASN F 165 40.81 -20.95 -10.14
N ASN F 166 40.93 -21.96 -11.00
CA ASN F 166 42.22 -22.40 -11.51
C ASN F 166 42.91 -21.25 -12.27
N PRO F 167 44.18 -20.94 -11.91
CA PRO F 167 44.77 -19.72 -12.44
C PRO F 167 44.92 -19.76 -13.94
N LEU F 168 45.17 -20.94 -14.51
CA LEU F 168 45.36 -21.08 -15.97
C LEU F 168 44.21 -21.80 -16.70
N GLY F 169 42.97 -21.35 -16.40
CA GLY F 169 41.80 -21.98 -17.00
C GLY F 169 41.39 -21.35 -18.31
N VAL F 170 40.47 -22.03 -19.00
CA VAL F 170 39.84 -21.52 -20.22
C VAL F 170 38.80 -20.45 -19.88
N PHE F 171 38.59 -19.47 -20.77
CA PHE F 171 37.68 -18.32 -20.50
C PHE F 171 36.32 -18.72 -19.97
N THR F 172 35.78 -19.84 -20.46
CA THR F 172 34.58 -20.35 -19.88
C THR F 172 34.95 -20.73 -18.46
N SER F 173 34.05 -20.55 -17.52
CA SER F 173 34.33 -20.92 -16.14
C SER F 173 34.87 -19.79 -15.26
N ALA F 174 34.95 -18.57 -15.76
CA ALA F 174 35.29 -17.46 -14.90
C ALA F 174 33.99 -16.75 -14.65
N ALA F 175 33.60 -16.54 -13.39
CA ALA F 175 32.29 -15.91 -13.18
C ALA F 175 32.17 -14.55 -13.89
N GLY F 176 30.95 -14.14 -14.25
CA GLY F 176 30.71 -12.87 -14.94
C GLY F 176 31.07 -11.67 -14.08
N LEU F 177 31.97 -10.82 -14.61
CA LEU F 177 32.49 -9.63 -13.90
C LEU F 177 33.56 -9.90 -12.83
N SER F 178 34.52 -10.75 -13.20
CA SER F 178 35.66 -11.07 -12.33
C SER F 178 36.94 -11.27 -13.16
N GLU F 179 38.08 -11.36 -12.49
CA GLU F 179 39.37 -11.65 -13.15
C GLU F 179 39.33 -13.02 -13.86
N LEU F 180 39.55 -13.00 -15.16
CA LEU F 180 39.50 -14.21 -15.98
C LEU F 180 40.87 -14.91 -16.04
N PRO F 181 40.87 -16.25 -16.15
CA PRO F 181 42.11 -17.00 -16.04
C PRO F 181 42.97 -16.86 -17.29
N ARG F 182 44.26 -17.14 -17.15
CA ARG F 182 45.27 -16.79 -18.15
C ARG F 182 45.12 -17.48 -19.49
N GLY F 183 44.34 -18.55 -19.54
CA GLY F 183 44.13 -19.26 -20.79
C GLY F 183 43.02 -18.67 -21.65
N SER F 184 42.70 -17.40 -21.43
CA SER F 184 41.65 -16.74 -22.21
C SER F 184 42.24 -15.80 -23.27
N TYR F 185 43.56 -15.63 -23.23
CA TYR F 185 44.29 -14.74 -24.12
C TYR F 185 44.33 -15.20 -25.57
N THR F 186 43.94 -14.34 -26.49
CA THR F 186 43.88 -14.81 -27.83
C THR F 186 45.29 -15.15 -28.21
N MET F 187 45.48 -16.37 -28.70
CA MET F 187 46.65 -16.73 -29.44
C MET F 187 46.12 -17.73 -30.42
N ASN F 188 46.70 -17.80 -31.60
CA ASN F 188 46.17 -18.66 -32.63
C ASN F 188 47.18 -19.71 -32.91
N VAL F 189 46.76 -20.97 -32.91
CA VAL F 189 47.68 -22.09 -32.81
C VAL F 189 47.78 -22.76 -34.17
N VAL F 190 48.84 -22.43 -34.92
CA VAL F 190 49.02 -22.93 -36.29
C VAL F 190 48.94 -24.46 -36.36
N THR F 191 49.30 -25.12 -35.26
CA THR F 191 49.15 -26.56 -35.09
C THR F 191 49.46 -27.01 -33.66
N ASN F 192 48.84 -28.11 -33.24
CA ASN F 192 49.07 -28.72 -31.95
C ASN F 192 48.87 -30.20 -32.13
N THR F 193 49.89 -30.98 -31.82
CA THR F 193 49.81 -32.43 -31.95
C THR F 193 50.47 -33.11 -30.74
N THR F 194 50.79 -34.38 -30.88
CA THR F 194 51.82 -34.96 -30.06
C THR F 194 53.13 -34.64 -30.81
N THR F 195 54.22 -34.48 -30.07
CA THR F 195 55.57 -34.15 -30.61
C THR F 195 55.80 -32.74 -31.18
N THR F 196 54.74 -31.94 -31.34
CA THR F 196 54.86 -30.60 -31.94
C THR F 196 53.77 -29.64 -31.51
N ALA F 197 54.14 -28.38 -31.31
CA ALA F 197 53.16 -27.31 -31.13
C ALA F 197 53.79 -26.01 -31.56
N ARG F 198 52.97 -25.08 -32.04
CA ARG F 198 53.46 -23.81 -32.54
C ARG F 198 52.39 -22.77 -32.41
N ILE F 199 52.67 -21.68 -31.72
CA ILE F 199 51.64 -20.68 -31.49
C ILE F 199 52.11 -19.26 -31.86
N THR F 200 51.31 -18.57 -32.65
CA THR F 200 51.61 -17.23 -33.14
C THR F 200 50.71 -16.22 -32.42
N GLY F 201 51.24 -15.07 -32.06
CA GLY F 201 50.39 -14.01 -31.53
C GLY F 201 51.11 -12.69 -31.30
N VAL F 202 50.37 -11.73 -30.79
CA VAL F 202 50.93 -10.43 -30.43
C VAL F 202 50.41 -10.09 -29.04
N LEU F 203 51.27 -9.61 -28.16
CA LEU F 203 50.83 -9.32 -26.80
C LEU F 203 51.30 -7.96 -26.27
N TYR F 204 50.46 -7.33 -25.44
CA TYR F 204 50.69 -5.98 -24.94
C TYR F 204 51.16 -6.03 -23.51
N GLU F 205 52.01 -5.08 -23.14
CA GLU F 205 52.50 -4.92 -21.78
C GLU F 205 52.41 -3.46 -21.43
N GLN F 206 52.31 -3.14 -20.15
CA GLN F 206 52.24 -1.77 -19.71
C GLN F 206 53.56 -1.34 -19.11
N VAL F 207 54.38 -0.59 -19.83
CA VAL F 207 55.60 -0.06 -19.22
C VAL F 207 55.29 0.39 -17.77
N PHE F 208 56.01 -0.18 -16.81
CA PHE F 208 55.85 0.22 -15.43
C PHE F 208 57.03 1.06 -14.99
N LEU F 209 56.78 2.27 -14.55
CA LEU F 209 57.86 3.13 -14.08
C LEU F 209 57.31 4.22 -13.20
N PRO F 210 58.18 4.91 -12.51
CA PRO F 210 57.77 5.88 -11.50
C PRO F 210 56.97 7.04 -12.06
N PRO F 211 57.43 7.60 -13.17
CA PRO F 211 56.74 8.74 -13.79
C PRO F 211 55.37 8.39 -14.36
N PHE F 212 55.27 7.22 -14.97
CA PHE F 212 54.04 6.72 -15.56
C PHE F 212 53.13 6.10 -14.50
N LEU F 213 51.83 5.95 -14.76
CA LEU F 213 50.96 5.53 -13.65
C LEU F 213 50.38 4.10 -13.64
N TRP F 214 50.05 3.55 -14.80
CA TRP F 214 49.54 2.16 -14.89
C TRP F 214 48.25 1.80 -14.17
N ASP F 215 47.68 2.80 -13.51
CA ASP F 215 46.44 2.72 -12.77
C ASP F 215 45.55 3.81 -13.35
N GLY F 216 44.26 3.73 -13.08
CA GLY F 216 43.28 4.61 -13.71
C GLY F 216 43.32 6.11 -13.52
N GLU F 217 43.77 6.56 -12.36
CA GLU F 217 43.79 7.98 -12.11
C GLU F 217 44.69 8.58 -13.17
N GLN F 218 44.33 9.76 -13.64
CA GLN F 218 45.12 10.47 -14.62
C GLN F 218 45.56 11.80 -14.05
N ALA F 219 46.84 12.11 -14.19
CA ALA F 219 47.35 13.33 -13.61
C ALA F 219 48.28 14.00 -14.61
N GLY F 220 48.46 15.30 -14.50
CA GLY F 220 49.27 16.00 -15.50
C GLY F 220 50.43 15.24 -16.11
N GLY F 221 50.51 15.23 -17.44
CA GLY F 221 51.56 14.49 -18.17
C GLY F 221 52.82 15.31 -18.32
N LEU F 222 53.97 14.65 -18.49
CA LEU F 222 55.26 15.32 -18.59
C LEU F 222 55.34 16.34 -19.71
N ALA F 223 55.25 17.62 -19.36
CA ALA F 223 55.65 18.68 -20.26
C ALA F 223 56.80 19.35 -19.54
N ASN F 224 57.85 19.75 -20.25
CA ASN F 224 57.85 19.92 -21.68
C ASN F 224 59.17 19.41 -22.18
N LEU F 225 59.18 18.14 -22.57
CA LEU F 225 60.40 17.40 -22.89
C LEU F 225 60.86 17.62 -24.33
N THR F 226 62.14 17.40 -24.61
CA THR F 226 62.64 17.45 -25.99
C THR F 226 63.01 16.07 -26.51
N SER F 227 63.43 15.18 -25.62
CA SER F 227 63.80 13.84 -26.06
C SER F 227 63.44 12.80 -25.01
N LEU F 228 63.36 11.55 -25.44
CA LEU F 228 62.86 10.46 -24.62
C LEU F 228 63.43 9.20 -25.23
N THR F 229 63.56 8.15 -24.43
CA THR F 229 64.11 6.90 -24.96
C THR F 229 64.04 5.73 -24.00
N PHE F 230 63.60 4.59 -24.53
CA PHE F 230 63.41 3.38 -23.75
C PHE F 230 64.46 2.34 -24.03
N ASN F 231 64.60 1.40 -23.12
CA ASN F 231 65.61 0.37 -23.25
C ASN F 231 65.31 -0.83 -22.36
N TRP F 232 64.98 -1.95 -22.99
CA TRP F 232 64.65 -3.19 -22.29
C TRP F 232 65.73 -4.17 -22.51
N VAL F 233 66.14 -4.87 -21.48
CA VAL F 233 67.10 -5.96 -21.65
C VAL F 233 66.48 -7.25 -21.12
N LEU F 234 66.43 -8.28 -21.96
CA LEU F 234 65.81 -9.53 -21.54
C LEU F 234 66.86 -10.50 -21.03
N ASN F 235 66.57 -11.16 -19.91
CA ASN F 235 67.38 -12.28 -19.45
C ASN F 235 67.38 -13.37 -20.49
N ASN F 236 68.52 -14.05 -20.60
CA ASN F 236 68.73 -15.03 -21.66
C ASN F 236 67.95 -16.33 -21.50
N ASN F 237 67.50 -16.62 -20.28
CA ASN F 237 66.68 -17.82 -19.99
C ASN F 237 65.36 -17.97 -20.81
N LEU F 238 64.55 -16.91 -20.85
CA LEU F 238 63.51 -16.72 -21.86
C LEU F 238 62.42 -17.83 -21.96
N ALA F 239 62.64 -18.94 -21.27
CA ALA F 239 61.63 -20.01 -21.25
C ALA F 239 60.62 -19.75 -20.14
N ARG F 240 60.95 -18.79 -19.27
CA ARG F 240 60.14 -18.43 -18.12
C ARG F 240 58.75 -17.93 -18.50
N ILE F 241 58.57 -17.52 -19.75
CA ILE F 241 57.28 -16.99 -20.23
C ILE F 241 56.10 -17.94 -20.03
N TRP F 242 56.24 -19.19 -20.48
CA TRP F 242 55.17 -20.18 -20.43
C TRP F 242 55.00 -20.73 -19.05
N SER F 243 53.81 -21.22 -18.73
CA SER F 243 53.55 -21.93 -17.47
C SER F 243 52.74 -23.21 -17.70
N HIS F 244 52.94 -24.22 -16.87
CA HIS F 244 52.50 -25.55 -17.26
C HIS F 244 52.35 -26.45 -16.08
N SER F 245 51.14 -26.93 -15.82
CA SER F 245 50.87 -27.71 -14.61
C SER F 245 51.56 -29.07 -14.61
N ASP F 246 51.76 -29.62 -13.41
CA ASP F 246 52.51 -30.85 -13.21
C ASP F 246 51.77 -32.11 -13.67
N ILE F 247 50.46 -32.11 -13.50
CA ILE F 247 49.68 -33.34 -13.47
C ILE F 247 50.01 -34.43 -14.50
N THR F 248 50.15 -34.06 -15.76
CA THR F 248 50.38 -35.03 -16.86
C THR F 248 51.74 -35.73 -16.77
N ASN F 249 52.72 -35.02 -16.22
CA ASN F 249 54.11 -35.51 -16.22
C ASN F 249 54.27 -36.76 -15.38
N ASP F 250 55.28 -37.55 -15.71
CA ASP F 250 55.57 -38.81 -15.03
C ASP F 250 56.19 -39.77 -16.05
N VAL F 251 56.55 -40.95 -15.56
CA VAL F 251 56.29 -41.28 -14.16
C VAL F 251 56.97 -40.43 -13.07
N SER F 252 58.25 -40.10 -13.25
CA SER F 252 59.02 -39.50 -12.15
C SER F 252 59.86 -38.26 -12.47
N GLY F 253 59.21 -37.11 -12.61
CA GLY F 253 59.90 -35.84 -12.85
C GLY F 253 60.13 -35.59 -14.33
N ASN F 254 59.82 -36.61 -15.13
CA ASN F 254 59.71 -36.51 -16.57
C ASN F 254 58.53 -35.65 -17.01
N SER F 255 58.82 -34.47 -17.53
CA SER F 255 57.80 -33.58 -18.07
C SER F 255 57.79 -33.70 -19.59
N THR F 256 56.60 -33.65 -20.19
CA THR F 256 56.48 -33.77 -21.65
C THR F 256 57.19 -32.65 -22.43
N ILE F 257 57.09 -31.43 -21.92
CA ILE F 257 57.28 -30.23 -22.73
C ILE F 257 58.67 -29.99 -23.34
N GLY F 258 59.74 -30.44 -22.69
CA GLY F 258 61.11 -29.96 -23.03
C GLY F 258 61.58 -30.27 -24.43
N SER F 259 61.98 -29.27 -25.24
CA SER F 259 62.17 -27.85 -24.88
C SER F 259 61.79 -26.90 -26.03
N MET F 260 61.30 -25.70 -25.71
CA MET F 260 60.81 -24.74 -26.74
C MET F 260 61.79 -23.63 -27.13
N ASN F 261 61.50 -22.91 -28.22
CA ASN F 261 62.31 -21.77 -28.66
C ASN F 261 61.42 -20.60 -29.05
N ILE F 262 61.75 -19.41 -28.56
CA ILE F 262 60.91 -18.22 -28.71
C ILE F 262 61.59 -17.15 -29.56
N SER F 263 60.88 -16.66 -30.57
CA SER F 263 61.37 -15.52 -31.36
C SER F 263 60.49 -14.27 -31.16
N PHE F 264 60.99 -13.11 -31.57
CA PHE F 264 60.14 -11.93 -31.57
C PHE F 264 60.30 -11.21 -32.90
N GLN F 265 59.32 -10.36 -33.22
CA GLN F 265 59.46 -9.43 -34.35
C GLN F 265 59.07 -7.99 -34.05
N GLN F 266 59.96 -7.04 -34.34
CA GLN F 266 59.57 -5.67 -34.57
C GLN F 266 58.67 -5.02 -33.53
N PRO F 267 59.02 -5.07 -32.26
CA PRO F 267 58.20 -4.46 -31.23
C PRO F 267 58.04 -2.94 -31.35
N SER F 268 56.82 -2.44 -31.19
CA SER F 268 56.55 -0.98 -31.28
C SER F 268 55.83 -0.40 -30.07
N MET F 269 56.28 0.77 -29.61
CA MET F 269 55.65 1.46 -28.50
C MET F 269 54.65 2.53 -28.95
N TYR F 270 53.67 2.85 -28.11
CA TYR F 270 52.71 3.90 -28.45
C TYR F 270 52.72 4.97 -27.39
N LEU F 271 52.90 6.21 -27.81
CA LEU F 271 52.83 7.38 -26.93
C LEU F 271 51.70 8.29 -27.39
N GLY F 272 51.07 9.01 -26.47
CA GLY F 272 50.04 9.98 -26.82
C GLY F 272 50.43 11.42 -26.54
N PHE F 273 50.60 12.22 -27.59
CA PHE F 273 51.06 13.60 -27.41
C PHE F 273 49.97 14.64 -27.64
N VAL F 274 49.51 15.27 -26.57
CA VAL F 274 48.53 16.36 -26.66
C VAL F 274 49.25 17.67 -26.85
N THR F 275 48.61 18.64 -27.49
CA THR F 275 49.14 20.01 -27.48
C THR F 275 48.13 21.03 -26.98
N PRO F 276 48.48 21.79 -25.93
CA PRO F 276 47.51 22.61 -25.20
C PRO F 276 47.01 23.78 -26.03
N ARG F 277 45.87 24.38 -25.64
CA ARG F 277 45.30 25.53 -26.36
C ARG F 277 46.31 26.67 -26.47
N LEU F 278 46.34 27.34 -27.63
CA LEU F 278 47.30 28.45 -27.87
C LEU F 278 47.09 29.61 -26.90
N ASN F 279 45.83 29.90 -26.61
CA ASN F 279 45.47 30.92 -25.63
C ASN F 279 46.11 30.70 -24.26
N ILE F 280 45.75 29.59 -23.60
CA ILE F 280 46.24 29.28 -22.25
C ILE F 280 47.70 28.83 -22.23
N PRO F 281 48.54 29.52 -21.44
CA PRO F 281 49.97 29.21 -21.40
C PRO F 281 50.34 28.23 -20.28
N ILE F 282 51.38 27.43 -20.53
CA ILE F 282 51.91 26.49 -19.54
C ILE F 282 53.24 27.06 -19.01
N PRO F 283 53.52 26.94 -17.69
CA PRO F 283 54.74 27.50 -17.07
C PRO F 283 56.03 26.95 -17.68
N PRO F 284 57.12 27.74 -17.65
CA PRO F 284 58.35 27.32 -18.32
C PRO F 284 59.14 26.28 -17.53
N ARG F 285 58.76 26.05 -16.26
CA ARG F 285 59.51 25.19 -15.34
C ARG F 285 58.60 24.41 -14.36
N ILE F 286 58.36 23.13 -14.62
CA ILE F 286 57.41 22.33 -13.83
C ILE F 286 58.08 21.38 -12.86
N THR F 287 57.34 20.95 -11.83
CA THR F 287 57.84 19.96 -10.85
C THR F 287 56.90 18.77 -10.58
N TYR F 288 57.30 17.60 -11.01
CA TYR F 288 56.49 16.41 -10.78
C TYR F 288 57.00 15.65 -9.57
N PRO F 289 56.15 14.83 -8.93
CA PRO F 289 56.66 13.91 -7.91
C PRO F 289 57.34 12.74 -8.58
N TYR F 290 58.34 12.16 -7.94
CA TYR F 290 59.10 11.08 -8.53
C TYR F 290 59.55 10.05 -7.49
N PHE F 291 59.07 8.82 -7.61
CA PHE F 291 59.37 7.77 -6.65
C PHE F 291 60.41 6.85 -7.25
N LYS F 292 61.31 6.36 -6.43
CA LYS F 292 62.44 5.53 -6.88
C LYS F 292 62.49 4.21 -6.08
N LEU F 293 62.34 3.07 -6.78
CA LEU F 293 62.30 1.78 -6.10
C LEU F 293 63.60 1.01 -6.26
N SER F 294 64.05 0.35 -5.20
CA SER F 294 65.31 -0.42 -5.23
C SER F 294 65.31 -1.59 -4.24
N ARG F 295 65.52 -2.80 -4.76
CA ARG F 295 65.38 -4.01 -3.94
C ARG F 295 66.71 -4.57 -3.41
N TYR F 296 66.76 -4.87 -2.12
CA TYR F 296 67.95 -5.46 -1.50
C TYR F 296 67.62 -6.88 -1.19
N THR F 297 68.56 -7.78 -1.43
CA THR F 297 68.29 -9.20 -1.24
C THR F 297 69.43 -9.88 -0.53
N THR F 298 69.10 -10.80 0.38
CA THR F 298 70.09 -11.74 0.93
C THR F 298 69.55 -13.14 0.80
N GLN F 299 70.27 -14.01 0.10
CA GLN F 299 69.88 -15.42 0.06
C GLN F 299 70.76 -16.27 0.97
N PHE F 300 70.12 -17.13 1.76
CA PHE F 300 70.80 -18.03 2.67
C PHE F 300 70.59 -19.34 1.99
N GLN F 301 71.55 -20.25 2.12
CA GLN F 301 71.48 -21.46 1.28
C GLN F 301 70.93 -22.72 1.95
N ASN F 302 70.04 -22.53 2.92
CA ASN F 302 69.50 -23.66 3.65
C ASN F 302 68.18 -24.04 3.02
N THR F 303 67.76 -25.28 3.27
CA THR F 303 66.48 -25.77 2.76
C THR F 303 65.55 -26.17 3.91
N LEU F 304 64.25 -26.26 3.60
CA LEU F 304 63.25 -26.71 4.57
C LEU F 304 62.06 -27.30 3.81
N ALA F 305 61.53 -28.42 4.30
CA ALA F 305 60.44 -29.13 3.63
C ALA F 305 59.78 -30.12 4.58
N PRO F 306 58.51 -30.47 4.33
CA PRO F 306 57.63 -29.73 3.43
C PRO F 306 56.94 -28.63 4.22
N ASN F 307 56.92 -28.76 5.55
CA ASN F 307 56.38 -27.72 6.43
C ASN F 307 57.08 -27.63 7.76
N ALA F 308 58.34 -27.23 7.69
CA ALA F 308 59.11 -26.86 8.87
C ALA F 308 59.26 -25.35 8.91
N SER F 309 59.58 -24.82 10.09
CA SER F 309 59.80 -23.39 10.27
C SER F 309 61.23 -23.10 10.71
N SER F 310 61.65 -21.86 10.48
CA SER F 310 62.99 -21.43 10.83
C SER F 310 63.02 -19.92 10.74
N THR F 311 64.20 -19.32 10.82
CA THR F 311 64.31 -17.88 10.87
C THR F 311 65.59 -17.42 10.22
N PHE F 312 65.59 -16.21 9.67
CA PHE F 312 66.80 -15.64 9.09
C PHE F 312 66.88 -14.12 9.26
N LYS F 313 68.11 -13.60 9.36
CA LYS F 313 68.34 -12.17 9.34
C LYS F 313 68.72 -11.71 7.94
N SER F 314 68.16 -10.59 7.52
CA SER F 314 68.31 -10.11 6.15
C SER F 314 69.65 -9.47 5.92
N ASN F 315 70.28 -9.03 7.01
CA ASN F 315 71.60 -8.37 7.02
C ASN F 315 71.60 -6.86 6.80
N VAL F 316 72.54 -6.20 7.47
CA VAL F 316 72.59 -4.77 7.59
C VAL F 316 72.52 -4.11 6.21
N VAL F 317 71.95 -2.91 6.17
CA VAL F 317 71.95 -2.05 4.98
C VAL F 317 71.91 -0.61 5.49
N GLN F 318 72.84 0.24 5.07
CA GLN F 318 72.85 1.65 5.48
C GLN F 318 72.04 2.50 4.51
N LEU F 319 71.51 3.62 4.97
CA LEU F 319 70.72 4.51 4.11
C LEU F 319 70.70 5.96 4.57
N ASP F 320 70.56 6.88 3.62
CA ASP F 320 70.62 8.32 3.88
C ASP F 320 69.26 8.95 4.15
N SER F 321 68.24 8.43 3.49
CA SER F 321 66.89 8.90 3.70
C SER F 321 66.05 7.75 4.19
N ILE F 322 65.02 8.07 4.97
CA ILE F 322 64.00 7.09 5.28
C ILE F 322 63.10 6.98 4.07
N PRO F 323 62.81 5.75 3.64
CA PRO F 323 61.89 5.55 2.54
C PRO F 323 60.45 5.93 2.92
N ARG F 324 59.63 6.32 1.94
CA ARG F 324 58.20 6.46 2.16
C ARG F 324 57.64 5.17 2.70
N LYS F 325 57.77 4.09 1.94
CA LYS F 325 57.26 2.79 2.37
C LYS F 325 58.22 1.70 1.96
N LEU F 326 58.13 0.56 2.63
CA LEU F 326 59.06 -0.54 2.43
C LEU F 326 58.32 -1.87 2.52
N TYR F 327 58.60 -2.77 1.59
CA TYR F 327 57.94 -4.07 1.54
C TYR F 327 58.92 -5.10 2.01
N LEU F 328 58.44 -6.19 2.56
CA LEU F 328 59.33 -7.28 2.96
C LEU F 328 58.65 -8.61 2.80
N PHE F 329 59.19 -9.43 1.90
CA PHE F 329 58.62 -10.73 1.64
C PHE F 329 59.68 -11.81 1.37
N VAL F 330 59.51 -12.95 2.01
CA VAL F 330 60.41 -14.05 1.80
C VAL F 330 59.77 -14.94 0.76
N LYS F 331 60.47 -15.15 -0.34
CA LYS F 331 59.97 -15.91 -1.48
C LYS F 331 60.86 -17.15 -1.74
N GLN F 332 60.41 -18.03 -2.62
CA GLN F 332 61.25 -19.12 -3.11
C GLN F 332 62.36 -18.50 -3.94
N SER F 333 63.61 -18.90 -3.71
CA SER F 333 64.77 -18.21 -4.32
C SER F 333 65.28 -18.76 -5.64
N ASP F 334 65.54 -17.84 -6.59
CA ASP F 334 65.74 -18.18 -8.01
C ASP F 334 67.09 -18.82 -8.44
N ASN F 335 68.08 -18.86 -7.56
CA ASN F 335 69.32 -19.50 -7.96
C ASN F 335 68.99 -20.95 -8.30
N VAL F 336 68.18 -21.58 -7.46
CA VAL F 336 67.53 -22.83 -7.84
C VAL F 336 66.25 -22.46 -8.58
N ILE F 337 65.73 -23.38 -9.39
CA ILE F 337 64.53 -23.16 -10.26
C ILE F 337 64.82 -22.39 -11.56
N TYR F 338 66.09 -22.09 -11.81
CA TYR F 338 66.45 -21.55 -13.10
C TYR F 338 67.16 -22.57 -13.97
N GLN F 339 67.85 -23.51 -13.35
CA GLN F 339 68.44 -24.65 -14.06
C GLN F 339 67.31 -25.59 -14.47
N ASN F 340 67.52 -26.36 -15.53
CA ASN F 340 66.49 -27.23 -16.13
C ASN F 340 65.38 -26.41 -16.77
N LEU F 341 64.87 -26.91 -17.89
CA LEU F 341 63.65 -26.33 -18.42
C LEU F 341 62.55 -26.63 -17.43
N ASN F 342 62.49 -27.89 -17.00
CA ASN F 342 61.45 -28.37 -16.11
C ASN F 342 61.12 -27.39 -14.99
N ASN F 343 62.09 -27.11 -14.13
CA ASN F 343 61.86 -26.21 -13.02
C ASN F 343 61.41 -24.85 -13.51
N GLN F 344 62.03 -24.40 -14.59
CA GLN F 344 61.81 -23.06 -15.12
C GLN F 344 60.38 -22.81 -15.58
N ILE F 345 59.74 -23.85 -16.12
CA ILE F 345 58.41 -23.71 -16.69
C ILE F 345 57.27 -23.95 -15.70
N THR F 346 57.43 -24.88 -14.77
CA THR F 346 56.28 -25.30 -13.94
C THR F 346 56.13 -24.64 -12.59
N THR F 347 57.17 -24.00 -12.05
CA THR F 347 57.11 -23.48 -10.67
C THR F 347 56.42 -22.12 -10.54
N PRO F 348 55.35 -22.05 -9.72
CA PRO F 348 54.52 -20.84 -9.60
C PRO F 348 55.21 -19.78 -8.77
N ASP F 349 54.71 -18.54 -8.86
CA ASP F 349 55.39 -17.32 -8.33
C ASP F 349 55.24 -16.97 -6.83
N VAL F 350 54.43 -17.77 -6.12
CA VAL F 350 54.00 -17.48 -4.76
C VAL F 350 55.14 -17.41 -3.72
N PHE F 351 54.85 -16.87 -2.53
CA PHE F 351 55.82 -16.87 -1.43
C PHE F 351 55.41 -17.71 -0.19
N LEU F 352 56.24 -17.70 0.84
CA LEU F 352 56.04 -18.49 2.07
C LEU F 352 55.27 -17.72 3.13
N GLN F 353 54.43 -18.40 3.91
CA GLN F 353 53.65 -17.74 4.97
C GLN F 353 54.53 -17.35 6.14
N ILE F 354 54.25 -16.20 6.74
CA ILE F 354 55.09 -15.69 7.84
C ILE F 354 54.45 -15.94 9.21
N ASN F 355 55.26 -16.30 10.19
CA ASN F 355 54.77 -16.52 11.55
C ASN F 355 54.92 -15.29 12.42
N ASN F 356 56.04 -14.60 12.28
CA ASN F 356 56.30 -13.37 13.02
C ASN F 356 57.50 -12.61 12.45
N LEU F 357 57.26 -11.37 12.00
CA LEU F 357 58.34 -10.52 11.50
C LEU F 357 58.71 -9.49 12.53
N ASN F 358 60.00 -9.41 12.81
CA ASN F 358 60.54 -8.49 13.79
C ASN F 358 61.68 -7.64 13.22
N LEU F 359 61.41 -6.35 13.02
CA LEU F 359 62.40 -5.46 12.45
C LEU F 359 63.20 -4.79 13.55
N THR F 360 64.39 -4.29 13.19
CA THR F 360 65.22 -3.47 14.08
C THR F 360 65.70 -2.19 13.40
N TRP F 361 65.44 -1.05 14.03
CA TRP F 361 65.88 0.26 13.53
C TRP F 361 67.35 0.46 13.73
N ASN F 362 67.84 1.69 13.63
CA ASN F 362 69.22 1.94 14.01
C ASN F 362 69.20 2.03 15.50
N ASN F 363 69.97 1.17 16.16
CA ASN F 363 70.05 1.19 17.61
C ASN F 363 68.67 1.12 18.28
N GLN F 364 67.77 0.30 17.75
CA GLN F 364 66.43 0.20 18.35
C GLN F 364 66.16 -1.16 18.97
N GLN F 365 66.07 -2.19 18.14
CA GLN F 365 66.10 -3.55 18.63
C GLN F 365 65.13 -3.87 19.78
N GLY F 366 63.84 -3.56 19.63
CA GLY F 366 63.22 -3.11 18.40
C GLY F 366 62.75 -4.33 17.64
N ILE F 367 61.73 -4.20 16.79
CA ILE F 367 60.73 -3.15 16.81
C ILE F 367 59.48 -3.83 16.30
N LEU F 368 58.27 -3.36 16.61
CA LEU F 368 57.11 -4.09 16.07
C LEU F 368 57.19 -5.61 16.23
N SER F 369 58.13 -6.07 17.04
CA SER F 369 58.34 -7.51 17.33
C SER F 369 57.06 -8.25 17.69
N GLY F 370 56.46 -7.87 18.81
CA GLY F 370 55.28 -8.55 19.32
C GLY F 370 54.05 -8.11 18.57
N ALA F 371 53.85 -8.67 17.38
CA ALA F 371 52.62 -8.47 16.61
C ALA F 371 52.28 -9.77 15.95
N SER F 372 51.15 -10.36 16.29
CA SER F 372 50.76 -11.66 15.71
C SER F 372 50.74 -11.51 14.20
N SER F 373 51.10 -12.56 13.49
CA SER F 373 51.06 -12.53 12.03
C SER F 373 49.69 -12.05 11.61
N GLN F 374 48.71 -12.29 12.48
CA GLN F 374 47.34 -11.83 12.28
C GLN F 374 47.24 -10.31 12.28
N ASN F 375 47.81 -9.69 13.29
CA ASN F 375 47.94 -8.25 13.38
C ASN F 375 48.77 -7.63 12.25
N LEU F 376 49.80 -8.33 11.78
CA LEU F 376 50.61 -7.87 10.65
C LEU F 376 49.82 -7.76 9.39
N TYR F 377 48.68 -8.43 9.33
CA TYR F 377 47.88 -8.39 8.13
C TYR F 377 46.92 -7.23 8.16
N ASP F 378 46.69 -6.67 9.34
CA ASP F 378 45.81 -5.52 9.49
C ASP F 378 46.32 -4.31 8.74
N PHE F 379 47.59 -3.99 8.95
CA PHE F 379 48.28 -3.00 8.16
C PHE F 379 49.31 -3.80 7.33
N SER F 380 49.17 -3.89 6.01
CA SER F 380 48.11 -3.27 5.33
C SER F 380 47.16 -4.29 4.82
N VAL F 381 45.89 -4.00 5.03
CA VAL F 381 44.88 -4.04 3.99
C VAL F 381 44.52 -2.57 4.07
N GLN F 382 45.30 -1.87 4.89
CA GLN F 382 45.09 -0.48 5.17
C GLN F 382 45.71 0.41 4.13
N ASN F 383 46.78 -0.06 3.48
CA ASN F 383 47.31 0.62 2.30
C ASN F 383 46.93 -0.14 1.04
N GLY F 384 46.10 -1.17 1.19
CA GLY F 384 45.34 -1.73 0.06
C GLY F 384 45.65 -3.13 -0.39
N TYR F 385 46.09 -3.99 0.53
CA TYR F 385 46.57 -5.32 0.17
C TYR F 385 45.70 -6.23 -0.73
N ASN F 386 44.39 -5.99 -0.75
CA ASN F 386 43.46 -6.63 -1.73
C ASN F 386 43.33 -8.20 -1.83
N LYS F 387 43.75 -8.92 -0.80
CA LYS F 387 43.52 -10.36 -0.74
C LYS F 387 42.89 -10.67 0.59
N THR F 388 42.18 -11.78 0.71
CA THR F 388 41.60 -12.12 2.00
C THR F 388 42.66 -12.51 3.02
N TRP F 389 42.25 -12.74 4.27
CA TRP F 389 43.14 -13.25 5.29
C TRP F 389 43.44 -14.68 5.02
N SER F 390 42.52 -15.33 4.32
CA SER F 390 42.70 -16.70 3.88
C SER F 390 43.93 -16.91 2.96
N GLU F 391 44.12 -16.03 1.98
CA GLU F 391 45.27 -16.17 1.06
C GLU F 391 46.58 -15.89 1.79
N PHE F 392 46.58 -14.87 2.63
CA PHE F 392 47.67 -14.56 3.54
C PHE F 392 47.84 -15.74 4.49
N ASN F 393 49.01 -15.90 5.09
CA ASN F 393 49.27 -17.05 5.98
C ASN F 393 48.71 -18.36 5.37
N GLY F 394 48.69 -18.39 4.05
CA GLY F 394 47.93 -19.36 3.29
C GLY F 394 48.30 -20.81 3.52
N VAL F 395 47.36 -21.52 4.12
CA VAL F 395 47.36 -22.97 4.14
C VAL F 395 45.93 -23.29 4.56
N THR F 396 45.28 -24.22 3.87
CA THR F 396 43.87 -24.50 4.11
C THR F 396 43.61 -25.98 4.04
N GLN F 397 42.68 -26.44 4.86
CA GLN F 397 42.30 -27.85 4.86
C GLN F 397 41.33 -28.16 3.74
N GLN F 398 41.31 -29.41 3.29
CA GLN F 398 40.17 -29.89 2.53
C GLN F 398 39.68 -31.25 3.04
N PHE F 399 38.39 -31.33 3.40
CA PHE F 399 37.78 -32.58 3.91
C PHE F 399 37.71 -33.67 2.85
N ASN F 400 37.68 -34.92 3.31
CA ASN F 400 37.72 -36.07 2.41
C ASN F 400 36.74 -37.18 2.81
N GLY F 401 35.64 -37.29 2.05
CA GLY F 401 34.69 -38.41 2.19
C GLY F 401 35.31 -39.70 1.68
N VAL F 402 34.62 -40.83 1.83
CA VAL F 402 35.19 -42.17 1.56
C VAL F 402 36.18 -42.56 2.68
N SER F 403 36.21 -43.84 3.05
CA SER F 403 37.11 -44.32 4.11
C SER F 403 38.23 -45.22 3.55
N GLY F 404 39.48 -45.05 4.01
CA GLY F 404 39.86 -44.18 5.13
C GLY F 404 41.05 -43.25 4.83
N GLN F 405 41.32 -43.01 3.54
CA GLN F 405 42.42 -42.14 3.11
C GLN F 405 42.29 -40.74 3.70
N PRO F 406 43.36 -40.25 4.33
CA PRO F 406 43.31 -38.98 5.08
C PRO F 406 42.92 -37.76 4.22
N THR F 407 42.29 -36.79 4.88
CA THR F 407 42.02 -35.47 4.32
C THR F 407 43.34 -34.82 3.89
N LYS F 408 43.35 -34.07 2.80
CA LYS F 408 44.60 -33.42 2.36
C LYS F 408 44.60 -31.89 2.48
N VAL F 409 45.73 -31.37 2.93
CA VAL F 409 45.90 -29.95 3.08
C VAL F 409 46.30 -29.36 1.72
N ILE F 410 45.91 -28.11 1.49
CA ILE F 410 46.31 -27.39 0.28
C ILE F 410 47.01 -26.08 0.63
N GLY F 411 48.20 -25.86 0.09
CA GLY F 411 48.89 -24.59 0.22
C GLY F 411 48.19 -23.58 -0.65
N LEU F 412 48.11 -22.33 -0.20
CA LEU F 412 47.42 -21.32 -0.99
C LEU F 412 48.32 -20.28 -1.62
N GLU F 413 48.79 -19.33 -0.81
CA GLU F 413 49.68 -18.28 -1.29
C GLU F 413 50.45 -17.62 -0.15
N GLY F 414 51.50 -16.90 -0.49
CA GLY F 414 52.31 -16.22 0.49
C GLY F 414 51.79 -14.88 0.95
N GLY F 415 52.29 -14.43 2.10
CA GLY F 415 51.93 -13.12 2.63
C GLY F 415 53.07 -12.15 2.45
N ILE F 416 52.77 -10.95 1.97
CA ILE F 416 53.78 -9.97 1.64
C ILE F 416 53.37 -8.69 2.33
N VAL F 417 54.14 -8.32 3.34
CA VAL F 417 53.85 -7.16 4.19
C VAL F 417 54.26 -5.84 3.52
N CYS F 418 53.95 -4.72 4.16
CA CYS F 418 54.35 -3.40 3.68
C CYS F 418 53.92 -2.39 4.71
N LEU F 419 54.85 -1.53 5.11
CA LEU F 419 54.62 -0.57 6.17
C LEU F 419 55.30 0.75 5.82
N GLU F 420 54.47 1.75 5.54
CA GLU F 420 54.91 3.09 5.30
C GLU F 420 55.47 3.48 6.62
N LEU F 421 56.67 4.04 6.65
CA LEU F 421 57.35 4.16 7.92
C LEU F 421 56.63 5.02 8.95
N GLY F 422 56.22 6.22 8.55
CA GLY F 422 55.69 7.15 9.53
C GLY F 422 54.45 6.56 10.15
N LYS F 423 53.62 6.00 9.30
CA LYS F 423 52.38 5.38 9.71
C LYS F 423 52.53 4.12 10.56
N ASP F 424 53.45 3.23 10.19
CA ASP F 424 53.47 1.92 10.84
C ASP F 424 54.77 1.57 11.55
N VAL F 425 55.82 2.31 11.27
CA VAL F 425 57.12 2.01 11.86
C VAL F 425 57.29 2.70 13.21
N GLY F 426 56.69 3.88 13.34
CA GLY F 426 56.94 4.74 14.50
C GLY F 426 58.31 5.36 14.29
N LEU F 427 58.49 6.60 14.70
CA LEU F 427 59.73 7.31 14.39
C LEU F 427 60.04 8.41 15.37
N ARG F 428 61.33 8.54 15.69
CA ARG F 428 61.82 9.62 16.56
C ARG F 428 61.47 10.98 15.98
N ASP F 429 61.17 11.92 16.88
CA ASP F 429 60.85 13.29 16.49
C ASP F 429 61.91 13.82 15.55
N ASP F 430 61.49 14.69 14.63
CA ASP F 430 62.42 15.43 13.77
C ASP F 430 62.74 14.68 12.47
N GLU F 431 61.89 13.73 12.13
CA GLU F 431 62.23 12.77 11.11
C GLU F 431 60.98 12.42 10.32
N ALA F 432 60.68 13.26 9.33
CA ALA F 432 59.56 12.95 8.45
C ALA F 432 59.99 11.92 7.43
N GLU F 433 59.02 11.32 6.75
CA GLU F 433 59.32 10.29 5.77
C GLU F 433 59.82 10.89 4.47
N GLY F 434 61.15 11.02 4.39
CA GLY F 434 61.79 11.56 3.21
C GLY F 434 62.73 12.71 3.50
N VAL F 435 63.30 12.74 4.70
CA VAL F 435 64.37 13.71 5.03
C VAL F 435 65.73 13.05 4.75
N ILE F 436 66.84 13.68 5.15
CA ILE F 436 68.16 13.06 5.04
C ILE F 436 69.02 13.21 6.32
N GLY F 437 69.25 12.09 6.98
CA GLY F 437 70.18 11.95 8.10
C GLY F 437 70.59 10.49 8.10
N ASN F 438 71.69 10.13 8.73
CA ASN F 438 72.17 8.75 8.61
C ASN F 438 71.58 7.75 9.61
N PHE F 439 70.93 6.70 9.12
CA PHE F 439 70.45 5.56 9.93
C PHE F 439 70.37 4.28 9.14
N ASN F 440 70.45 3.13 9.81
CA ASN F 440 70.47 1.83 9.13
C ASN F 440 69.58 0.77 9.79
N LEU F 441 69.07 -0.18 9.02
CA LEU F 441 68.22 -1.23 9.58
C LEU F 441 68.63 -2.63 9.17
N GLN F 442 68.09 -3.62 9.87
CA GLN F 442 68.14 -5.01 9.48
C GLN F 442 66.79 -5.58 9.84
N VAL F 443 66.28 -6.52 9.05
CA VAL F 443 65.00 -7.12 9.35
C VAL F 443 65.16 -8.61 9.55
N GLN F 444 64.67 -9.14 10.66
CA GLN F 444 64.71 -10.59 10.86
C GLN F 444 63.31 -11.21 10.92
N MET F 445 63.10 -12.31 10.21
CA MET F 445 61.76 -12.88 10.24
C MET F 445 61.67 -14.39 10.17
N THR F 446 60.82 -14.95 11.02
CA THR F 446 60.54 -16.36 11.04
C THR F 446 59.53 -16.65 9.94
N VAL F 447 59.59 -17.85 9.39
CA VAL F 447 58.80 -18.19 8.22
C VAL F 447 58.61 -19.68 8.16
N THR F 448 57.53 -20.13 7.51
CA THR F 448 57.32 -21.56 7.24
C THR F 448 56.93 -21.79 5.79
N ASN F 449 57.53 -22.81 5.19
CA ASN F 449 57.13 -23.28 3.88
C ASN F 449 55.90 -24.17 4.01
N THR F 450 54.84 -23.86 3.25
CA THR F 450 53.54 -24.51 3.42
C THR F 450 53.13 -25.43 2.27
N ASN F 451 53.74 -25.20 1.11
CA ASN F 451 53.58 -26.07 -0.06
C ASN F 451 53.96 -27.49 0.31
N GLN F 452 53.35 -28.47 -0.37
CA GLN F 452 53.34 -29.84 0.13
C GLN F 452 54.35 -30.82 -0.42
N TYR F 453 54.98 -30.52 -1.55
CA TYR F 453 55.72 -31.56 -2.29
C TYR F 453 57.22 -31.38 -2.50
N VAL F 454 57.66 -30.14 -2.67
CA VAL F 454 59.09 -29.90 -2.96
C VAL F 454 59.82 -29.17 -1.85
N THR F 455 61.09 -29.54 -1.69
CA THR F 455 62.01 -28.83 -0.82
C THR F 455 62.23 -27.45 -1.42
N VAL F 456 61.87 -26.42 -0.65
CA VAL F 456 61.99 -25.09 -1.18
C VAL F 456 63.03 -24.34 -0.38
N THR F 457 63.93 -23.66 -1.09
CA THR F 457 64.98 -22.88 -0.45
C THR F 457 64.61 -21.41 -0.50
N PRO F 458 64.59 -20.75 0.65
CA PRO F 458 64.08 -19.39 0.66
C PRO F 458 65.15 -18.36 0.38
N ASP F 459 64.75 -17.09 0.47
CA ASP F 459 65.62 -15.92 0.49
C ASP F 459 64.78 -14.74 1.03
N MET F 460 65.31 -13.53 1.00
CA MET F 460 64.53 -12.41 1.45
C MET F 460 64.49 -11.34 0.38
N TYR F 461 63.53 -10.44 0.50
CA TYR F 461 63.56 -9.21 -0.27
C TYR F 461 63.12 -8.06 0.59
N ILE F 462 63.73 -6.91 0.41
CA ILE F 462 63.24 -5.70 1.04
C ILE F 462 63.19 -4.65 -0.02
N VAL F 463 61.98 -4.26 -0.43
CA VAL F 463 61.80 -3.29 -1.51
C VAL F 463 61.37 -1.94 -0.97
N ALA F 464 62.29 -0.99 -0.92
CA ALA F 464 61.99 0.34 -0.39
C ALA F 464 61.67 1.32 -1.52
N VAL F 465 60.89 2.37 -1.24
CA VAL F 465 60.60 3.41 -2.25
C VAL F 465 60.91 4.77 -1.68
N TYR F 466 61.64 5.60 -2.41
CA TYR F 466 61.99 6.93 -1.91
C TYR F 466 61.20 8.03 -2.58
N ASP F 467 60.79 9.02 -1.79
CA ASP F 467 60.05 10.15 -2.36
C ASP F 467 60.98 11.32 -2.59
N GLY F 468 60.69 12.04 -3.68
CA GLY F 468 61.42 13.26 -4.01
C GLY F 468 60.78 13.92 -5.21
N THR F 469 61.20 15.14 -5.50
CA THR F 469 60.64 15.87 -6.62
C THR F 469 61.60 15.86 -7.79
N LEU F 470 61.10 15.50 -8.97
CA LEU F 470 61.87 15.62 -10.18
C LEU F 470 61.36 16.81 -10.98
N VAL F 471 62.21 17.81 -11.15
CA VAL F 471 61.83 19.07 -11.80
C VAL F 471 62.16 18.98 -13.27
N ILE F 472 61.16 18.87 -14.13
CA ILE F 472 61.44 18.91 -15.58
C ILE F 472 61.37 20.35 -16.07
N SER F 473 62.41 20.77 -16.78
CA SER F 473 62.43 22.08 -17.42
C SER F 473 63.12 21.99 -18.76
N ASN F 474 62.84 22.95 -19.63
CA ASN F 474 63.59 22.98 -20.86
C ASN F 474 64.86 23.79 -20.61
N THR F 475 66.02 23.14 -20.74
CA THR F 475 66.11 21.74 -21.15
C THR F 475 67.08 20.97 -20.23
N SER F 476 66.55 19.98 -19.51
CA SER F 476 67.30 19.22 -18.47
C SER F 476 66.35 18.61 -17.44
N ALA F 477 66.90 17.81 -16.52
CA ALA F 477 66.08 17.24 -15.47
C ALA F 477 66.88 16.98 -14.19
N MET F 478 66.79 17.92 -13.27
CA MET F 478 67.35 17.78 -11.93
C MET F 478 66.41 16.88 -11.15
N ALA F 479 66.96 15.94 -10.40
CA ALA F 479 66.17 15.11 -9.50
C ALA F 479 66.69 15.29 -8.08
N SER F 480 65.81 15.57 -7.13
CA SER F 480 66.21 15.75 -5.73
C SER F 480 65.48 14.79 -4.80
N ILE F 481 66.23 14.08 -3.97
CA ILE F 481 65.63 13.28 -2.91
C ILE F 481 66.05 13.83 -1.57
N GLY F 482 65.13 13.78 -0.62
CA GLY F 482 65.35 14.42 0.68
C GLY F 482 65.17 15.91 0.54
N VAL F 483 64.04 16.31 -0.04
CA VAL F 483 63.76 17.72 -0.31
C VAL F 483 63.52 18.53 0.96
N ALA F 484 63.09 17.87 2.02
CA ALA F 484 62.98 18.53 3.32
C ALA F 484 64.32 18.59 4.05
N SER F 485 64.57 19.72 4.73
CA SER F 485 65.77 19.89 5.57
C SER F 485 65.43 19.56 7.01
N LYS F 486 66.36 18.91 7.72
CA LYS F 486 66.04 18.29 9.01
C LYS F 486 65.45 19.26 10.01
N GLU F 487 65.96 20.49 10.02
CA GLU F 487 65.41 21.51 10.93
C GLU F 487 63.92 21.80 10.62
N GLU F 488 63.52 21.60 9.37
CA GLU F 488 62.20 22.02 8.91
C GLU F 488 61.04 21.12 9.31
N VAL F 489 61.31 19.85 9.55
CA VAL F 489 60.25 18.97 10.00
C VAL F 489 59.76 19.40 11.38
N LEU F 490 60.67 19.82 12.23
CA LEU F 490 60.24 20.51 13.41
C LEU F 490 59.65 21.82 12.91
N ASN F 491 58.72 22.38 13.64
CA ASN F 491 58.15 23.65 13.25
C ASN F 491 57.52 23.71 11.88
N ALA F 492 56.76 22.69 11.51
CA ALA F 492 55.92 22.79 10.31
C ALA F 492 54.47 22.76 10.76
N ARG F 493 53.70 23.77 10.40
CA ARG F 493 52.30 23.88 10.87
C ARG F 493 51.38 22.84 10.23
N ILE F 494 50.62 22.13 11.07
CA ILE F 494 49.67 21.14 10.58
C ILE F 494 48.50 21.81 9.88
N THR F 495 48.07 21.21 8.79
CA THR F 495 46.95 21.72 8.02
C THR F 495 45.80 20.72 8.13
N HIS F 496 44.65 21.17 8.58
CA HIS F 496 43.49 20.28 8.60
C HIS F 496 42.89 20.14 7.24
N GLY F 497 43.16 21.12 6.37
CA GLY F 497 42.68 21.16 4.98
C GLY F 497 42.87 19.89 4.17
N VAL F 498 44.06 19.31 4.24
CA VAL F 498 44.33 18.02 3.60
C VAL F 498 43.91 16.89 4.54
N SER F 499 43.65 15.70 3.98
CA SER F 499 43.29 14.50 4.76
C SER F 499 44.16 13.31 4.35
N TYR F 500 44.31 12.32 5.23
CA TYR F 500 45.23 11.21 4.97
C TYR F 500 44.75 10.20 3.93
N ASN F 501 43.45 9.92 3.89
CA ASN F 501 42.90 9.02 2.87
C ASN F 501 43.10 9.51 1.42
N GLU F 502 43.37 10.80 1.28
CA GLU F 502 43.72 11.38 -0.01
C GLU F 502 45.08 10.88 -0.47
N LEU F 503 46.07 10.90 0.43
CA LEU F 503 47.47 10.55 0.15
C LEU F 503 47.69 9.08 -0.21
N GLN F 504 46.68 8.26 0.00
CA GLN F 504 46.74 6.86 -0.43
C GLN F 504 46.50 6.77 -1.94
N ARG F 505 45.84 7.77 -2.49
CA ARG F 505 45.50 7.81 -3.91
C ARG F 505 46.47 8.64 -4.74
N ILE F 506 47.54 9.08 -4.10
CA ILE F 506 48.56 9.87 -4.75
C ILE F 506 49.72 8.97 -5.11
N TYR F 507 49.64 7.74 -4.65
CA TYR F 507 50.75 6.83 -4.85
C TYR F 507 50.86 6.50 -6.32
N GLY F 508 52.03 6.05 -6.74
CA GLY F 508 53.14 5.84 -5.82
C GLY F 508 54.23 4.97 -6.42
N MET G 1 64.94 25.96 2.58
CA MET G 1 63.52 25.73 2.88
C MET G 1 63.11 24.26 2.86
N SER G 2 62.92 23.67 1.68
CA SER G 2 63.10 24.33 0.40
C SER G 2 63.70 23.30 -0.55
N ASN G 3 64.88 23.58 -1.06
CA ASN G 3 65.76 22.53 -1.56
C ASN G 3 65.40 22.05 -2.95
N SER G 4 64.29 22.50 -3.48
CA SER G 4 63.93 22.07 -4.82
C SER G 4 63.49 23.26 -5.65
N ALA G 5 64.43 24.14 -5.98
CA ALA G 5 64.06 25.36 -6.66
C ALA G 5 63.44 25.03 -8.00
N ILE G 6 62.33 25.69 -8.31
CA ILE G 6 61.76 26.65 -7.37
C ILE G 6 61.32 25.93 -6.09
N PRO G 7 61.66 26.51 -4.94
CA PRO G 7 61.32 25.92 -3.65
C PRO G 7 59.81 25.89 -3.45
N LEU G 8 59.29 24.89 -2.75
CA LEU G 8 57.83 24.75 -2.64
C LEU G 8 57.36 24.75 -1.19
N ASN G 9 56.05 24.84 -1.02
CA ASN G 9 55.45 24.95 0.29
C ASN G 9 55.51 23.67 1.09
N VAL G 10 55.66 23.77 2.40
CA VAL G 10 55.64 22.56 3.22
C VAL G 10 54.53 22.61 4.26
N VAL G 11 53.67 21.60 4.24
CA VAL G 11 52.61 21.51 5.20
C VAL G 11 52.69 20.12 5.75
N ALA G 12 52.44 19.94 7.04
CA ALA G 12 52.51 18.61 7.60
C ALA G 12 51.16 18.16 8.08
N VAL G 13 50.71 17.06 7.52
CA VAL G 13 49.43 16.44 7.83
C VAL G 13 49.59 15.45 9.00
N GLN G 14 48.48 15.09 9.63
CA GLN G 14 48.50 14.14 10.71
C GLN G 14 48.31 12.73 10.22
N GLU G 15 48.75 11.77 11.05
CA GLU G 15 48.44 10.37 10.85
C GLU G 15 46.95 10.11 11.05
N PRO G 16 46.36 9.15 10.32
CA PRO G 16 44.93 8.96 10.51
C PRO G 16 44.65 8.44 11.92
N ARG G 17 45.63 7.79 12.52
CA ARG G 17 45.43 7.18 13.82
C ARG G 17 45.21 8.21 14.91
N LEU G 18 45.75 9.40 14.74
CA LEU G 18 45.65 10.42 15.77
C LEU G 18 45.44 11.79 15.19
N GLU G 19 44.39 12.47 15.64
CA GLU G 19 44.15 13.86 15.21
C GLU G 19 44.88 14.87 16.10
N LEU G 20 44.48 15.00 17.36
CA LEU G 20 43.20 14.50 17.86
C LEU G 20 42.35 15.73 18.11
N ASN G 21 42.84 16.85 17.60
CA ASN G 21 42.18 18.11 17.69
C ASN G 21 41.94 18.63 16.30
N ASN G 22 40.70 19.08 16.10
CA ASN G 22 40.23 19.81 14.92
C ASN G 22 38.75 19.99 15.18
N GLU G 23 38.08 20.87 14.45
CA GLU G 23 36.70 21.16 14.81
C GLU G 23 35.73 20.01 14.62
N ARG G 24 35.31 19.43 15.75
CA ARG G 24 34.27 18.44 15.74
C ARG G 24 32.95 19.18 15.77
N THR G 25 32.20 19.08 14.69
CA THR G 25 30.92 19.78 14.53
C THR G 25 29.80 18.77 14.40
N TRP G 26 28.81 18.89 15.27
CA TRP G 26 27.64 18.06 15.18
C TRP G 26 26.79 18.56 14.04
N VAL G 27 26.40 17.64 13.14
CA VAL G 27 25.71 18.00 11.88
C VAL G 27 24.26 17.54 11.83
N VAL G 28 23.31 18.46 12.03
CA VAL G 28 21.89 18.09 12.02
C VAL G 28 21.38 17.89 10.59
N VAL G 29 21.06 16.65 10.22
CA VAL G 29 20.61 16.36 8.85
C VAL G 29 19.11 16.59 8.73
N LYS G 30 18.67 17.45 7.82
CA LYS G 30 17.25 17.80 7.76
C LYS G 30 16.61 17.76 6.38
N GLY G 31 15.54 16.98 6.28
CA GLY G 31 14.74 16.87 5.06
C GLY G 31 13.25 16.86 5.34
N GLY G 32 12.51 17.68 4.61
CA GLY G 32 11.08 17.97 4.84
C GLY G 32 10.18 16.78 5.09
N GLN G 33 9.05 17.08 5.72
CA GLN G 33 8.08 16.11 6.18
C GLN G 33 7.33 15.37 5.08
N GLN G 34 6.82 14.20 5.45
CA GLN G 34 5.91 13.42 4.61
C GLN G 34 6.29 12.92 3.22
N VAL G 35 7.36 12.15 3.10
CA VAL G 35 7.57 11.34 1.90
C VAL G 35 6.47 10.28 1.77
N THR G 36 6.08 9.92 0.55
CA THR G 36 5.04 8.92 0.32
C THR G 36 5.14 8.38 -1.10
N TYR G 37 4.93 7.08 -1.28
CA TYR G 37 4.95 6.51 -2.62
C TYR G 37 3.58 6.02 -3.00
N TYR G 38 3.17 6.26 -4.24
CA TYR G 38 1.88 5.74 -4.74
C TYR G 38 1.96 5.06 -6.09
N PRO G 39 1.44 3.84 -6.20
CA PRO G 39 1.52 3.08 -7.42
C PRO G 39 0.42 3.46 -8.41
N PHE G 40 0.78 3.87 -9.63
CA PHE G 40 -0.22 4.32 -10.61
C PHE G 40 -0.63 3.26 -11.63
N PRO G 41 -1.72 2.51 -11.34
CA PRO G 41 -2.08 1.49 -12.32
C PRO G 41 -2.63 2.16 -13.59
N SER G 42 -2.32 1.61 -14.76
CA SER G 42 -2.73 2.21 -16.01
C SER G 42 -4.20 1.96 -16.27
N THR G 43 -4.87 2.92 -16.90
CA THR G 43 -6.13 2.65 -17.61
C THR G 43 -5.85 2.83 -19.08
N SER G 44 -6.50 2.04 -19.92
CA SER G 44 -6.14 1.94 -21.35
C SER G 44 -4.69 1.46 -21.57
N PHE G 45 -4.27 0.49 -20.76
CA PHE G 45 -3.15 -0.34 -21.12
C PHE G 45 -3.71 -1.30 -22.14
N SER G 46 -2.94 -1.65 -23.15
CA SER G 46 -3.34 -2.68 -24.07
C SER G 46 -2.11 -3.54 -24.36
N SER G 47 -2.27 -4.69 -24.99
CA SER G 47 -1.11 -5.58 -25.22
C SER G 47 -0.09 -4.97 -26.21
N ASN G 48 -0.58 -4.17 -27.15
CA ASN G 48 0.31 -3.55 -28.11
C ASN G 48 0.93 -2.22 -27.65
N GLN G 49 0.18 -1.38 -26.95
CA GLN G 49 0.75 -0.18 -26.37
C GLN G 49 0.19 0.03 -25.00
N PHE G 50 0.92 0.75 -24.16
CA PHE G 50 0.34 1.25 -22.87
C PHE G 50 0.87 2.55 -22.27
N ASN G 51 0.00 3.29 -21.60
CA ASN G 51 0.28 4.69 -21.21
C ASN G 51 -0.47 5.25 -19.98
N PHE G 52 0.29 5.89 -19.08
CA PHE G 52 -0.19 6.31 -17.76
C PHE G 52 -0.20 7.83 -17.65
N ILE G 53 -1.16 8.36 -16.89
CA ILE G 53 -1.27 9.79 -16.59
C ILE G 53 -1.26 10.04 -15.08
N CYS G 54 -0.22 10.73 -14.59
CA CYS G 54 -0.02 10.84 -13.15
C CYS G 54 0.69 12.11 -12.72
N ASN G 55 -0.12 13.09 -12.28
CA ASN G 55 0.38 14.39 -11.85
C ASN G 55 0.84 14.32 -10.41
N PRO G 56 1.71 15.27 -10.01
CA PRO G 56 2.02 15.30 -8.57
C PRO G 56 0.83 15.90 -7.81
N PRO G 57 0.78 15.74 -6.48
CA PRO G 57 -0.36 16.30 -5.74
C PRO G 57 -0.53 17.80 -5.98
N SER G 58 0.50 18.60 -5.73
CA SER G 58 0.44 20.04 -5.97
C SER G 58 1.68 20.49 -6.71
N ALA G 59 1.78 21.80 -6.95
CA ALA G 59 3.06 22.43 -7.18
C ALA G 59 3.77 22.47 -5.81
N GLN G 60 5.05 22.79 -5.82
CA GLN G 60 5.84 22.90 -4.58
C GLN G 60 5.83 21.61 -3.73
N THR G 61 5.82 20.45 -4.39
CA THR G 61 6.18 19.22 -3.70
C THR G 61 7.16 18.49 -4.59
N VAL G 62 8.40 18.37 -4.14
CA VAL G 62 9.49 17.85 -4.97
C VAL G 62 9.27 16.39 -5.34
N LEU G 63 9.37 16.09 -6.64
CA LEU G 63 9.13 14.73 -7.12
C LEU G 63 10.46 14.04 -7.28
N ASP G 64 10.54 12.80 -6.79
CA ASP G 64 11.79 12.04 -6.86
C ASP G 64 12.11 11.62 -8.30
N ARG G 65 13.36 11.25 -8.53
CA ARG G 65 13.87 11.11 -9.87
C ARG G 65 13.86 9.69 -10.39
N LEU G 66 14.09 8.72 -9.51
CA LEU G 66 14.06 7.32 -9.91
C LEU G 66 12.60 6.85 -10.04
N VAL G 67 12.21 6.43 -11.24
CA VAL G 67 10.84 5.97 -11.48
C VAL G 67 10.94 4.61 -12.11
N PHE G 68 9.99 3.71 -11.84
CA PHE G 68 10.02 2.39 -12.45
C PHE G 68 8.64 1.83 -12.62
N ILE G 69 8.50 0.92 -13.57
CA ILE G 69 7.18 0.42 -13.97
C ILE G 69 7.20 -1.10 -14.01
N GLN G 70 6.33 -1.73 -13.23
CA GLN G 70 6.23 -3.20 -13.19
C GLN G 70 5.07 -3.70 -14.03
N VAL G 71 5.26 -4.77 -14.79
CA VAL G 71 4.23 -5.22 -15.72
C VAL G 71 3.99 -6.73 -15.62
N PRO G 72 2.80 -7.16 -15.13
CA PRO G 72 2.50 -8.60 -15.16
C PRO G 72 2.27 -9.11 -16.58
N TYR G 73 2.69 -10.35 -16.84
CA TYR G 73 2.73 -10.90 -18.21
C TYR G 73 2.36 -12.37 -18.30
N ASP G 74 1.90 -12.81 -19.47
CA ASP G 74 1.56 -14.21 -19.72
C ASP G 74 2.06 -14.76 -21.08
N ILE G 75 2.79 -15.88 -21.06
CA ILE G 75 3.39 -16.46 -22.26
C ILE G 75 3.09 -17.94 -22.37
N THR G 76 2.71 -18.39 -23.56
CA THR G 76 2.65 -19.82 -23.88
C THR G 76 3.46 -20.08 -25.15
N PHE G 77 3.96 -21.31 -25.32
CA PHE G 77 4.69 -21.72 -26.53
C PHE G 77 4.00 -22.91 -27.17
N THR G 78 4.49 -23.33 -28.34
CA THR G 78 4.02 -24.58 -28.99
C THR G 78 5.15 -25.37 -29.70
N ALA G 79 5.07 -26.70 -29.67
CA ALA G 79 6.06 -27.53 -30.36
C ALA G 79 6.02 -27.31 -31.87
N ASN G 80 7.18 -27.03 -32.45
CA ASN G 80 7.26 -26.75 -33.89
C ASN G 80 7.54 -27.99 -34.73
N PRO G 81 6.60 -28.36 -35.64
CA PRO G 81 6.95 -29.34 -36.68
C PRO G 81 7.82 -28.63 -37.75
N SER G 82 8.77 -29.32 -38.39
CA SER G 82 8.95 -30.77 -38.32
C SER G 82 10.39 -31.20 -37.97
N HIS G 83 10.96 -30.55 -36.96
CA HIS G 83 12.18 -31.02 -36.29
C HIS G 83 11.88 -32.29 -35.52
N ALA G 84 10.61 -32.44 -35.16
CA ALA G 84 10.07 -33.50 -34.28
C ALA G 84 10.41 -34.95 -34.66
N GLY G 85 10.92 -35.66 -33.65
CA GLY G 85 11.00 -35.11 -32.29
C GLY G 85 12.39 -35.16 -31.67
N ILE G 86 12.71 -34.28 -30.71
CA ILE G 86 11.79 -33.42 -29.93
C ILE G 86 11.47 -33.83 -28.47
N THR G 87 12.09 -34.89 -27.99
CA THR G 87 12.10 -35.35 -26.62
C THR G 87 12.56 -34.24 -25.66
N GLU G 88 12.05 -34.25 -24.44
CA GLU G 88 12.41 -33.25 -23.41
C GLU G 88 11.45 -32.08 -23.38
N ASN G 89 11.44 -31.37 -22.27
CA ASN G 89 10.56 -30.23 -22.13
C ASN G 89 10.96 -29.08 -23.05
N LEU G 90 9.97 -28.40 -23.61
CA LEU G 90 10.28 -27.21 -24.41
C LEU G 90 11.32 -26.36 -23.71
N LEU G 91 10.98 -25.85 -22.52
CA LEU G 91 11.96 -25.12 -21.72
C LEU G 91 13.06 -26.08 -21.27
N GLN G 92 14.22 -25.52 -20.91
CA GLN G 92 15.39 -26.32 -20.55
C GLN G 92 16.09 -25.70 -19.33
N PRO G 93 16.95 -26.47 -18.64
CA PRO G 93 17.50 -25.97 -17.38
C PRO G 93 18.39 -24.72 -17.53
N GLY G 94 19.19 -24.68 -18.57
CA GLY G 94 20.10 -23.57 -18.80
C GLY G 94 20.21 -23.30 -20.28
N ARG G 95 19.10 -23.47 -20.98
CA ARG G 95 19.06 -23.15 -22.40
C ARG G 95 18.10 -22.00 -22.67
N ASP G 96 17.46 -21.49 -21.62
CA ASP G 96 16.45 -20.46 -21.82
C ASP G 96 16.27 -19.47 -20.67
N ALA G 97 16.06 -18.19 -21.03
CA ALA G 97 15.74 -17.11 -20.07
C ALA G 97 15.08 -15.91 -20.78
N PHE G 98 14.87 -14.79 -20.07
CA PHE G 98 14.48 -13.52 -20.70
C PHE G 98 15.70 -12.92 -21.36
N ARG G 99 15.51 -12.20 -22.47
CA ARG G 99 16.56 -11.32 -22.98
C ARG G 99 16.64 -10.15 -22.01
N ALA G 100 17.84 -9.65 -21.74
CA ALA G 100 18.01 -8.57 -20.76
C ALA G 100 18.40 -7.25 -21.43
N PHE G 101 17.74 -6.14 -21.07
CA PHE G 101 16.57 -6.08 -20.19
C PHE G 101 15.34 -6.18 -21.08
N PRO G 102 14.30 -6.88 -20.62
CA PRO G 102 13.25 -7.28 -21.54
C PRO G 102 12.34 -6.15 -22.00
N ILE G 103 11.62 -5.53 -21.07
CA ILE G 103 10.62 -4.54 -21.49
C ILE G 103 11.18 -3.48 -22.44
N SER G 104 12.34 -2.91 -22.11
CA SER G 104 12.92 -1.88 -22.94
C SER G 104 13.26 -2.35 -24.34
N SER G 105 13.80 -3.57 -24.45
CA SER G 105 14.26 -4.08 -25.75
C SER G 105 13.10 -4.28 -26.72
N ILE G 106 11.93 -4.63 -26.18
CA ILE G 106 10.77 -4.86 -27.00
C ILE G 106 10.06 -3.56 -27.38
N THR G 107 10.19 -2.56 -26.53
CA THR G 107 9.47 -1.30 -26.71
C THR G 107 10.13 -0.42 -27.73
N ASN G 108 9.37 -0.01 -28.73
CA ASN G 108 9.92 0.80 -29.80
C ASN G 108 10.39 2.20 -29.42
N THR G 109 9.64 2.88 -28.56
CA THR G 109 9.95 4.26 -28.17
C THR G 109 9.30 4.63 -26.87
N LEU G 110 9.67 5.76 -26.27
CA LEU G 110 9.02 6.13 -25.01
C LEU G 110 9.05 7.65 -24.75
N ASN G 111 7.89 8.25 -24.54
CA ASN G 111 7.77 9.70 -24.41
C ASN G 111 7.14 10.12 -23.10
N ALA G 112 7.84 10.94 -22.33
CA ALA G 112 7.33 11.43 -21.04
C ALA G 112 7.25 12.97 -20.97
N THR G 113 6.06 13.52 -21.26
CA THR G 113 5.89 14.98 -21.31
C THR G 113 5.90 15.64 -19.93
N ILE G 114 6.77 16.63 -19.77
CA ILE G 114 6.93 17.31 -18.49
C ILE G 114 6.25 18.65 -18.57
N ASN G 115 5.38 18.92 -17.60
CA ASN G 115 4.77 20.22 -17.44
C ASN G 115 4.22 20.77 -18.75
N GLY G 116 3.86 19.86 -19.67
CA GLY G 116 3.25 20.25 -20.93
C GLY G 116 4.08 20.06 -22.21
N PHE G 117 5.41 20.04 -22.08
CA PHE G 117 6.33 19.90 -23.23
C PHE G 117 7.01 18.52 -23.30
N PRO G 118 6.90 17.85 -24.45
CA PRO G 118 7.32 16.46 -24.58
C PRO G 118 8.83 16.23 -24.76
N VAL G 119 9.36 15.21 -24.08
CA VAL G 119 10.75 14.76 -24.22
C VAL G 119 10.80 13.24 -24.40
N ASN G 120 11.43 12.77 -25.47
CA ASN G 120 11.40 11.34 -25.76
C ASN G 120 12.69 10.78 -26.31
N ILE G 121 12.97 9.51 -26.03
CA ILE G 121 14.20 8.84 -26.45
C ILE G 121 13.87 7.47 -27.02
N GLU G 122 14.20 7.26 -28.28
CA GLU G 122 13.91 5.97 -28.85
C GLU G 122 14.69 5.07 -27.93
N LEU G 123 14.03 4.02 -27.48
CA LEU G 123 14.65 3.10 -26.52
C LEU G 123 15.14 1.77 -27.08
N ALA G 124 14.49 1.26 -28.12
CA ALA G 124 14.77 -0.08 -28.64
C ALA G 124 16.25 -0.36 -28.96
N GLN G 125 16.89 0.54 -29.70
CA GLN G 125 18.25 0.35 -30.20
C GLN G 125 19.33 0.95 -29.31
N ILE G 126 19.00 2.03 -28.61
CA ILE G 126 19.97 2.79 -27.85
C ILE G 126 20.55 2.02 -26.66
N ILE G 127 19.68 1.36 -25.90
CA ILE G 127 20.02 0.91 -24.54
C ILE G 127 21.13 -0.14 -24.43
N HIS G 128 21.18 -1.04 -25.39
CA HIS G 128 22.14 -2.15 -25.34
C HIS G 128 23.57 -1.72 -25.34
N ALA G 129 23.88 -0.71 -26.15
CA ALA G 129 25.22 -0.17 -26.17
C ALA G 129 25.47 0.82 -25.03
N LEU G 130 24.47 1.61 -24.67
CA LEU G 130 24.64 2.54 -23.55
C LEU G 130 24.75 1.80 -22.21
N SER G 131 24.16 0.61 -22.11
CA SER G 131 24.22 -0.19 -20.89
C SER G 131 25.63 -0.57 -20.47
N ARG G 132 26.38 -1.21 -21.37
CA ARG G 132 27.75 -1.65 -21.08
C ARG G 132 28.60 -0.56 -20.47
N TYR G 133 28.21 0.69 -20.70
CA TYR G 133 29.10 1.80 -20.38
C TYR G 133 29.30 2.29 -18.94
N HIS G 134 28.28 2.81 -18.27
CA HIS G 134 28.63 3.53 -17.04
C HIS G 134 28.49 2.81 -15.74
N THR G 135 28.34 1.49 -15.82
CA THR G 135 27.95 0.68 -14.66
C THR G 135 29.11 -0.08 -13.99
N PRO G 136 29.50 0.33 -12.76
CA PRO G 136 30.52 -0.44 -12.06
C PRO G 136 29.93 -1.70 -11.48
N LEU G 137 30.74 -2.49 -10.76
CA LEU G 137 30.22 -3.70 -10.12
C LEU G 137 29.33 -3.36 -8.94
N LYS G 138 29.64 -2.26 -8.25
CA LYS G 138 28.79 -1.78 -7.18
C LYS G 138 27.37 -1.55 -7.68
N VAL G 139 27.23 -0.75 -8.74
CA VAL G 139 25.91 -0.36 -9.27
C VAL G 139 25.17 -1.50 -9.96
N LYS G 140 25.90 -2.46 -10.51
CA LYS G 140 25.23 -3.57 -11.16
C LYS G 140 24.39 -4.30 -10.14
N ASN G 141 24.89 -4.45 -8.92
CA ASN G 141 24.14 -5.04 -7.82
C ASN G 141 23.24 -4.07 -7.06
N GLY G 142 23.28 -2.79 -7.48
CA GLY G 142 22.47 -1.71 -6.90
C GLY G 142 21.07 -1.69 -7.48
N TRP G 143 20.62 -0.53 -7.96
CA TRP G 143 19.28 -0.45 -8.53
C TRP G 143 19.11 -1.35 -9.72
N MET G 144 19.96 -1.17 -10.73
CA MET G 144 19.82 -1.91 -11.97
C MET G 144 19.50 -3.37 -11.75
N SER G 145 19.79 -3.88 -10.56
CA SER G 145 19.53 -5.28 -10.26
C SER G 145 18.09 -5.70 -10.51
N MET G 146 17.16 -4.74 -10.59
CA MET G 146 15.73 -5.09 -10.62
C MET G 146 15.27 -5.87 -11.87
N GLN G 147 15.65 -5.45 -13.07
CA GLN G 147 15.36 -6.27 -14.26
C GLN G 147 16.46 -7.33 -14.44
N PRO G 148 16.24 -8.33 -15.30
CA PRO G 148 17.38 -9.18 -15.71
C PRO G 148 18.48 -8.27 -16.23
N SER G 149 19.72 -8.52 -15.84
CA SER G 149 20.75 -7.50 -16.05
C SER G 149 22.01 -7.97 -16.78
N PHE G 150 22.35 -9.25 -16.61
CA PHE G 150 23.62 -9.78 -17.09
C PHE G 150 23.75 -9.73 -18.61
N GLU G 151 24.80 -9.06 -19.09
CA GLU G 151 24.97 -8.81 -20.52
C GLU G 151 25.65 -9.92 -21.32
N ASP G 152 25.53 -9.84 -22.65
CA ASP G 152 25.94 -10.94 -23.51
C ASP G 152 27.41 -10.93 -23.85
N ASN G 153 28.09 -12.02 -23.49
CA ASN G 153 29.51 -12.19 -23.77
C ASN G 153 29.76 -13.06 -25.00
N TYR G 154 29.08 -14.21 -25.09
CA TYR G 154 29.26 -15.12 -26.23
C TYR G 154 28.50 -14.67 -27.45
N GLN G 155 29.03 -15.03 -28.61
CA GLN G 155 28.51 -14.60 -29.91
C GLN G 155 27.47 -15.55 -30.47
N SER G 156 27.32 -16.70 -29.81
CA SER G 156 26.38 -17.71 -30.23
C SER G 156 26.04 -18.51 -28.99
N TYR G 157 24.83 -18.34 -28.49
CA TYR G 157 24.39 -19.06 -27.31
C TYR G 157 24.68 -20.57 -27.41
N ARG G 158 24.76 -21.05 -28.65
CA ARG G 158 24.90 -22.47 -28.95
C ARG G 158 26.08 -23.11 -28.22
N ASP G 159 27.24 -22.48 -28.33
CA ASP G 159 28.47 -22.98 -27.74
C ASP G 159 28.56 -22.99 -26.21
N ALA G 160 28.01 -21.96 -25.58
CA ALA G 160 28.40 -21.58 -24.23
C ALA G 160 28.18 -22.62 -23.14
N ASP G 161 27.04 -23.30 -23.15
CA ASP G 161 26.77 -24.26 -22.08
C ASP G 161 27.76 -25.40 -22.19
N GLY G 162 28.19 -25.95 -21.05
CA GLY G 162 27.84 -25.47 -19.72
C GLY G 162 29.01 -24.71 -19.15
N ALA G 163 28.87 -23.39 -19.04
CA ALA G 163 29.95 -22.56 -18.56
C ALA G 163 29.53 -21.82 -17.31
N ASN G 164 30.49 -21.57 -16.44
CA ASN G 164 30.26 -20.87 -15.18
C ASN G 164 29.86 -19.40 -15.32
N ASN G 165 29.84 -18.89 -16.54
CA ASN G 165 29.36 -17.53 -16.76
C ASN G 165 28.47 -17.42 -17.98
N ASN G 166 28.02 -18.58 -18.48
CA ASN G 166 27.01 -18.66 -19.53
C ASN G 166 25.73 -17.90 -19.14
N PRO G 167 25.35 -16.88 -19.95
CA PRO G 167 24.46 -15.79 -19.55
C PRO G 167 23.07 -16.22 -19.13
N LEU G 168 22.58 -17.35 -19.64
CA LEU G 168 21.31 -17.90 -19.19
C LEU G 168 21.60 -19.18 -18.42
N GLY G 169 21.34 -19.15 -17.12
CA GLY G 169 21.59 -20.30 -16.27
C GLY G 169 20.93 -20.13 -14.92
N VAL G 170 20.58 -21.24 -14.30
CA VAL G 170 19.94 -21.22 -12.98
C VAL G 170 20.82 -20.51 -11.94
N PHE G 171 20.28 -20.26 -10.75
CA PHE G 171 21.04 -19.51 -9.77
C PHE G 171 22.31 -20.23 -9.36
N THR G 172 22.20 -21.54 -9.17
CA THR G 172 23.38 -22.31 -8.85
C THR G 172 24.28 -22.17 -10.06
N SER G 173 25.57 -22.18 -9.85
CA SER G 173 26.49 -21.97 -10.94
C SER G 173 26.85 -20.50 -11.06
N ALA G 174 26.28 -19.68 -10.21
CA ALA G 174 26.68 -18.29 -10.18
C ALA G 174 27.48 -18.07 -8.92
N ALA G 175 28.74 -17.67 -9.06
CA ALA G 175 29.57 -17.47 -7.86
C ALA G 175 29.10 -16.30 -6.97
N GLY G 176 29.52 -16.31 -5.70
CA GLY G 176 29.07 -15.35 -4.68
C GLY G 176 29.43 -13.88 -4.85
N LEU G 177 28.45 -13.01 -4.56
CA LEU G 177 28.60 -11.54 -4.62
C LEU G 177 29.01 -11.05 -6.01
N SER G 178 28.24 -11.45 -7.03
CA SER G 178 28.50 -11.05 -8.41
C SER G 178 27.22 -10.96 -9.24
N GLU G 179 27.37 -10.49 -10.49
CA GLU G 179 26.24 -10.46 -11.43
C GLU G 179 25.77 -11.87 -11.72
N LEU G 180 24.50 -12.13 -11.42
CA LEU G 180 23.93 -13.46 -11.61
C LEU G 180 23.31 -13.59 -13.01
N PRO G 181 23.48 -14.76 -13.65
CA PRO G 181 22.87 -15.00 -14.96
C PRO G 181 21.35 -14.94 -14.94
N ARG G 182 20.77 -14.54 -16.07
CA ARG G 182 19.35 -14.19 -16.22
C ARG G 182 18.34 -15.30 -15.92
N GLY G 183 18.79 -16.54 -15.83
CA GLY G 183 17.91 -17.64 -15.45
C GLY G 183 17.35 -17.46 -14.05
N SER G 184 18.16 -16.93 -13.14
CA SER G 184 17.79 -16.88 -11.72
C SER G 184 16.57 -16.02 -11.41
N TYR G 185 16.21 -15.12 -12.30
CA TYR G 185 15.04 -14.26 -12.14
C TYR G 185 13.76 -15.10 -11.96
N THR G 186 12.75 -14.54 -11.29
CA THR G 186 11.54 -15.33 -10.99
C THR G 186 10.56 -15.41 -12.14
N MET G 187 9.91 -16.57 -12.27
CA MET G 187 8.70 -16.68 -13.07
C MET G 187 7.91 -17.93 -12.66
N ASN G 188 6.68 -17.74 -12.19
CA ASN G 188 5.83 -18.87 -11.87
C ASN G 188 5.70 -19.74 -13.12
N VAL G 189 6.06 -21.02 -13.02
CA VAL G 189 5.86 -21.93 -14.15
C VAL G 189 4.65 -22.81 -13.92
N VAL G 190 3.60 -22.58 -14.68
CA VAL G 190 2.36 -23.33 -14.47
C VAL G 190 2.41 -24.72 -15.09
N THR G 191 2.73 -24.80 -16.39
CA THR G 191 2.92 -26.09 -17.07
C THR G 191 4.14 -26.09 -18.02
N ASN G 192 4.84 -27.21 -18.05
CA ASN G 192 5.98 -27.36 -18.95
C ASN G 192 6.15 -28.83 -19.29
N THR G 193 5.93 -29.16 -20.56
CA THR G 193 6.13 -30.52 -21.05
C THR G 193 6.45 -30.41 -22.52
N THR G 194 6.70 -31.54 -23.17
CA THR G 194 6.96 -31.50 -24.60
C THR G 194 5.71 -31.00 -25.29
N THR G 195 5.89 -30.11 -26.26
CA THR G 195 4.77 -29.64 -27.05
C THR G 195 4.03 -28.49 -26.41
N THR G 196 4.42 -28.10 -25.21
CA THR G 196 3.85 -26.90 -24.62
C THR G 196 4.58 -26.34 -23.42
N ALA G 197 4.27 -25.10 -23.08
CA ALA G 197 4.69 -24.49 -21.82
C ALA G 197 3.97 -23.17 -21.57
N ARG G 198 3.59 -22.93 -20.32
CA ARG G 198 2.87 -21.74 -19.94
C ARG G 198 3.57 -21.12 -18.72
N ILE G 199 3.83 -19.82 -18.75
CA ILE G 199 4.60 -19.17 -17.68
C ILE G 199 4.08 -17.76 -17.38
N THR G 200 4.19 -17.32 -16.13
CA THR G 200 3.73 -15.98 -15.73
C THR G 200 4.44 -15.42 -14.50
N GLY G 201 4.76 -14.13 -14.54
CA GLY G 201 5.32 -13.45 -13.37
C GLY G 201 4.96 -11.98 -13.39
N VAL G 202 5.75 -11.17 -12.70
CA VAL G 202 5.61 -9.72 -12.73
C VAL G 202 7.02 -9.15 -12.83
N LEU G 203 7.34 -8.49 -13.93
CA LEU G 203 8.71 -8.05 -14.14
C LEU G 203 8.91 -6.53 -14.16
N TYR G 204 9.96 -6.08 -13.48
CA TYR G 204 10.27 -4.66 -13.32
C TYR G 204 11.07 -4.07 -14.46
N GLU G 205 11.16 -2.74 -14.48
CA GLU G 205 11.90 -2.04 -15.51
C GLU G 205 12.08 -0.62 -15.08
N GLN G 206 13.31 -0.11 -15.13
CA GLN G 206 13.51 1.30 -14.83
C GLN G 206 13.18 2.13 -16.06
N VAL G 207 12.49 3.24 -15.87
CA VAL G 207 12.30 4.15 -17.00
C VAL G 207 13.63 4.80 -17.27
N PHE G 208 14.04 4.86 -18.54
CA PHE G 208 15.36 5.37 -18.90
C PHE G 208 15.27 6.63 -19.76
N LEU G 209 16.08 7.62 -19.42
CA LEU G 209 16.18 8.84 -20.20
C LEU G 209 16.22 9.99 -19.24
N PRO G 210 16.69 11.14 -19.68
CA PRO G 210 16.90 12.27 -18.76
C PRO G 210 15.67 13.18 -18.69
N PRO G 211 15.30 13.63 -17.50
CA PRO G 211 16.06 13.78 -16.28
C PRO G 211 16.11 12.59 -15.30
N PHE G 212 15.22 11.62 -15.44
CA PHE G 212 15.23 10.41 -14.59
C PHE G 212 16.59 9.65 -14.70
N LEU G 213 16.85 8.84 -13.67
CA LEU G 213 18.03 8.01 -13.48
C LEU G 213 17.51 6.86 -12.61
N TRP G 214 18.22 5.73 -12.51
CA TRP G 214 19.60 5.55 -12.94
C TRP G 214 20.65 5.62 -11.80
N ASP G 215 21.91 5.48 -12.20
CA ASP G 215 23.07 5.40 -11.32
C ASP G 215 22.84 6.32 -10.12
N GLY G 216 22.73 5.74 -8.94
CA GLY G 216 22.46 6.52 -7.74
C GLY G 216 23.55 6.40 -6.70
N GLU G 217 24.29 7.48 -6.41
CA GLU G 217 24.22 8.82 -7.06
C GLU G 217 22.84 9.46 -7.25
N GLN G 218 22.12 9.58 -6.14
CA GLN G 218 20.89 10.34 -6.07
C GLN G 218 21.22 11.84 -6.19
N ALA G 219 20.26 12.63 -6.66
CA ALA G 219 20.44 14.09 -6.79
C ALA G 219 19.13 14.88 -6.60
N GLY G 220 19.20 16.21 -6.66
CA GLY G 220 18.02 17.08 -6.49
C GLY G 220 16.89 16.80 -7.47
N GLY G 221 15.75 16.42 -6.93
CA GLY G 221 14.60 15.94 -7.68
C GLY G 221 13.79 17.03 -8.30
N LEU G 222 12.98 16.70 -9.30
CA LEU G 222 12.23 17.71 -10.00
C LEU G 222 11.11 18.29 -9.16
N ALA G 223 11.10 19.60 -9.04
CA ALA G 223 9.97 20.35 -8.56
C ALA G 223 9.98 21.40 -9.62
N ASN G 224 8.84 21.93 -10.05
CA ASN G 224 7.51 21.81 -9.49
C ASN G 224 6.54 21.66 -10.64
N LEU G 225 6.24 20.42 -11.02
CA LEU G 225 5.37 20.15 -12.17
C LEU G 225 3.92 20.30 -11.77
N THR G 226 3.05 20.47 -12.77
CA THR G 226 1.62 20.42 -12.55
C THR G 226 1.03 19.16 -13.17
N SER G 227 1.61 18.71 -14.28
CA SER G 227 1.19 17.48 -14.94
C SER G 227 2.40 16.68 -15.36
N LEU G 228 2.23 15.37 -15.51
CA LEU G 228 3.29 14.48 -15.99
C LEU G 228 2.69 13.24 -16.59
N THR G 229 3.18 12.84 -17.76
CA THR G 229 2.57 11.71 -18.47
C THR G 229 3.56 10.88 -19.27
N PHE G 230 3.37 9.56 -19.24
CA PHE G 230 4.25 8.61 -19.92
C PHE G 230 3.49 7.78 -20.93
N ASN G 231 4.02 7.66 -22.15
CA ASN G 231 3.51 6.69 -23.10
C ASN G 231 4.63 5.79 -23.53
N TRP G 232 4.32 4.53 -23.81
CA TRP G 232 5.29 3.63 -24.43
C TRP G 232 4.58 3.18 -25.63
N VAL G 233 5.29 2.90 -26.71
CA VAL G 233 4.68 2.17 -27.82
C VAL G 233 5.54 0.92 -28.02
N LEU G 234 4.92 -0.22 -28.27
CA LEU G 234 5.70 -1.44 -28.37
C LEU G 234 5.68 -2.03 -29.79
N ASN G 235 6.87 -2.31 -30.33
CA ASN G 235 7.00 -2.89 -31.66
C ASN G 235 6.11 -4.10 -31.83
N ASN G 236 5.43 -4.15 -32.97
CA ASN G 236 4.47 -5.19 -33.30
C ASN G 236 4.94 -6.64 -33.09
N ASN G 237 6.16 -6.97 -33.52
CA ASN G 237 6.73 -8.34 -33.45
C ASN G 237 6.61 -9.05 -32.10
N LEU G 238 7.17 -8.44 -31.06
CA LEU G 238 6.95 -8.84 -29.66
C LEU G 238 7.56 -10.19 -29.22
N ALA G 239 8.14 -10.92 -30.17
CA ALA G 239 8.78 -12.21 -29.87
C ALA G 239 10.20 -12.02 -29.35
N ARG G 240 10.75 -10.83 -29.58
CA ARG G 240 12.11 -10.49 -29.16
C ARG G 240 12.34 -10.56 -27.64
N ILE G 241 11.27 -10.71 -26.85
CA ILE G 241 11.40 -10.60 -25.41
C ILE G 241 12.02 -11.84 -24.76
N TRP G 242 11.94 -12.98 -25.45
CA TRP G 242 12.48 -14.25 -24.96
C TRP G 242 13.87 -14.51 -25.48
N SER G 243 14.57 -15.43 -24.83
CA SER G 243 15.86 -15.93 -25.34
C SER G 243 15.76 -17.42 -25.66
N HIS G 244 16.89 -18.02 -26.04
CA HIS G 244 16.96 -19.43 -26.46
C HIS G 244 18.34 -19.74 -26.93
N SER G 245 18.72 -21.01 -26.97
CA SER G 245 20.06 -21.36 -27.45
C SER G 245 20.01 -22.36 -28.58
N ASP G 246 20.90 -22.17 -29.55
CA ASP G 246 20.85 -22.93 -30.80
C ASP G 246 21.12 -24.44 -30.61
N ILE G 247 21.65 -24.83 -29.47
CA ILE G 247 22.13 -26.19 -29.29
C ILE G 247 21.01 -27.19 -29.43
N THR G 248 19.85 -26.86 -28.89
CA THR G 248 18.73 -27.77 -28.84
C THR G 248 18.23 -28.16 -30.22
N ASN G 249 18.23 -27.21 -31.13
CA ASN G 249 17.55 -27.35 -32.41
C ASN G 249 18.14 -28.36 -33.38
N ASP G 250 17.31 -28.77 -34.33
CA ASP G 250 17.61 -29.83 -35.27
C ASP G 250 18.69 -29.44 -36.25
N VAL G 251 19.30 -30.46 -36.86
CA VAL G 251 20.48 -30.29 -37.69
C VAL G 251 20.34 -29.41 -38.94
N SER G 252 19.21 -29.47 -39.63
CA SER G 252 19.11 -28.80 -40.92
C SER G 252 19.28 -27.29 -40.84
N GLY G 253 18.64 -26.65 -39.87
CA GLY G 253 17.67 -27.34 -39.04
C GLY G 253 16.57 -26.47 -38.52
N ASN G 254 15.41 -27.08 -38.33
CA ASN G 254 14.27 -26.44 -37.70
C ASN G 254 14.45 -26.24 -36.21
N SER G 255 13.91 -25.14 -35.72
CA SER G 255 13.93 -24.82 -34.28
C SER G 255 12.75 -25.46 -33.57
N THR G 256 13.00 -26.06 -32.41
CA THR G 256 11.98 -26.81 -31.65
C THR G 256 10.77 -25.95 -31.21
N ILE G 257 10.84 -24.64 -31.44
CA ILE G 257 10.01 -23.72 -30.66
C ILE G 257 8.80 -23.06 -31.34
N GLY G 258 8.92 -22.55 -32.56
CA GLY G 258 7.86 -21.74 -33.19
C GLY G 258 6.47 -22.39 -33.13
N SER G 259 5.42 -21.68 -32.69
CA SER G 259 5.40 -20.25 -32.32
C SER G 259 4.86 -19.98 -30.90
N MET G 260 4.49 -18.71 -30.62
CA MET G 260 4.12 -18.28 -29.27
C MET G 260 3.37 -16.93 -29.16
N ASN G 261 2.54 -16.78 -28.13
CA ASN G 261 1.73 -15.57 -27.91
C ASN G 261 1.98 -14.97 -26.54
N ILE G 262 2.15 -13.64 -26.49
CA ILE G 262 2.47 -12.92 -25.26
C ILE G 262 1.35 -11.96 -24.93
N SER G 263 1.05 -11.79 -23.65
CA SER G 263 0.00 -10.87 -23.24
C SER G 263 0.49 -10.02 -22.08
N PHE G 264 -0.37 -9.11 -21.62
CA PHE G 264 -0.06 -8.32 -20.45
C PHE G 264 -1.31 -8.19 -19.61
N GLN G 265 -1.11 -7.64 -18.42
CA GLN G 265 -2.13 -7.40 -17.43
C GLN G 265 -1.80 -6.05 -16.90
N GLN G 266 -2.64 -5.47 -16.07
CA GLN G 266 -2.46 -4.09 -15.76
C GLN G 266 -1.02 -3.95 -15.33
N PRO G 267 -0.36 -2.94 -15.90
CA PRO G 267 1.02 -2.60 -15.58
C PRO G 267 1.06 -1.18 -15.13
N SER G 268 1.84 -0.89 -14.10
CA SER G 268 1.69 0.35 -13.31
C SER G 268 2.99 0.97 -12.90
N MET G 269 3.08 2.29 -13.02
CA MET G 269 4.26 3.01 -12.58
C MET G 269 4.27 3.27 -11.08
N TYR G 270 5.42 3.70 -10.55
CA TYR G 270 5.62 3.91 -9.12
C TYR G 270 6.51 5.08 -8.92
N LEU G 271 6.01 6.14 -8.31
CA LEU G 271 6.83 7.33 -8.05
C LEU G 271 6.45 8.05 -6.79
N GLY G 272 7.46 8.47 -6.04
CA GLY G 272 7.23 9.09 -4.73
C GLY G 272 7.53 10.58 -4.65
N PHE G 273 6.66 11.32 -3.97
CA PHE G 273 6.86 12.75 -3.85
C PHE G 273 7.16 13.08 -2.40
N VAL G 274 8.30 13.71 -2.16
CA VAL G 274 8.58 14.34 -0.87
C VAL G 274 7.82 15.65 -0.88
N THR G 275 7.62 16.25 0.28
CA THR G 275 7.20 17.65 0.32
C THR G 275 8.08 18.39 1.29
N PRO G 276 8.44 19.65 0.97
CA PRO G 276 9.42 20.34 1.81
C PRO G 276 8.82 20.84 3.11
N ARG G 277 9.67 21.12 4.11
CA ARG G 277 9.22 21.65 5.42
C ARG G 277 9.14 23.18 5.43
N LEU G 278 8.31 23.73 6.33
CA LEU G 278 7.93 25.17 6.32
C LEU G 278 9.07 26.14 6.55
N ASN G 279 10.06 25.71 7.31
CA ASN G 279 11.22 26.51 7.60
C ASN G 279 11.99 26.92 6.33
N ILE G 280 12.40 25.93 5.53
CA ILE G 280 13.22 26.14 4.33
C ILE G 280 12.36 26.25 3.06
N PRO G 281 12.39 27.40 2.38
CA PRO G 281 11.53 27.66 1.22
C PRO G 281 12.19 27.44 -0.15
N ILE G 282 11.54 26.70 -1.04
CA ILE G 282 12.09 26.34 -2.38
C ILE G 282 11.70 27.35 -3.49
N PRO G 283 12.68 27.80 -4.30
CA PRO G 283 12.54 28.87 -5.32
C PRO G 283 11.31 28.80 -6.25
N PRO G 284 10.86 29.98 -6.80
CA PRO G 284 9.79 29.97 -7.82
C PRO G 284 10.16 29.22 -9.12
N ARG G 285 11.38 29.39 -9.61
CA ARG G 285 11.85 28.67 -10.79
C ARG G 285 13.23 28.10 -10.58
N ILE G 286 13.46 26.89 -11.09
CA ILE G 286 14.72 26.18 -10.87
C ILE G 286 15.21 25.50 -12.13
N THR G 287 16.51 25.44 -12.30
CA THR G 287 17.07 24.93 -13.53
C THR G 287 17.78 23.61 -13.33
N TYR G 288 17.42 22.60 -14.12
CA TYR G 288 18.09 21.31 -14.01
C TYR G 288 19.03 21.12 -15.17
N PRO G 289 19.89 20.11 -15.11
CA PRO G 289 20.59 19.70 -16.34
C PRO G 289 19.69 18.79 -17.16
N TYR G 290 19.98 18.64 -18.45
CA TYR G 290 19.19 17.72 -19.28
C TYR G 290 19.87 17.44 -20.59
N PHE G 291 19.85 16.19 -21.03
CA PHE G 291 20.54 15.76 -22.24
C PHE G 291 19.57 15.12 -23.21
N LYS G 292 19.91 15.07 -24.49
CA LYS G 292 19.10 14.27 -25.42
C LYS G 292 19.91 13.25 -26.21
N LEU G 293 19.28 12.11 -26.50
CA LEU G 293 19.96 10.96 -27.12
C LEU G 293 19.50 10.70 -28.55
N SER G 294 20.21 11.30 -29.51
CA SER G 294 19.93 11.06 -30.94
C SER G 294 20.51 9.74 -31.38
N ARG G 295 20.03 9.23 -32.49
CA ARG G 295 20.65 8.07 -33.09
C ARG G 295 20.64 8.21 -34.60
N TYR G 296 21.78 7.95 -35.23
CA TYR G 296 21.90 7.97 -36.68
C TYR G 296 22.44 6.64 -37.09
N THR G 297 21.94 6.11 -38.20
CA THR G 297 22.29 4.75 -38.59
C THR G 297 22.37 4.60 -40.11
N THR G 298 23.38 3.87 -40.57
CA THR G 298 23.52 3.59 -42.00
C THR G 298 23.97 2.16 -42.26
N GLN G 299 23.38 1.51 -43.25
CA GLN G 299 23.68 0.09 -43.50
C GLN G 299 24.22 -0.17 -44.90
N PHE G 300 24.98 -1.24 -45.01
CA PHE G 300 25.74 -1.53 -46.23
C PHE G 300 25.34 -2.87 -46.81
N GLN G 301 25.40 -2.94 -48.14
CA GLN G 301 24.96 -4.09 -48.94
C GLN G 301 25.88 -5.33 -48.87
N ASN G 302 27.18 -5.12 -48.69
CA ASN G 302 28.16 -6.21 -48.64
C ASN G 302 28.09 -7.01 -47.36
N THR G 303 28.08 -8.33 -47.49
CA THR G 303 28.12 -9.22 -46.33
C THR G 303 29.53 -9.82 -46.21
N LEU G 304 29.88 -10.32 -45.02
CA LEU G 304 31.21 -10.86 -44.79
C LEU G 304 31.19 -12.01 -43.80
N ALA G 305 31.63 -13.18 -44.26
CA ALA G 305 31.69 -14.38 -43.42
C ALA G 305 32.85 -15.26 -43.85
N PRO G 306 33.22 -16.27 -43.02
CA PRO G 306 32.67 -16.49 -41.70
C PRO G 306 33.39 -15.58 -40.71
N ASN G 307 34.63 -15.22 -41.02
CA ASN G 307 35.40 -14.27 -40.23
C ASN G 307 36.43 -13.45 -41.04
N ALA G 308 35.92 -12.70 -42.01
CA ALA G 308 36.72 -11.80 -42.84
C ALA G 308 36.50 -10.33 -42.45
N SER G 309 37.34 -9.43 -42.98
CA SER G 309 37.27 -7.99 -42.67
C SER G 309 37.14 -7.07 -43.88
N SER G 310 36.58 -5.88 -43.64
CA SER G 310 36.40 -4.86 -44.69
C SER G 310 36.35 -3.47 -44.04
N THR G 311 35.91 -2.45 -44.79
CA THR G 311 35.82 -1.08 -44.25
C THR G 311 34.69 -0.23 -44.82
N PHE G 312 34.27 0.76 -44.03
CA PHE G 312 33.27 1.77 -44.40
C PHE G 312 33.58 2.97 -43.46
N LYS G 313 33.62 4.23 -43.93
CA LYS G 313 33.00 4.82 -45.12
C LYS G 313 31.56 5.17 -44.78
N SER G 314 31.35 5.64 -43.56
CA SER G 314 30.01 5.97 -43.09
C SER G 314 29.46 7.21 -43.73
N ASN G 315 28.16 7.29 -43.87
CA ASN G 315 27.55 8.49 -44.41
C ASN G 315 27.67 9.67 -43.49
N VAL G 316 27.88 10.84 -44.08
CA VAL G 316 28.09 12.02 -43.30
C VAL G 316 26.83 12.33 -42.54
N VAL G 317 27.02 12.61 -41.26
CA VAL G 317 25.94 13.02 -40.41
C VAL G 317 26.37 14.33 -39.88
N GLN G 318 25.41 15.24 -39.85
CA GLN G 318 25.65 16.60 -39.48
C GLN G 318 25.01 16.83 -38.15
N LEU G 319 25.79 17.45 -37.26
CA LEU G 319 25.47 17.61 -35.86
C LEU G 319 25.13 19.04 -35.49
N ASP G 320 24.05 19.21 -34.75
CA ASP G 320 23.59 20.53 -34.38
C ASP G 320 24.57 21.33 -33.53
N SER G 321 25.20 20.68 -32.56
CA SER G 321 26.22 21.37 -31.77
C SER G 321 27.23 20.37 -31.27
N ILE G 322 28.33 20.85 -30.69
CA ILE G 322 29.30 19.96 -30.08
C ILE G 322 28.56 19.13 -29.03
N PRO G 323 28.73 17.80 -29.07
CA PRO G 323 28.00 17.00 -28.11
C PRO G 323 28.90 16.37 -27.04
N ARG G 324 28.45 16.36 -25.79
CA ARG G 324 29.18 15.78 -24.67
C ARG G 324 29.91 14.49 -24.97
N LYS G 325 29.22 13.51 -25.56
CA LYS G 325 29.84 12.22 -25.84
C LYS G 325 29.42 11.64 -27.17
N LEU G 326 30.17 10.68 -27.69
CA LEU G 326 29.74 9.92 -28.86
C LEU G 326 30.02 8.43 -28.73
N TYR G 327 29.07 7.58 -29.07
CA TYR G 327 29.34 6.15 -29.09
C TYR G 327 29.13 5.63 -30.49
N LEU G 328 30.08 4.85 -30.98
CA LEU G 328 30.02 4.37 -32.35
C LEU G 328 30.44 2.92 -32.47
N PHE G 329 29.49 2.09 -32.88
CA PHE G 329 29.74 0.66 -33.00
C PHE G 329 29.10 0.07 -34.26
N VAL G 330 29.54 -1.14 -34.59
CA VAL G 330 29.01 -1.83 -35.74
C VAL G 330 28.38 -3.10 -35.22
N LYS G 331 27.07 -3.24 -35.45
CA LYS G 331 26.34 -4.43 -35.01
C LYS G 331 25.86 -5.27 -36.19
N GLN G 332 25.35 -6.47 -35.90
CA GLN G 332 24.64 -7.27 -36.88
C GLN G 332 23.35 -6.53 -37.23
N SER G 333 22.94 -6.57 -38.50
CA SER G 333 21.84 -5.71 -39.00
C SER G 333 20.40 -6.11 -38.65
N ASP G 334 19.59 -5.08 -38.38
CA ASP G 334 18.23 -5.24 -37.92
C ASP G 334 17.22 -5.70 -38.99
N ASN G 335 17.52 -5.41 -40.26
CA ASN G 335 16.64 -5.82 -41.37
C ASN G 335 16.44 -7.35 -41.37
N VAL G 336 17.55 -8.10 -41.35
CA VAL G 336 17.53 -9.53 -40.98
C VAL G 336 17.28 -9.58 -39.47
N ILE G 337 17.02 -10.77 -38.93
CA ILE G 337 16.67 -10.93 -37.50
C ILE G 337 15.30 -10.35 -37.10
N TYR G 338 14.48 -10.00 -38.08
CA TYR G 338 13.08 -9.81 -37.79
C TYR G 338 12.17 -10.72 -38.59
N GLN G 339 12.73 -11.76 -39.19
CA GLN G 339 11.92 -12.68 -39.95
C GLN G 339 12.06 -14.11 -39.47
N ASN G 340 10.95 -14.77 -39.27
CA ASN G 340 10.95 -16.20 -39.03
C ASN G 340 11.26 -16.62 -37.60
N LEU G 341 11.41 -15.66 -36.71
CA LEU G 341 11.42 -16.03 -35.31
C LEU G 341 12.70 -16.76 -34.92
N ASN G 342 13.00 -17.87 -35.59
CA ASN G 342 14.02 -18.72 -34.99
C ASN G 342 15.28 -17.93 -34.84
N ASN G 343 15.69 -17.24 -35.89
CA ASN G 343 16.87 -16.44 -35.79
C ASN G 343 16.64 -15.30 -34.82
N GLN G 344 15.43 -14.77 -34.82
CA GLN G 344 15.12 -13.61 -34.04
C GLN G 344 15.28 -13.84 -32.56
N ILE G 345 14.82 -14.98 -32.07
CA ILE G 345 15.14 -15.43 -30.71
C ILE G 345 16.60 -15.85 -30.51
N THR G 346 17.15 -16.62 -31.43
CA THR G 346 18.52 -17.16 -31.29
C THR G 346 19.66 -16.14 -31.30
N THR G 347 19.59 -15.17 -32.18
CA THR G 347 20.64 -14.17 -32.31
C THR G 347 20.83 -13.42 -31.01
N PRO G 348 22.08 -13.14 -30.60
CA PRO G 348 22.37 -12.33 -29.43
C PRO G 348 22.55 -10.85 -29.79
N ASP G 349 22.84 -10.01 -28.81
CA ASP G 349 22.99 -8.58 -29.06
C ASP G 349 24.42 -8.04 -29.20
N VAL G 350 25.43 -8.90 -29.19
CA VAL G 350 26.83 -8.46 -29.21
C VAL G 350 27.34 -7.84 -30.50
N PHE G 351 28.28 -6.90 -30.35
CA PHE G 351 28.91 -6.16 -31.46
C PHE G 351 30.05 -6.88 -32.16
N LEU G 352 30.52 -6.28 -33.25
CA LEU G 352 31.67 -6.78 -34.03
C LEU G 352 32.98 -6.11 -33.61
N GLN G 353 34.10 -6.80 -33.79
CA GLN G 353 35.41 -6.28 -33.32
C GLN G 353 36.05 -5.24 -34.25
N ILE G 354 36.50 -4.12 -33.68
CA ILE G 354 37.05 -3.01 -34.44
C ILE G 354 38.57 -3.09 -34.62
N ASN G 355 39.04 -2.95 -35.86
CA ASN G 355 40.48 -3.01 -36.14
C ASN G 355 41.15 -1.66 -36.31
N ASN G 356 40.44 -0.71 -36.90
CA ASN G 356 40.92 0.66 -37.03
C ASN G 356 39.76 1.62 -37.12
N LEU G 357 39.84 2.70 -36.37
CA LEU G 357 38.83 3.74 -36.45
C LEU G 357 39.50 5.02 -36.88
N ASN G 358 38.89 5.68 -37.86
CA ASN G 358 39.46 6.89 -38.43
C ASN G 358 38.32 7.77 -38.91
N LEU G 359 38.17 8.96 -38.32
CA LEU G 359 36.98 9.75 -38.58
C LEU G 359 37.25 11.24 -38.77
N THR G 360 36.50 11.88 -39.66
CA THR G 360 36.69 13.30 -39.97
C THR G 360 35.84 14.29 -39.18
N TRP G 361 36.15 14.48 -37.90
CA TRP G 361 35.29 15.33 -37.06
C TRP G 361 35.18 16.83 -37.35
N ASN G 362 36.31 17.49 -37.56
CA ASN G 362 36.29 18.95 -37.70
C ASN G 362 37.37 19.50 -38.60
N ASN G 363 37.22 19.28 -39.88
CA ASN G 363 38.27 19.54 -40.83
C ASN G 363 39.64 18.94 -40.58
N GLN G 364 39.83 18.22 -39.47
CA GLN G 364 41.10 17.56 -39.27
C GLN G 364 41.30 16.48 -40.32
N GLN G 365 40.24 15.72 -40.54
CA GLN G 365 40.13 14.71 -41.58
C GLN G 365 40.96 13.46 -41.39
N GLY G 366 41.91 13.49 -40.47
CA GLY G 366 42.49 12.27 -39.98
C GLY G 366 42.38 12.36 -38.48
N ILE G 367 41.65 11.45 -37.87
CA ILE G 367 41.59 11.42 -36.43
C ILE G 367 41.78 10.00 -35.96
N LEU G 368 42.64 9.82 -35.00
CA LEU G 368 42.89 8.44 -34.54
C LEU G 368 43.34 7.52 -35.68
N SER G 369 43.75 8.11 -36.80
CA SER G 369 44.21 7.35 -37.95
C SER G 369 45.10 6.20 -37.51
N GLY G 370 46.28 6.52 -37.00
CA GLY G 370 47.26 5.49 -36.69
C GLY G 370 47.35 5.14 -35.22
N ALA G 371 46.21 5.14 -34.52
CA ALA G 371 46.17 4.72 -33.11
C ALA G 371 45.76 3.24 -32.98
N SER G 372 46.64 2.42 -32.42
CA SER G 372 46.41 0.96 -32.35
C SER G 372 45.03 0.65 -31.84
N SER G 373 44.40 -0.40 -32.40
CA SER G 373 43.04 -0.77 -32.00
C SER G 373 42.99 -1.08 -30.51
N GLN G 374 44.09 -1.47 -29.91
CA GLN G 374 44.12 -1.61 -28.46
C GLN G 374 43.94 -0.26 -27.79
N ASN G 375 44.60 0.72 -28.37
CA ASN G 375 44.70 2.02 -27.78
C ASN G 375 43.33 2.64 -27.58
N LEU G 376 42.44 2.43 -28.54
CA LEU G 376 41.10 2.95 -28.40
C LEU G 376 40.50 2.34 -27.16
N TYR G 377 40.72 1.06 -26.96
CA TYR G 377 40.01 0.46 -25.88
C TYR G 377 40.45 1.18 -24.64
N ASP G 378 41.74 1.37 -24.48
CA ASP G 378 42.16 1.97 -23.21
C ASP G 378 41.62 3.38 -23.00
N PHE G 379 41.68 4.16 -24.07
CA PHE G 379 41.25 5.53 -23.93
C PHE G 379 39.77 5.60 -23.60
N SER G 380 38.99 4.73 -24.20
CA SER G 380 37.56 4.62 -23.90
C SER G 380 37.29 4.20 -22.47
N VAL G 381 38.05 3.25 -21.99
CA VAL G 381 37.88 2.73 -20.64
C VAL G 381 38.12 3.85 -19.66
N GLN G 382 38.84 4.89 -20.06
CA GLN G 382 38.96 6.03 -19.15
C GLN G 382 37.61 6.70 -18.85
N ASN G 383 36.61 6.33 -19.64
CA ASN G 383 35.23 6.75 -19.67
C ASN G 383 34.33 5.70 -19.00
N GLY G 384 34.96 4.70 -18.40
CA GLY G 384 34.26 3.57 -17.79
C GLY G 384 33.67 2.64 -18.85
N TYR G 385 34.43 1.61 -19.24
CA TYR G 385 33.92 0.61 -20.18
C TYR G 385 33.66 -0.71 -19.46
N ASN G 386 34.26 -0.87 -18.28
CA ASN G 386 33.97 -1.96 -17.34
C ASN G 386 34.04 -3.40 -17.87
N LYS G 387 34.67 -3.59 -19.02
CA LYS G 387 34.89 -4.92 -19.56
C LYS G 387 36.35 -5.12 -19.83
N THR G 388 36.86 -6.27 -19.43
CA THR G 388 38.25 -6.61 -19.65
C THR G 388 38.62 -6.45 -21.11
N TRP G 389 39.85 -6.04 -21.38
CA TRP G 389 40.28 -5.85 -22.76
C TRP G 389 40.00 -7.08 -23.57
N SER G 390 40.32 -8.25 -23.04
CA SER G 390 40.10 -9.50 -23.76
C SER G 390 38.74 -9.56 -24.46
N GLU G 391 37.68 -9.18 -23.77
CA GLU G 391 36.33 -9.22 -24.35
C GLU G 391 36.13 -8.16 -25.43
N PHE G 392 36.56 -6.92 -25.20
CA PHE G 392 36.68 -5.95 -26.27
C PHE G 392 37.57 -6.63 -27.29
N ASN G 393 37.31 -6.46 -28.59
CA ASN G 393 38.10 -7.16 -29.62
C ASN G 393 38.03 -8.70 -29.50
N GLY G 394 36.93 -9.19 -28.98
CA GLY G 394 36.80 -10.60 -28.64
C GLY G 394 37.01 -11.61 -29.74
N VAL G 395 38.03 -12.42 -29.55
CA VAL G 395 38.21 -13.71 -30.22
C VAL G 395 39.04 -14.49 -29.23
N THR G 396 38.65 -15.72 -28.90
CA THR G 396 39.43 -16.46 -27.92
C THR G 396 39.77 -17.88 -28.33
N GLN G 397 41.04 -18.19 -28.14
CA GLN G 397 41.56 -19.49 -28.45
C GLN G 397 41.22 -20.42 -27.28
N GLN G 398 40.60 -21.54 -27.59
CA GLN G 398 40.46 -22.59 -26.58
C GLN G 398 40.85 -23.98 -27.12
N PHE G 399 41.88 -24.59 -26.53
CA PHE G 399 42.33 -25.92 -26.99
C PHE G 399 41.92 -27.07 -26.09
N ASN G 400 42.06 -28.29 -26.64
CA ASN G 400 41.66 -29.54 -25.97
C ASN G 400 42.76 -30.59 -26.03
N GLY G 401 42.60 -31.64 -25.23
CA GLY G 401 43.46 -32.81 -25.29
C GLY G 401 42.72 -34.07 -25.69
N VAL G 402 42.43 -34.18 -26.98
CA VAL G 402 42.01 -35.45 -27.60
C VAL G 402 42.63 -35.47 -29.00
N SER G 403 43.43 -36.52 -29.25
CA SER G 403 44.15 -36.64 -30.51
C SER G 403 43.26 -37.21 -31.61
N GLY G 404 43.00 -36.43 -32.66
CA GLY G 404 43.54 -35.08 -32.81
C GLY G 404 42.49 -34.13 -33.43
N GLN G 405 41.47 -33.78 -32.64
CA GLN G 405 40.45 -32.85 -33.12
C GLN G 405 40.98 -31.42 -33.07
N PRO G 406 40.68 -30.61 -34.10
CA PRO G 406 41.25 -29.27 -34.15
C PRO G 406 40.67 -28.35 -33.05
N THR G 407 41.53 -27.52 -32.48
CA THR G 407 41.12 -26.50 -31.50
C THR G 407 40.07 -25.54 -32.10
N LYS G 408 39.09 -25.14 -31.31
CA LYS G 408 38.05 -24.23 -31.80
C LYS G 408 38.06 -22.85 -31.13
N VAL G 409 37.72 -21.84 -31.92
CA VAL G 409 37.76 -20.44 -31.51
C VAL G 409 36.34 -19.98 -31.19
N ILE G 410 36.19 -19.23 -30.10
CA ILE G 410 34.88 -18.71 -29.72
C ILE G 410 34.82 -17.22 -30.08
N GLY G 411 33.66 -16.76 -30.54
CA GLY G 411 33.42 -15.32 -30.77
C GLY G 411 32.95 -14.67 -29.48
N LEU G 412 33.50 -13.53 -29.10
CA LEU G 412 33.29 -13.04 -27.75
C LEU G 412 32.72 -11.63 -27.57
N GLU G 413 31.93 -11.16 -28.54
CA GLU G 413 31.44 -9.77 -28.55
C GLU G 413 32.57 -8.80 -28.95
N GLY G 414 32.21 -7.72 -29.62
CA GLY G 414 33.18 -6.67 -29.94
C GLY G 414 33.16 -5.60 -28.87
N GLY G 415 33.64 -4.41 -29.22
CA GLY G 415 33.56 -3.29 -28.30
C GLY G 415 32.72 -2.19 -28.88
N ILE G 416 32.30 -1.26 -28.02
CA ILE G 416 31.69 -0.02 -28.48
C ILE G 416 32.59 1.13 -28.06
N VAL G 417 33.35 1.64 -29.02
CA VAL G 417 34.26 2.74 -28.75
C VAL G 417 33.48 4.01 -28.45
N CYS G 418 33.84 4.67 -27.36
CA CYS G 418 33.25 5.95 -27.03
C CYS G 418 34.33 6.99 -26.78
N LEU G 419 34.04 8.23 -27.15
CA LEU G 419 35.01 9.32 -27.10
C LEU G 419 34.36 10.60 -26.64
N GLU G 420 34.65 11.01 -25.41
CA GLU G 420 34.19 12.30 -24.90
C GLU G 420 34.87 13.42 -25.69
N LEU G 421 34.17 14.51 -25.96
CA LEU G 421 34.62 15.46 -26.97
C LEU G 421 35.75 16.45 -26.66
N GLY G 422 35.68 17.14 -25.53
CA GLY G 422 36.77 18.01 -25.08
C GLY G 422 38.01 17.19 -24.77
N LYS G 423 37.83 16.16 -23.94
CA LYS G 423 38.90 15.30 -23.45
C LYS G 423 39.60 14.46 -24.53
N ASP G 424 38.86 13.89 -25.48
CA ASP G 424 39.47 12.96 -26.44
C ASP G 424 39.69 13.45 -27.87
N VAL G 425 38.69 14.09 -28.45
CA VAL G 425 38.78 14.43 -29.88
C VAL G 425 39.59 15.70 -30.15
N GLY G 426 39.68 16.58 -29.15
CA GLY G 426 40.29 17.89 -29.35
C GLY G 426 39.40 18.78 -30.23
N LEU G 427 39.37 20.08 -29.94
CA LEU G 427 38.47 21.00 -30.61
C LEU G 427 39.27 22.23 -30.97
N ARG G 428 39.01 22.83 -32.13
CA ARG G 428 39.61 24.13 -32.48
C ARG G 428 39.38 25.09 -31.32
N ASP G 429 40.37 25.93 -31.00
CA ASP G 429 40.21 26.87 -29.88
C ASP G 429 38.91 27.67 -30.06
N ASP G 430 38.22 27.93 -28.95
CA ASP G 430 36.97 28.70 -28.94
C ASP G 430 35.74 27.80 -28.96
N GLU G 431 35.97 26.49 -28.86
CA GLU G 431 34.90 25.50 -28.90
C GLU G 431 34.79 24.75 -27.58
N ALA G 432 33.58 24.64 -27.08
CA ALA G 432 33.32 23.89 -25.86
C ALA G 432 32.27 22.85 -26.16
N GLU G 433 31.96 22.01 -25.18
CA GLU G 433 30.98 20.93 -25.38
C GLU G 433 29.52 21.39 -25.50
N GLY G 434 29.22 22.56 -24.95
CA GLY G 434 27.87 23.13 -25.06
C GLY G 434 27.61 23.92 -26.33
N VAL G 435 28.51 24.86 -26.62
CA VAL G 435 28.35 25.89 -27.67
C VAL G 435 27.71 25.46 -28.98
N ILE G 436 26.68 26.19 -29.40
CA ILE G 436 25.95 25.92 -30.64
C ILE G 436 26.69 26.43 -31.87
N GLY G 437 26.86 25.54 -32.83
CA GLY G 437 27.37 25.92 -34.14
C GLY G 437 26.66 25.11 -35.20
N ASN G 438 27.40 24.79 -36.27
CA ASN G 438 26.90 23.90 -37.29
C ASN G 438 28.10 23.19 -37.92
N PHE G 439 28.30 21.93 -37.53
CA PHE G 439 29.35 21.07 -38.04
C PHE G 439 28.83 19.67 -38.22
N ASN G 440 29.47 18.91 -39.09
CA ASN G 440 29.05 17.52 -39.29
C ASN G 440 30.23 16.57 -39.32
N LEU G 441 29.99 15.33 -38.90
CA LEU G 441 31.04 14.30 -38.93
C LEU G 441 30.71 13.07 -39.77
N GLN G 442 31.75 12.37 -40.22
CA GLN G 442 31.59 11.17 -41.02
C GLN G 442 32.60 10.13 -40.57
N VAL G 443 32.12 9.05 -39.96
CA VAL G 443 33.01 7.98 -39.46
C VAL G 443 33.53 7.08 -40.57
N GLN G 444 34.70 6.48 -40.34
CA GLN G 444 35.28 5.56 -41.31
C GLN G 444 36.07 4.49 -40.58
N MET G 445 35.49 3.31 -40.44
CA MET G 445 36.12 2.26 -39.63
C MET G 445 36.12 0.87 -40.25
N THR G 446 37.20 0.14 -40.02
CA THR G 446 37.30 -1.26 -40.42
C THR G 446 36.78 -2.17 -39.31
N VAL G 447 36.32 -3.35 -39.70
CA VAL G 447 35.69 -4.24 -38.74
C VAL G 447 35.91 -5.67 -39.21
N THR G 448 36.14 -6.58 -38.26
CA THR G 448 36.27 -8.00 -38.56
C THR G 448 35.14 -8.76 -37.88
N ASN G 449 34.55 -9.71 -38.61
CA ASN G 449 33.57 -10.59 -38.01
C ASN G 449 34.28 -11.71 -37.25
N THR G 450 33.70 -12.14 -36.12
CA THR G 450 34.35 -13.14 -35.26
C THR G 450 33.57 -14.46 -35.14
N ASN G 451 32.28 -14.37 -34.80
CA ASN G 451 31.38 -15.53 -34.75
C ASN G 451 31.58 -16.52 -35.92
N GLN G 452 31.58 -17.81 -35.61
CA GLN G 452 31.94 -18.85 -36.59
C GLN G 452 30.85 -19.23 -37.57
N TYR G 453 29.59 -19.11 -37.15
CA TYR G 453 28.53 -19.73 -37.92
C TYR G 453 27.85 -18.83 -38.95
N VAL G 454 27.14 -17.80 -38.51
CA VAL G 454 26.29 -17.02 -39.43
C VAL G 454 27.05 -15.99 -40.28
N THR G 455 26.52 -15.73 -41.48
CA THR G 455 27.03 -14.67 -42.34
C THR G 455 26.44 -13.34 -41.89
N VAL G 456 27.29 -12.53 -41.28
CA VAL G 456 26.87 -11.24 -40.77
C VAL G 456 26.70 -10.25 -41.92
N THR G 457 25.57 -9.55 -41.92
CA THR G 457 25.39 -8.37 -42.78
C THR G 457 25.46 -7.15 -41.87
N PRO G 458 26.53 -6.35 -41.99
CA PRO G 458 26.85 -5.40 -40.94
C PRO G 458 26.10 -4.09 -41.09
N ASP G 459 26.15 -3.26 -40.05
CA ASP G 459 25.65 -1.89 -40.12
C ASP G 459 26.23 -0.98 -39.03
N MET G 460 26.25 0.32 -39.32
CA MET G 460 26.86 1.34 -38.46
C MET G 460 25.88 1.90 -37.44
N TYR G 461 26.39 2.49 -36.37
CA TYR G 461 25.58 3.36 -35.53
C TYR G 461 26.42 4.54 -35.08
N ILE G 462 25.76 5.64 -34.73
CA ILE G 462 26.43 6.77 -34.07
C ILE G 462 25.39 7.41 -33.15
N VAL G 463 25.68 7.44 -31.86
CA VAL G 463 24.79 8.00 -30.84
C VAL G 463 25.49 9.19 -30.21
N ALA G 464 24.76 10.24 -29.84
CA ALA G 464 25.38 11.41 -29.19
C ALA G 464 24.50 12.01 -28.12
N VAL G 465 25.08 12.47 -27.00
CA VAL G 465 24.32 13.24 -26.02
C VAL G 465 24.60 14.73 -26.15
N TYR G 466 23.58 15.51 -26.50
CA TYR G 466 23.72 16.96 -26.51
C TYR G 466 23.62 17.45 -25.08
N ASP G 467 24.15 18.64 -24.81
CA ASP G 467 24.05 19.23 -23.46
C ASP G 467 23.33 20.55 -23.46
N GLY G 468 22.43 20.72 -22.49
CA GLY G 468 21.72 21.97 -22.34
C GLY G 468 20.93 21.98 -21.06
N THR G 469 20.58 23.17 -20.61
CA THR G 469 19.80 23.30 -19.39
C THR G 469 18.31 23.38 -19.71
N LEU G 470 17.49 22.75 -18.86
CA LEU G 470 16.04 22.92 -18.94
C LEU G 470 15.49 23.55 -17.66
N VAL G 471 14.63 24.55 -17.80
CA VAL G 471 14.14 25.29 -16.65
C VAL G 471 12.68 24.98 -16.39
N ILE G 472 12.36 24.32 -15.30
CA ILE G 472 10.97 24.12 -14.93
C ILE G 472 10.52 25.20 -13.97
N SER G 473 9.61 26.05 -14.44
CA SER G 473 8.84 26.92 -13.56
C SER G 473 7.40 26.78 -13.96
N ASN G 474 6.56 26.32 -13.04
CA ASN G 474 5.15 26.12 -13.39
C ASN G 474 4.49 27.42 -13.89
N THR G 475 3.77 27.37 -15.00
CA THR G 475 3.66 26.19 -15.87
C THR G 475 4.39 26.44 -17.19
N SER G 476 5.63 25.97 -17.26
CA SER G 476 6.52 26.23 -18.40
C SER G 476 7.65 25.23 -18.35
N ALA G 477 8.35 25.08 -19.46
CA ALA G 477 9.51 24.22 -19.50
C ALA G 477 10.33 24.52 -20.74
N MET G 478 10.92 25.70 -20.79
CA MET G 478 11.78 26.02 -21.92
C MET G 478 13.08 25.22 -21.76
N ALA G 479 13.44 24.49 -22.82
CA ALA G 479 14.71 23.77 -22.87
C ALA G 479 15.61 24.50 -23.86
N SER G 480 16.92 24.51 -23.64
CA SER G 480 17.84 25.18 -24.58
C SER G 480 19.10 24.37 -24.77
N ILE G 481 19.54 24.27 -26.03
CA ILE G 481 20.91 23.81 -26.32
C ILE G 481 21.79 25.02 -26.60
N GLY G 482 23.11 24.82 -26.56
CA GLY G 482 24.06 25.90 -26.82
C GLY G 482 23.82 27.09 -25.91
N VAL G 483 24.02 26.88 -24.62
CA VAL G 483 23.76 27.95 -23.65
C VAL G 483 24.93 28.93 -23.55
N ALA G 484 26.16 28.42 -23.56
CA ALA G 484 27.35 29.28 -23.57
C ALA G 484 27.57 29.85 -24.97
N SER G 485 28.15 31.05 -25.05
CA SER G 485 28.46 31.64 -26.35
C SER G 485 29.95 31.55 -26.67
N LYS G 486 30.29 31.84 -27.93
CA LYS G 486 31.68 31.71 -28.39
C LYS G 486 32.62 32.77 -27.80
N GLU G 487 32.20 34.03 -27.81
CA GLU G 487 32.97 35.08 -27.13
C GLU G 487 33.11 34.75 -25.65
N GLU G 488 32.09 34.11 -25.10
CA GLU G 488 32.05 33.74 -23.69
C GLU G 488 33.00 32.60 -23.34
N VAL G 489 33.11 31.61 -24.22
CA VAL G 489 33.88 30.38 -23.96
C VAL G 489 35.36 30.66 -23.78
N LEU G 490 35.94 31.37 -24.74
CA LEU G 490 37.24 31.99 -24.59
C LEU G 490 37.06 33.03 -23.48
N ASN G 491 38.13 33.32 -22.74
CA ASN G 491 38.11 34.37 -21.72
C ASN G 491 37.55 33.91 -20.39
N ALA G 492 36.79 32.81 -20.42
CA ALA G 492 36.26 32.20 -19.21
C ALA G 492 37.44 31.80 -18.34
N ARG G 493 37.50 32.33 -17.11
CA ARG G 493 38.62 32.07 -16.21
C ARG G 493 38.46 30.70 -15.55
N ILE G 494 39.57 29.97 -15.43
CA ILE G 494 39.51 28.59 -14.90
C ILE G 494 39.65 28.52 -13.38
N THR G 495 38.91 27.61 -12.78
CA THR G 495 38.96 27.41 -11.34
C THR G 495 39.88 26.24 -11.04
N HIS G 496 40.47 26.25 -9.86
CA HIS G 496 41.14 25.06 -9.35
C HIS G 496 40.27 24.41 -8.33
N GLY G 497 39.35 25.17 -7.76
CA GLY G 497 38.37 24.69 -6.76
C GLY G 497 37.70 23.36 -7.07
N VAL G 498 36.78 23.35 -8.03
CA VAL G 498 36.17 22.10 -8.51
C VAL G 498 37.19 21.29 -9.33
N SER G 499 37.10 19.97 -9.29
CA SER G 499 38.02 19.13 -10.04
C SER G 499 37.26 18.32 -11.08
N TYR G 500 37.91 17.31 -11.65
CA TYR G 500 37.41 16.69 -12.88
C TYR G 500 36.62 15.39 -12.73
N ASN G 501 37.01 14.55 -11.78
CA ASN G 501 36.23 13.34 -11.45
C ASN G 501 34.78 13.68 -11.02
N GLU G 502 34.59 14.91 -10.55
CA GLU G 502 33.28 15.43 -10.17
C GLU G 502 32.42 15.51 -11.42
N LEU G 503 33.03 16.03 -12.49
CA LEU G 503 32.36 16.14 -13.78
C LEU G 503 32.13 14.78 -14.45
N GLN G 504 32.66 13.71 -13.83
CA GLN G 504 32.45 12.35 -14.30
C GLN G 504 31.15 11.75 -13.77
N ARG G 505 30.66 12.34 -12.69
CA ARG G 505 29.56 11.78 -11.94
C ARG G 505 28.20 12.24 -12.45
N ILE G 506 28.12 13.49 -12.89
CA ILE G 506 26.84 14.08 -13.29
C ILE G 506 26.37 13.65 -14.69
N TYR G 507 26.99 12.59 -15.21
CA TYR G 507 26.53 11.94 -16.42
C TYR G 507 25.05 11.56 -16.32
N GLY G 508 24.37 11.59 -17.47
CA GLY G 508 22.98 11.14 -17.57
C GLY G 508 22.66 10.70 -18.99
N MET H 1 37.47 6.59 50.95
CA MET H 1 36.23 7.26 51.44
C MET H 1 35.85 8.46 50.55
N SER H 2 36.73 9.46 50.53
CA SER H 2 36.50 10.61 49.68
C SER H 2 36.95 10.21 48.32
N ASN H 3 36.29 9.20 47.77
CA ASN H 3 36.56 8.76 46.43
C ASN H 3 35.41 9.02 45.47
N SER H 4 34.25 9.23 46.08
CA SER H 4 32.98 9.50 45.42
C SER H 4 32.80 10.98 45.07
N ALA H 5 31.67 11.31 44.46
CA ALA H 5 31.39 12.68 44.07
C ALA H 5 31.37 13.57 45.30
N ILE H 6 30.81 13.07 46.39
CA ILE H 6 30.87 13.75 47.67
C ILE H 6 31.72 12.92 48.61
N PRO H 7 32.74 13.52 49.22
CA PRO H 7 33.55 12.73 50.13
C PRO H 7 32.59 12.31 51.23
N LEU H 8 32.62 11.04 51.60
CA LEU H 8 31.73 10.55 52.65
C LEU H 8 32.63 10.07 53.75
N ASN H 9 32.22 10.32 54.98
CA ASN H 9 33.11 10.14 56.12
C ASN H 9 33.26 8.70 56.63
N VAL H 10 34.50 8.32 56.99
CA VAL H 10 34.91 6.94 57.27
C VAL H 10 34.85 6.56 58.73
N VAL H 11 34.78 5.26 59.00
CA VAL H 11 34.89 4.69 60.34
C VAL H 11 35.29 3.24 60.18
N ALA H 12 36.09 2.73 61.11
CA ALA H 12 36.45 1.31 61.09
C ALA H 12 35.68 0.51 62.14
N VAL H 13 35.36 -0.74 61.84
CA VAL H 13 34.66 -1.59 62.80
C VAL H 13 35.36 -2.92 63.04
N GLN H 14 35.66 -3.19 64.31
CA GLN H 14 36.32 -4.43 64.74
C GLN H 14 35.46 -5.67 64.54
N GLU H 15 35.98 -6.61 63.75
CA GLU H 15 35.26 -7.82 63.39
C GLU H 15 34.99 -8.65 64.64
N PRO H 16 33.86 -9.38 64.67
CA PRO H 16 33.30 -9.83 65.94
C PRO H 16 34.22 -10.65 66.84
N ARG H 17 35.10 -11.48 66.28
CA ARG H 17 35.94 -12.32 67.13
C ARG H 17 37.02 -11.53 67.84
N LEU H 18 37.39 -10.39 67.25
CA LEU H 18 38.40 -9.50 67.80
C LEU H 18 37.76 -8.24 68.33
N GLU H 19 36.54 -8.35 68.87
CA GLU H 19 35.81 -7.15 69.28
C GLU H 19 36.56 -6.39 70.37
N LEU H 20 37.03 -7.12 71.38
CA LEU H 20 37.94 -6.57 72.42
C LEU H 20 39.03 -5.74 71.75
N ASN H 21 39.47 -4.65 72.37
CA ASN H 21 38.98 -4.18 73.63
C ASN H 21 38.09 -2.98 73.40
N ASN H 22 37.24 -2.74 74.38
CA ASN H 22 36.53 -1.47 74.56
C ASN H 22 36.08 -1.43 76.01
N GLU H 23 36.00 -0.25 76.60
CA GLU H 23 35.59 -0.21 78.00
C GLU H 23 34.29 -0.96 78.22
N ARG H 24 34.30 -1.90 79.17
CA ARG H 24 33.13 -2.70 79.49
C ARG H 24 32.69 -2.38 80.90
N THR H 25 31.39 -2.44 81.15
CA THR H 25 30.86 -2.13 82.47
C THR H 25 30.14 -3.36 83.03
N TRP H 26 30.18 -3.55 84.34
CA TRP H 26 29.34 -4.55 84.98
C TRP H 26 28.02 -3.89 85.23
N VAL H 27 26.94 -4.54 84.84
CA VAL H 27 25.61 -3.93 84.89
C VAL H 27 24.72 -4.62 85.94
N VAL H 28 24.21 -3.85 86.90
CA VAL H 28 23.38 -4.41 87.96
C VAL H 28 21.89 -4.22 87.67
N VAL H 29 21.11 -5.33 87.69
CA VAL H 29 19.69 -5.27 87.34
C VAL H 29 18.76 -5.34 88.55
N LYS H 30 17.97 -4.29 88.74
CA LYS H 30 17.19 -4.07 89.98
C LYS H 30 15.67 -4.17 89.81
N GLY H 31 15.09 -5.25 90.32
CA GLY H 31 13.64 -5.44 90.33
C GLY H 31 13.07 -5.13 91.70
N GLY H 32 11.77 -4.82 91.73
CA GLY H 32 11.05 -4.43 92.97
C GLY H 32 10.95 -5.51 94.03
N GLN H 33 10.90 -5.10 95.30
CA GLN H 33 11.07 -6.02 96.43
C GLN H 33 10.16 -7.26 96.42
N GLN H 34 8.87 -7.07 96.17
CA GLN H 34 7.95 -8.20 96.28
C GLN H 34 7.11 -8.40 95.02
N VAL H 35 7.18 -9.61 94.43
CA VAL H 35 6.43 -9.98 93.22
C VAL H 35 5.48 -11.15 93.47
N THR H 36 4.19 -10.95 93.23
CA THR H 36 3.16 -11.85 93.74
C THR H 36 2.08 -12.23 92.70
N TYR H 37 1.34 -13.30 92.95
CA TYR H 37 0.23 -13.71 92.08
C TYR H 37 -0.97 -14.22 92.88
N TYR H 38 -2.19 -13.89 92.45
CA TYR H 38 -3.41 -14.41 93.10
C TYR H 38 -4.54 -14.61 92.13
N PRO H 39 -5.29 -15.70 92.30
CA PRO H 39 -6.49 -15.87 91.49
C PRO H 39 -7.64 -15.05 92.04
N PHE H 40 -8.43 -14.42 91.17
CA PHE H 40 -9.67 -13.77 91.61
C PHE H 40 -10.90 -14.49 91.09
N PRO H 41 -11.53 -15.31 91.93
CA PRO H 41 -12.69 -16.06 91.49
C PRO H 41 -13.82 -15.07 91.24
N SER H 42 -14.33 -15.05 90.01
CA SER H 42 -15.28 -14.01 89.55
C SER H 42 -16.42 -13.75 90.50
N THR H 43 -16.52 -12.50 90.92
CA THR H 43 -17.36 -12.13 92.04
C THR H 43 -18.80 -12.38 91.73
N SER H 44 -19.14 -12.44 90.44
CA SER H 44 -20.49 -12.73 90.00
C SER H 44 -20.45 -13.33 88.60
N PHE H 45 -21.14 -14.45 88.39
CA PHE H 45 -21.01 -15.19 87.14
C PHE H 45 -22.23 -16.04 86.90
N SER H 46 -22.59 -16.21 85.64
CA SER H 46 -23.75 -17.06 85.26
C SER H 46 -23.59 -17.66 83.87
N SER H 47 -24.69 -18.16 83.33
CA SER H 47 -24.65 -18.80 82.02
C SER H 47 -24.25 -17.85 80.91
N ASN H 48 -24.98 -16.75 80.79
CA ASN H 48 -24.81 -15.89 79.63
C ASN H 48 -23.81 -14.77 79.80
N GLN H 49 -23.31 -14.57 81.02
CA GLN H 49 -22.39 -13.46 81.28
C GLN H 49 -21.72 -13.62 82.62
N PHE H 50 -20.41 -13.38 82.70
CA PHE H 50 -19.73 -13.34 84.01
C PHE H 50 -18.64 -12.31 84.13
N ASN H 51 -18.36 -11.88 85.36
CA ASN H 51 -17.43 -10.78 85.60
C ASN H 51 -16.73 -10.73 86.97
N PHE H 52 -15.59 -10.06 86.99
CA PHE H 52 -14.68 -9.95 88.12
C PHE H 52 -14.63 -8.51 88.55
N ILE H 53 -14.22 -8.29 89.80
CA ILE H 53 -13.83 -6.97 90.30
C ILE H 53 -12.68 -7.17 91.29
N CYS H 54 -11.52 -6.63 90.96
CA CYS H 54 -10.27 -6.99 91.62
C CYS H 54 -9.36 -5.80 91.88
N ASN H 55 -9.60 -5.13 93.02
CA ASN H 55 -8.84 -3.94 93.34
C ASN H 55 -7.41 -4.26 93.67
N PRO H 56 -6.48 -3.42 93.17
CA PRO H 56 -5.05 -3.53 93.50
C PRO H 56 -4.83 -3.25 94.98
N PRO H 57 -3.81 -3.84 95.57
CA PRO H 57 -3.65 -3.82 97.02
C PRO H 57 -3.53 -2.40 97.52
N SER H 58 -2.78 -1.58 96.81
CA SER H 58 -2.74 -0.17 97.13
C SER H 58 -2.20 0.53 95.93
N ALA H 59 -2.40 1.84 95.84
CA ALA H 59 -1.64 2.62 94.89
C ALA H 59 -0.20 2.59 95.35
N GLN H 60 0.71 2.41 94.42
CA GLN H 60 2.15 2.34 94.75
C GLN H 60 2.56 0.88 94.61
N THR H 61 1.86 0.18 93.74
CA THR H 61 2.06 -1.23 93.50
C THR H 61 1.75 -1.44 92.02
N VAL H 62 2.79 -1.46 91.19
CA VAL H 62 2.62 -1.61 89.75
C VAL H 62 1.96 -2.95 89.47
N LEU H 63 1.31 -3.08 88.34
CA LEU H 63 0.61 -4.31 88.02
C LEU H 63 1.08 -4.85 86.67
N ASP H 64 1.15 -6.18 86.54
CA ASP H 64 1.55 -6.80 85.27
C ASP H 64 0.46 -6.61 84.23
N ARG H 65 0.82 -6.06 83.07
CA ARG H 65 -0.11 -5.83 81.96
C ARG H 65 -0.59 -7.14 81.34
N LEU H 66 0.28 -8.16 81.36
CA LEU H 66 -0.05 -9.51 80.89
C LEU H 66 -1.08 -10.23 81.83
N VAL H 67 -2.36 -10.24 81.44
CA VAL H 67 -3.43 -10.80 82.27
C VAL H 67 -4.01 -12.01 81.56
N PHE H 68 -4.71 -12.89 82.28
CA PHE H 68 -5.43 -13.98 81.65
C PHE H 68 -6.38 -14.64 82.62
N ILE H 69 -7.45 -15.23 82.11
CA ILE H 69 -8.48 -15.84 82.95
C ILE H 69 -8.64 -17.31 82.62
N GLN H 70 -8.77 -18.14 83.64
CA GLN H 70 -8.91 -19.58 83.43
C GLN H 70 -10.28 -20.13 83.77
N VAL H 71 -10.90 -20.79 82.79
CA VAL H 71 -12.33 -21.17 82.87
C VAL H 71 -12.58 -22.69 82.74
N PRO H 72 -13.11 -23.33 83.81
CA PRO H 72 -13.40 -24.76 83.79
C PRO H 72 -14.82 -24.96 83.34
N TYR H 73 -15.10 -26.06 82.64
CA TYR H 73 -16.35 -26.21 81.90
C TYR H 73 -16.84 -27.64 81.85
N ASP H 74 -17.95 -27.84 81.15
CA ASP H 74 -18.50 -29.16 80.86
C ASP H 74 -19.32 -29.11 79.57
N ILE H 75 -19.01 -29.97 78.62
CA ILE H 75 -19.80 -30.10 77.42
C ILE H 75 -20.34 -31.50 77.39
N THR H 76 -21.57 -31.65 76.92
CA THR H 76 -22.07 -32.99 76.64
C THR H 76 -22.86 -32.98 75.34
N PHE H 77 -22.51 -33.90 74.43
CA PHE H 77 -23.18 -33.99 73.15
C PHE H 77 -24.22 -35.09 73.20
N THR H 78 -25.34 -34.88 72.52
CA THR H 78 -26.33 -35.94 72.31
C THR H 78 -26.32 -36.36 70.85
N ALA H 79 -26.59 -37.63 70.57
CA ALA H 79 -26.64 -38.10 69.17
C ALA H 79 -27.95 -37.72 68.51
N ASN H 80 -27.84 -37.04 67.38
CA ASN H 80 -29.00 -36.55 66.65
C ASN H 80 -29.81 -37.71 66.07
N PRO H 81 -31.14 -37.73 66.32
CA PRO H 81 -31.97 -38.55 65.43
C PRO H 81 -32.53 -37.65 64.30
N SER H 82 -32.50 -38.13 63.07
CA SER H 82 -32.12 -39.52 62.80
C SER H 82 -31.34 -39.67 61.50
N HIS H 83 -30.18 -39.01 61.42
CA HIS H 83 -29.23 -39.32 60.37
C HIS H 83 -29.02 -40.82 60.31
N ALA H 84 -29.11 -41.40 59.11
CA ALA H 84 -29.06 -42.86 58.93
C ALA H 84 -27.67 -43.47 59.24
N GLY H 85 -27.66 -44.62 59.92
CA GLY H 85 -26.42 -45.33 60.27
C GLY H 85 -25.96 -45.07 61.70
N ILE H 86 -24.76 -44.48 61.83
CA ILE H 86 -24.20 -43.95 63.10
C ILE H 86 -23.07 -44.80 63.74
N THR H 87 -22.68 -45.91 63.10
CA THR H 87 -21.56 -46.75 63.60
C THR H 87 -20.24 -45.96 63.62
N GLU H 88 -19.37 -46.28 64.59
CA GLU H 88 -18.24 -45.43 65.01
C GLU H 88 -18.73 -44.45 66.10
N ASN H 89 -17.82 -44.02 66.96
CA ASN H 89 -18.18 -43.24 68.15
C ASN H 89 -18.66 -41.83 67.81
N LEU H 90 -19.06 -41.07 68.82
CA LEU H 90 -19.53 -39.72 68.55
C LEU H 90 -18.40 -38.73 68.32
N LEU H 91 -17.32 -38.83 69.09
CA LEU H 91 -16.10 -38.08 68.78
C LEU H 91 -15.21 -38.94 67.90
N GLN H 92 -14.45 -38.30 67.02
CA GLN H 92 -13.51 -39.00 66.13
C GLN H 92 -12.06 -38.66 66.47
N PRO H 93 -11.10 -39.48 66.01
CA PRO H 93 -9.73 -39.21 66.44
C PRO H 93 -9.10 -38.00 65.74
N GLY H 94 -9.53 -37.71 64.52
CA GLY H 94 -8.96 -36.59 63.78
C GLY H 94 -9.97 -35.53 63.42
N ARG H 95 -11.25 -35.83 63.61
CA ARG H 95 -12.29 -35.02 63.02
C ARG H 95 -12.86 -33.86 63.85
N ASP H 96 -12.54 -33.75 65.14
CA ASP H 96 -13.05 -32.60 65.90
C ASP H 96 -12.27 -32.20 67.16
N ALA H 97 -12.26 -30.89 67.45
CA ALA H 97 -11.58 -30.32 68.59
C ALA H 97 -12.09 -28.91 68.81
N PHE H 98 -11.65 -28.23 69.86
CA PHE H 98 -12.11 -26.86 70.10
C PHE H 98 -11.73 -25.95 68.98
N ARG H 99 -12.63 -25.06 68.60
CA ARG H 99 -12.30 -23.98 67.67
C ARG H 99 -11.27 -23.11 68.38
N ALA H 100 -10.34 -22.52 67.66
CA ALA H 100 -9.36 -21.62 68.28
C ALA H 100 -9.71 -20.20 67.88
N PHE H 101 -9.73 -19.24 68.82
CA PHE H 101 -9.42 -19.43 70.23
C PHE H 101 -10.73 -19.61 70.92
N PRO H 102 -10.84 -20.66 71.75
CA PRO H 102 -12.15 -21.17 72.14
C PRO H 102 -13.05 -20.19 72.89
N ILE H 103 -12.54 -19.56 73.94
CA ILE H 103 -13.43 -18.76 74.76
C ILE H 103 -13.42 -17.31 74.32
N SER H 104 -12.60 -16.98 73.33
CA SER H 104 -12.57 -15.63 72.78
C SER H 104 -13.66 -15.48 71.72
N SER H 105 -13.87 -16.52 70.93
CA SER H 105 -14.82 -16.46 69.84
C SER H 105 -16.27 -16.54 70.36
N ILE H 106 -16.44 -17.05 71.59
CA ILE H 106 -17.72 -16.97 72.30
C ILE H 106 -18.00 -15.52 72.69
N THR H 107 -17.11 -14.94 73.49
CA THR H 107 -17.26 -13.60 74.04
C THR H 107 -17.82 -12.59 73.07
N ASN H 108 -18.96 -11.99 73.44
CA ASN H 108 -19.60 -10.97 72.66
C ASN H 108 -18.81 -9.69 72.75
N THR H 109 -18.38 -9.38 73.96
CA THR H 109 -17.69 -8.16 74.21
C THR H 109 -17.00 -8.26 75.56
N LEU H 110 -15.68 -8.14 75.54
CA LEU H 110 -14.93 -7.88 76.76
C LEU H 110 -15.23 -6.46 77.18
N ASN H 111 -15.11 -6.16 78.46
CA ASN H 111 -15.10 -4.78 78.85
C ASN H 111 -14.40 -4.61 80.19
N ALA H 112 -13.29 -3.89 80.18
CA ALA H 112 -12.62 -3.57 81.43
C ALA H 112 -12.97 -2.14 81.84
N THR H 113 -12.53 -1.70 83.01
CA THR H 113 -12.54 -0.28 83.35
C THR H 113 -11.35 0.06 84.22
N ILE H 114 -10.44 0.90 83.72
CA ILE H 114 -9.28 1.29 84.51
C ILE H 114 -9.61 2.51 85.32
N ASN H 115 -9.68 2.33 86.63
CA ASN H 115 -9.63 3.43 87.56
C ASN H 115 -10.85 4.34 87.54
N GLY H 116 -12.03 3.73 87.37
CA GLY H 116 -13.27 4.50 87.22
C GLY H 116 -13.67 4.88 85.79
N PHE H 117 -12.76 4.68 84.83
CA PHE H 117 -12.97 5.05 83.42
C PHE H 117 -13.03 3.80 82.55
N PRO H 118 -13.95 3.77 81.57
CA PRO H 118 -14.18 2.54 80.81
C PRO H 118 -13.46 2.48 79.47
N VAL H 119 -12.93 1.30 79.13
CA VAL H 119 -12.23 1.01 77.87
C VAL H 119 -12.79 -0.29 77.37
N ASN H 120 -13.18 -0.38 76.12
CA ASN H 120 -13.78 -1.65 75.72
C ASN H 120 -13.44 -2.14 74.35
N ILE H 121 -13.35 -3.46 74.25
CA ILE H 121 -13.18 -4.10 72.97
C ILE H 121 -14.38 -4.98 72.73
N GLU H 122 -15.03 -4.81 71.59
CA GLU H 122 -15.89 -5.86 71.08
C GLU H 122 -14.95 -6.99 70.61
N LEU H 123 -15.16 -8.21 71.11
CA LEU H 123 -14.16 -9.27 70.97
C LEU H 123 -14.42 -10.37 69.93
N ALA H 124 -15.67 -10.78 69.76
CA ALA H 124 -16.00 -11.95 68.91
C ALA H 124 -15.56 -11.87 67.45
N GLN H 125 -16.14 -10.93 66.71
CA GLN H 125 -15.86 -10.77 65.28
C GLN H 125 -14.43 -10.28 65.09
N ILE H 126 -13.98 -9.40 65.97
CA ILE H 126 -12.67 -8.76 65.84
C ILE H 126 -11.46 -9.69 65.94
N ILE H 127 -11.51 -10.68 66.83
CA ILE H 127 -10.33 -11.48 67.15
C ILE H 127 -9.75 -12.30 66.01
N HIS H 128 -10.61 -12.78 65.12
CA HIS H 128 -10.15 -13.70 64.10
C HIS H 128 -9.30 -13.09 63.03
N ALA H 129 -9.50 -11.81 62.76
CA ALA H 129 -8.68 -11.10 61.80
C ALA H 129 -7.46 -10.43 62.47
N LEU H 130 -7.62 -10.00 63.71
CA LEU H 130 -6.54 -9.40 64.45
C LEU H 130 -5.48 -10.45 64.73
N SER H 131 -5.91 -11.64 65.09
CA SER H 131 -4.99 -12.72 65.43
C SER H 131 -4.08 -13.20 64.29
N ARG H 132 -4.56 -13.18 63.05
CA ARG H 132 -3.71 -13.49 61.90
C ARG H 132 -2.40 -12.71 61.97
N TYR H 133 -2.48 -11.50 62.47
CA TYR H 133 -1.59 -10.44 62.08
C TYR H 133 -0.20 -10.29 62.65
N HIS H 134 0.04 -10.57 63.92
CA HIS H 134 1.35 -10.18 64.38
C HIS H 134 2.25 -11.25 64.87
N THR H 135 1.78 -12.47 64.77
CA THR H 135 2.50 -13.61 65.32
C THR H 135 3.52 -14.16 64.34
N PRO H 136 4.77 -14.29 64.79
CA PRO H 136 5.75 -15.12 64.10
C PRO H 136 5.83 -16.44 64.83
N LEU H 137 6.87 -17.22 64.59
CA LEU H 137 6.92 -18.57 65.14
C LEU H 137 7.40 -18.57 66.58
N LYS H 138 8.25 -17.62 66.94
CA LYS H 138 8.63 -17.47 68.33
C LYS H 138 7.39 -17.15 69.16
N VAL H 139 6.66 -16.11 68.76
CA VAL H 139 5.49 -15.62 69.50
C VAL H 139 4.31 -16.59 69.50
N LYS H 140 3.95 -17.14 68.35
CA LYS H 140 2.90 -18.13 68.29
C LYS H 140 3.19 -19.28 69.26
N ASN H 141 4.46 -19.49 69.60
CA ASN H 141 4.86 -20.56 70.53
C ASN H 141 5.08 -20.16 71.98
N GLY H 142 4.94 -18.88 72.29
CA GLY H 142 5.05 -18.34 73.67
C GLY H 142 3.68 -18.16 74.26
N TRP H 143 3.51 -17.17 75.12
CA TRP H 143 2.19 -16.92 75.69
C TRP H 143 1.08 -17.28 74.75
N MET H 144 1.17 -16.90 73.49
CA MET H 144 0.07 -17.18 72.57
C MET H 144 -0.28 -18.67 72.45
N SER H 145 0.44 -19.50 73.21
CA SER H 145 0.21 -20.95 73.16
C SER H 145 -0.91 -21.43 74.05
N MET H 146 -1.25 -20.69 75.09
CA MET H 146 -2.11 -21.23 76.13
C MET H 146 -3.48 -21.77 75.66
N GLN H 147 -4.27 -20.96 74.97
CA GLN H 147 -5.52 -21.44 74.39
C GLN H 147 -5.17 -22.28 73.18
N PRO H 148 -6.05 -23.23 72.75
CA PRO H 148 -5.84 -23.79 71.40
C PRO H 148 -5.53 -22.67 70.41
N SER H 149 -4.50 -22.85 69.59
CA SER H 149 -3.90 -21.70 68.90
C SER H 149 -4.04 -21.69 67.37
N PHE H 150 -3.83 -22.86 66.76
CA PHE H 150 -3.77 -23.06 65.31
C PHE H 150 -4.98 -22.48 64.58
N GLU H 151 -4.77 -21.34 63.92
CA GLU H 151 -5.82 -20.71 63.11
C GLU H 151 -6.29 -21.64 62.01
N ASP H 152 -7.49 -21.42 61.52
CA ASP H 152 -8.03 -22.33 60.52
C ASP H 152 -7.64 -21.92 59.09
N ASN H 153 -6.92 -22.81 58.41
CA ASN H 153 -6.43 -22.54 57.05
C ASN H 153 -7.34 -23.08 55.93
N TYR H 154 -7.75 -24.34 56.01
CA TYR H 154 -8.61 -24.94 54.99
C TYR H 154 -9.99 -24.31 54.88
N GLN H 155 -10.29 -23.86 53.67
CA GLN H 155 -11.51 -23.14 53.38
C GLN H 155 -12.75 -23.99 53.75
N SER H 156 -12.58 -25.30 53.78
CA SER H 156 -13.71 -26.17 54.09
C SER H 156 -13.19 -27.43 54.76
N TYR H 157 -13.51 -27.62 56.04
CA TYR H 157 -12.94 -28.74 56.81
C TYR H 157 -12.92 -30.07 56.10
N ARG H 158 -14.02 -30.44 55.47
CA ARG H 158 -14.19 -31.83 55.02
C ARG H 158 -13.03 -32.38 54.21
N ASP H 159 -12.57 -31.60 53.24
CA ASP H 159 -11.52 -32.07 52.34
C ASP H 159 -10.12 -32.01 52.96
N ALA H 160 -9.99 -31.30 54.07
CA ALA H 160 -8.71 -31.18 54.75
C ALA H 160 -8.19 -32.56 55.13
N ASP H 161 -9.11 -33.43 55.54
CA ASP H 161 -8.75 -34.73 56.11
C ASP H 161 -8.12 -35.69 55.12
N GLY H 162 -6.99 -36.30 55.47
CA GLY H 162 -6.29 -36.04 56.74
C GLY H 162 -4.83 -35.69 56.48
N ALA H 163 -4.57 -34.40 56.33
CA ALA H 163 -3.24 -33.88 56.04
C ALA H 163 -2.42 -33.83 57.31
N ASN H 164 -1.11 -33.72 57.16
CA ASN H 164 -0.24 -33.59 58.31
C ASN H 164 -0.61 -32.35 59.08
N ASN H 165 -0.94 -31.29 58.35
CA ASN H 165 -1.29 -30.02 58.97
C ASN H 165 -2.77 -29.82 59.33
N ASN H 166 -3.63 -30.76 58.99
CA ASN H 166 -5.06 -30.59 59.20
C ASN H 166 -5.34 -29.76 60.45
N PRO H 167 -6.15 -28.68 60.34
CA PRO H 167 -6.44 -27.77 61.44
C PRO H 167 -6.76 -28.54 62.70
N LEU H 168 -7.69 -29.47 62.62
CA LEU H 168 -7.95 -30.33 63.76
C LEU H 168 -7.28 -31.68 63.57
N GLY H 169 -6.28 -31.98 64.39
CA GLY H 169 -5.63 -33.30 64.38
C GLY H 169 -5.06 -33.52 65.76
N VAL H 170 -4.59 -34.74 66.05
CA VAL H 170 -4.00 -35.03 67.37
C VAL H 170 -2.54 -34.56 67.49
N PHE H 171 -1.95 -34.65 68.69
CA PHE H 171 -0.57 -34.21 68.91
C PHE H 171 0.44 -34.99 68.06
N THR H 172 0.29 -36.31 68.05
CA THR H 172 0.99 -37.14 67.08
C THR H 172 0.42 -36.72 65.72
N SER H 173 1.30 -36.54 64.74
CA SER H 173 0.92 -36.04 63.41
C SER H 173 1.10 -34.54 63.29
N ALA H 174 1.84 -33.95 64.23
CA ALA H 174 2.29 -32.56 64.11
C ALA H 174 3.81 -32.57 63.98
N ALA H 175 4.35 -31.71 63.12
CA ALA H 175 5.82 -31.67 62.89
C ALA H 175 6.60 -31.23 64.13
N GLY H 176 7.79 -31.80 64.32
CA GLY H 176 8.65 -31.48 65.47
C GLY H 176 9.05 -30.02 65.47
N LEU H 177 8.64 -29.31 66.53
CA LEU H 177 8.87 -27.87 66.72
C LEU H 177 8.14 -26.96 65.73
N SER H 178 6.83 -26.87 65.88
CA SER H 178 5.99 -25.98 65.07
C SER H 178 4.55 -26.03 65.55
N GLU H 179 3.81 -24.96 65.25
CA GLU H 179 2.42 -24.79 65.74
C GLU H 179 1.61 -26.08 65.69
N LEU H 180 1.19 -26.59 66.85
CA LEU H 180 0.47 -27.86 66.91
C LEU H 180 -1.04 -27.74 66.68
N PRO H 181 -1.65 -28.75 66.04
CA PRO H 181 -3.07 -28.77 65.69
C PRO H 181 -3.96 -28.70 66.93
N ARG H 182 -5.19 -28.23 66.74
CA ARG H 182 -6.09 -27.91 67.85
C ARG H 182 -6.50 -29.10 68.72
N GLY H 183 -6.37 -30.31 68.19
CA GLY H 183 -6.77 -31.51 68.90
C GLY H 183 -5.80 -31.98 69.97
N SER H 184 -4.67 -31.29 70.09
CA SER H 184 -3.64 -31.65 71.05
C SER H 184 -3.99 -31.26 72.47
N TYR H 185 -4.82 -30.23 72.62
CA TYR H 185 -5.15 -29.71 73.94
C TYR H 185 -5.81 -30.71 74.87
N THR H 186 -5.45 -30.74 76.13
CA THR H 186 -6.00 -31.82 76.94
C THR H 186 -7.40 -31.55 77.50
N MET H 187 -8.33 -32.41 77.10
CA MET H 187 -9.64 -32.45 77.72
C MET H 187 -9.88 -33.90 78.05
N ASN H 188 -10.08 -34.23 79.32
CA ASN H 188 -10.33 -35.61 79.67
C ASN H 188 -11.70 -36.04 79.24
N VAL H 189 -11.85 -37.27 78.78
CA VAL H 189 -13.17 -37.74 78.41
C VAL H 189 -13.71 -38.62 79.51
N VAL H 190 -14.81 -38.20 80.14
CA VAL H 190 -15.51 -39.04 81.12
C VAL H 190 -16.28 -40.18 80.43
N THR H 191 -16.80 -39.91 79.23
CA THR H 191 -17.40 -40.97 78.41
C THR H 191 -17.64 -40.57 76.95
N ASN H 192 -17.17 -41.42 76.04
CA ASN H 192 -17.45 -41.29 74.61
C ASN H 192 -17.95 -42.62 74.06
N THR H 193 -19.25 -42.68 73.80
CA THR H 193 -19.86 -43.84 73.15
C THR H 193 -20.82 -43.28 72.12
N THR H 194 -21.02 -43.98 71.00
CA THR H 194 -22.08 -43.57 70.08
C THR H 194 -23.35 -43.32 70.90
N THR H 195 -24.14 -42.34 70.48
CA THR H 195 -25.35 -41.83 71.20
C THR H 195 -25.10 -40.70 72.23
N THR H 196 -23.87 -40.59 72.76
CA THR H 196 -23.62 -39.65 73.86
C THR H 196 -22.13 -39.36 74.16
N ALA H 197 -21.82 -38.11 74.45
CA ALA H 197 -20.45 -37.75 74.83
C ALA H 197 -20.40 -36.69 75.94
N ARG H 198 -19.46 -36.84 76.87
CA ARG H 198 -19.31 -35.90 77.99
C ARG H 198 -17.83 -35.71 78.25
N ILE H 199 -17.37 -34.46 78.25
CA ILE H 199 -15.93 -34.15 78.37
C ILE H 199 -15.71 -32.92 79.27
N THR H 200 -14.59 -32.83 80.00
CA THR H 200 -14.45 -31.84 81.11
C THR H 200 -13.04 -31.41 81.54
N GLY H 201 -12.64 -30.17 81.25
CA GLY H 201 -11.35 -29.68 81.74
C GLY H 201 -11.18 -28.17 81.72
N VAL H 202 -10.13 -27.66 82.35
CA VAL H 202 -9.86 -26.21 82.35
C VAL H 202 -9.36 -25.70 80.98
N LEU H 203 -9.69 -24.45 80.62
CA LEU H 203 -9.05 -23.75 79.49
C LEU H 203 -8.75 -22.27 79.66
N TYR H 204 -7.50 -21.91 79.36
CA TYR H 204 -6.96 -20.58 79.58
C TYR H 204 -7.13 -19.71 78.36
N GLU H 205 -7.29 -18.40 78.59
CA GLU H 205 -7.39 -17.43 77.50
C GLU H 205 -7.11 -16.04 78.02
N GLN H 206 -6.17 -15.35 77.39
CA GLN H 206 -5.80 -14.02 77.83
C GLN H 206 -6.89 -12.97 77.66
N VAL H 207 -6.72 -11.84 78.33
CA VAL H 207 -7.47 -10.63 78.02
C VAL H 207 -6.72 -9.90 76.89
N PHE H 208 -7.36 -9.80 75.74
CA PHE H 208 -6.78 -9.13 74.60
C PHE H 208 -7.28 -7.71 74.64
N LEU H 209 -6.41 -6.78 74.99
CA LEU H 209 -6.84 -5.40 75.12
C LEU H 209 -5.68 -4.44 74.95
N PRO H 210 -5.98 -3.15 75.04
CA PRO H 210 -4.96 -2.16 75.34
C PRO H 210 -5.46 -1.40 76.55
N PRO H 211 -4.64 -1.13 77.56
CA PRO H 211 -3.20 -1.42 77.61
C PRO H 211 -2.77 -2.88 77.57
N PHE H 212 -3.51 -3.77 78.21
CA PHE H 212 -2.99 -5.10 78.50
C PHE H 212 -2.51 -5.78 77.23
N LEU H 213 -1.37 -6.43 77.30
CA LEU H 213 -0.74 -7.01 76.10
C LEU H 213 -0.67 -8.54 76.08
N TRP H 214 -0.73 -9.09 74.86
CA TRP H 214 -0.79 -10.52 74.65
C TRP H 214 0.49 -11.04 74.08
N ASP H 215 1.20 -10.18 73.34
CA ASP H 215 2.54 -10.46 72.85
C ASP H 215 3.61 -10.18 73.94
N GLY H 216 4.68 -10.95 73.83
CA GLY H 216 5.69 -11.12 74.84
C GLY H 216 6.44 -9.86 75.15
N GLU H 217 6.73 -9.05 74.15
CA GLU H 217 7.66 -8.01 74.44
C GLU H 217 7.05 -7.42 75.66
N GLN H 218 7.86 -7.34 76.70
CA GLN H 218 7.42 -6.84 77.97
C GLN H 218 7.36 -5.35 77.85
N ALA H 219 6.56 -4.73 78.68
CA ALA H 219 6.54 -3.27 78.73
C ALA H 219 6.14 -2.84 80.14
N GLY H 220 6.29 -1.56 80.43
CA GLY H 220 6.03 -1.05 81.77
C GLY H 220 4.60 -1.27 82.22
N GLY H 221 4.44 -1.53 83.51
CA GLY H 221 3.21 -2.01 84.15
C GLY H 221 2.32 -0.92 84.74
N LEU H 222 1.00 -1.12 84.73
CA LEU H 222 0.04 -0.13 85.23
C LEU H 222 0.10 0.21 86.72
N ALA H 223 0.70 1.35 87.03
CA ALA H 223 0.61 1.99 88.34
C ALA H 223 0.35 3.44 87.99
N ASN H 224 -0.46 4.15 88.76
CA ASN H 224 -0.87 3.82 90.09
C ASN H 224 -2.36 3.97 90.18
N LEU H 225 -3.08 2.87 89.98
CA LEU H 225 -4.55 2.92 89.95
C LEU H 225 -5.16 2.46 91.26
N THR H 226 -6.46 2.68 91.42
CA THR H 226 -7.13 2.26 92.65
C THR H 226 -8.19 1.17 92.44
N SER H 227 -8.90 1.24 91.32
CA SER H 227 -10.00 0.30 91.08
C SER H 227 -9.80 -0.38 89.75
N LEU H 228 -10.14 -1.65 89.69
CA LEU H 228 -10.09 -2.34 88.42
C LEU H 228 -11.22 -3.34 88.40
N THR H 229 -11.92 -3.41 87.28
CA THR H 229 -12.99 -4.38 87.13
C THR H 229 -12.97 -4.84 85.70
N PHE H 230 -13.29 -6.11 85.49
CA PHE H 230 -13.43 -6.68 84.16
C PHE H 230 -14.83 -7.17 83.95
N ASN H 231 -15.35 -7.00 82.75
CA ASN H 231 -16.67 -7.51 82.42
C ASN H 231 -16.64 -8.32 81.15
N TRP H 232 -17.39 -9.41 81.11
CA TRP H 232 -17.45 -10.23 79.91
C TRP H 232 -18.90 -10.51 79.59
N VAL H 233 -19.21 -10.80 78.33
CA VAL H 233 -20.58 -11.23 78.06
C VAL H 233 -20.55 -12.16 76.86
N LEU H 234 -21.32 -13.23 76.91
CA LEU H 234 -21.21 -14.27 75.89
C LEU H 234 -22.19 -14.07 74.73
N ASN H 235 -21.66 -14.06 73.50
CA ASN H 235 -22.47 -14.07 72.27
C ASN H 235 -23.31 -15.34 72.22
N ASN H 236 -24.60 -15.16 71.96
CA ASN H 236 -25.64 -16.10 72.38
C ASN H 236 -25.44 -17.58 72.20
N ASN H 237 -25.27 -18.05 70.97
CA ASN H 237 -25.48 -19.47 70.73
C ASN H 237 -24.55 -20.43 71.45
N LEU H 238 -23.27 -20.14 71.41
CA LEU H 238 -22.32 -20.68 72.34
C LEU H 238 -21.99 -22.13 72.07
N ALA H 239 -22.69 -22.74 71.12
CA ALA H 239 -22.34 -24.06 70.65
C ALA H 239 -21.12 -23.92 69.79
N ARG H 240 -20.83 -22.68 69.43
CA ARG H 240 -19.83 -22.34 68.45
C ARG H 240 -18.44 -22.67 68.93
N ILE H 241 -18.30 -22.92 70.21
CA ILE H 241 -16.98 -23.12 70.77
C ILE H 241 -16.35 -24.29 70.06
N TRP H 242 -17.16 -25.29 69.78
CA TRP H 242 -16.71 -26.57 69.22
C TRP H 242 -16.52 -26.50 67.74
N SER H 243 -15.69 -27.39 67.21
CA SER H 243 -15.56 -27.59 65.74
C SER H 243 -15.75 -29.05 65.28
N HIS H 244 -15.80 -29.28 63.98
CA HIS H 244 -16.22 -30.56 63.45
C HIS H 244 -15.81 -30.67 62.03
N SER H 245 -16.26 -31.72 61.34
CA SER H 245 -15.94 -31.94 59.94
C SER H 245 -17.13 -32.54 59.22
N ASP H 246 -17.14 -32.44 57.90
CA ASP H 246 -18.27 -32.95 57.14
C ASP H 246 -18.14 -34.42 56.83
N ILE H 247 -16.91 -34.90 56.66
CA ILE H 247 -16.67 -36.27 56.21
C ILE H 247 -17.53 -37.31 56.93
N THR H 248 -17.62 -37.21 58.26
CA THR H 248 -18.40 -38.17 59.06
C THR H 248 -19.90 -38.02 58.87
N ASN H 249 -20.35 -36.80 58.61
CA ASN H 249 -21.78 -36.54 58.42
C ASN H 249 -22.23 -36.97 57.04
N ASP H 250 -23.43 -37.51 56.93
CA ASP H 250 -23.72 -38.37 55.78
C ASP H 250 -24.75 -37.96 54.73
N VAL H 251 -24.61 -38.62 53.58
CA VAL H 251 -25.15 -38.23 52.26
C VAL H 251 -26.59 -37.71 52.22
N SER H 252 -26.74 -36.51 51.67
CA SER H 252 -28.03 -35.81 51.56
C SER H 252 -28.81 -35.82 52.88
N GLY H 253 -28.05 -35.89 53.98
CA GLY H 253 -28.62 -36.00 55.30
C GLY H 253 -28.09 -34.96 56.26
N ASN H 254 -28.03 -35.34 57.53
CA ASN H 254 -27.73 -34.42 58.60
C ASN H 254 -26.51 -34.90 59.36
N SER H 255 -25.85 -34.00 60.09
CA SER H 255 -24.73 -34.37 60.94
C SER H 255 -25.21 -35.16 62.16
N THR H 256 -24.30 -35.94 62.74
CA THR H 256 -24.63 -36.83 63.84
C THR H 256 -24.63 -36.13 65.20
N ILE H 257 -23.90 -35.02 65.28
CA ILE H 257 -23.59 -34.41 66.56
C ILE H 257 -24.75 -33.64 67.19
N GLY H 258 -25.60 -33.01 66.38
CA GLY H 258 -26.61 -32.07 66.88
C GLY H 258 -27.73 -32.75 67.65
N SER H 259 -27.98 -32.35 68.91
CA SER H 259 -27.43 -31.14 69.53
C SER H 259 -26.57 -31.39 70.77
N MET H 260 -25.80 -30.37 71.15
CA MET H 260 -24.97 -30.42 72.35
C MET H 260 -25.47 -29.41 73.38
N ASN H 261 -24.73 -29.27 74.48
CA ASN H 261 -24.99 -28.22 75.48
C ASN H 261 -23.74 -28.00 76.34
N ILE H 262 -23.61 -26.80 76.91
CA ILE H 262 -22.38 -26.41 77.62
C ILE H 262 -22.70 -26.02 79.05
N SER H 263 -21.67 -25.73 79.85
CA SER H 263 -21.84 -25.43 81.27
C SER H 263 -20.51 -24.97 81.85
N PHE H 264 -20.52 -23.96 82.71
CA PHE H 264 -19.27 -23.44 83.27
C PHE H 264 -19.26 -23.53 84.79
N GLN H 265 -18.09 -23.35 85.41
CA GLN H 265 -18.01 -23.12 86.86
C GLN H 265 -17.59 -21.67 87.15
N GLN H 266 -17.00 -21.34 88.25
CA GLN H 266 -16.62 -19.95 88.35
C GLN H 266 -15.21 -19.74 87.85
N PRO H 267 -15.06 -18.89 86.85
CA PRO H 267 -13.76 -18.71 86.23
C PRO H 267 -12.99 -17.68 87.01
N SER H 268 -11.66 -17.75 87.05
CA SER H 268 -10.89 -16.74 87.80
C SER H 268 -9.76 -16.04 87.04
N MET H 269 -9.85 -14.71 86.91
CA MET H 269 -8.77 -13.88 86.39
C MET H 269 -7.47 -14.08 87.18
N TYR H 270 -6.33 -13.66 86.64
CA TYR H 270 -5.02 -13.78 87.32
C TYR H 270 -4.15 -12.56 87.17
N LEU H 271 -4.13 -11.70 88.17
CA LEU H 271 -3.35 -10.46 88.06
C LEU H 271 -2.04 -10.57 88.83
N GLY H 272 -0.97 -9.96 88.30
CA GLY H 272 0.28 -9.85 89.05
C GLY H 272 0.48 -8.48 89.66
N PHE H 273 1.21 -8.40 90.79
CA PHE H 273 1.52 -7.12 91.46
C PHE H 273 2.97 -7.02 91.92
N VAL H 274 3.74 -6.12 91.33
CA VAL H 274 5.10 -5.92 91.82
C VAL H 274 5.14 -4.64 92.63
N THR H 275 5.54 -4.72 93.89
CA THR H 275 5.69 -3.51 94.71
C THR H 275 7.15 -3.01 94.76
N PRO H 276 7.40 -1.81 94.22
CA PRO H 276 8.76 -1.43 93.86
C PRO H 276 9.62 -1.19 95.09
N ARG H 277 10.93 -1.41 94.97
CA ARG H 277 11.86 -1.29 96.12
C ARG H 277 12.10 0.14 96.57
N LEU H 278 12.41 0.32 97.85
CA LEU H 278 12.43 1.64 98.47
C LEU H 278 13.40 2.65 97.83
N ASN H 279 14.47 2.18 97.21
CA ASN H 279 15.44 3.07 96.56
C ASN H 279 14.84 4.04 95.54
N ILE H 280 14.18 3.48 94.52
CA ILE H 280 13.62 4.27 93.43
C ILE H 280 12.11 4.46 93.59
N PRO H 281 11.65 5.75 93.65
CA PRO H 281 10.23 6.10 93.76
C PRO H 281 9.53 6.15 92.40
N ILE H 282 8.23 5.84 92.35
CA ILE H 282 7.47 5.93 91.08
C ILE H 282 6.71 7.27 91.00
N PRO H 283 6.81 8.02 89.86
CA PRO H 283 6.24 9.36 89.63
C PRO H 283 4.75 9.50 89.94
N PRO H 284 4.30 10.67 90.47
CA PRO H 284 2.91 10.85 90.93
C PRO H 284 1.89 10.39 89.92
N ARG H 285 1.87 11.01 88.73
CA ARG H 285 1.01 10.58 87.60
C ARG H 285 1.83 10.14 86.39
N ILE H 286 1.32 9.18 85.64
CA ILE H 286 2.07 8.58 84.53
C ILE H 286 1.24 8.36 83.27
N THR H 287 1.88 8.24 82.11
CA THR H 287 1.14 8.20 80.85
C THR H 287 1.44 6.99 79.97
N TYR H 288 0.40 6.36 79.43
CA TYR H 288 0.54 5.10 78.71
C TYR H 288 -0.01 5.17 77.30
N PRO H 289 0.58 4.41 76.35
CA PRO H 289 -0.03 4.42 75.02
C PRO H 289 -1.34 3.71 75.15
N TYR H 290 -2.31 4.13 74.36
CA TYR H 290 -3.63 3.52 74.46
C TYR H 290 -4.35 3.51 73.12
N PHE H 291 -4.53 2.33 72.55
CA PHE H 291 -5.25 2.25 71.30
C PHE H 291 -6.62 1.62 71.48
N LYS H 292 -7.62 2.17 70.79
CA LYS H 292 -8.98 1.65 70.86
C LYS H 292 -9.44 1.20 69.49
N LEU H 293 -9.99 0.00 69.38
CA LEU H 293 -10.36 -0.54 68.08
C LEU H 293 -11.86 -0.66 67.90
N SER H 294 -12.33 -0.20 66.76
CA SER H 294 -13.77 -0.20 66.46
C SER H 294 -14.02 -1.28 65.42
N ARG H 295 -15.25 -1.38 64.93
CA ARG H 295 -15.50 -2.12 63.69
C ARG H 295 -16.72 -1.54 63.00
N TYR H 296 -16.69 -1.53 61.68
CA TYR H 296 -17.82 -1.07 60.92
C TYR H 296 -18.08 -2.15 59.94
N THR H 297 -19.33 -2.54 59.79
CA THR H 297 -19.68 -3.74 59.03
C THR H 297 -20.84 -3.52 58.05
N THR H 298 -20.94 -4.38 57.03
CA THR H 298 -22.02 -4.25 56.05
C THR H 298 -22.55 -5.60 55.58
N GLN H 299 -23.86 -5.70 55.39
CA GLN H 299 -24.45 -6.92 54.90
C GLN H 299 -25.11 -6.70 53.57
N PHE H 300 -24.94 -7.62 52.62
CA PHE H 300 -25.63 -7.54 51.33
C PHE H 300 -26.14 -8.94 51.05
N GLN H 301 -27.45 -9.13 51.09
CA GLN H 301 -27.98 -10.51 51.18
C GLN H 301 -27.59 -11.49 50.08
N ASN H 302 -27.35 -10.98 48.87
CA ASN H 302 -27.12 -11.85 47.71
C ASN H 302 -25.92 -12.78 47.84
N THR H 303 -25.90 -13.76 46.96
CA THR H 303 -25.07 -14.95 47.12
C THR H 303 -24.31 -15.28 45.84
N LEU H 304 -23.16 -15.93 45.98
CA LEU H 304 -22.37 -16.35 44.84
C LEU H 304 -21.60 -17.61 45.21
N ALA H 305 -21.62 -18.62 44.35
CA ALA H 305 -20.86 -19.85 44.56
C ALA H 305 -20.95 -20.79 43.37
N PRO H 306 -19.96 -21.69 43.22
CA PRO H 306 -18.74 -21.76 44.04
C PRO H 306 -17.64 -20.76 43.64
N ASN H 307 -17.53 -20.38 42.36
CA ASN H 307 -16.52 -19.38 41.97
C ASN H 307 -16.91 -18.45 40.84
N ALA H 308 -17.52 -17.34 41.20
CA ALA H 308 -17.72 -16.19 40.31
C ALA H 308 -17.74 -14.91 41.15
N SER H 309 -16.95 -13.92 40.73
CA SER H 309 -16.79 -12.67 41.49
C SER H 309 -17.84 -11.59 41.18
N SER H 310 -18.03 -10.66 42.12
CA SER H 310 -18.82 -9.46 41.87
C SER H 310 -18.26 -8.37 42.78
N THR H 311 -18.82 -7.17 42.70
CA THR H 311 -18.36 -6.07 43.54
C THR H 311 -19.27 -5.85 44.75
N PHE H 312 -18.69 -5.42 45.86
CA PHE H 312 -19.48 -5.03 46.99
C PHE H 312 -18.95 -3.73 47.48
N LYS H 313 -19.81 -2.89 48.01
CA LYS H 313 -19.42 -1.57 48.44
C LYS H 313 -19.84 -1.37 49.89
N SER H 314 -19.02 -0.67 50.65
CA SER H 314 -19.25 -0.53 52.07
C SER H 314 -19.75 0.85 52.38
N ASN H 315 -20.79 0.94 53.18
CA ASN H 315 -21.50 2.18 53.34
C ASN H 315 -20.52 3.18 53.86
N VAL H 316 -20.63 4.41 53.39
CA VAL H 316 -19.65 5.39 53.76
C VAL H 316 -19.72 5.52 55.23
N VAL H 317 -18.57 5.64 55.86
CA VAL H 317 -18.49 5.73 57.31
C VAL H 317 -17.70 6.96 57.70
N GLN H 318 -17.91 7.50 58.90
CA GLN H 318 -17.07 8.62 59.34
C GLN H 318 -16.16 8.22 60.48
N LEU H 319 -15.02 8.89 60.53
CA LEU H 319 -14.06 8.74 61.61
C LEU H 319 -13.91 10.07 62.32
N ASP H 320 -13.61 10.01 63.60
CA ASP H 320 -13.31 11.21 64.36
C ASP H 320 -11.86 11.66 64.20
N SER H 321 -10.95 10.73 63.89
CA SER H 321 -9.52 11.03 63.75
C SER H 321 -8.82 9.98 62.93
N ILE H 322 -7.98 10.40 61.99
CA ILE H 322 -7.21 9.45 61.17
C ILE H 322 -6.77 8.32 62.08
N PRO H 323 -7.20 7.09 61.81
CA PRO H 323 -6.80 6.04 62.73
C PRO H 323 -5.40 5.61 62.32
N ARG H 324 -4.65 5.05 63.26
CA ARG H 324 -3.27 4.62 63.05
C ARG H 324 -3.11 3.52 62.01
N LYS H 325 -4.16 2.72 61.80
CA LYS H 325 -4.24 1.86 60.63
C LYS H 325 -5.67 1.41 60.42
N LEU H 326 -5.94 0.66 59.35
CA LEU H 326 -7.19 -0.10 59.27
C LEU H 326 -7.15 -1.34 58.37
N TYR H 327 -7.77 -2.43 58.85
CA TYR H 327 -7.85 -3.69 58.12
C TYR H 327 -9.10 -3.71 57.29
N LEU H 328 -9.09 -4.51 56.25
CA LEU H 328 -10.24 -4.67 55.42
C LEU H 328 -10.36 -6.13 55.12
N PHE H 329 -11.57 -6.65 55.09
CA PHE H 329 -11.79 -7.99 54.62
C PHE H 329 -13.22 -8.33 54.28
N VAL H 330 -13.38 -9.49 53.67
CA VAL H 330 -14.66 -10.08 53.47
C VAL H 330 -14.49 -11.44 54.04
N LYS H 331 -15.61 -12.08 54.33
CA LYS H 331 -15.69 -13.28 55.17
C LYS H 331 -17.11 -13.81 55.01
N GLN H 332 -17.35 -15.04 55.46
CA GLN H 332 -18.71 -15.57 55.50
C GLN H 332 -19.58 -14.67 56.42
N SER H 333 -20.86 -14.50 56.08
CA SER H 333 -21.74 -13.55 56.79
C SER H 333 -22.34 -14.10 58.09
N ASP H 334 -22.25 -13.29 59.14
CA ASP H 334 -22.74 -13.66 60.47
C ASP H 334 -24.26 -13.98 60.55
N ASN H 335 -25.09 -13.29 59.78
CA ASN H 335 -26.52 -13.49 59.96
C ASN H 335 -26.93 -14.94 59.74
N VAL H 336 -26.40 -15.54 58.68
CA VAL H 336 -26.46 -17.00 58.52
C VAL H 336 -25.37 -17.65 59.37
N ILE H 337 -25.28 -18.97 59.32
CA ILE H 337 -24.28 -19.76 60.10
C ILE H 337 -24.41 -19.58 61.61
N TYR H 338 -25.56 -19.09 62.03
CA TYR H 338 -25.84 -19.02 63.44
C TYR H 338 -27.03 -19.86 63.76
N GLN H 339 -27.84 -20.12 62.73
CA GLN H 339 -29.04 -20.90 62.89
C GLN H 339 -28.82 -22.33 62.45
N ASN H 340 -29.14 -23.29 63.30
CA ASN H 340 -28.81 -24.66 62.95
C ASN H 340 -27.52 -25.11 63.61
N LEU H 341 -27.59 -26.25 64.27
CA LEU H 341 -26.42 -26.77 64.94
C LEU H 341 -25.30 -27.12 63.97
N ASN H 342 -25.66 -27.76 62.87
CA ASN H 342 -24.63 -28.22 61.97
C ASN H 342 -23.92 -27.00 61.47
N ASN H 343 -24.71 -26.02 61.10
CA ASN H 343 -24.16 -24.84 60.48
C ASN H 343 -23.24 -24.17 61.47
N GLN H 344 -23.64 -24.10 62.72
CA GLN H 344 -22.76 -23.49 63.70
C GLN H 344 -21.45 -24.24 63.96
N ILE H 345 -21.49 -25.57 64.15
CA ILE H 345 -20.27 -26.28 64.54
C ILE H 345 -19.16 -26.45 63.52
N THR H 346 -19.55 -26.83 62.32
CA THR H 346 -18.61 -27.34 61.31
C THR H 346 -18.17 -26.34 60.24
N THR H 347 -18.71 -25.13 60.22
CA THR H 347 -18.21 -24.14 59.27
C THR H 347 -17.02 -23.34 59.79
N PRO H 348 -15.89 -23.40 59.10
CA PRO H 348 -14.66 -22.77 59.58
C PRO H 348 -14.69 -21.28 59.44
N ASP H 349 -13.75 -20.58 60.08
CA ASP H 349 -13.59 -19.14 59.91
C ASP H 349 -12.51 -18.86 58.88
N VAL H 350 -12.86 -18.17 57.80
CA VAL H 350 -11.90 -17.93 56.73
C VAL H 350 -12.36 -16.80 55.83
N PHE H 351 -11.49 -16.33 54.95
CA PHE H 351 -11.85 -15.22 54.06
C PHE H 351 -11.83 -15.52 52.57
N LEU H 352 -12.87 -15.11 51.87
CA LEU H 352 -12.87 -15.07 50.41
C LEU H 352 -11.60 -14.34 50.00
N GLN H 353 -11.02 -14.71 48.84
CA GLN H 353 -9.77 -14.10 48.36
C GLN H 353 -9.99 -12.78 47.60
N ILE H 354 -9.27 -11.72 48.02
CA ILE H 354 -9.45 -10.38 47.41
C ILE H 354 -8.84 -10.30 46.02
N ASN H 355 -9.66 -9.95 45.04
CA ASN H 355 -9.18 -9.89 43.67
C ASN H 355 -8.54 -8.56 43.29
N ASN H 356 -9.10 -7.49 43.79
CA ASN H 356 -8.43 -6.21 43.79
C ASN H 356 -9.22 -5.28 44.68
N LEU H 357 -8.54 -4.33 45.29
CA LEU H 357 -9.17 -3.38 46.20
C LEU H 357 -9.25 -2.07 45.49
N ASN H 358 -10.06 -1.16 46.01
CA ASN H 358 -10.17 0.17 45.45
C ASN H 358 -10.83 1.15 46.43
N LEU H 359 -10.16 1.40 47.54
CA LEU H 359 -10.75 2.25 48.57
C LEU H 359 -10.72 3.71 48.17
N THR H 360 -11.47 4.55 48.88
CA THR H 360 -11.41 6.00 48.72
C THR H 360 -11.20 6.60 50.11
N TRP H 361 -10.86 7.87 50.18
CA TRP H 361 -10.55 8.46 51.47
C TRP H 361 -10.69 9.92 51.45
N ASN H 362 -11.85 10.43 51.82
CA ASN H 362 -11.98 11.83 52.17
C ASN H 362 -11.53 12.87 51.09
N ASN H 363 -12.24 12.99 49.97
CA ASN H 363 -13.11 11.95 49.49
C ASN H 363 -12.37 11.13 48.46
N GLN H 364 -11.78 11.79 47.46
CA GLN H 364 -10.88 11.12 46.50
C GLN H 364 -11.52 9.97 45.72
N GLN H 365 -10.94 8.78 45.85
CA GLN H 365 -11.28 7.64 45.00
C GLN H 365 -10.52 7.78 43.70
N GLY H 366 -9.67 6.80 43.37
CA GLY H 366 -9.39 5.66 44.22
C GLY H 366 -7.93 5.51 44.56
N ILE H 367 -7.61 5.61 45.85
CA ILE H 367 -6.32 5.18 46.38
C ILE H 367 -6.14 3.68 46.09
N LEU H 368 -4.90 3.25 45.95
CA LEU H 368 -4.59 1.82 45.81
C LEU H 368 -5.33 1.10 44.67
N SER H 369 -6.06 1.85 43.86
CA SER H 369 -6.95 1.25 42.86
C SER H 369 -6.23 0.37 41.84
N GLY H 370 -5.16 0.89 41.24
CA GLY H 370 -4.56 0.24 40.09
C GLY H 370 -3.43 -0.73 40.37
N ALA H 371 -3.37 -1.22 41.61
CA ALA H 371 -2.34 -2.21 42.00
C ALA H 371 -2.84 -3.65 41.99
N SER H 372 -2.12 -4.53 41.29
CA SER H 372 -2.43 -5.94 41.25
C SER H 372 -2.71 -6.41 42.66
N SER H 373 -3.70 -7.29 42.84
CA SER H 373 -3.99 -7.88 44.17
C SER H 373 -2.74 -8.45 44.84
N GLN H 374 -1.92 -9.11 44.04
CA GLN H 374 -0.59 -9.48 44.41
C GLN H 374 0.04 -8.34 45.19
N ASN H 375 -0.05 -7.14 44.64
CA ASN H 375 0.57 -6.00 45.24
C ASN H 375 0.06 -5.63 46.63
N LEU H 376 -1.18 -5.99 46.97
CA LEU H 376 -1.72 -5.66 48.30
C LEU H 376 -1.10 -6.56 49.35
N TYR H 377 -0.79 -7.77 48.93
CA TYR H 377 -0.20 -8.75 49.81
C TYR H 377 1.13 -8.25 50.29
N ASP H 378 2.06 -8.07 49.36
CA ASP H 378 3.44 -7.73 49.66
C ASP H 378 3.63 -6.36 50.32
N PHE H 379 2.56 -5.58 50.46
CA PHE H 379 2.69 -4.33 51.20
C PHE H 379 2.04 -4.48 52.55
N SER H 380 1.27 -5.54 52.69
CA SER H 380 0.69 -5.94 53.97
C SER H 380 1.69 -6.76 54.80
N VAL H 381 2.37 -7.71 54.14
CA VAL H 381 3.43 -8.49 54.77
C VAL H 381 4.40 -7.55 55.43
N GLN H 382 4.60 -6.37 54.85
CA GLN H 382 5.49 -5.39 55.44
C GLN H 382 5.02 -4.97 56.83
N ASN H 383 3.73 -5.10 57.10
CA ASN H 383 3.23 -4.87 58.44
C ASN H 383 3.13 -6.13 59.28
N GLY H 384 3.42 -7.27 58.67
CA GLY H 384 3.57 -8.52 59.41
C GLY H 384 2.47 -9.53 59.16
N TYR H 385 2.12 -9.77 57.90
CA TYR H 385 1.04 -10.71 57.59
C TYR H 385 1.30 -12.16 58.01
N ASN H 386 2.53 -12.62 57.80
CA ASN H 386 3.01 -13.96 58.23
C ASN H 386 2.39 -15.24 57.59
N LYS H 387 1.68 -15.11 56.50
CA LYS H 387 1.21 -16.32 55.82
C LYS H 387 1.63 -16.31 54.38
N THR H 388 2.19 -17.44 53.93
CA THR H 388 2.68 -17.63 52.57
C THR H 388 1.75 -17.02 51.50
N TRP H 389 2.32 -16.49 50.44
CA TRP H 389 1.52 -15.85 49.43
C TRP H 389 0.46 -16.73 48.90
N SER H 390 0.66 -18.03 48.95
CA SER H 390 -0.37 -18.92 48.45
C SER H 390 -1.53 -19.14 49.43
N GLU H 391 -1.26 -19.07 50.74
CA GLU H 391 -2.32 -19.22 51.72
C GLU H 391 -3.28 -18.06 51.58
N PHE H 392 -2.70 -16.91 51.36
CA PHE H 392 -3.41 -15.71 50.98
C PHE H 392 -3.73 -16.06 49.56
N ASN H 393 -4.58 -15.30 48.89
CA ASN H 393 -4.87 -15.63 47.50
C ASN H 393 -5.43 -17.03 47.33
N GLY H 394 -6.32 -17.41 48.22
CA GLY H 394 -7.18 -18.56 48.02
C GLY H 394 -6.65 -19.86 47.51
N VAL H 395 -7.33 -20.38 46.49
CA VAL H 395 -7.26 -21.77 46.08
C VAL H 395 -5.98 -22.29 45.46
N THR H 396 -5.74 -23.59 45.67
CA THR H 396 -4.66 -24.34 45.03
C THR H 396 -5.12 -25.66 44.41
N GLN H 397 -4.81 -25.86 43.14
CA GLN H 397 -5.18 -27.06 42.38
C GLN H 397 -4.49 -28.28 42.92
N GLN H 398 -4.91 -29.44 42.40
CA GLN H 398 -4.25 -30.70 42.73
C GLN H 398 -4.69 -31.84 41.79
N PHE H 399 -3.71 -32.43 41.09
CA PHE H 399 -3.99 -33.53 40.17
C PHE H 399 -3.72 -34.88 40.80
N ASN H 400 -4.45 -35.87 40.28
CA ASN H 400 -4.40 -37.26 40.70
C ASN H 400 -3.97 -38.15 39.54
N GLY H 401 -3.58 -39.39 39.85
CA GLY H 401 -3.26 -40.38 38.82
C GLY H 401 -4.28 -41.51 38.77
N VAL H 402 -4.77 -41.80 37.56
CA VAL H 402 -5.86 -42.72 37.32
C VAL H 402 -6.78 -42.10 36.27
N SER H 403 -7.04 -42.85 35.21
CA SER H 403 -7.95 -42.40 34.17
C SER H 403 -9.33 -43.02 34.33
N GLY H 404 -10.37 -42.19 34.34
CA GLY H 404 -10.24 -40.75 34.21
C GLY H 404 -10.97 -40.01 35.33
N GLN H 405 -10.24 -39.70 36.39
CA GLN H 405 -10.78 -38.87 37.45
C GLN H 405 -10.74 -37.39 37.05
N PRO H 406 -11.67 -36.58 37.59
CA PRO H 406 -11.47 -35.13 37.51
C PRO H 406 -10.47 -34.64 38.57
N THR H 407 -9.80 -33.54 38.26
CA THR H 407 -8.71 -33.00 39.07
C THR H 407 -9.27 -32.10 40.15
N LYS H 408 -9.06 -32.47 41.41
CA LYS H 408 -9.76 -31.78 42.51
C LYS H 408 -9.12 -30.45 42.92
N VAL H 409 -9.96 -29.43 43.02
CA VAL H 409 -9.50 -28.12 43.42
C VAL H 409 -9.79 -27.98 44.92
N ILE H 410 -8.97 -27.20 45.61
CA ILE H 410 -9.10 -26.99 47.04
C ILE H 410 -9.14 -25.49 47.31
N GLY H 411 -10.12 -25.04 48.07
CA GLY H 411 -10.12 -23.65 48.54
C GLY H 411 -9.32 -23.67 49.82
N LEU H 412 -8.62 -22.59 50.13
CA LEU H 412 -7.91 -22.51 51.42
C LEU H 412 -7.71 -21.12 52.02
N GLU H 413 -8.80 -20.36 52.11
CA GLU H 413 -8.84 -19.07 52.80
C GLU H 413 -8.16 -17.92 52.07
N GLY H 414 -8.82 -16.76 52.00
CA GLY H 414 -8.23 -15.57 51.38
C GLY H 414 -7.73 -14.59 52.42
N GLY H 415 -6.66 -13.88 52.09
CA GLY H 415 -6.07 -12.92 53.04
C GLY H 415 -6.92 -11.70 53.41
N ILE H 416 -6.36 -10.91 54.33
CA ILE H 416 -6.98 -9.69 54.77
C ILE H 416 -5.94 -8.61 54.56
N VAL H 417 -6.21 -7.68 53.64
CA VAL H 417 -5.28 -6.59 53.40
C VAL H 417 -5.29 -5.67 54.61
N CYS H 418 -4.11 -5.25 55.03
CA CYS H 418 -4.03 -4.22 56.05
C CYS H 418 -3.08 -3.14 55.61
N LEU H 419 -3.49 -1.89 55.77
CA LEU H 419 -2.66 -0.74 55.45
C LEU H 419 -2.50 0.19 56.63
N GLU H 420 -1.25 0.46 57.01
CA GLU H 420 -0.96 1.55 57.92
C GLU H 420 -1.35 2.83 57.17
N LEU H 421 -1.61 3.93 57.88
CA LEU H 421 -2.20 5.09 57.20
C LEU H 421 -1.26 6.14 56.65
N GLY H 422 -0.17 6.40 57.36
CA GLY H 422 0.93 7.20 56.82
C GLY H 422 1.66 6.38 55.79
N LYS H 423 1.95 5.13 56.15
CA LYS H 423 2.74 4.21 55.35
C LYS H 423 2.21 3.94 53.95
N ASP H 424 0.90 3.85 53.80
CA ASP H 424 0.40 3.34 52.53
C ASP H 424 -0.70 4.14 51.86
N VAL H 425 -1.37 5.00 52.61
CA VAL H 425 -2.37 5.83 51.98
C VAL H 425 -1.71 7.09 51.49
N GLY H 426 -0.98 7.75 52.39
CA GLY H 426 -0.50 9.09 52.14
C GLY H 426 -1.60 10.08 52.44
N LEU H 427 -1.34 10.95 53.41
CA LEU H 427 -2.26 11.97 53.86
C LEU H 427 -1.80 13.34 53.42
N ARG H 428 -2.77 14.20 53.11
CA ARG H 428 -2.47 15.54 52.67
C ARG H 428 -1.78 16.21 53.81
N ASP H 429 -0.97 17.22 53.50
CA ASP H 429 0.01 17.75 54.42
C ASP H 429 -0.54 18.27 55.73
N ASP H 430 0.24 18.06 56.77
CA ASP H 430 -0.15 18.35 58.15
C ASP H 430 -1.36 17.60 58.65
N GLU H 431 -1.46 16.35 58.26
CA GLU H 431 -2.27 15.39 58.96
C GLU H 431 -1.38 14.19 59.25
N ALA H 432 -1.41 13.71 60.49
CA ALA H 432 -0.60 12.59 60.91
C ALA H 432 -1.36 11.72 61.91
N GLU H 433 -0.88 10.51 62.16
CA GLU H 433 -1.72 9.45 62.72
C GLU H 433 -2.59 9.83 63.92
N GLY H 434 -2.18 10.83 64.68
CA GLY H 434 -3.00 11.27 65.80
C GLY H 434 -4.15 12.17 65.38
N VAL H 435 -3.80 13.20 64.59
CA VAL H 435 -4.61 14.40 64.32
C VAL H 435 -6.14 14.27 64.18
N ILE H 436 -6.85 15.12 64.95
CA ILE H 436 -8.31 15.34 64.88
C ILE H 436 -8.57 16.57 63.98
N GLY H 437 -9.72 16.70 63.29
CA GLY H 437 -10.92 15.93 63.48
C GLY H 437 -11.48 15.13 62.31
N ASN H 438 -12.36 15.75 61.51
CA ASN H 438 -13.34 15.01 60.70
C ASN H 438 -12.97 14.46 59.28
N PHE H 439 -13.20 13.16 59.10
CA PHE H 439 -12.91 12.47 57.84
C PHE H 439 -13.93 11.37 57.62
N ASN H 440 -14.12 10.97 56.37
CA ASN H 440 -14.94 9.80 56.10
C ASN H 440 -14.37 8.97 54.97
N LEU H 441 -14.38 7.65 55.09
CA LEU H 441 -13.91 6.82 54.00
C LEU H 441 -14.76 5.59 53.73
N GLN H 442 -14.96 5.28 52.46
CA GLN H 442 -15.70 4.10 52.04
C GLN H 442 -14.82 3.23 51.16
N VAL H 443 -14.49 2.04 51.64
CA VAL H 443 -13.79 1.08 50.81
C VAL H 443 -14.79 0.43 49.92
N GLN H 444 -14.39 0.12 48.72
CA GLN H 444 -15.23 -0.72 47.90
C GLN H 444 -14.29 -1.65 47.20
N MET H 445 -14.60 -2.93 47.18
CA MET H 445 -13.75 -3.86 46.45
C MET H 445 -14.45 -5.13 45.94
N THR H 446 -13.72 -5.90 45.15
CA THR H 446 -14.25 -7.09 44.55
C THR H 446 -13.55 -8.29 45.13
N VAL H 447 -14.27 -9.40 45.21
CA VAL H 447 -13.79 -10.58 45.90
C VAL H 447 -14.36 -11.81 45.22
N THR H 448 -13.55 -12.83 44.99
CA THR H 448 -14.08 -14.07 44.40
C THR H 448 -14.21 -15.18 45.42
N ASN H 449 -15.32 -15.91 45.34
CA ASN H 449 -15.57 -17.03 46.22
C ASN H 449 -14.63 -18.17 45.88
N THR H 450 -14.03 -18.76 46.91
CA THR H 450 -13.00 -19.81 46.73
C THR H 450 -13.46 -21.26 46.85
N ASN H 451 -14.23 -21.56 47.88
CA ASN H 451 -14.53 -22.96 48.18
C ASN H 451 -15.62 -23.56 47.30
N GLN H 452 -15.68 -24.91 47.29
CA GLN H 452 -16.46 -25.67 46.30
C GLN H 452 -17.79 -26.20 46.79
N TYR H 453 -17.94 -26.37 48.09
CA TYR H 453 -19.08 -27.11 48.58
C TYR H 453 -20.38 -26.32 48.77
N VAL H 454 -20.26 -25.11 49.31
CA VAL H 454 -21.44 -24.34 49.69
C VAL H 454 -21.51 -22.99 48.96
N THR H 455 -22.70 -22.41 48.90
CA THR H 455 -22.85 -21.01 48.51
C THR H 455 -22.55 -20.12 49.69
N VAL H 456 -21.62 -19.21 49.50
CA VAL H 456 -21.28 -18.27 50.54
C VAL H 456 -22.05 -16.98 50.33
N THR H 457 -22.87 -16.62 51.31
CA THR H 457 -23.38 -15.27 51.40
C THR H 457 -22.27 -14.52 52.15
N PRO H 458 -21.97 -13.27 51.78
CA PRO H 458 -20.81 -12.68 52.44
C PRO H 458 -21.16 -11.44 53.24
N ASP H 459 -20.13 -10.88 53.88
CA ASP H 459 -20.19 -9.56 54.48
C ASP H 459 -18.76 -8.99 54.42
N MET H 460 -18.57 -7.71 54.66
CA MET H 460 -17.21 -7.20 54.80
C MET H 460 -17.08 -6.31 56.02
N TYR H 461 -15.92 -6.35 56.64
CA TYR H 461 -15.64 -5.48 57.79
C TYR H 461 -14.63 -4.40 57.46
N ILE H 462 -14.44 -3.48 58.40
CA ILE H 462 -13.37 -2.51 58.36
C ILE H 462 -13.04 -2.27 59.82
N VAL H 463 -11.89 -2.71 60.28
CA VAL H 463 -11.56 -2.46 61.66
C VAL H 463 -10.58 -1.33 61.69
N ALA H 464 -11.00 -0.18 62.20
CA ALA H 464 -10.09 0.95 62.37
C ALA H 464 -9.51 0.93 63.80
N VAL H 465 -8.24 1.33 63.99
CA VAL H 465 -7.73 1.44 65.36
C VAL H 465 -7.16 2.83 65.61
N TYR H 466 -7.59 3.47 66.71
CA TYR H 466 -7.19 4.85 67.05
C TYR H 466 -6.07 4.84 68.08
N ASP H 467 -5.03 5.65 67.88
CA ASP H 467 -3.91 5.68 68.82
C ASP H 467 -3.74 7.02 69.51
N GLY H 468 -3.77 6.99 70.84
CA GLY H 468 -3.65 8.19 71.66
C GLY H 468 -3.01 7.88 73.00
N THR H 469 -2.93 8.89 73.86
CA THR H 469 -2.34 8.72 75.18
C THR H 469 -3.36 8.71 76.31
N LEU H 470 -3.09 7.92 77.35
CA LEU H 470 -3.98 7.80 78.49
C LEU H 470 -3.22 8.05 79.77
N VAL H 471 -3.76 8.88 80.67
CA VAL H 471 -3.00 9.28 81.86
C VAL H 471 -3.55 8.70 83.16
N ILE H 472 -3.17 7.47 83.49
CA ILE H 472 -3.57 6.88 84.77
C ILE H 472 -2.87 7.63 85.89
N SER H 473 -3.64 8.45 86.60
CA SER H 473 -3.12 9.27 87.69
C SER H 473 -3.80 8.86 88.99
N ASN H 474 -3.41 9.49 90.10
CA ASN H 474 -4.17 9.27 91.32
C ASN H 474 -4.86 10.51 91.88
N THR H 475 -6.18 10.55 91.71
CA THR H 475 -6.88 9.49 91.01
C THR H 475 -7.89 9.98 89.96
N SER H 476 -7.73 9.46 88.74
CA SER H 476 -8.52 9.85 87.57
C SER H 476 -8.12 8.97 86.40
N ALA H 477 -8.66 9.24 85.22
CA ALA H 477 -8.17 8.57 84.04
C ALA H 477 -8.44 9.38 82.77
N MET H 478 -7.91 10.59 82.70
CA MET H 478 -8.15 11.35 81.51
C MET H 478 -7.57 10.53 80.38
N ALA H 479 -8.30 10.44 79.29
CA ALA H 479 -7.89 9.71 78.11
C ALA H 479 -7.89 10.69 76.97
N SER H 480 -6.82 10.73 76.20
CA SER H 480 -6.72 11.71 75.13
C SER H 480 -6.49 11.11 73.76
N ILE H 481 -7.26 11.56 72.78
CA ILE H 481 -7.03 11.20 71.39
C ILE H 481 -6.99 12.53 70.67
N GLY H 482 -6.18 12.62 69.63
CA GLY H 482 -5.94 13.95 69.07
C GLY H 482 -4.87 14.67 69.90
N VAL H 483 -3.82 13.92 70.26
CA VAL H 483 -2.72 14.43 71.06
C VAL H 483 -1.89 15.44 70.27
N ALA H 484 -1.58 15.14 69.01
CA ALA H 484 -0.92 16.09 68.12
C ALA H 484 -1.91 17.15 67.59
N SER H 485 -1.58 18.42 67.78
CA SER H 485 -2.34 19.54 67.22
C SER H 485 -1.96 19.72 65.76
N LYS H 486 -2.92 20.10 64.93
CA LYS H 486 -2.64 20.08 63.51
C LYS H 486 -1.51 21.02 63.10
N GLU H 487 -1.53 22.25 63.58
CA GLU H 487 -0.50 23.20 63.20
C GLU H 487 0.80 22.67 63.70
N GLU H 488 0.71 22.14 64.91
CA GLU H 488 1.81 21.54 65.60
C GLU H 488 2.56 20.58 64.68
N VAL H 489 1.83 19.62 64.09
CA VAL H 489 2.40 18.55 63.27
C VAL H 489 3.24 19.06 62.08
N LEU H 490 2.80 20.16 61.45
CA LEU H 490 3.52 20.79 60.35
C LEU H 490 5.00 20.87 60.64
N ASN H 491 5.36 21.57 61.70
CA ASN H 491 6.73 21.93 61.90
C ASN H 491 7.39 21.22 63.08
N ALA H 492 7.15 19.92 63.15
CA ALA H 492 7.82 19.08 64.12
C ALA H 492 9.22 18.67 63.62
N ARG H 493 10.19 18.59 64.55
CA ARG H 493 11.58 18.26 64.19
C ARG H 493 11.79 16.80 63.77
N ILE H 494 12.63 16.61 62.76
CA ILE H 494 12.91 15.28 62.24
C ILE H 494 14.17 14.73 62.88
N THR H 495 14.02 13.64 63.61
CA THR H 495 15.17 12.98 64.19
C THR H 495 15.49 11.70 63.46
N HIS H 496 16.77 11.54 63.10
CA HIS H 496 17.26 10.30 62.52
C HIS H 496 17.64 9.43 63.66
N GLY H 497 17.63 10.01 64.85
CA GLY H 497 17.99 9.34 66.10
C GLY H 497 17.25 8.04 66.37
N VAL H 498 15.92 8.06 66.26
CA VAL H 498 15.12 6.84 66.40
C VAL H 498 14.76 6.27 65.02
N SER H 499 15.27 5.08 64.71
CA SER H 499 14.96 4.36 63.47
C SER H 499 13.47 4.04 63.38
N TYR H 500 12.94 3.89 62.17
CA TYR H 500 11.51 3.62 62.04
C TYR H 500 11.07 2.23 62.48
N ASN H 501 11.74 1.19 61.96
CA ASN H 501 11.30 -0.19 62.19
C ASN H 501 11.28 -0.51 63.69
N GLU H 502 11.93 0.35 64.46
CA GLU H 502 11.87 0.35 65.90
C GLU H 502 10.41 0.53 66.39
N LEU H 503 9.68 1.45 65.77
CA LEU H 503 8.27 1.76 66.08
C LEU H 503 7.27 0.76 65.51
N GLN H 504 7.78 -0.35 64.97
CA GLN H 504 6.93 -1.44 64.53
C GLN H 504 6.75 -2.48 65.63
N ARG H 505 7.49 -2.30 66.73
CA ARG H 505 7.41 -3.23 67.86
C ARG H 505 6.33 -2.85 68.89
N ILE H 506 6.05 -1.55 69.01
CA ILE H 506 5.07 -1.03 69.96
C ILE H 506 3.68 -1.64 69.82
N TYR H 507 3.30 -1.97 68.59
CA TYR H 507 2.02 -2.62 68.25
C TYR H 507 0.73 -2.03 68.84
N GLY H 508 -0.01 -2.88 69.55
CA GLY H 508 -1.36 -2.55 70.00
C GLY H 508 -2.35 -2.58 68.84
N MET I 1 0.77 17.30 70.16
CA MET I 1 1.72 16.71 71.14
C MET I 1 1.46 17.28 72.54
N SER I 2 1.50 18.61 72.64
CA SER I 2 0.96 19.34 73.75
C SER I 2 -0.54 19.42 73.55
N ASN I 3 -1.29 19.54 74.63
CA ASN I 3 -2.77 19.44 74.67
C ASN I 3 -3.21 18.11 75.32
N SER I 4 -2.23 17.33 75.75
CA SER I 4 -2.46 15.96 76.18
C SER I 4 -2.07 15.75 77.65
N ALA I 5 -3.00 16.12 78.55
CA ALA I 5 -2.81 16.13 80.01
C ALA I 5 -1.58 16.94 80.45
N ILE I 6 -0.43 16.27 80.56
CA ILE I 6 0.86 16.97 80.73
C ILE I 6 1.56 17.06 79.36
N PRO I 7 1.96 18.28 78.93
CA PRO I 7 2.47 18.47 77.57
C PRO I 7 3.67 17.59 77.26
N LEU I 8 3.68 16.96 76.08
CA LEU I 8 4.72 15.98 75.69
C LEU I 8 5.63 16.47 74.56
N ASN I 9 6.81 15.88 74.47
CA ASN I 9 7.82 16.37 73.55
C ASN I 9 7.77 15.72 72.17
N VAL I 10 7.43 16.52 71.16
CA VAL I 10 7.19 16.03 69.80
C VAL I 10 8.41 15.76 68.94
N VAL I 11 8.42 14.63 68.26
CA VAL I 11 9.41 14.38 67.22
C VAL I 11 8.65 13.79 66.06
N ALA I 12 9.29 13.67 64.90
CA ALA I 12 8.67 13.10 63.71
C ALA I 12 9.69 12.27 62.99
N VAL I 13 9.36 11.02 62.69
CA VAL I 13 10.28 10.17 61.92
C VAL I 13 9.80 10.03 60.47
N GLN I 14 10.75 9.76 59.57
CA GLN I 14 10.44 9.47 58.17
C GLN I 14 10.06 8.01 58.03
N GLU I 15 9.14 7.75 57.11
CA GLU I 15 8.80 6.38 56.73
C GLU I 15 10.01 5.66 56.16
N PRO I 16 9.99 4.32 56.11
CA PRO I 16 11.18 3.61 55.63
C PRO I 16 11.56 3.95 54.19
N ARG I 17 10.60 3.94 53.25
CA ARG I 17 10.94 4.28 51.87
C ARG I 17 11.49 5.70 51.80
N LEU I 18 10.77 6.65 52.38
CA LEU I 18 11.06 8.03 52.17
C LEU I 18 12.13 8.57 53.09
N GLU I 19 13.02 7.72 53.61
CA GLU I 19 14.03 8.22 54.55
C GLU I 19 15.37 8.58 53.88
N LEU I 20 15.26 9.43 52.87
CA LEU I 20 16.34 9.68 51.96
C LEU I 20 17.47 10.59 52.43
N ASN I 21 17.29 11.30 53.54
CA ASN I 21 18.37 12.22 53.93
C ASN I 21 18.84 12.11 55.36
N ASN I 22 20.13 11.81 55.48
CA ASN I 22 20.82 11.48 56.72
C ASN I 22 22.27 11.21 56.38
N GLU I 23 23.15 11.19 57.38
CA GLU I 23 24.58 11.06 57.10
C GLU I 23 24.98 9.61 56.83
N ARG I 24 25.65 9.41 55.70
CA ARG I 24 26.03 8.06 55.28
C ARG I 24 27.52 7.87 55.35
N THR I 25 27.95 6.83 56.07
CA THR I 25 29.36 6.67 56.36
C THR I 25 29.86 5.31 55.95
N TRP I 26 30.69 5.29 54.92
CA TRP I 26 31.29 4.05 54.44
C TRP I 26 32.10 3.46 55.55
N VAL I 27 31.75 2.24 55.97
CA VAL I 27 32.25 1.71 57.24
C VAL I 27 33.13 0.47 57.12
N VAL I 28 34.43 0.69 57.00
CA VAL I 28 35.40 -0.36 56.63
C VAL I 28 35.63 -1.44 57.71
N VAL I 29 35.38 -2.71 57.37
CA VAL I 29 35.50 -3.79 58.36
C VAL I 29 36.92 -4.35 58.40
N LYS I 30 37.54 -4.32 59.59
CA LYS I 30 38.88 -4.88 59.79
C LYS I 30 38.80 -6.14 60.63
N GLY I 31 39.49 -7.19 60.18
CA GLY I 31 39.63 -8.42 60.97
C GLY I 31 40.99 -9.02 60.69
N GLY I 32 41.87 -9.02 61.70
CA GLY I 32 43.28 -9.40 61.54
C GLY I 32 43.59 -10.58 60.62
N GLN I 33 44.74 -10.49 59.95
CA GLN I 33 45.15 -11.53 59.03
C GLN I 33 45.54 -12.82 59.74
N GLN I 34 45.15 -13.93 59.14
CA GLN I 34 45.62 -15.26 59.54
C GLN I 34 44.67 -16.02 60.46
N VAL I 35 43.45 -16.24 59.99
CA VAL I 35 42.53 -17.14 60.66
C VAL I 35 42.90 -18.55 60.23
N THR I 36 43.34 -19.39 61.16
CA THR I 36 43.78 -20.75 60.79
C THR I 36 43.31 -21.80 61.79
N TYR I 37 43.15 -23.05 61.33
CA TYR I 37 42.64 -24.10 62.20
C TYR I 37 43.63 -25.23 62.47
N TYR I 38 43.33 -26.07 63.46
CA TYR I 38 44.30 -27.06 63.91
C TYR I 38 43.54 -28.25 64.39
N PRO I 39 44.03 -29.45 64.12
CA PRO I 39 43.46 -30.65 64.73
C PRO I 39 44.40 -31.40 65.70
N PHE I 40 44.35 -31.07 66.98
CA PHE I 40 45.17 -31.76 68.00
C PHE I 40 44.59 -33.12 68.34
N PRO I 41 45.32 -34.18 68.02
CA PRO I 41 44.77 -35.48 68.35
C PRO I 41 45.21 -35.85 69.76
N SER I 42 44.36 -36.58 70.47
CA SER I 42 44.64 -36.93 71.85
C SER I 42 45.37 -38.25 71.97
N THR I 43 46.62 -38.18 72.38
CA THR I 43 47.25 -39.36 72.92
C THR I 43 46.70 -39.42 74.34
N SER I 44 46.46 -40.64 74.84
CA SER I 44 45.85 -40.84 76.17
C SER I 44 44.30 -40.80 76.15
N PHE I 45 43.71 -40.93 74.96
CA PHE I 45 42.31 -41.31 74.87
C PHE I 45 42.20 -42.77 75.32
N SER I 46 41.06 -43.14 75.88
CA SER I 46 40.81 -44.52 76.26
C SER I 46 39.32 -44.76 76.42
N SER I 47 38.95 -45.92 76.95
CA SER I 47 37.54 -46.25 77.19
C SER I 47 36.98 -45.37 78.31
N ASN I 48 37.86 -44.94 79.21
CA ASN I 48 37.44 -44.27 80.44
C ASN I 48 37.44 -42.75 80.48
N GLN I 49 38.34 -42.12 79.73
CA GLN I 49 38.34 -40.65 79.59
C GLN I 49 39.24 -40.18 78.47
N PHE I 50 38.88 -39.07 77.82
CA PHE I 50 39.73 -38.46 76.79
C PHE I 50 40.47 -37.25 77.34
N ASN I 51 41.71 -37.06 76.90
CA ASN I 51 42.53 -35.96 77.40
C ASN I 51 43.17 -35.19 76.26
N PHE I 52 43.04 -33.88 76.29
CA PHE I 52 43.70 -33.03 75.30
C PHE I 52 44.60 -31.97 75.92
N ILE I 53 45.89 -32.27 76.00
CA ILE I 53 46.84 -31.23 76.28
C ILE I 53 47.16 -30.64 74.92
N CYS I 54 47.08 -29.33 74.82
CA CYS I 54 47.38 -28.61 73.60
C CYS I 54 47.69 -27.21 74.06
N ASN I 55 48.32 -26.42 73.22
CA ASN I 55 48.57 -25.05 73.61
C ASN I 55 48.46 -24.08 72.45
N PRO I 56 48.23 -22.83 72.79
CA PRO I 56 48.10 -21.78 71.80
C PRO I 56 49.42 -21.65 71.09
N PRO I 57 49.41 -21.23 69.83
CA PRO I 57 50.63 -21.10 69.04
C PRO I 57 51.56 -20.12 69.70
N SER I 58 51.00 -19.07 70.27
CA SER I 58 51.81 -18.10 71.00
C SER I 58 50.94 -17.30 71.91
N ALA I 59 51.53 -16.32 72.60
CA ALA I 59 50.77 -15.20 73.12
C ALA I 59 50.52 -14.21 71.96
N GLN I 60 49.80 -13.12 72.24
CA GLN I 60 49.16 -12.30 71.19
C GLN I 60 48.66 -13.10 69.98
N THR I 61 47.63 -13.91 70.23
CA THR I 61 46.97 -14.70 69.23
C THR I 61 45.67 -15.12 69.84
N VAL I 62 44.59 -14.43 69.47
CA VAL I 62 43.28 -14.62 70.11
C VAL I 62 42.63 -15.95 69.77
N LEU I 63 42.30 -16.73 70.78
CA LEU I 63 41.63 -18.01 70.58
C LEU I 63 40.18 -17.68 70.34
N ASP I 64 39.62 -18.23 69.26
CA ASP I 64 38.18 -18.11 68.99
C ASP I 64 37.38 -19.03 69.95
N ARG I 65 36.23 -18.53 70.43
CA ARG I 65 35.55 -19.10 71.59
C ARG I 65 34.78 -20.41 71.41
N LEU I 66 34.24 -20.65 70.21
CA LEU I 66 33.59 -21.92 69.92
C LEU I 66 34.63 -23.02 69.69
N VAL I 67 34.54 -24.10 70.46
CA VAL I 67 35.51 -25.19 70.41
C VAL I 67 34.72 -26.45 70.35
N PHE I 68 35.13 -27.43 69.54
CA PHE I 68 34.41 -28.69 69.50
C PHE I 68 35.35 -29.84 69.34
N ILE I 69 34.81 -31.05 69.47
CA ILE I 69 35.56 -32.30 69.38
C ILE I 69 34.81 -33.29 68.52
N GLN I 70 35.51 -34.13 67.77
CA GLN I 70 34.87 -35.22 67.01
C GLN I 70 35.56 -36.55 67.29
N VAL I 71 34.79 -37.61 67.43
CA VAL I 71 35.38 -38.91 67.75
C VAL I 71 34.83 -40.00 66.84
N PRO I 72 35.72 -40.83 66.27
CA PRO I 72 35.14 -41.97 65.59
C PRO I 72 34.84 -43.03 66.63
N TYR I 73 33.79 -43.82 66.41
CA TYR I 73 33.36 -44.86 67.35
C TYR I 73 33.09 -46.17 66.64
N ASP I 74 32.85 -47.21 67.42
CA ASP I 74 32.42 -48.49 66.87
C ASP I 74 31.48 -49.21 67.85
N ILE I 75 30.31 -49.65 67.37
CA ILE I 75 29.37 -50.34 68.21
C ILE I 75 28.97 -51.67 67.59
N THR I 76 28.72 -52.67 68.44
CA THR I 76 28.07 -53.91 68.03
C THR I 76 26.89 -54.20 68.97
N PHE I 77 25.89 -54.91 68.47
CA PHE I 77 24.83 -55.43 69.32
C PHE I 77 24.93 -56.94 69.26
N THR I 78 24.02 -57.62 69.95
CA THR I 78 23.85 -59.07 69.85
C THR I 78 22.53 -59.49 70.51
N ALA I 79 21.72 -60.29 69.81
CA ALA I 79 20.36 -60.64 70.25
C ALA I 79 20.31 -61.29 71.63
N ASN I 80 19.21 -61.06 72.33
CA ASN I 80 19.04 -61.55 73.70
C ASN I 80 18.35 -62.93 73.75
N PRO I 81 19.04 -63.96 74.28
CA PRO I 81 18.34 -65.17 74.63
C PRO I 81 17.86 -65.10 76.09
N SER I 82 16.62 -65.50 76.38
CA SER I 82 15.66 -65.88 75.36
C SER I 82 14.52 -64.86 75.28
N HIS I 83 13.89 -64.85 74.12
CA HIS I 83 12.82 -63.96 73.77
C HIS I 83 12.05 -64.85 72.84
N ALA I 84 10.75 -64.68 72.71
CA ALA I 84 10.05 -65.48 71.71
C ALA I 84 10.30 -64.70 70.44
N GLY I 85 11.58 -64.59 70.12
CA GLY I 85 12.07 -63.69 69.10
C GLY I 85 13.21 -64.29 68.32
N ILE I 86 13.48 -63.71 67.17
CA ILE I 86 12.80 -62.48 66.77
C ILE I 86 12.83 -62.35 65.27
N THR I 87 11.99 -61.47 64.74
CA THR I 87 11.95 -61.31 63.29
C THR I 87 11.90 -59.83 62.86
N GLU I 88 12.71 -59.44 61.89
CA GLU I 88 13.62 -60.38 61.20
C GLU I 88 15.05 -59.84 61.14
N ASN I 89 15.22 -58.59 61.58
CA ASN I 89 16.55 -58.00 61.78
C ASN I 89 16.50 -57.10 63.00
N LEU I 90 17.62 -57.04 63.70
CA LEU I 90 17.66 -56.44 65.02
C LEU I 90 17.41 -54.95 64.94
N LEU I 91 18.30 -54.21 64.29
CA LEU I 91 18.10 -52.77 64.11
C LEU I 91 16.92 -52.48 63.19
N GLN I 92 15.95 -51.75 63.74
CA GLN I 92 14.67 -51.53 63.07
C GLN I 92 14.66 -50.21 62.30
N PRO I 93 13.70 -50.01 61.38
CA PRO I 93 13.75 -48.90 60.43
C PRO I 93 13.49 -47.51 60.99
N GLY I 94 12.73 -47.41 62.07
CA GLY I 94 12.48 -46.11 62.70
C GLY I 94 12.36 -46.19 64.21
N ARG I 95 12.73 -47.33 64.79
CA ARG I 95 12.54 -47.57 66.22
C ARG I 95 13.75 -47.23 67.06
N ASP I 96 14.92 -47.05 66.46
CA ASP I 96 16.11 -46.82 67.26
C ASP I 96 17.12 -45.80 66.72
N ALA I 97 17.71 -45.02 67.63
CA ALA I 97 18.68 -43.99 67.28
C ALA I 97 19.43 -43.50 68.53
N PHE I 98 20.45 -42.67 68.32
CA PHE I 98 21.27 -42.14 69.42
C PHE I 98 20.45 -41.30 70.39
N ARG I 99 20.79 -41.33 71.67
CA ARG I 99 20.18 -40.40 72.61
C ARG I 99 20.80 -39.05 72.26
N ALA I 100 20.03 -37.96 72.32
CA ALA I 100 20.57 -36.65 71.93
C ALA I 100 20.70 -35.71 73.12
N PHE I 101 21.87 -35.10 73.33
CA PHE I 101 23.04 -35.19 72.46
C PHE I 101 23.91 -36.32 72.97
N PRO I 102 24.47 -37.14 72.06
CA PRO I 102 25.06 -38.42 72.45
C PRO I 102 26.33 -38.34 73.31
N ILE I 103 27.45 -37.90 72.76
CA ILE I 103 28.69 -37.90 73.55
C ILE I 103 28.56 -37.13 74.86
N SER I 104 28.04 -35.92 74.80
CA SER I 104 27.91 -35.08 75.99
C SER I 104 26.93 -35.65 77.03
N SER I 105 26.07 -36.58 76.63
CA SER I 105 25.09 -37.17 77.55
C SER I 105 25.72 -38.26 78.41
N ILE I 106 26.74 -38.93 77.87
CA ILE I 106 27.42 -40.00 78.57
C ILE I 106 28.65 -39.52 79.37
N THR I 107 29.00 -38.25 79.19
CA THR I 107 30.09 -37.63 79.92
C THR I 107 29.67 -37.36 81.34
N ASN I 108 30.31 -38.03 82.28
CA ASN I 108 30.03 -37.86 83.69
C ASN I 108 30.39 -36.46 84.13
N THR I 109 31.48 -35.97 83.59
CA THR I 109 31.90 -34.64 83.88
C THR I 109 32.77 -34.22 82.74
N LEU I 110 33.01 -32.94 82.62
CA LEU I 110 33.94 -32.45 81.65
C LEU I 110 34.75 -31.50 82.47
N ASN I 111 35.98 -31.25 82.08
CA ASN I 111 36.73 -30.29 82.85
C ASN I 111 37.80 -29.62 81.97
N ALA I 112 37.77 -28.29 81.90
CA ALA I 112 38.78 -27.54 81.13
C ALA I 112 39.66 -26.71 82.04
N THR I 113 40.83 -26.32 81.60
CA THR I 113 41.61 -25.36 82.40
C THR I 113 42.23 -24.27 81.55
N ILE I 114 41.55 -23.14 81.48
CA ILE I 114 42.02 -21.99 80.73
C ILE I 114 43.20 -21.40 81.47
N ASN I 115 44.37 -21.48 80.87
CA ASN I 115 45.53 -20.77 81.39
C ASN I 115 45.76 -21.02 82.88
N GLY I 116 45.81 -22.29 83.26
CA GLY I 116 46.10 -22.69 84.64
C GLY I 116 44.91 -22.81 85.57
N PHE I 117 43.93 -21.91 85.41
CA PHE I 117 42.77 -21.81 86.31
C PHE I 117 41.59 -22.70 85.85
N PRO I 118 41.28 -23.75 86.63
CA PRO I 118 40.34 -24.77 86.17
C PRO I 118 38.85 -24.36 86.24
N VAL I 119 38.10 -24.69 85.18
CA VAL I 119 36.67 -24.41 85.07
C VAL I 119 35.95 -25.71 84.73
N ASN I 120 34.99 -26.14 85.53
CA ASN I 120 34.36 -27.39 85.14
C ASN I 120 32.86 -27.47 85.35
N ILE I 121 32.18 -28.12 84.41
CA ILE I 121 30.75 -28.31 84.45
C ILE I 121 30.46 -29.79 84.59
N GLU I 122 29.30 -30.12 85.14
CA GLU I 122 28.86 -31.51 85.20
C GLU I 122 27.92 -31.85 84.02
N LEU I 123 28.45 -32.47 82.97
CA LEU I 123 27.67 -32.59 81.74
C LEU I 123 26.45 -33.51 81.74
N ALA I 124 26.52 -34.64 82.42
CA ALA I 124 25.44 -35.66 82.35
C ALA I 124 24.05 -35.12 82.66
N GLN I 125 23.88 -34.51 83.84
CA GLN I 125 22.56 -34.06 84.29
C GLN I 125 22.34 -32.55 84.15
N ILE I 126 23.40 -31.79 83.88
CA ILE I 126 23.21 -30.36 83.66
C ILE I 126 22.75 -30.05 82.24
N ILE I 127 23.00 -30.97 81.32
CA ILE I 127 22.73 -30.72 79.91
C ILE I 127 21.26 -30.72 79.52
N HIS I 128 20.54 -31.79 79.83
CA HIS I 128 19.16 -31.92 79.37
C HIS I 128 18.28 -30.79 79.79
N ALA I 129 18.52 -30.25 80.98
CA ALA I 129 17.77 -29.11 81.49
C ALA I 129 18.18 -27.80 80.81
N LEU I 130 19.49 -27.57 80.71
CA LEU I 130 19.99 -26.35 80.09
C LEU I 130 19.61 -26.29 78.62
N SER I 131 19.61 -27.43 77.95
CA SER I 131 19.44 -27.49 76.48
C SER I 131 18.08 -26.99 75.97
N ARG I 132 17.03 -27.28 76.74
CA ARG I 132 15.69 -26.89 76.39
C ARG I 132 15.49 -25.36 76.32
N TYR I 133 16.45 -24.61 76.84
CA TYR I 133 16.12 -23.30 77.34
C TYR I 133 16.34 -22.02 76.53
N HIS I 134 17.13 -22.03 75.47
CA HIS I 134 17.33 -20.75 74.80
C HIS I 134 17.57 -20.85 73.33
N THR I 135 16.85 -21.77 72.71
CA THR I 135 17.10 -22.13 71.34
C THR I 135 15.87 -21.90 70.46
N PRO I 136 15.76 -20.70 69.87
CA PRO I 136 14.73 -20.53 68.86
C PRO I 136 15.09 -21.42 67.68
N LEU I 137 14.12 -21.77 66.84
CA LEU I 137 14.41 -22.57 65.65
C LEU I 137 15.63 -22.07 64.88
N LYS I 138 15.88 -20.76 64.96
CA LYS I 138 17.05 -20.14 64.34
C LYS I 138 18.38 -20.69 64.86
N VAL I 139 18.48 -20.87 66.16
CA VAL I 139 19.69 -21.37 66.81
C VAL I 139 19.72 -22.88 66.75
N LYS I 140 18.57 -23.51 66.63
CA LYS I 140 18.50 -24.95 66.64
C LYS I 140 19.05 -25.54 65.34
N ASN I 141 18.86 -24.83 64.23
CA ASN I 141 19.39 -25.26 62.92
C ASN I 141 20.79 -24.77 62.60
N GLY I 142 21.35 -23.96 63.51
CA GLY I 142 22.74 -23.52 63.45
C GLY I 142 23.63 -24.55 64.12
N TRP I 143 24.62 -24.11 64.87
CA TRP I 143 25.75 -24.95 65.22
C TRP I 143 25.33 -26.23 65.90
N MET I 144 24.25 -26.18 66.65
CA MET I 144 23.83 -27.34 67.40
C MET I 144 23.52 -28.47 66.44
N SER I 145 23.32 -28.16 65.19
CA SER I 145 22.96 -29.18 64.22
C SER I 145 23.92 -30.35 64.18
N MET I 146 25.17 -30.12 64.60
CA MET I 146 26.18 -31.17 64.45
C MET I 146 25.88 -32.50 65.13
N GLN I 147 25.80 -32.51 66.47
CA GLN I 147 25.42 -33.72 67.20
C GLN I 147 23.91 -33.82 67.30
N PRO I 148 23.35 -35.06 67.22
CA PRO I 148 21.89 -35.27 67.27
C PRO I 148 21.20 -34.32 68.24
N SER I 149 20.13 -33.67 67.78
CA SER I 149 19.65 -32.44 68.43
C SER I 149 18.14 -32.39 68.81
N PHE I 150 17.39 -33.44 68.49
CA PHE I 150 15.96 -33.44 68.74
C PHE I 150 15.67 -34.01 70.13
N GLU I 151 15.15 -33.17 71.01
CA GLU I 151 14.85 -33.58 72.39
C GLU I 151 13.59 -34.43 72.50
N ASP I 152 13.53 -35.24 73.54
CA ASP I 152 12.45 -36.20 73.69
C ASP I 152 11.13 -35.53 74.07
N ASN I 153 10.11 -35.74 73.24
CA ASN I 153 8.78 -35.19 73.49
C ASN I 153 7.96 -36.18 74.27
N TYR I 154 8.01 -37.43 73.86
CA TYR I 154 7.15 -38.44 74.42
C TYR I 154 7.66 -39.06 75.71
N GLN I 155 6.73 -39.31 76.63
CA GLN I 155 7.04 -39.89 77.93
C GLN I 155 7.55 -41.32 77.87
N SER I 156 7.25 -42.01 76.77
CA SER I 156 7.75 -43.35 76.55
C SER I 156 7.69 -43.68 75.05
N TYR I 157 8.85 -44.07 74.50
CA TYR I 157 8.96 -44.38 73.09
C TYR I 157 7.80 -45.23 72.60
N ARG I 158 7.45 -46.26 73.35
CA ARG I 158 6.47 -47.22 72.84
C ARG I 158 5.25 -46.57 72.17
N ASP I 159 4.84 -45.39 72.64
CA ASP I 159 3.71 -44.68 72.02
C ASP I 159 4.07 -43.99 70.69
N ALA I 160 5.22 -43.31 70.66
CA ALA I 160 5.62 -42.45 69.54
C ALA I 160 5.29 -43.03 68.18
N ASP I 161 5.74 -44.26 67.95
CA ASP I 161 5.68 -44.94 66.64
C ASP I 161 4.27 -45.25 66.14
N GLY I 162 3.97 -44.84 64.90
CA GLY I 162 4.87 -44.00 64.11
C GLY I 162 4.20 -42.66 63.97
N ALA I 163 4.86 -41.61 64.45
CA ALA I 163 4.27 -40.26 64.45
C ALA I 163 4.99 -39.35 63.46
N ASN I 164 4.46 -38.16 63.27
CA ASN I 164 5.13 -37.21 62.44
C ASN I 164 6.28 -36.55 63.17
N ASN I 165 6.21 -36.52 64.49
CA ASN I 165 7.29 -35.91 65.26
C ASN I 165 7.97 -36.91 66.19
N ASN I 166 7.82 -38.19 65.85
CA ASN I 166 8.56 -39.27 66.48
C ASN I 166 10.06 -38.95 66.57
N PRO I 167 10.59 -38.86 67.80
CA PRO I 167 11.94 -38.42 68.12
C PRO I 167 13.02 -39.16 67.35
N LEU I 168 12.97 -40.49 67.34
CA LEU I 168 13.96 -41.29 66.64
C LEU I 168 13.34 -41.89 65.37
N GLY I 169 13.32 -41.11 64.27
CA GLY I 169 12.68 -41.56 63.02
C GLY I 169 13.43 -41.05 61.81
N VAL I 170 13.34 -41.76 60.68
CA VAL I 170 14.19 -41.48 59.52
C VAL I 170 14.08 -40.06 58.93
N PHE I 171 15.11 -39.66 58.16
CA PHE I 171 15.20 -38.30 57.61
C PHE I 171 14.01 -37.96 56.75
N THR I 172 13.71 -38.82 55.80
CA THR I 172 12.48 -38.74 55.05
C THR I 172 11.36 -38.90 56.06
N SER I 173 10.39 -37.99 56.04
CA SER I 173 9.22 -38.02 56.94
C SER I 173 9.34 -37.04 58.08
N ALA I 174 10.05 -35.94 57.83
CA ALA I 174 10.03 -34.80 58.72
C ALA I 174 9.82 -33.56 57.84
N ALA I 175 8.90 -32.68 58.24
CA ALA I 175 8.49 -31.49 57.44
C ALA I 175 9.65 -30.55 57.06
N GLY I 176 9.48 -29.84 55.94
CA GLY I 176 10.52 -28.94 55.40
C GLY I 176 10.81 -27.66 56.18
N LEU I 177 12.10 -27.41 56.39
CA LEU I 177 12.63 -26.29 57.18
C LEU I 177 12.29 -26.47 58.67
N SER I 178 12.77 -27.56 59.24
CA SER I 178 12.47 -27.92 60.62
C SER I 178 13.45 -28.95 61.17
N GLU I 179 13.37 -29.18 62.49
CA GLU I 179 14.30 -30.07 63.19
C GLU I 179 14.09 -31.53 62.79
N LEU I 180 15.09 -32.13 62.15
CA LEU I 180 15.03 -33.55 61.78
C LEU I 180 15.10 -34.43 63.01
N PRO I 181 14.34 -35.54 63.02
CA PRO I 181 14.43 -36.45 64.15
C PRO I 181 15.82 -37.08 64.14
N ARG I 182 16.21 -37.72 65.24
CA ARG I 182 17.56 -38.24 65.42
C ARG I 182 17.96 -39.40 64.48
N GLY I 183 16.98 -39.99 63.80
CA GLY I 183 17.24 -41.10 62.88
C GLY I 183 17.89 -40.64 61.58
N SER I 184 18.01 -39.34 61.40
CA SER I 184 18.62 -38.77 60.22
C SER I 184 20.14 -38.89 60.17
N TYR I 185 20.78 -38.96 61.34
CA TYR I 185 22.24 -38.90 61.48
C TYR I 185 23.00 -39.95 60.68
N THR I 186 23.99 -39.49 59.92
CA THR I 186 24.77 -40.36 59.04
C THR I 186 25.69 -41.30 59.79
N MET I 187 25.55 -42.60 59.51
CA MET I 187 26.55 -43.59 59.95
C MET I 187 26.51 -44.88 59.14
N ASN I 188 27.69 -45.41 58.85
CA ASN I 188 27.84 -46.61 58.04
C ASN I 188 27.44 -47.88 58.78
N VAL I 189 26.52 -48.65 58.21
CA VAL I 189 26.10 -49.87 58.87
C VAL I 189 26.72 -51.08 58.21
N VAL I 190 27.63 -51.73 58.92
CA VAL I 190 28.25 -52.96 58.45
C VAL I 190 27.26 -54.11 58.33
N THR I 191 26.32 -54.17 59.25
CA THR I 191 25.34 -55.24 59.29
C THR I 191 24.05 -54.76 59.98
N ASN I 192 23.22 -55.69 60.44
CA ASN I 192 21.89 -55.33 60.93
C ASN I 192 20.96 -56.51 60.83
N THR I 193 21.56 -57.65 60.54
CA THR I 193 20.84 -58.90 60.29
C THR I 193 20.30 -59.45 61.58
N THR I 194 19.35 -60.36 61.49
CA THR I 194 18.72 -60.88 62.68
C THR I 194 19.75 -61.54 63.56
N THR I 195 19.67 -61.26 64.85
CA THR I 195 20.57 -61.85 65.83
C THR I 195 21.83 -61.01 66.03
N THR I 196 22.05 -60.03 65.16
CA THR I 196 23.23 -59.20 65.32
C THR I 196 23.16 -57.91 64.53
N ALA I 197 23.98 -56.96 64.92
CA ALA I 197 24.19 -55.71 64.17
C ALA I 197 25.47 -54.99 64.59
N ARG I 198 26.09 -54.28 63.64
CA ARG I 198 27.36 -53.62 63.89
C ARG I 198 27.47 -52.32 63.09
N ILE I 199 27.44 -51.18 63.77
CA ILE I 199 27.43 -49.88 63.11
C ILE I 199 28.66 -49.06 63.47
N THR I 200 29.04 -48.12 62.61
CA THR I 200 30.27 -47.36 62.81
C THR I 200 30.37 -46.10 61.94
N GLY I 201 30.84 -45.00 62.54
CA GLY I 201 31.04 -43.74 61.82
C GLY I 201 31.60 -42.70 62.76
N VAL I 202 31.90 -41.51 62.24
CA VAL I 202 32.39 -40.39 63.07
C VAL I 202 31.21 -39.52 63.55
N LEU I 203 31.26 -39.09 64.80
CA LEU I 203 30.17 -38.25 65.28
C LEU I 203 30.64 -37.07 66.10
N TYR I 204 30.07 -35.90 65.82
CA TYR I 204 30.51 -34.64 66.39
C TYR I 204 29.89 -34.38 67.74
N GLU I 205 30.43 -33.38 68.44
CA GLU I 205 29.96 -32.94 69.75
C GLU I 205 30.56 -31.59 69.98
N GLN I 206 29.92 -30.76 70.78
CA GLN I 206 30.52 -29.48 71.11
C GLN I 206 30.98 -29.49 72.53
N VAL I 207 31.99 -28.67 72.83
CA VAL I 207 32.29 -28.33 74.19
C VAL I 207 31.18 -27.39 74.66
N PHE I 208 30.66 -27.65 75.85
CA PHE I 208 29.78 -26.70 76.55
C PHE I 208 30.60 -26.07 77.68
N LEU I 209 29.93 -25.53 78.71
CA LEU I 209 30.58 -24.75 79.77
C LEU I 209 31.17 -23.46 79.24
N PRO I 210 30.91 -22.35 79.94
CA PRO I 210 31.47 -21.04 79.59
C PRO I 210 32.94 -20.88 80.04
N PRO I 211 33.73 -20.02 79.36
CA PRO I 211 33.37 -19.01 78.37
C PRO I 211 33.08 -19.55 76.96
N PHE I 212 33.39 -20.82 76.70
CA PHE I 212 33.09 -21.44 75.41
C PHE I 212 31.57 -21.48 75.15
N LEU I 213 31.15 -21.05 73.95
CA LEU I 213 29.71 -20.83 73.67
C LEU I 213 29.05 -21.82 72.70
N TRP I 214 28.07 -22.55 73.23
CA TRP I 214 27.30 -23.53 72.47
C TRP I 214 26.31 -22.86 71.60
N ASP I 215 25.69 -21.82 72.15
CA ASP I 215 24.77 -20.93 71.43
C ASP I 215 25.54 -20.12 70.39
N GLY I 216 24.86 -19.72 69.31
CA GLY I 216 25.50 -19.30 68.07
C GLY I 216 26.10 -17.91 67.83
N GLU I 217 25.92 -16.98 68.77
CA GLU I 217 26.06 -15.53 68.47
C GLU I 217 27.43 -14.87 68.24
N GLN I 218 28.47 -15.32 68.92
CA GLN I 218 29.85 -14.84 68.67
C GLN I 218 30.20 -13.46 69.25
N ALA I 219 31.34 -13.40 69.93
CA ALA I 219 31.82 -12.19 70.63
C ALA I 219 33.33 -12.31 70.84
N GLY I 220 33.95 -11.28 71.45
CA GLY I 220 35.41 -11.22 71.66
C GLY I 220 36.07 -12.50 72.19
N GLY I 221 36.94 -13.10 71.36
CA GLY I 221 37.61 -14.38 71.67
C GLY I 221 38.67 -14.30 72.76
N LEU I 222 38.68 -15.29 73.64
CA LEU I 222 39.50 -15.23 74.86
C LEU I 222 40.99 -15.51 74.62
N ALA I 223 41.79 -14.44 74.65
CA ALA I 223 43.25 -14.52 74.59
C ALA I 223 43.73 -13.17 75.05
N ASN I 224 44.98 -13.02 75.50
CA ASN I 224 46.13 -13.96 75.43
C ASN I 224 46.29 -14.98 76.57
N LEU I 225 46.78 -16.18 76.24
CA LEU I 225 46.98 -17.26 77.23
C LEU I 225 48.14 -18.18 76.81
N THR I 226 48.65 -19.02 77.70
CA THR I 226 49.84 -19.83 77.36
C THR I 226 49.59 -21.30 77.13
N SER I 227 48.57 -21.85 77.78
CA SER I 227 48.29 -23.29 77.70
C SER I 227 46.86 -23.60 78.05
N LEU I 228 46.31 -24.59 77.36
CA LEU I 228 44.90 -24.91 77.46
C LEU I 228 44.76 -26.42 77.51
N THR I 229 43.75 -26.92 78.21
CA THR I 229 43.59 -28.38 78.36
C THR I 229 42.16 -28.85 78.75
N PHE I 230 41.70 -29.96 78.16
CA PHE I 230 40.37 -30.53 78.43
C PHE I 230 40.43 -31.98 78.91
N ASN I 231 39.42 -32.44 79.65
CA ASN I 231 39.32 -33.85 80.07
C ASN I 231 37.89 -34.31 80.13
N TRP I 232 37.42 -34.98 79.09
CA TRP I 232 36.05 -35.49 79.11
C TRP I 232 35.95 -36.79 79.86
N VAL I 233 36.05 -36.76 81.19
CA VAL I 233 35.91 -37.98 81.97
C VAL I 233 34.46 -38.51 81.93
N LEU I 234 34.23 -39.54 81.12
CA LEU I 234 32.91 -40.13 80.92
C LEU I 234 32.41 -40.85 82.18
N ASN I 235 31.18 -41.35 82.13
CA ASN I 235 30.68 -42.23 83.20
C ASN I 235 30.85 -43.70 82.83
N ASN I 236 30.74 -44.58 83.82
CA ASN I 236 31.10 -45.97 83.66
C ASN I 236 30.26 -46.83 82.70
N ASN I 237 29.05 -46.37 82.37
CA ASN I 237 28.02 -47.16 81.64
C ASN I 237 28.19 -47.35 80.14
N LEU I 238 28.20 -46.24 79.40
CA LEU I 238 28.52 -46.23 77.97
C LEU I 238 27.44 -46.83 77.06
N ALA I 239 26.66 -47.78 77.57
CA ALA I 239 25.54 -48.35 76.81
C ALA I 239 24.38 -47.36 76.76
N ARG I 240 24.50 -46.27 77.51
CA ARG I 240 23.47 -45.25 77.59
C ARG I 240 23.34 -44.45 76.30
N ILE I 241 24.46 -44.25 75.59
CA ILE I 241 24.51 -43.51 74.32
C ILE I 241 23.37 -43.85 73.36
N TRP I 242 22.98 -45.13 73.30
CA TRP I 242 21.94 -45.63 72.39
C TRP I 242 20.56 -45.50 72.95
N SER I 243 19.57 -45.35 72.05
CA SER I 243 18.14 -45.34 72.43
C SER I 243 17.33 -46.26 71.50
N HIS I 244 16.36 -46.96 72.06
CA HIS I 244 15.69 -48.03 71.36
C HIS I 244 14.31 -48.19 71.94
N SER I 245 13.31 -48.38 71.08
CA SER I 245 11.91 -48.35 71.51
C SER I 245 11.38 -49.64 72.11
N ASP I 246 10.55 -49.49 73.14
CA ASP I 246 9.97 -50.63 73.85
C ASP I 246 9.07 -51.54 73.02
N ILE I 247 8.50 -51.00 71.95
CA ILE I 247 7.48 -51.70 71.17
C ILE I 247 7.83 -53.17 70.85
N THR I 248 9.06 -53.42 70.41
CA THR I 248 9.45 -54.75 69.93
C THR I 248 9.63 -55.84 71.00
N ASN I 249 10.04 -55.47 72.20
CA ASN I 249 10.24 -56.45 73.28
C ASN I 249 8.93 -57.00 73.81
N ASP I 250 8.86 -58.30 74.04
CA ASP I 250 7.56 -58.95 74.23
C ASP I 250 7.36 -59.75 75.53
N VAL I 251 6.08 -60.06 75.80
CA VAL I 251 5.57 -60.53 77.10
C VAL I 251 6.16 -59.64 78.23
N SER I 252 6.60 -60.23 79.34
CA SER I 252 7.36 -59.49 80.35
C SER I 252 8.58 -58.88 79.68
N GLY I 253 8.75 -57.58 79.83
CA GLY I 253 9.77 -56.81 79.10
C GLY I 253 11.10 -57.50 78.86
N ASN I 254 11.19 -58.22 77.74
CA ASN I 254 12.43 -58.88 77.32
C ASN I 254 13.07 -58.23 76.10
N SER I 255 13.79 -57.15 76.33
CA SER I 255 14.30 -56.36 75.24
C SER I 255 15.15 -57.25 74.39
N THR I 256 14.91 -57.21 73.10
CA THR I 256 15.63 -58.04 72.17
C THR I 256 17.10 -57.70 72.13
N ILE I 257 17.44 -56.42 72.21
CA ILE I 257 18.80 -56.02 71.95
C ILE I 257 19.83 -56.59 72.89
N GLY I 258 19.56 -56.62 74.18
CA GLY I 258 20.63 -57.05 75.10
C GLY I 258 21.48 -58.15 74.48
N SER I 259 22.81 -57.98 74.43
CA SER I 259 23.55 -56.84 74.99
C SER I 259 24.58 -56.28 74.01
N MET I 260 25.00 -55.03 74.24
CA MET I 260 25.89 -54.30 73.34
C MET I 260 27.21 -53.89 73.99
N ASN I 261 28.21 -53.62 73.16
CA ASN I 261 29.45 -52.97 73.60
C ASN I 261 29.96 -51.92 72.62
N ILE I 262 30.71 -50.95 73.14
CA ILE I 262 31.14 -49.80 72.35
C ILE I 262 32.64 -49.91 72.09
N SER I 263 33.24 -48.81 71.66
CA SER I 263 34.65 -48.75 71.28
C SER I 263 34.97 -47.31 70.89
N PHE I 264 36.25 -46.96 70.88
CA PHE I 264 36.67 -45.64 70.44
C PHE I 264 38.03 -45.63 69.74
N GLN I 265 38.25 -44.62 68.91
CA GLN I 265 39.47 -44.50 68.14
C GLN I 265 39.97 -43.10 68.37
N GLN I 266 41.20 -42.80 67.99
CA GLN I 266 41.75 -41.55 68.44
C GLN I 266 40.78 -40.46 68.06
N PRO I 267 40.49 -39.62 69.04
CA PRO I 267 39.57 -38.49 68.93
C PRO I 267 40.32 -37.29 68.43
N SER I 268 39.69 -36.13 68.43
CA SER I 268 40.50 -34.93 68.15
C SER I 268 39.74 -33.64 68.31
N MET I 269 40.26 -32.74 69.14
CA MET I 269 39.69 -31.40 69.24
C MET I 269 40.00 -30.53 68.03
N TYR I 270 39.40 -29.33 68.00
CA TYR I 270 39.54 -28.39 66.89
C TYR I 270 39.34 -26.96 67.36
N LEU I 271 40.38 -26.13 67.36
CA LEU I 271 40.19 -24.72 67.74
C LEU I 271 40.78 -23.79 66.67
N GLY I 272 40.28 -22.55 66.61
CA GLY I 272 40.81 -21.57 65.62
C GLY I 272 41.44 -20.29 66.17
N PHE I 273 42.69 -20.01 65.79
CA PHE I 273 43.44 -18.93 66.39
C PHE I 273 43.76 -17.81 65.40
N VAL I 274 42.89 -16.81 65.33
CA VAL I 274 43.16 -15.58 64.56
C VAL I 274 44.33 -14.85 65.21
N THR I 275 45.15 -14.16 64.42
CA THR I 275 46.17 -13.29 64.99
C THR I 275 45.94 -11.87 64.57
N PRO I 276 46.12 -10.91 65.48
CA PRO I 276 45.60 -9.56 65.23
C PRO I 276 46.53 -8.74 64.35
N ARG I 277 45.99 -7.80 63.58
CA ARG I 277 46.81 -7.02 62.63
C ARG I 277 47.71 -5.98 63.31
N LEU I 278 48.86 -5.69 62.69
CA LEU I 278 49.96 -4.98 63.33
C LEU I 278 49.69 -3.58 63.88
N ASN I 279 48.91 -2.79 63.16
CA ASN I 279 48.54 -1.46 63.63
C ASN I 279 47.81 -1.43 64.99
N ILE I 280 46.55 -1.93 65.02
CA ILE I 280 45.73 -2.01 66.23
C ILE I 280 46.31 -3.03 67.20
N PRO I 281 46.70 -2.59 68.41
CA PRO I 281 47.24 -3.51 69.42
C PRO I 281 46.16 -4.03 70.38
N ILE I 282 46.26 -5.28 70.80
CA ILE I 282 45.40 -5.77 71.90
C ILE I 282 46.02 -5.32 73.24
N PRO I 283 45.24 -5.35 74.35
CA PRO I 283 45.87 -4.94 75.63
C PRO I 283 46.74 -6.04 76.28
N PRO I 284 47.37 -5.75 77.43
CA PRO I 284 48.08 -6.82 78.15
C PRO I 284 47.12 -7.74 78.91
N ARG I 285 46.19 -7.16 79.68
CA ARG I 285 45.18 -7.96 80.39
C ARG I 285 43.77 -7.41 80.17
N ILE I 286 42.81 -8.29 79.92
CA ILE I 286 41.42 -7.88 79.64
C ILE I 286 40.49 -8.61 80.59
N THR I 287 39.22 -8.23 80.62
CA THR I 287 38.27 -8.81 81.58
C THR I 287 37.03 -9.42 80.94
N TYR I 288 36.74 -10.69 81.23
CA TYR I 288 35.70 -11.39 80.49
C TYR I 288 34.44 -11.66 81.29
N PRO I 289 33.29 -11.85 80.61
CA PRO I 289 32.14 -12.41 81.31
C PRO I 289 32.48 -13.85 81.68
N TYR I 290 31.82 -14.40 82.68
CA TYR I 290 32.20 -15.71 83.20
C TYR I 290 31.14 -16.30 84.14
N PHE I 291 30.55 -17.42 83.75
CA PHE I 291 29.51 -18.03 84.56
C PHE I 291 30.02 -19.29 85.23
N LYS I 292 29.19 -19.91 86.05
CA LYS I 292 29.53 -21.14 86.77
C LYS I 292 28.26 -21.91 87.09
N LEU I 293 28.25 -23.20 86.78
CA LEU I 293 27.10 -24.07 87.04
C LEU I 293 27.30 -24.96 88.25
N SER I 294 26.22 -25.29 88.93
CA SER I 294 26.26 -26.20 90.08
C SER I 294 24.86 -26.75 90.40
N ARG I 295 24.79 -28.01 90.78
CA ARG I 295 23.53 -28.66 90.94
C ARG I 295 23.43 -29.30 92.31
N TYR I 296 22.36 -28.99 93.04
CA TYR I 296 22.07 -29.68 94.30
C TYR I 296 20.89 -30.59 94.07
N THR I 297 20.92 -31.75 94.70
CA THR I 297 19.92 -32.79 94.46
C THR I 297 19.44 -33.46 95.75
N THR I 298 18.35 -34.22 95.68
CA THR I 298 17.77 -34.92 96.83
C THR I 298 17.03 -36.15 96.35
N GLN I 299 17.31 -37.29 96.96
CA GLN I 299 16.66 -38.52 96.52
C GLN I 299 15.54 -38.94 97.47
N PHE I 300 14.41 -39.35 96.90
CA PHE I 300 13.25 -39.80 97.69
C PHE I 300 13.06 -41.30 97.56
N GLN I 301 12.47 -41.91 98.59
CA GLN I 301 12.31 -43.36 98.61
C GLN I 301 11.02 -43.85 97.97
N ASN I 302 9.89 -43.20 98.32
CA ASN I 302 8.57 -43.57 97.82
C ASN I 302 8.44 -43.46 96.30
N THR I 303 7.31 -43.91 95.78
CA THR I 303 7.04 -43.88 94.35
C THR I 303 5.55 -43.69 94.03
N LEU I 304 5.26 -42.87 93.02
CA LEU I 304 3.88 -42.54 92.64
C LEU I 304 3.58 -42.93 91.21
N ALA I 305 2.41 -43.54 90.98
CA ALA I 305 2.04 -44.07 89.66
C ALA I 305 0.66 -44.72 89.67
N PRO I 306 0.05 -44.91 88.48
CA PRO I 306 0.58 -44.48 87.19
C PRO I 306 0.47 -42.98 86.98
N ASN I 307 -0.46 -42.33 87.66
CA ASN I 307 -0.59 -40.88 87.54
C ASN I 307 -1.21 -40.28 88.77
N ALA I 308 -0.68 -40.65 89.92
CA ALA I 308 -1.10 -40.07 91.17
C ALA I 308 -0.30 -38.80 91.46
N SER I 309 -0.83 -38.00 92.39
CA SER I 309 -0.18 -36.79 92.86
C SER I 309 0.78 -37.08 94.03
N SER I 310 1.33 -36.02 94.61
CA SER I 310 2.06 -36.04 95.87
C SER I 310 2.70 -34.67 96.06
N THR I 311 3.84 -34.63 96.75
CA THR I 311 4.54 -33.38 97.05
C THR I 311 5.93 -33.75 97.56
N PHE I 312 6.87 -32.82 97.47
CA PHE I 312 8.21 -33.06 98.01
C PHE I 312 8.80 -31.82 98.66
N LYS I 313 9.82 -32.01 99.50
CA LYS I 313 10.48 -30.86 100.10
C LYS I 313 11.96 -30.78 99.79
N SER I 314 12.39 -29.60 99.41
CA SER I 314 13.72 -29.41 98.81
C SER I 314 14.80 -30.00 99.69
N ASN I 315 15.08 -29.34 100.82
CA ASN I 315 16.22 -29.67 101.70
C ASN I 315 17.17 -28.49 101.82
N VAL I 316 17.12 -27.78 102.96
CA VAL I 316 17.89 -26.52 103.20
C VAL I 316 19.34 -26.53 102.69
N VAL I 317 19.70 -25.54 101.87
CA VAL I 317 21.08 -25.37 101.39
C VAL I 317 21.53 -23.92 101.53
N GLN I 318 22.82 -23.66 101.40
CA GLN I 318 23.34 -22.31 101.37
C GLN I 318 23.94 -22.08 100.01
N LEU I 319 24.02 -20.84 99.58
CA LEU I 319 24.81 -20.53 98.38
C LEU I 319 25.71 -19.33 98.71
N ASP I 320 26.90 -19.26 98.10
CA ASP I 320 27.83 -18.18 98.47
C ASP I 320 27.45 -16.79 97.97
N SER I 321 26.62 -16.69 96.94
CA SER I 321 26.06 -15.40 96.58
C SER I 321 24.59 -15.60 96.26
N ILE I 322 23.94 -14.62 95.62
CA ILE I 322 22.65 -14.87 94.98
C ILE I 322 22.93 -15.15 93.51
N PRO I 323 22.47 -16.30 92.99
CA PRO I 323 22.86 -16.64 91.63
C PRO I 323 21.96 -15.93 90.65
N ARG I 324 22.43 -15.79 89.41
CA ARG I 324 21.72 -15.05 88.35
C ARG I 324 20.45 -15.73 87.92
N LYS I 325 20.46 -17.05 87.79
CA LYS I 325 19.29 -17.78 87.34
C LYS I 325 19.12 -19.02 88.16
N LEU I 326 17.93 -19.58 88.17
CA LEU I 326 17.75 -20.87 88.80
C LEU I 326 16.91 -21.76 87.91
N TYR I 327 17.12 -23.06 88.00
CA TYR I 327 16.29 -24.00 87.26
C TYR I 327 15.77 -25.00 88.27
N LEU I 328 14.56 -25.46 88.09
CA LEU I 328 14.02 -26.43 89.01
C LEU I 328 13.23 -27.48 88.26
N PHE I 329 13.23 -28.69 88.79
CA PHE I 329 12.48 -29.79 88.18
C PHE I 329 12.65 -31.12 88.89
N VAL I 330 11.78 -32.06 88.55
CA VAL I 330 11.84 -33.37 89.15
C VAL I 330 11.94 -34.44 88.07
N LYS I 331 13.16 -34.67 87.57
CA LYS I 331 13.33 -35.70 86.56
C LYS I 331 13.37 -37.06 87.25
N GLN I 332 13.42 -38.13 86.45
CA GLN I 332 13.49 -39.52 86.95
C GLN I 332 14.76 -39.79 87.78
N SER I 333 14.72 -40.78 88.66
CA SER I 333 15.84 -41.06 89.59
C SER I 333 17.01 -41.80 88.96
N ASP I 334 18.22 -41.28 89.18
CA ASP I 334 19.44 -41.88 88.65
C ASP I 334 19.95 -43.11 89.43
N ASN I 335 19.57 -43.21 90.71
CA ASN I 335 19.91 -44.38 91.54
C ASN I 335 19.38 -45.64 90.86
N VAL I 336 18.11 -45.59 90.44
CA VAL I 336 17.53 -46.56 89.52
C VAL I 336 17.88 -46.12 88.10
N ILE I 337 17.15 -46.62 87.10
CA ILE I 337 17.41 -46.36 85.66
C ILE I 337 18.83 -46.64 85.17
N TYR I 338 19.68 -47.20 86.03
CA TYR I 338 21.04 -47.58 85.65
C TYR I 338 21.31 -49.06 85.64
N GLN I 339 20.97 -49.73 86.73
CA GLN I 339 21.03 -51.20 86.79
C GLN I 339 20.25 -51.83 85.63
N ASN I 340 20.55 -53.06 85.23
CA ASN I 340 19.72 -53.66 84.18
C ASN I 340 19.71 -52.87 82.85
N LEU I 341 20.42 -53.42 81.88
CA LEU I 341 20.77 -52.72 80.66
C LEU I 341 19.61 -52.31 79.78
N ASN I 342 18.61 -53.16 79.60
CA ASN I 342 17.50 -52.79 78.74
C ASN I 342 16.72 -51.62 79.27
N ASN I 343 16.47 -51.65 80.56
CA ASN I 343 15.75 -50.57 81.19
C ASN I 343 16.60 -49.34 81.00
N GLN I 344 17.90 -49.50 81.19
CA GLN I 344 18.79 -48.36 81.10
C GLN I 344 18.72 -47.73 79.71
N ILE I 345 18.65 -48.56 78.68
CA ILE I 345 18.48 -48.08 77.33
C ILE I 345 17.18 -47.37 77.01
N THR I 346 16.04 -47.95 77.42
CA THR I 346 14.75 -47.40 76.98
C THR I 346 14.27 -46.03 77.49
N THR I 347 14.47 -45.78 78.77
CA THR I 347 13.91 -44.62 79.49
C THR I 347 14.25 -43.31 78.78
N PRO I 348 13.23 -42.52 78.52
CA PRO I 348 13.35 -41.19 77.93
C PRO I 348 13.71 -40.15 78.97
N ASP I 349 14.15 -38.98 78.52
CA ASP I 349 14.55 -37.86 79.37
C ASP I 349 13.49 -37.22 80.26
N VAL I 350 12.26 -37.15 79.77
CA VAL I 350 11.28 -36.17 80.22
C VAL I 350 10.91 -36.18 81.70
N PHE I 351 10.72 -34.98 82.26
CA PHE I 351 10.33 -34.80 83.65
C PHE I 351 8.84 -35.00 83.95
N LEU I 352 8.52 -35.20 85.23
CA LEU I 352 7.14 -35.32 85.72
C LEU I 352 6.54 -33.92 85.77
N GLN I 353 5.28 -33.76 85.36
CA GLN I 353 4.65 -32.44 85.23
C GLN I 353 4.47 -31.66 86.54
N ILE I 354 4.84 -30.38 86.56
CA ILE I 354 4.78 -29.58 87.81
C ILE I 354 3.41 -28.96 88.05
N ASN I 355 2.79 -29.28 89.19
CA ASN I 355 1.47 -28.75 89.45
C ASN I 355 1.47 -27.49 90.27
N ASN I 356 2.16 -27.50 91.39
CA ASN I 356 2.32 -26.28 92.14
C ASN I 356 3.65 -26.24 92.85
N LEU I 357 4.33 -25.11 92.77
CA LEU I 357 5.61 -24.97 93.44
C LEU I 357 5.61 -23.73 94.31
N ASN I 358 6.07 -23.88 95.53
CA ASN I 358 6.07 -22.81 96.50
C ASN I 358 7.43 -22.83 97.19
N LEU I 359 8.17 -21.75 97.10
CA LEU I 359 9.58 -21.82 97.50
C LEU I 359 10.00 -20.83 98.57
N THR I 360 11.17 -21.09 99.15
CA THR I 360 11.75 -20.24 100.19
C THR I 360 13.00 -19.56 99.68
N TRP I 361 13.04 -18.24 99.81
CA TRP I 361 14.26 -17.47 99.68
C TRP I 361 14.75 -17.40 101.08
N ASN I 362 15.78 -16.60 101.34
CA ASN I 362 16.32 -16.61 102.70
C ASN I 362 15.53 -15.73 103.61
N ASN I 363 14.81 -16.34 104.53
CA ASN I 363 14.01 -15.60 105.48
C ASN I 363 12.77 -15.01 104.83
N GLN I 364 12.45 -15.46 103.63
CA GLN I 364 11.21 -15.14 102.95
C GLN I 364 10.53 -16.44 102.59
N GLN I 365 9.26 -16.55 102.91
CA GLN I 365 8.56 -17.82 102.76
C GLN I 365 7.40 -17.62 101.82
N GLY I 366 6.99 -18.68 101.11
CA GLY I 366 5.91 -18.56 100.16
C GLY I 366 6.20 -17.46 99.15
N ILE I 367 7.41 -17.45 98.61
CA ILE I 367 7.82 -16.38 97.71
C ILE I 367 6.85 -16.37 96.54
N LEU I 368 6.52 -17.57 96.08
CA LEU I 368 5.35 -17.78 95.25
C LEU I 368 4.60 -18.96 95.83
N SER I 369 3.48 -18.68 96.50
CA SER I 369 2.68 -19.76 97.05
C SER I 369 1.30 -19.80 96.44
N GLY I 370 0.97 -18.80 95.63
CA GLY I 370 -0.37 -18.76 95.06
C GLY I 370 -0.44 -18.63 93.54
N ALA I 371 0.63 -19.02 92.85
CA ALA I 371 0.70 -18.88 91.39
C ALA I 371 0.20 -20.12 90.66
N SER I 372 -0.69 -19.94 89.70
CA SER I 372 -1.19 -21.05 88.91
C SER I 372 -0.11 -21.58 87.99
N SER I 373 -0.21 -22.84 87.65
CA SER I 373 0.80 -23.52 86.87
C SER I 373 0.97 -22.77 85.57
N GLN I 374 -0.13 -22.24 85.06
CA GLN I 374 -0.04 -21.46 83.86
C GLN I 374 0.88 -20.31 84.18
N ASN I 375 0.76 -19.79 85.39
CA ASN I 375 1.56 -18.65 85.81
C ASN I 375 3.03 -18.98 85.84
N LEU I 376 3.34 -20.17 86.32
CA LEU I 376 4.70 -20.64 86.37
C LEU I 376 5.25 -20.74 84.97
N TYR I 377 4.45 -21.25 84.06
CA TYR I 377 4.97 -21.42 82.71
C TYR I 377 5.29 -20.08 82.07
N ASP I 378 4.39 -19.14 82.21
CA ASP I 378 4.51 -17.90 81.51
C ASP I 378 5.82 -17.25 81.80
N PHE I 379 6.23 -17.20 83.04
CA PHE I 379 7.52 -16.54 83.27
C PHE I 379 8.71 -17.30 82.71
N SER I 380 8.65 -18.62 82.78
CA SER I 380 9.75 -19.37 82.19
C SER I 380 9.81 -19.07 80.70
N VAL I 381 8.67 -18.98 80.05
CA VAL I 381 8.62 -18.69 78.63
C VAL I 381 9.18 -17.33 78.33
N GLN I 382 8.90 -16.37 79.21
CA GLN I 382 9.41 -15.02 79.04
C GLN I 382 10.91 -15.06 79.08
N ASN I 383 11.45 -15.89 79.97
CA ASN I 383 12.89 -16.10 80.02
C ASN I 383 13.49 -16.71 78.74
N GLY I 384 12.74 -17.60 78.09
CA GLY I 384 13.08 -18.20 76.80
C GLY I 384 12.80 -19.69 76.63
N TYR I 385 11.75 -20.19 77.26
CA TYR I 385 11.48 -21.63 77.33
C TYR I 385 11.30 -22.37 76.00
N ASN I 386 10.76 -21.70 74.99
CA ASN I 386 10.64 -22.24 73.61
C ASN I 386 9.82 -23.54 73.37
N LYS I 387 8.94 -23.87 74.31
CA LYS I 387 7.99 -24.94 74.11
C LYS I 387 6.56 -24.48 74.30
N THR I 388 5.68 -25.07 73.52
CA THR I 388 4.27 -24.82 73.67
C THR I 388 3.75 -25.31 75.03
N TRP I 389 2.83 -24.54 75.60
CA TRP I 389 2.23 -24.85 76.89
C TRP I 389 1.74 -26.25 76.97
N SER I 390 1.10 -26.74 75.91
CA SER I 390 0.58 -28.09 75.89
C SER I 390 1.67 -29.14 76.09
N GLU I 391 2.90 -28.80 75.76
CA GLU I 391 4.00 -29.74 75.94
C GLU I 391 4.57 -29.66 77.34
N PHE I 392 4.62 -28.44 77.88
CA PHE I 392 4.84 -28.20 79.30
C PHE I 392 3.67 -28.84 80.00
N ASN I 393 3.79 -29.18 81.28
CA ASN I 393 2.70 -29.86 81.99
C ASN I 393 2.02 -31.01 81.19
N GLY I 394 2.74 -31.58 80.24
CA GLY I 394 2.17 -32.43 79.19
C GLY I 394 1.29 -33.62 79.56
N VAL I 395 0.05 -33.58 79.07
CA VAL I 395 -0.85 -34.72 79.06
C VAL I 395 -1.80 -34.43 77.91
N THR I 396 -1.76 -35.23 76.85
CA THR I 396 -2.70 -35.02 75.76
C THR I 396 -3.62 -36.21 75.62
N GLN I 397 -4.91 -35.95 75.65
CA GLN I 397 -5.90 -36.98 75.37
C GLN I 397 -5.87 -37.23 73.87
N GLN I 398 -6.30 -38.40 73.44
CA GLN I 398 -6.46 -38.70 72.02
C GLN I 398 -7.66 -39.60 71.73
N PHE I 399 -8.70 -39.03 71.12
CA PHE I 399 -9.96 -39.73 70.88
C PHE I 399 -9.75 -41.02 70.13
N ASN I 400 -10.60 -41.99 70.42
CA ASN I 400 -10.56 -43.29 69.81
C ASN I 400 -11.80 -43.49 68.93
N GLY I 401 -11.59 -44.06 67.75
CA GLY I 401 -12.69 -44.50 66.89
C GLY I 401 -13.05 -45.94 67.24
N VAL I 402 -14.05 -46.48 66.54
CA VAL I 402 -14.53 -47.88 66.72
C VAL I 402 -15.21 -48.17 68.07
N SER I 403 -16.34 -48.88 68.00
CA SER I 403 -17.11 -49.25 69.20
C SER I 403 -16.63 -50.61 69.71
N GLY I 404 -16.28 -50.71 70.98
CA GLY I 404 -16.18 -49.57 71.87
C GLY I 404 -14.81 -49.65 72.50
N GLN I 405 -13.90 -48.83 72.01
CA GLN I 405 -12.54 -48.81 72.54
C GLN I 405 -12.34 -47.56 73.39
N PRO I 406 -11.69 -47.69 74.58
CA PRO I 406 -11.50 -46.51 75.43
C PRO I 406 -10.44 -45.57 74.85
N THR I 407 -10.59 -44.29 75.12
CA THR I 407 -9.70 -43.25 74.61
C THR I 407 -8.33 -43.32 75.31
N LYS I 408 -7.25 -43.45 74.54
CA LYS I 408 -5.92 -43.60 75.15
C LYS I 408 -5.18 -42.29 75.37
N VAL I 409 -4.76 -42.10 76.62
CA VAL I 409 -4.06 -40.89 77.03
C VAL I 409 -2.57 -41.05 76.76
N ILE I 410 -1.92 -39.95 76.40
CA ILE I 410 -0.49 -39.90 76.12
C ILE I 410 0.18 -39.03 77.16
N GLY I 411 1.35 -39.47 77.63
CA GLY I 411 2.24 -38.64 78.47
C GLY I 411 3.25 -37.89 77.60
N LEU I 412 3.64 -36.68 77.99
CA LEU I 412 4.39 -35.84 77.08
C LEU I 412 5.59 -35.10 77.65
N GLU I 413 6.09 -35.54 78.80
CA GLU I 413 7.13 -34.81 79.54
C GLU I 413 6.59 -33.70 80.44
N GLY I 414 7.33 -33.38 81.48
CA GLY I 414 6.93 -32.35 82.42
C GLY I 414 7.52 -31.02 82.04
N GLY I 415 7.31 -30.04 82.89
CA GLY I 415 7.93 -28.75 82.69
C GLY I 415 9.21 -28.65 83.48
N ILE I 416 10.10 -27.78 83.01
CA ILE I 416 11.21 -27.34 83.80
C ILE I 416 11.09 -25.82 83.91
N VAL I 417 10.79 -25.34 85.12
CA VAL I 417 10.53 -23.92 85.41
C VAL I 417 11.83 -23.23 85.69
N CYS I 418 11.87 -21.93 85.47
CA CYS I 418 13.01 -21.17 85.92
C CYS I 418 12.63 -19.79 86.44
N LEU I 419 13.29 -19.37 87.52
CA LEU I 419 13.17 -18.02 88.05
C LEU I 419 14.45 -17.30 87.74
N GLU I 420 14.34 -16.08 87.27
CA GLU I 420 15.51 -15.24 87.14
C GLU I 420 15.54 -14.41 88.43
N LEU I 421 16.52 -14.69 89.29
CA LEU I 421 16.46 -14.32 90.71
C LEU I 421 16.48 -12.85 91.09
N GLY I 422 16.40 -11.98 90.10
CA GLY I 422 16.17 -10.57 90.39
C GLY I 422 14.73 -10.23 90.06
N LYS I 423 14.32 -10.49 88.82
CA LYS I 423 12.96 -10.18 88.41
C LYS I 423 11.83 -11.00 89.01
N ASP I 424 11.96 -12.33 89.06
CA ASP I 424 10.83 -13.14 89.49
C ASP I 424 10.68 -13.40 90.99
N VAL I 425 11.77 -13.76 91.65
CA VAL I 425 11.73 -14.03 93.08
C VAL I 425 11.45 -12.81 93.94
N GLY I 426 12.09 -11.71 93.61
CA GLY I 426 12.01 -10.47 94.39
C GLY I 426 13.09 -10.43 95.46
N LEU I 427 14.11 -9.60 95.24
CA LEU I 427 15.24 -9.52 96.17
C LEU I 427 15.10 -8.30 97.06
N ARG I 428 15.48 -8.44 98.33
CA ARG I 428 15.42 -7.33 99.28
C ARG I 428 16.45 -6.25 98.90
N ASP I 429 16.14 -5.00 99.23
CA ASP I 429 16.91 -3.83 98.79
C ASP I 429 18.42 -3.95 99.05
N ASP I 430 19.21 -3.14 98.34
CA ASP I 430 20.67 -3.05 98.52
C ASP I 430 21.41 -4.31 98.07
N GLU I 431 20.62 -5.28 97.63
CA GLU I 431 21.09 -6.57 97.24
C GLU I 431 20.75 -6.76 95.78
N ALA I 432 21.71 -7.24 95.01
CA ALA I 432 21.60 -7.31 93.56
C ALA I 432 21.99 -8.69 93.05
N GLU I 433 22.11 -8.82 91.74
CA GLU I 433 22.48 -10.08 91.13
C GLU I 433 23.85 -10.56 91.58
N GLY I 434 24.80 -9.65 91.66
CA GLY I 434 26.17 -10.07 91.96
C GLY I 434 26.37 -10.51 93.40
N VAL I 435 26.18 -9.57 94.31
CA VAL I 435 26.62 -9.63 95.72
C VAL I 435 26.60 -10.99 96.47
N ILE I 436 27.65 -11.19 97.27
CA ILE I 436 27.80 -12.33 98.20
C ILE I 436 27.63 -11.79 99.63
N GLY I 437 27.01 -12.56 100.54
CA GLY I 437 26.41 -13.86 100.27
C GLY I 437 25.88 -14.57 101.51
N ASN I 438 25.69 -15.88 101.39
CA ASN I 438 25.29 -16.76 102.48
C ASN I 438 23.78 -17.02 102.54
N PHE I 439 23.02 -16.50 101.59
CA PHE I 439 21.55 -16.58 101.66
C PHE I 439 20.97 -17.99 101.66
N ASN I 440 19.97 -18.20 102.52
CA ASN I 440 19.25 -19.47 102.67
C ASN I 440 18.26 -19.81 101.56
N LEU I 441 18.08 -21.08 101.26
CA LEU I 441 17.03 -21.43 100.33
C LEU I 441 16.59 -22.87 100.49
N GLN I 442 15.31 -23.13 100.29
CA GLN I 442 14.82 -24.48 100.16
C GLN I 442 13.55 -24.42 99.36
N VAL I 443 13.30 -25.39 98.50
CA VAL I 443 12.11 -25.31 97.66
C VAL I 443 11.26 -26.54 97.77
N GLN I 444 9.98 -26.38 98.10
CA GLN I 444 9.05 -27.51 98.16
C GLN I 444 8.07 -27.46 96.99
N MET I 445 7.90 -28.56 96.27
CA MET I 445 7.13 -28.51 95.02
C MET I 445 6.27 -29.75 94.75
N THR I 446 4.98 -29.53 94.48
CA THR I 446 4.09 -30.65 94.17
C THR I 446 4.14 -31.07 92.72
N VAL I 447 4.48 -32.33 92.49
CA VAL I 447 4.58 -32.85 91.15
C VAL I 447 3.47 -33.86 90.92
N THR I 448 3.19 -34.15 89.66
CA THR I 448 2.31 -35.27 89.30
C THR I 448 2.98 -36.09 88.21
N ASN I 449 3.11 -37.38 88.46
CA ASN I 449 3.63 -38.28 87.45
C ASN I 449 2.59 -38.43 86.37
N THR I 450 3.02 -38.52 85.10
CA THR I 450 2.08 -38.58 83.96
C THR I 450 2.31 -39.74 83.00
N ASN I 451 3.45 -40.40 83.14
CA ASN I 451 3.76 -41.56 82.31
C ASN I 451 2.63 -42.60 82.39
N GLN I 452 2.53 -43.44 81.37
CA GLN I 452 1.47 -44.44 81.33
C GLN I 452 1.81 -45.82 81.90
N TYR I 453 2.95 -46.38 81.51
CA TYR I 453 3.25 -47.79 81.81
C TYR I 453 4.41 -48.02 82.78
N VAL I 454 5.07 -46.97 83.25
CA VAL I 454 6.12 -47.16 84.27
C VAL I 454 5.84 -46.40 85.57
N THR I 455 6.34 -46.96 86.68
CA THR I 455 6.24 -46.34 88.00
C THR I 455 7.56 -45.67 88.30
N VAL I 456 7.51 -44.36 88.50
CA VAL I 456 8.70 -43.56 88.59
C VAL I 456 8.99 -43.16 90.02
N THR I 457 10.15 -43.57 90.52
CA THR I 457 10.68 -43.02 91.75
C THR I 457 11.31 -41.66 91.44
N PRO I 458 10.68 -40.57 91.90
CA PRO I 458 11.15 -39.28 91.41
C PRO I 458 12.47 -38.89 92.07
N ASP I 459 12.98 -37.73 91.66
CA ASP I 459 14.22 -37.17 92.17
C ASP I 459 14.18 -35.67 91.85
N MET I 460 14.56 -34.82 92.79
CA MET I 460 14.52 -33.38 92.58
C MET I 460 15.88 -32.87 92.16
N TYR I 461 15.90 -31.74 91.47
CA TYR I 461 17.15 -31.12 91.06
C TYR I 461 17.03 -29.63 91.21
N ILE I 462 18.13 -28.95 91.45
CA ILE I 462 18.15 -27.51 91.29
C ILE I 462 19.45 -27.13 90.62
N VAL I 463 19.40 -26.31 89.60
CA VAL I 463 20.64 -25.88 89.02
C VAL I 463 20.78 -24.40 89.18
N ALA I 464 21.71 -24.02 90.03
CA ALA I 464 22.06 -22.62 90.28
C ALA I 464 23.03 -22.16 89.18
N VAL I 465 22.93 -20.93 88.71
CA VAL I 465 23.97 -20.40 87.79
C VAL I 465 24.45 -18.98 88.11
N TYR I 466 25.66 -18.89 88.64
CA TYR I 466 26.22 -17.65 89.14
C TYR I 466 26.82 -16.82 88.03
N ASP I 467 26.83 -15.51 88.22
CA ASP I 467 27.53 -14.58 87.32
C ASP I 467 28.82 -14.06 87.93
N GLY I 468 29.72 -13.55 87.10
CA GLY I 468 30.98 -13.05 87.60
C GLY I 468 32.01 -12.78 86.53
N THR I 469 32.89 -11.84 86.79
CA THR I 469 33.84 -11.46 85.78
C THR I 469 35.19 -12.11 86.06
N LEU I 470 35.76 -12.76 85.05
CA LEU I 470 37.10 -13.36 85.17
C LEU I 470 38.13 -12.63 84.30
N VAL I 471 39.23 -12.22 84.91
CA VAL I 471 40.26 -11.48 84.20
C VAL I 471 41.35 -12.43 83.73
N ILE I 472 41.36 -12.76 82.45
CA ILE I 472 42.43 -13.57 81.89
C ILE I 472 43.64 -12.68 81.61
N SER I 473 44.79 -13.08 82.12
CA SER I 473 46.01 -12.33 81.93
C SER I 473 47.19 -13.21 81.68
N ASN I 474 48.27 -12.58 81.24
CA ASN I 474 49.49 -13.30 80.97
C ASN I 474 50.51 -13.09 82.11
N THR I 475 50.64 -14.08 83.00
CA THR I 475 49.91 -15.33 82.88
C THR I 475 49.46 -15.89 84.25
N SER I 476 48.20 -15.59 84.59
CA SER I 476 47.48 -16.05 85.79
C SER I 476 46.04 -15.58 85.62
N ALA I 477 45.07 -16.40 86.00
CA ALA I 477 43.69 -15.97 85.79
C ALA I 477 42.88 -15.79 87.07
N MET I 478 42.66 -14.54 87.44
CA MET I 478 41.80 -14.22 88.57
C MET I 478 40.38 -14.57 88.16
N ALA I 479 39.51 -14.80 89.14
CA ALA I 479 38.06 -14.85 88.91
C ALA I 479 37.35 -14.21 90.09
N SER I 480 36.06 -13.93 89.92
CA SER I 480 35.24 -13.42 91.03
C SER I 480 33.80 -13.78 90.80
N ILE I 481 33.07 -13.93 91.88
CA ILE I 481 31.62 -13.98 91.80
C ILE I 481 31.15 -12.98 92.83
N GLY I 482 30.29 -12.06 92.38
CA GLY I 482 29.89 -10.93 93.23
C GLY I 482 30.96 -9.88 93.20
N VAL I 483 31.07 -9.18 92.08
CA VAL I 483 32.08 -8.14 91.93
C VAL I 483 31.56 -6.84 92.52
N ALA I 484 30.25 -6.64 92.47
CA ALA I 484 29.65 -5.42 93.00
C ALA I 484 29.49 -5.51 94.51
N SER I 485 30.23 -4.66 95.22
CA SER I 485 30.12 -4.61 96.68
C SER I 485 28.71 -4.15 97.04
N LYS I 486 28.20 -4.61 98.19
CA LYS I 486 26.84 -4.31 98.64
C LYS I 486 26.41 -2.85 98.41
N GLU I 487 27.24 -1.92 98.87
CA GLU I 487 26.95 -0.48 98.76
C GLU I 487 26.91 0.07 97.33
N GLU I 488 27.97 -0.17 96.56
CA GLU I 488 28.00 0.19 95.15
C GLU I 488 26.81 -0.40 94.39
N VAL I 489 26.16 -1.41 94.98
CA VAL I 489 24.94 -1.97 94.39
C VAL I 489 23.74 -1.08 94.70
N LEU I 490 23.76 -0.44 95.85
CA LEU I 490 22.68 0.47 96.17
C LEU I 490 23.21 1.86 95.94
N ASN I 491 22.39 2.69 95.33
CA ASN I 491 22.81 4.05 95.02
C ASN I 491 23.56 4.15 93.71
N ALA I 492 23.64 3.04 93.00
CA ALA I 492 24.10 3.07 91.62
C ALA I 492 23.03 3.85 90.88
N ARG I 493 23.39 4.54 89.81
CA ARG I 493 22.43 5.44 89.16
C ARG I 493 21.87 4.85 87.90
N ILE I 494 20.55 4.81 87.78
CA ILE I 494 19.96 4.06 86.68
C ILE I 494 20.33 4.70 85.35
N THR I 495 20.29 3.90 84.29
CA THR I 495 20.67 4.35 82.95
C THR I 495 19.62 3.89 81.94
N HIS I 496 18.97 4.84 81.30
CA HIS I 496 17.99 4.49 80.29
C HIS I 496 18.65 4.24 78.98
N GLY I 497 19.97 4.43 78.97
CA GLY I 497 20.79 4.15 77.79
C GLY I 497 20.50 2.79 77.20
N VAL I 498 20.77 1.74 77.97
CA VAL I 498 20.59 0.38 77.47
C VAL I 498 19.28 -0.27 77.94
N SER I 499 18.64 -0.96 77.02
CA SER I 499 17.41 -1.67 77.26
C SER I 499 17.72 -3.00 77.95
N TYR I 500 16.74 -3.54 78.68
CA TYR I 500 16.91 -4.81 79.40
C TYR I 500 17.08 -6.02 78.48
N ASN I 501 16.27 -6.07 77.43
CA ASN I 501 16.31 -7.15 76.43
C ASN I 501 17.66 -7.31 75.72
N GLU I 502 18.58 -6.39 75.96
CA GLU I 502 19.96 -6.58 75.52
C GLU I 502 20.70 -7.57 76.44
N LEU I 503 20.35 -7.58 77.73
CA LEU I 503 20.96 -8.53 78.68
C LEU I 503 20.36 -9.91 78.46
N GLN I 504 19.12 -9.92 78.01
CA GLN I 504 18.50 -11.14 77.55
C GLN I 504 19.42 -11.83 76.53
N ARG I 505 20.10 -11.02 75.70
CA ARG I 505 20.91 -11.50 74.59
C ARG I 505 22.26 -12.11 74.96
N ILE I 506 22.97 -11.50 75.91
CA ILE I 506 24.36 -11.84 76.23
C ILE I 506 24.62 -13.32 76.61
N TYR I 507 24.12 -13.78 77.75
CA TYR I 507 24.33 -15.17 78.13
C TYR I 507 23.55 -16.16 77.26
N GLY I 508 24.01 -17.41 77.20
CA GLY I 508 23.30 -18.49 76.52
C GLY I 508 21.82 -18.63 76.88
N MET J 1 31.68 -3.34 92.55
CA MET J 1 32.03 -3.23 91.10
C MET J 1 33.53 -3.25 90.99
N SER J 2 34.13 -2.33 91.73
CA SER J 2 35.55 -2.33 91.95
C SER J 2 35.73 -3.54 92.82
N ASN J 3 36.97 -3.98 92.97
CA ASN J 3 37.19 -5.20 93.73
C ASN J 3 37.17 -6.44 92.86
N SER J 4 37.08 -6.20 91.55
CA SER J 4 37.39 -7.18 90.53
C SER J 4 38.87 -7.01 90.25
N ALA J 5 39.41 -7.73 89.28
CA ALA J 5 40.85 -7.65 89.05
C ALA J 5 41.23 -6.24 88.67
N ILE J 6 40.46 -5.59 87.82
CA ILE J 6 40.63 -4.18 87.51
C ILE J 6 39.29 -3.59 87.77
N PRO J 7 39.21 -2.40 88.34
CA PRO J 7 37.85 -1.98 88.68
C PRO J 7 37.07 -1.62 87.43
N LEU J 8 35.85 -2.14 87.35
CA LEU J 8 34.96 -1.86 86.22
C LEU J 8 33.98 -0.78 86.63
N ASN J 9 33.16 -0.32 85.69
CA ASN J 9 32.14 0.71 85.97
C ASN J 9 30.71 0.22 86.17
N VAL J 10 30.02 0.84 87.13
CA VAL J 10 28.63 0.49 87.48
C VAL J 10 27.58 1.18 86.63
N VAL J 11 26.47 0.49 86.39
CA VAL J 11 25.25 1.10 85.89
C VAL J 11 24.12 0.22 86.38
N ALA J 12 22.91 0.75 86.46
CA ALA J 12 21.78 -0.05 86.84
C ALA J 12 20.64 0.15 85.86
N VAL J 13 20.06 -0.95 85.38
CA VAL J 13 18.81 -0.87 84.60
C VAL J 13 17.66 -1.41 85.45
N GLN J 14 16.44 -1.02 85.10
CA GLN J 14 15.26 -1.51 85.79
C GLN J 14 14.78 -2.78 85.13
N GLU J 15 14.14 -3.65 85.91
CA GLU J 15 13.45 -4.83 85.38
C GLU J 15 12.51 -4.34 84.28
N PRO J 16 12.01 -5.20 83.42
CA PRO J 16 11.08 -4.71 82.39
C PRO J 16 9.82 -4.08 82.98
N ARG J 17 9.25 -4.67 84.02
CA ARG J 17 7.99 -4.19 84.60
C ARG J 17 8.06 -2.80 85.18
N LEU J 18 9.13 -2.48 85.88
CA LEU J 18 9.27 -1.18 86.48
C LEU J 18 9.87 -0.32 85.41
N GLU J 19 10.46 0.80 85.78
CA GLU J 19 11.00 1.67 84.77
C GLU J 19 9.90 2.57 84.25
N LEU J 20 8.87 2.70 85.04
CA LEU J 20 7.72 3.47 84.65
C LEU J 20 8.23 4.86 84.42
N ASN J 21 9.34 5.21 85.05
CA ASN J 21 9.94 6.51 84.78
C ASN J 21 11.03 6.49 83.70
N ASN J 22 10.89 7.41 82.75
CA ASN J 22 11.89 7.70 81.71
C ASN J 22 11.14 8.58 80.74
N GLU J 23 11.83 9.45 80.04
CA GLU J 23 11.16 10.50 79.29
C GLU J 23 10.44 9.92 78.08
N ARG J 24 9.10 10.05 78.06
CA ARG J 24 8.26 9.42 77.04
C ARG J 24 7.80 10.46 76.07
N THR J 25 8.07 10.25 74.78
CA THR J 25 7.77 11.29 73.78
C THR J 25 6.90 10.82 72.62
N TRP J 26 5.73 11.44 72.47
CA TRP J 26 4.84 11.15 71.36
C TRP J 26 5.59 11.37 70.07
N VAL J 27 5.31 10.55 69.05
CA VAL J 27 6.03 10.59 67.75
C VAL J 27 5.07 10.59 66.58
N VAL J 28 5.16 11.58 65.69
CA VAL J 28 4.34 11.59 64.47
C VAL J 28 5.09 11.03 63.24
N VAL J 29 4.61 9.92 62.70
CA VAL J 29 5.24 9.34 61.51
C VAL J 29 4.64 9.99 60.28
N LYS J 30 5.44 10.77 59.55
CA LYS J 30 4.92 11.37 58.33
C LYS J 30 5.61 10.78 57.12
N GLY J 31 4.79 10.34 56.16
CA GLY J 31 5.28 9.83 54.88
C GLY J 31 4.50 10.49 53.75
N GLY J 32 5.22 11.21 52.89
CA GLY J 32 4.65 12.04 51.81
C GLY J 32 3.44 11.45 51.12
N GLN J 33 2.43 12.30 50.91
CA GLN J 33 1.15 11.89 50.33
C GLN J 33 1.30 11.28 48.94
N GLN J 34 0.48 10.27 48.65
CA GLN J 34 0.32 9.81 47.28
C GLN J 34 1.03 8.53 46.86
N VAL J 35 1.46 7.69 47.80
CA VAL J 35 2.04 6.37 47.44
C VAL J 35 1.12 5.63 46.47
N THR J 36 1.65 5.25 45.32
CA THR J 36 0.80 4.75 44.24
C THR J 36 1.53 3.72 43.38
N TYR J 37 0.78 2.83 42.73
CA TYR J 37 1.37 1.79 41.90
C TYR J 37 0.88 1.85 40.47
N TYR J 38 1.80 1.78 39.51
CA TYR J 38 1.43 1.74 38.11
C TYR J 38 1.96 0.46 37.54
N PRO J 39 1.28 -0.07 36.54
CA PRO J 39 1.81 -1.27 35.89
C PRO J 39 2.31 -0.97 34.49
N PHE J 40 3.45 -1.53 34.07
CA PHE J 40 3.94 -1.27 32.71
C PHE J 40 3.96 -2.50 31.81
N PRO J 41 2.86 -2.76 31.08
CA PRO J 41 2.90 -3.89 30.19
C PRO J 41 4.13 -3.79 29.29
N SER J 42 4.88 -4.87 29.20
CA SER J 42 6.14 -4.87 28.51
C SER J 42 5.95 -4.67 27.03
N THR J 43 6.69 -3.73 26.47
CA THR J 43 6.76 -3.58 25.03
C THR J 43 7.62 -4.69 24.48
N SER J 44 7.35 -5.16 23.27
CA SER J 44 8.30 -6.09 22.67
C SER J 44 8.67 -7.32 23.49
N PHE J 45 7.68 -8.03 23.99
CA PHE J 45 7.91 -9.21 24.79
C PHE J 45 7.83 -10.44 23.93
N SER J 46 8.85 -11.29 23.99
CA SER J 46 8.91 -12.50 23.18
C SER J 46 9.66 -13.58 23.92
N SER J 47 9.54 -14.81 23.45
CA SER J 47 10.09 -15.95 24.16
C SER J 47 11.53 -15.68 24.52
N ASN J 48 12.23 -15.03 23.62
CA ASN J 48 13.64 -14.79 23.80
C ASN J 48 13.96 -13.63 24.72
N GLN J 49 13.09 -12.63 24.75
CA GLN J 49 13.35 -11.40 25.49
C GLN J 49 12.08 -10.80 26.06
N PHE J 50 12.12 -10.32 27.32
CA PHE J 50 11.16 -9.30 27.84
C PHE J 50 11.79 -7.93 27.94
N ASN J 51 11.01 -6.89 27.70
CA ASN J 51 11.54 -5.56 27.80
C ASN J 51 10.52 -4.50 28.19
N PHE J 52 10.68 -3.97 29.40
CA PHE J 52 9.82 -2.90 29.90
C PHE J 52 10.56 -1.58 29.91
N ILE J 53 9.93 -0.54 29.38
CA ILE J 53 10.51 0.79 29.49
C ILE J 53 9.49 1.70 30.14
N CYS J 54 9.84 2.20 31.31
CA CYS J 54 8.92 2.98 32.11
C CYS J 54 9.57 4.29 32.55
N ASN J 55 8.79 5.34 32.62
CA ASN J 55 9.30 6.62 33.08
C ASN J 55 8.55 7.14 34.29
N PRO J 56 9.30 7.61 35.28
CA PRO J 56 8.71 8.17 36.47
C PRO J 56 7.89 9.34 36.02
N PRO J 57 6.74 9.56 36.65
CA PRO J 57 5.85 10.62 36.20
C PRO J 57 6.52 11.97 36.32
N SER J 58 7.24 12.20 37.41
CA SER J 58 7.97 13.44 37.59
C SER J 58 9.17 13.27 38.50
N ALA J 59 10.11 14.21 38.42
CA ALA J 59 11.19 14.28 39.38
C ALA J 59 10.55 14.68 40.70
N GLN J 60 11.16 14.33 41.81
CA GLN J 60 10.56 14.57 43.11
C GLN J 60 9.69 13.42 43.59
N THR J 61 9.68 12.32 42.84
CA THR J 61 9.05 11.10 43.30
C THR J 61 10.12 10.07 43.56
N VAL J 62 10.11 9.45 44.72
CA VAL J 62 11.08 8.40 45.03
C VAL J 62 10.56 7.05 44.56
N LEU J 63 11.42 6.26 43.95
CA LEU J 63 10.98 4.96 43.50
C LEU J 63 11.17 4.00 44.64
N ASP J 64 10.11 3.29 45.00
CA ASP J 64 10.20 2.20 45.98
C ASP J 64 11.14 1.08 45.50
N ARG J 65 11.83 0.44 46.44
CA ARG J 65 12.85 -0.55 46.11
C ARG J 65 12.32 -1.83 45.53
N LEU J 66 11.30 -2.40 46.16
CA LEU J 66 10.68 -3.66 45.73
C LEU J 66 9.96 -3.58 44.37
N VAL J 67 10.49 -4.29 43.38
CA VAL J 67 9.91 -4.31 42.02
C VAL J 67 9.62 -5.76 41.69
N PHE J 68 8.63 -6.05 40.86
CA PHE J 68 8.42 -7.43 40.45
C PHE J 68 7.59 -7.51 39.19
N ILE J 69 7.76 -8.60 38.44
CA ILE J 69 7.09 -8.75 37.16
C ILE J 69 6.23 -10.00 37.15
N GLN J 70 4.93 -9.84 36.90
CA GLN J 70 4.03 -11.00 36.87
C GLN J 70 3.83 -11.44 35.44
N VAL J 71 4.06 -12.73 35.18
CA VAL J 71 4.12 -13.19 33.80
C VAL J 71 3.17 -14.35 33.52
N PRO J 72 1.97 -14.06 32.98
CA PRO J 72 1.00 -15.16 32.77
C PRO J 72 1.50 -16.02 31.61
N TYR J 73 1.17 -17.31 31.61
CA TYR J 73 1.82 -18.27 30.69
C TYR J 73 0.93 -19.41 30.20
N ASP J 74 1.55 -20.42 29.59
CA ASP J 74 0.84 -21.59 29.08
C ASP J 74 1.82 -22.72 28.70
N ILE J 75 1.63 -23.91 29.28
CA ILE J 75 2.47 -25.08 29.00
C ILE J 75 1.63 -26.20 28.44
N THR J 76 2.21 -27.04 27.56
CA THR J 76 1.51 -28.26 27.08
C THR J 76 2.46 -29.47 27.02
N PHE J 77 2.09 -30.57 27.66
CA PHE J 77 2.91 -31.80 27.67
C PHE J 77 2.41 -32.81 26.63
N THR J 78 3.24 -33.79 26.30
CA THR J 78 2.84 -34.85 25.36
C THR J 78 3.60 -36.18 25.59
N ALA J 79 2.88 -37.31 25.53
CA ALA J 79 3.47 -38.63 25.84
C ALA J 79 4.46 -39.09 24.79
N ASN J 80 5.70 -39.35 25.21
CA ASN J 80 6.75 -39.83 24.29
C ASN J 80 6.48 -41.24 23.75
N PRO J 81 6.74 -41.45 22.46
CA PRO J 81 6.68 -42.83 21.98
C PRO J 81 8.02 -43.55 22.25
N SER J 82 8.02 -44.78 22.76
CA SER J 82 6.82 -45.59 22.96
C SER J 82 6.99 -46.63 24.07
N HIS J 83 7.84 -46.37 25.07
CA HIS J 83 7.96 -47.29 26.23
C HIS J 83 6.60 -47.58 26.78
N ALA J 84 5.71 -46.62 26.56
CA ALA J 84 4.35 -46.57 27.08
C ALA J 84 3.38 -47.54 26.35
N GLY J 85 2.18 -47.73 26.90
CA GLY J 85 1.75 -47.03 28.11
C GLY J 85 2.56 -47.38 29.35
N ILE J 86 2.85 -46.38 30.17
CA ILE J 86 2.38 -45.01 29.97
C ILE J 86 1.11 -44.64 30.71
N THR J 87 0.51 -45.59 31.42
CA THR J 87 -0.59 -45.28 32.32
C THR J 87 -0.12 -44.58 33.60
N GLU J 88 -0.96 -43.73 34.18
CA GLU J 88 -2.25 -43.41 33.58
C GLU J 88 -2.33 -42.06 32.83
N ASN J 89 -1.65 -41.02 33.31
CA ASN J 89 -1.94 -39.68 32.71
C ASN J 89 -0.62 -39.06 33.15
N LEU J 90 0.11 -38.46 32.20
CA LEU J 90 1.45 -37.91 32.45
C LEU J 90 1.55 -37.32 33.85
N LEU J 91 0.61 -36.43 34.16
CA LEU J 91 0.68 -35.69 35.39
C LEU J 91 0.18 -36.51 36.58
N GLN J 92 0.98 -36.54 37.64
CA GLN J 92 0.72 -37.31 38.86
C GLN J 92 0.75 -36.38 40.08
N PRO J 93 0.11 -36.76 41.20
CA PRO J 93 0.11 -35.87 42.39
C PRO J 93 1.47 -35.68 43.08
N GLY J 94 2.28 -36.73 43.17
CA GLY J 94 3.57 -36.60 43.82
C GLY J 94 4.63 -36.07 42.87
N ARG J 95 4.52 -36.45 41.61
CA ARG J 95 5.67 -36.50 40.72
C ARG J 95 6.19 -35.23 40.05
N ASP J 96 5.40 -34.15 39.99
CA ASP J 96 5.86 -32.96 39.23
C ASP J 96 5.26 -31.58 39.53
N ALA J 97 6.15 -30.61 39.65
CA ALA J 97 5.83 -29.25 40.06
C ALA J 97 6.67 -28.25 39.24
N PHE J 98 6.57 -26.97 39.56
CA PHE J 98 7.55 -25.99 39.08
C PHE J 98 8.89 -26.23 39.77
N ARG J 99 9.99 -25.85 39.10
CA ARG J 99 11.30 -25.76 39.74
C ARG J 99 11.26 -24.49 40.60
N ALA J 100 12.13 -24.38 41.60
CA ALA J 100 12.17 -23.15 42.41
C ALA J 100 13.47 -22.37 42.21
N PHE J 101 13.44 -21.14 41.68
CA PHE J 101 12.26 -20.37 41.32
C PHE J 101 12.13 -20.40 39.81
N PRO J 102 10.91 -20.57 39.28
CA PRO J 102 10.73 -21.01 37.91
C PRO J 102 11.17 -20.01 36.86
N ILE J 103 10.91 -18.72 37.08
CA ILE J 103 11.22 -17.71 36.05
C ILE J 103 12.68 -17.26 36.07
N SER J 104 13.21 -17.02 37.25
CA SER J 104 14.59 -16.57 37.35
C SER J 104 15.59 -17.66 36.96
N SER J 105 15.24 -18.92 37.16
CA SER J 105 16.16 -20.00 36.83
C SER J 105 16.22 -20.22 35.31
N ILE J 106 15.30 -19.57 34.59
CA ILE J 106 15.29 -19.63 33.14
C ILE J 106 15.93 -18.41 32.47
N THR J 107 15.83 -17.26 33.11
CA THR J 107 16.51 -16.04 32.68
C THR J 107 18.01 -16.27 32.57
N ASN J 108 18.56 -15.95 31.41
CA ASN J 108 19.97 -16.03 31.20
C ASN J 108 20.62 -14.80 31.81
N THR J 109 20.01 -13.65 31.58
CA THR J 109 20.52 -12.38 32.08
C THR J 109 19.42 -11.36 32.36
N LEU J 110 19.61 -10.57 33.40
CA LEU J 110 18.69 -9.49 33.74
C LEU J 110 19.39 -8.15 33.71
N ASN J 111 19.42 -7.52 32.55
CA ASN J 111 19.98 -6.21 32.46
C ASN J 111 18.95 -5.13 32.83
N ALA J 112 19.33 -4.15 33.67
CA ALA J 112 18.41 -3.08 34.09
C ALA J 112 19.10 -1.73 34.36
N THR J 113 18.77 -0.70 33.59
CA THR J 113 19.54 0.57 33.62
C THR J 113 18.87 1.81 34.23
N ILE J 114 19.46 2.36 35.29
CA ILE J 114 18.90 3.55 35.96
C ILE J 114 19.52 4.86 35.48
N ASN J 115 18.69 5.77 35.03
CA ASN J 115 19.14 7.10 34.63
C ASN J 115 20.18 7.11 33.50
N GLY J 116 20.32 6.00 32.78
CA GLY J 116 21.32 5.91 31.71
C GLY J 116 22.43 4.88 31.93
N PHE J 117 22.95 4.81 33.16
CA PHE J 117 24.06 3.93 33.48
C PHE J 117 23.61 2.50 33.71
N PRO J 118 24.10 1.55 32.90
CA PRO J 118 23.60 0.16 32.93
C PRO J 118 24.13 -0.69 34.09
N VAL J 119 23.30 -1.61 34.58
CA VAL J 119 23.60 -2.46 35.74
C VAL J 119 23.14 -3.85 35.34
N ASN J 120 23.81 -4.91 35.76
CA ASN J 120 23.26 -6.23 35.43
C ASN J 120 23.74 -7.41 36.26
N ILE J 121 22.88 -8.40 36.38
CA ILE J 121 23.20 -9.65 37.04
C ILE J 121 23.19 -10.76 35.99
N GLU J 122 23.86 -11.87 36.27
CA GLU J 122 23.80 -13.01 35.36
C GLU J 122 22.86 -14.10 35.91
N LEU J 123 21.62 -13.68 36.17
CA LEU J 123 20.70 -14.41 37.04
C LEU J 123 20.75 -15.92 37.01
N ALA J 124 20.70 -16.50 35.82
CA ALA J 124 20.62 -17.95 35.62
C ALA J 124 21.38 -18.77 36.66
N GLN J 125 22.70 -18.67 36.66
CA GLN J 125 23.54 -19.46 37.54
C GLN J 125 23.47 -19.00 38.97
N ILE J 126 23.90 -17.77 39.21
CA ILE J 126 24.01 -17.25 40.56
C ILE J 126 22.88 -17.70 41.51
N ILE J 127 21.64 -17.67 41.04
CA ILE J 127 20.47 -17.73 41.94
C ILE J 127 20.37 -18.90 42.91
N HIS J 128 20.69 -20.10 42.45
CA HIS J 128 20.42 -21.27 43.27
C HIS J 128 21.30 -21.46 44.47
N ALA J 129 22.54 -20.99 44.36
CA ALA J 129 23.45 -20.98 45.47
C ALA J 129 23.10 -19.85 46.45
N LEU J 130 22.73 -18.68 45.93
CA LEU J 130 22.46 -17.49 46.74
C LEU J 130 21.11 -17.53 47.46
N SER J 131 20.20 -18.39 46.99
CA SER J 131 18.92 -18.60 47.65
C SER J 131 19.00 -19.19 49.07
N ARG J 132 19.87 -20.18 49.27
CA ARG J 132 20.07 -20.82 50.58
C ARG J 132 20.71 -19.89 51.60
N TYR J 133 21.61 -19.04 51.13
CA TYR J 133 22.56 -18.32 51.98
C TYR J 133 22.09 -17.16 52.86
N HIS J 134 20.97 -16.56 52.52
CA HIS J 134 20.39 -15.56 53.40
C HIS J 134 18.91 -15.82 53.59
N THR J 135 18.36 -15.28 54.67
CA THR J 135 16.97 -15.48 55.03
C THR J 135 16.79 -16.49 56.16
N PRO J 136 15.67 -16.37 56.85
CA PRO J 136 15.35 -17.23 57.98
C PRO J 136 13.88 -17.55 57.92
N LEU J 137 13.47 -18.67 58.51
CA LEU J 137 12.08 -19.07 58.34
C LEU J 137 11.17 -17.85 58.24
N LYS J 138 11.54 -16.77 58.92
CA LYS J 138 10.78 -15.54 58.83
C LYS J 138 10.69 -14.98 57.41
N VAL J 139 11.81 -14.56 56.84
CA VAL J 139 11.78 -14.04 55.47
C VAL J 139 11.19 -15.02 54.49
N LYS J 140 11.54 -16.29 54.61
CA LYS J 140 11.04 -17.28 53.66
C LYS J 140 9.55 -17.12 53.42
N ASN J 141 8.78 -16.93 54.48
CA ASN J 141 7.33 -16.80 54.37
C ASN J 141 6.79 -15.41 54.02
N GLY J 142 7.70 -14.43 53.89
CA GLY J 142 7.36 -13.05 53.53
C GLY J 142 7.30 -12.83 52.04
N TRP J 143 8.25 -12.07 51.49
CA TRP J 143 8.20 -11.78 50.06
C TRP J 143 8.66 -12.94 49.24
N MET J 144 9.48 -13.79 49.80
CA MET J 144 10.02 -14.88 48.99
C MET J 144 8.94 -15.88 48.70
N SER J 145 7.71 -15.55 49.01
CA SER J 145 6.63 -16.50 48.91
C SER J 145 5.98 -16.52 47.56
N MET J 146 6.27 -15.53 46.71
CA MET J 146 5.50 -15.41 45.48
C MET J 146 5.85 -16.37 44.33
N GLN J 147 7.12 -16.72 44.12
CA GLN J 147 7.45 -17.81 43.17
C GLN J 147 7.45 -19.09 43.99
N PRO J 148 7.24 -20.24 43.34
CA PRO J 148 7.55 -21.52 44.01
C PRO J 148 8.93 -21.45 44.69
N SER J 149 9.02 -21.84 45.97
CA SER J 149 10.19 -21.47 46.76
C SER J 149 10.81 -22.51 47.70
N PHE J 150 10.21 -23.69 47.81
CA PHE J 150 10.81 -24.74 48.62
C PHE J 150 11.99 -25.33 47.87
N GLU J 151 13.19 -24.91 48.25
CA GLU J 151 14.41 -25.30 47.55
C GLU J 151 14.75 -26.77 47.76
N ASP J 152 15.32 -27.40 46.73
CA ASP J 152 15.47 -28.86 46.71
C ASP J 152 16.54 -29.43 47.66
N ASN J 153 16.12 -30.45 48.39
CA ASN J 153 16.99 -31.18 49.28
C ASN J 153 17.55 -32.39 48.57
N TYR J 154 16.68 -33.33 48.22
CA TYR J 154 17.06 -34.64 47.73
C TYR J 154 17.92 -34.65 46.47
N GLN J 155 18.92 -35.52 46.48
CA GLN J 155 19.92 -35.62 45.40
C GLN J 155 19.38 -36.14 44.08
N SER J 156 18.30 -36.90 44.15
CA SER J 156 17.53 -37.22 42.97
C SER J 156 16.09 -37.37 43.42
N TYR J 157 15.17 -36.75 42.72
CA TYR J 157 13.76 -36.85 43.07
C TYR J 157 13.32 -38.29 43.25
N ARG J 158 13.84 -39.18 42.41
CA ARG J 158 13.33 -40.54 42.33
C ARG J 158 12.98 -41.14 43.70
N ASP J 159 13.92 -41.09 44.63
CA ASP J 159 13.69 -41.67 45.94
C ASP J 159 12.75 -40.83 46.81
N ALA J 160 12.68 -39.51 46.56
CA ALA J 160 12.04 -38.57 47.49
C ALA J 160 10.58 -38.90 47.90
N ASP J 161 9.85 -39.62 47.05
CA ASP J 161 8.47 -40.02 47.34
C ASP J 161 8.42 -41.16 48.36
N GLY J 162 7.45 -41.13 49.26
CA GLY J 162 6.65 -39.96 49.51
C GLY J 162 6.97 -39.62 50.94
N ALA J 163 7.36 -38.37 51.18
CA ALA J 163 7.84 -37.94 52.47
C ALA J 163 7.27 -36.59 52.81
N ASN J 164 7.28 -36.23 54.08
CA ASN J 164 6.78 -34.94 54.47
C ASN J 164 7.59 -33.87 53.77
N ASN J 165 8.89 -34.11 53.63
CA ASN J 165 9.77 -33.11 53.08
C ASN J 165 9.99 -33.16 51.57
N ASN J 166 9.31 -34.05 50.87
CA ASN J 166 9.55 -34.10 49.43
C ASN J 166 9.07 -32.83 48.70
N PRO J 167 9.96 -32.19 47.90
CA PRO J 167 9.79 -30.83 47.38
C PRO J 167 8.66 -30.68 46.38
N LEU J 168 8.37 -31.72 45.60
CA LEU J 168 7.17 -31.69 44.75
C LEU J 168 6.04 -32.43 45.46
N GLY J 169 5.50 -31.80 46.49
CA GLY J 169 4.34 -32.36 47.19
C GLY J 169 3.13 -31.46 47.02
N VAL J 170 1.97 -31.98 47.42
CA VAL J 170 0.74 -31.21 47.37
C VAL J 170 0.63 -30.36 48.63
N PHE J 171 -0.32 -29.42 48.67
CA PHE J 171 -0.44 -28.52 49.84
C PHE J 171 -0.70 -29.28 51.13
N THR J 172 -1.51 -30.32 51.01
CA THR J 172 -1.70 -31.28 52.10
C THR J 172 -0.38 -32.02 52.25
N SER J 173 0.09 -32.16 53.48
CA SER J 173 1.39 -32.80 53.78
C SER J 173 2.52 -31.82 54.08
N ALA J 174 2.16 -30.58 54.42
CA ALA J 174 3.16 -29.59 54.76
C ALA J 174 2.75 -28.91 56.04
N ALA J 175 3.50 -29.17 57.12
CA ALA J 175 3.18 -28.68 58.48
C ALA J 175 2.96 -27.17 58.56
N GLY J 176 1.98 -26.76 59.37
CA GLY J 176 1.61 -25.35 59.55
C GLY J 176 2.77 -24.39 59.80
N LEU J 177 2.79 -23.30 59.04
CA LEU J 177 3.82 -22.26 59.14
C LEU J 177 5.20 -22.73 58.68
N SER J 178 5.20 -23.63 57.70
CA SER J 178 6.44 -24.10 57.05
C SER J 178 6.44 -23.74 55.55
N GLU J 179 7.62 -23.86 54.93
CA GLU J 179 7.73 -23.74 53.48
C GLU J 179 6.98 -24.90 52.82
N LEU J 180 5.74 -24.63 52.39
CA LEU J 180 4.93 -25.60 51.64
C LEU J 180 5.62 -26.04 50.32
N PRO J 181 5.57 -27.34 49.99
CA PRO J 181 6.29 -27.84 48.82
C PRO J 181 5.80 -27.17 47.54
N ARG J 182 6.52 -27.35 46.44
CA ARG J 182 6.29 -26.61 45.20
C ARG J 182 5.01 -26.93 44.44
N GLY J 183 4.48 -28.15 44.63
CA GLY J 183 3.20 -28.53 44.02
C GLY J 183 2.03 -27.70 44.56
N SER J 184 2.27 -26.98 45.63
CA SER J 184 1.25 -26.16 46.27
C SER J 184 0.92 -24.87 45.50
N TYR J 185 1.61 -24.61 44.40
CA TYR J 185 1.28 -23.45 43.57
C TYR J 185 -0.03 -23.71 42.86
N THR J 186 -0.71 -22.65 42.43
CA THR J 186 -1.96 -22.85 41.72
C THR J 186 -1.91 -22.47 40.25
N MET J 187 -2.05 -23.45 39.37
CA MET J 187 -2.30 -23.20 37.97
C MET J 187 -3.34 -24.19 37.50
N ASN J 188 -4.41 -23.71 36.88
CA ASN J 188 -5.53 -24.56 36.57
C ASN J 188 -5.12 -25.63 35.60
N VAL J 189 -5.62 -26.84 35.78
CA VAL J 189 -5.37 -27.83 34.75
C VAL J 189 -6.60 -27.90 33.83
N VAL J 190 -6.49 -27.32 32.63
CA VAL J 190 -7.60 -27.36 31.66
C VAL J 190 -7.84 -28.79 31.23
N THR J 191 -6.76 -29.54 31.04
CA THR J 191 -6.85 -30.95 30.70
C THR J 191 -5.70 -31.76 31.29
N ASN J 192 -6.03 -32.95 31.77
CA ASN J 192 -5.03 -33.96 32.04
C ASN J 192 -5.69 -35.31 31.79
N THR J 193 -5.37 -35.89 30.64
CA THR J 193 -5.80 -37.25 30.34
C THR J 193 -4.53 -38.06 30.18
N THR J 194 -4.67 -39.33 29.78
CA THR J 194 -3.48 -40.03 29.30
C THR J 194 -3.08 -39.44 27.94
N THR J 195 -1.77 -39.38 27.71
CA THR J 195 -1.16 -38.89 26.45
C THR J 195 -1.19 -37.39 26.14
N THR J 196 -1.86 -36.57 26.96
CA THR J 196 -1.86 -35.10 26.75
C THR J 196 -2.25 -34.31 27.99
N ALA J 197 -1.45 -33.30 28.33
CA ALA J 197 -1.80 -32.38 29.40
C ALA J 197 -1.65 -30.95 28.93
N ARG J 198 -2.20 -30.00 29.69
CA ARG J 198 -2.10 -28.60 29.34
C ARG J 198 -2.56 -27.77 30.52
N ILE J 199 -1.65 -26.99 31.08
CA ILE J 199 -1.97 -26.19 32.25
C ILE J 199 -1.79 -24.70 31.92
N THR J 200 -2.27 -23.83 32.80
CA THR J 200 -2.32 -22.39 32.54
C THR J 200 -2.36 -21.65 33.86
N GLY J 201 -1.61 -20.58 34.00
CA GLY J 201 -1.70 -19.78 35.22
C GLY J 201 -1.00 -18.45 35.14
N VAL J 202 -0.69 -17.89 36.29
CA VAL J 202 0.04 -16.63 36.35
C VAL J 202 1.02 -16.67 37.51
N LEU J 203 2.32 -16.56 37.21
CA LEU J 203 3.35 -16.63 38.23
C LEU J 203 4.21 -15.38 38.31
N TYR J 204 4.54 -15.00 39.54
CA TYR J 204 5.32 -13.80 39.81
C TYR J 204 6.73 -14.16 40.12
N GLU J 205 7.65 -13.39 39.55
CA GLU J 205 9.06 -13.52 39.86
C GLU J 205 9.49 -12.14 40.23
N GLN J 206 10.06 -11.99 41.41
CA GLN J 206 10.59 -10.68 41.72
C GLN J 206 12.01 -10.51 41.16
N VAL J 207 12.29 -9.35 40.61
CA VAL J 207 13.55 -9.13 39.95
C VAL J 207 14.64 -8.81 40.96
N PHE J 208 15.64 -9.69 41.01
CA PHE J 208 16.70 -9.71 42.01
C PHE J 208 17.78 -8.63 42.14
N LEU J 209 18.25 -8.11 41.02
CA LEU J 209 19.49 -7.34 41.01
C LEU J 209 19.43 -6.13 41.90
N PRO J 210 20.51 -5.87 42.63
CA PRO J 210 20.66 -4.69 43.47
C PRO J 210 20.89 -3.48 42.59
N PRO J 211 20.53 -2.28 43.02
CA PRO J 211 20.04 -1.97 44.35
C PRO J 211 18.71 -2.60 44.74
N PHE J 212 17.86 -2.94 43.79
CA PHE J 212 16.55 -3.43 44.16
C PHE J 212 16.74 -4.64 45.06
N LEU J 213 15.92 -4.71 46.10
CA LEU J 213 16.13 -5.68 47.16
C LEU J 213 15.00 -6.69 47.35
N TRP J 214 15.37 -7.96 47.43
CA TRP J 214 14.45 -9.07 47.65
C TRP J 214 14.14 -9.28 49.09
N ASP J 215 15.15 -9.23 49.96
CA ASP J 215 14.99 -9.38 51.42
C ASP J 215 14.05 -8.34 52.07
N GLY J 216 13.32 -8.75 53.12
CA GLY J 216 12.23 -7.95 53.71
C GLY J 216 12.51 -6.67 54.50
N GLU J 217 13.57 -5.95 54.14
CA GLU J 217 14.12 -4.91 55.02
C GLU J 217 13.78 -3.44 54.76
N GLN J 218 13.56 -3.09 53.51
CA GLN J 218 13.15 -1.74 53.17
C GLN J 218 14.35 -0.85 53.23
N ALA J 219 14.15 0.44 53.05
CA ALA J 219 15.24 1.36 53.10
C ALA J 219 14.95 2.44 52.10
N GLY J 220 15.88 3.37 51.94
CA GLY J 220 15.60 4.49 51.06
C GLY J 220 15.35 4.01 49.66
N GLY J 221 14.37 4.64 49.01
CA GLY J 221 14.12 4.41 47.59
C GLY J 221 14.86 5.43 46.74
N LEU J 222 15.36 4.98 45.60
CA LEU J 222 16.20 5.81 44.73
C LEU J 222 15.48 6.90 43.90
N ALA J 223 15.11 7.99 44.55
CA ALA J 223 14.83 9.22 43.84
C ALA J 223 16.22 9.75 43.55
N ASN J 224 16.45 10.50 42.49
CA ASN J 224 15.45 11.04 41.59
C ASN J 224 15.72 10.68 40.14
N LEU J 225 15.01 9.67 39.66
CA LEU J 225 15.21 9.16 38.32
C LEU J 225 14.56 10.07 37.30
N THR J 226 15.11 10.06 36.10
CA THR J 226 14.51 10.73 34.92
C THR J 226 14.04 9.69 33.90
N SER J 227 14.70 8.54 33.89
CA SER J 227 14.30 7.41 33.07
C SER J 227 14.73 6.11 33.76
N LEU J 228 14.19 5.00 33.28
CA LEU J 228 14.41 3.70 33.88
C LEU J 228 13.99 2.67 32.85
N THR J 229 14.61 1.49 32.89
CA THR J 229 14.26 0.42 31.97
C THR J 229 14.63 -0.90 32.58
N PHE J 230 13.99 -1.96 32.12
CA PHE J 230 14.33 -3.31 32.51
C PHE J 230 14.29 -4.17 31.30
N ASN J 231 15.19 -5.14 31.23
CA ASN J 231 15.18 -6.09 30.14
C ASN J 231 15.70 -7.44 30.61
N TRP J 232 15.18 -8.52 30.07
CA TRP J 232 15.70 -9.84 30.37
C TRP J 232 15.89 -10.55 29.07
N VAL J 233 16.92 -11.39 28.96
CA VAL J 233 16.96 -12.29 27.81
C VAL J 233 16.88 -13.69 28.40
N LEU J 234 16.22 -14.61 27.72
CA LEU J 234 16.02 -15.90 28.36
C LEU J 234 16.77 -17.02 27.66
N ASN J 235 17.38 -17.89 28.45
CA ASN J 235 18.16 -18.95 27.86
C ASN J 235 17.16 -19.67 27.02
N ASN J 236 17.57 -20.01 25.81
CA ASN J 236 16.66 -20.50 24.80
C ASN J 236 16.00 -21.79 25.18
N ASN J 237 16.74 -22.66 25.85
CA ASN J 237 16.23 -24.01 26.08
C ASN J 237 14.81 -24.07 26.64
N LEU J 238 14.57 -23.35 27.74
CA LEU J 238 13.23 -23.00 28.21
C LEU J 238 12.36 -24.16 28.67
N ALA J 239 12.89 -25.38 28.64
CA ALA J 239 12.16 -26.54 29.15
C ALA J 239 12.50 -26.73 30.62
N ARG J 240 13.66 -26.20 31.02
CA ARG J 240 14.10 -26.21 32.41
C ARG J 240 12.98 -25.83 33.38
N ILE J 241 12.11 -24.92 32.96
CA ILE J 241 11.15 -24.28 33.85
C ILE J 241 10.37 -25.25 34.71
N TRP J 242 10.15 -26.45 34.17
CA TRP J 242 9.33 -27.46 34.83
C TRP J 242 10.17 -28.51 35.52
N SER J 243 9.74 -28.91 36.70
CA SER J 243 10.51 -29.85 37.48
C SER J 243 9.74 -31.14 37.68
N HIS J 244 10.31 -32.25 37.21
CA HIS J 244 9.59 -33.50 37.13
C HIS J 244 10.36 -34.58 37.83
N SER J 245 9.77 -35.75 38.05
CA SER J 245 10.48 -36.82 38.74
C SER J 245 10.68 -38.05 37.88
N ASP J 246 11.55 -38.96 38.34
CA ASP J 246 11.95 -40.12 37.56
C ASP J 246 11.18 -41.42 37.89
N ILE J 247 10.61 -41.48 39.08
CA ILE J 247 9.99 -42.73 39.59
C ILE J 247 9.00 -43.40 38.62
N THR J 248 8.32 -42.61 37.80
CA THR J 248 7.35 -43.13 36.83
C THR J 248 8.00 -43.60 35.53
N ASN J 249 9.21 -43.10 35.29
CA ASN J 249 9.87 -43.17 33.99
C ASN J 249 10.43 -44.55 33.65
N ASP J 250 11.10 -45.22 34.56
CA ASP J 250 11.35 -46.65 34.35
C ASP J 250 12.61 -47.09 33.61
N VAL J 251 12.70 -48.41 33.42
CA VAL J 251 13.94 -49.15 33.17
C VAL J 251 14.72 -48.80 31.91
N SER J 252 14.04 -48.59 30.81
CA SER J 252 14.75 -48.10 29.65
C SER J 252 14.81 -46.61 29.89
N GLY J 253 16.01 -46.04 29.83
CA GLY J 253 16.16 -44.62 30.10
C GLY J 253 15.01 -43.70 29.70
N ASN J 254 14.16 -44.15 28.77
CA ASN J 254 13.16 -43.29 28.06
C ASN J 254 11.92 -42.79 28.82
N SER J 255 11.74 -41.47 28.79
CA SER J 255 10.85 -40.71 29.69
C SER J 255 9.40 -40.50 29.23
N THR J 256 8.46 -40.75 30.13
CA THR J 256 7.04 -40.58 29.83
C THR J 256 6.69 -39.20 29.24
N ILE J 257 7.38 -38.16 29.70
CA ILE J 257 6.93 -36.77 29.48
C ILE J 257 7.36 -36.10 28.19
N GLY J 258 8.48 -36.52 27.60
CA GLY J 258 9.03 -35.82 26.42
C GLY J 258 8.08 -35.78 25.23
N SER J 259 7.76 -34.60 24.68
CA SER J 259 8.28 -33.28 25.11
C SER J 259 7.17 -32.25 25.43
N MET J 260 7.50 -30.95 25.39
CA MET J 260 6.58 -29.89 25.83
C MET J 260 6.80 -28.51 25.19
N ASN J 261 5.75 -27.70 25.13
CA ASN J 261 5.78 -26.39 24.49
C ASN J 261 5.21 -25.29 25.37
N ILE J 262 6.10 -24.42 25.85
CA ILE J 262 5.76 -23.30 26.73
C ILE J 262 5.53 -22.06 25.87
N SER J 263 4.48 -21.31 26.15
CA SER J 263 4.34 -19.99 25.56
C SER J 263 4.21 -18.96 26.68
N PHE J 264 4.12 -17.69 26.35
CA PHE J 264 3.88 -16.67 27.37
C PHE J 264 2.78 -15.71 26.93
N GLN J 265 2.34 -14.83 27.82
CA GLN J 265 1.48 -13.71 27.44
C GLN J 265 2.08 -12.41 27.97
N GLN J 266 1.74 -11.28 27.33
CA GLN J 266 2.44 -10.02 27.60
C GLN J 266 2.45 -9.65 29.10
N PRO J 267 3.62 -9.72 29.75
CA PRO J 267 3.69 -9.54 31.18
C PRO J 267 3.82 -8.07 31.53
N SER J 268 3.68 -7.72 32.81
CA SER J 268 3.92 -6.33 33.26
C SER J 268 4.80 -6.24 34.50
N MET J 269 5.76 -5.32 34.48
CA MET J 269 6.47 -4.92 35.69
C MET J 269 5.48 -4.16 36.57
N TYR J 270 5.69 -4.13 37.89
CA TYR J 270 4.78 -3.41 38.81
C TYR J 270 5.47 -2.58 39.87
N LEU J 271 6.03 -1.43 39.49
CA LEU J 271 6.78 -0.65 40.46
C LEU J 271 6.02 0.59 40.85
N GLY J 272 6.25 1.08 42.07
CA GLY J 272 5.44 2.17 42.62
C GLY J 272 6.16 3.33 43.27
N PHE J 273 5.67 4.54 43.01
CA PHE J 273 6.39 5.78 43.33
C PHE J 273 5.76 6.61 44.44
N VAL J 274 6.41 6.69 45.59
CA VAL J 274 6.01 7.64 46.63
C VAL J 274 6.35 9.03 46.13
N THR J 275 5.52 10.02 46.40
CA THR J 275 5.91 11.41 46.10
C THR J 275 5.91 12.32 47.33
N PRO J 276 7.09 12.78 47.78
CA PRO J 276 7.21 13.39 49.10
C PRO J 276 6.48 14.72 49.13
N ARG J 277 6.11 15.14 50.35
CA ARG J 277 5.25 16.32 50.59
C ARG J 277 6.04 17.61 50.72
N LEU J 278 5.45 18.71 50.26
CA LEU J 278 6.15 20.00 50.10
C LEU J 278 6.80 20.57 51.35
N ASN J 279 6.41 20.08 52.52
CA ASN J 279 7.00 20.52 53.78
C ASN J 279 8.48 20.17 53.83
N ILE J 280 8.78 18.89 53.94
CA ILE J 280 10.16 18.39 53.87
C ILE J 280 10.64 18.40 52.43
N PRO J 281 11.80 19.03 52.14
CA PRO J 281 12.40 18.87 50.83
C PRO J 281 13.44 17.76 50.87
N ILE J 282 13.78 17.19 49.71
CA ILE J 282 14.82 16.14 49.60
C ILE J 282 16.07 16.71 48.89
N PRO J 283 17.26 16.08 49.05
CA PRO J 283 18.50 16.66 48.50
C PRO J 283 18.57 16.66 46.96
N PRO J 284 19.47 17.45 46.35
CA PRO J 284 19.46 17.41 44.89
C PRO J 284 20.20 16.18 44.38
N ARG J 285 21.12 15.65 45.19
CA ARG J 285 21.90 14.46 44.86
C ARG J 285 21.88 13.52 46.05
N ILE J 286 22.17 12.24 45.84
CA ILE J 286 22.22 11.29 46.93
C ILE J 286 23.14 10.11 46.63
N THR J 287 23.42 9.28 47.63
CA THR J 287 24.33 8.14 47.42
C THR J 287 23.82 6.81 48.00
N TYR J 288 23.73 5.77 47.16
CA TYR J 288 23.19 4.47 47.60
C TYR J 288 24.24 3.40 47.61
N PRO J 289 24.10 2.39 48.49
CA PRO J 289 25.05 1.28 48.42
C PRO J 289 24.68 0.38 47.26
N TYR J 290 25.67 -0.25 46.61
CA TYR J 290 25.38 -1.27 45.59
C TYR J 290 26.43 -2.36 45.45
N PHE J 291 26.00 -3.53 45.02
CA PHE J 291 26.81 -4.73 45.08
C PHE J 291 26.86 -5.42 43.73
N LYS J 292 27.94 -5.21 42.99
CA LYS J 292 28.14 -5.92 41.74
C LYS J 292 28.52 -7.39 42.05
N LEU J 293 27.65 -8.36 41.71
CA LEU J 293 27.94 -9.80 41.87
C LEU J 293 28.29 -10.40 40.54
N SER J 294 29.29 -11.28 40.51
CA SER J 294 29.84 -11.81 39.24
C SER J 294 30.42 -13.21 39.43
N ARG J 295 30.30 -14.08 38.42
CA ARG J 295 30.70 -15.47 38.60
C ARG J 295 31.74 -15.97 37.62
N TYR J 296 32.66 -16.79 38.13
CA TYR J 296 33.63 -17.48 37.30
C TYR J 296 33.48 -18.96 37.56
N THR J 297 33.67 -19.73 36.51
CA THR J 297 33.41 -21.14 36.56
C THR J 297 34.56 -21.91 35.92
N THR J 298 34.91 -23.06 36.47
CA THR J 298 35.80 -23.95 35.76
C THR J 298 35.16 -25.29 35.64
N GLN J 299 35.26 -25.82 34.44
CA GLN J 299 34.49 -26.96 34.02
C GLN J 299 35.48 -28.08 33.69
N PHE J 300 35.38 -29.21 34.38
CA PHE J 300 36.31 -30.33 34.17
C PHE J 300 35.68 -31.43 33.32
N GLN J 301 36.52 -32.34 32.83
CA GLN J 301 36.14 -33.39 31.87
C GLN J 301 36.30 -34.85 32.37
N ASN J 302 36.92 -35.04 33.54
CA ASN J 302 36.93 -36.33 34.23
C ASN J 302 35.55 -36.60 34.81
N THR J 303 35.25 -37.85 35.13
CA THR J 303 33.97 -38.22 35.74
C THR J 303 34.16 -39.21 36.91
N LEU J 304 33.53 -38.94 38.05
CA LEU J 304 33.61 -39.86 39.19
C LEU J 304 32.31 -40.67 39.38
N ALA J 305 32.48 -41.95 39.75
CA ALA J 305 31.34 -42.88 39.91
C ALA J 305 30.66 -42.70 41.28
N PRO J 306 29.44 -43.24 41.44
CA PRO J 306 28.65 -43.16 42.70
C PRO J 306 29.38 -43.66 43.95
N ASN J 307 29.67 -42.72 44.85
CA ASN J 307 30.49 -42.95 46.06
C ASN J 307 32.00 -43.01 45.81
N ALA J 308 32.54 -41.98 45.18
CA ALA J 308 33.96 -41.95 44.87
C ALA J 308 34.52 -40.55 45.02
N SER J 309 35.81 -40.48 45.31
CA SER J 309 36.50 -39.23 45.59
C SER J 309 37.36 -38.74 44.42
N SER J 310 37.95 -37.56 44.58
CA SER J 310 38.93 -37.00 43.64
C SER J 310 39.33 -35.59 44.07
N THR J 311 40.31 -35.02 43.36
CA THR J 311 40.70 -33.61 43.51
C THR J 311 40.47 -32.80 42.24
N PHE J 312 40.22 -31.50 42.42
CA PHE J 312 40.13 -30.58 41.31
C PHE J 312 40.87 -29.28 41.60
N LYS J 313 41.94 -29.03 40.83
CA LYS J 313 42.62 -27.75 40.84
C LYS J 313 41.71 -26.71 40.21
N SER J 314 41.72 -25.49 40.76
CA SER J 314 40.73 -24.47 40.42
C SER J 314 40.71 -23.95 39.00
N ASN J 315 41.87 -23.49 38.53
CA ASN J 315 41.95 -22.55 37.40
C ASN J 315 41.93 -21.10 37.90
N VAL J 316 42.99 -20.35 37.55
CA VAL J 316 43.29 -19.06 38.19
C VAL J 316 42.34 -17.95 37.80
N VAL J 317 42.33 -16.84 38.53
CA VAL J 317 41.50 -15.67 38.18
C VAL J 317 41.94 -14.37 38.86
N GLN J 318 42.06 -13.29 38.07
CA GLN J 318 42.48 -12.02 38.63
C GLN J 318 41.28 -11.21 39.01
N LEU J 319 41.30 -10.65 40.19
CA LEU J 319 40.19 -9.81 40.64
C LEU J 319 40.54 -8.32 40.60
N ASP J 320 39.58 -7.49 40.92
CA ASP J 320 39.75 -6.05 40.77
C ASP J 320 39.83 -5.35 42.13
N SER J 321 39.02 -5.80 43.06
CA SER J 321 39.16 -5.40 44.44
C SER J 321 38.81 -6.62 45.27
N ILE J 322 39.30 -6.70 46.51
CA ILE J 322 38.89 -7.82 47.34
C ILE J 322 37.40 -7.73 47.55
N PRO J 323 36.68 -8.80 47.20
CA PRO J 323 35.24 -8.77 47.30
C PRO J 323 34.82 -8.65 48.74
N ARG J 324 33.54 -8.37 48.96
CA ARG J 324 32.99 -8.32 50.29
C ARG J 324 32.94 -9.73 50.82
N LYS J 325 32.59 -10.69 49.96
CA LYS J 325 32.62 -12.12 50.29
C LYS J 325 32.72 -12.94 48.99
N LEU J 326 32.72 -14.25 49.12
CA LEU J 326 33.03 -15.13 48.00
C LEU J 326 32.54 -16.54 48.34
N TYR J 327 31.58 -17.09 47.58
CA TYR J 327 31.01 -18.41 47.86
C TYR J 327 31.70 -19.40 46.96
N LEU J 328 31.61 -20.68 47.30
CA LEU J 328 32.16 -21.72 46.45
C LEU J 328 31.33 -22.97 46.52
N PHE J 329 31.17 -23.65 45.39
CA PHE J 329 30.52 -24.93 45.39
C PHE J 329 30.87 -25.66 44.13
N VAL J 330 30.66 -26.96 44.12
CA VAL J 330 30.80 -27.70 42.88
C VAL J 330 29.48 -28.36 42.59
N LYS J 331 28.98 -28.14 41.38
CA LYS J 331 27.69 -28.64 40.93
C LYS J 331 27.73 -29.78 39.90
N GLN J 332 26.55 -30.24 39.50
CA GLN J 332 26.41 -31.11 38.36
C GLN J 332 26.61 -30.24 37.13
N SER J 333 27.51 -30.64 36.22
CA SER J 333 27.86 -29.80 35.05
C SER J 333 26.77 -29.79 33.99
N ASP J 334 26.31 -28.59 33.63
CA ASP J 334 25.20 -28.43 32.67
C ASP J 334 25.54 -28.85 31.24
N ASN J 335 26.76 -28.53 30.80
CA ASN J 335 27.22 -28.95 29.48
C ASN J 335 26.62 -30.30 29.12
N VAL J 336 26.56 -31.23 30.08
CA VAL J 336 25.98 -32.56 29.83
C VAL J 336 24.47 -32.60 30.11
N ILE J 337 24.02 -31.87 31.13
CA ILE J 337 22.60 -31.94 31.52
C ILE J 337 21.68 -31.32 30.48
N TYR J 338 22.21 -30.46 29.61
CA TYR J 338 21.35 -29.77 28.69
C TYR J 338 20.92 -30.58 27.50
N GLN J 339 21.81 -31.44 27.01
CA GLN J 339 21.44 -32.28 25.89
C GLN J 339 20.33 -33.22 26.29
N ASN J 340 19.26 -33.19 25.53
CA ASN J 340 18.15 -34.11 25.74
C ASN J 340 17.13 -33.48 26.66
N LEU J 341 15.85 -33.53 26.27
CA LEU J 341 14.81 -32.92 27.08
C LEU J 341 14.61 -33.59 28.43
N ASN J 342 14.61 -34.91 28.47
CA ASN J 342 14.38 -35.61 29.72
C ASN J 342 15.42 -35.25 30.78
N ASN J 343 16.66 -35.17 30.34
CA ASN J 343 17.78 -34.98 31.24
C ASN J 343 17.82 -33.60 31.90
N GLN J 344 16.99 -32.66 31.43
CA GLN J 344 17.00 -31.29 31.96
C GLN J 344 15.81 -30.94 32.82
N ILE J 345 14.77 -31.77 32.75
CA ILE J 345 13.61 -31.59 33.61
C ILE J 345 13.73 -32.45 34.88
N THR J 346 14.31 -33.65 34.76
CA THR J 346 14.31 -34.60 35.89
C THR J 346 15.52 -34.50 36.82
N THR J 347 16.54 -33.75 36.42
CA THR J 347 17.71 -33.62 37.29
C THR J 347 17.66 -32.36 38.17
N PRO J 348 17.61 -32.57 39.47
CA PRO J 348 17.47 -31.48 40.42
C PRO J 348 18.77 -30.77 40.50
N ASP J 349 18.78 -29.49 40.83
CA ASP J 349 20.05 -28.82 41.02
C ASP J 349 20.36 -28.79 42.51
N VAL J 350 21.24 -29.68 42.92
CA VAL J 350 21.70 -29.78 44.27
C VAL J 350 23.15 -30.10 44.09
N PHE J 351 23.96 -29.80 45.10
CA PHE J 351 25.43 -29.87 44.89
C PHE J 351 26.10 -31.18 45.32
N LEU J 352 27.42 -31.13 45.52
CA LEU J 352 28.22 -32.29 45.94
C LEU J 352 28.91 -32.05 47.29
N GLN J 353 28.92 -33.06 48.15
CA GLN J 353 29.62 -33.01 49.46
C GLN J 353 31.14 -32.64 49.42
N ILE J 354 31.51 -31.53 50.08
CA ILE J 354 32.88 -31.01 50.08
C ILE J 354 33.72 -31.59 51.21
N ASN J 355 34.72 -32.41 50.90
CA ASN J 355 35.55 -32.95 51.98
C ASN J 355 36.55 -31.98 52.54
N ASN J 356 37.56 -31.59 51.78
CA ASN J 356 38.40 -30.47 52.21
C ASN J 356 38.54 -29.41 51.14
N LEU J 357 38.44 -28.16 51.56
CA LEU J 357 38.65 -27.06 50.64
C LEU J 357 39.90 -26.32 51.08
N ASN J 358 40.88 -26.26 50.19
CA ASN J 358 42.13 -25.57 50.44
C ASN J 358 42.28 -24.51 49.35
N LEU J 359 42.25 -23.23 49.70
CA LEU J 359 42.29 -22.20 48.67
C LEU J 359 43.42 -21.19 48.83
N THR J 360 43.72 -20.48 47.75
CA THR J 360 44.86 -19.60 47.65
C THR J 360 44.45 -18.18 47.38
N TRP J 361 44.95 -17.24 48.16
CA TRP J 361 44.56 -15.86 47.96
C TRP J 361 45.76 -14.95 47.94
N ASN J 362 45.84 -14.06 46.96
CA ASN J 362 46.82 -13.01 47.00
C ASN J 362 48.25 -13.44 47.26
N ASN J 363 48.74 -14.39 46.49
CA ASN J 363 50.12 -14.84 46.57
C ASN J 363 50.49 -15.88 47.60
N GLN J 364 50.27 -15.67 48.89
CA GLN J 364 50.40 -16.85 49.73
C GLN J 364 49.34 -17.87 49.38
N GLN J 365 49.62 -19.15 49.62
CA GLN J 365 48.70 -20.24 49.29
C GLN J 365 48.62 -21.30 50.38
N GLY J 366 47.48 -21.98 50.49
CA GLY J 366 47.30 -23.01 51.51
C GLY J 366 46.36 -22.67 52.66
N ILE J 367 45.62 -21.59 52.54
CA ILE J 367 44.59 -21.21 53.53
C ILE J 367 43.60 -22.34 53.79
N LEU J 368 43.21 -22.49 55.05
CA LEU J 368 42.18 -23.46 55.48
C LEU J 368 42.50 -24.94 55.27
N SER J 369 43.62 -25.25 54.64
CA SER J 369 43.95 -26.63 54.30
C SER J 369 43.91 -27.60 55.50
N GLY J 370 44.01 -27.05 56.71
CA GLY J 370 43.98 -27.86 57.91
C GLY J 370 42.62 -27.96 58.59
N ALA J 371 41.64 -27.16 58.13
CA ALA J 371 40.29 -27.10 58.74
C ALA J 371 39.52 -28.42 58.64
N SER J 372 38.57 -28.61 59.55
CA SER J 372 37.72 -29.80 59.47
C SER J 372 36.74 -29.67 58.31
N SER J 373 36.39 -30.81 57.72
CA SER J 373 35.34 -30.91 56.71
C SER J 373 34.08 -30.20 57.19
N GLN J 374 33.85 -30.32 58.50
CA GLN J 374 32.70 -29.76 59.17
C GLN J 374 32.98 -28.32 59.57
N ASN J 375 34.24 -27.98 59.77
CA ASN J 375 34.56 -26.64 60.19
C ASN J 375 34.10 -25.64 59.16
N LEU J 376 34.27 -25.98 57.88
CA LEU J 376 33.81 -25.14 56.78
C LEU J 376 32.38 -24.71 57.01
N TYR J 377 31.60 -25.60 57.62
CA TYR J 377 30.20 -25.36 57.88
C TYR J 377 30.00 -24.35 58.98
N ASP J 378 30.90 -24.30 59.94
CA ASP J 378 30.69 -23.44 61.10
C ASP J 378 31.02 -21.99 60.89
N PHE J 379 32.03 -21.70 60.09
CA PHE J 379 32.38 -20.32 59.85
C PHE J 379 31.55 -19.76 58.71
N SER J 380 30.71 -20.62 58.11
CA SER J 380 29.77 -20.20 57.08
C SER J 380 28.38 -19.99 57.65
N VAL J 381 27.96 -20.83 58.59
CA VAL J 381 26.72 -20.58 59.32
C VAL J 381 26.83 -19.23 60.02
N GLN J 382 28.05 -18.87 60.38
CA GLN J 382 28.34 -17.54 60.86
C GLN J 382 27.78 -16.50 59.91
N ASN J 383 27.63 -16.86 58.65
CA ASN J 383 27.12 -15.95 57.64
C ASN J 383 25.64 -16.16 57.32
N GLY J 384 25.02 -17.12 58.01
CA GLY J 384 23.59 -17.40 57.91
C GLY J 384 23.17 -18.55 57.01
N TYR J 385 24.03 -19.55 56.84
CA TYR J 385 23.79 -20.64 55.91
C TYR J 385 22.41 -21.29 56.01
N ASN J 386 21.85 -21.33 57.21
CA ASN J 386 20.44 -21.73 57.44
C ASN J 386 19.99 -23.17 57.09
N LYS J 387 20.92 -24.04 56.71
CA LYS J 387 20.57 -25.44 56.53
C LYS J 387 21.32 -26.27 57.54
N THR J 388 20.67 -27.25 58.14
CA THR J 388 21.31 -28.04 59.20
C THR J 388 22.55 -28.75 58.69
N TRP J 389 23.48 -29.07 59.58
CA TRP J 389 24.73 -29.74 59.19
C TRP J 389 24.51 -31.15 58.73
N SER J 390 23.44 -31.77 59.21
CA SER J 390 23.07 -33.08 58.72
C SER J 390 22.88 -33.08 57.18
N GLU J 391 22.19 -32.06 56.65
CA GLU J 391 21.90 -31.93 55.21
C GLU J 391 23.07 -31.33 54.41
N PHE J 392 23.89 -30.54 55.07
CA PHE J 392 25.11 -30.04 54.49
C PHE J 392 26.20 -31.09 54.39
N ASN J 393 26.05 -32.24 55.04
CA ASN J 393 27.20 -33.10 55.11
C ASN J 393 27.65 -33.51 53.74
N GLY J 394 26.71 -33.89 52.89
CA GLY J 394 25.42 -34.36 53.31
C GLY J 394 25.18 -35.76 52.75
N VAL J 395 24.80 -36.70 53.61
CA VAL J 395 24.47 -38.05 53.20
C VAL J 395 23.58 -38.66 54.26
N THR J 396 22.87 -39.73 53.95
CA THR J 396 21.97 -40.31 54.97
C THR J 396 21.89 -41.81 54.86
N GLN J 397 21.72 -42.46 56.00
CA GLN J 397 21.44 -43.88 55.99
C GLN J 397 20.01 -44.04 56.45
N GLN J 398 19.37 -45.12 56.01
CA GLN J 398 18.04 -45.49 56.50
C GLN J 398 17.86 -47.00 56.49
N PHE J 399 18.13 -47.64 57.62
CA PHE J 399 18.10 -49.11 57.69
C PHE J 399 16.69 -49.65 57.61
N ASN J 400 16.55 -50.80 56.95
CA ASN J 400 15.27 -51.46 56.79
C ASN J 400 15.03 -52.48 57.89
N GLY J 401 13.75 -52.83 58.09
CA GLY J 401 13.33 -53.86 59.04
C GLY J 401 12.46 -54.88 58.34
N VAL J 402 13.03 -56.08 58.14
CA VAL J 402 12.42 -57.19 57.37
C VAL J 402 13.60 -58.01 56.88
N SER J 403 13.50 -59.33 56.96
CA SER J 403 14.63 -60.15 56.50
C SER J 403 14.64 -60.29 54.98
N GLY J 404 15.82 -60.18 54.38
CA GLY J 404 17.01 -59.67 55.05
C GLY J 404 17.66 -58.73 54.04
N GLN J 405 16.89 -57.72 53.64
CA GLN J 405 17.30 -56.77 52.60
C GLN J 405 18.46 -55.85 53.00
N PRO J 406 19.16 -55.27 52.01
CA PRO J 406 20.14 -54.24 52.32
C PRO J 406 19.47 -52.95 52.77
N THR J 407 20.24 -52.06 53.41
CA THR J 407 19.78 -50.73 53.81
C THR J 407 19.99 -49.78 52.63
N LYS J 408 19.13 -48.77 52.49
CA LYS J 408 19.34 -47.79 51.42
C LYS J 408 19.93 -46.47 51.87
N VAL J 409 21.04 -46.11 51.23
CA VAL J 409 21.77 -44.89 51.51
C VAL J 409 21.27 -43.81 50.57
N ILE J 410 20.88 -42.67 51.13
CA ILE J 410 20.36 -41.58 50.32
C ILE J 410 21.31 -40.38 50.30
N GLY J 411 21.62 -39.90 49.09
CA GLY J 411 22.32 -38.63 48.91
C GLY J 411 21.36 -37.51 49.24
N LEU J 412 21.80 -36.52 50.01
CA LEU J 412 20.88 -35.52 50.50
C LEU J 412 21.06 -34.13 49.91
N GLU J 413 22.28 -33.81 49.47
CA GLU J 413 22.65 -32.47 49.00
C GLU J 413 24.12 -32.19 49.32
N GLY J 414 24.56 -30.98 49.01
CA GLY J 414 25.95 -30.61 49.27
C GLY J 414 26.13 -29.33 50.06
N GLY J 415 27.31 -29.18 50.64
CA GLY J 415 27.66 -27.91 51.23
C GLY J 415 27.88 -26.88 50.14
N ILE J 416 27.67 -25.64 50.51
CA ILE J 416 28.13 -24.55 49.70
C ILE J 416 28.74 -23.61 50.73
N VAL J 417 30.05 -23.73 50.94
CA VAL J 417 30.75 -22.88 51.91
C VAL J 417 30.81 -21.46 51.39
N CYS J 418 30.75 -20.49 52.29
CA CYS J 418 31.09 -19.14 51.86
C CYS J 418 31.91 -18.49 52.92
N LEU J 419 33.04 -17.93 52.52
CA LEU J 419 33.89 -17.30 53.48
C LEU J 419 33.96 -15.82 53.18
N GLU J 420 33.41 -15.05 54.10
CA GLU J 420 33.54 -13.60 54.09
C GLU J 420 35.04 -13.25 54.05
N LEU J 421 35.43 -12.30 53.20
CA LEU J 421 36.85 -12.01 52.92
C LEU J 421 37.69 -11.45 54.05
N GLY J 422 37.13 -10.56 54.86
CA GLY J 422 37.82 -10.12 56.08
C GLY J 422 37.82 -11.17 57.18
N LYS J 423 36.79 -12.02 57.17
CA LYS J 423 36.44 -12.87 58.32
C LYS J 423 37.26 -14.11 58.50
N ASP J 424 37.34 -14.92 57.45
CA ASP J 424 37.93 -16.24 57.54
C ASP J 424 39.03 -16.42 56.50
N VAL J 425 39.41 -15.31 55.89
CA VAL J 425 40.52 -15.31 54.98
C VAL J 425 41.62 -14.50 55.64
N GLY J 426 41.29 -13.34 56.15
CA GLY J 426 42.30 -12.43 56.65
C GLY J 426 43.06 -11.76 55.51
N LEU J 427 43.25 -10.46 55.63
CA LEU J 427 43.83 -9.64 54.59
C LEU J 427 44.95 -8.84 55.24
N ARG J 428 46.13 -8.82 54.63
CA ARG J 428 47.23 -8.03 55.16
C ARG J 428 46.78 -6.57 55.36
N ASP J 429 47.17 -5.97 56.48
CA ASP J 429 46.80 -4.58 56.86
C ASP J 429 46.80 -3.58 55.70
N ASP J 430 45.80 -2.70 55.66
CA ASP J 430 45.57 -1.72 54.57
C ASP J 430 44.57 -2.25 53.52
N GLU J 431 43.92 -3.36 53.86
CA GLU J 431 43.03 -4.00 52.94
C GLU J 431 41.65 -4.09 53.56
N ALA J 432 40.63 -3.75 52.78
CA ALA J 432 39.24 -3.90 53.20
C ALA J 432 38.27 -3.93 52.01
N GLU J 433 37.08 -4.47 52.25
CA GLU J 433 36.15 -4.93 51.19
C GLU J 433 35.92 -3.93 50.06
N GLY J 434 36.21 -2.66 50.33
CA GLY J 434 36.16 -1.63 49.31
C GLY J 434 37.40 -1.66 48.43
N VAL J 435 38.57 -1.61 49.06
CA VAL J 435 39.80 -1.16 48.42
C VAL J 435 40.29 -1.93 47.19
N ILE J 436 40.62 -1.16 46.15
CA ILE J 436 41.19 -1.62 44.87
C ILE J 436 42.71 -1.49 44.93
N GLY J 437 43.47 -2.34 44.23
CA GLY J 437 42.97 -3.40 43.37
C GLY J 437 44.05 -4.25 42.71
N ASN J 438 43.62 -5.37 42.15
CA ASN J 438 44.48 -6.38 41.49
C ASN J 438 45.16 -7.35 42.46
N PHE J 439 44.60 -8.56 42.55
CA PHE J 439 44.99 -9.61 43.47
C PHE J 439 44.63 -10.86 42.70
N ASN J 440 44.97 -12.04 43.18
CA ASN J 440 44.48 -13.24 42.50
C ASN J 440 43.97 -14.32 43.44
N LEU J 441 43.12 -15.20 42.93
CA LEU J 441 42.51 -16.26 43.75
C LEU J 441 42.35 -17.58 42.98
N GLN J 442 42.73 -18.69 43.59
CA GLN J 442 42.54 -20.00 42.96
C GLN J 442 42.26 -21.10 43.99
N VAL J 443 41.12 -21.76 43.88
CA VAL J 443 40.65 -22.69 44.90
C VAL J 443 40.87 -24.16 44.55
N GLN J 444 41.89 -24.77 45.12
CA GLN J 444 42.08 -26.21 44.96
C GLN J 444 41.28 -27.02 46.02
N MET J 445 40.26 -27.78 45.59
CA MET J 445 39.31 -28.40 46.54
C MET J 445 38.82 -29.82 46.21
N THR J 446 39.03 -30.74 47.17
CA THR J 446 38.62 -32.15 47.04
C THR J 446 37.16 -32.41 47.44
N VAL J 447 36.50 -33.33 46.74
CA VAL J 447 35.06 -33.48 46.88
C VAL J 447 34.63 -34.92 46.62
N THR J 448 33.43 -35.27 47.08
CA THR J 448 32.82 -36.58 46.85
C THR J 448 31.38 -36.50 46.36
N ASN J 449 31.08 -37.29 45.33
CA ASN J 449 29.73 -37.42 44.80
C ASN J 449 28.94 -38.39 45.68
N THR J 450 27.74 -37.97 46.06
CA THR J 450 26.96 -38.69 47.06
C THR J 450 25.82 -39.44 46.42
N ASN J 451 25.20 -38.80 45.44
CA ASN J 451 24.16 -39.39 44.63
C ASN J 451 24.47 -40.83 44.21
N GLN J 452 23.53 -41.75 44.47
CA GLN J 452 23.73 -43.16 44.14
C GLN J 452 23.63 -43.45 42.66
N TYR J 453 22.55 -42.99 42.04
CA TYR J 453 22.13 -43.47 40.72
C TYR J 453 22.96 -43.04 39.51
N VAL J 454 23.37 -41.77 39.45
CA VAL J 454 24.07 -41.28 38.26
C VAL J 454 25.53 -40.87 38.52
N THR J 455 26.34 -40.93 37.45
CA THR J 455 27.70 -40.40 37.44
C THR J 455 27.63 -38.91 37.23
N VAL J 456 28.01 -38.15 38.25
CA VAL J 456 28.05 -36.72 38.08
C VAL J 456 29.40 -36.35 37.49
N THR J 457 29.36 -35.86 36.26
CA THR J 457 30.52 -35.18 35.68
C THR J 457 30.52 -33.79 36.32
N PRO J 458 31.62 -33.37 36.94
CA PRO J 458 31.49 -32.23 37.84
C PRO J 458 31.84 -30.90 37.19
N ASP J 459 31.88 -29.85 38.00
CA ASP J 459 32.16 -28.47 37.58
C ASP J 459 32.38 -27.61 38.85
N MET J 460 33.02 -26.44 38.75
CA MET J 460 33.13 -25.57 39.93
C MET J 460 32.39 -24.27 39.75
N TYR J 461 32.26 -23.46 40.81
CA TYR J 461 31.80 -22.07 40.70
C TYR J 461 32.41 -21.22 41.79
N ILE J 462 32.36 -19.91 41.62
CA ILE J 462 32.75 -18.95 42.67
C ILE J 462 32.03 -17.64 42.41
N VAL J 463 31.11 -17.30 43.29
CA VAL J 463 30.32 -16.10 43.12
C VAL J 463 30.88 -15.04 44.02
N ALA J 464 31.64 -14.10 43.46
CA ALA J 464 32.19 -12.96 44.22
C ALA J 464 31.12 -11.88 44.37
N VAL J 465 31.30 -10.97 45.33
CA VAL J 465 30.41 -9.81 45.44
C VAL J 465 31.18 -8.58 45.89
N TYR J 466 31.28 -7.60 45.00
CA TYR J 466 32.08 -6.39 45.24
C TYR J 466 31.30 -5.33 45.99
N ASP J 467 32.02 -4.44 46.66
CA ASP J 467 31.39 -3.39 47.48
C ASP J 467 31.62 -1.98 46.93
N GLY J 468 30.53 -1.33 46.49
CA GLY J 468 30.66 -0.01 45.88
C GLY J 468 29.49 0.93 46.04
N THR J 469 29.79 2.20 46.22
CA THR J 469 28.78 3.24 46.24
C THR J 469 28.22 3.42 44.84
N LEU J 470 26.98 3.89 44.74
CA LEU J 470 26.45 4.43 43.47
C LEU J 470 25.71 5.76 43.69
N VAL J 471 26.19 6.81 43.05
CA VAL J 471 25.68 8.16 43.26
C VAL J 471 24.70 8.50 42.17
N ILE J 472 23.49 8.89 42.52
CA ILE J 472 22.57 9.26 41.48
C ILE J 472 22.21 10.74 41.57
N SER J 473 22.69 11.51 40.62
CA SER J 473 22.22 12.89 40.47
C SER J 473 21.41 12.96 39.21
N ASN J 474 20.57 13.98 39.10
CA ASN J 474 19.76 14.12 37.90
C ASN J 474 20.20 15.32 37.06
N THR J 475 20.78 15.09 35.87
CA THR J 475 20.98 13.77 35.28
C THR J 475 22.45 13.31 35.28
N SER J 476 22.66 12.12 35.86
CA SER J 476 23.96 11.48 35.98
C SER J 476 23.76 10.07 36.51
N ALA J 477 24.78 9.22 36.41
CA ALA J 477 24.77 7.95 37.11
C ALA J 477 26.16 7.42 37.37
N MET J 478 26.96 8.09 38.19
CA MET J 478 28.30 7.61 38.45
C MET J 478 28.22 6.33 39.24
N ALA J 479 29.12 5.39 38.98
CA ALA J 479 29.23 4.19 39.81
C ALA J 479 30.69 3.90 40.14
N SER J 480 30.93 3.33 41.32
CA SER J 480 32.27 3.16 41.86
C SER J 480 32.53 1.76 42.35
N ILE J 481 33.82 1.43 42.42
CA ILE J 481 34.33 0.38 43.30
C ILE J 481 35.73 0.83 43.69
N GLY J 482 35.97 0.89 45.01
CA GLY J 482 37.19 1.49 45.51
C GLY J 482 36.92 2.88 46.03
N VAL J 483 35.87 3.00 46.84
CA VAL J 483 35.57 4.23 47.56
C VAL J 483 36.65 4.56 48.61
N ALA J 484 37.15 3.55 49.31
CA ALA J 484 38.27 3.72 50.25
C ALA J 484 39.61 3.74 49.52
N SER J 485 40.64 4.31 50.16
CA SER J 485 41.98 4.40 49.56
C SER J 485 43.07 3.78 50.45
N LYS J 486 44.30 3.68 49.96
CA LYS J 486 45.39 3.05 50.71
C LYS J 486 45.76 3.72 52.03
N GLU J 487 45.95 5.03 51.99
CA GLU J 487 46.15 5.83 53.20
C GLU J 487 44.85 5.84 54.00
N GLU J 488 43.73 5.89 53.30
CA GLU J 488 42.43 6.00 53.92
C GLU J 488 42.04 4.83 54.81
N VAL J 489 42.28 3.60 54.35
CA VAL J 489 41.79 2.39 55.03
C VAL J 489 42.55 2.14 56.32
N LEU J 490 43.87 2.17 56.25
CA LEU J 490 44.72 2.19 57.44
C LEU J 490 44.38 3.45 58.21
N ASN J 491 44.85 3.54 59.45
CA ASN J 491 44.74 4.75 60.26
C ASN J 491 43.39 5.47 60.21
N ALA J 492 42.33 4.72 59.92
CA ALA J 492 40.97 5.21 60.07
C ALA J 492 40.48 4.83 61.47
N ARG J 493 40.36 5.83 62.34
CA ARG J 493 39.97 5.65 63.74
C ARG J 493 38.73 4.75 63.93
N ILE J 494 38.85 3.75 64.80
CA ILE J 494 37.78 2.77 65.02
C ILE J 494 36.63 3.40 65.78
N THR J 495 35.43 2.87 65.61
CA THR J 495 34.25 3.41 66.26
C THR J 495 33.60 2.31 67.09
N HIS J 496 33.32 2.59 68.37
CA HIS J 496 32.66 1.60 69.20
C HIS J 496 31.17 1.75 69.17
N GLY J 497 30.70 2.85 68.60
CA GLY J 497 29.29 3.22 68.65
C GLY J 497 28.45 2.17 67.95
N VAL J 498 28.97 1.66 66.85
CA VAL J 498 28.39 0.52 66.18
C VAL J 498 29.37 -0.62 66.36
N SER J 499 28.87 -1.84 66.50
CA SER J 499 27.47 -2.16 66.27
C SER J 499 27.50 -3.29 65.28
N TYR J 500 28.47 -4.19 65.44
CA TYR J 500 28.83 -5.05 64.30
C TYR J 500 27.73 -5.91 63.68
N ASN J 501 26.92 -6.56 64.52
CA ASN J 501 25.82 -7.36 64.03
C ASN J 501 25.05 -6.58 62.97
N GLU J 502 24.88 -5.28 63.22
CA GLU J 502 24.28 -4.32 62.28
C GLU J 502 24.81 -4.40 60.84
N LEU J 503 26.11 -4.61 60.68
CA LEU J 503 26.71 -4.72 59.34
C LEU J 503 26.29 -5.98 58.57
N GLN J 504 26.04 -7.07 59.29
CA GLN J 504 25.47 -8.28 58.70
C GLN J 504 24.08 -7.98 58.13
N ARG J 505 23.35 -7.12 58.83
CA ARG J 505 21.94 -6.84 58.53
C ARG J 505 21.67 -6.08 57.23
N ILE J 506 22.66 -5.31 56.76
CA ILE J 506 22.53 -4.65 55.46
C ILE J 506 23.17 -5.56 54.39
N TYR J 507 22.31 -6.37 53.79
CA TYR J 507 22.73 -7.47 52.96
C TYR J 507 22.83 -7.02 51.52
N GLY J 508 23.86 -7.51 50.83
CA GLY J 508 23.99 -7.34 49.39
C GLY J 508 24.78 -8.47 48.74
N MET K 1 -38.16 44.66 -1.41
CA MET K 1 -39.54 44.25 -0.98
C MET K 1 -40.40 45.40 -0.44
N SER K 2 -39.95 46.63 -0.72
CA SER K 2 -40.78 47.80 -0.57
C SER K 2 -41.65 47.87 -1.82
N ASN K 3 -42.95 47.61 -1.62
CA ASN K 3 -44.01 47.68 -2.65
C ASN K 3 -45.11 46.63 -2.46
N SER K 4 -45.16 46.04 -1.26
CA SER K 4 -46.26 45.14 -0.89
C SER K 4 -47.01 45.62 0.36
N ALA K 5 -48.19 46.21 0.13
CA ALA K 5 -49.00 46.82 1.19
C ALA K 5 -48.14 47.75 2.05
N ILE K 6 -48.07 47.49 3.35
CA ILE K 6 -47.18 48.23 4.25
C ILE K 6 -45.74 47.78 4.00
N PRO K 7 -44.81 48.74 3.74
CA PRO K 7 -43.46 48.36 3.29
C PRO K 7 -42.77 47.42 4.28
N LEU K 8 -42.18 46.34 3.77
CA LEU K 8 -41.52 45.36 4.62
C LEU K 8 -40.03 45.54 4.51
N ASN K 9 -39.36 45.54 5.67
CA ASN K 9 -37.92 45.74 5.71
C ASN K 9 -37.21 44.51 5.19
N VAL K 10 -36.22 44.67 4.31
CA VAL K 10 -35.72 43.50 3.56
C VAL K 10 -34.20 43.29 3.57
N VAL K 11 -33.81 42.17 4.19
CA VAL K 11 -32.40 41.81 4.38
C VAL K 11 -32.03 40.56 3.62
N ALA K 12 -30.74 40.33 3.42
CA ALA K 12 -30.29 39.19 2.64
C ALA K 12 -29.50 38.23 3.50
N VAL K 13 -29.77 36.95 3.38
CA VAL K 13 -28.98 35.94 4.08
C VAL K 13 -28.14 35.13 3.10
N GLN K 14 -27.10 34.47 3.61
CA GLN K 14 -26.24 33.61 2.78
C GLN K 14 -26.64 32.16 2.82
N GLU K 15 -26.38 31.47 1.72
CA GLU K 15 -26.60 30.03 1.59
C GLU K 15 -25.77 29.20 2.58
N PRO K 16 -25.99 27.88 2.59
CA PRO K 16 -25.12 26.98 3.35
C PRO K 16 -23.74 26.82 2.76
N ARG K 17 -23.66 26.30 1.53
CA ARG K 17 -22.41 26.03 0.82
C ARG K 17 -21.40 27.13 0.91
N LEU K 18 -21.86 28.37 0.95
CA LEU K 18 -20.98 29.50 1.15
C LEU K 18 -21.47 30.35 2.29
N GLU K 19 -20.89 30.13 3.46
CA GLU K 19 -21.11 31.00 4.60
C GLU K 19 -20.81 32.44 4.21
N LEU K 20 -19.65 32.72 3.64
CA LEU K 20 -18.49 31.84 3.69
C LEU K 20 -17.62 32.55 4.68
N ASN K 21 -17.58 33.87 4.58
CA ASN K 21 -16.94 34.72 5.55
C ASN K 21 -17.95 35.24 6.56
N ASN K 22 -17.55 35.19 7.83
CA ASN K 22 -18.32 35.66 8.99
C ASN K 22 -17.35 35.52 10.14
N GLU K 23 -17.32 36.46 11.08
CA GLU K 23 -16.23 36.41 12.05
C GLU K 23 -16.25 35.20 12.97
N ARG K 24 -15.33 34.27 12.72
CA ARG K 24 -15.24 33.00 13.46
C ARG K 24 -14.21 33.06 14.57
N THR K 25 -14.49 32.35 15.66
CA THR K 25 -13.73 32.53 16.89
C THR K 25 -13.54 31.24 17.64
N TRP K 26 -12.28 30.84 17.77
CA TRP K 26 -11.88 29.68 18.56
C TRP K 26 -12.43 29.81 19.96
N VAL K 27 -13.00 28.73 20.49
CA VAL K 27 -13.65 28.76 21.81
C VAL K 27 -13.20 27.64 22.75
N VAL K 28 -12.46 28.01 23.78
CA VAL K 28 -12.02 27.06 24.82
C VAL K 28 -13.22 26.68 25.69
N VAL K 29 -13.55 25.39 25.74
CA VAL K 29 -14.61 24.94 26.64
C VAL K 29 -14.05 24.48 27.99
N LYS K 30 -14.06 25.38 28.96
CA LYS K 30 -13.48 25.14 30.27
C LYS K 30 -14.56 24.84 31.29
N GLY K 31 -14.68 23.55 31.62
CA GLY K 31 -15.53 23.10 32.72
C GLY K 31 -14.65 22.46 33.77
N GLY K 32 -14.94 22.75 35.03
CA GLY K 32 -14.09 22.41 36.19
C GLY K 32 -13.58 20.98 36.30
N GLN K 33 -12.40 20.82 36.92
CA GLN K 33 -11.82 19.49 37.13
C GLN K 33 -12.60 18.69 38.16
N GLN K 34 -12.53 17.35 38.06
CA GLN K 34 -12.96 16.44 39.12
C GLN K 34 -14.28 15.74 38.98
N VAL K 35 -14.82 15.52 37.79
CA VAL K 35 -16.11 14.81 37.76
C VAL K 35 -15.98 13.34 38.25
N THR K 36 -16.69 12.97 39.31
CA THR K 36 -16.61 11.61 39.86
C THR K 36 -17.96 11.14 40.35
N TYR K 37 -18.17 9.84 40.36
CA TYR K 37 -19.47 9.31 40.77
C TYR K 37 -19.39 8.42 42.02
N TYR K 38 -19.76 8.94 43.18
CA TYR K 38 -19.78 8.13 44.39
C TYR K 38 -21.05 7.31 44.46
N PRO K 39 -20.94 6.02 44.74
CA PRO K 39 -22.12 5.20 44.96
C PRO K 39 -22.47 5.10 46.44
N PHE K 40 -23.70 5.39 46.84
CA PHE K 40 -24.05 5.32 48.27
C PHE K 40 -24.92 4.13 48.60
N PRO K 41 -24.34 3.01 49.09
CA PRO K 41 -25.18 1.84 49.33
C PRO K 41 -26.13 2.15 50.48
N SER K 42 -27.39 1.75 50.34
CA SER K 42 -28.41 2.17 51.27
C SER K 42 -28.32 1.42 52.58
N THR K 43 -27.83 2.09 53.61
CA THR K 43 -27.87 1.55 54.95
C THR K 43 -29.32 1.44 55.35
N SER K 44 -29.67 0.34 56.02
CA SER K 44 -31.05 0.07 56.46
C SER K 44 -32.10 0.04 55.31
N PHE K 45 -31.76 -0.67 54.23
CA PHE K 45 -32.75 -1.08 53.27
C PHE K 45 -33.36 -2.35 53.79
N SER K 46 -34.60 -2.59 53.43
CA SER K 46 -35.25 -3.81 53.83
C SER K 46 -35.93 -4.33 52.59
N SER K 47 -36.93 -5.19 52.80
CA SER K 47 -37.80 -5.63 51.72
C SER K 47 -38.83 -4.55 51.36
N ASN K 48 -39.22 -3.75 52.36
CA ASN K 48 -40.31 -2.79 52.19
C ASN K 48 -40.00 -1.30 52.19
N GLN K 49 -38.75 -0.95 52.47
CA GLN K 49 -38.36 0.44 52.44
C GLN K 49 -36.87 0.60 52.15
N PHE K 50 -36.49 1.46 51.19
CA PHE K 50 -35.07 1.80 51.00
C PHE K 50 -34.75 3.15 51.61
N ASN K 51 -33.56 3.25 52.18
CA ASN K 51 -33.14 4.47 52.86
C ASN K 51 -31.73 4.87 52.56
N PHE K 52 -31.55 5.92 51.77
CA PHE K 52 -30.21 6.38 51.48
C PHE K 52 -29.98 7.63 52.27
N ILE K 53 -28.73 7.92 52.57
CA ILE K 53 -28.38 9.22 53.15
C ILE K 53 -27.05 9.66 52.54
N CYS K 54 -27.13 10.53 51.55
CA CYS K 54 -25.97 10.81 50.70
C CYS K 54 -25.40 12.17 50.99
N ASN K 55 -24.19 12.22 51.51
CA ASN K 55 -23.66 13.50 51.85
C ASN K 55 -22.69 14.05 50.85
N PRO K 56 -22.76 15.37 50.64
CA PRO K 56 -21.76 16.15 49.91
C PRO K 56 -20.31 15.92 50.40
N PRO K 57 -19.38 15.70 49.49
CA PRO K 57 -18.00 15.51 49.87
C PRO K 57 -17.41 16.74 50.51
N SER K 58 -17.73 17.91 49.98
CA SER K 58 -17.21 19.13 50.55
C SER K 58 -17.94 20.33 50.00
N ALA K 59 -17.69 21.52 50.53
CA ALA K 59 -18.27 22.71 49.92
C ALA K 59 -17.59 22.98 48.57
N GLN K 60 -18.28 23.72 47.71
CA GLN K 60 -17.71 24.07 46.41
C GLN K 60 -17.96 23.08 45.32
N THR K 61 -18.77 22.06 45.59
CA THR K 61 -19.05 21.09 44.54
C THR K 61 -20.48 21.19 44.11
N VAL K 62 -20.70 21.36 42.81
CA VAL K 62 -22.05 21.22 42.29
C VAL K 62 -22.44 19.74 42.29
N LEU K 63 -23.71 19.45 42.53
CA LEU K 63 -24.19 18.10 42.46
C LEU K 63 -24.94 18.00 41.16
N ASP K 64 -24.48 17.09 40.29
CA ASP K 64 -25.14 16.83 38.99
C ASP K 64 -26.58 16.26 39.09
N ARG K 65 -27.50 16.92 38.37
CA ARG K 65 -28.95 16.67 38.42
C ARG K 65 -29.42 15.23 38.17
N LEU K 66 -29.01 14.63 37.06
CA LEU K 66 -29.36 13.23 36.73
C LEU K 66 -28.91 12.23 37.82
N VAL K 67 -29.85 11.67 38.59
CA VAL K 67 -29.55 10.67 39.64
C VAL K 67 -30.27 9.40 39.26
N PHE K 68 -29.79 8.24 39.71
CA PHE K 68 -30.52 6.98 39.54
C PHE K 68 -30.16 5.94 40.58
N ILE K 69 -31.14 5.15 41.01
CA ILE K 69 -30.89 4.04 41.94
C ILE K 69 -30.60 2.77 41.16
N GLN K 70 -29.85 1.83 41.74
CA GLN K 70 -29.63 0.52 41.12
C GLN K 70 -29.87 -0.63 42.10
N VAL K 71 -30.94 -1.38 41.94
CA VAL K 71 -31.27 -2.44 42.90
C VAL K 71 -31.00 -3.83 42.32
N PRO K 72 -30.36 -4.72 43.08
CA PRO K 72 -30.39 -6.13 42.68
C PRO K 72 -31.60 -6.79 43.33
N TYR K 73 -32.20 -7.77 42.65
CA TYR K 73 -33.44 -8.38 43.12
C TYR K 73 -33.39 -9.90 42.93
N ASP K 74 -34.48 -10.57 43.28
CA ASP K 74 -34.58 -12.02 43.18
C ASP K 74 -36.04 -12.41 43.31
N ILE K 75 -36.55 -13.23 42.39
CA ILE K 75 -37.93 -13.71 42.45
C ILE K 75 -38.00 -15.22 42.32
N THR K 76 -38.96 -15.81 43.03
CA THR K 76 -39.30 -17.22 42.83
C THR K 76 -40.82 -17.34 42.57
N PHE K 77 -41.21 -18.16 41.60
CA PHE K 77 -42.62 -18.34 41.29
C PHE K 77 -43.04 -19.69 41.79
N THR K 78 -44.34 -19.99 41.68
CA THR K 78 -44.85 -21.32 42.00
C THR K 78 -46.15 -21.63 41.24
N ALA K 79 -46.26 -22.84 40.70
CA ALA K 79 -47.49 -23.29 40.04
C ALA K 79 -48.52 -23.57 41.10
N ASN K 80 -49.76 -23.19 40.85
CA ASN K 80 -50.84 -23.52 41.76
C ASN K 80 -51.71 -24.69 41.27
N PRO K 81 -52.42 -25.35 42.20
CA PRO K 81 -53.64 -26.05 41.80
C PRO K 81 -54.80 -25.02 41.71
N SER K 82 -55.81 -25.25 40.87
CA SER K 82 -55.99 -26.52 40.20
C SER K 82 -56.12 -26.33 38.70
N HIS K 83 -55.61 -25.23 38.18
CA HIS K 83 -55.76 -24.96 36.78
C HIS K 83 -55.13 -26.12 36.06
N ALA K 84 -54.06 -26.64 36.63
CA ALA K 84 -53.17 -27.54 35.93
C ALA K 84 -53.92 -28.76 35.47
N GLY K 85 -53.39 -29.41 34.45
CA GLY K 85 -52.13 -28.98 33.84
C GLY K 85 -52.22 -28.94 32.33
N ILE K 86 -51.49 -28.01 31.69
CA ILE K 86 -50.45 -27.23 32.34
C ILE K 86 -49.00 -27.54 31.99
N THR K 87 -48.77 -28.36 30.96
CA THR K 87 -47.40 -28.73 30.53
C THR K 87 -46.66 -27.55 29.90
N GLU K 88 -45.33 -27.61 29.89
CA GLU K 88 -44.56 -26.43 29.49
C GLU K 88 -44.01 -25.77 30.75
N ASN K 89 -43.23 -24.71 30.59
CA ASN K 89 -42.64 -24.00 31.72
C ASN K 89 -43.60 -22.94 32.23
N LEU K 90 -43.34 -22.42 33.42
CA LEU K 90 -44.06 -21.26 33.93
C LEU K 90 -43.76 -20.05 33.05
N LEU K 91 -42.48 -19.83 32.79
CA LEU K 91 -42.04 -18.69 32.00
C LEU K 91 -42.06 -19.08 30.53
N GLN K 92 -42.66 -18.23 29.72
CA GLN K 92 -42.89 -18.50 28.31
C GLN K 92 -42.04 -17.58 27.44
N PRO K 93 -41.86 -17.93 26.15
CA PRO K 93 -41.00 -17.08 25.32
C PRO K 93 -41.49 -15.62 25.19
N GLY K 94 -42.78 -15.43 24.88
CA GLY K 94 -43.32 -14.09 24.70
C GLY K 94 -44.49 -13.75 25.59
N ARG K 95 -44.68 -14.50 26.67
CA ARG K 95 -45.88 -14.34 27.47
C ARG K 95 -45.71 -13.52 28.72
N ASP K 96 -44.48 -13.23 29.10
CA ASP K 96 -44.24 -12.50 30.36
C ASP K 96 -42.88 -11.83 30.54
N ALA K 97 -42.93 -10.62 31.09
CA ALA K 97 -41.75 -9.80 31.39
C ALA K 97 -42.03 -8.95 32.64
N PHE K 98 -41.15 -8.01 32.94
CA PHE K 98 -41.45 -7.03 33.98
C PHE K 98 -42.58 -6.12 33.50
N ARG K 99 -43.30 -5.53 34.45
CA ARG K 99 -44.18 -4.41 34.16
C ARG K 99 -43.24 -3.25 33.88
N ALA K 100 -43.52 -2.48 32.84
CA ALA K 100 -42.72 -1.28 32.60
C ALA K 100 -43.34 -0.11 33.37
N PHE K 101 -42.56 0.65 34.16
CA PHE K 101 -41.17 0.36 34.51
C PHE K 101 -41.23 -0.13 35.95
N PRO K 102 -40.49 -1.20 36.26
CA PRO K 102 -40.89 -2.01 37.40
C PRO K 102 -40.66 -1.35 38.77
N ILE K 103 -39.43 -0.98 39.09
CA ILE K 103 -39.15 -0.61 40.47
C ILE K 103 -39.99 0.56 40.96
N SER K 104 -40.14 1.61 40.17
CA SER K 104 -40.99 2.74 40.58
C SER K 104 -42.46 2.42 40.59
N SER K 105 -42.90 1.63 39.61
CA SER K 105 -44.28 1.19 39.54
C SER K 105 -44.76 0.66 40.90
N ILE K 106 -43.88 -0.01 41.64
CA ILE K 106 -44.27 -0.59 42.91
C ILE K 106 -44.35 0.42 44.03
N THR K 107 -43.55 1.48 43.94
CA THR K 107 -43.35 2.48 45.01
C THR K 107 -44.60 3.27 45.39
N ASN K 108 -44.97 3.26 46.67
CA ASN K 108 -46.02 4.14 47.17
C ASN K 108 -45.62 5.57 46.99
N THR K 109 -44.62 6.01 47.75
CA THR K 109 -44.15 7.38 47.63
C THR K 109 -42.63 7.40 47.60
N LEU K 110 -42.08 8.05 46.58
CA LEU K 110 -40.67 8.36 46.59
C LEU K 110 -40.51 9.74 47.19
N ASN K 111 -39.78 9.82 48.28
CA ASN K 111 -39.62 11.07 48.95
C ASN K 111 -38.15 11.40 49.11
N ALA K 112 -37.76 12.63 48.78
CA ALA K 112 -36.39 13.10 49.04
C ALA K 112 -36.42 14.28 50.00
N THR K 113 -35.25 14.72 50.43
CA THR K 113 -35.13 15.95 51.21
C THR K 113 -33.82 16.67 50.97
N ILE K 114 -33.90 17.73 50.16
CA ILE K 114 -32.77 18.59 49.85
C ILE K 114 -32.48 19.51 51.02
N ASN K 115 -31.24 19.48 51.51
CA ASN K 115 -30.71 20.53 52.35
C ASN K 115 -31.65 20.92 53.51
N GLY K 116 -32.44 19.95 53.97
CA GLY K 116 -33.36 20.19 55.08
C GLY K 116 -34.76 20.74 54.80
N PHE K 117 -35.26 20.57 53.57
CA PHE K 117 -36.69 20.81 53.27
C PHE K 117 -37.26 19.71 52.36
N PRO K 118 -38.32 19.00 52.82
CA PRO K 118 -38.70 17.74 52.18
C PRO K 118 -39.64 17.92 51.00
N VAL K 119 -39.27 17.35 49.85
CA VAL K 119 -40.04 17.42 48.62
C VAL K 119 -40.37 16.01 48.19
N ASN K 120 -41.62 15.73 47.87
CA ASN K 120 -41.97 14.37 47.47
C ASN K 120 -43.01 14.24 46.38
N ILE K 121 -43.02 13.09 45.72
CA ILE K 121 -43.99 12.79 44.70
C ILE K 121 -44.65 11.47 45.08
N GLU K 122 -45.91 11.26 44.72
CA GLU K 122 -46.52 9.94 44.85
C GLU K 122 -46.42 9.15 43.54
N LEU K 123 -45.46 8.23 43.48
CA LEU K 123 -44.96 7.73 42.22
C LEU K 123 -45.86 6.76 41.48
N ALA K 124 -46.40 5.76 42.18
CA ALA K 124 -47.18 4.67 41.55
C ALA K 124 -48.28 5.09 40.58
N GLN K 125 -49.07 6.11 40.96
CA GLN K 125 -50.17 6.65 40.13
C GLN K 125 -49.68 7.54 38.99
N ILE K 126 -49.01 8.63 39.35
CA ILE K 126 -48.48 9.60 38.39
C ILE K 126 -47.76 8.92 37.23
N ILE K 127 -46.78 8.08 37.53
CA ILE K 127 -45.80 7.67 36.54
C ILE K 127 -46.38 7.27 35.18
N HIS K 128 -47.40 6.44 35.18
CA HIS K 128 -47.84 5.83 33.93
C HIS K 128 -48.45 6.75 32.93
N ALA K 129 -49.01 7.86 33.39
CA ALA K 129 -49.60 8.85 32.49
C ALA K 129 -48.59 9.95 32.15
N LEU K 130 -47.70 10.25 33.10
CA LEU K 130 -46.65 11.21 32.84
C LEU K 130 -45.51 10.55 32.07
N SER K 131 -45.71 9.29 31.68
CA SER K 131 -44.75 8.55 30.88
C SER K 131 -44.92 8.77 29.39
N ARG K 132 -46.16 8.68 28.92
CA ARG K 132 -46.51 8.91 27.52
C ARG K 132 -46.13 10.30 27.10
N TYR K 133 -46.20 11.23 28.05
CA TYR K 133 -46.34 12.62 27.71
C TYR K 133 -45.20 13.46 27.16
N HIS K 134 -43.95 13.10 27.38
CA HIS K 134 -42.96 14.03 26.87
C HIS K 134 -41.81 13.50 26.13
N THR K 135 -41.76 12.19 25.95
CA THR K 135 -40.64 11.55 25.26
C THR K 135 -40.87 11.46 23.74
N PRO K 136 -39.83 11.71 22.93
CA PRO K 136 -39.87 11.31 21.52
C PRO K 136 -39.17 9.97 21.36
N LEU K 137 -39.00 9.51 20.11
CA LEU K 137 -38.29 8.25 19.86
C LEU K 137 -36.80 8.40 20.22
N LYS K 138 -36.28 9.60 20.01
CA LYS K 138 -34.88 9.92 20.30
C LYS K 138 -34.54 9.88 21.79
N VAL K 139 -35.49 10.26 22.63
CA VAL K 139 -35.28 10.31 24.08
C VAL K 139 -35.57 9.01 24.81
N LYS K 140 -36.53 8.24 24.31
CA LYS K 140 -36.83 6.94 24.91
C LYS K 140 -35.68 5.95 24.69
N ASN K 141 -34.92 6.13 23.61
CA ASN K 141 -33.72 5.34 23.35
C ASN K 141 -32.48 5.91 24.01
N GLY K 142 -32.62 7.11 24.56
CA GLY K 142 -31.54 7.78 25.30
C GLY K 142 -31.43 7.24 26.72
N TRP K 143 -31.65 8.09 27.71
CA TRP K 143 -31.52 7.68 29.09
C TRP K 143 -32.54 6.69 29.46
N MET K 144 -33.80 7.04 29.23
CA MET K 144 -34.89 6.23 29.72
C MET K 144 -34.71 4.78 29.34
N SER K 145 -33.69 4.50 28.55
CA SER K 145 -33.42 3.16 28.10
C SER K 145 -32.80 2.26 29.17
N MET K 146 -32.59 2.78 30.38
CA MET K 146 -32.05 1.93 31.44
C MET K 146 -33.08 0.99 32.07
N GLN K 147 -34.34 1.42 32.18
CA GLN K 147 -35.39 0.50 32.62
C GLN K 147 -36.17 0.02 31.40
N PRO K 148 -36.89 -1.10 31.52
CA PRO K 148 -37.92 -1.43 30.53
C PRO K 148 -38.92 -0.28 30.37
N SER K 149 -39.04 0.26 29.15
CA SER K 149 -39.82 1.50 28.95
C SER K 149 -40.86 1.46 27.79
N PHE K 150 -40.93 0.34 27.09
CA PHE K 150 -41.99 0.05 26.14
C PHE K 150 -43.31 0.14 26.91
N GLU K 151 -44.27 0.87 26.39
CA GLU K 151 -45.55 1.03 27.09
C GLU K 151 -46.69 0.16 26.60
N ASP K 152 -47.61 -0.14 27.51
CA ASP K 152 -48.75 -0.99 27.18
C ASP K 152 -49.73 -0.26 26.28
N ASN K 153 -49.84 -0.76 25.05
CA ASN K 153 -50.75 -0.24 24.06
C ASN K 153 -51.99 -1.12 23.86
N TYR K 154 -51.89 -2.39 24.27
CA TYR K 154 -53.04 -3.28 24.19
C TYR K 154 -53.84 -3.26 25.47
N GLN K 155 -55.16 -3.22 25.30
CA GLN K 155 -56.12 -3.19 26.41
C GLN K 155 -56.11 -4.46 27.24
N SER K 156 -55.75 -5.57 26.62
CA SER K 156 -55.47 -6.81 27.34
C SER K 156 -54.29 -7.51 26.67
N TYR K 157 -53.48 -8.19 27.45
CA TYR K 157 -52.34 -8.90 26.89
C TYR K 157 -52.78 -10.11 26.09
N ARG K 158 -54.06 -10.45 26.22
CA ARG K 158 -54.66 -11.57 25.51
C ARG K 158 -54.35 -11.53 24.01
N ASP K 159 -54.69 -10.43 23.37
CA ASP K 159 -54.62 -10.32 21.92
C ASP K 159 -53.20 -10.21 21.41
N ALA K 160 -52.32 -9.65 22.25
CA ALA K 160 -50.98 -9.21 21.85
C ALA K 160 -50.11 -10.26 21.16
N ASP K 161 -50.07 -11.47 21.70
CA ASP K 161 -49.35 -12.60 21.10
C ASP K 161 -50.15 -13.17 19.93
N GLY K 162 -49.51 -13.49 18.80
CA GLY K 162 -48.11 -13.17 18.55
C GLY K 162 -48.03 -12.06 17.51
N ALA K 163 -47.37 -10.97 17.87
CA ALA K 163 -47.25 -9.79 17.02
C ALA K 163 -45.98 -9.04 17.36
N ASN K 164 -45.44 -8.34 16.37
CA ASN K 164 -44.15 -7.70 16.53
C ASN K 164 -44.18 -6.34 17.23
N ASN K 165 -45.32 -5.98 17.81
CA ASN K 165 -45.37 -4.81 18.69
C ASN K 165 -45.92 -5.15 20.07
N ASN K 166 -46.10 -6.43 20.32
CA ASN K 166 -46.52 -6.92 21.62
C ASN K 166 -45.50 -6.56 22.68
N PRO K 167 -45.93 -5.81 23.71
CA PRO K 167 -45.03 -5.26 24.72
C PRO K 167 -44.09 -6.30 25.31
N LEU K 168 -44.63 -7.35 25.90
CA LEU K 168 -43.81 -8.39 26.52
C LEU K 168 -43.36 -9.47 25.52
N GLY K 169 -42.23 -9.24 24.86
CA GLY K 169 -41.70 -10.20 23.88
C GLY K 169 -40.18 -10.24 23.78
N VAL K 170 -39.65 -11.30 23.14
CA VAL K 170 -38.19 -11.51 23.01
C VAL K 170 -37.49 -10.36 22.31
N PHE K 171 -36.18 -10.20 22.56
CA PHE K 171 -35.42 -9.08 22.00
C PHE K 171 -35.43 -9.06 20.49
N THR K 172 -35.22 -10.22 19.89
CA THR K 172 -35.34 -10.31 18.44
C THR K 172 -36.81 -10.16 18.19
N SER K 173 -37.17 -9.74 16.99
CA SER K 173 -38.57 -9.46 16.70
C SER K 173 -38.87 -7.99 16.96
N ALA K 174 -37.84 -7.22 17.24
CA ALA K 174 -37.99 -5.77 17.25
C ALA K 174 -37.23 -5.20 16.06
N ALA K 175 -37.93 -4.52 15.15
CA ALA K 175 -37.22 -3.93 13.98
C ALA K 175 -36.11 -2.94 14.34
N GLY K 176 -35.03 -2.96 13.56
CA GLY K 176 -33.85 -2.09 13.79
C GLY K 176 -34.15 -0.65 14.21
N LEU K 177 -33.42 -0.20 15.21
CA LEU K 177 -33.55 1.15 15.76
C LEU K 177 -34.99 1.53 16.12
N SER K 178 -35.63 0.75 16.99
CA SER K 178 -36.92 1.10 17.59
C SER K 178 -37.04 0.66 19.07
N GLU K 179 -38.03 1.20 19.79
CA GLU K 179 -38.26 0.86 21.20
C GLU K 179 -38.28 -0.65 21.33
N LEU K 180 -37.37 -1.20 22.13
CA LEU K 180 -37.31 -2.65 22.32
C LEU K 180 -38.41 -3.16 23.27
N PRO K 181 -38.97 -4.35 23.00
CA PRO K 181 -40.03 -4.87 23.84
C PRO K 181 -39.46 -5.26 25.20
N ARG K 182 -40.33 -5.47 26.19
CA ARG K 182 -39.92 -5.59 27.60
C ARG K 182 -39.26 -6.90 27.95
N GLY K 183 -39.42 -7.90 27.08
CA GLY K 183 -38.78 -9.19 27.27
C GLY K 183 -37.33 -9.18 26.84
N SER K 184 -36.87 -8.04 26.35
CA SER K 184 -35.46 -7.86 25.97
C SER K 184 -34.56 -7.78 27.19
N TYR K 185 -35.01 -7.06 28.22
CA TYR K 185 -34.21 -6.80 29.41
C TYR K 185 -33.51 -8.03 29.98
N THR K 186 -32.21 -7.92 30.17
CA THR K 186 -31.37 -9.05 30.54
C THR K 186 -31.56 -9.46 31.99
N MET K 187 -31.62 -10.77 32.25
CA MET K 187 -31.59 -11.32 33.64
C MET K 187 -31.52 -12.84 33.74
N ASN K 188 -30.60 -13.32 34.59
CA ASN K 188 -30.27 -14.75 34.67
C ASN K 188 -31.40 -15.65 35.08
N VAL K 189 -31.48 -16.81 34.45
CA VAL K 189 -32.51 -17.82 34.77
C VAL K 189 -31.91 -19.01 35.51
N VAL K 190 -31.87 -18.92 36.84
CA VAL K 190 -31.31 -19.99 37.66
C VAL K 190 -31.96 -21.35 37.33
N THR K 191 -33.30 -21.39 37.32
CA THR K 191 -34.03 -22.62 37.04
C THR K 191 -35.40 -22.36 36.43
N ASN K 192 -35.87 -23.31 35.62
CA ASN K 192 -37.18 -23.17 34.98
C ASN K 192 -37.79 -24.50 34.63
N THR K 193 -38.89 -24.81 35.30
CA THR K 193 -39.62 -26.06 35.08
C THR K 193 -41.12 -25.80 35.14
N THR K 194 -41.89 -26.87 34.99
CA THR K 194 -43.27 -26.89 35.44
C THR K 194 -43.18 -26.93 36.96
N THR K 195 -44.03 -26.13 37.63
CA THR K 195 -44.07 -25.99 39.11
C THR K 195 -43.07 -25.01 39.76
N THR K 196 -41.97 -24.69 39.07
CA THR K 196 -40.95 -23.82 39.67
C THR K 196 -40.21 -22.93 38.67
N ALA K 197 -40.04 -21.66 39.03
CA ALA K 197 -39.20 -20.74 38.30
C ALA K 197 -38.53 -19.83 39.29
N ARG K 198 -37.49 -19.11 38.85
CA ARG K 198 -36.65 -18.31 39.73
C ARG K 198 -35.66 -17.49 38.89
N ILE K 199 -35.59 -16.18 39.13
CA ILE K 199 -34.71 -15.34 38.34
C ILE K 199 -33.97 -14.36 39.26
N THR K 200 -32.78 -13.90 38.84
CA THR K 200 -31.94 -13.05 39.69
C THR K 200 -31.07 -12.05 38.92
N GLY K 201 -31.52 -10.79 38.86
CA GLY K 201 -30.72 -9.75 38.22
C GLY K 201 -30.53 -8.45 38.98
N VAL K 202 -30.32 -7.39 38.22
CA VAL K 202 -30.13 -6.06 38.77
C VAL K 202 -30.86 -5.11 37.83
N LEU K 203 -31.64 -4.19 38.39
CA LEU K 203 -32.35 -3.21 37.56
C LEU K 203 -32.32 -1.79 38.10
N TYR K 204 -32.20 -0.82 37.19
CA TYR K 204 -32.09 0.59 37.54
C TYR K 204 -33.40 1.31 37.36
N GLU K 205 -33.62 2.39 38.10
CA GLU K 205 -34.60 3.38 37.69
C GLU K 205 -34.11 4.75 37.96
N GLN K 206 -34.10 5.59 36.94
CA GLN K 206 -33.77 6.97 37.21
C GLN K 206 -34.87 7.55 38.06
N VAL K 207 -34.45 8.34 39.04
CA VAL K 207 -35.34 8.99 39.98
C VAL K 207 -36.13 10.10 39.27
N PHE K 208 -37.44 9.95 39.28
CA PHE K 208 -38.33 10.88 38.62
C PHE K 208 -38.81 11.99 39.53
N LEU K 209 -37.96 12.89 39.96
CA LEU K 209 -38.51 14.03 40.67
C LEU K 209 -37.67 15.31 40.55
N PRO K 210 -38.37 16.44 40.45
CA PRO K 210 -37.73 17.75 40.35
C PRO K 210 -37.09 18.06 41.68
N PRO K 211 -36.01 18.83 41.75
CA PRO K 211 -35.32 19.46 40.64
C PRO K 211 -34.56 18.48 39.76
N PHE K 212 -34.27 17.28 40.27
CA PHE K 212 -33.57 16.23 39.49
C PHE K 212 -34.34 15.90 38.21
N LEU K 213 -33.64 15.49 37.16
CA LEU K 213 -34.33 15.26 35.88
C LEU K 213 -34.12 13.89 35.22
N TRP K 214 -34.83 13.68 34.10
CA TRP K 214 -34.88 12.40 33.41
C TRP K 214 -35.12 12.54 31.93
N ASP K 215 -34.83 13.70 31.38
CA ASP K 215 -35.04 13.89 29.95
C ASP K 215 -33.97 14.72 29.25
N GLY K 216 -33.32 14.10 28.28
CA GLY K 216 -32.40 14.72 27.33
C GLY K 216 -31.47 15.84 27.76
N GLU K 217 -32.05 17.01 28.02
CA GLU K 217 -31.34 18.28 27.84
C GLU K 217 -30.12 18.58 28.72
N GLN K 218 -30.22 18.34 30.03
CA GLN K 218 -29.14 18.68 30.97
C GLN K 218 -29.11 20.18 31.35
N ALA K 219 -29.03 20.48 32.64
CA ALA K 219 -29.04 21.86 33.14
C ALA K 219 -28.24 21.98 34.45
N GLY K 220 -27.92 23.22 34.85
CA GLY K 220 -27.06 23.51 36.01
C GLY K 220 -27.39 22.76 37.29
N GLY K 221 -26.41 22.01 37.82
CA GLY K 221 -26.57 21.24 39.06
C GLY K 221 -26.72 22.09 40.32
N LEU K 222 -27.26 21.50 41.38
CA LEU K 222 -27.54 22.25 42.60
C LEU K 222 -26.31 22.45 43.45
N ALA K 223 -25.87 23.68 43.57
CA ALA K 223 -24.88 24.03 44.55
C ALA K 223 -25.37 25.30 45.20
N ASN K 224 -25.27 25.39 46.51
CA ASN K 224 -24.52 24.44 47.29
C ASN K 224 -25.34 23.91 48.45
N LEU K 225 -25.49 22.60 48.50
CA LEU K 225 -26.19 21.99 49.61
C LEU K 225 -25.20 21.32 50.55
N THR K 226 -25.65 20.97 51.75
CA THR K 226 -24.82 20.28 52.74
C THR K 226 -25.38 18.92 53.13
N SER K 227 -26.67 18.72 52.86
CA SER K 227 -27.32 17.45 53.17
C SER K 227 -28.29 17.07 52.07
N LEU K 228 -28.50 15.77 51.91
CA LEU K 228 -29.42 15.29 50.92
C LEU K 228 -29.74 13.87 51.33
N THR K 229 -30.99 13.45 51.19
CA THR K 229 -31.38 12.09 51.60
C THR K 229 -32.63 11.62 50.86
N PHE K 230 -32.83 10.32 50.70
CA PHE K 230 -34.02 9.82 50.01
C PHE K 230 -34.70 8.74 50.84
N ASN K 231 -35.97 8.44 50.55
CA ASN K 231 -36.72 7.36 51.23
C ASN K 231 -37.86 6.89 50.38
N TRP K 232 -37.76 5.68 49.87
CA TRP K 232 -38.86 5.15 49.10
C TRP K 232 -39.60 4.27 50.02
N VAL K 233 -40.91 4.44 50.14
CA VAL K 233 -41.68 3.46 50.89
C VAL K 233 -42.39 2.63 49.84
N LEU K 234 -41.98 1.38 49.71
CA LEU K 234 -42.58 0.52 48.69
C LEU K 234 -43.97 0.10 49.13
N ASN K 235 -44.90 0.09 48.18
CA ASN K 235 -46.23 -0.48 48.40
C ASN K 235 -46.07 -1.91 48.90
N ASN K 236 -46.98 -2.30 49.77
CA ASN K 236 -46.87 -3.57 50.48
C ASN K 236 -47.20 -4.84 49.68
N ASN K 237 -48.12 -4.77 48.73
CA ASN K 237 -48.49 -5.99 48.01
C ASN K 237 -47.33 -6.58 47.24
N LEU K 238 -46.63 -5.76 46.49
CA LEU K 238 -45.34 -6.09 45.94
C LEU K 238 -45.31 -7.37 45.10
N ALA K 239 -46.41 -7.65 44.42
CA ALA K 239 -46.46 -8.65 43.33
C ALA K 239 -46.77 -7.98 42.00
N ARG K 240 -46.91 -6.66 42.05
CA ARG K 240 -47.25 -5.85 40.88
C ARG K 240 -46.01 -5.51 40.06
N ILE K 241 -44.85 -6.00 40.48
CA ILE K 241 -43.63 -5.74 39.72
C ILE K 241 -43.61 -6.53 38.40
N TRP K 242 -44.22 -7.72 38.42
CA TRP K 242 -44.24 -8.63 37.25
C TRP K 242 -45.46 -8.39 36.42
N SER K 243 -45.51 -9.00 35.23
CA SER K 243 -46.71 -8.94 34.36
C SER K 243 -46.89 -10.24 33.58
N HIS K 244 -48.12 -10.60 33.29
CA HIS K 244 -48.40 -11.88 32.66
C HIS K 244 -49.19 -11.68 31.42
N SER K 245 -49.44 -12.75 30.66
CA SER K 245 -50.44 -12.68 29.61
C SER K 245 -51.57 -13.64 29.93
N ASP K 246 -52.76 -13.30 29.45
CA ASP K 246 -53.95 -14.02 29.85
C ASP K 246 -54.23 -15.24 28.99
N ILE K 247 -53.60 -15.33 27.83
CA ILE K 247 -53.99 -16.32 26.85
C ILE K 247 -53.82 -17.69 27.45
N THR K 248 -52.76 -17.85 28.22
CA THR K 248 -52.52 -19.09 28.94
C THR K 248 -53.50 -19.22 30.09
N ASN K 249 -53.73 -20.45 30.52
CA ASN K 249 -54.59 -20.67 31.67
C ASN K 249 -55.99 -21.10 31.25
N ASP K 250 -56.67 -21.78 32.16
CA ASP K 250 -57.89 -22.51 31.84
C ASP K 250 -59.15 -21.72 31.54
N VAL K 251 -59.90 -22.24 30.59
CA VAL K 251 -61.26 -21.75 30.25
C VAL K 251 -62.12 -21.67 31.53
N SER K 252 -61.80 -22.53 32.48
CA SER K 252 -62.36 -22.46 33.84
C SER K 252 -62.18 -21.05 34.42
N GLY K 253 -60.99 -20.48 34.24
CA GLY K 253 -60.72 -19.10 34.66
C GLY K 253 -59.48 -18.96 35.53
N ASN K 254 -58.95 -20.10 35.97
CA ASN K 254 -57.82 -20.12 36.91
C ASN K 254 -56.46 -19.97 36.25
N SER K 255 -55.53 -19.36 36.99
CA SER K 255 -54.22 -19.00 36.48
C SER K 255 -53.14 -20.06 36.74
N THR K 256 -51.95 -19.84 36.17
CA THR K 256 -50.81 -20.72 36.37
C THR K 256 -50.09 -20.41 37.68
N ILE K 257 -49.69 -19.16 37.86
CA ILE K 257 -49.22 -18.67 39.14
C ILE K 257 -50.48 -18.22 39.89
N GLY K 258 -50.80 -18.82 41.04
CA GLY K 258 -49.87 -19.56 41.88
C GLY K 258 -49.67 -18.64 43.06
N SER K 259 -48.40 -18.37 43.37
CA SER K 259 -47.98 -17.26 44.21
C SER K 259 -46.52 -16.95 43.87
N MET K 260 -45.97 -15.91 44.47
CA MET K 260 -44.57 -15.58 44.25
C MET K 260 -44.08 -14.74 45.40
N ASN K 261 -42.77 -14.67 45.56
CA ASN K 261 -42.22 -13.76 46.53
C ASN K 261 -41.01 -13.06 45.93
N ILE K 262 -40.83 -11.79 46.29
CA ILE K 262 -39.74 -10.98 45.76
C ILE K 262 -38.83 -10.62 46.92
N SER K 263 -37.54 -10.41 46.64
CA SER K 263 -36.60 -9.96 47.66
C SER K 263 -35.43 -9.20 47.07
N PHE K 264 -35.07 -8.11 47.72
CA PHE K 264 -34.06 -7.24 47.20
C PHE K 264 -32.82 -7.45 48.04
N GLN K 265 -31.65 -7.22 47.45
CA GLN K 265 -30.39 -7.29 48.17
C GLN K 265 -30.01 -5.86 48.47
N GLN K 266 -28.75 -5.60 48.71
CA GLN K 266 -28.33 -4.24 48.95
C GLN K 266 -28.63 -3.40 47.71
N PRO K 267 -29.05 -2.16 47.90
CA PRO K 267 -29.39 -1.28 46.80
C PRO K 267 -28.60 -0.01 46.99
N SER K 268 -28.39 0.76 45.94
CA SER K 268 -27.41 1.88 46.02
C SER K 268 -27.64 3.01 45.03
N MET K 269 -27.65 4.23 45.51
CA MET K 269 -27.77 5.40 44.65
C MET K 269 -26.44 5.74 44.00
N TYR K 270 -26.46 6.50 42.89
CA TYR K 270 -25.24 6.95 42.21
C TYR K 270 -25.29 8.42 41.88
N LEU K 271 -24.64 9.24 42.68
CA LEU K 271 -24.71 10.69 42.47
C LEU K 271 -23.50 11.22 41.76
N GLY K 272 -23.71 12.05 40.72
CA GLY K 272 -22.60 12.77 40.08
C GLY K 272 -22.21 13.97 40.92
N PHE K 273 -20.95 14.36 40.87
CA PHE K 273 -20.49 15.61 41.47
C PHE K 273 -19.46 16.22 40.53
N VAL K 274 -19.07 17.47 40.76
CA VAL K 274 -17.89 18.04 40.12
C VAL K 274 -17.54 19.31 40.85
N THR K 275 -16.26 19.59 41.02
CA THR K 275 -15.90 20.74 41.82
C THR K 275 -15.42 21.87 40.95
N PRO K 276 -16.15 22.99 40.92
CA PRO K 276 -15.92 24.12 40.00
C PRO K 276 -14.48 24.60 40.03
N ARG K 277 -13.87 24.84 38.86
CA ARG K 277 -12.42 25.11 38.82
C ARG K 277 -12.04 26.37 39.59
N LEU K 278 -10.99 26.27 40.40
CA LEU K 278 -10.71 27.20 41.48
C LEU K 278 -10.87 28.69 41.12
N ASN K 279 -10.44 29.06 39.92
CA ASN K 279 -10.49 30.45 39.49
C ASN K 279 -11.90 31.08 39.42
N ILE K 280 -12.82 30.44 38.72
CA ILE K 280 -14.21 30.92 38.60
C ILE K 280 -14.98 30.73 39.91
N PRO K 281 -15.67 31.78 40.36
CA PRO K 281 -16.45 31.67 41.58
C PRO K 281 -17.98 31.52 41.37
N ILE K 282 -18.53 30.40 41.82
CA ILE K 282 -19.99 30.20 41.88
C ILE K 282 -20.59 31.04 43.03
N PRO K 283 -21.59 31.89 42.73
CA PRO K 283 -22.22 32.79 43.72
C PRO K 283 -22.76 32.07 44.97
N PRO K 284 -22.74 32.75 46.14
CA PRO K 284 -23.14 32.11 47.41
C PRO K 284 -24.57 31.58 47.43
N ARG K 285 -25.53 32.35 46.95
CA ARG K 285 -26.96 31.98 46.98
C ARG K 285 -27.55 31.89 45.57
N ILE K 286 -28.08 30.73 45.18
CA ILE K 286 -28.62 30.55 43.81
C ILE K 286 -30.07 30.08 43.77
N THR K 287 -30.71 30.12 42.59
CA THR K 287 -32.14 29.83 42.49
C THR K 287 -32.52 28.96 41.30
N TYR K 288 -33.28 27.91 41.53
CA TYR K 288 -33.67 26.96 40.47
C TYR K 288 -35.17 26.90 40.26
N PRO K 289 -35.61 26.55 39.04
CA PRO K 289 -37.04 26.32 38.84
C PRO K 289 -37.47 25.03 39.55
N TYR K 290 -38.71 24.96 40.03
CA TYR K 290 -39.22 23.72 40.65
C TYR K 290 -40.72 23.57 40.56
N PHE K 291 -41.19 22.35 40.32
CA PHE K 291 -42.58 22.07 40.03
C PHE K 291 -43.12 21.05 41.01
N LYS K 292 -44.21 21.37 41.69
CA LYS K 292 -44.81 20.41 42.61
C LYS K 292 -45.96 19.65 41.93
N LEU K 293 -45.78 18.35 41.72
CA LEU K 293 -46.81 17.56 41.06
C LEU K 293 -47.73 16.96 42.10
N SER K 294 -49.02 17.13 41.91
CA SER K 294 -50.01 16.67 42.87
C SER K 294 -51.15 16.04 42.14
N ARG K 295 -51.86 15.13 42.79
CA ARG K 295 -52.96 14.43 42.14
C ARG K 295 -54.17 14.24 43.03
N TYR K 296 -55.35 14.17 42.42
CA TYR K 296 -56.57 13.82 43.11
C TYR K 296 -57.35 12.88 42.23
N THR K 297 -58.28 12.14 42.81
CA THR K 297 -59.11 11.24 42.03
C THR K 297 -60.48 11.09 42.65
N THR K 298 -61.48 10.70 41.85
CA THR K 298 -62.80 10.40 42.40
C THR K 298 -63.42 9.08 41.92
N GLN K 299 -63.85 8.25 42.87
CA GLN K 299 -64.39 6.92 42.59
C GLN K 299 -65.86 6.83 42.18
N PHE K 300 -66.23 5.76 41.46
CA PHE K 300 -67.63 5.52 41.09
C PHE K 300 -68.15 4.10 41.34
N GLN K 301 -69.36 3.99 41.90
CA GLN K 301 -69.92 2.72 42.36
C GLN K 301 -70.47 1.79 41.25
N ASN K 302 -71.15 2.37 40.25
CA ASN K 302 -71.71 1.60 39.13
C ASN K 302 -70.68 1.32 38.04
N THR K 303 -70.84 0.21 37.33
CA THR K 303 -69.88 -0.20 36.31
C THR K 303 -70.49 -0.24 34.89
N LEU K 304 -69.64 -0.13 33.88
CA LEU K 304 -70.08 -0.27 32.49
C LEU K 304 -69.22 -1.30 31.76
N ALA K 305 -69.80 -1.95 30.75
CA ALA K 305 -69.15 -3.07 30.07
C ALA K 305 -69.96 -3.47 28.85
N PRO K 306 -69.32 -4.14 27.87
CA PRO K 306 -67.87 -4.05 27.67
C PRO K 306 -67.53 -2.80 26.85
N ASN K 307 -68.42 -2.38 25.95
CA ASN K 307 -68.25 -1.12 25.21
C ASN K 307 -69.50 -0.26 25.08
N ALA K 308 -69.97 0.27 26.20
CA ALA K 308 -71.03 1.27 26.24
C ALA K 308 -70.59 2.53 27.01
N SER K 309 -71.17 3.66 26.63
CA SER K 309 -70.82 4.98 27.17
C SER K 309 -71.33 5.29 28.56
N SER K 310 -70.73 6.29 29.18
CA SER K 310 -71.24 6.84 30.44
C SER K 310 -70.67 8.22 30.69
N THR K 311 -71.22 8.94 31.65
CA THR K 311 -70.72 10.27 31.97
C THR K 311 -70.46 10.41 33.45
N PHE K 312 -69.56 11.33 33.82
CA PHE K 312 -69.15 11.48 35.20
C PHE K 312 -68.87 12.94 35.60
N LYS K 313 -69.18 13.27 36.85
CA LYS K 313 -68.81 14.57 37.43
C LYS K 313 -67.65 14.30 38.36
N SER K 314 -67.04 15.35 38.94
CA SER K 314 -65.77 15.13 39.64
C SER K 314 -65.61 15.68 41.08
N ASN K 315 -66.62 16.34 41.63
CA ASN K 315 -66.48 17.06 42.90
C ASN K 315 -65.65 18.29 42.68
N VAL K 316 -65.75 19.24 43.58
CA VAL K 316 -64.99 20.47 43.39
C VAL K 316 -63.65 20.35 44.09
N VAL K 317 -62.58 20.18 43.31
CA VAL K 317 -61.25 20.08 43.89
C VAL K 317 -60.58 21.43 43.74
N GLN K 318 -60.29 22.10 44.85
CA GLN K 318 -59.82 23.45 44.75
C GLN K 318 -58.29 23.53 44.71
N LEU K 319 -57.75 23.86 43.54
CA LEU K 319 -56.33 24.12 43.37
C LEU K 319 -55.98 25.44 44.02
N ASP K 320 -54.85 25.49 44.73
CA ASP K 320 -54.46 26.68 45.50
C ASP K 320 -53.90 27.85 44.65
N SER K 321 -53.35 27.51 43.49
CA SER K 321 -52.77 28.49 42.56
C SER K 321 -53.10 27.98 41.15
N ILE K 322 -52.73 28.73 40.11
CA ILE K 322 -52.94 28.23 38.73
C ILE K 322 -51.74 27.41 38.27
N PRO K 323 -51.95 26.12 38.03
CA PRO K 323 -50.79 25.28 37.71
C PRO K 323 -50.38 25.46 36.27
N ARG K 324 -49.14 25.12 35.91
CA ARG K 324 -48.69 25.25 34.50
C ARG K 324 -49.36 24.28 33.57
N LYS K 325 -49.32 22.99 33.89
CA LYS K 325 -50.04 22.00 33.09
C LYS K 325 -51.14 21.38 33.92
N LEU K 326 -52.00 20.61 33.26
CA LEU K 326 -53.02 19.86 33.97
C LEU K 326 -53.40 18.65 33.12
N TYR K 327 -53.36 17.46 33.71
CA TYR K 327 -53.64 16.21 33.00
C TYR K 327 -54.94 15.63 33.50
N LEU K 328 -55.65 14.88 32.65
CA LEU K 328 -56.91 14.25 33.06
C LEU K 328 -57.26 13.04 32.22
N PHE K 329 -57.46 11.90 32.89
CA PHE K 329 -57.75 10.63 32.21
C PHE K 329 -58.54 9.69 33.08
N VAL K 330 -59.36 8.85 32.45
CA VAL K 330 -60.12 7.84 33.18
C VAL K 330 -59.41 6.50 33.14
N LYS K 331 -58.95 6.04 34.30
CA LYS K 331 -58.21 4.79 34.42
C LYS K 331 -59.13 3.72 35.01
N GLN K 332 -58.85 2.45 34.70
CA GLN K 332 -59.55 1.34 35.35
C GLN K 332 -59.32 1.40 36.86
N SER K 333 -60.37 1.19 37.65
CA SER K 333 -60.32 1.37 39.12
C SER K 333 -59.35 0.47 39.85
N ASP K 334 -58.56 1.07 40.75
CA ASP K 334 -57.62 0.32 41.58
C ASP K 334 -58.27 -0.64 42.58
N ASN K 335 -59.43 -0.28 43.10
CA ASN K 335 -59.96 -1.01 44.22
C ASN K 335 -60.01 -2.46 43.81
N VAL K 336 -60.33 -2.69 42.55
CA VAL K 336 -60.39 -4.07 42.03
C VAL K 336 -59.02 -4.64 41.66
N ILE K 337 -58.17 -3.87 40.97
CA ILE K 337 -56.94 -4.49 40.46
C ILE K 337 -56.02 -5.04 41.54
N TYR K 338 -56.18 -4.60 42.79
CA TYR K 338 -55.27 -5.08 43.81
C TYR K 338 -55.62 -6.42 44.45
N GLN K 339 -56.81 -6.95 44.19
CA GLN K 339 -57.23 -8.21 44.80
C GLN K 339 -56.84 -9.46 44.00
N ASN K 340 -56.89 -10.62 44.66
CA ASN K 340 -56.76 -11.94 44.03
C ASN K 340 -55.49 -12.26 43.25
N LEU K 341 -54.40 -11.53 43.47
CA LEU K 341 -53.13 -11.75 42.74
C LEU K 341 -53.30 -11.84 41.22
N ASN K 342 -53.83 -12.96 40.70
CA ASN K 342 -54.06 -13.12 39.27
C ASN K 342 -54.57 -11.84 38.62
N ASN K 343 -55.59 -11.24 39.22
CA ASN K 343 -56.12 -9.96 38.74
C ASN K 343 -55.04 -8.88 38.80
N GLN K 344 -54.24 -8.92 39.86
CA GLN K 344 -53.20 -7.94 40.12
C GLN K 344 -52.02 -8.03 39.16
N ILE K 345 -51.63 -9.25 38.81
CA ILE K 345 -50.49 -9.48 37.95
C ILE K 345 -50.84 -9.24 36.47
N THR K 346 -52.01 -9.68 36.03
CA THR K 346 -52.27 -9.80 34.59
C THR K 346 -52.96 -8.66 33.85
N THR K 347 -53.47 -7.65 34.54
CA THR K 347 -54.07 -6.51 33.82
C THR K 347 -53.03 -5.48 33.40
N PRO K 348 -53.16 -4.94 32.19
CA PRO K 348 -52.28 -3.86 31.77
C PRO K 348 -52.60 -2.57 32.52
N ASP K 349 -52.02 -1.46 32.08
CA ASP K 349 -52.26 -0.14 32.68
C ASP K 349 -52.58 0.92 31.60
N VAL K 350 -53.85 1.05 31.29
CA VAL K 350 -54.30 1.83 30.13
C VAL K 350 -55.51 2.69 30.48
N PHE K 351 -56.27 3.13 29.48
CA PHE K 351 -57.36 4.08 29.74
C PHE K 351 -58.59 3.82 28.88
N LEU K 352 -59.75 4.25 29.37
CA LEU K 352 -61.01 4.22 28.61
C LEU K 352 -61.02 5.42 27.67
N GLN K 353 -61.48 5.23 26.43
CA GLN K 353 -61.49 6.33 25.45
C GLN K 353 -62.43 7.50 25.83
N ILE K 354 -61.87 8.69 25.93
CA ILE K 354 -62.66 9.91 26.10
C ILE K 354 -63.41 10.22 24.80
N ASN K 355 -64.71 10.50 24.89
CA ASN K 355 -65.49 10.90 23.73
C ASN K 355 -65.77 12.38 23.67
N ASN K 356 -66.03 12.96 24.83
CA ASN K 356 -66.20 14.38 24.95
C ASN K 356 -65.85 14.81 26.37
N LEU K 357 -64.91 15.73 26.50
CA LEU K 357 -64.59 16.24 27.81
C LEU K 357 -65.06 17.67 27.86
N ASN K 358 -65.91 17.96 28.85
CA ASN K 358 -66.52 19.28 28.99
C ASN K 358 -66.41 19.73 30.44
N LEU K 359 -65.42 20.59 30.70
CA LEU K 359 -65.05 20.93 32.08
C LEU K 359 -65.42 22.34 32.45
N THR K 360 -65.56 22.63 33.74
CA THR K 360 -65.91 23.98 34.18
C THR K 360 -64.78 24.68 34.91
N TRP K 361 -64.37 25.82 34.37
CA TRP K 361 -63.27 26.60 34.89
C TRP K 361 -63.71 27.67 35.88
N ASN K 362 -62.85 28.64 36.09
CA ASN K 362 -63.09 29.68 37.10
C ASN K 362 -64.27 30.55 36.74
N ASN K 363 -65.46 30.10 37.09
CA ASN K 363 -66.67 30.85 36.82
C ASN K 363 -67.20 30.74 35.41
N GLN K 364 -66.70 29.76 34.67
CA GLN K 364 -67.25 29.44 33.38
C GLN K 364 -67.71 28.01 33.44
N GLN K 365 -68.95 27.77 33.04
CA GLN K 365 -69.50 26.47 33.02
C GLN K 365 -69.40 26.10 31.59
N GLY K 366 -68.54 25.18 31.20
CA GLY K 366 -68.79 24.71 29.85
C GLY K 366 -67.66 25.03 28.88
N ILE K 367 -66.48 25.33 29.40
CA ILE K 367 -65.28 25.47 28.57
C ILE K 367 -64.98 24.15 27.84
N LEU K 368 -64.51 24.22 26.59
CA LEU K 368 -64.17 23.02 25.80
C LEU K 368 -65.38 22.19 25.41
N SER K 369 -66.56 22.78 25.50
CA SER K 369 -67.84 22.07 25.36
C SER K 369 -67.91 21.15 24.16
N GLY K 370 -67.95 21.76 22.98
CA GLY K 370 -68.28 21.04 21.76
C GLY K 370 -67.12 20.84 20.82
N ALA K 371 -65.98 20.45 21.37
CA ALA K 371 -64.84 20.01 20.57
C ALA K 371 -64.83 18.48 20.45
N SER K 372 -64.87 17.97 19.22
CA SER K 372 -64.90 16.53 18.99
C SER K 372 -63.69 15.83 19.57
N SER K 373 -63.87 14.59 20.04
CA SER K 373 -62.79 13.79 20.65
C SER K 373 -61.49 13.95 19.89
N GLN K 374 -61.64 13.96 18.58
CA GLN K 374 -60.59 14.20 17.62
C GLN K 374 -59.94 15.54 17.86
N ASN K 375 -60.78 16.53 18.06
CA ASN K 375 -60.38 17.90 18.27
C ASN K 375 -59.54 18.14 19.54
N LEU K 376 -59.80 17.35 20.60
CA LEU K 376 -59.09 17.46 21.88
C LEU K 376 -57.67 16.96 21.77
N TYR K 377 -57.52 15.87 21.06
CA TYR K 377 -56.24 15.24 20.85
C TYR K 377 -55.29 16.17 20.12
N ASP K 378 -55.78 16.83 19.07
CA ASP K 378 -54.97 17.76 18.28
C ASP K 378 -54.14 18.61 19.20
N PHE K 379 -54.82 19.39 20.03
CA PHE K 379 -54.19 20.45 20.81
C PHE K 379 -53.34 19.94 21.95
N SER K 380 -53.40 18.64 22.18
CA SER K 380 -52.54 18.02 23.19
C SER K 380 -51.23 17.49 22.61
N VAL K 381 -51.16 17.19 21.32
CA VAL K 381 -49.89 16.80 20.74
C VAL K 381 -48.99 18.00 20.56
N GLN K 382 -49.55 19.20 20.67
CA GLN K 382 -48.73 20.36 20.77
C GLN K 382 -48.11 20.43 22.17
N ASN K 383 -48.64 19.64 23.10
CA ASN K 383 -47.99 19.40 24.38
C ASN K 383 -47.20 18.10 24.35
N GLY K 384 -47.01 17.59 23.14
CA GLY K 384 -46.07 16.49 22.92
C GLY K 384 -46.59 15.12 23.30
N TYR K 385 -47.88 14.87 23.09
CA TYR K 385 -48.43 13.56 23.41
C TYR K 385 -47.59 12.41 22.87
N ASN K 386 -47.13 12.54 21.62
CA ASN K 386 -46.16 11.60 20.97
C ASN K 386 -46.69 10.28 20.36
N LYS K 387 -47.60 9.61 21.07
CA LYS K 387 -48.14 8.36 20.55
C LYS K 387 -49.10 8.68 19.44
N THR K 388 -49.14 7.83 18.43
CA THR K 388 -49.98 8.04 17.26
C THR K 388 -51.46 8.02 17.61
N TRP K 389 -52.25 8.80 16.88
CA TRP K 389 -53.67 9.01 17.19
C TRP K 389 -54.52 7.79 17.14
N SER K 390 -54.28 6.89 16.20
CA SER K 390 -55.09 5.70 16.13
C SER K 390 -54.99 4.86 17.42
N GLU K 391 -53.94 5.10 18.21
CA GLU K 391 -53.77 4.41 19.50
C GLU K 391 -54.53 5.12 20.58
N PHE K 392 -54.53 6.45 20.52
CA PHE K 392 -55.43 7.29 21.31
C PHE K 392 -56.83 6.96 20.79
N ASN K 393 -57.87 7.18 21.58
CA ASN K 393 -59.24 6.78 21.20
C ASN K 393 -59.34 5.28 20.86
N GLY K 394 -58.30 4.54 21.22
CA GLY K 394 -58.06 3.21 20.67
C GLY K 394 -59.22 2.26 20.58
N VAL K 395 -59.66 2.02 19.35
CA VAL K 395 -60.41 0.82 18.98
C VAL K 395 -59.83 0.48 17.64
N THR K 396 -59.66 -0.80 17.33
CA THR K 396 -59.13 -1.20 16.03
C THR K 396 -59.64 -2.58 15.61
N GLN K 397 -60.51 -2.60 14.60
CA GLN K 397 -61.01 -3.87 14.08
C GLN K 397 -59.88 -4.66 13.42
N GLN K 398 -60.18 -5.89 13.02
CA GLN K 398 -59.23 -6.73 12.31
C GLN K 398 -59.99 -7.85 11.66
N PHE K 399 -60.40 -7.66 10.41
CA PHE K 399 -61.18 -8.71 9.72
C PHE K 399 -60.32 -9.91 9.40
N ASN K 400 -60.92 -11.09 9.57
CA ASN K 400 -60.34 -12.34 9.11
C ASN K 400 -60.91 -12.72 7.75
N GLY K 401 -60.29 -13.65 7.05
CA GLY K 401 -60.83 -14.00 5.75
C GLY K 401 -61.02 -15.49 5.60
N VAL K 402 -61.95 -16.00 6.39
CA VAL K 402 -62.34 -17.39 6.33
C VAL K 402 -63.83 -17.42 6.59
N SER K 403 -64.50 -18.47 6.13
CA SER K 403 -65.95 -18.52 6.25
C SER K 403 -66.44 -19.55 7.26
N GLY K 404 -67.33 -19.12 8.15
CA GLY K 404 -67.74 -17.71 8.17
C GLY K 404 -67.94 -17.23 9.62
N GLN K 405 -66.84 -16.92 10.30
CA GLN K 405 -66.88 -16.47 11.70
C GLN K 405 -66.53 -14.99 11.81
N PRO K 406 -67.55 -14.15 12.15
CA PRO K 406 -67.42 -12.69 12.21
C PRO K 406 -66.14 -12.14 12.85
N THR K 407 -65.64 -11.08 12.23
CA THR K 407 -64.37 -10.43 12.51
C THR K 407 -64.20 -9.99 13.96
N LYS K 408 -62.95 -9.87 14.41
CA LYS K 408 -62.66 -9.42 15.78
C LYS K 408 -62.21 -7.97 15.85
N VAL K 409 -62.63 -7.29 16.90
CA VAL K 409 -62.16 -5.95 17.19
C VAL K 409 -61.04 -6.10 18.24
N ILE K 410 -60.38 -5.01 18.59
CA ILE K 410 -59.36 -4.99 19.64
C ILE K 410 -59.46 -3.66 20.40
N GLY K 411 -59.47 -3.70 21.72
CA GLY K 411 -59.32 -2.47 22.50
C GLY K 411 -57.87 -2.04 22.36
N LEU K 412 -57.63 -0.73 22.35
CA LEU K 412 -56.29 -0.13 22.33
C LEU K 412 -56.22 0.95 23.40
N GLU K 413 -55.03 1.38 23.81
CA GLU K 413 -54.95 2.32 24.92
C GLU K 413 -55.65 3.64 24.62
N GLY K 414 -56.51 4.07 25.53
CA GLY K 414 -57.28 5.29 25.39
C GLY K 414 -56.39 6.48 25.62
N GLY K 415 -56.76 7.67 25.17
CA GLY K 415 -55.80 8.74 25.37
C GLY K 415 -55.85 9.32 26.77
N ILE K 416 -54.90 10.19 27.09
CA ILE K 416 -55.00 11.00 28.28
C ILE K 416 -54.81 12.43 27.84
N VAL K 417 -55.88 13.21 27.85
CA VAL K 417 -55.81 14.61 27.43
C VAL K 417 -55.00 15.43 28.41
N CYS K 418 -54.35 16.47 27.92
CA CYS K 418 -53.69 17.41 28.80
C CYS K 418 -53.80 18.80 28.25
N LEU K 419 -54.31 19.72 29.07
CA LEU K 419 -54.43 21.13 28.75
C LEU K 419 -53.40 21.93 29.54
N GLU K 420 -52.48 22.55 28.80
CA GLU K 420 -51.59 23.56 29.35
C GLU K 420 -52.48 24.74 29.70
N LEU K 421 -52.35 25.28 30.92
CA LEU K 421 -53.44 26.06 31.51
C LEU K 421 -53.56 27.54 31.15
N GLY K 422 -52.46 28.17 30.71
CA GLY K 422 -52.54 29.57 30.26
C GLY K 422 -52.76 29.69 28.77
N LYS K 423 -52.59 28.56 28.12
CA LYS K 423 -52.51 28.48 26.67
C LYS K 423 -53.80 27.98 26.06
N ASP K 424 -54.26 26.86 26.59
CA ASP K 424 -55.24 26.06 25.92
C ASP K 424 -56.57 26.18 26.60
N VAL K 425 -56.57 26.54 27.88
CA VAL K 425 -57.82 26.73 28.56
C VAL K 425 -58.21 28.21 28.54
N GLY K 426 -57.23 29.10 28.44
CA GLY K 426 -57.49 30.53 28.38
C GLY K 426 -57.83 31.10 29.74
N LEU K 427 -57.15 32.18 30.10
CA LEU K 427 -57.10 32.63 31.49
C LEU K 427 -57.71 34.01 31.66
N ARG K 428 -58.10 34.36 32.89
CA ARG K 428 -58.61 35.70 33.22
C ARG K 428 -57.66 36.83 32.82
N ASP K 429 -58.16 38.07 32.80
CA ASP K 429 -57.31 39.21 32.54
C ASP K 429 -56.41 39.48 33.74
N ASP K 430 -55.17 39.88 33.46
CA ASP K 430 -54.25 40.32 34.50
C ASP K 430 -53.91 39.23 35.49
N GLU K 431 -53.97 37.99 35.05
CA GLU K 431 -53.60 36.88 35.90
C GLU K 431 -52.89 35.87 35.03
N ALA K 432 -51.98 35.12 35.60
CA ALA K 432 -51.07 34.29 34.82
C ALA K 432 -50.52 33.12 35.61
N GLU K 433 -49.82 32.23 34.92
CA GLU K 433 -49.41 30.95 35.49
C GLU K 433 -49.03 31.00 36.96
N GLY K 434 -47.98 31.73 37.29
CA GLY K 434 -47.50 31.88 38.66
C GLY K 434 -48.55 32.31 39.69
N VAL K 435 -49.34 33.33 39.34
CA VAL K 435 -50.34 33.96 40.22
C VAL K 435 -51.14 33.03 41.16
N ILE K 436 -51.10 33.32 42.45
CA ILE K 436 -51.71 32.44 43.45
C ILE K 436 -52.94 33.03 44.06
N GLY K 437 -54.02 32.30 43.96
CA GLY K 437 -55.32 32.70 44.46
C GLY K 437 -56.09 31.41 44.63
N ASN K 438 -57.24 31.47 45.28
CA ASN K 438 -58.01 30.24 45.44
C ASN K 438 -59.04 30.04 44.34
N PHE K 439 -58.84 29.01 43.53
CA PHE K 439 -59.68 28.73 42.38
C PHE K 439 -60.22 27.33 42.36
N ASN K 440 -61.51 27.22 42.08
CA ASN K 440 -62.21 25.92 42.02
C ASN K 440 -62.30 25.39 40.59
N LEU K 441 -62.14 24.07 40.45
CA LEU K 441 -62.13 23.40 39.16
C LEU K 441 -62.82 22.07 39.31
N GLN K 442 -63.70 21.71 38.38
CA GLN K 442 -64.29 20.37 38.42
C GLN K 442 -64.67 19.80 37.04
N VAL K 443 -63.84 18.88 36.54
CA VAL K 443 -64.04 18.29 35.22
C VAL K 443 -65.30 17.45 35.15
N GLN K 444 -65.76 17.24 33.94
CA GLN K 444 -66.93 16.43 33.71
C GLN K 444 -66.75 15.83 32.32
N MET K 445 -66.47 14.53 32.23
CA MET K 445 -66.26 13.91 30.91
C MET K 445 -66.87 12.54 30.75
N THR K 446 -67.21 12.23 29.50
CA THR K 446 -67.84 10.96 29.12
C THR K 446 -66.83 10.00 28.53
N VAL K 447 -66.86 8.75 28.98
CA VAL K 447 -65.91 7.75 28.52
C VAL K 447 -66.57 6.41 28.19
N THR K 448 -66.12 5.83 27.08
CA THR K 448 -66.58 4.54 26.62
C THR K 448 -65.46 3.52 26.77
N ASN K 449 -65.73 2.47 27.53
CA ASN K 449 -64.82 1.33 27.62
C ASN K 449 -64.72 0.70 26.25
N THR K 450 -63.50 0.38 25.81
CA THR K 450 -63.28 -0.22 24.47
C THR K 450 -62.87 -1.70 24.54
N ASN K 451 -62.08 -2.03 25.56
CA ASN K 451 -61.72 -3.40 25.90
C ASN K 451 -62.97 -4.29 25.87
N GLN K 452 -62.93 -5.37 25.10
CA GLN K 452 -64.13 -6.23 24.92
C GLN K 452 -64.14 -7.52 25.74
N TYR K 453 -63.20 -7.65 26.67
CA TYR K 453 -63.13 -8.87 27.49
C TYR K 453 -63.75 -8.77 28.87
N VAL K 454 -63.58 -7.62 29.53
CA VAL K 454 -63.97 -7.51 30.95
C VAL K 454 -64.83 -6.28 31.29
N THR K 455 -65.61 -6.42 32.35
CA THR K 455 -66.31 -5.30 32.96
C THR K 455 -65.26 -4.38 33.56
N VAL K 456 -65.50 -3.09 33.46
CA VAL K 456 -64.59 -2.09 34.00
C VAL K 456 -65.35 -1.20 34.97
N THR K 457 -64.67 -0.82 36.05
CA THR K 457 -65.11 0.30 36.85
C THR K 457 -64.17 1.48 36.59
N PRO K 458 -64.68 2.70 36.71
CA PRO K 458 -63.79 3.78 36.38
C PRO K 458 -63.38 4.66 37.56
N ASP K 459 -62.08 4.82 37.73
CA ASP K 459 -61.53 5.91 38.48
C ASP K 459 -61.46 7.11 37.52
N MET K 460 -61.12 8.29 38.03
CA MET K 460 -60.80 9.46 37.21
C MET K 460 -59.71 10.23 37.92
N TYR K 461 -58.65 10.56 37.21
CA TYR K 461 -57.57 11.35 37.82
C TYR K 461 -57.52 12.77 37.29
N ILE K 462 -56.86 13.67 38.01
CA ILE K 462 -56.59 15.02 37.54
C ILE K 462 -55.28 15.50 38.12
N VAL K 463 -54.21 15.31 37.36
CA VAL K 463 -52.87 15.58 37.85
C VAL K 463 -52.44 17.00 37.44
N ALA K 464 -52.26 17.88 38.43
CA ALA K 464 -51.78 19.25 38.18
C ALA K 464 -50.27 19.29 38.28
N VAL K 465 -49.63 20.36 37.80
CA VAL K 465 -48.20 20.57 38.04
C VAL K 465 -47.86 22.05 38.20
N TYR K 466 -47.46 22.44 39.40
CA TYR K 466 -47.29 23.84 39.76
C TYR K 466 -45.97 24.44 39.33
N ASP K 467 -45.77 25.72 39.66
CA ASP K 467 -44.56 26.45 39.29
C ASP K 467 -44.10 27.41 40.37
N GLY K 468 -42.85 27.23 40.78
CA GLY K 468 -42.28 28.05 41.83
C GLY K 468 -40.78 28.00 41.83
N THR K 469 -40.19 29.09 42.28
CA THR K 469 -38.75 29.20 42.43
C THR K 469 -38.33 28.57 43.76
N LEU K 470 -37.24 27.81 43.77
CA LEU K 470 -36.69 27.40 45.04
C LEU K 470 -35.24 27.86 45.13
N VAL K 471 -34.90 28.50 46.24
CA VAL K 471 -33.62 29.18 46.40
C VAL K 471 -32.69 28.39 47.30
N ILE K 472 -31.82 27.56 46.74
CA ILE K 472 -30.84 26.86 47.57
C ILE K 472 -29.74 27.81 48.03
N SER K 473 -29.43 27.77 49.32
CA SER K 473 -28.18 28.37 49.82
C SER K 473 -27.85 27.73 51.13
N ASN K 474 -26.70 27.06 51.21
CA ASN K 474 -26.32 26.40 52.47
C ASN K 474 -26.25 27.42 53.60
N THR K 475 -27.01 27.16 54.66
CA THR K 475 -27.90 26.00 54.73
C THR K 475 -29.37 26.38 54.85
N SER K 476 -30.10 26.32 53.73
CA SER K 476 -31.54 26.65 53.63
C SER K 476 -32.06 26.13 52.31
N ALA K 477 -33.28 25.61 52.32
CA ALA K 477 -33.87 25.18 51.07
C ALA K 477 -35.18 25.94 50.88
N MET K 478 -35.07 27.26 50.91
CA MET K 478 -36.17 28.16 50.76
C MET K 478 -37.01 27.89 49.50
N ALA K 479 -38.34 27.77 49.63
CA ALA K 479 -39.23 27.53 48.49
C ALA K 479 -40.30 28.62 48.35
N SER K 480 -40.99 28.69 47.20
CA SER K 480 -42.13 29.62 47.01
C SER K 480 -43.13 29.06 45.99
N ILE K 481 -44.36 29.57 46.04
CA ILE K 481 -45.33 29.38 44.96
C ILE K 481 -46.09 30.68 44.81
N GLY K 482 -46.26 31.11 43.57
CA GLY K 482 -46.97 32.35 43.30
C GLY K 482 -46.09 33.56 43.59
N VAL K 483 -45.07 33.72 42.77
CA VAL K 483 -44.07 34.71 43.04
C VAL K 483 -44.37 36.00 42.32
N ALA K 484 -45.03 35.91 41.17
CA ALA K 484 -45.51 37.11 40.44
C ALA K 484 -46.84 37.61 41.03
N SER K 485 -47.01 38.92 41.09
CA SER K 485 -48.19 39.52 41.73
C SER K 485 -49.36 39.67 40.76
N LYS K 486 -50.58 39.65 41.28
CA LYS K 486 -51.76 39.90 40.45
C LYS K 486 -51.64 41.23 39.75
N GLU K 487 -51.10 42.22 40.46
CA GLU K 487 -50.74 43.47 39.83
C GLU K 487 -49.69 43.22 38.76
N GLU K 488 -48.48 42.85 39.18
CA GLU K 488 -47.29 42.82 38.34
C GLU K 488 -47.48 42.28 36.94
N VAL K 489 -48.27 41.22 36.82
CA VAL K 489 -48.56 40.62 35.53
C VAL K 489 -49.13 41.64 34.54
N LEU K 490 -50.07 42.49 35.00
CA LEU K 490 -50.69 43.51 34.17
C LEU K 490 -49.74 44.06 33.14
N ASN K 491 -48.70 44.71 33.62
CA ASN K 491 -47.86 45.55 32.79
C ASN K 491 -46.46 44.98 32.69
N ALA K 492 -46.37 43.65 32.66
CA ALA K 492 -45.12 42.98 32.34
C ALA K 492 -44.86 43.23 30.86
N ARG K 493 -43.73 43.89 30.57
CA ARG K 493 -43.42 44.33 29.22
C ARG K 493 -43.15 43.12 28.32
N ILE K 494 -44.03 42.92 27.31
CA ILE K 494 -43.93 41.76 26.41
C ILE K 494 -42.59 41.81 25.65
N THR K 495 -41.80 40.75 25.78
CA THR K 495 -40.48 40.79 25.17
C THR K 495 -40.07 39.51 24.49
N HIS K 496 -39.56 39.64 23.27
CA HIS K 496 -38.92 38.57 22.56
C HIS K 496 -38.01 39.23 21.54
N GLY K 497 -36.93 38.57 21.15
CA GLY K 497 -36.31 37.48 21.89
C GLY K 497 -37.11 36.23 22.24
N VAL K 498 -36.98 35.86 23.52
CA VAL K 498 -37.47 34.59 24.07
C VAL K 498 -38.50 33.96 23.15
N SER K 499 -38.22 32.69 22.82
CA SER K 499 -39.03 31.90 21.90
C SER K 499 -39.91 30.93 22.66
N TYR K 500 -41.16 30.81 22.27
CA TYR K 500 -42.07 29.90 22.96
C TYR K 500 -41.73 28.45 22.73
N ASN K 501 -41.15 28.14 21.57
CA ASN K 501 -40.73 26.76 21.28
C ASN K 501 -39.59 26.28 22.21
N GLU K 502 -38.79 27.22 22.69
CA GLU K 502 -37.78 26.92 23.70
C GLU K 502 -38.47 26.62 25.04
N LEU K 503 -39.52 27.37 25.37
CA LEU K 503 -40.24 27.25 26.66
C LEU K 503 -40.92 25.90 26.90
N GLN K 504 -41.24 25.18 25.82
CA GLN K 504 -41.79 23.83 25.93
C GLN K 504 -40.69 22.80 26.23
N ARG K 505 -39.44 23.26 26.15
CA ARG K 505 -38.26 22.44 26.39
C ARG K 505 -37.82 22.42 27.87
N ILE K 506 -37.96 23.55 28.56
CA ILE K 506 -37.78 23.55 30.01
C ILE K 506 -39.05 23.02 30.67
N TYR K 507 -39.08 21.71 30.82
CA TYR K 507 -40.23 21.03 31.34
C TYR K 507 -39.85 20.12 32.50
N GLY K 508 -40.76 19.97 33.45
CA GLY K 508 -40.59 19.03 34.55
C GLY K 508 -41.86 18.27 34.84
N MET L 1 -40.79 38.35 38.87
CA MET L 1 -41.73 38.09 39.99
C MET L 1 -41.03 38.43 41.30
N SER L 2 -41.01 39.72 41.63
CA SER L 2 -40.18 40.17 42.73
C SER L 2 -40.87 39.82 44.01
N ASN L 3 -41.06 38.54 44.23
CA ASN L 3 -41.54 38.06 45.51
C ASN L 3 -40.75 36.89 46.07
N SER L 4 -39.71 36.47 45.36
CA SER L 4 -39.07 35.22 45.70
C SER L 4 -37.68 35.40 46.23
N ALA L 5 -37.46 35.03 47.49
CA ALA L 5 -36.11 34.97 47.97
C ALA L 5 -35.55 36.30 47.54
N ILE L 6 -34.38 36.25 46.92
CA ILE L 6 -33.84 37.40 46.23
C ILE L 6 -34.70 37.65 45.00
N PRO L 7 -35.02 38.91 44.74
CA PRO L 7 -35.95 39.28 43.68
C PRO L 7 -35.36 39.12 42.29
N LEU L 8 -36.21 39.05 41.27
CA LEU L 8 -35.75 38.89 39.89
C LEU L 8 -36.70 39.48 38.87
N ASN L 9 -36.22 39.75 37.65
CA ASN L 9 -37.03 40.41 36.61
C ASN L 9 -37.98 39.46 35.93
N VAL L 10 -39.09 40.00 35.46
CA VAL L 10 -40.10 39.22 34.80
C VAL L 10 -40.21 39.78 33.41
N VAL L 11 -40.31 38.91 32.41
CA VAL L 11 -40.68 39.35 31.08
C VAL L 11 -41.93 38.60 30.74
N ALA L 12 -42.75 39.17 29.87
CA ALA L 12 -43.97 38.49 29.40
C ALA L 12 -43.67 37.91 28.05
N VAL L 13 -44.31 36.80 27.72
CA VAL L 13 -44.06 36.26 26.42
C VAL L 13 -45.38 35.93 25.76
N GLN L 14 -45.37 35.84 24.44
CA GLN L 14 -46.57 35.57 23.66
C GLN L 14 -46.70 34.09 23.34
N GLU L 15 -47.91 33.57 23.49
CA GLU L 15 -48.23 32.21 23.10
C GLU L 15 -48.03 32.07 21.59
N PRO L 16 -47.81 30.84 21.08
CA PRO L 16 -47.61 30.71 19.63
C PRO L 16 -48.82 31.15 18.81
N ARG L 17 -50.03 30.82 19.27
CA ARG L 17 -51.21 31.13 18.49
C ARG L 17 -51.32 32.60 18.11
N LEU L 18 -51.08 33.50 19.05
CA LEU L 18 -51.12 34.93 18.75
C LEU L 18 -49.92 35.68 19.30
N GLU L 19 -49.22 36.38 18.42
CA GLU L 19 -48.13 37.27 18.84
C GLU L 19 -48.70 38.69 19.00
N LEU L 20 -49.27 39.28 17.94
CA LEU L 20 -49.17 38.80 16.56
C LEU L 20 -48.35 39.87 15.86
N ASN L 21 -47.95 40.84 16.67
CA ASN L 21 -47.32 42.07 16.25
C ASN L 21 -45.85 42.13 16.64
N ASN L 22 -45.01 42.29 15.63
CA ASN L 22 -43.56 42.28 15.74
C ASN L 22 -43.01 42.58 14.34
N GLU L 23 -41.87 43.26 14.28
CA GLU L 23 -41.32 43.72 12.99
C GLU L 23 -40.82 42.52 12.17
N ARG L 24 -41.64 42.07 11.23
CA ARG L 24 -41.35 40.86 10.46
C ARG L 24 -40.84 41.21 9.08
N THR L 25 -39.54 41.01 8.87
CA THR L 25 -38.86 41.32 7.59
C THR L 25 -39.12 40.26 6.52
N TRP L 26 -38.57 40.45 5.34
CA TRP L 26 -38.50 39.34 4.41
C TRP L 26 -37.12 39.17 3.90
N VAL L 27 -36.60 37.96 4.11
CA VAL L 27 -35.24 37.58 3.82
C VAL L 27 -35.11 36.92 2.45
N VAL L 28 -34.43 37.61 1.55
CA VAL L 28 -34.09 37.10 0.23
C VAL L 28 -32.83 36.24 0.37
N VAL L 29 -32.95 34.94 0.12
CA VAL L 29 -31.79 34.04 0.23
C VAL L 29 -31.01 33.98 -1.07
N LYS L 30 -29.80 34.51 -1.04
CA LYS L 30 -28.96 34.47 -2.23
C LYS L 30 -27.79 33.51 -2.07
N GLY L 31 -27.59 32.68 -3.09
CA GLY L 31 -26.41 31.85 -3.25
C GLY L 31 -25.83 32.12 -4.61
N GLY L 32 -24.50 32.04 -4.73
CA GLY L 32 -23.79 32.35 -5.98
C GLY L 32 -24.32 31.63 -7.21
N GLN L 33 -24.18 32.26 -8.36
CA GLN L 33 -24.61 31.70 -9.64
C GLN L 33 -23.70 30.57 -10.15
N GLN L 34 -24.21 29.83 -11.14
CA GLN L 34 -23.46 28.77 -11.81
C GLN L 34 -22.95 27.57 -11.00
N VAL L 35 -23.78 27.04 -10.11
CA VAL L 35 -23.48 25.79 -9.41
C VAL L 35 -23.38 24.65 -10.43
N THR L 36 -22.48 23.70 -10.20
CA THR L 36 -22.14 22.71 -11.21
C THR L 36 -21.81 21.42 -10.51
N TYR L 37 -22.01 20.29 -11.17
CA TYR L 37 -21.49 19.05 -10.63
C TYR L 37 -20.49 18.37 -11.53
N TYR L 38 -19.30 18.12 -11.01
CA TYR L 38 -18.28 17.53 -11.81
C TYR L 38 -18.27 16.03 -11.60
N PRO L 39 -17.88 15.24 -12.61
CA PRO L 39 -17.74 13.83 -12.32
C PRO L 39 -16.39 13.24 -12.74
N PHE L 40 -15.34 13.39 -11.92
CA PHE L 40 -13.99 12.87 -12.27
C PHE L 40 -13.88 11.34 -12.28
N PRO L 41 -13.67 10.73 -13.47
CA PRO L 41 -13.48 9.29 -13.45
C PRO L 41 -12.03 9.01 -13.12
N SER L 42 -11.82 8.13 -12.17
CA SER L 42 -10.50 7.93 -11.63
C SER L 42 -9.68 7.46 -12.77
N THR L 43 -8.43 7.87 -12.79
CA THR L 43 -7.52 7.43 -13.81
C THR L 43 -6.38 6.73 -13.09
N SER L 44 -6.01 5.54 -13.54
CA SER L 44 -4.96 4.82 -12.85
C SER L 44 -5.38 3.78 -11.80
N PHE L 45 -6.67 3.50 -11.69
CA PHE L 45 -7.16 2.53 -10.72
C PHE L 45 -6.77 1.08 -10.98
N SER L 46 -6.46 0.34 -9.92
CA SER L 46 -6.29 -1.11 -9.96
C SER L 46 -7.25 -1.74 -8.95
N SER L 47 -7.17 -3.05 -8.78
CA SER L 47 -7.90 -3.72 -7.73
C SER L 47 -7.42 -3.26 -6.35
N ASN L 48 -6.26 -2.58 -6.34
CA ASN L 48 -5.60 -2.19 -5.08
C ASN L 48 -5.40 -0.69 -4.84
N GLN L 49 -5.77 0.14 -5.81
CA GLN L 49 -5.50 1.57 -5.74
C GLN L 49 -6.50 2.39 -6.56
N PHE L 50 -7.31 3.23 -5.90
CA PHE L 50 -8.09 4.23 -6.64
C PHE L 50 -7.39 5.56 -6.58
N ASN L 51 -7.34 6.25 -7.72
CA ASN L 51 -6.47 7.39 -7.82
C ASN L 51 -7.02 8.57 -8.61
N PHE L 52 -7.82 9.42 -7.97
CA PHE L 52 -8.38 10.59 -8.63
C PHE L 52 -7.47 11.79 -8.48
N ILE L 53 -7.29 12.53 -9.56
CA ILE L 53 -6.66 13.84 -9.50
C ILE L 53 -7.66 14.85 -10.00
N CYS L 54 -8.12 15.73 -9.14
CA CYS L 54 -9.20 16.63 -9.49
C CYS L 54 -8.98 18.07 -9.06
N ASN L 55 -8.68 18.94 -10.00
CA ASN L 55 -8.47 20.34 -9.66
C ASN L 55 -9.74 21.19 -9.79
N PRO L 56 -9.84 22.26 -8.97
CA PRO L 56 -10.93 23.24 -9.13
C PRO L 56 -10.69 24.11 -10.37
N PRO L 57 -11.79 24.56 -11.02
CA PRO L 57 -11.71 25.32 -12.28
C PRO L 57 -10.97 26.64 -12.16
N SER L 58 -10.95 27.19 -10.94
CA SER L 58 -10.33 28.49 -10.68
C SER L 58 -10.00 28.65 -9.20
N ALA L 59 -9.32 29.74 -8.88
CA ALA L 59 -9.49 30.37 -7.56
C ALA L 59 -10.79 31.17 -7.71
N GLN L 60 -11.54 31.29 -6.62
CA GLN L 60 -12.87 31.94 -6.61
C GLN L 60 -14.02 30.94 -6.65
N THR L 61 -13.72 29.70 -7.05
CA THR L 61 -14.70 28.63 -6.95
C THR L 61 -14.64 28.04 -5.56
N VAL L 62 -15.78 27.94 -4.89
CA VAL L 62 -15.82 27.37 -3.55
C VAL L 62 -16.47 26.01 -3.59
N LEU L 63 -15.66 24.96 -3.49
CA LEU L 63 -16.18 23.60 -3.58
C LEU L 63 -16.88 23.21 -2.28
N ASP L 64 -17.84 22.29 -2.37
CA ASP L 64 -18.62 21.88 -1.20
C ASP L 64 -18.01 20.74 -0.38
N ARG L 65 -18.31 20.72 0.92
CA ARG L 65 -17.73 19.77 1.86
C ARG L 65 -18.10 18.29 1.64
N LEU L 66 -19.36 17.99 1.33
CA LEU L 66 -19.76 16.60 1.09
C LEU L 66 -19.18 16.10 -0.23
N VAL L 67 -18.27 15.12 -0.16
CA VAL L 67 -17.74 14.45 -1.36
C VAL L 67 -18.22 13.01 -1.30
N PHE L 68 -18.26 12.31 -2.42
CA PHE L 68 -18.52 10.88 -2.37
C PHE L 68 -18.13 10.17 -3.65
N ILE L 69 -17.55 8.98 -3.52
CA ILE L 69 -17.14 8.16 -4.65
C ILE L 69 -18.19 7.13 -4.95
N GLN L 70 -18.36 6.76 -6.22
CA GLN L 70 -19.15 5.59 -6.55
C GLN L 70 -18.23 4.62 -7.24
N VAL L 71 -18.50 3.32 -7.17
CA VAL L 71 -17.63 2.29 -7.78
C VAL L 71 -18.35 0.99 -8.20
N PRO L 72 -18.44 0.73 -9.51
CA PRO L 72 -19.03 -0.53 -10.01
C PRO L 72 -18.14 -1.72 -9.68
N TYR L 73 -18.74 -2.87 -9.39
CA TYR L 73 -17.97 -4.03 -8.94
C TYR L 73 -18.46 -5.33 -9.55
N ASP L 74 -17.67 -6.38 -9.36
CA ASP L 74 -17.94 -7.69 -9.93
C ASP L 74 -17.36 -8.76 -9.01
N ILE L 75 -18.23 -9.55 -8.40
CA ILE L 75 -17.81 -10.57 -7.46
C ILE L 75 -18.18 -11.93 -8.00
N THR L 76 -17.35 -12.92 -7.75
CA THR L 76 -17.71 -14.30 -8.00
C THR L 76 -17.22 -15.18 -6.86
N PHE L 77 -18.07 -16.09 -6.41
CA PHE L 77 -17.73 -17.07 -5.38
C PHE L 77 -17.82 -18.44 -6.03
N THR L 78 -17.01 -19.40 -5.58
CA THR L 78 -17.13 -20.78 -6.06
C THR L 78 -17.10 -21.76 -4.89
N ALA L 79 -18.10 -22.65 -4.82
CA ALA L 79 -18.25 -23.61 -3.72
C ALA L 79 -16.97 -24.39 -3.43
N ASN L 80 -16.74 -24.73 -2.18
CA ASN L 80 -15.60 -25.58 -1.83
C ASN L 80 -16.00 -27.02 -1.60
N PRO L 81 -15.13 -27.96 -1.97
CA PRO L 81 -15.18 -29.28 -1.35
C PRO L 81 -14.36 -29.25 -0.04
N SER L 82 -14.59 -30.20 0.89
CA SER L 82 -15.54 -31.30 0.72
C SER L 82 -16.75 -31.14 1.62
N HIS L 83 -16.97 -29.97 2.20
CA HIS L 83 -18.24 -29.83 2.88
C HIS L 83 -18.41 -31.07 3.75
N ALA L 84 -19.48 -31.84 3.52
CA ALA L 84 -20.48 -31.56 2.48
C ALA L 84 -21.71 -32.40 2.78
N GLY L 85 -22.84 -32.08 2.19
CA GLY L 85 -23.00 -30.91 1.32
C GLY L 85 -22.76 -31.24 -0.13
N ILE L 86 -23.32 -30.45 -1.02
CA ILE L 86 -24.30 -29.44 -0.65
C ILE L 86 -25.53 -29.44 -1.56
N THR L 87 -26.70 -29.35 -0.94
CA THR L 87 -27.94 -29.14 -1.66
C THR L 87 -28.40 -27.73 -1.36
N GLU L 88 -28.74 -26.99 -2.41
CA GLU L 88 -29.14 -25.61 -2.26
C GLU L 88 -28.31 -24.70 -3.11
N ASN L 89 -28.79 -23.46 -3.23
CA ASN L 89 -28.04 -22.42 -3.87
C ASN L 89 -26.96 -21.89 -2.97
N LEU L 90 -25.97 -21.26 -3.58
CA LEU L 90 -24.84 -20.73 -2.87
C LEU L 90 -25.14 -19.44 -2.09
N LEU L 91 -26.01 -18.58 -2.60
CA LEU L 91 -26.49 -17.42 -1.82
C LEU L 91 -27.89 -17.65 -1.27
N GLN L 92 -28.14 -17.12 -0.07
CA GLN L 92 -29.34 -17.49 0.69
C GLN L 92 -30.19 -16.24 1.04
N PRO L 93 -31.53 -16.40 1.16
CA PRO L 93 -32.38 -15.21 1.30
C PRO L 93 -32.15 -14.43 2.60
N GLY L 94 -31.60 -15.08 3.62
CA GLY L 94 -31.33 -14.40 4.88
C GLY L 94 -29.87 -14.36 5.24
N ARG L 95 -29.10 -15.29 4.69
CA ARG L 95 -27.77 -15.54 5.21
C ARG L 95 -26.72 -14.48 4.88
N ASP L 96 -26.89 -13.75 3.77
CA ASP L 96 -25.81 -12.85 3.30
C ASP L 96 -26.17 -11.53 2.63
N ALA L 97 -25.17 -10.64 2.56
CA ALA L 97 -25.23 -9.30 1.94
C ALA L 97 -23.83 -8.68 1.84
N PHE L 98 -23.75 -7.35 1.84
CA PHE L 98 -22.48 -6.66 2.02
C PHE L 98 -22.31 -6.30 3.48
N ARG L 99 -21.08 -6.18 3.93
CA ARG L 99 -20.77 -5.64 5.25
C ARG L 99 -20.90 -4.14 5.17
N ALA L 100 -21.65 -3.53 6.08
CA ALA L 100 -21.67 -2.07 6.17
C ALA L 100 -20.38 -1.64 6.83
N PHE L 101 -19.63 -0.70 6.26
CA PHE L 101 -19.88 -0.09 4.96
C PHE L 101 -18.86 -0.70 4.02
N PRO L 102 -19.31 -1.20 2.86
CA PRO L 102 -18.45 -2.14 2.13
C PRO L 102 -17.11 -1.51 1.76
N ILE L 103 -17.16 -0.34 1.14
CA ILE L 103 -15.98 0.28 0.57
C ILE L 103 -14.94 0.65 1.62
N SER L 104 -15.40 1.09 2.79
CA SER L 104 -14.47 1.54 3.82
C SER L 104 -13.80 0.38 4.54
N SER L 105 -14.58 -0.64 4.90
CA SER L 105 -14.08 -1.75 5.67
C SER L 105 -12.92 -2.48 4.97
N ILE L 106 -12.80 -2.25 3.66
CA ILE L 106 -11.70 -2.79 2.86
C ILE L 106 -10.50 -1.85 2.73
N THR L 107 -10.73 -0.54 2.79
CA THR L 107 -9.68 0.45 2.62
C THR L 107 -8.68 0.47 3.76
N ASN L 108 -7.40 0.29 3.41
CA ASN L 108 -6.31 0.34 4.38
C ASN L 108 -6.13 1.74 4.88
N THR L 109 -6.05 2.67 3.93
CA THR L 109 -5.95 4.09 4.23
C THR L 109 -6.45 4.93 3.07
N LEU L 110 -7.43 5.79 3.36
CA LEU L 110 -7.83 6.82 2.43
C LEU L 110 -6.87 7.97 2.64
N ASN L 111 -6.68 8.76 1.61
CA ASN L 111 -5.70 9.83 1.67
C ASN L 111 -6.06 10.96 0.70
N ALA L 112 -5.87 12.21 1.11
CA ALA L 112 -6.25 13.36 0.28
C ALA L 112 -5.38 14.54 0.61
N THR L 113 -5.03 15.36 -0.39
CA THR L 113 -4.22 16.54 -0.10
C THR L 113 -4.84 17.88 -0.53
N ILE L 114 -5.34 18.62 0.46
CA ILE L 114 -5.88 19.95 0.27
C ILE L 114 -4.73 20.87 -0.02
N ASN L 115 -4.59 21.26 -1.27
CA ASN L 115 -3.72 22.36 -1.67
C ASN L 115 -2.22 22.16 -1.43
N GLY L 116 -1.76 20.90 -1.55
CA GLY L 116 -0.35 20.56 -1.32
C GLY L 116 0.02 20.23 0.13
N PHE L 117 -0.98 20.03 0.98
CA PHE L 117 -0.74 19.65 2.37
C PHE L 117 -1.43 18.34 2.64
N PRO L 118 -0.66 17.28 2.88
CA PRO L 118 -1.20 15.91 2.96
C PRO L 118 -2.01 15.64 4.24
N VAL L 119 -3.29 15.29 4.08
CA VAL L 119 -4.19 15.01 5.18
C VAL L 119 -4.73 13.59 4.99
N ASN L 120 -4.49 12.70 5.94
CA ASN L 120 -5.03 11.36 5.77
C ASN L 120 -5.51 10.76 7.07
N ILE L 121 -6.32 9.72 6.95
CA ILE L 121 -6.93 9.04 8.06
C ILE L 121 -6.89 7.57 7.71
N GLU L 122 -6.82 6.68 8.70
CA GLU L 122 -6.86 5.25 8.41
C GLU L 122 -8.30 4.79 8.53
N LEU L 123 -8.83 4.19 7.48
CA LEU L 123 -10.27 3.93 7.43
C LEU L 123 -10.73 2.63 8.02
N ALA L 124 -9.95 1.57 7.81
CA ALA L 124 -10.38 0.19 8.14
C ALA L 124 -10.90 0.00 9.57
N GLN L 125 -10.05 0.24 10.57
CA GLN L 125 -10.45 0.04 11.97
C GLN L 125 -11.31 1.17 12.50
N ILE L 126 -10.83 2.40 12.41
CA ILE L 126 -11.50 3.54 13.03
C ILE L 126 -13.00 3.65 12.71
N ILE L 127 -13.39 3.33 11.48
CA ILE L 127 -14.75 3.61 10.98
C ILE L 127 -15.89 2.88 11.68
N HIS L 128 -15.64 1.66 12.16
CA HIS L 128 -16.72 0.92 12.82
C HIS L 128 -17.06 1.34 14.21
N ALA L 129 -16.08 1.93 14.90
CA ALA L 129 -16.31 2.59 16.17
C ALA L 129 -16.73 4.05 15.95
N LEU L 130 -16.70 4.48 14.68
CA LEU L 130 -17.08 5.84 14.36
C LEU L 130 -18.52 5.87 13.93
N SER L 131 -19.01 4.75 13.43
CA SER L 131 -20.38 4.64 12.95
C SER L 131 -21.41 4.75 14.07
N ARG L 132 -21.19 3.98 15.14
CA ARG L 132 -22.12 3.86 16.27
C ARG L 132 -22.41 5.21 16.90
N TYR L 133 -21.57 6.19 16.64
CA TYR L 133 -21.38 7.23 17.61
C TYR L 133 -21.92 8.63 17.42
N HIS L 134 -22.33 9.03 16.22
CA HIS L 134 -22.94 10.36 16.16
C HIS L 134 -24.18 10.55 15.37
N THR L 135 -24.78 9.46 14.93
CA THR L 135 -25.96 9.57 14.09
C THR L 135 -27.21 9.18 14.86
N PRO L 136 -28.21 10.06 14.87
CA PRO L 136 -29.51 9.67 15.40
C PRO L 136 -30.27 8.89 14.33
N LEU L 137 -31.59 8.78 14.48
CA LEU L 137 -32.42 8.11 13.48
C LEU L 137 -32.53 8.93 12.21
N LYS L 138 -32.91 10.20 12.37
CA LYS L 138 -33.07 11.14 11.27
C LYS L 138 -31.91 11.15 10.25
N VAL L 139 -30.67 11.14 10.76
CA VAL L 139 -29.46 11.15 9.92
C VAL L 139 -29.19 9.81 9.25
N LYS L 140 -29.56 8.73 9.92
CA LYS L 140 -29.34 7.42 9.35
C LYS L 140 -30.19 7.19 8.10
N ASN L 141 -31.34 7.87 8.02
CA ASN L 141 -32.15 7.83 6.80
C ASN L 141 -31.84 8.94 5.80
N GLY L 142 -30.99 9.89 6.20
CA GLY L 142 -30.50 10.95 5.33
C GLY L 142 -29.35 10.50 4.44
N TRP L 143 -28.26 11.27 4.43
CA TRP L 143 -27.12 10.99 3.56
C TRP L 143 -26.53 9.64 3.74
N MET L 144 -26.38 9.20 4.99
CA MET L 144 -25.67 7.97 5.26
C MET L 144 -26.33 6.76 4.61
N SER L 145 -27.49 6.94 4.03
CA SER L 145 -28.25 5.83 3.48
C SER L 145 -27.65 5.21 2.22
N MET L 146 -26.63 5.84 1.64
CA MET L 146 -26.13 5.44 0.32
C MET L 146 -25.33 4.15 0.25
N GLN L 147 -24.50 3.88 1.25
CA GLN L 147 -23.88 2.56 1.36
C GLN L 147 -24.72 1.74 2.33
N PRO L 148 -24.66 0.40 2.23
CA PRO L 148 -25.27 -0.35 3.33
C PRO L 148 -24.79 0.25 4.65
N SER L 149 -25.69 0.42 5.62
CA SER L 149 -25.31 1.12 6.85
C SER L 149 -25.80 0.50 8.16
N PHE L 150 -26.71 -0.46 8.08
CA PHE L 150 -27.22 -1.11 9.29
C PHE L 150 -26.10 -1.72 10.11
N GLU L 151 -26.10 -1.44 11.41
CA GLU L 151 -25.02 -1.90 12.27
C GLU L 151 -25.17 -3.30 12.86
N ASP L 152 -24.05 -3.94 13.13
CA ASP L 152 -24.03 -5.32 13.61
C ASP L 152 -24.48 -5.41 15.07
N ASN L 153 -25.73 -5.84 15.26
CA ASN L 153 -26.31 -5.92 16.60
C ASN L 153 -26.29 -7.31 17.25
N TYR L 154 -26.03 -8.33 16.45
CA TYR L 154 -25.91 -9.66 17.01
C TYR L 154 -24.46 -10.11 17.14
N GLN L 155 -24.18 -10.83 18.22
CA GLN L 155 -22.81 -11.24 18.57
C GLN L 155 -22.21 -12.21 17.57
N SER L 156 -23.05 -13.10 17.05
CA SER L 156 -22.67 -13.99 15.95
C SER L 156 -23.89 -14.17 15.08
N TYR L 157 -23.72 -13.94 13.78
CA TYR L 157 -24.81 -14.09 12.83
C TYR L 157 -25.58 -15.37 13.07
N ARG L 158 -24.94 -16.46 13.44
CA ARG L 158 -25.67 -17.71 13.42
C ARG L 158 -26.91 -17.63 14.30
N ASP L 159 -26.77 -17.05 15.47
CA ASP L 159 -27.89 -16.94 16.41
C ASP L 159 -29.08 -16.08 15.97
N ALA L 160 -28.82 -14.97 15.29
CA ALA L 160 -29.90 -14.07 14.89
C ALA L 160 -30.89 -14.76 13.97
N ASP L 161 -30.37 -15.55 13.05
CA ASP L 161 -31.23 -16.42 12.26
C ASP L 161 -32.33 -15.63 11.58
N GLY L 162 -33.56 -16.09 11.75
CA GLY L 162 -34.71 -15.34 11.27
C GLY L 162 -35.30 -14.57 12.43
N ALA L 163 -35.21 -13.26 12.33
CA ALA L 163 -35.54 -12.34 13.40
C ALA L 163 -35.89 -11.05 12.72
N ASN L 164 -36.50 -10.11 13.42
CA ASN L 164 -37.01 -8.97 12.69
C ASN L 164 -35.99 -7.88 12.61
N ASN L 165 -34.98 -7.94 13.47
CA ASN L 165 -33.91 -6.96 13.38
C ASN L 165 -32.64 -7.52 12.75
N ASN L 166 -32.68 -8.80 12.39
CA ASN L 166 -31.53 -9.47 11.78
C ASN L 166 -30.90 -8.62 10.70
N PRO L 167 -29.57 -8.35 10.82
CA PRO L 167 -28.87 -7.46 9.90
C PRO L 167 -29.06 -7.79 8.44
N LEU L 168 -29.03 -9.07 8.06
CA LEU L 168 -29.03 -9.43 6.64
C LEU L 168 -30.38 -9.88 6.09
N GLY L 169 -31.45 -9.14 6.39
CA GLY L 169 -32.79 -9.49 5.90
C GLY L 169 -33.12 -8.86 4.55
N VAL L 170 -34.19 -9.33 3.92
CA VAL L 170 -34.66 -8.75 2.65
C VAL L 170 -35.32 -7.36 2.86
N PHE L 171 -35.93 -6.77 1.82
CA PHE L 171 -36.61 -5.48 1.99
C PHE L 171 -37.83 -5.61 2.87
N THR L 172 -38.55 -6.71 2.74
CA THR L 172 -39.64 -7.01 3.61
C THR L 172 -38.99 -7.27 4.94
N SER L 173 -39.74 -7.13 6.02
CA SER L 173 -39.19 -7.45 7.33
C SER L 173 -38.57 -6.28 8.07
N ALA L 174 -38.58 -5.09 7.48
CA ALA L 174 -38.15 -3.91 8.22
C ALA L 174 -39.29 -2.93 8.25
N ALA L 175 -39.77 -2.56 9.43
CA ALA L 175 -40.95 -1.69 9.45
C ALA L 175 -40.79 -0.35 8.70
N GLY L 176 -41.88 0.42 8.60
CA GLY L 176 -41.89 1.67 7.85
C GLY L 176 -41.19 2.81 8.53
N LEU L 177 -40.40 3.55 7.74
CA LEU L 177 -39.59 4.68 8.21
C LEU L 177 -38.52 4.23 9.24
N SER L 178 -37.90 3.09 8.97
CA SER L 178 -36.92 2.48 9.87
C SER L 178 -35.69 1.99 9.11
N GLU L 179 -34.56 1.89 9.81
CA GLU L 179 -33.29 1.48 9.20
C GLU L 179 -33.38 0.09 8.57
N LEU L 180 -33.01 0.01 7.28
CA LEU L 180 -33.19 -1.22 6.50
C LEU L 180 -32.11 -2.28 6.73
N PRO L 181 -32.45 -3.57 6.56
CA PRO L 181 -31.43 -4.60 6.64
C PRO L 181 -30.58 -4.54 5.39
N ARG L 182 -29.34 -5.01 5.47
CA ARG L 182 -28.36 -4.84 4.39
C ARG L 182 -28.63 -5.73 3.20
N GLY L 183 -29.47 -6.72 3.39
CA GLY L 183 -29.92 -7.56 2.28
C GLY L 183 -30.76 -6.78 1.29
N SER L 184 -31.46 -5.77 1.79
CA SER L 184 -32.31 -4.92 0.96
C SER L 184 -31.55 -4.02 -0.04
N TYR L 185 -30.24 -3.84 0.16
CA TYR L 185 -29.45 -3.00 -0.75
C TYR L 185 -29.21 -3.69 -2.09
N THR L 186 -29.59 -3.00 -3.15
CA THR L 186 -29.74 -3.61 -4.45
C THR L 186 -28.48 -4.18 -5.06
N MET L 187 -28.62 -5.38 -5.63
CA MET L 187 -27.60 -5.96 -6.48
C MET L 187 -28.32 -6.91 -7.41
N ASN L 188 -27.77 -7.15 -8.60
CA ASN L 188 -28.46 -8.00 -9.56
C ASN L 188 -27.61 -9.20 -9.93
N VAL L 189 -28.20 -10.38 -9.96
CA VAL L 189 -27.39 -11.61 -9.96
C VAL L 189 -27.47 -12.35 -11.29
N VAL L 190 -26.34 -12.41 -12.01
CA VAL L 190 -26.28 -13.08 -13.32
C VAL L 190 -26.63 -14.57 -13.21
N THR L 191 -25.99 -15.26 -12.26
CA THR L 191 -26.38 -16.62 -11.87
C THR L 191 -26.18 -16.84 -10.36
N ASN L 192 -27.08 -17.63 -9.80
CA ASN L 192 -26.91 -18.16 -8.47
C ASN L 192 -27.34 -19.61 -8.56
N THR L 193 -26.41 -20.52 -8.37
CA THR L 193 -26.73 -21.95 -8.36
C THR L 193 -25.79 -22.66 -7.39
N THR L 194 -26.06 -23.92 -7.09
CA THR L 194 -25.09 -24.72 -6.37
C THR L 194 -23.80 -24.77 -7.19
N THR L 195 -22.66 -24.63 -6.51
CA THR L 195 -21.30 -24.56 -7.12
C THR L 195 -20.82 -23.16 -7.54
N THR L 196 -21.74 -22.28 -7.95
CA THR L 196 -21.34 -20.97 -8.49
C THR L 196 -22.28 -19.82 -8.14
N ALA L 197 -21.70 -18.64 -7.98
CA ALA L 197 -22.50 -17.44 -7.80
C ALA L 197 -21.77 -16.24 -8.39
N ARG L 198 -22.46 -15.49 -9.26
CA ARG L 198 -21.86 -14.32 -9.90
C ARG L 198 -22.79 -13.11 -9.83
N ILE L 199 -22.35 -12.08 -9.09
CA ILE L 199 -23.20 -10.93 -8.84
C ILE L 199 -22.49 -9.64 -9.28
N THR L 200 -23.25 -8.58 -9.50
CA THR L 200 -22.73 -7.28 -9.99
C THR L 200 -23.64 -6.14 -9.54
N GLY L 201 -23.06 -4.97 -9.28
CA GLY L 201 -23.84 -3.76 -8.98
C GLY L 201 -23.01 -2.49 -8.95
N VAL L 202 -23.46 -1.52 -8.14
CA VAL L 202 -22.75 -0.26 -8.00
C VAL L 202 -22.68 0.09 -6.53
N LEU L 203 -21.51 0.48 -6.03
CA LEU L 203 -21.36 0.85 -4.63
C LEU L 203 -21.03 2.32 -4.44
N TYR L 204 -21.83 3.02 -3.65
CA TYR L 204 -21.50 4.37 -3.25
C TYR L 204 -20.78 4.29 -1.93
N GLU L 205 -20.05 5.36 -1.60
CA GLU L 205 -19.51 5.55 -0.27
C GLU L 205 -19.02 6.96 -0.13
N GLN L 206 -19.36 7.60 0.97
CA GLN L 206 -18.87 8.94 1.20
C GLN L 206 -17.46 8.96 1.76
N VAL L 207 -16.60 9.74 1.13
CA VAL L 207 -15.29 10.01 1.64
C VAL L 207 -15.45 10.55 3.06
N PHE L 208 -15.00 9.78 4.05
CA PHE L 208 -15.00 10.28 5.43
C PHE L 208 -13.76 11.11 5.64
N LEU L 209 -13.50 11.53 6.88
CA LEU L 209 -12.35 12.41 7.28
C LEU L 209 -12.61 13.91 7.17
N PRO L 210 -11.99 14.69 8.07
CA PRO L 210 -12.04 16.16 8.02
C PRO L 210 -11.21 16.68 6.84
N PRO L 211 -11.55 17.88 6.32
CA PRO L 211 -12.62 18.74 6.77
C PRO L 211 -13.91 18.53 5.99
N PHE L 212 -14.00 17.42 5.27
CA PHE L 212 -15.26 16.99 4.65
C PHE L 212 -16.18 16.37 5.71
N LEU L 213 -17.47 16.22 5.41
CA LEU L 213 -18.42 15.72 6.42
C LEU L 213 -19.54 14.74 5.98
N TRP L 214 -19.94 13.89 6.93
CA TRP L 214 -20.99 12.87 6.76
C TRP L 214 -22.11 13.12 7.74
N ASP L 215 -22.05 14.28 8.39
CA ASP L 215 -23.15 14.83 9.16
C ASP L 215 -24.11 15.47 8.18
N GLY L 216 -25.40 15.48 8.52
CA GLY L 216 -26.37 16.13 7.66
C GLY L 216 -26.33 17.63 7.42
N GLU L 217 -26.13 18.41 8.47
CA GLU L 217 -26.32 19.85 8.34
C GLU L 217 -25.36 20.67 7.48
N GLN L 218 -24.05 20.54 7.69
CA GLN L 218 -23.09 21.22 6.83
C GLN L 218 -22.80 22.70 7.15
N ALA L 219 -21.59 23.15 6.79
CA ALA L 219 -21.14 24.54 6.86
C ALA L 219 -20.49 24.94 5.52
N GLY L 220 -19.74 26.04 5.53
CA GLY L 220 -19.17 26.68 4.31
C GLY L 220 -17.97 25.98 3.70
N GLY L 221 -17.91 25.94 2.36
CA GLY L 221 -16.93 25.12 1.66
C GLY L 221 -15.51 25.69 1.61
N LEU L 222 -14.60 24.94 1.00
CA LEU L 222 -13.19 25.32 0.97
C LEU L 222 -12.71 26.08 -0.26
N ALA L 223 -13.18 27.31 -0.46
CA ALA L 223 -12.45 28.24 -1.30
C ALA L 223 -11.20 28.56 -0.48
N ASN L 224 -10.03 28.75 -1.08
CA ASN L 224 -9.82 28.86 -2.50
C ASN L 224 -8.63 27.99 -2.86
N LEU L 225 -8.91 26.82 -3.44
CA LEU L 225 -7.88 25.83 -3.69
C LEU L 225 -7.26 26.02 -5.04
N THR L 226 -6.08 25.42 -5.25
CA THR L 226 -5.58 25.21 -6.60
C THR L 226 -5.38 23.72 -6.82
N SER L 227 -5.24 22.96 -5.74
CA SER L 227 -5.01 21.54 -5.91
C SER L 227 -5.94 20.69 -5.08
N LEU L 228 -6.22 19.49 -5.56
CA LEU L 228 -6.97 18.53 -4.78
C LEU L 228 -6.65 17.13 -5.27
N THR L 229 -6.93 16.13 -4.46
CA THR L 229 -6.67 14.76 -4.88
C THR L 229 -7.32 13.70 -4.01
N PHE L 230 -7.22 12.45 -4.41
CA PHE L 230 -7.63 11.39 -3.50
C PHE L 230 -6.91 10.09 -3.86
N ASN L 231 -6.54 9.30 -2.85
CA ASN L 231 -5.83 8.05 -3.10
C ASN L 231 -6.25 7.06 -2.05
N TRP L 232 -6.85 5.96 -2.47
CA TRP L 232 -7.20 4.91 -1.53
C TRP L 232 -6.31 3.76 -1.77
N VAL L 233 -5.67 3.25 -0.74
CA VAL L 233 -4.93 2.01 -0.91
C VAL L 233 -5.71 0.91 -0.19
N LEU L 234 -5.82 -0.28 -0.77
CA LEU L 234 -6.70 -1.31 -0.22
C LEU L 234 -5.95 -2.56 0.24
N ASN L 235 -6.48 -3.23 1.27
CA ASN L 235 -5.91 -4.49 1.75
C ASN L 235 -5.96 -5.52 0.64
N ASN L 236 -4.95 -6.38 0.59
CA ASN L 236 -4.83 -7.35 -0.50
C ASN L 236 -5.80 -8.53 -0.38
N ASN L 237 -6.30 -8.78 0.83
CA ASN L 237 -7.22 -9.89 1.06
C ASN L 237 -8.65 -9.65 0.54
N LEU L 238 -9.17 -8.43 0.72
CA LEU L 238 -10.30 -7.94 -0.06
C LEU L 238 -11.52 -8.87 -0.15
N ALA L 239 -11.63 -9.82 0.78
CA ALA L 239 -12.77 -10.71 0.84
C ALA L 239 -13.67 -10.26 1.97
N ARG L 240 -13.12 -9.34 2.77
CA ARG L 240 -13.80 -8.75 3.91
C ARG L 240 -15.08 -8.01 3.52
N ILE L 241 -15.27 -7.70 2.24
CA ILE L 241 -16.49 -7.00 1.77
C ILE L 241 -17.77 -7.79 2.06
N TRP L 242 -17.78 -9.09 1.79
CA TRP L 242 -18.98 -9.91 1.97
C TRP L 242 -19.19 -10.27 3.40
N SER L 243 -20.43 -10.61 3.76
CA SER L 243 -20.79 -11.11 5.11
C SER L 243 -21.74 -12.30 5.03
N HIS L 244 -21.51 -13.32 5.85
CA HIS L 244 -22.22 -14.58 5.71
C HIS L 244 -22.63 -15.13 7.03
N SER L 245 -23.76 -15.83 7.06
CA SER L 245 -24.28 -16.38 8.32
C SER L 245 -23.87 -17.83 8.53
N ASP L 246 -23.43 -18.15 9.74
CA ASP L 246 -22.80 -19.43 9.98
C ASP L 246 -23.73 -20.65 9.84
N ILE L 247 -25.03 -20.38 9.79
CA ILE L 247 -26.03 -21.40 10.02
C ILE L 247 -25.86 -22.55 9.06
N THR L 248 -25.55 -22.24 7.81
CA THR L 248 -25.47 -23.25 6.77
C THR L 248 -24.37 -24.30 6.94
N ASN L 249 -23.18 -23.85 7.36
CA ASN L 249 -21.97 -24.63 7.22
C ASN L 249 -21.89 -25.98 7.95
N ASP L 250 -22.35 -26.03 9.19
CA ASP L 250 -22.20 -27.25 9.97
C ASP L 250 -20.81 -27.35 10.59
N VAL L 251 -20.45 -28.55 11.06
CA VAL L 251 -19.15 -28.77 11.66
C VAL L 251 -18.23 -29.51 10.72
N SER L 252 -17.05 -28.94 10.50
CA SER L 252 -16.01 -29.58 9.69
C SER L 252 -16.17 -29.39 8.18
N GLY L 253 -17.16 -28.62 7.75
CA GLY L 253 -17.30 -28.38 6.33
C GLY L 253 -16.02 -27.68 5.92
N ASN L 254 -15.63 -26.74 6.76
CA ASN L 254 -16.55 -26.20 7.74
C ASN L 254 -17.67 -25.40 7.07
N SER L 255 -17.33 -24.67 6.01
CA SER L 255 -18.27 -23.78 5.35
C SER L 255 -18.26 -23.96 3.83
N THR L 256 -19.37 -23.60 3.19
CA THR L 256 -19.48 -23.75 1.75
C THR L 256 -18.67 -22.80 0.87
N ILE L 257 -18.68 -21.53 1.22
CA ILE L 257 -18.32 -20.47 0.28
C ILE L 257 -16.92 -20.36 -0.31
N GLY L 258 -15.88 -20.49 0.50
CA GLY L 258 -14.54 -20.11 0.04
C GLY L 258 -14.07 -20.98 -1.11
N SER L 259 -13.40 -20.42 -2.11
CA SER L 259 -12.95 -19.03 -2.24
C SER L 259 -13.85 -18.06 -3.03
N MET L 260 -13.34 -16.83 -3.20
CA MET L 260 -14.02 -15.77 -3.98
C MET L 260 -13.09 -14.64 -4.45
N ASN L 261 -13.36 -14.11 -5.65
CA ASN L 261 -12.50 -13.10 -6.27
C ASN L 261 -13.30 -11.88 -6.66
N ILE L 262 -12.96 -10.76 -6.03
CA ILE L 262 -13.64 -9.48 -6.27
C ILE L 262 -12.87 -8.71 -7.33
N SER L 263 -13.55 -7.80 -8.03
CA SER L 263 -12.92 -7.04 -9.10
C SER L 263 -13.56 -5.66 -9.19
N PHE L 264 -12.77 -4.65 -9.55
CA PHE L 264 -13.33 -3.31 -9.70
C PHE L 264 -13.27 -2.82 -11.16
N GLN L 265 -14.11 -1.85 -11.50
CA GLN L 265 -14.02 -1.17 -12.79
C GLN L 265 -13.96 0.29 -12.46
N GLN L 266 -13.40 1.12 -13.32
CA GLN L 266 -12.94 2.38 -12.83
C GLN L 266 -14.07 3.09 -12.11
N PRO L 267 -13.78 3.50 -10.89
CA PRO L 267 -14.69 4.24 -10.03
C PRO L 267 -14.59 5.69 -10.38
N SER L 268 -15.48 6.51 -9.85
CA SER L 268 -15.45 7.94 -10.15
C SER L 268 -16.06 8.79 -9.05
N MET L 269 -15.32 9.81 -8.63
CA MET L 269 -15.79 10.67 -7.56
C MET L 269 -16.63 11.84 -8.06
N TYR L 270 -17.42 12.43 -7.17
CA TYR L 270 -18.33 13.52 -7.53
C TYR L 270 -18.15 14.73 -6.66
N LEU L 271 -17.63 15.80 -7.24
CA LEU L 271 -17.42 17.06 -6.53
C LEU L 271 -18.45 18.12 -6.97
N GLY L 272 -18.71 19.10 -6.11
CA GLY L 272 -19.66 20.18 -6.45
C GLY L 272 -19.14 21.61 -6.32
N PHE L 273 -18.63 22.15 -7.43
CA PHE L 273 -18.05 23.50 -7.40
C PHE L 273 -19.06 24.61 -7.71
N VAL L 274 -19.50 25.35 -6.68
CA VAL L 274 -20.28 26.57 -6.92
C VAL L 274 -19.31 27.74 -7.07
N THR L 275 -19.79 28.83 -7.64
CA THR L 275 -18.98 30.04 -7.71
C THR L 275 -19.84 31.26 -7.36
N PRO L 276 -19.33 32.13 -6.46
CA PRO L 276 -20.15 33.19 -5.89
C PRO L 276 -20.47 34.31 -6.89
N ARG L 277 -21.50 35.10 -6.59
CA ARG L 277 -21.93 36.19 -7.45
C ARG L 277 -20.90 37.29 -7.46
N LEU L 278 -20.71 37.96 -8.58
CA LEU L 278 -19.61 38.89 -8.69
C LEU L 278 -19.75 39.94 -7.62
N ASN L 279 -20.96 40.36 -7.34
CA ASN L 279 -21.13 41.49 -6.45
C ASN L 279 -20.56 41.24 -5.07
N ILE L 280 -20.75 40.04 -4.53
CA ILE L 280 -20.32 39.76 -3.16
C ILE L 280 -18.98 39.07 -3.15
N PRO L 281 -17.99 39.65 -2.47
CA PRO L 281 -16.64 39.13 -2.53
C PRO L 281 -16.39 38.13 -1.41
N ILE L 282 -15.49 37.15 -1.65
CA ILE L 282 -15.01 36.25 -0.58
C ILE L 282 -13.58 36.67 -0.20
N PRO L 283 -13.17 36.43 1.08
CA PRO L 283 -11.88 36.98 1.53
C PRO L 283 -10.65 36.29 0.89
N PRO L 284 -9.47 36.94 0.94
CA PRO L 284 -8.32 36.34 0.24
C PRO L 284 -7.80 35.09 0.96
N ARG L 285 -7.52 35.20 2.25
CA ARG L 285 -7.14 34.06 3.08
C ARG L 285 -8.18 33.82 4.17
N ILE L 286 -8.60 32.57 4.33
CA ILE L 286 -9.79 32.21 5.14
C ILE L 286 -9.51 31.00 6.06
N THR L 287 -10.17 30.92 7.21
CA THR L 287 -9.88 29.83 8.17
C THR L 287 -11.01 28.82 8.43
N TYR L 288 -10.66 27.57 8.76
CA TYR L 288 -11.64 26.50 9.00
C TYR L 288 -11.28 25.69 10.24
N PRO L 289 -12.25 25.02 10.90
CA PRO L 289 -11.85 24.11 11.96
C PRO L 289 -11.37 22.81 11.34
N TYR L 290 -10.45 22.11 12.02
CA TYR L 290 -9.90 20.85 11.50
C TYR L 290 -9.45 19.87 12.60
N PHE L 291 -10.00 18.65 12.58
CA PHE L 291 -9.74 17.64 13.59
C PHE L 291 -8.80 16.63 12.98
N LYS L 292 -8.40 15.60 13.73
CA LYS L 292 -7.42 14.63 13.23
C LYS L 292 -7.36 13.36 14.07
N LEU L 293 -7.82 12.25 13.48
CA LEU L 293 -7.90 10.94 14.15
C LEU L 293 -6.54 10.31 14.34
N SER L 294 -6.30 9.75 15.53
CA SER L 294 -5.04 9.08 15.86
C SER L 294 -5.34 7.78 16.59
N ARG L 295 -4.68 6.69 16.28
CA ARG L 295 -5.03 5.45 16.95
C ARG L 295 -3.85 4.61 17.42
N TYR L 296 -3.96 3.99 18.60
CA TYR L 296 -2.97 3.02 19.06
C TYR L 296 -3.71 1.78 19.50
N THR L 297 -3.33 0.59 19.02
CA THR L 297 -4.05 -0.64 19.35
C THR L 297 -3.10 -1.54 20.10
N THR L 298 -3.48 -2.08 21.24
CA THR L 298 -2.56 -2.95 21.95
C THR L 298 -3.08 -4.38 22.09
N GLN L 299 -2.26 -5.36 21.74
CA GLN L 299 -2.69 -6.75 21.78
C GLN L 299 -1.94 -7.64 22.74
N PHE L 300 -2.68 -8.39 23.53
CA PHE L 300 -2.14 -9.32 24.54
C PHE L 300 -2.78 -10.65 24.21
N GLN L 301 -1.96 -11.67 24.10
CA GLN L 301 -2.41 -12.94 23.54
C GLN L 301 -3.57 -13.66 24.22
N ASN L 302 -3.59 -13.66 25.57
CA ASN L 302 -4.51 -14.51 26.36
C ASN L 302 -6.00 -14.48 25.98
N THR L 303 -6.58 -15.68 25.95
CA THR L 303 -7.91 -15.95 25.40
C THR L 303 -8.95 -16.39 26.46
N LEU L 304 -10.02 -15.61 26.58
CA LEU L 304 -11.07 -15.89 27.56
C LEU L 304 -12.35 -16.36 26.84
N ALA L 305 -13.05 -17.34 27.41
CA ALA L 305 -14.29 -17.88 26.80
C ALA L 305 -14.93 -19.02 27.60
N PRO L 306 -16.20 -19.37 27.30
CA PRO L 306 -17.08 -18.60 26.41
C PRO L 306 -17.42 -17.28 27.08
N ASN L 307 -17.53 -17.29 28.42
CA ASN L 307 -17.82 -16.08 29.18
C ASN L 307 -17.06 -15.96 30.50
N ALA L 308 -15.74 -15.85 30.40
CA ALA L 308 -14.92 -15.54 31.56
C ALA L 308 -14.73 -14.03 31.68
N SER L 309 -14.36 -13.58 32.88
CA SER L 309 -13.99 -12.18 33.13
C SER L 309 -12.47 -12.06 33.31
N SER L 310 -11.87 -10.96 32.85
CA SER L 310 -10.44 -10.72 33.07
C SER L 310 -10.12 -9.24 33.17
N THR L 311 -8.83 -8.91 33.11
CA THR L 311 -8.39 -7.51 33.13
C THR L 311 -7.24 -7.28 32.14
N PHE L 312 -7.08 -6.06 31.64
CA PHE L 312 -6.02 -5.77 30.70
C PHE L 312 -5.42 -4.42 31.01
N LYS L 313 -4.37 -4.06 30.28
CA LYS L 313 -3.80 -2.71 30.35
C LYS L 313 -3.12 -2.38 29.03
N SER L 314 -2.78 -1.11 28.85
CA SER L 314 -2.11 -0.68 27.65
C SER L 314 -0.82 -0.06 28.07
N ASN L 315 0.18 -0.09 27.20
CA ASN L 315 1.46 0.50 27.53
C ASN L 315 1.20 1.97 27.62
N VAL L 316 1.97 2.66 28.43
CA VAL L 316 1.74 4.08 28.52
C VAL L 316 1.99 4.67 27.16
N VAL L 317 1.14 5.61 26.78
CA VAL L 317 1.30 6.34 25.52
C VAL L 317 1.22 7.86 25.74
N GLN L 318 2.35 8.56 25.60
CA GLN L 318 2.37 10.01 25.80
C GLN L 318 1.60 10.68 24.70
N LEU L 319 1.03 11.85 24.96
CA LEU L 319 0.36 12.62 23.92
C LEU L 319 0.97 14.00 23.86
N ASP L 320 0.78 14.68 22.74
CA ASP L 320 1.39 16.01 22.55
C ASP L 320 0.43 17.15 22.89
N SER L 321 -0.80 16.80 23.26
CA SER L 321 -1.84 17.78 23.54
C SER L 321 -3.08 17.09 24.07
N ILE L 322 -3.89 17.81 24.84
CA ILE L 322 -5.22 17.32 25.22
C ILE L 322 -6.01 17.12 23.95
N PRO L 323 -6.65 15.96 23.78
CA PRO L 323 -7.51 15.81 22.61
C PRO L 323 -8.96 16.08 22.98
N ARG L 324 -9.72 16.67 22.05
CA ARG L 324 -11.12 17.03 22.28
C ARG L 324 -11.97 15.87 22.76
N LYS L 325 -11.79 14.70 22.16
CA LYS L 325 -12.53 13.51 22.56
C LYS L 325 -11.63 12.30 22.60
N LEU L 326 -12.12 11.21 23.18
CA LEU L 326 -11.34 9.98 23.30
C LEU L 326 -12.24 8.73 23.40
N TYR L 327 -11.93 7.68 22.65
CA TYR L 327 -12.82 6.51 22.52
C TYR L 327 -12.15 5.23 22.96
N LEU L 328 -12.68 4.54 23.96
CA LEU L 328 -12.08 3.28 24.42
C LEU L 328 -13.01 2.13 24.19
N PHE L 329 -12.47 1.05 23.62
CA PHE L 329 -13.27 -0.16 23.41
C PHE L 329 -12.41 -1.39 23.16
N VAL L 330 -12.92 -2.51 23.58
CA VAL L 330 -12.25 -3.77 23.38
C VAL L 330 -12.94 -4.44 22.21
N LYS L 331 -12.19 -4.71 21.15
CA LYS L 331 -12.73 -5.43 20.01
C LYS L 331 -12.28 -6.89 20.04
N GLN L 332 -13.01 -7.76 19.34
CA GLN L 332 -12.47 -9.06 18.99
C GLN L 332 -11.22 -8.78 18.16
N SER L 333 -10.06 -9.23 18.64
CA SER L 333 -8.78 -8.88 17.99
C SER L 333 -8.72 -9.14 16.50
N ASP L 334 -8.05 -8.24 15.80
CA ASP L 334 -7.91 -8.31 14.34
C ASP L 334 -7.09 -9.49 13.82
N ASN L 335 -6.00 -9.82 14.51
CA ASN L 335 -5.02 -10.76 13.98
C ASN L 335 -5.62 -12.13 13.73
N VAL L 336 -6.47 -12.55 14.64
CA VAL L 336 -7.16 -13.86 14.54
C VAL L 336 -8.23 -13.94 13.42
N ILE L 337 -8.79 -12.81 13.01
CA ILE L 337 -9.85 -12.87 11.98
C ILE L 337 -9.28 -12.97 10.56
N TYR L 338 -8.09 -12.44 10.34
CA TYR L 338 -7.55 -12.41 9.00
C TYR L 338 -7.18 -13.73 8.36
N GLN L 339 -6.63 -14.66 9.10
CA GLN L 339 -6.27 -15.94 8.49
C GLN L 339 -7.51 -16.73 8.14
N ASN L 340 -7.56 -17.21 6.91
CA ASN L 340 -8.63 -18.10 6.48
C ASN L 340 -9.75 -17.34 5.78
N LEU L 341 -10.27 -17.91 4.71
CA LEU L 341 -11.45 -17.36 4.05
C LEU L 341 -12.70 -17.49 4.90
N ASN L 342 -12.88 -18.65 5.51
CA ASN L 342 -14.09 -18.88 6.29
C ASN L 342 -14.23 -17.77 7.30
N ASN L 343 -13.21 -17.60 8.12
CA ASN L 343 -13.28 -16.66 9.22
C ASN L 343 -13.51 -15.22 8.79
N GLN L 344 -12.87 -14.80 7.71
CA GLN L 344 -12.94 -13.39 7.35
C GLN L 344 -14.36 -12.96 7.06
N ILE L 345 -15.10 -13.78 6.32
CA ILE L 345 -16.50 -13.47 6.05
C ILE L 345 -17.48 -13.56 7.21
N THR L 346 -17.36 -14.57 8.07
CA THR L 346 -18.45 -14.95 8.96
C THR L 346 -18.27 -14.47 10.40
N THR L 347 -17.57 -13.36 10.60
CA THR L 347 -17.47 -12.81 11.94
C THR L 347 -17.89 -11.35 12.01
N PRO L 348 -18.97 -11.06 12.76
CA PRO L 348 -19.44 -9.70 12.81
C PRO L 348 -18.50 -8.87 13.65
N ASP L 349 -18.56 -7.57 13.45
CA ASP L 349 -17.68 -6.63 14.14
C ASP L 349 -18.40 -5.95 15.31
N VAL L 350 -18.11 -6.47 16.50
CA VAL L 350 -18.87 -6.18 17.70
C VAL L 350 -17.88 -6.05 18.84
N PHE L 351 -18.36 -5.63 19.99
CA PHE L 351 -17.48 -5.38 21.12
C PHE L 351 -17.87 -6.17 22.37
N LEU L 352 -16.90 -6.35 23.27
CA LEU L 352 -17.15 -7.09 24.51
C LEU L 352 -17.75 -6.14 25.55
N GLN L 353 -18.58 -6.67 26.46
CA GLN L 353 -19.22 -5.84 27.50
C GLN L 353 -18.21 -5.37 28.56
N ILE L 354 -18.21 -4.06 28.84
CA ILE L 354 -17.27 -3.47 29.80
C ILE L 354 -17.82 -3.53 31.22
N ASN L 355 -17.31 -4.44 32.03
CA ASN L 355 -17.77 -4.51 33.40
C ASN L 355 -17.40 -3.28 34.18
N ASN L 356 -16.16 -2.84 34.03
CA ASN L 356 -15.73 -1.59 34.62
C ASN L 356 -14.53 -1.03 33.87
N LEU L 357 -14.45 0.29 33.82
CA LEU L 357 -13.32 0.93 33.18
C LEU L 357 -12.72 1.85 34.20
N ASN L 358 -11.41 1.77 34.37
CA ASN L 358 -10.69 2.72 35.18
C ASN L 358 -9.55 3.21 34.35
N LEU L 359 -9.30 4.51 34.31
CA LEU L 359 -8.15 4.97 33.54
C LEU L 359 -7.40 6.07 34.25
N THR L 360 -6.19 6.34 33.81
CA THR L 360 -5.39 7.40 34.40
C THR L 360 -5.05 8.51 33.42
N TRP L 361 -5.31 9.75 33.81
CA TRP L 361 -4.91 10.89 33.01
C TRP L 361 -3.49 11.09 33.40
N ASN L 362 -2.89 12.22 33.07
CA ASN L 362 -1.45 12.25 33.15
C ASN L 362 -0.90 12.26 34.55
N ASN L 363 -0.19 11.18 34.86
CA ASN L 363 0.56 11.03 36.08
C ASN L 363 -0.46 11.03 37.17
N GLN L 364 -1.71 10.90 36.76
CA GLN L 364 -2.84 10.81 37.69
C GLN L 364 -3.65 9.54 37.46
N GLN L 365 -4.00 8.84 38.55
CA GLN L 365 -4.63 7.52 38.44
C GLN L 365 -5.91 7.36 39.24
N GLY L 366 -6.75 6.42 38.81
CA GLY L 366 -8.00 6.13 39.48
C GLY L 366 -9.23 6.79 38.90
N ILE L 367 -9.09 7.51 37.80
CA ILE L 367 -10.21 8.26 37.26
C ILE L 367 -11.36 7.36 36.83
N LEU L 368 -12.59 7.75 37.11
CA LEU L 368 -13.74 6.96 36.63
C LEU L 368 -13.84 5.55 37.19
N SER L 369 -12.95 5.18 38.12
CA SER L 369 -12.93 3.83 38.70
C SER L 369 -14.20 3.49 39.47
N GLY L 370 -14.70 4.47 40.23
CA GLY L 370 -15.84 4.26 41.12
C GLY L 370 -17.18 4.16 40.42
N ALA L 371 -17.31 4.85 39.29
CA ALA L 371 -18.56 4.91 38.53
C ALA L 371 -18.97 3.55 37.97
N SER L 372 -20.25 3.20 38.16
CA SER L 372 -20.82 1.95 37.65
C SER L 372 -20.77 1.90 36.13
N SER L 373 -20.48 0.72 35.57
CA SER L 373 -20.42 0.51 34.12
C SER L 373 -21.67 0.99 33.40
N GLN L 374 -22.73 1.14 34.17
CA GLN L 374 -23.99 1.64 33.67
C GLN L 374 -23.90 3.15 33.65
N ASN L 375 -23.16 3.69 34.61
CA ASN L 375 -22.86 5.10 34.60
C ASN L 375 -22.05 5.46 33.35
N LEU L 376 -21.08 4.63 32.96
CA LEU L 376 -20.31 4.89 31.73
C LEU L 376 -21.23 5.23 30.57
N TYR L 377 -22.33 4.50 30.47
CA TYR L 377 -23.34 4.73 29.47
C TYR L 377 -23.99 6.07 29.61
N ASP L 378 -24.35 6.45 30.83
CA ASP L 378 -25.09 7.69 31.11
C ASP L 378 -24.46 8.96 30.57
N PHE L 379 -23.14 9.02 30.62
CA PHE L 379 -22.46 10.25 30.26
C PHE L 379 -21.96 10.16 28.84
N SER L 380 -21.96 8.95 28.31
CA SER L 380 -21.60 8.74 26.92
C SER L 380 -22.80 8.89 25.95
N VAL L 381 -23.99 8.45 26.34
CA VAL L 381 -25.21 8.71 25.56
C VAL L 381 -25.41 10.19 25.47
N GLN L 382 -25.04 10.89 26.53
CA GLN L 382 -25.12 12.33 26.54
C GLN L 382 -24.19 12.89 25.47
N ASN L 383 -23.07 12.22 25.25
CA ASN L 383 -22.21 12.54 24.13
C ASN L 383 -22.85 12.27 22.79
N GLY L 384 -23.79 11.33 22.75
CA GLY L 384 -24.55 10.99 21.54
C GLY L 384 -24.44 9.53 21.11
N TYR L 385 -24.78 8.60 21.99
CA TYR L 385 -24.55 7.19 21.70
C TYR L 385 -25.60 6.48 20.85
N ASN L 386 -26.82 7.01 20.81
CA ASN L 386 -27.90 6.50 19.93
C ASN L 386 -28.31 4.99 19.98
N LYS L 387 -27.86 4.26 20.97
CA LYS L 387 -28.18 2.84 21.03
C LYS L 387 -28.69 2.47 22.41
N THR L 388 -29.90 1.92 22.46
CA THR L 388 -30.49 1.40 23.70
C THR L 388 -29.48 0.83 24.69
N TRP L 389 -29.59 1.22 25.96
CA TRP L 389 -28.72 0.66 26.98
C TRP L 389 -28.64 -0.81 26.89
N SER L 390 -29.71 -1.45 26.45
CA SER L 390 -29.75 -2.90 26.40
C SER L 390 -28.66 -3.51 25.52
N GLU L 391 -28.36 -2.86 24.41
CA GLU L 391 -27.34 -3.37 23.50
C GLU L 391 -25.91 -3.10 24.00
N PHE L 392 -25.68 -1.93 24.58
CA PHE L 392 -24.47 -1.68 25.38
C PHE L 392 -24.54 -2.64 26.58
N ASN L 393 -23.41 -3.21 27.01
CA ASN L 393 -23.42 -4.31 28.02
C ASN L 393 -24.12 -5.60 27.54
N GLY L 394 -24.37 -5.68 26.24
CA GLY L 394 -25.27 -6.67 25.64
C GLY L 394 -25.16 -8.12 26.06
N VAL L 395 -26.30 -8.65 26.49
CA VAL L 395 -26.56 -10.07 26.68
C VAL L 395 -28.03 -10.13 27.05
N THR L 396 -28.78 -11.02 26.43
CA THR L 396 -30.23 -11.07 26.66
C THR L 396 -30.73 -12.50 26.81
N GLN L 397 -31.84 -12.67 27.51
CA GLN L 397 -32.29 -14.00 27.87
C GLN L 397 -33.64 -14.22 27.27
N GLN L 398 -33.77 -15.17 26.37
CA GLN L 398 -35.11 -15.61 26.01
C GLN L 398 -35.33 -17.06 26.42
N PHE L 399 -36.40 -17.29 27.19
CA PHE L 399 -36.72 -18.63 27.70
C PHE L 399 -37.77 -19.33 26.85
N ASN L 400 -37.53 -20.60 26.57
CA ASN L 400 -38.44 -21.40 25.75
C ASN L 400 -39.41 -22.22 26.61
N GLY L 401 -40.60 -22.45 26.09
CA GLY L 401 -41.63 -23.16 26.83
C GLY L 401 -41.90 -24.55 26.28
N VAL L 402 -41.08 -25.51 26.71
CA VAL L 402 -41.32 -26.93 26.46
C VAL L 402 -40.47 -27.71 27.45
N SER L 403 -41.11 -28.66 28.14
CA SER L 403 -40.45 -29.42 29.21
C SER L 403 -39.32 -30.30 28.70
N GLY L 404 -38.27 -30.42 29.53
CA GLY L 404 -37.00 -31.09 29.19
C GLY L 404 -36.09 -30.19 28.35
N GLN L 405 -36.33 -28.88 28.37
CA GLN L 405 -35.54 -27.94 27.57
C GLN L 405 -34.91 -26.80 28.39
N PRO L 406 -33.61 -26.53 28.16
CA PRO L 406 -33.00 -25.37 28.82
C PRO L 406 -33.28 -24.11 28.03
N THR L 407 -33.34 -22.97 28.73
CA THR L 407 -33.49 -21.65 28.11
C THR L 407 -32.17 -21.26 27.48
N LYS L 408 -32.18 -20.42 26.45
CA LYS L 408 -30.91 -20.04 25.82
C LYS L 408 -30.58 -18.54 25.85
N VAL L 409 -29.29 -18.27 26.07
CA VAL L 409 -28.78 -16.92 26.22
C VAL L 409 -28.19 -16.45 24.89
N ILE L 410 -28.31 -15.15 24.62
CA ILE L 410 -27.92 -14.55 23.35
C ILE L 410 -26.95 -13.40 23.60
N GLY L 411 -25.76 -13.48 23.01
CA GLY L 411 -24.77 -12.38 23.06
C GLY L 411 -25.23 -11.22 22.20
N LEU L 412 -24.99 -9.98 22.64
CA LEU L 412 -25.65 -8.85 22.01
C LEU L 412 -24.83 -7.67 21.48
N GLU L 413 -23.51 -7.79 21.45
CA GLU L 413 -22.64 -6.69 20.96
C GLU L 413 -22.55 -5.52 21.94
N GLY L 414 -21.53 -5.56 22.78
CA GLY L 414 -21.31 -4.55 23.82
C GLY L 414 -21.11 -3.14 23.29
N GLY L 415 -20.60 -2.28 24.15
CA GLY L 415 -20.52 -0.87 23.84
C GLY L 415 -19.13 -0.33 23.67
N ILE L 416 -19.09 0.98 23.43
CA ILE L 416 -17.87 1.70 23.25
C ILE L 416 -18.04 3.03 23.97
N VAL L 417 -17.23 3.24 25.01
CA VAL L 417 -17.27 4.47 25.83
C VAL L 417 -16.57 5.58 25.08
N CYS L 418 -17.00 6.81 25.34
CA CYS L 418 -16.26 7.96 24.90
C CYS L 418 -16.49 9.08 25.87
N LEU L 419 -15.44 9.84 26.14
CA LEU L 419 -15.45 10.84 27.19
C LEU L 419 -14.79 12.12 26.71
N GLU L 420 -15.60 13.08 26.26
CA GLU L 420 -15.11 14.41 25.93
C GLU L 420 -14.18 14.84 27.07
N LEU L 421 -12.98 15.28 26.73
CA LEU L 421 -11.90 15.39 27.73
C LEU L 421 -11.93 16.55 28.71
N GLY L 422 -12.72 17.58 28.44
CA GLY L 422 -12.93 18.68 29.38
C GLY L 422 -14.21 18.46 30.18
N LYS L 423 -15.00 17.51 29.69
CA LYS L 423 -16.36 17.21 30.14
C LYS L 423 -16.42 16.10 31.19
N ASP L 424 -15.62 15.06 30.96
CA ASP L 424 -15.79 13.82 31.69
C ASP L 424 -14.52 13.32 32.36
N VAL L 425 -13.43 14.05 32.18
CA VAL L 425 -12.20 13.74 32.89
C VAL L 425 -12.00 14.85 33.90
N GLY L 426 -12.37 16.05 33.52
CA GLY L 426 -11.97 17.25 34.25
C GLY L 426 -10.47 17.49 34.09
N LEU L 427 -10.08 18.77 34.12
CA LEU L 427 -8.70 19.12 33.87
C LEU L 427 -8.10 20.11 34.87
N ARG L 428 -6.87 19.88 35.28
CA ARG L 428 -6.20 20.80 36.19
C ARG L 428 -5.95 22.01 35.35
N ASP L 429 -5.74 23.16 35.94
CA ASP L 429 -5.73 24.38 35.12
C ASP L 429 -4.52 25.31 35.25
N ASP L 430 -4.29 26.13 34.22
CA ASP L 430 -5.21 26.22 33.10
C ASP L 430 -4.78 25.32 31.97
N GLU L 431 -5.67 24.43 31.63
CA GLU L 431 -5.56 23.49 30.53
C GLU L 431 -6.90 23.45 29.82
N ALA L 432 -6.88 23.26 28.52
CA ALA L 432 -8.07 23.40 27.71
C ALA L 432 -8.37 22.16 26.91
N GLU L 433 -9.07 22.33 25.80
CA GLU L 433 -9.35 21.26 24.86
C GLU L 433 -8.29 21.15 23.77
N GLY L 434 -7.29 22.03 23.78
CA GLY L 434 -6.32 22.08 22.70
C GLY L 434 -4.86 22.22 23.12
N VAL L 435 -4.63 22.80 24.29
CA VAL L 435 -3.31 23.29 24.69
C VAL L 435 -2.23 22.21 24.69
N ILE L 436 -1.07 22.52 24.11
CA ILE L 436 0.11 21.65 24.14
C ILE L 436 0.85 21.87 25.47
N GLY L 437 1.54 20.87 26.00
CA GLY L 437 1.64 19.55 25.40
C GLY L 437 2.23 18.51 26.34
N ASN L 438 2.26 17.25 25.91
CA ASN L 438 3.03 16.20 26.59
C ASN L 438 2.41 15.36 27.70
N PHE L 439 1.11 15.42 27.85
CA PHE L 439 0.39 14.58 28.81
C PHE L 439 0.40 13.13 28.43
N ASN L 440 0.46 12.22 29.40
CA ASN L 440 0.58 10.80 29.08
C ASN L 440 -0.45 9.94 29.78
N LEU L 441 -1.20 9.15 29.03
CA LEU L 441 -2.26 8.37 29.65
C LEU L 441 -2.12 6.91 29.35
N GLN L 442 -2.68 6.07 30.20
CA GLN L 442 -2.82 4.64 29.94
C GLN L 442 -4.14 4.17 30.52
N VAL L 443 -4.70 3.11 29.96
CA VAL L 443 -6.01 2.65 30.39
C VAL L 443 -5.92 1.23 30.87
N GLN L 444 -6.69 0.89 31.89
CA GLN L 444 -6.83 -0.50 32.31
C GLN L 444 -8.26 -0.89 32.61
N MET L 445 -8.92 -1.53 31.66
CA MET L 445 -10.31 -1.87 31.86
C MET L 445 -10.48 -3.38 31.95
N THR L 446 -11.52 -3.82 32.67
CA THR L 446 -11.86 -5.24 32.81
C THR L 446 -13.07 -5.57 31.96
N VAL L 447 -12.92 -6.53 31.06
CA VAL L 447 -13.98 -6.80 30.11
C VAL L 447 -14.57 -8.19 30.35
N THR L 448 -15.69 -8.48 29.70
CA THR L 448 -16.22 -9.82 29.73
C THR L 448 -16.65 -10.26 28.33
N ASN L 449 -16.22 -11.47 27.96
CA ASN L 449 -16.67 -12.09 26.73
C ASN L 449 -18.11 -12.55 26.87
N THR L 450 -18.94 -12.17 25.91
CA THR L 450 -20.38 -12.46 25.97
C THR L 450 -20.85 -13.35 24.83
N ASN L 451 -20.05 -13.38 23.77
CA ASN L 451 -20.26 -14.25 22.63
C ASN L 451 -20.40 -15.68 23.11
N GLN L 452 -21.45 -16.36 22.66
CA GLN L 452 -21.75 -17.68 23.23
C GLN L 452 -20.96 -18.85 22.67
N TYR L 453 -20.45 -18.68 21.45
CA TYR L 453 -19.89 -19.81 20.71
C TYR L 453 -18.38 -19.85 20.60
N VAL L 454 -17.72 -18.70 20.41
CA VAL L 454 -16.28 -18.71 20.14
C VAL L 454 -15.41 -18.08 21.24
N THR L 455 -14.28 -18.74 21.50
CA THR L 455 -13.20 -18.15 22.29
C THR L 455 -12.68 -16.94 21.52
N VAL L 456 -12.40 -15.86 22.23
CA VAL L 456 -12.02 -14.63 21.58
C VAL L 456 -10.79 -14.02 22.20
N THR L 457 -9.70 -14.00 21.43
CA THR L 457 -8.54 -13.21 21.81
C THR L 457 -8.98 -11.76 21.64
N PRO L 458 -8.72 -10.93 22.65
CA PRO L 458 -9.17 -9.57 22.45
C PRO L 458 -8.02 -8.63 22.16
N ASP L 459 -8.32 -7.34 22.28
CA ASP L 459 -7.46 -6.28 21.86
C ASP L 459 -8.08 -5.01 22.43
N MET L 460 -7.33 -3.92 22.47
CA MET L 460 -7.87 -2.67 22.97
C MET L 460 -7.59 -1.60 21.95
N TYR L 461 -8.52 -0.67 21.78
CA TYR L 461 -8.22 0.50 20.98
C TYR L 461 -8.42 1.77 21.75
N ILE L 462 -7.74 2.82 21.32
CA ILE L 462 -7.98 4.14 21.85
C ILE L 462 -7.85 5.11 20.68
N VAL L 463 -8.94 5.78 20.36
CA VAL L 463 -8.94 6.76 19.32
C VAL L 463 -9.06 8.10 20.02
N ALA L 464 -8.22 9.04 19.61
CA ALA L 464 -8.32 10.42 20.08
C ALA L 464 -8.63 11.29 18.86
N VAL L 465 -9.13 12.52 19.07
CA VAL L 465 -9.18 13.50 17.99
C VAL L 465 -8.60 14.80 18.47
N TYR L 466 -7.41 15.14 18.00
CA TYR L 466 -6.80 16.41 18.36
C TYR L 466 -7.51 17.50 17.63
N ASP L 467 -7.56 18.70 18.20
CA ASP L 467 -8.25 19.81 17.57
C ASP L 467 -7.33 20.95 17.27
N GLY L 468 -7.61 21.64 16.16
CA GLY L 468 -6.79 22.77 15.72
C GLY L 468 -7.45 23.46 14.56
N THR L 469 -6.71 24.32 13.88
CA THR L 469 -7.28 25.09 12.80
C THR L 469 -6.46 24.95 11.52
N LEU L 470 -7.13 24.79 10.39
CA LEU L 470 -6.47 24.76 9.08
C LEU L 470 -6.83 25.97 8.22
N VAL L 471 -5.85 26.81 7.94
CA VAL L 471 -6.06 28.06 7.24
C VAL L 471 -5.64 27.92 5.80
N ILE L 472 -6.58 27.98 4.86
CA ILE L 472 -6.13 27.92 3.47
C ILE L 472 -6.18 29.24 2.73
N SER L 473 -5.07 29.55 2.06
CA SER L 473 -4.94 30.65 1.11
C SER L 473 -4.30 30.14 -0.17
N ASN L 474 -4.44 30.86 -1.26
CA ASN L 474 -3.69 30.50 -2.45
C ASN L 474 -2.32 31.16 -2.44
N THR L 475 -1.25 30.37 -2.33
CA THR L 475 -1.35 28.92 -2.27
C THR L 475 -0.57 28.39 -1.08
N SER L 476 -1.29 28.04 -0.02
CA SER L 476 -0.71 27.58 1.26
C SER L 476 -1.77 26.77 2.01
N ALA L 477 -1.36 26.00 3.01
CA ALA L 477 -2.33 25.30 3.82
C ALA L 477 -1.88 25.13 5.26
N MET L 478 -1.37 26.20 5.85
CA MET L 478 -0.95 26.22 7.25
C MET L 478 -1.94 25.53 8.18
N ALA L 479 -1.44 24.69 9.07
CA ALA L 479 -2.27 24.04 10.08
C ALA L 479 -1.60 24.15 11.45
N SER L 480 -2.39 24.32 12.51
CA SER L 480 -1.86 24.44 13.88
C SER L 480 -2.53 23.51 14.88
N ILE L 481 -1.91 23.43 16.06
CA ILE L 481 -2.45 22.76 17.23
C ILE L 481 -1.84 23.47 18.43
N GLY L 482 -2.55 23.50 19.54
CA GLY L 482 -2.18 24.38 20.64
C GLY L 482 -3.03 25.62 20.49
N VAL L 483 -2.67 26.48 19.55
CA VAL L 483 -3.49 27.61 19.16
C VAL L 483 -3.72 28.67 20.26
N ALA L 484 -3.73 28.26 21.53
CA ALA L 484 -3.89 29.20 22.66
C ALA L 484 -2.85 28.97 23.75
N SER L 485 -2.28 30.06 24.26
CA SER L 485 -1.30 29.98 25.36
C SER L 485 -1.92 29.48 26.66
N LYS L 486 -1.16 28.69 27.41
CA LYS L 486 -1.62 28.15 28.69
C LYS L 486 -1.96 29.27 29.67
N GLU L 487 -1.44 30.46 29.40
CA GLU L 487 -1.78 31.64 30.21
C GLU L 487 -3.03 32.34 29.68
N GLU L 488 -3.11 32.52 28.36
CA GLU L 488 -4.23 33.21 27.71
C GLU L 488 -5.56 32.53 27.93
N VAL L 489 -5.51 31.21 28.14
CA VAL L 489 -6.70 30.43 28.44
C VAL L 489 -7.18 30.66 29.89
N LEU L 490 -6.24 30.92 30.79
CA LEU L 490 -6.53 31.10 32.21
C LEU L 490 -7.38 32.32 32.49
N ASN L 491 -7.48 33.24 31.53
CA ASN L 491 -8.25 34.45 31.76
C ASN L 491 -8.96 34.98 30.52
N ALA L 492 -9.56 34.08 29.75
CA ALA L 492 -10.49 34.44 28.67
C ALA L 492 -11.90 34.52 29.26
N ARG L 493 -12.71 35.48 28.83
CA ARG L 493 -14.02 35.76 29.46
C ARG L 493 -15.14 34.82 29.04
N ILE L 494 -15.81 34.23 30.03
CA ILE L 494 -16.94 33.32 29.74
C ILE L 494 -18.12 34.12 29.21
N THR L 495 -18.56 33.78 28.02
CA THR L 495 -19.67 34.50 27.40
C THR L 495 -20.93 33.66 27.44
N HIS L 496 -22.02 34.25 27.87
CA HIS L 496 -23.26 33.52 27.97
C HIS L 496 -23.98 33.50 26.64
N GLY L 497 -23.44 34.24 25.67
CA GLY L 497 -24.07 34.30 24.37
C GLY L 497 -23.66 33.17 23.45
N VAL L 498 -23.76 31.94 23.95
CA VAL L 498 -23.76 30.75 23.13
C VAL L 498 -24.28 29.61 23.97
N SER L 499 -24.67 28.52 23.34
CA SER L 499 -25.21 27.39 24.06
C SER L 499 -24.30 26.21 23.92
N TYR L 500 -23.86 25.66 25.03
CA TYR L 500 -22.92 24.55 24.91
C TYR L 500 -23.41 23.58 23.86
N ASN L 501 -24.72 23.50 23.68
CA ASN L 501 -25.33 22.68 22.64
C ASN L 501 -24.95 23.07 21.19
N GLU L 502 -24.57 24.33 20.99
CA GLU L 502 -24.05 24.80 19.70
C GLU L 502 -22.75 24.08 19.32
N LEU L 503 -21.91 23.80 20.31
CA LEU L 503 -20.63 23.14 20.07
C LEU L 503 -20.71 21.62 19.98
N GLN L 504 -21.89 21.07 20.28
CA GLN L 504 -22.14 19.67 20.03
C GLN L 504 -22.30 19.48 18.52
N ARG L 505 -22.85 20.51 17.86
CA ARG L 505 -23.18 20.49 16.43
C ARG L 505 -21.96 20.46 15.51
N ILE L 506 -20.90 21.16 15.88
CA ILE L 506 -19.67 21.05 15.12
C ILE L 506 -18.93 19.78 15.51
N TYR L 507 -19.35 18.69 14.88
CA TYR L 507 -18.60 17.46 14.86
C TYR L 507 -17.31 17.79 14.10
N GLY L 508 -16.20 17.11 14.36
CA GLY L 508 -16.06 16.04 15.35
C GLY L 508 -15.65 14.70 14.73
N MET M 1 -4.83 32.25 22.15
CA MET M 1 -5.79 32.09 21.00
C MET M 1 -5.16 32.60 19.69
N SER M 2 -4.54 33.77 19.77
CA SER M 2 -3.67 34.24 18.71
C SER M 2 -2.46 33.36 18.72
N ASN M 3 -2.26 32.57 17.67
CA ASN M 3 -1.13 31.66 17.52
C ASN M 3 -1.17 30.87 16.21
N SER M 4 -2.20 31.10 15.42
CA SER M 4 -2.27 30.41 14.15
C SER M 4 -2.48 31.41 13.03
N ALA M 5 -1.51 31.51 12.13
CA ALA M 5 -1.74 32.32 10.97
C ALA M 5 -2.28 33.61 11.56
N ILE M 6 -3.43 34.04 11.07
CA ILE M 6 -4.14 35.16 11.65
C ILE M 6 -4.61 34.81 13.04
N PRO M 7 -4.49 35.76 13.95
CA PRO M 7 -5.02 35.66 15.31
C PRO M 7 -6.54 35.69 15.27
N LEU M 8 -7.19 34.94 16.14
CA LEU M 8 -8.65 34.89 16.15
C LEU M 8 -9.17 35.16 17.53
N ASN M 9 -10.35 35.75 17.62
CA ASN M 9 -10.87 36.22 18.90
C ASN M 9 -11.19 35.08 19.88
N VAL M 10 -10.96 35.32 21.16
CA VAL M 10 -11.08 34.30 22.22
C VAL M 10 -12.28 34.47 23.16
N VAL M 11 -13.06 33.41 23.33
CA VAL M 11 -14.16 33.39 24.32
C VAL M 11 -14.15 32.04 25.01
N ALA M 12 -14.79 31.93 26.17
CA ALA M 12 -14.80 30.65 26.90
C ALA M 12 -16.20 30.29 27.35
N VAL M 13 -16.55 29.01 27.22
CA VAL M 13 -17.92 28.59 27.56
C VAL M 13 -17.95 27.69 28.79
N GLN M 14 -19.13 27.58 29.39
CA GLN M 14 -19.33 26.72 30.55
C GLN M 14 -19.96 25.40 30.17
N GLU M 15 -19.34 24.32 30.62
CA GLU M 15 -19.92 22.98 30.52
C GLU M 15 -21.35 22.98 31.03
N PRO M 16 -22.20 22.11 30.47
CA PRO M 16 -23.62 22.26 30.77
C PRO M 16 -23.97 21.94 32.22
N ARG M 17 -23.13 21.17 32.91
CA ARG M 17 -23.39 20.84 34.32
C ARG M 17 -23.27 22.02 35.24
N LEU M 18 -22.27 22.87 35.02
CA LEU M 18 -22.12 24.05 35.85
C LEU M 18 -22.29 25.33 35.06
N GLU M 19 -23.50 25.55 34.57
CA GLU M 19 -23.74 26.78 33.82
C GLU M 19 -24.02 28.02 34.69
N LEU M 20 -24.78 27.85 35.78
CA LEU M 20 -24.92 28.86 36.84
C LEU M 20 -23.53 29.39 37.20
N ASN M 21 -23.27 30.68 37.10
CA ASN M 21 -24.22 31.75 37.27
C ASN M 21 -24.44 32.65 36.06
N ASN M 22 -25.68 32.86 35.70
CA ASN M 22 -26.06 33.83 34.71
C ASN M 22 -27.35 34.38 35.22
N GLU M 23 -27.66 35.63 34.94
CA GLU M 23 -28.92 36.15 35.42
C GLU M 23 -30.02 35.37 34.74
N ARG M 24 -31.05 35.04 35.51
CA ARG M 24 -32.14 34.14 35.13
C ARG M 24 -33.49 34.76 35.41
N THR M 25 -34.30 34.87 34.37
CA THR M 25 -35.57 35.58 34.41
C THR M 25 -36.71 34.63 34.66
N TRP M 26 -37.76 35.09 35.33
CA TRP M 26 -38.98 34.33 35.33
C TRP M 26 -39.89 34.80 34.24
N VAL M 27 -40.17 33.92 33.28
CA VAL M 27 -40.95 34.27 32.09
C VAL M 27 -42.41 33.94 32.30
N VAL M 28 -43.27 34.95 32.27
CA VAL M 28 -44.72 34.75 32.43
C VAL M 28 -45.47 34.69 31.09
N VAL M 29 -46.15 33.58 30.83
CA VAL M 29 -46.86 33.41 29.58
C VAL M 29 -48.21 34.13 29.59
N LYS M 30 -48.37 35.08 28.68
CA LYS M 30 -49.63 35.79 28.52
C LYS M 30 -50.26 35.39 27.20
N GLY M 31 -51.18 34.43 27.25
CA GLY M 31 -51.93 34.01 26.07
C GLY M 31 -53.43 34.18 26.27
N GLY M 32 -54.02 35.14 25.54
CA GLY M 32 -55.44 35.54 25.69
C GLY M 32 -56.49 34.46 25.89
N GLN M 33 -57.51 34.79 26.68
CA GLN M 33 -58.58 33.87 27.06
C GLN M 33 -59.61 33.59 25.97
N GLN M 34 -60.14 32.37 25.98
CA GLN M 34 -61.28 31.97 25.17
C GLN M 34 -60.91 31.16 23.93
N VAL M 35 -60.16 30.08 24.12
CA VAL M 35 -59.87 29.17 23.02
C VAL M 35 -61.03 28.19 22.86
N THR M 36 -61.93 28.41 21.90
CA THR M 36 -63.11 27.53 21.77
C THR M 36 -63.11 26.80 20.45
N TYR M 37 -63.93 25.75 20.31
CA TYR M 37 -63.97 25.01 19.04
C TYR M 37 -65.37 24.73 18.45
N TYR M 38 -65.68 25.36 17.32
CA TYR M 38 -67.00 25.27 16.73
C TYR M 38 -67.05 24.16 15.72
N PRO M 39 -68.21 23.52 15.60
CA PRO M 39 -68.40 22.46 14.62
C PRO M 39 -69.43 22.81 13.55
N PHE M 40 -68.99 23.43 12.46
CA PHE M 40 -69.92 23.87 11.40
C PHE M 40 -70.41 22.73 10.54
N PRO M 41 -71.72 22.46 10.54
CA PRO M 41 -72.18 21.39 9.68
C PRO M 41 -72.38 21.93 8.27
N SER M 42 -72.02 21.13 7.28
CA SER M 42 -72.20 21.52 5.90
C SER M 42 -73.67 21.71 5.58
N THR M 43 -73.98 22.80 4.90
CA THR M 43 -75.28 22.98 4.28
C THR M 43 -75.04 22.91 2.78
N SER M 44 -75.93 22.21 2.08
CA SER M 44 -75.83 21.97 0.63
C SER M 44 -74.79 20.90 0.23
N PHE M 45 -74.40 20.06 1.20
CA PHE M 45 -73.64 18.87 0.88
C PHE M 45 -74.50 18.03 -0.05
N SER M 46 -73.93 17.63 -1.17
CA SER M 46 -74.64 16.82 -2.15
C SER M 46 -73.96 15.46 -2.19
N SER M 47 -74.12 14.75 -3.30
CA SER M 47 -73.27 13.59 -3.58
C SER M 47 -71.92 14.05 -4.14
N ASN M 48 -71.96 15.16 -4.88
CA ASN M 48 -70.81 15.59 -5.62
C ASN M 48 -69.89 16.55 -4.90
N GLN M 49 -70.44 17.49 -4.13
CA GLN M 49 -69.61 18.50 -3.46
C GLN M 49 -70.12 18.90 -2.07
N PHE M 50 -69.24 19.15 -1.12
CA PHE M 50 -69.67 19.69 0.17
C PHE M 50 -69.41 21.18 0.20
N ASN M 51 -70.19 21.92 0.99
CA ASN M 51 -69.98 23.38 1.12
C ASN M 51 -70.23 23.96 2.50
N PHE M 52 -69.25 24.70 3.01
CA PHE M 52 -69.30 25.21 4.36
C PHE M 52 -69.18 26.72 4.38
N ILE M 53 -70.17 27.38 4.94
CA ILE M 53 -70.15 28.83 5.07
C ILE M 53 -70.03 29.17 6.56
N CYS M 54 -68.79 29.37 7.01
CA CYS M 54 -68.52 29.49 8.44
C CYS M 54 -67.79 30.77 8.83
N ASN M 55 -68.52 31.69 9.47
CA ASN M 55 -67.96 33.01 9.77
C ASN M 55 -67.49 33.10 11.18
N PRO M 56 -66.45 33.90 11.42
CA PRO M 56 -65.89 34.08 12.77
C PRO M 56 -66.94 34.67 13.71
N PRO M 57 -66.88 34.35 15.02
CA PRO M 57 -67.80 34.87 16.05
C PRO M 57 -67.84 36.39 16.16
N SER M 58 -66.71 37.04 15.93
CA SER M 58 -66.64 38.49 16.00
C SER M 58 -65.38 38.99 15.34
N ALA M 59 -65.28 40.30 15.16
CA ALA M 59 -64.01 40.92 14.85
C ALA M 59 -63.23 40.85 16.14
N GLN M 60 -61.91 40.93 16.08
CA GLN M 60 -61.13 40.80 17.30
C GLN M 60 -60.77 39.38 17.66
N THR M 61 -61.06 38.43 16.78
CA THR M 61 -60.77 37.04 17.04
C THR M 61 -59.77 36.49 16.06
N VAL M 62 -58.71 35.86 16.56
CA VAL M 62 -57.73 35.26 15.67
C VAL M 62 -58.12 33.81 15.39
N LEU M 63 -58.32 33.47 14.13
CA LEU M 63 -58.63 32.10 13.76
C LEU M 63 -57.33 31.34 13.60
N ASP M 64 -57.14 30.27 14.38
CA ASP M 64 -55.90 29.47 14.34
C ASP M 64 -55.70 28.68 13.02
N ARG M 65 -54.51 28.13 12.84
CA ARG M 65 -54.07 27.63 11.54
C ARG M 65 -54.56 26.24 11.15
N LEU M 66 -54.49 25.28 12.07
CA LEU M 66 -54.89 23.89 11.79
C LEU M 66 -56.42 23.76 11.70
N VAL M 67 -56.91 23.16 10.62
CA VAL M 67 -58.34 22.97 10.43
C VAL M 67 -58.49 21.59 9.91
N PHE M 68 -59.64 20.95 10.12
CA PHE M 68 -59.88 19.61 9.57
C PHE M 68 -61.36 19.29 9.40
N ILE M 69 -61.66 18.43 8.43
CA ILE M 69 -63.04 18.05 8.11
C ILE M 69 -63.34 16.58 8.38
N GLN M 70 -64.27 16.32 9.30
CA GLN M 70 -64.73 14.95 9.55
C GLN M 70 -65.92 14.63 8.68
N VAL M 71 -66.01 13.38 8.24
CA VAL M 71 -67.08 12.99 7.31
C VAL M 71 -67.49 11.54 7.48
N PRO M 72 -68.75 11.31 7.90
CA PRO M 72 -69.25 9.94 8.02
C PRO M 72 -69.61 9.40 6.64
N TYR M 73 -69.21 8.16 6.36
CA TYR M 73 -69.43 7.57 5.04
C TYR M 73 -70.18 6.26 5.13
N ASP M 74 -70.24 5.54 4.02
CA ASP M 74 -70.86 4.23 3.92
C ASP M 74 -70.50 3.59 2.58
N ILE M 75 -70.02 2.34 2.59
CA ILE M 75 -69.63 1.65 1.35
C ILE M 75 -70.11 0.21 1.29
N THR M 76 -70.56 -0.21 0.11
CA THR M 76 -70.97 -1.59 -0.11
C THR M 76 -70.21 -2.17 -1.30
N PHE M 77 -69.75 -3.41 -1.17
CA PHE M 77 -69.06 -4.10 -2.27
C PHE M 77 -69.96 -5.24 -2.75
N THR M 78 -69.72 -5.73 -3.96
CA THR M 78 -70.47 -6.87 -4.51
C THR M 78 -69.61 -7.75 -5.43
N ALA M 79 -69.32 -8.97 -4.98
CA ALA M 79 -68.52 -9.92 -5.77
C ALA M 79 -69.09 -10.13 -7.18
N ASN M 80 -68.25 -9.99 -8.19
CA ASN M 80 -68.70 -10.11 -9.57
C ASN M 80 -68.62 -11.53 -10.16
N PRO M 81 -69.68 -11.93 -10.88
CA PRO M 81 -69.55 -13.03 -11.83
C PRO M 81 -68.67 -12.56 -13.01
N SER M 82 -67.88 -13.45 -13.62
CA SER M 82 -67.87 -14.88 -13.32
C SER M 82 -66.50 -15.37 -12.83
N HIS M 83 -65.67 -14.43 -12.34
CA HIS M 83 -64.37 -14.74 -11.75
C HIS M 83 -64.39 -15.96 -10.84
N ALA M 84 -65.57 -16.25 -10.29
CA ALA M 84 -65.85 -17.39 -9.37
C ALA M 84 -65.12 -18.71 -9.66
N GLY M 85 -64.57 -19.36 -8.61
CA GLY M 85 -64.71 -18.92 -7.21
C GLY M 85 -63.51 -18.15 -6.66
N ILE M 86 -63.67 -17.34 -5.60
CA ILE M 86 -64.92 -16.98 -4.88
C ILE M 86 -65.10 -17.63 -3.50
N THR M 87 -64.08 -18.37 -3.05
CA THR M 87 -64.06 -18.88 -1.68
C THR M 87 -63.80 -17.73 -0.69
N GLU M 88 -64.15 -17.96 0.58
CA GLU M 88 -64.04 -16.97 1.67
C GLU M 88 -64.61 -15.56 1.39
N ASN M 89 -64.20 -14.60 2.21
CA ASN M 89 -64.80 -13.29 2.25
C ASN M 89 -64.13 -12.29 1.33
N LEU M 90 -64.84 -11.22 1.01
CA LEU M 90 -64.34 -10.19 0.10
C LEU M 90 -63.25 -9.34 0.72
N LEU M 91 -63.45 -8.92 1.97
CA LEU M 91 -62.37 -8.29 2.71
C LEU M 91 -61.51 -9.36 3.38
N GLN M 92 -60.19 -9.21 3.28
CA GLN M 92 -59.24 -10.21 3.76
C GLN M 92 -58.48 -9.66 4.96
N PRO M 93 -57.75 -10.53 5.69
CA PRO M 93 -57.08 -10.10 6.92
C PRO M 93 -56.08 -8.96 6.73
N GLY M 94 -55.17 -9.09 5.77
CA GLY M 94 -54.18 -8.06 5.52
C GLY M 94 -54.15 -7.64 4.06
N ARG M 95 -55.16 -8.05 3.29
CA ARG M 95 -55.20 -7.84 1.85
C ARG M 95 -55.66 -6.46 1.43
N ASP M 96 -56.34 -5.73 2.30
CA ASP M 96 -56.87 -4.40 1.93
C ASP M 96 -57.01 -3.38 3.07
N ALA M 97 -57.22 -2.11 2.68
CA ALA M 97 -57.39 -0.98 3.59
C ALA M 97 -57.57 0.28 2.76
N PHE M 98 -58.00 1.39 3.38
CA PHE M 98 -58.08 2.71 2.73
C PHE M 98 -56.79 3.10 2.00
N ARG M 99 -56.91 3.60 0.77
CA ARG M 99 -55.79 4.26 0.11
C ARG M 99 -55.48 5.52 0.92
N ALA M 100 -54.20 5.82 1.17
CA ALA M 100 -53.86 6.89 2.11
C ALA M 100 -53.11 8.08 1.49
N PHE M 101 -53.56 9.32 1.75
CA PHE M 101 -54.70 9.63 2.61
C PHE M 101 -55.91 9.81 1.72
N PRO M 102 -57.09 9.32 2.16
CA PRO M 102 -58.13 8.96 1.20
C PRO M 102 -58.92 10.11 0.63
N ILE M 103 -59.57 10.89 1.49
CA ILE M 103 -60.52 11.89 1.01
C ILE M 103 -59.82 13.11 0.38
N SER M 104 -58.49 13.10 0.38
CA SER M 104 -57.72 14.15 -0.29
C SER M 104 -57.40 13.75 -1.72
N SER M 105 -57.16 12.46 -1.93
CA SER M 105 -56.85 11.95 -3.26
C SER M 105 -58.11 11.83 -4.12
N ILE M 106 -59.28 11.81 -3.47
CA ILE M 106 -60.55 11.83 -4.19
C ILE M 106 -60.92 13.22 -4.65
N THR M 107 -60.71 14.20 -3.78
CA THR M 107 -61.10 15.57 -4.07
C THR M 107 -60.42 16.07 -5.35
N ASN M 108 -61.20 16.75 -6.20
CA ASN M 108 -60.70 17.31 -7.44
C ASN M 108 -60.09 18.67 -7.20
N THR M 109 -60.74 19.46 -6.36
CA THR M 109 -60.15 20.70 -5.86
C THR M 109 -60.79 21.07 -4.53
N LEU M 110 -59.97 21.58 -3.62
CA LEU M 110 -60.52 22.23 -2.45
C LEU M 110 -60.15 23.70 -2.49
N ASN M 111 -61.13 24.56 -2.27
CA ASN M 111 -60.97 25.96 -2.45
C ASN M 111 -61.54 26.75 -1.28
N ALA M 112 -60.70 27.54 -0.63
CA ALA M 112 -61.15 28.34 0.50
C ALA M 112 -60.93 29.81 0.23
N THR M 113 -62.00 30.60 0.29
CA THR M 113 -61.86 32.04 0.10
C THR M 113 -61.80 32.76 1.43
N ILE M 114 -60.61 33.21 1.78
CA ILE M 114 -60.39 33.94 3.00
C ILE M 114 -60.76 35.38 2.73
N ASN M 115 -61.81 35.86 3.38
CA ASN M 115 -62.13 37.30 3.43
C ASN M 115 -62.44 37.97 2.08
N GLY M 116 -63.08 37.23 1.17
CA GLY M 116 -63.42 37.75 -0.16
C GLY M 116 -62.35 37.67 -1.24
N PHE M 117 -61.23 37.00 -0.94
CA PHE M 117 -60.17 36.74 -1.91
C PHE M 117 -59.96 35.24 -1.91
N PRO M 118 -60.08 34.58 -3.08
CA PRO M 118 -60.05 33.11 -3.06
C PRO M 118 -58.66 32.50 -3.09
N VAL M 119 -58.44 31.47 -2.28
CA VAL M 119 -57.14 30.77 -2.23
C VAL M 119 -57.31 29.28 -2.55
N ASN M 120 -57.11 28.91 -3.82
CA ASN M 120 -57.49 27.55 -4.24
C ASN M 120 -56.33 26.64 -4.66
N ILE M 121 -56.55 25.34 -4.47
CA ILE M 121 -55.54 24.29 -4.72
C ILE M 121 -56.16 23.12 -5.48
N GLU M 122 -55.34 22.41 -6.25
CA GLU M 122 -55.81 21.26 -7.00
C GLU M 122 -55.16 20.00 -6.42
N LEU M 123 -55.87 19.30 -5.54
CA LEU M 123 -55.27 18.28 -4.67
C LEU M 123 -54.93 16.92 -5.28
N ALA M 124 -55.87 16.34 -6.03
CA ALA M 124 -55.71 15.01 -6.65
C ALA M 124 -54.30 14.68 -7.20
N GLN M 125 -53.71 15.65 -7.92
CA GLN M 125 -52.36 15.53 -8.49
C GLN M 125 -51.27 15.91 -7.49
N ILE M 126 -51.46 17.05 -6.83
CA ILE M 126 -50.47 17.63 -5.93
C ILE M 126 -50.08 16.73 -4.77
N ILE M 127 -51.07 16.07 -4.16
CA ILE M 127 -50.94 15.54 -2.80
C ILE M 127 -49.75 14.63 -2.46
N HIS M 128 -49.52 13.61 -3.28
CA HIS M 128 -48.49 12.60 -3.00
C HIS M 128 -47.11 13.16 -3.03
N ALA M 129 -46.86 14.04 -3.99
CA ALA M 129 -45.58 14.71 -4.11
C ALA M 129 -45.29 15.60 -2.87
N LEU M 130 -46.29 16.34 -2.42
CA LEU M 130 -46.09 17.19 -1.27
C LEU M 130 -45.85 16.30 -0.07
N SER M 131 -46.57 15.19 -0.01
CA SER M 131 -46.58 14.29 1.17
C SER M 131 -45.24 13.89 1.77
N ARG M 132 -44.29 13.49 0.93
CA ARG M 132 -42.98 13.07 1.39
C ARG M 132 -42.11 14.13 2.02
N TYR M 133 -42.10 15.31 1.43
CA TYR M 133 -41.00 16.21 1.67
C TYR M 133 -40.76 16.75 3.06
N HIS M 134 -41.79 16.99 3.85
CA HIS M 134 -41.47 17.43 5.20
C HIS M 134 -42.11 16.59 6.28
N THR M 135 -41.60 15.39 6.45
CA THR M 135 -41.99 14.51 7.54
C THR M 135 -40.76 14.08 8.31
N PRO M 136 -40.78 14.24 9.62
CA PRO M 136 -39.75 13.66 10.46
C PRO M 136 -40.52 12.74 11.35
N LEU M 137 -40.15 11.49 11.47
CA LEU M 137 -41.12 10.60 12.06
C LEU M 137 -41.89 11.30 13.17
N LYS M 138 -41.24 12.08 14.01
CA LYS M 138 -42.02 12.72 15.05
C LYS M 138 -43.23 13.52 14.53
N VAL M 139 -43.09 14.15 13.37
CA VAL M 139 -44.16 14.94 12.78
C VAL M 139 -45.22 14.08 12.11
N LYS M 140 -44.84 12.90 11.64
CA LYS M 140 -45.79 12.08 10.91
C LYS M 140 -46.65 11.24 11.86
N ASN M 141 -46.21 11.13 13.12
CA ASN M 141 -47.04 10.54 14.18
C ASN M 141 -47.87 11.54 14.99
N GLY M 142 -47.66 12.83 14.71
CA GLY M 142 -48.47 13.92 15.26
C GLY M 142 -49.73 14.11 14.45
N TRP M 143 -49.99 15.33 13.99
CA TRP M 143 -51.24 15.63 13.29
C TRP M 143 -51.44 14.81 12.09
N MET M 144 -50.36 14.49 11.38
CA MET M 144 -50.45 13.71 10.18
C MET M 144 -51.18 12.39 10.42
N SER M 145 -51.30 12.00 11.68
CA SER M 145 -51.87 10.70 12.05
C SER M 145 -53.35 10.53 11.77
N MET M 146 -54.12 11.63 11.77
CA MET M 146 -55.56 11.50 11.80
C MET M 146 -56.19 10.78 10.61
N GLN M 147 -55.82 11.15 9.39
CA GLN M 147 -56.21 10.35 8.22
C GLN M 147 -55.21 9.21 8.02
N PRO M 148 -55.68 7.99 7.68
CA PRO M 148 -54.70 6.93 7.39
C PRO M 148 -53.58 7.52 6.55
N SER M 149 -52.33 7.28 6.95
CA SER M 149 -51.22 8.11 6.48
C SER M 149 -50.05 7.39 5.85
N PHE M 150 -50.14 6.08 5.67
CA PHE M 150 -49.01 5.31 5.15
C PHE M 150 -49.03 5.13 3.62
N GLU M 151 -47.98 5.63 2.97
CA GLU M 151 -47.87 5.65 1.52
C GLU M 151 -47.20 4.39 1.02
N ASP M 152 -47.53 4.02 -0.21
CA ASP M 152 -47.16 2.74 -0.79
C ASP M 152 -45.66 2.73 -1.06
N ASN M 153 -44.98 1.77 -0.46
CA ASN M 153 -43.57 1.56 -0.69
C ASN M 153 -43.33 0.33 -1.56
N TYR M 154 -44.34 -0.02 -2.35
CA TYR M 154 -44.22 -1.11 -3.28
C TYR M 154 -44.85 -0.82 -4.62
N GLN M 155 -44.21 -1.31 -5.67
CA GLN M 155 -44.64 -1.09 -7.04
C GLN M 155 -45.89 -1.90 -7.37
N SER M 156 -46.02 -3.08 -6.76
CA SER M 156 -47.27 -3.81 -6.87
C SER M 156 -47.59 -4.37 -5.51
N TYR M 157 -48.83 -4.27 -5.09
CA TYR M 157 -49.20 -4.84 -3.80
C TYR M 157 -48.99 -6.35 -3.81
N ARG M 158 -49.14 -6.95 -4.98
CA ARG M 158 -49.11 -8.40 -5.12
C ARG M 158 -48.00 -9.04 -4.28
N ASP M 159 -46.77 -8.64 -4.58
CA ASP M 159 -45.56 -9.24 -4.06
C ASP M 159 -45.38 -9.09 -2.56
N ALA M 160 -46.01 -8.08 -1.98
CA ALA M 160 -45.73 -7.69 -0.61
C ALA M 160 -46.57 -8.46 0.40
N ASP M 161 -47.28 -9.48 -0.05
CA ASP M 161 -48.34 -10.07 0.74
C ASP M 161 -47.85 -10.61 2.08
N GLY M 162 -46.72 -11.29 2.09
CA GLY M 162 -46.16 -11.65 3.37
C GLY M 162 -45.02 -10.70 3.62
N ALA M 163 -45.24 -9.72 4.49
CA ALA M 163 -44.21 -8.68 4.67
C ALA M 163 -44.52 -7.77 5.86
N ASN M 164 -43.49 -7.47 6.65
CA ASN M 164 -43.62 -6.66 7.86
C ASN M 164 -43.88 -5.19 7.62
N ASN M 165 -43.36 -4.65 6.53
CA ASN M 165 -43.59 -3.25 6.22
C ASN M 165 -44.78 -3.03 5.28
N ASN M 166 -45.54 -4.09 4.99
CA ASN M 166 -46.64 -4.07 4.02
C ASN M 166 -47.57 -2.89 4.21
N PRO M 167 -47.75 -2.05 3.16
CA PRO M 167 -48.39 -0.75 3.30
C PRO M 167 -49.84 -0.82 3.80
N LEU M 168 -50.48 -1.99 3.71
CA LEU M 168 -51.86 -2.16 4.15
C LEU M 168 -52.02 -3.33 5.13
N GLY M 169 -51.15 -3.41 6.13
CA GLY M 169 -51.16 -4.50 7.12
C GLY M 169 -51.94 -4.17 8.38
N VAL M 170 -52.48 -5.19 9.05
CA VAL M 170 -53.32 -4.97 10.25
C VAL M 170 -52.52 -4.34 11.40
N PHE M 171 -53.18 -3.89 12.46
CA PHE M 171 -52.45 -3.17 13.52
C PHE M 171 -51.29 -3.96 14.16
N THR M 172 -51.60 -5.17 14.64
CA THR M 172 -50.56 -6.15 14.90
C THR M 172 -49.78 -6.18 13.60
N SER M 173 -48.46 -6.02 13.68
CA SER M 173 -47.59 -6.07 12.49
C SER M 173 -46.94 -4.74 12.19
N ALA M 174 -47.09 -3.79 13.10
CA ALA M 174 -46.28 -2.58 13.05
C ALA M 174 -45.26 -2.71 14.17
N ALA M 175 -44.09 -2.07 14.01
CA ALA M 175 -43.10 -2.06 15.09
C ALA M 175 -43.54 -1.09 16.20
N GLY M 176 -43.04 -1.31 17.42
CA GLY M 176 -43.31 -0.42 18.55
C GLY M 176 -42.67 0.95 18.37
N LEU M 177 -43.50 1.99 18.48
CA LEU M 177 -43.10 3.39 18.25
C LEU M 177 -42.62 3.62 16.82
N SER M 178 -43.59 3.62 15.90
CA SER M 178 -43.37 3.73 14.47
C SER M 178 -44.68 4.12 13.79
N GLU M 179 -44.63 4.35 12.47
CA GLU M 179 -45.86 4.56 11.67
C GLU M 179 -46.64 3.25 11.61
N LEU M 180 -47.97 3.35 11.60
CA LEU M 180 -48.81 2.16 11.49
C LEU M 180 -49.48 2.09 10.12
N PRO M 181 -49.50 0.88 9.53
CA PRO M 181 -49.98 0.77 8.17
C PRO M 181 -51.50 0.93 8.15
N ARG M 182 -52.06 1.26 6.98
CA ARG M 182 -53.45 1.67 6.82
C ARG M 182 -54.49 0.65 7.31
N GLY M 183 -54.08 -0.59 7.51
CA GLY M 183 -54.96 -1.61 8.04
C GLY M 183 -55.35 -1.36 9.49
N SER M 184 -54.60 -0.49 10.16
CA SER M 184 -54.87 -0.09 11.54
C SER M 184 -56.18 0.67 11.73
N TYR M 185 -56.38 1.67 10.88
CA TYR M 185 -57.52 2.59 10.96
C TYR M 185 -58.90 1.94 11.19
N THR M 186 -59.52 2.37 12.29
CA THR M 186 -60.75 1.79 12.83
C THR M 186 -62.02 2.12 12.04
N MET M 187 -62.90 1.11 11.88
CA MET M 187 -64.31 1.29 11.42
C MET M 187 -65.14 0.01 11.46
N ASN M 188 -66.43 0.15 11.75
CA ASN M 188 -67.31 -1.00 11.98
C ASN M 188 -67.65 -1.74 10.72
N VAL M 189 -67.40 -3.05 10.71
CA VAL M 189 -67.82 -3.88 9.60
C VAL M 189 -69.18 -4.48 9.97
N VAL M 190 -70.22 -4.14 9.22
CA VAL M 190 -71.57 -4.63 9.53
C VAL M 190 -71.76 -6.06 9.06
N THR M 191 -71.20 -6.38 7.87
CA THR M 191 -71.12 -7.75 7.36
C THR M 191 -69.86 -7.96 6.55
N ASN M 192 -69.40 -9.22 6.53
CA ASN M 192 -68.34 -9.65 5.64
C ASN M 192 -68.55 -11.13 5.31
N THR M 193 -68.86 -11.41 4.04
CA THR M 193 -69.19 -12.75 3.59
C THR M 193 -68.61 -12.96 2.19
N THR M 194 -69.01 -14.03 1.54
CA THR M 194 -68.73 -14.16 0.12
C THR M 194 -69.98 -13.67 -0.58
N THR M 195 -69.81 -12.76 -1.53
CA THR M 195 -70.93 -12.17 -2.24
C THR M 195 -71.37 -10.80 -1.76
N THR M 196 -70.94 -10.38 -0.58
CA THR M 196 -71.25 -9.01 -0.19
C THR M 196 -70.43 -8.50 0.97
N ALA M 197 -70.37 -7.19 1.12
CA ALA M 197 -69.76 -6.57 2.29
C ALA M 197 -70.31 -5.17 2.49
N ARG M 198 -70.21 -4.64 3.70
CA ARG M 198 -70.59 -3.26 3.95
C ARG M 198 -69.83 -2.69 5.14
N ILE M 199 -69.31 -1.48 5.02
CA ILE M 199 -68.54 -0.85 6.11
C ILE M 199 -68.95 0.62 6.37
N THR M 200 -68.88 1.04 7.64
CA THR M 200 -69.34 2.37 8.07
C THR M 200 -68.40 2.95 9.13
N GLY M 201 -67.98 4.19 8.94
CA GLY M 201 -67.09 4.85 9.91
C GLY M 201 -66.89 6.32 9.60
N VAL M 202 -66.34 7.06 10.58
CA VAL M 202 -66.09 8.48 10.38
C VAL M 202 -64.60 8.72 10.20
N LEU M 203 -64.20 9.21 9.03
CA LEU M 203 -62.79 9.46 8.78
C LEU M 203 -62.47 10.94 8.67
N TYR M 204 -61.41 11.35 9.36
CA TYR M 204 -60.96 12.73 9.38
C TYR M 204 -60.05 13.00 8.20
N GLU M 205 -59.74 14.28 8.01
CA GLU M 205 -58.66 14.74 7.16
C GLU M 205 -58.52 16.23 7.34
N GLN M 206 -57.32 16.75 7.17
CA GLN M 206 -57.17 18.18 7.22
C GLN M 206 -57.36 18.89 5.89
N VAL M 207 -57.55 20.20 5.98
CA VAL M 207 -57.40 21.07 4.84
C VAL M 207 -55.90 21.24 4.60
N PHE M 208 -55.42 20.82 3.44
CA PHE M 208 -54.02 21.07 3.12
C PHE M 208 -54.05 22.15 2.10
N LEU M 209 -53.82 23.38 2.52
CA LEU M 209 -53.64 24.43 1.55
C LEU M 209 -52.94 25.53 2.28
N PRO M 210 -52.25 26.39 1.57
CA PRO M 210 -51.61 27.52 2.22
C PRO M 210 -52.34 28.79 1.86
N PRO M 211 -52.80 29.50 2.88
CA PRO M 211 -52.48 29.10 4.23
C PRO M 211 -53.40 28.02 4.77
N PHE M 212 -53.17 27.83 6.03
CA PHE M 212 -53.39 26.67 6.93
C PHE M 212 -52.31 25.59 6.77
N LEU M 213 -52.02 24.85 7.84
CA LEU M 213 -50.88 23.92 7.81
C LEU M 213 -51.07 22.50 8.35
N TRP M 214 -50.31 21.54 7.81
CA TRP M 214 -50.18 20.20 8.39
C TRP M 214 -48.89 20.07 9.16
N ASP M 215 -47.97 21.00 8.94
CA ASP M 215 -46.71 20.97 9.64
C ASP M 215 -47.05 21.15 11.10
N GLY M 216 -46.32 20.46 11.97
CA GLY M 216 -46.62 20.58 13.37
C GLY M 216 -46.47 21.94 14.01
N GLU M 217 -45.41 22.67 13.68
CA GLU M 217 -44.92 23.72 14.58
C GLU M 217 -45.87 24.88 14.88
N GLN M 218 -46.51 25.44 13.87
CA GLN M 218 -47.50 26.49 14.12
C GLN M 218 -46.90 27.89 14.17
N ALA M 219 -47.70 28.88 13.84
CA ALA M 219 -47.35 30.27 14.10
C ALA M 219 -48.64 31.13 14.13
N GLY M 220 -48.52 32.43 13.86
CA GLY M 220 -49.63 33.39 13.99
C GLY M 220 -50.90 33.17 13.18
N GLY M 221 -52.01 32.99 13.90
CA GLY M 221 -53.32 32.78 13.26
C GLY M 221 -53.89 34.02 12.62
N LEU M 222 -54.42 33.87 11.42
CA LEU M 222 -54.95 34.98 10.64
C LEU M 222 -56.14 35.72 11.27
N ALA M 223 -55.86 36.89 11.82
CA ALA M 223 -56.88 37.85 12.20
C ALA M 223 -56.67 39.02 11.24
N ASN M 224 -57.67 39.84 10.97
CA ASN M 224 -58.96 39.85 11.62
C ASN M 224 -59.92 39.47 10.55
N LEU M 225 -60.23 38.19 10.48
CA LEU M 225 -61.17 37.68 9.49
C LEU M 225 -62.57 38.21 9.70
N THR M 226 -63.31 38.34 8.60
CA THR M 226 -64.70 38.74 8.66
C THR M 226 -65.57 37.75 7.89
N SER M 227 -64.95 37.02 6.97
CA SER M 227 -65.65 36.00 6.21
C SER M 227 -64.71 34.84 5.93
N LEU M 228 -65.30 33.66 5.80
CA LEU M 228 -64.56 32.47 5.38
C LEU M 228 -65.54 31.54 4.70
N THR M 229 -65.01 30.67 3.85
CA THR M 229 -65.81 29.67 3.15
C THR M 229 -64.94 28.54 2.60
N PHE M 230 -65.51 27.33 2.47
CA PHE M 230 -64.80 26.18 1.91
C PHE M 230 -65.66 25.45 0.89
N ASN M 231 -65.06 25.07 -0.23
CA ASN M 231 -65.72 24.27 -1.24
C ASN M 231 -64.86 23.08 -1.57
N TRP M 232 -65.46 21.90 -1.59
CA TRP M 232 -64.74 20.71 -2.03
C TRP M 232 -65.50 20.21 -3.19
N VAL M 233 -64.85 20.07 -4.33
CA VAL M 233 -65.50 19.37 -5.43
C VAL M 233 -64.73 18.09 -5.74
N LEU M 234 -65.45 16.96 -5.68
CA LEU M 234 -64.84 15.65 -5.74
C LEU M 234 -65.09 15.01 -7.11
N ASN M 235 -64.17 14.17 -7.55
CA ASN M 235 -64.29 13.50 -8.85
C ASN M 235 -65.37 12.43 -8.88
N ASN M 236 -65.84 12.13 -10.08
CA ASN M 236 -66.90 11.16 -10.27
C ASN M 236 -66.56 9.74 -9.86
N ASN M 237 -65.33 9.32 -10.13
CA ASN M 237 -64.97 7.91 -9.99
C ASN M 237 -65.07 7.34 -8.57
N LEU M 238 -64.58 8.07 -7.57
CA LEU M 238 -64.89 7.73 -6.19
C LEU M 238 -64.32 6.39 -5.75
N ALA M 239 -64.35 5.43 -6.65
CA ALA M 239 -64.04 4.05 -6.31
C ALA M 239 -62.61 3.96 -5.84
N ARG M 240 -61.86 5.01 -6.14
CA ARG M 240 -60.42 5.09 -5.89
C ARG M 240 -60.03 5.05 -4.43
N ILE M 241 -60.92 5.45 -3.53
CA ILE M 241 -60.56 5.59 -2.14
C ILE M 241 -60.06 4.28 -1.56
N TRP M 242 -60.72 3.18 -1.90
CA TRP M 242 -60.30 1.85 -1.48
C TRP M 242 -59.05 1.38 -2.21
N SER M 243 -58.19 0.63 -1.54
CA SER M 243 -57.13 -0.15 -2.23
C SER M 243 -57.25 -1.67 -1.95
N HIS M 244 -56.40 -2.47 -2.59
CA HIS M 244 -56.64 -3.91 -2.69
C HIS M 244 -55.50 -4.55 -3.42
N SER M 245 -55.24 -5.83 -3.19
CA SER M 245 -54.04 -6.46 -3.73
C SER M 245 -54.30 -7.45 -4.87
N ASP M 246 -53.22 -7.84 -5.53
CA ASP M 246 -53.30 -8.62 -6.75
C ASP M 246 -53.59 -10.10 -6.50
N ILE M 247 -52.84 -10.71 -5.59
CA ILE M 247 -52.88 -12.18 -5.44
C ILE M 247 -54.28 -12.78 -5.43
N THR M 248 -55.17 -12.20 -4.63
CA THR M 248 -56.51 -12.75 -4.41
C THR M 248 -57.30 -12.94 -5.71
N ASN M 249 -57.28 -11.92 -6.58
CA ASN M 249 -57.93 -12.00 -7.89
C ASN M 249 -57.24 -13.07 -8.75
N ASP M 250 -57.88 -13.52 -9.82
CA ASP M 250 -57.33 -14.69 -10.49
C ASP M 250 -57.48 -14.81 -12.00
N VAL M 251 -56.43 -15.39 -12.60
CA VAL M 251 -56.49 -16.28 -13.78
C VAL M 251 -57.04 -15.72 -15.11
N SER M 252 -57.39 -14.44 -15.12
CA SER M 252 -57.74 -13.77 -16.37
C SER M 252 -56.74 -12.67 -16.74
N GLY M 253 -56.36 -11.81 -15.79
CA GLY M 253 -56.84 -11.82 -14.40
C GLY M 253 -57.83 -10.71 -14.10
N ASN M 254 -58.91 -11.05 -13.39
CA ASN M 254 -59.92 -10.07 -12.98
C ASN M 254 -60.34 -10.28 -11.54
N SER M 255 -60.39 -9.18 -10.77
CA SER M 255 -60.54 -9.24 -9.31
C SER M 255 -61.92 -9.71 -8.84
N THR M 256 -62.05 -9.80 -7.52
CA THR M 256 -63.26 -10.28 -6.87
C THR M 256 -64.32 -9.18 -6.71
N ILE M 257 -63.87 -7.94 -6.56
CA ILE M 257 -64.68 -6.88 -5.97
C ILE M 257 -65.71 -6.19 -6.87
N GLY M 258 -65.26 -5.52 -7.94
CA GLY M 258 -66.14 -4.66 -8.78
C GLY M 258 -67.54 -5.18 -9.03
N SER M 259 -68.59 -4.36 -8.81
CA SER M 259 -68.54 -2.92 -8.48
C SER M 259 -68.91 -2.56 -7.01
N MET M 260 -68.79 -1.28 -6.65
CA MET M 260 -69.07 -0.82 -5.27
C MET M 260 -69.55 0.65 -5.15
N ASN M 261 -70.28 0.96 -4.07
CA ASN M 261 -71.01 2.24 -3.98
C ASN M 261 -70.78 3.00 -2.67
N ILE M 262 -70.24 4.20 -2.77
CA ILE M 262 -69.90 5.01 -1.60
C ILE M 262 -71.02 6.00 -1.34
N SER M 263 -71.13 6.47 -0.10
CA SER M 263 -72.09 7.52 0.27
C SER M 263 -71.43 8.47 1.24
N PHE M 264 -72.08 9.59 1.50
CA PHE M 264 -71.60 10.53 2.49
C PHE M 264 -72.79 11.09 3.26
N GLN M 265 -72.66 11.12 4.57
CA GLN M 265 -73.64 11.72 5.44
C GLN M 265 -73.27 13.17 5.58
N GLN M 266 -74.09 13.98 6.24
CA GLN M 266 -73.71 15.38 6.36
C GLN M 266 -72.39 15.45 7.09
N PRO M 267 -71.46 16.18 6.50
CA PRO M 267 -70.08 16.29 6.95
C PRO M 267 -69.92 17.43 7.94
N SER M 268 -68.69 17.75 8.34
CA SER M 268 -68.52 18.96 9.15
C SER M 268 -67.08 19.42 9.43
N MET M 269 -66.83 20.70 9.17
CA MET M 269 -65.57 21.36 9.47
C MET M 269 -65.36 21.56 10.99
N TYR M 270 -64.13 21.90 11.40
CA TYR M 270 -63.78 22.05 12.81
C TYR M 270 -62.64 23.01 13.03
N LEU M 271 -62.94 24.22 13.51
CA LEU M 271 -61.88 25.25 13.63
C LEU M 271 -62.04 26.15 14.85
N GLY M 272 -60.91 26.61 15.40
CA GLY M 272 -60.92 27.34 16.69
C GLY M 272 -60.49 28.80 16.68
N PHE M 273 -61.07 29.59 17.58
CA PHE M 273 -60.87 31.03 17.56
C PHE M 273 -60.43 31.61 18.91
N VAL M 274 -59.12 31.68 19.15
CA VAL M 274 -58.58 32.37 20.33
C VAL M 274 -58.91 33.85 20.23
N THR M 275 -59.20 34.51 21.35
CA THR M 275 -59.43 35.94 21.30
C THR M 275 -58.61 36.74 22.32
N PRO M 276 -57.82 37.71 21.85
CA PRO M 276 -56.83 38.44 22.67
C PRO M 276 -57.43 39.17 23.88
N ARG M 277 -56.59 39.49 24.86
CA ARG M 277 -57.01 40.28 26.02
C ARG M 277 -57.06 41.74 25.59
N LEU M 278 -57.84 42.57 26.29
CA LEU M 278 -57.94 43.99 25.96
C LEU M 278 -56.61 44.70 26.23
N ASN M 279 -55.86 44.16 27.19
CA ASN M 279 -54.59 44.70 27.57
C ASN M 279 -53.62 44.79 26.39
N ILE M 280 -53.18 43.64 25.91
CA ILE M 280 -52.25 43.55 24.78
C ILE M 280 -53.01 43.64 23.44
N PRO M 281 -52.84 44.75 22.70
CA PRO M 281 -53.62 45.02 21.48
C PRO M 281 -52.88 44.67 20.18
N ILE M 282 -53.67 44.39 19.13
CA ILE M 282 -53.17 43.88 17.83
C ILE M 282 -53.37 44.90 16.70
N PRO M 283 -52.42 44.97 15.72
CA PRO M 283 -52.45 46.02 14.66
C PRO M 283 -53.67 45.95 13.75
N PRO M 284 -54.03 47.08 13.12
CA PRO M 284 -55.26 47.08 12.35
C PRO M 284 -55.11 46.36 11.01
N ARG M 285 -53.91 46.38 10.42
CA ARG M 285 -53.66 45.67 9.17
C ARG M 285 -52.33 44.92 9.20
N ILE M 286 -52.36 43.60 8.99
CA ILE M 286 -51.18 42.74 9.20
C ILE M 286 -50.83 41.83 8.01
N THR M 287 -49.63 41.26 7.98
CA THR M 287 -49.16 40.51 6.81
C THR M 287 -48.68 39.09 7.09
N TYR M 288 -49.07 38.14 6.24
CA TYR M 288 -48.77 36.74 6.43
C TYR M 288 -48.03 36.15 5.24
N PRO M 289 -47.10 35.22 5.48
CA PRO M 289 -46.44 34.54 4.37
C PRO M 289 -47.45 33.73 3.59
N TYR M 290 -47.34 33.74 2.26
CA TYR M 290 -48.35 33.05 1.45
C TYR M 290 -47.76 32.36 0.21
N PHE M 291 -47.73 31.03 0.25
CA PHE M 291 -47.19 30.26 -0.86
C PHE M 291 -48.30 29.89 -1.80
N LYS M 292 -47.96 29.49 -3.01
CA LYS M 292 -48.96 29.22 -4.01
C LYS M 292 -48.47 28.06 -4.85
N LEU M 293 -49.14 26.91 -4.73
CA LEU M 293 -48.74 25.68 -5.43
C LEU M 293 -49.39 25.66 -6.78
N SER M 294 -48.61 25.46 -7.83
CA SER M 294 -49.11 25.44 -9.22
C SER M 294 -48.52 24.22 -9.90
N ARG M 295 -49.27 23.57 -10.78
CA ARG M 295 -48.72 22.37 -11.39
C ARG M 295 -48.95 22.25 -12.90
N TYR M 296 -47.91 21.83 -13.62
CA TYR M 296 -47.96 21.68 -15.07
C TYR M 296 -47.66 20.25 -15.46
N THR M 297 -48.45 19.73 -16.40
CA THR M 297 -48.40 18.32 -16.73
C THR M 297 -48.31 18.08 -18.22
N THR M 298 -47.47 17.11 -18.61
CA THR M 298 -47.34 16.69 -20.01
C THR M 298 -47.70 15.22 -20.15
N GLN M 299 -48.07 14.79 -21.35
CA GLN M 299 -48.37 13.38 -21.63
C GLN M 299 -47.64 12.85 -22.86
N PHE M 300 -47.10 11.64 -22.77
CA PHE M 300 -46.29 11.07 -23.88
C PHE M 300 -46.88 9.77 -24.40
N GLN M 301 -46.98 9.61 -25.71
CA GLN M 301 -47.62 8.43 -26.30
C GLN M 301 -46.22 7.83 -26.44
N ASN M 302 -46.11 6.51 -26.32
CA ASN M 302 -44.84 5.82 -26.20
C ASN M 302 -44.95 4.98 -24.93
N THR M 303 -44.53 3.73 -25.02
CA THR M 303 -44.56 2.82 -23.89
C THR M 303 -43.19 2.18 -23.61
N LEU M 304 -43.04 1.65 -22.40
CA LEU M 304 -41.80 1.01 -21.96
C LEU M 304 -42.19 -0.09 -21.00
N ALA M 305 -41.65 -1.29 -21.20
CA ALA M 305 -42.09 -2.48 -20.47
C ALA M 305 -41.01 -3.55 -20.33
N PRO M 306 -40.99 -4.24 -19.19
CA PRO M 306 -41.52 -3.68 -17.98
C PRO M 306 -40.35 -3.05 -17.22
N ASN M 307 -39.15 -3.15 -17.80
CA ASN M 307 -37.95 -2.49 -17.27
C ASN M 307 -36.95 -2.02 -18.33
N ALA M 308 -37.50 -1.42 -19.39
CA ALA M 308 -36.70 -0.79 -20.44
C ALA M 308 -36.69 0.72 -20.25
N SER M 309 -35.55 1.35 -20.54
CA SER M 309 -35.35 2.80 -20.31
C SER M 309 -35.64 3.68 -21.53
N SER M 310 -35.89 4.96 -21.27
CA SER M 310 -36.25 5.91 -22.29
C SER M 310 -35.96 7.34 -21.82
N THR M 311 -36.04 8.29 -22.74
CA THR M 311 -35.89 9.72 -22.40
C THR M 311 -37.19 10.49 -22.65
N PHE M 312 -37.35 11.65 -22.02
CA PHE M 312 -38.58 12.42 -22.17
C PHE M 312 -38.39 13.93 -22.21
N LYS M 313 -39.14 14.62 -23.07
CA LYS M 313 -38.96 16.05 -23.12
C LYS M 313 -40.07 16.78 -22.38
N SER M 314 -39.71 17.44 -21.28
CA SER M 314 -40.65 18.22 -20.52
C SER M 314 -41.10 19.33 -21.42
N ASN M 315 -42.38 19.65 -21.41
CA ASN M 315 -42.89 20.73 -22.25
C ASN M 315 -42.51 22.11 -21.72
N VAL M 316 -42.43 23.10 -22.58
CA VAL M 316 -41.96 24.43 -22.21
C VAL M 316 -42.93 25.18 -21.31
N VAL M 317 -42.44 26.13 -20.52
CA VAL M 317 -43.35 26.82 -19.59
C VAL M 317 -42.80 28.16 -19.09
N GLN M 318 -43.44 29.29 -19.47
CA GLN M 318 -42.96 30.62 -19.10
C GLN M 318 -43.53 31.06 -17.77
N LEU M 319 -42.67 31.44 -16.84
CA LEU M 319 -43.10 31.89 -15.52
C LEU M 319 -42.95 33.41 -15.46
N ASP M 320 -43.56 34.03 -14.45
CA ASP M 320 -43.37 35.48 -14.24
C ASP M 320 -42.33 35.81 -13.18
N SER M 321 -42.27 34.96 -12.16
CA SER M 321 -41.43 35.16 -11.00
C SER M 321 -40.84 33.83 -10.57
N ILE M 322 -39.55 33.83 -10.29
CA ILE M 322 -38.84 32.63 -9.84
C ILE M 322 -39.65 31.92 -8.75
N PRO M 323 -39.89 30.60 -8.92
CA PRO M 323 -40.51 29.85 -7.85
C PRO M 323 -39.49 29.53 -6.77
N ARG M 324 -39.87 29.66 -5.51
CA ARG M 324 -39.02 29.28 -4.37
C ARG M 324 -38.40 27.89 -4.52
N LYS M 325 -39.20 26.91 -4.95
CA LYS M 325 -38.70 25.56 -5.25
C LYS M 325 -39.58 24.94 -6.32
N LEU M 326 -39.14 23.82 -6.90
CA LEU M 326 -39.98 23.08 -7.83
C LEU M 326 -39.66 21.58 -7.85
N TYR M 327 -40.69 20.76 -8.03
CA TYR M 327 -40.61 19.29 -7.91
C TYR M 327 -40.92 18.64 -9.23
N LEU M 328 -39.97 17.94 -9.82
CA LEU M 328 -40.28 17.14 -10.98
C LEU M 328 -40.31 15.66 -10.64
N PHE M 329 -41.27 14.96 -11.24
CA PHE M 329 -41.36 13.51 -11.08
C PHE M 329 -42.18 12.91 -12.21
N VAL M 330 -41.62 11.90 -12.87
CA VAL M 330 -42.40 11.09 -13.78
C VAL M 330 -43.31 10.23 -12.93
N LYS M 331 -44.42 9.77 -13.49
CA LYS M 331 -45.26 8.80 -12.82
C LYS M 331 -46.14 8.02 -13.79
N GLN M 332 -46.87 7.02 -13.31
CA GLN M 332 -47.72 6.27 -14.21
C GLN M 332 -48.84 7.17 -14.68
N SER M 333 -49.07 7.22 -15.99
CA SER M 333 -50.01 8.18 -16.55
C SER M 333 -51.39 7.88 -16.06
N ASP M 334 -52.15 8.92 -15.71
CA ASP M 334 -53.42 8.70 -15.05
C ASP M 334 -54.52 7.98 -15.83
N ASN M 335 -54.74 8.36 -17.09
CA ASN M 335 -55.92 7.86 -17.77
C ASN M 335 -56.10 6.36 -17.60
N VAL M 336 -54.98 5.67 -17.70
CA VAL M 336 -55.01 4.24 -17.61
C VAL M 336 -55.53 3.90 -16.23
N ILE M 337 -55.05 4.60 -15.22
CA ILE M 337 -55.41 4.20 -13.88
C ILE M 337 -56.90 4.33 -13.75
N TYR M 338 -57.45 5.40 -14.30
CA TYR M 338 -58.92 5.49 -14.25
C TYR M 338 -59.82 4.49 -15.01
N GLN M 339 -59.47 4.06 -16.21
CA GLN M 339 -60.40 3.20 -16.93
C GLN M 339 -60.49 1.79 -16.34
N ASN M 340 -61.68 1.41 -15.93
CA ASN M 340 -62.00 0.06 -15.48
C ASN M 340 -61.85 -0.06 -13.97
N LEU M 341 -62.87 -0.57 -13.31
CA LEU M 341 -62.92 -0.49 -11.86
C LEU M 341 -61.78 -1.21 -11.18
N ASN M 342 -61.50 -2.43 -11.60
CA ASN M 342 -60.46 -3.18 -10.93
C ASN M 342 -59.13 -2.49 -11.10
N ASN M 343 -58.89 -2.02 -12.32
CA ASN M 343 -57.61 -1.44 -12.59
C ASN M 343 -57.53 -0.26 -11.67
N GLN M 344 -58.66 0.43 -11.56
CA GLN M 344 -58.72 1.65 -10.79
C GLN M 344 -58.39 1.45 -9.33
N ILE M 345 -58.94 0.42 -8.70
CA ILE M 345 -58.54 0.10 -7.32
C ILE M 345 -57.12 -0.41 -7.14
N THR M 346 -56.65 -1.26 -8.04
CA THR M 346 -55.43 -2.03 -7.83
C THR M 346 -54.06 -1.31 -7.71
N THR M 347 -53.78 -0.37 -8.60
CA THR M 347 -52.47 0.27 -8.74
C THR M 347 -52.21 1.45 -7.80
N PRO M 348 -51.03 1.46 -7.16
CA PRO M 348 -50.58 2.39 -6.12
C PRO M 348 -50.30 3.82 -6.58
N ASP M 349 -49.51 4.54 -5.77
CA ASP M 349 -49.14 5.96 -5.97
C ASP M 349 -47.79 6.21 -6.68
N VAL M 350 -46.89 5.23 -6.53
CA VAL M 350 -45.47 5.36 -6.77
C VAL M 350 -45.02 5.87 -8.16
N PHE M 351 -43.74 6.22 -8.29
CA PHE M 351 -43.21 6.83 -9.50
C PHE M 351 -42.18 5.93 -10.17
N LEU M 352 -41.59 6.40 -11.27
CA LEU M 352 -40.49 5.69 -11.94
C LEU M 352 -39.14 6.31 -11.54
N GLN M 353 -38.11 5.47 -11.41
CA GLN M 353 -36.76 5.92 -10.97
C GLN M 353 -35.99 6.79 -11.99
N ILE M 354 -35.62 8.01 -11.60
CA ILE M 354 -34.98 8.95 -12.52
C ILE M 354 -33.49 8.66 -12.75
N ASN M 355 -33.15 8.12 -13.93
CA ASN M 355 -31.77 7.75 -14.23
C ASN M 355 -30.82 8.92 -14.35
N ASN M 356 -31.33 10.02 -14.89
CA ASN M 356 -30.66 11.31 -14.86
C ASN M 356 -31.65 12.34 -15.37
N LEU M 357 -31.56 13.55 -14.85
CA LEU M 357 -32.31 14.65 -15.43
C LEU M 357 -31.34 15.71 -15.92
N ASN M 358 -31.79 16.48 -16.89
CA ASN M 358 -31.02 17.59 -17.40
C ASN M 358 -31.99 18.72 -17.73
N LEU M 359 -32.10 19.68 -16.83
CA LEU M 359 -33.04 20.76 -17.05
C LEU M 359 -32.31 21.94 -17.62
N THR M 360 -33.04 22.76 -18.37
CA THR M 360 -32.49 23.99 -18.93
C THR M 360 -33.20 25.21 -18.34
N TRP M 361 -32.69 26.39 -18.61
CA TRP M 361 -33.41 27.59 -18.27
C TRP M 361 -33.67 28.36 -19.50
N ASN M 362 -33.70 29.68 -19.38
CA ASN M 362 -33.73 30.58 -20.53
C ASN M 362 -32.32 30.88 -21.01
N ASN M 363 -31.70 29.92 -21.68
CA ASN M 363 -30.36 30.08 -22.27
C ASN M 363 -29.19 29.67 -21.39
N GLN M 364 -29.44 29.37 -20.13
CA GLN M 364 -28.44 28.66 -19.36
C GLN M 364 -28.86 27.25 -19.67
N GLN M 365 -28.02 26.53 -20.40
CA GLN M 365 -28.46 25.30 -21.04
C GLN M 365 -27.77 24.03 -20.57
N GLY M 366 -28.57 23.03 -20.22
CA GLY M 366 -28.08 21.75 -19.77
C GLY M 366 -27.76 21.65 -18.28
N ILE M 367 -28.02 22.70 -17.52
CA ILE M 367 -27.76 22.64 -16.09
C ILE M 367 -28.02 21.23 -15.56
N LEU M 368 -27.14 20.76 -14.67
CA LEU M 368 -27.33 19.51 -13.96
C LEU M 368 -27.18 18.26 -14.83
N SER M 369 -26.56 18.41 -15.99
CA SER M 369 -26.41 17.30 -16.92
C SER M 369 -25.56 16.15 -16.37
N GLY M 370 -24.46 16.48 -15.70
CA GLY M 370 -23.49 15.49 -15.28
C GLY M 370 -23.61 14.88 -13.90
N ALA M 371 -24.59 15.32 -13.12
CA ALA M 371 -24.70 14.90 -11.71
C ALA M 371 -25.33 13.53 -11.65
N SER M 372 -24.61 12.54 -11.10
CA SER M 372 -25.12 11.17 -11.00
C SER M 372 -26.50 11.17 -10.35
N SER M 373 -27.36 10.24 -10.77
CA SER M 373 -28.74 10.16 -10.24
C SER M 373 -28.74 10.11 -8.71
N GLN M 374 -27.61 9.66 -8.17
CA GLN M 374 -27.36 9.55 -6.74
C GLN M 374 -27.05 10.91 -6.16
N ASN M 375 -26.23 11.63 -6.88
CA ASN M 375 -25.98 13.03 -6.63
C ASN M 375 -27.27 13.85 -6.54
N LEU M 376 -28.28 13.48 -7.36
CA LEU M 376 -29.60 14.14 -7.34
C LEU M 376 -30.31 13.95 -6.02
N TYR M 377 -30.28 12.72 -5.52
CA TYR M 377 -30.94 12.38 -4.28
C TYR M 377 -30.36 13.16 -3.12
N ASP M 378 -29.05 13.42 -3.18
CA ASP M 378 -28.38 14.11 -2.10
C ASP M 378 -28.95 15.48 -1.86
N PHE M 379 -28.88 16.36 -2.85
CA PHE M 379 -29.29 17.76 -2.64
C PHE M 379 -30.78 17.85 -2.37
N SER M 380 -31.51 16.86 -2.85
CA SER M 380 -32.93 16.75 -2.57
C SER M 380 -33.20 16.50 -1.08
N VAL M 381 -32.45 15.58 -0.47
CA VAL M 381 -32.65 15.19 0.94
C VAL M 381 -32.34 16.33 1.88
N GLN M 382 -31.52 17.28 1.45
CA GLN M 382 -31.26 18.44 2.27
C GLN M 382 -32.47 19.38 2.37
N ASN M 383 -33.32 19.34 1.35
CA ASN M 383 -34.60 20.04 1.38
C ASN M 383 -35.68 19.21 2.03
N GLY M 384 -35.32 17.99 2.44
CA GLY M 384 -36.13 17.21 3.36
C GLY M 384 -36.67 15.87 2.88
N TYR M 385 -36.14 15.26 1.84
CA TYR M 385 -36.86 14.17 1.23
C TYR M 385 -37.22 13.04 2.18
N ASN M 386 -36.31 12.63 3.05
CA ASN M 386 -36.72 11.71 4.10
C ASN M 386 -36.89 10.21 3.85
N LYS M 387 -36.31 9.67 2.79
CA LYS M 387 -36.33 8.21 2.66
C LYS M 387 -35.01 7.60 2.22
N THR M 388 -34.67 6.43 2.74
CA THR M 388 -33.41 5.85 2.35
C THR M 388 -33.19 5.90 0.85
N TRP M 389 -31.93 6.01 0.46
CA TRP M 389 -31.58 6.08 -0.94
C TRP M 389 -31.92 4.80 -1.58
N SER M 390 -31.89 3.72 -0.83
CA SER M 390 -32.21 2.42 -1.41
C SER M 390 -33.62 2.38 -2.01
N GLU M 391 -34.57 3.07 -1.39
CA GLU M 391 -35.95 3.00 -1.83
C GLU M 391 -36.35 4.08 -2.84
N PHE M 392 -35.74 5.26 -2.78
CA PHE M 392 -35.64 6.16 -3.93
C PHE M 392 -34.81 5.37 -4.93
N ASN M 393 -34.95 5.60 -6.23
CA ASN M 393 -34.27 4.76 -7.24
C ASN M 393 -34.62 3.26 -7.12
N GLY M 394 -35.80 2.98 -6.57
CA GLY M 394 -36.18 1.64 -6.16
C GLY M 394 -36.20 0.55 -7.19
N VAL M 395 -35.19 -0.30 -7.12
CA VAL M 395 -35.27 -1.69 -7.57
C VAL M 395 -34.49 -2.42 -6.49
N THR M 396 -35.04 -3.53 -5.99
CA THR M 396 -34.30 -4.37 -5.06
C THR M 396 -34.37 -5.83 -5.44
N GLN M 397 -33.32 -6.56 -5.07
CA GLN M 397 -33.27 -7.97 -5.34
C GLN M 397 -33.61 -8.72 -4.05
N GLN M 398 -34.33 -9.83 -4.19
CA GLN M 398 -34.40 -10.87 -3.16
C GLN M 398 -33.90 -12.18 -3.77
N PHE M 399 -32.76 -12.71 -3.30
CA PHE M 399 -32.37 -14.03 -3.82
C PHE M 399 -33.00 -15.21 -3.13
N ASN M 400 -33.34 -16.19 -3.98
CA ASN M 400 -34.13 -17.35 -3.62
C ASN M 400 -33.28 -18.54 -3.19
N GLY M 401 -33.74 -19.23 -2.15
CA GLY M 401 -33.10 -20.44 -1.68
C GLY M 401 -33.93 -21.68 -2.00
N VAL M 402 -33.82 -22.14 -3.24
CA VAL M 402 -34.31 -23.47 -3.68
C VAL M 402 -33.83 -23.77 -5.12
N SER M 403 -33.45 -25.02 -5.36
CA SER M 403 -32.82 -25.39 -6.61
C SER M 403 -33.85 -25.77 -7.69
N GLY M 404 -33.87 -25.07 -8.83
CA GLY M 404 -33.00 -23.93 -9.07
C GLY M 404 -33.84 -22.75 -9.60
N GLN M 405 -34.75 -22.27 -8.75
CA GLN M 405 -35.66 -21.18 -9.11
C GLN M 405 -34.91 -19.88 -9.33
N PRO M 406 -35.36 -19.05 -10.29
CA PRO M 406 -34.72 -17.74 -10.44
C PRO M 406 -35.03 -16.85 -9.23
N THR M 407 -34.18 -15.85 -8.99
CA THR M 407 -34.40 -14.87 -7.93
C THR M 407 -35.30 -13.75 -8.45
N LYS M 408 -36.20 -13.25 -7.61
CA LYS M 408 -37.20 -12.30 -8.06
C LYS M 408 -36.88 -10.84 -7.68
N VAL M 409 -37.21 -9.95 -8.62
CA VAL M 409 -36.88 -8.53 -8.48
C VAL M 409 -38.12 -7.77 -7.99
N ILE M 410 -37.91 -6.94 -6.98
CA ILE M 410 -38.98 -6.10 -6.43
C ILE M 410 -38.74 -4.62 -6.78
N GLY M 411 -39.71 -3.99 -7.45
CA GLY M 411 -39.68 -2.54 -7.63
C GLY M 411 -40.12 -1.90 -6.32
N LEU M 412 -39.71 -0.67 -6.07
CA LEU M 412 -40.24 0.06 -4.93
C LEU M 412 -40.92 1.33 -5.42
N GLU M 413 -40.43 2.47 -4.96
CA GLU M 413 -41.00 3.74 -5.38
C GLU M 413 -39.98 4.60 -6.10
N GLY M 414 -40.36 5.11 -7.27
CA GLY M 414 -39.52 6.04 -8.00
C GLY M 414 -39.42 7.30 -7.17
N GLY M 415 -38.31 8.01 -7.27
CA GLY M 415 -38.07 9.10 -6.34
C GLY M 415 -38.71 10.35 -6.89
N ILE M 416 -38.72 11.42 -6.12
CA ILE M 416 -39.06 12.71 -6.69
C ILE M 416 -38.00 13.72 -6.29
N VAL M 417 -37.41 14.37 -7.29
CA VAL M 417 -36.36 15.35 -7.07
C VAL M 417 -36.99 16.68 -6.76
N CYS M 418 -36.44 17.38 -5.79
CA CYS M 418 -36.83 18.75 -5.50
C CYS M 418 -35.59 19.61 -5.40
N LEU M 419 -35.64 20.78 -6.02
CA LEU M 419 -34.50 21.68 -6.06
C LEU M 419 -34.89 23.11 -5.75
N GLU M 420 -34.64 23.54 -4.51
CA GLU M 420 -34.80 24.95 -4.12
C GLU M 420 -33.96 25.79 -5.07
N LEU M 421 -34.49 26.92 -5.52
CA LEU M 421 -33.89 27.61 -6.65
C LEU M 421 -32.56 28.32 -6.40
N GLY M 422 -32.51 29.20 -5.41
CA GLY M 422 -31.25 29.84 -4.99
C GLY M 422 -30.17 28.84 -4.55
N LYS M 423 -30.64 27.69 -4.06
CA LYS M 423 -29.81 26.65 -3.46
C LYS M 423 -28.99 25.82 -4.46
N ASP M 424 -29.69 25.17 -5.37
CA ASP M 424 -29.07 24.20 -6.27
C ASP M 424 -28.96 24.70 -7.70
N VAL M 425 -29.96 25.44 -8.17
CA VAL M 425 -30.04 25.71 -9.58
C VAL M 425 -29.06 26.78 -10.05
N GLY M 426 -28.78 27.76 -9.18
CA GLY M 426 -27.89 28.85 -9.55
C GLY M 426 -28.58 29.90 -10.40
N LEU M 427 -28.91 31.00 -9.76
CA LEU M 427 -29.57 32.12 -10.39
C LEU M 427 -28.58 33.01 -11.08
N ARG M 428 -29.04 33.81 -12.03
CA ARG M 428 -28.22 34.84 -12.62
C ARG M 428 -28.06 35.94 -11.60
N ASP M 429 -27.04 36.77 -11.77
CA ASP M 429 -26.71 37.74 -10.76
C ASP M 429 -27.80 38.75 -10.50
N ASP M 430 -27.91 39.14 -9.23
CA ASP M 430 -28.86 40.17 -8.72
C ASP M 430 -30.39 39.89 -8.64
N GLU M 431 -30.86 38.79 -9.21
CA GLU M 431 -32.29 38.43 -9.07
C GLU M 431 -32.47 37.18 -8.18
N ALA M 432 -33.07 37.38 -7.01
CA ALA M 432 -33.25 36.31 -6.04
C ALA M 432 -34.50 35.49 -6.36
N GLU M 433 -34.88 34.63 -5.42
CA GLU M 433 -35.95 33.66 -5.67
C GLU M 433 -37.35 34.17 -5.32
N GLY M 434 -37.71 35.34 -5.85
CA GLY M 434 -39.04 35.88 -5.68
C GLY M 434 -39.37 36.87 -6.77
N VAL M 435 -38.34 37.56 -7.26
CA VAL M 435 -38.45 38.76 -8.10
C VAL M 435 -39.20 38.56 -9.42
N ILE M 436 -39.81 39.62 -9.93
CA ILE M 436 -40.62 39.50 -11.13
C ILE M 436 -39.83 39.73 -12.39
N GLY M 437 -39.83 38.74 -13.26
CA GLY M 437 -39.13 38.78 -14.53
C GLY M 437 -39.76 37.73 -15.42
N ASN M 438 -39.46 37.72 -16.72
CA ASN M 438 -39.94 36.66 -17.58
C ASN M 438 -38.86 35.63 -17.86
N PHE M 439 -39.06 34.41 -17.39
CA PHE M 439 -38.11 33.33 -17.59
C PHE M 439 -38.85 32.05 -17.92
N ASN M 440 -38.33 31.27 -18.84
CA ASN M 440 -38.98 29.99 -19.11
C ASN M 440 -38.07 28.80 -19.07
N LEU M 441 -38.43 27.81 -18.26
CA LEU M 441 -37.67 26.55 -18.19
C LEU M 441 -38.20 25.38 -19.04
N GLN M 442 -37.42 24.31 -19.08
CA GLN M 442 -37.83 23.01 -19.58
C GLN M 442 -37.01 22.01 -18.78
N VAL M 443 -37.59 20.86 -18.49
CA VAL M 443 -36.81 19.78 -17.85
C VAL M 443 -36.78 18.43 -18.59
N GLN M 444 -35.89 18.28 -19.55
CA GLN M 444 -35.74 16.98 -20.23
C GLN M 444 -35.14 15.92 -19.27
N MET M 445 -35.80 14.79 -19.10
CA MET M 445 -35.42 13.82 -18.06
C MET M 445 -35.65 12.36 -18.45
N THR M 446 -34.60 11.54 -18.36
CA THR M 446 -34.68 10.11 -18.73
C THR M 446 -34.85 9.24 -17.49
N VAL M 447 -35.64 8.18 -17.61
CA VAL M 447 -36.19 7.49 -16.45
C VAL M 447 -36.65 6.08 -16.84
N THR M 448 -36.50 5.12 -15.93
CA THR M 448 -36.82 3.72 -16.22
C THR M 448 -38.00 3.15 -15.41
N ASN M 449 -38.81 2.34 -16.09
CA ASN M 449 -39.84 1.55 -15.43
C ASN M 449 -39.18 0.36 -14.76
N THR M 450 -39.51 0.11 -13.49
CA THR M 450 -38.87 -0.95 -12.71
C THR M 450 -39.85 -1.99 -12.24
N ASN M 451 -41.14 -1.63 -12.24
CA ASN M 451 -42.22 -2.54 -11.88
C ASN M 451 -42.37 -3.70 -12.89
N GLN M 452 -42.37 -4.93 -12.39
CA GLN M 452 -42.26 -6.10 -13.25
C GLN M 452 -43.49 -6.52 -14.05
N TYR M 453 -44.67 -6.16 -13.60
CA TYR M 453 -45.91 -6.77 -14.12
C TYR M 453 -46.61 -6.04 -15.25
N VAL M 454 -46.75 -4.73 -15.14
CA VAL M 454 -47.48 -3.94 -16.16
C VAL M 454 -46.56 -3.06 -17.01
N THR M 455 -46.97 -2.82 -18.25
CA THR M 455 -46.35 -1.80 -19.10
C THR M 455 -46.74 -0.45 -18.55
N VAL M 456 -45.75 0.38 -18.24
CA VAL M 456 -46.09 1.72 -17.80
C VAL M 456 -46.37 2.56 -19.03
N THR M 457 -47.35 3.45 -18.91
CA THR M 457 -47.40 4.63 -19.74
C THR M 457 -46.98 5.78 -18.83
N PRO M 458 -46.10 6.66 -19.31
CA PRO M 458 -45.61 7.65 -18.39
C PRO M 458 -46.34 8.97 -18.52
N ASP M 459 -46.01 9.86 -17.61
CA ASP M 459 -46.48 11.23 -17.60
C ASP M 459 -45.44 11.98 -16.76
N MET M 460 -45.27 13.27 -17.01
CA MET M 460 -44.32 14.04 -16.23
C MET M 460 -45.06 15.17 -15.54
N TYR M 461 -44.74 15.40 -14.28
CA TYR M 461 -45.28 16.54 -13.56
C TYR M 461 -44.20 17.51 -13.16
N ILE M 462 -44.52 18.80 -13.11
CA ILE M 462 -43.62 19.80 -12.56
C ILE M 462 -44.44 20.72 -11.67
N VAL M 463 -44.25 20.62 -10.37
CA VAL M 463 -44.98 21.42 -9.40
C VAL M 463 -44.09 22.53 -8.87
N ALA M 464 -44.47 23.77 -9.15
CA ALA M 464 -43.70 24.92 -8.67
C ALA M 464 -44.42 25.55 -7.46
N VAL M 465 -43.69 26.20 -6.57
CA VAL M 465 -44.34 26.93 -5.49
C VAL M 465 -43.77 28.35 -5.38
N TYR M 466 -44.63 29.35 -5.58
CA TYR M 466 -44.21 30.76 -5.55
C TYR M 466 -44.31 31.34 -4.15
N ASP M 467 -43.52 32.38 -3.86
CA ASP M 467 -43.49 32.97 -2.52
C ASP M 467 -43.86 34.45 -2.53
N GLY M 468 -44.88 34.81 -1.75
CA GLY M 468 -45.32 36.19 -1.63
C GLY M 468 -45.98 36.51 -0.31
N THR M 469 -46.25 37.79 -0.10
CA THR M 469 -46.89 38.25 1.11
C THR M 469 -48.41 38.37 0.86
N LEU M 470 -49.23 38.07 1.87
CA LEU M 470 -50.65 38.35 1.74
C LEU M 470 -51.20 39.18 2.91
N VAL M 471 -51.47 40.46 2.67
CA VAL M 471 -52.01 41.31 3.73
C VAL M 471 -53.50 41.10 3.97
N ILE M 472 -53.84 40.43 5.06
CA ILE M 472 -55.23 40.35 5.50
C ILE M 472 -55.45 41.53 6.42
N SER M 473 -56.39 42.39 6.06
CA SER M 473 -56.77 43.49 6.95
C SER M 473 -58.27 43.47 7.17
N ASN M 474 -58.77 44.51 7.82
CA ASN M 474 -60.21 44.72 7.87
C ASN M 474 -60.54 46.05 7.21
N THR M 475 -61.20 45.98 6.06
CA THR M 475 -61.54 44.69 5.53
C THR M 475 -61.23 44.53 4.07
N SER M 476 -60.69 43.37 3.73
CA SER M 476 -60.30 42.97 2.39
C SER M 476 -59.16 42.02 2.59
N ALA M 477 -58.63 41.47 1.52
CA ALA M 477 -57.42 40.64 1.60
C ALA M 477 -56.62 40.86 0.34
N MET M 478 -55.32 40.66 0.41
CA MET M 478 -54.52 41.01 -0.75
C MET M 478 -53.19 40.29 -0.80
N ALA M 479 -52.96 39.54 -1.88
CA ALA M 479 -51.68 38.90 -2.14
C ALA M 479 -50.98 39.63 -3.28
N SER M 480 -49.65 39.71 -3.20
CA SER M 480 -48.83 40.20 -4.31
C SER M 480 -47.54 39.41 -4.37
N ILE M 481 -47.26 38.84 -5.55
CA ILE M 481 -46.00 38.13 -5.75
C ILE M 481 -44.96 39.14 -6.19
N GLY M 482 -43.79 38.64 -6.54
CA GLY M 482 -42.69 39.52 -6.97
C GLY M 482 -42.64 40.80 -6.15
N VAL M 483 -42.54 40.63 -4.83
CA VAL M 483 -42.62 41.75 -3.90
C VAL M 483 -41.34 42.59 -3.82
N ALA M 484 -40.18 42.01 -4.16
CA ALA M 484 -38.91 42.74 -4.20
C ALA M 484 -38.47 43.22 -5.61
N SER M 485 -37.83 44.39 -5.66
CA SER M 485 -37.38 45.02 -6.91
C SER M 485 -35.91 44.75 -7.24
N LYS M 486 -35.59 44.65 -8.53
CA LYS M 486 -34.29 44.11 -8.97
C LYS M 486 -33.13 44.98 -8.57
N GLU M 487 -33.33 46.30 -8.57
CA GLU M 487 -32.32 47.25 -8.11
C GLU M 487 -32.12 47.14 -6.59
N GLU M 488 -33.20 46.78 -5.90
CA GLU M 488 -33.18 46.58 -4.47
C GLU M 488 -32.42 45.30 -4.11
N VAL M 489 -32.85 44.17 -4.67
CA VAL M 489 -32.26 42.87 -4.35
C VAL M 489 -30.76 42.84 -4.66
N LEU M 490 -30.34 43.57 -5.69
CA LEU M 490 -28.93 43.62 -6.07
C LEU M 490 -28.10 43.90 -4.86
N ASN M 491 -28.30 45.08 -4.26
CA ASN M 491 -27.59 45.45 -3.04
C ASN M 491 -28.49 45.54 -1.81
N ALA M 492 -28.75 44.37 -1.22
CA ALA M 492 -29.44 44.30 0.08
C ALA M 492 -28.39 43.90 1.12
N ARG M 493 -28.51 44.48 2.32
CA ARG M 493 -27.48 44.31 3.34
C ARG M 493 -27.50 42.92 3.92
N ILE M 494 -26.32 42.33 4.08
CA ILE M 494 -26.19 40.90 4.43
C ILE M 494 -26.04 40.63 5.95
N THR M 495 -26.89 39.74 6.46
CA THR M 495 -27.00 39.50 7.89
C THR M 495 -26.54 38.09 8.29
N HIS M 496 -26.00 37.96 9.50
CA HIS M 496 -25.46 36.69 10.00
C HIS M 496 -26.48 35.89 10.75
N GLY M 497 -27.04 36.46 11.81
CA GLY M 497 -28.15 35.84 12.52
C GLY M 497 -29.47 36.35 11.95
N VAL M 498 -30.44 35.47 11.72
CA VAL M 498 -30.29 34.03 11.91
C VAL M 498 -29.88 33.41 10.59
N SER M 499 -29.06 32.37 10.67
CA SER M 499 -28.55 31.71 9.46
C SER M 499 -29.62 30.89 8.74
N TYR M 500 -29.35 30.38 7.55
CA TYR M 500 -30.40 29.79 6.70
C TYR M 500 -31.18 28.54 7.23
N ASN M 501 -30.45 27.68 7.91
CA ASN M 501 -30.99 26.38 8.27
C ASN M 501 -32.20 26.60 9.12
N GLU M 502 -32.11 27.53 10.04
CA GLU M 502 -33.27 27.83 10.85
C GLU M 502 -34.40 28.33 9.94
N LEU M 503 -34.01 29.10 8.93
CA LEU M 503 -34.93 29.79 8.03
C LEU M 503 -35.84 28.91 7.19
N GLN M 504 -35.32 27.79 6.70
CA GLN M 504 -36.10 26.90 5.87
C GLN M 504 -37.32 26.29 6.55
N ARG M 505 -37.18 26.12 7.86
CA ARG M 505 -38.09 25.33 8.67
C ARG M 505 -39.47 25.93 8.60
N ILE M 506 -39.55 27.25 8.62
CA ILE M 506 -40.84 27.80 8.32
C ILE M 506 -40.99 27.17 6.96
N TYR M 507 -42.09 26.51 6.72
CA TYR M 507 -42.21 25.71 5.53
C TYR M 507 -43.24 26.40 4.69
N GLY M 508 -43.00 26.53 3.40
CA GLY M 508 -42.15 25.64 2.60
C GLY M 508 -42.93 25.10 1.40
N GLU N 12 -35.48 54.00 -87.43
CA GLU N 12 -36.04 55.33 -87.04
C GLU N 12 -37.11 55.94 -87.96
N PRO N 13 -37.21 55.51 -89.25
CA PRO N 13 -38.14 56.18 -90.14
C PRO N 13 -39.59 55.92 -89.74
N ASP N 14 -40.52 56.73 -90.25
CA ASP N 14 -41.89 56.76 -89.75
C ASP N 14 -42.57 55.43 -89.84
N THR N 15 -42.30 54.69 -90.90
CA THR N 15 -43.00 53.45 -91.11
C THR N 15 -42.22 52.47 -91.96
N VAL N 16 -42.18 51.21 -91.54
CA VAL N 16 -41.54 50.16 -92.34
C VAL N 16 -42.40 48.91 -92.51
N TYR N 17 -42.67 48.52 -93.74
CA TYR N 17 -43.40 47.30 -94.03
C TYR N 17 -42.49 46.08 -94.04
N TYR N 18 -43.06 44.91 -93.80
CA TYR N 18 -42.31 43.67 -93.88
C TYR N 18 -43.15 42.59 -94.57
N ASP N 19 -42.53 41.74 -95.38
CA ASP N 19 -43.30 40.63 -95.98
C ASP N 19 -43.00 39.24 -95.47
N ILE N 20 -44.02 38.53 -94.98
CA ILE N 20 -43.85 37.14 -94.54
C ILE N 20 -44.44 36.16 -95.54
N LEU N 21 -43.62 35.41 -96.26
CA LEU N 21 -44.20 34.32 -97.02
C LEU N 21 -43.58 32.97 -96.69
N ILE N 22 -44.40 31.93 -96.69
CA ILE N 22 -43.92 30.57 -96.50
C ILE N 22 -44.07 29.86 -97.82
N PRO N 23 -42.98 29.24 -98.28
CA PRO N 23 -42.97 28.44 -99.52
C PRO N 23 -43.77 27.15 -99.38
N PHE N 24 -43.15 26.03 -99.69
CA PHE N 24 -43.78 24.73 -99.55
C PHE N 24 -42.76 23.65 -99.19
N LYS N 25 -43.03 22.88 -98.13
CA LYS N 25 -42.14 21.78 -97.71
C LYS N 25 -42.89 20.49 -97.34
N PRO N 26 -42.83 19.46 -98.20
CA PRO N 26 -43.51 18.21 -97.87
C PRO N 26 -42.60 17.31 -97.02
N ASN N 27 -43.16 16.45 -96.16
CA ASN N 27 -42.34 15.40 -95.53
C ASN N 27 -42.04 14.41 -96.61
N ASP N 28 -41.30 13.37 -96.27
CA ASP N 28 -41.16 12.24 -97.14
C ASP N 28 -42.59 11.76 -97.24
N GLN N 29 -43.30 11.85 -96.11
CA GLN N 29 -44.73 11.66 -96.11
C GLN N 29 -45.39 13.02 -96.37
N GLY N 30 -46.11 13.14 -97.49
CA GLY N 30 -46.60 14.42 -98.03
C GLY N 30 -47.44 15.29 -97.12
N PHE N 31 -46.81 16.26 -96.46
CA PHE N 31 -47.50 17.14 -95.52
C PHE N 31 -46.62 18.36 -95.30
N SER N 32 -47.22 19.53 -95.24
CA SER N 32 -46.48 20.75 -94.94
C SER N 32 -47.01 21.44 -93.71
N PRO N 33 -46.11 21.86 -92.80
CA PRO N 33 -46.52 22.72 -91.70
C PRO N 33 -46.57 24.15 -92.17
N ALA N 34 -47.71 24.81 -92.01
CA ALA N 34 -47.92 26.17 -92.54
C ALA N 34 -47.24 27.25 -91.70
N ILE N 35 -46.45 26.81 -90.74
CA ILE N 35 -45.67 27.72 -89.94
C ILE N 35 -44.39 28.12 -90.68
N PHE N 36 -43.98 29.37 -90.50
CA PHE N 36 -42.64 29.78 -90.86
C PHE N 36 -42.04 30.43 -89.61
N GLN N 37 -40.73 30.29 -89.46
CA GLN N 37 -39.99 31.00 -88.42
C GLN N 37 -38.59 31.27 -88.94
N ALA N 38 -38.03 32.40 -88.57
CA ALA N 38 -36.77 32.87 -89.16
C ALA N 38 -36.09 33.87 -88.26
N GLN N 39 -34.79 33.67 -88.06
CA GLN N 39 -33.97 34.68 -87.43
C GLN N 39 -33.52 35.58 -88.56
N LEU N 40 -33.72 36.89 -88.42
CA LEU N 40 -33.41 37.82 -89.51
C LEU N 40 -32.03 38.40 -89.30
N THR N 41 -31.24 38.47 -90.36
CA THR N 41 -29.79 38.72 -90.22
C THR N 41 -29.44 40.14 -89.79
N GLN N 42 -30.46 40.96 -89.57
CA GLN N 42 -30.27 42.35 -89.23
C GLN N 42 -31.59 42.99 -88.80
N PRO N 43 -31.63 43.69 -87.66
CA PRO N 43 -32.88 44.17 -87.08
C PRO N 43 -33.84 44.93 -88.03
N ILE N 44 -35.15 44.65 -87.91
CA ILE N 44 -36.20 45.35 -88.64
C ILE N 44 -36.51 46.70 -88.01
N VAL N 45 -36.92 46.70 -86.75
CA VAL N 45 -37.14 47.95 -86.05
C VAL N 45 -35.96 48.22 -85.12
N HIS N 46 -35.44 49.44 -85.16
CA HIS N 46 -34.33 49.82 -84.28
C HIS N 46 -34.66 49.70 -82.84
N ASN N 47 -35.87 50.16 -82.47
CA ASN N 47 -36.41 50.05 -81.11
C ASN N 47 -37.94 50.11 -81.12
N PRO N 48 -38.59 48.97 -80.79
CA PRO N 48 -40.03 48.84 -80.99
C PRO N 48 -40.90 49.33 -79.87
N SER N 49 -40.50 50.37 -79.18
CA SER N 49 -41.33 50.82 -78.09
C SER N 49 -42.42 51.69 -78.65
N GLU N 50 -42.17 52.28 -79.82
CA GLU N 50 -43.07 53.30 -80.38
C GLU N 50 -43.61 52.86 -81.72
N TYR N 51 -44.08 51.61 -81.79
CA TYR N 51 -44.75 51.13 -82.99
C TYR N 51 -46.04 50.40 -82.66
N PHE N 52 -47.08 50.70 -83.43
CA PHE N 52 -48.31 49.93 -83.42
C PHE N 52 -48.21 48.91 -84.54
N LEU N 53 -48.12 47.63 -84.24
CA LEU N 53 -48.03 46.72 -85.37
C LEU N 53 -49.38 46.19 -85.83
N SER N 54 -49.60 46.23 -87.14
CA SER N 54 -50.87 45.80 -87.77
C SER N 54 -50.64 45.15 -89.14
N VAL N 55 -51.64 44.45 -89.65
CA VAL N 55 -51.35 43.65 -90.82
C VAL N 55 -52.35 43.84 -91.93
N VAL N 56 -51.83 43.98 -93.14
CA VAL N 56 -52.65 44.10 -94.33
C VAL N 56 -52.65 42.77 -95.06
N ARG N 57 -53.48 42.64 -96.08
CA ARG N 57 -53.20 41.73 -97.18
C ARG N 57 -52.83 40.25 -96.91
N PHE N 58 -53.10 39.69 -95.72
CA PHE N 58 -52.77 38.26 -95.49
C PHE N 58 -53.69 37.29 -96.24
N SER N 59 -53.16 36.15 -96.63
CA SER N 59 -53.88 35.25 -97.51
C SER N 59 -53.53 33.77 -97.24
N ILE N 60 -54.51 32.86 -97.24
CA ILE N 60 -54.25 31.44 -96.96
C ILE N 60 -54.87 30.49 -97.98
N PRO N 61 -54.05 29.57 -98.54
CA PRO N 61 -54.54 28.41 -99.26
C PRO N 61 -55.37 27.53 -98.34
N THR N 62 -56.61 27.31 -98.70
CA THR N 62 -57.50 26.54 -97.85
C THR N 62 -57.81 25.24 -98.57
N GLN N 63 -57.22 25.10 -99.76
CA GLN N 63 -57.49 23.97 -100.63
C GLN N 63 -57.50 22.65 -99.85
N ASN N 64 -56.74 22.62 -98.75
CA ASN N 64 -56.72 21.48 -97.83
C ASN N 64 -57.36 21.71 -96.46
N ILE N 65 -58.63 21.35 -96.36
CA ILE N 65 -59.38 21.37 -95.12
C ILE N 65 -60.51 20.39 -95.43
N PRO N 66 -61.08 19.74 -94.41
CA PRO N 66 -62.28 18.97 -94.76
C PRO N 66 -63.44 19.90 -95.11
N LEU N 67 -64.42 19.41 -95.86
CA LEU N 67 -65.69 20.13 -95.97
C LEU N 67 -66.35 20.00 -94.62
N THR N 68 -66.33 18.79 -94.08
CA THR N 68 -66.98 18.45 -92.81
C THR N 68 -66.31 17.31 -92.05
N ILE N 69 -66.36 17.37 -90.72
CA ILE N 69 -65.94 16.25 -89.88
C ILE N 69 -67.20 15.65 -89.21
N PRO N 70 -67.87 14.68 -89.88
CA PRO N 70 -69.14 14.13 -89.36
C PRO N 70 -69.00 13.48 -87.98
N GLN N 71 -70.03 13.64 -87.14
CA GLN N 71 -69.92 13.38 -85.70
C GLN N 71 -70.45 12.00 -85.26
N ILE N 72 -69.67 11.29 -84.45
CA ILE N 72 -69.99 9.90 -84.01
C ILE N 72 -70.64 9.84 -82.63
N GLN N 73 -71.67 9.01 -82.45
CA GLN N 73 -72.43 9.02 -81.18
C GLN N 73 -71.64 8.49 -79.98
N PRO N 74 -71.61 9.25 -78.87
CA PRO N 74 -70.57 9.08 -77.88
C PRO N 74 -70.76 7.91 -76.93
N TYR N 75 -71.63 6.95 -77.31
CA TYR N 75 -71.64 5.64 -76.63
C TYR N 75 -72.63 5.47 -75.40
N PRO N 76 -72.96 4.21 -75.00
CA PRO N 76 -72.52 2.98 -75.66
C PRO N 76 -72.58 3.09 -77.21
N ASN N 77 -71.40 2.87 -77.83
CA ASN N 77 -71.24 2.82 -79.26
C ASN N 77 -69.82 2.34 -79.49
N THR N 78 -69.71 1.08 -79.93
CA THR N 78 -68.41 0.42 -80.12
C THR N 78 -67.98 0.31 -81.59
N ASN N 79 -68.92 0.42 -82.53
CA ASN N 79 -68.49 0.70 -83.90
C ASN N 79 -68.09 2.16 -83.99
N VAL N 80 -66.78 2.33 -84.14
CA VAL N 80 -66.12 3.62 -84.35
C VAL N 80 -66.80 4.33 -85.48
N ASN N 81 -67.63 3.59 -86.20
CA ASN N 81 -68.12 4.11 -87.44
C ASN N 81 -69.49 4.83 -87.53
N ASN N 82 -70.60 4.15 -87.21
CA ASN N 82 -71.94 4.77 -87.30
C ASN N 82 -72.03 6.08 -86.51
N THR N 83 -72.85 7.01 -87.00
CA THR N 83 -72.86 8.39 -86.50
C THR N 83 -74.16 8.82 -85.80
N ILE N 84 -74.24 10.10 -85.44
CA ILE N 84 -75.44 10.66 -84.78
C ILE N 84 -76.52 11.04 -85.82
N TYR N 85 -76.68 10.22 -86.85
CA TYR N 85 -77.61 10.49 -87.98
C TYR N 85 -78.59 9.34 -88.21
N SER N 86 -79.74 9.61 -88.82
CA SER N 86 -80.79 8.59 -89.05
C SER N 86 -81.85 9.00 -90.08
N VAL N 87 -82.66 8.03 -90.52
CA VAL N 87 -83.71 8.30 -91.48
C VAL N 87 -84.91 7.42 -91.17
N SER N 88 -86.04 7.71 -91.80
CA SER N 88 -87.23 6.88 -91.64
C SER N 88 -88.11 6.78 -92.92
N ILE N 89 -88.86 5.69 -92.99
CA ILE N 89 -89.86 5.50 -94.03
C ILE N 89 -91.18 5.22 -93.30
N GLY N 90 -92.30 5.54 -93.95
CA GLY N 90 -93.62 5.25 -93.41
C GLY N 90 -94.52 4.74 -94.51
N TYR N 91 -95.43 3.83 -94.17
CA TYR N 91 -96.37 3.29 -95.15
C TYR N 91 -97.54 2.58 -94.47
N ASN N 92 -98.68 3.28 -94.42
CA ASN N 92 -99.95 2.77 -93.85
C ASN N 92 -100.47 3.22 -92.46
N GLY N 93 -99.65 3.71 -91.52
CA GLY N 93 -98.20 3.90 -91.65
C GLY N 93 -97.39 3.04 -90.70
N THR N 94 -96.83 1.96 -91.25
CA THR N 94 -95.88 1.13 -90.54
C THR N 94 -94.54 1.83 -90.65
N TYR N 95 -93.82 1.95 -89.54
CA TYR N 95 -92.52 2.62 -89.58
C TYR N 95 -91.38 1.63 -89.70
N SER N 96 -90.18 2.16 -89.91
CA SER N 96 -88.94 1.39 -89.81
C SER N 96 -88.12 2.08 -88.74
N SER N 97 -87.57 1.28 -87.84
CA SER N 97 -86.60 1.80 -86.89
C SER N 97 -85.40 2.41 -87.64
N GLN N 98 -85.05 3.64 -87.24
CA GLN N 98 -83.98 4.43 -87.90
C GLN N 98 -82.64 3.69 -87.95
N ASN N 99 -81.94 3.82 -89.07
CA ASN N 99 -80.74 3.01 -89.29
C ASN N 99 -79.47 3.81 -89.09
N PHE N 100 -79.62 5.03 -88.59
CA PHE N 100 -78.48 5.90 -88.45
C PHE N 100 -77.81 6.07 -89.82
N VAL N 101 -76.54 6.47 -89.83
CA VAL N 101 -75.74 6.48 -91.06
C VAL N 101 -74.33 6.07 -90.69
N GLN N 102 -73.75 5.17 -91.47
CA GLN N 102 -72.42 4.67 -91.16
C GLN N 102 -71.38 5.31 -92.08
N PHE N 103 -70.57 6.24 -91.55
CA PHE N 103 -69.54 6.90 -92.37
C PHE N 103 -68.43 5.93 -92.77
N ASP N 104 -68.59 5.25 -93.90
CA ASP N 104 -67.63 4.21 -94.36
C ASP N 104 -66.27 4.76 -94.81
N PRO N 105 -65.16 4.14 -94.32
CA PRO N 105 -63.80 4.63 -94.63
C PRO N 105 -63.48 4.63 -96.12
N SER N 106 -63.59 3.47 -96.77
CA SER N 106 -63.11 3.24 -98.13
C SER N 106 -63.68 4.15 -99.23
N LEU N 107 -64.57 5.06 -98.86
CA LEU N 107 -65.04 6.11 -99.77
C LEU N 107 -64.11 7.31 -99.58
N THR N 108 -63.25 7.17 -98.58
CA THR N 108 -62.23 8.13 -98.21
C THR N 108 -61.11 7.23 -97.74
N SER N 109 -59.92 7.77 -97.53
CA SER N 109 -58.79 6.87 -97.31
C SER N 109 -58.71 6.13 -98.63
N PRO N 110 -58.75 4.81 -98.63
CA PRO N 110 -58.97 3.94 -97.47
C PRO N 110 -57.76 3.82 -96.54
N ASN N 111 -56.64 4.45 -96.90
CA ASN N 111 -55.38 4.21 -96.20
C ASN N 111 -55.00 5.15 -95.06
N ILE N 112 -55.76 5.09 -93.97
CA ILE N 112 -55.36 5.66 -92.67
C ILE N 112 -55.86 4.68 -91.60
N PRO N 113 -55.07 4.51 -90.53
CA PRO N 113 -55.55 3.78 -89.34
C PRO N 113 -56.83 4.39 -88.73
N ALA N 114 -57.79 3.56 -88.33
CA ALA N 114 -59.02 4.01 -87.63
C ALA N 114 -58.81 3.99 -86.10
N PRO N 115 -59.47 4.91 -85.38
CA PRO N 115 -59.32 4.96 -83.91
C PRO N 115 -60.17 3.90 -83.15
N ASN N 116 -60.26 4.03 -81.81
CA ASN N 116 -60.84 2.99 -80.93
C ASN N 116 -61.97 3.50 -80.01
N ALA N 117 -63.17 2.92 -80.13
CA ALA N 117 -64.39 3.40 -79.45
C ALA N 117 -64.34 3.18 -77.95
N PRO N 118 -64.74 4.20 -77.17
CA PRO N 118 -64.24 4.42 -75.81
C PRO N 118 -65.18 4.16 -74.60
N THR N 119 -65.22 2.90 -74.13
CA THR N 119 -66.14 2.47 -73.04
C THR N 119 -65.73 3.14 -71.72
N VAL N 120 -66.73 3.37 -70.84
CA VAL N 120 -66.54 4.12 -69.59
C VAL N 120 -65.56 5.29 -69.73
N THR N 121 -64.27 5.03 -69.41
CA THR N 121 -63.12 5.93 -69.66
C THR N 121 -63.46 7.37 -70.10
N SER N 122 -63.04 7.76 -71.31
CA SER N 122 -63.59 8.93 -72.01
C SER N 122 -64.53 8.37 -73.08
N PRO N 123 -65.70 9.01 -73.29
CA PRO N 123 -66.70 8.43 -74.21
C PRO N 123 -66.64 8.89 -75.69
N ASN N 124 -65.87 9.94 -75.99
CA ASN N 124 -65.88 10.50 -77.34
C ASN N 124 -64.64 10.11 -78.12
N VAL N 125 -64.87 9.66 -79.35
CA VAL N 125 -63.78 9.32 -80.28
C VAL N 125 -63.12 10.61 -80.73
N GLU N 126 -61.82 10.75 -80.45
CA GLU N 126 -61.04 11.89 -80.89
C GLU N 126 -60.90 11.87 -82.41
N VAL N 127 -60.81 13.06 -83.01
CA VAL N 127 -60.80 13.21 -84.46
C VAL N 127 -59.42 12.98 -85.09
N THR N 128 -59.29 11.89 -85.86
CA THR N 128 -58.11 11.63 -86.66
C THR N 128 -58.36 12.14 -88.08
N PRO N 129 -57.32 12.65 -88.76
CA PRO N 129 -57.48 13.09 -90.15
C PRO N 129 -58.32 12.14 -90.97
N TYR N 130 -58.67 11.01 -90.36
CA TYR N 130 -59.38 9.90 -90.95
C TYR N 130 -60.85 10.21 -91.19
N TYR N 131 -61.36 11.21 -90.49
CA TYR N 131 -62.78 11.51 -90.56
C TYR N 131 -63.15 12.59 -91.56
N TYR N 132 -62.13 13.26 -92.10
CA TYR N 132 -62.30 14.29 -93.10
C TYR N 132 -63.06 13.80 -94.33
N ILE N 133 -64.02 14.59 -94.78
CA ILE N 133 -64.80 14.29 -95.98
C ILE N 133 -64.81 15.56 -96.82
N TYR N 134 -64.25 15.49 -98.03
CA TYR N 134 -64.34 16.63 -98.96
C TYR N 134 -65.38 16.30 -100.03
N ASP N 135 -66.10 17.33 -100.51
CA ASP N 135 -67.20 17.23 -101.52
C ASP N 135 -68.59 17.15 -100.92
N TYR N 136 -69.58 17.34 -101.79
CA TYR N 136 -70.97 16.99 -101.49
C TYR N 136 -71.22 15.65 -102.15
N SER N 137 -70.57 15.46 -103.29
CA SER N 137 -70.51 14.19 -103.97
C SER N 137 -70.19 13.00 -103.06
N THR N 138 -69.45 13.22 -101.98
CA THR N 138 -69.02 12.10 -101.13
C THR N 138 -69.91 11.88 -99.93
N PHE N 139 -70.58 12.92 -99.46
CA PHE N 139 -71.39 12.72 -98.28
C PHE N 139 -72.82 12.34 -98.61
N LEU N 140 -73.41 12.98 -99.62
CA LEU N 140 -74.76 12.64 -100.00
C LEU N 140 -74.79 11.17 -100.37
N GLN N 141 -73.79 10.73 -101.12
CA GLN N 141 -73.66 9.33 -101.51
C GLN N 141 -73.68 8.37 -100.30
N MET N 142 -73.58 8.92 -99.08
CA MET N 142 -73.71 8.17 -97.83
C MET N 142 -75.13 8.08 -97.27
N ILE N 143 -75.85 9.20 -97.26
CA ILE N 143 -77.27 9.19 -96.93
C ILE N 143 -77.95 8.16 -97.82
N ASN N 144 -77.56 8.14 -99.08
CA ASN N 144 -78.16 7.29 -100.08
C ASN N 144 -78.13 5.84 -99.71
N THR N 145 -76.94 5.36 -99.34
CA THR N 145 -76.80 3.98 -98.91
C THR N 145 -77.62 3.67 -97.63
N ALA N 146 -78.04 4.73 -96.94
CA ALA N 146 -78.88 4.62 -95.73
C ALA N 146 -80.37 4.53 -96.05
N LEU N 147 -80.92 5.55 -96.73
CA LEU N 147 -82.31 5.53 -97.18
C LEU N 147 -82.60 4.22 -97.90
N GLU N 148 -81.76 3.89 -98.87
CA GLU N 148 -81.86 2.64 -99.62
C GLU N 148 -82.00 1.45 -98.66
N ASN N 149 -80.97 1.24 -97.83
CA ASN N 149 -80.95 0.20 -96.81
C ASN N 149 -82.13 0.27 -95.80
N ALA N 150 -82.62 1.47 -95.54
CA ALA N 150 -83.76 1.69 -94.66
C ALA N 150 -85.00 1.09 -95.29
N PHE N 151 -85.43 1.74 -96.36
CA PHE N 151 -86.60 1.38 -97.15
C PHE N 151 -86.88 -0.11 -97.17
N ASN N 152 -85.85 -0.89 -97.50
CA ASN N 152 -85.97 -2.35 -97.67
C ASN N 152 -86.59 -3.18 -96.52
N GLU N 153 -86.72 -2.59 -95.33
CA GLU N 153 -87.41 -3.24 -94.21
C GLU N 153 -88.91 -3.17 -94.41
N ILE N 154 -89.37 -2.07 -95.02
CA ILE N 154 -90.78 -1.82 -95.34
C ILE N 154 -91.01 -1.74 -96.84
N SER N 155 -91.31 -2.89 -97.44
CA SER N 155 -91.43 -2.96 -98.90
C SER N 155 -92.76 -2.36 -99.42
N ALA N 156 -92.84 -2.24 -100.74
CA ALA N 156 -94.09 -1.95 -101.48
C ALA N 156 -94.69 -0.52 -101.33
N PRO N 157 -95.83 -0.28 -101.97
CA PRO N 157 -96.49 -1.28 -102.79
C PRO N 157 -95.80 -1.53 -104.13
N VAL N 158 -95.86 -2.76 -104.62
CA VAL N 158 -95.34 -3.06 -105.95
C VAL N 158 -93.88 -2.67 -106.05
N GLY N 159 -93.55 -1.92 -107.10
CA GLY N 159 -92.18 -1.48 -107.31
C GLY N 159 -92.01 0.02 -107.18
N ALA N 160 -91.05 0.41 -106.35
CA ALA N 160 -90.65 1.82 -106.21
C ALA N 160 -89.31 2.03 -105.53
N ASP N 161 -88.39 2.67 -106.25
CA ASP N 161 -87.10 3.00 -105.66
C ASP N 161 -87.27 3.94 -104.47
N ALA N 162 -86.45 3.73 -103.44
CA ALA N 162 -86.31 4.70 -102.33
C ALA N 162 -85.67 6.01 -102.85
N PRO N 163 -85.99 7.15 -102.22
CA PRO N 163 -85.46 8.41 -102.74
C PRO N 163 -83.94 8.56 -102.55
N PHE N 164 -83.34 9.54 -103.25
CA PHE N 164 -81.90 9.86 -103.12
C PHE N 164 -81.62 11.37 -103.18
N PHE N 165 -80.52 11.78 -102.55
CA PHE N 165 -80.07 13.16 -102.58
C PHE N 165 -79.02 13.37 -103.68
N PHE N 166 -79.13 14.45 -104.46
CA PHE N 166 -78.03 14.88 -105.36
C PHE N 166 -77.79 16.39 -105.40
N TYR N 167 -76.53 16.76 -105.58
CA TYR N 167 -76.08 18.14 -105.52
C TYR N 167 -75.63 18.64 -106.88
N ASP N 168 -76.27 19.70 -107.33
CA ASP N 168 -75.98 20.26 -108.64
C ASP N 168 -74.67 21.01 -108.56
N SER N 169 -73.96 21.06 -109.68
CA SER N 169 -72.77 21.88 -109.76
C SER N 169 -73.21 23.15 -110.45
N ASN N 170 -73.01 24.28 -109.79
CA ASN N 170 -73.48 25.55 -110.29
C ASN N 170 -74.94 25.81 -109.97
N THR N 171 -75.58 24.91 -109.24
CA THR N 171 -77.00 25.09 -108.94
C THR N 171 -77.11 26.37 -108.13
N GLU N 172 -76.24 26.50 -107.15
CA GLU N 172 -75.46 25.39 -106.64
C GLU N 172 -76.21 24.75 -105.48
N LYS N 173 -77.29 24.02 -105.76
CA LYS N 173 -78.16 23.52 -104.71
C LYS N 173 -78.43 22.00 -104.70
N ILE N 174 -78.27 21.40 -103.52
CA ILE N 174 -78.68 20.03 -103.26
C ILE N 174 -80.13 19.84 -103.61
N SER N 175 -80.49 18.63 -104.02
CA SER N 175 -81.87 18.33 -104.32
C SER N 175 -82.36 17.07 -103.59
N LEU N 176 -83.65 16.76 -103.75
CA LEU N 176 -84.22 15.51 -103.27
C LEU N 176 -85.14 14.98 -104.36
N ILE N 177 -84.80 13.83 -104.95
CA ILE N 177 -85.64 13.21 -105.98
C ILE N 177 -86.37 12.00 -105.42
N ALA N 178 -87.66 11.91 -105.76
CA ALA N 178 -88.51 10.78 -105.40
C ALA N 178 -89.66 10.72 -106.40
N GLN N 179 -90.07 9.50 -106.75
CA GLN N 179 -91.31 9.32 -107.48
C GLN N 179 -92.40 10.07 -106.68
N ALA N 180 -93.43 10.68 -107.30
CA ALA N 180 -93.83 10.59 -108.70
C ALA N 180 -94.88 9.48 -108.88
N ALA N 181 -96.16 9.88 -108.82
CA ALA N 181 -97.30 8.96 -108.69
C ALA N 181 -96.99 7.96 -107.57
N TYR N 182 -97.22 8.44 -106.34
CA TYR N 182 -96.64 7.88 -105.10
C TYR N 182 -95.11 7.92 -105.20
N TYR N 183 -94.44 8.36 -104.15
CA TYR N 183 -95.04 8.80 -102.90
C TYR N 183 -94.98 10.31 -102.82
N ASP N 184 -95.94 10.94 -103.49
CA ASP N 184 -96.24 12.35 -103.29
C ASP N 184 -97.21 12.50 -102.11
N ARG N 185 -97.04 13.56 -101.32
CA ARG N 185 -97.83 13.76 -100.09
C ARG N 185 -99.30 14.13 -100.30
N THR N 186 -99.70 14.43 -101.54
CA THR N 186 -101.12 14.74 -101.87
C THR N 186 -101.98 13.51 -102.15
N LEU N 187 -101.33 12.41 -102.54
CA LEU N 187 -101.97 11.11 -102.62
C LEU N 187 -102.39 10.63 -101.23
N THR N 188 -103.42 9.79 -101.17
CA THR N 188 -103.95 9.26 -99.90
C THR N 188 -103.07 8.16 -99.25
N THR N 189 -102.18 7.54 -100.05
CA THR N 189 -101.33 6.43 -99.60
C THR N 189 -99.80 6.74 -99.46
N PRO N 190 -99.45 8.00 -99.06
CA PRO N 190 -98.07 8.42 -99.31
C PRO N 190 -97.02 7.78 -98.36
N ILE N 191 -95.83 7.53 -98.89
CA ILE N 191 -94.66 7.10 -98.10
C ILE N 191 -93.89 8.35 -97.68
N GLU N 192 -93.29 8.34 -96.50
CA GLU N 192 -92.65 9.55 -95.97
C GLU N 192 -91.18 9.43 -95.57
N ILE N 193 -90.51 10.57 -95.46
CA ILE N 193 -89.13 10.61 -94.99
C ILE N 193 -89.07 11.36 -93.66
N TYR N 194 -88.23 10.87 -92.76
CA TYR N 194 -87.97 11.52 -91.47
C TYR N 194 -86.45 11.60 -91.27
N CYS N 195 -86.02 12.28 -90.21
CA CYS N 195 -84.56 12.40 -89.94
C CYS N 195 -84.22 12.30 -88.44
N ASN N 196 -82.97 12.61 -88.08
CA ASN N 196 -82.54 12.63 -86.67
C ASN N 196 -82.63 14.03 -86.09
N VAL N 197 -83.13 14.96 -86.91
CA VAL N 197 -83.33 16.36 -86.54
C VAL N 197 -82.00 17.06 -86.30
N ASN N 198 -80.95 16.25 -86.19
CA ASN N 198 -79.60 16.74 -86.14
C ASN N 198 -79.04 16.81 -87.53
N LEU N 199 -79.21 15.73 -88.30
CA LEU N 199 -78.73 15.69 -89.68
C LEU N 199 -79.38 16.82 -90.45
N PHE N 200 -80.51 17.28 -89.92
CA PHE N 200 -81.30 18.25 -90.64
C PHE N 200 -80.50 19.41 -91.21
N THR N 201 -79.71 20.06 -90.35
CA THR N 201 -79.00 21.30 -90.72
C THR N 201 -78.40 21.34 -92.13
N PHE N 202 -77.88 20.22 -92.62
CA PHE N 202 -77.34 20.21 -93.98
C PHE N 202 -78.48 20.32 -94.97
N PHE N 203 -79.50 19.50 -94.80
CA PHE N 203 -80.50 19.32 -95.83
C PHE N 203 -81.36 20.55 -96.06
N ASP N 204 -81.79 21.19 -94.98
CA ASP N 204 -82.59 22.42 -95.02
C ASP N 204 -81.89 23.54 -95.81
N SER N 205 -82.62 24.30 -96.62
CA SER N 205 -84.07 24.28 -96.65
C SER N 205 -84.72 23.54 -97.82
N ILE N 206 -84.92 22.24 -97.68
CA ILE N 206 -85.89 21.53 -98.52
C ILE N 206 -87.22 22.04 -97.94
N LYS N 207 -88.37 21.74 -98.56
CA LYS N 207 -89.67 22.06 -97.93
C LYS N 207 -90.07 21.01 -96.87
N HIS N 208 -90.16 21.43 -95.61
CA HIS N 208 -90.24 20.48 -94.48
C HIS N 208 -91.30 20.84 -93.46
N ILE N 209 -92.29 19.96 -93.31
CA ILE N 209 -93.24 20.07 -92.21
C ILE N 209 -92.49 19.70 -90.94
N GLY N 210 -92.60 20.55 -89.92
CA GLY N 210 -91.97 20.27 -88.64
C GLY N 210 -92.78 19.30 -87.79
N LEU N 211 -92.08 18.48 -87.02
CA LEU N 211 -92.72 17.67 -85.99
C LEU N 211 -91.89 17.84 -84.73
N GLY N 212 -92.52 17.64 -83.59
CA GLY N 212 -91.91 17.86 -82.27
C GLY N 212 -90.45 17.44 -82.11
N TYR N 213 -89.57 18.44 -81.92
CA TYR N 213 -88.10 18.27 -81.84
C TYR N 213 -87.61 17.14 -80.91
N ASN N 214 -86.54 16.46 -81.33
CA ASN N 214 -85.98 15.29 -80.63
C ASN N 214 -86.98 14.46 -79.82
N THR N 215 -87.73 13.59 -80.51
CA THR N 215 -88.62 12.61 -79.87
C THR N 215 -87.84 11.33 -79.63
N PRO N 216 -88.19 10.59 -78.56
CA PRO N 216 -87.45 9.40 -78.15
C PRO N 216 -87.32 8.38 -79.29
N THR N 217 -88.43 7.75 -79.68
CA THR N 217 -88.48 6.94 -80.89
C THR N 217 -88.08 7.89 -82.01
N GLY N 218 -87.20 7.43 -82.90
CA GLY N 218 -86.76 8.25 -84.00
C GLY N 218 -87.94 8.77 -84.80
N ARG N 219 -87.65 9.73 -85.67
CA ARG N 219 -88.63 10.35 -86.59
C ARG N 219 -89.27 11.63 -86.05
N ASP N 220 -88.88 12.74 -86.68
CA ASP N 220 -89.61 13.99 -86.66
C ASP N 220 -88.96 14.80 -87.79
N ILE N 221 -89.61 15.89 -88.19
CA ILE N 221 -89.38 16.55 -89.49
C ILE N 221 -89.80 15.64 -90.65
N LEU N 222 -90.40 16.24 -91.66
CA LEU N 222 -91.07 15.44 -92.66
C LEU N 222 -90.95 16.10 -94.03
N PHE N 223 -89.82 15.79 -94.69
CA PHE N 223 -89.57 16.25 -96.05
C PHE N 223 -90.80 15.94 -96.91
N ASP N 224 -91.36 16.99 -97.49
CA ASP N 224 -92.63 16.84 -98.20
C ASP N 224 -92.43 16.86 -99.70
N VAL N 225 -92.82 15.77 -100.34
CA VAL N 225 -92.71 15.65 -101.79
C VAL N 225 -93.69 16.46 -102.63
N ARG N 226 -94.94 16.51 -102.20
CA ARG N 226 -96.04 16.88 -103.08
C ARG N 226 -95.95 18.29 -103.67
N PHE N 227 -96.27 18.40 -104.95
CA PHE N 227 -96.23 19.66 -105.68
C PHE N 227 -97.58 20.00 -106.29
N LEU N 228 -98.04 21.22 -106.12
CA LEU N 228 -97.35 22.20 -105.25
C LEU N 228 -96.14 22.86 -105.91
N GLY N 229 -95.91 22.59 -107.18
CA GLY N 229 -94.78 23.20 -107.86
C GLY N 229 -94.76 23.24 -109.37
N ASN N 230 -93.91 24.11 -109.89
CA ASN N 230 -93.34 23.98 -111.22
C ASN N 230 -92.14 23.08 -110.99
N ASN N 231 -92.43 21.82 -110.70
CA ASN N 231 -91.58 20.92 -109.94
C ASN N 231 -91.30 19.53 -110.53
N TYR N 232 -91.92 19.19 -111.66
CA TYR N 232 -91.78 17.86 -112.23
C TYR N 232 -90.38 17.62 -112.76
N TYR N 233 -89.92 16.37 -112.72
CA TYR N 233 -88.55 16.06 -113.15
C TYR N 233 -88.47 14.69 -113.80
N GLN N 234 -87.50 14.48 -114.66
CA GLN N 234 -87.41 13.19 -115.30
C GLN N 234 -86.03 12.69 -115.63
N ASP N 235 -85.98 11.37 -115.90
CA ASP N 235 -84.85 10.65 -116.48
C ASP N 235 -83.63 10.62 -115.54
N PRO N 236 -82.42 10.99 -116.03
CA PRO N 236 -82.09 11.22 -117.42
C PRO N 236 -81.58 9.94 -118.08
N GLU N 237 -82.07 8.78 -117.63
CA GLU N 237 -81.52 7.53 -118.16
C GLU N 237 -82.42 6.74 -119.12
N THR N 238 -83.48 7.39 -119.59
CA THR N 238 -84.41 6.84 -120.58
C THR N 238 -84.96 7.99 -121.44
N ALA N 239 -85.64 7.69 -122.56
CA ALA N 239 -86.28 8.75 -123.35
C ALA N 239 -87.43 9.36 -122.55
N PRO N 240 -87.62 10.71 -122.63
CA PRO N 240 -88.63 11.41 -121.81
C PRO N 240 -90.08 10.89 -121.96
N SER N 241 -90.85 10.94 -120.88
CA SER N 241 -92.20 10.36 -120.86
C SER N 241 -93.24 11.21 -120.09
N TYR N 242 -94.47 11.23 -120.60
CA TYR N 242 -95.57 12.02 -120.02
C TYR N 242 -96.57 11.08 -119.34
N PRO N 243 -96.86 11.27 -118.03
CA PRO N 243 -96.32 12.31 -117.13
C PRO N 243 -94.85 12.08 -116.75
N PRO N 244 -94.15 13.14 -116.33
CA PRO N 244 -92.73 13.10 -115.91
C PRO N 244 -92.40 12.07 -114.81
N GLU N 245 -91.13 11.67 -114.74
CA GLU N 245 -90.68 10.55 -113.88
C GLU N 245 -90.78 10.76 -112.37
N PHE N 246 -90.19 11.84 -111.82
CA PHE N 246 -90.21 12.07 -110.36
C PHE N 246 -90.27 13.54 -109.96
N ILE N 247 -90.84 13.80 -108.78
CA ILE N 247 -90.88 15.14 -108.23
C ILE N 247 -89.51 15.57 -107.73
N GLN N 248 -89.18 16.85 -107.90
CA GLN N 248 -87.93 17.40 -107.41
C GLN N 248 -88.16 18.60 -106.50
N MET N 249 -87.46 18.65 -105.37
CA MET N 249 -87.63 19.76 -104.44
C MET N 249 -86.31 20.40 -104.00
N GLN N 250 -85.69 21.17 -104.90
CA GLN N 250 -84.42 21.83 -104.59
C GLN N 250 -84.61 22.92 -103.53
N GLN N 251 -83.65 23.04 -102.64
CA GLN N 251 -83.69 24.07 -101.61
C GLN N 251 -83.48 25.45 -102.23
N GLU N 252 -84.31 26.40 -101.85
CA GLU N 252 -84.20 27.76 -102.37
C GLU N 252 -82.92 28.49 -101.94
N TYR N 253 -82.56 28.34 -100.68
CA TYR N 253 -81.48 29.12 -100.06
C TYR N 253 -80.05 28.93 -100.57
N PRO N 254 -79.66 27.69 -100.91
CA PRO N 254 -78.26 27.45 -101.26
C PRO N 254 -77.26 27.96 -100.21
N THR N 255 -76.69 27.03 -99.45
CA THR N 255 -75.82 27.36 -98.31
C THR N 255 -74.40 26.83 -98.40
N LEU N 256 -73.43 27.71 -98.19
CA LEU N 256 -72.04 27.31 -98.03
C LEU N 256 -71.32 28.15 -96.99
N SER N 257 -71.78 28.09 -95.75
CA SER N 257 -73.01 27.40 -95.41
C SER N 257 -72.91 26.85 -94.00
N ASN N 258 -73.96 26.13 -93.61
CA ASN N 258 -74.00 25.34 -92.39
C ASN N 258 -72.96 24.24 -92.45
N TRP N 259 -72.69 23.79 -93.67
CA TRP N 259 -71.91 22.59 -93.92
C TRP N 259 -70.48 22.66 -93.37
N ASN N 260 -69.84 23.81 -93.48
CA ASN N 260 -68.41 23.91 -93.25
C ASN N 260 -67.89 23.54 -91.88
N ALA N 261 -66.77 22.81 -91.87
CA ALA N 261 -65.97 22.48 -90.66
C ALA N 261 -65.12 23.65 -90.17
N VAL N 262 -64.71 24.53 -91.09
CA VAL N 262 -64.02 25.80 -90.79
C VAL N 262 -64.91 26.75 -90.00
N LYS N 263 -64.55 27.01 -88.74
CA LYS N 263 -65.33 27.94 -87.90
C LYS N 263 -64.59 29.23 -87.63
N THR N 264 -63.26 29.15 -87.70
CA THR N 264 -62.35 30.30 -87.74
C THR N 264 -61.00 29.90 -88.40
N ILE N 265 -60.06 30.84 -88.45
CA ILE N 265 -58.65 30.53 -88.67
C ILE N 265 -57.89 31.50 -87.77
N GLN N 266 -56.65 31.19 -87.42
CA GLN N 266 -55.93 32.08 -86.50
C GLN N 266 -54.43 32.12 -86.69
N LEU N 267 -53.90 33.24 -87.20
CA LEU N 267 -52.47 33.47 -87.17
C LEU N 267 -52.08 33.89 -85.76
N VAL N 268 -51.01 33.32 -85.24
CA VAL N 268 -50.47 33.69 -83.94
C VAL N 268 -48.98 33.81 -84.14
N SER N 269 -48.33 34.64 -83.33
CA SER N 269 -46.90 34.83 -83.47
C SER N 269 -46.26 34.98 -82.12
N ASN N 270 -45.42 34.03 -81.73
CA ASN N 270 -44.91 34.11 -80.40
C ASN N 270 -43.65 34.95 -80.32
N LEU N 271 -43.46 35.87 -81.26
CA LEU N 271 -42.25 36.66 -81.16
C LEU N 271 -42.45 38.15 -80.98
N LEU N 272 -43.04 38.82 -81.96
CA LEU N 272 -43.17 40.30 -81.91
C LEU N 272 -43.60 40.79 -80.53
N PRO N 273 -42.85 41.77 -79.94
CA PRO N 273 -43.16 42.24 -78.60
C PRO N 273 -44.66 42.28 -78.28
N ILE N 274 -45.51 42.67 -79.24
CA ILE N 274 -46.98 42.46 -79.18
C ILE N 274 -47.71 42.71 -77.84
N ASN N 275 -49.03 42.48 -77.84
CA ASN N 275 -49.81 42.38 -76.62
C ASN N 275 -50.75 41.20 -76.70
N LYS N 276 -51.04 40.61 -75.55
CA LYS N 276 -51.66 39.31 -75.55
C LYS N 276 -53.18 39.34 -75.27
N GLU N 277 -53.97 39.07 -76.31
CA GLU N 277 -55.44 39.04 -76.24
C GLU N 277 -55.94 37.59 -76.19
N SER N 278 -57.06 37.35 -75.52
CA SER N 278 -57.52 35.97 -75.35
C SER N 278 -58.45 35.49 -76.44
N ILE N 279 -58.36 34.21 -76.78
CA ILE N 279 -59.30 33.61 -77.74
C ILE N 279 -60.43 32.92 -76.96
N PRO N 280 -61.65 32.93 -77.52
CA PRO N 280 -62.76 32.29 -76.81
C PRO N 280 -62.78 30.76 -76.93
N SER N 281 -63.29 30.08 -75.91
CA SER N 281 -63.42 28.61 -75.93
C SER N 281 -64.81 28.14 -76.39
N PHE N 282 -65.04 26.83 -76.35
CA PHE N 282 -66.31 26.25 -76.77
C PHE N 282 -66.82 25.31 -75.68
N ARG N 283 -66.46 25.66 -74.44
CA ARG N 283 -66.50 24.74 -73.30
C ARG N 283 -67.78 24.83 -72.44
N ASN N 284 -68.47 25.98 -72.50
CA ASN N 284 -69.58 26.33 -71.59
C ASN N 284 -69.06 26.67 -70.20
N SER N 285 -69.18 25.69 -69.29
CA SER N 285 -68.59 25.75 -67.95
C SER N 285 -67.07 25.52 -68.10
N ASN N 286 -66.28 26.58 -67.91
CA ASN N 286 -66.81 27.89 -67.56
C ASN N 286 -66.35 29.01 -68.49
N VAL N 287 -66.77 30.24 -68.20
CA VAL N 287 -66.41 31.44 -68.95
C VAL N 287 -66.53 32.66 -67.99
N GLY N 288 -65.44 33.29 -67.50
CA GLY N 288 -64.03 32.88 -67.52
C GLY N 288 -63.52 32.28 -68.81
N ILE N 289 -62.29 31.77 -68.80
CA ILE N 289 -61.26 32.16 -67.87
C ILE N 289 -60.26 32.82 -68.82
N ILE N 290 -60.25 34.15 -68.83
CA ILE N 290 -59.38 34.89 -69.73
C ILE N 290 -58.05 34.18 -69.80
N ASN N 291 -57.59 33.83 -71.00
CA ASN N 291 -56.20 33.40 -71.16
C ASN N 291 -55.37 34.50 -71.81
N ALA N 292 -54.04 34.39 -71.79
CA ALA N 292 -53.20 35.41 -72.43
C ALA N 292 -52.10 34.83 -73.32
N GLN N 293 -52.28 34.93 -74.65
CA GLN N 293 -51.18 34.75 -75.59
C GLN N 293 -51.38 35.64 -76.81
N GLY N 294 -50.27 36.16 -77.36
CA GLY N 294 -50.33 37.07 -78.52
C GLY N 294 -51.17 36.50 -79.64
N ILE N 295 -51.87 37.35 -80.40
CA ILE N 295 -52.86 36.78 -81.31
C ILE N 295 -52.89 37.35 -82.74
N LEU N 296 -52.03 38.33 -83.04
CA LEU N 296 -51.94 38.92 -84.39
C LEU N 296 -53.29 39.04 -85.11
N ALA N 297 -53.38 38.63 -86.38
CA ALA N 297 -54.64 38.79 -87.12
C ALA N 297 -55.42 37.48 -87.19
N ASP N 298 -56.75 37.57 -87.28
CA ASP N 298 -57.62 36.38 -87.37
C ASP N 298 -59.10 36.66 -87.67
N PHE N 299 -59.64 35.93 -88.64
CA PHE N 299 -60.97 36.23 -89.14
C PHE N 299 -61.85 34.97 -89.20
N VAL N 300 -63.17 35.16 -89.09
CA VAL N 300 -64.13 34.07 -89.29
C VAL N 300 -64.38 33.91 -90.76
N PRO N 301 -64.96 32.78 -91.19
CA PRO N 301 -65.28 32.72 -92.61
C PRO N 301 -66.27 33.83 -92.95
N LEU N 302 -65.96 34.62 -93.97
CA LEU N 302 -66.88 35.69 -94.37
C LEU N 302 -67.95 35.16 -95.33
N VAL N 303 -69.16 35.02 -94.78
CA VAL N 303 -70.34 34.76 -95.59
C VAL N 303 -70.80 36.10 -96.18
N THR N 304 -71.07 36.13 -97.48
CA THR N 304 -70.84 35.02 -98.37
C THR N 304 -69.82 35.43 -99.41
N ASN N 305 -68.77 34.62 -99.53
CA ASN N 305 -67.84 34.76 -100.64
C ASN N 305 -68.07 33.67 -101.68
N GLY N 306 -69.13 32.89 -101.46
CA GLY N 306 -69.63 31.90 -102.41
C GLY N 306 -68.56 30.90 -102.79
N PRO N 307 -68.88 29.60 -102.76
CA PRO N 307 -67.92 28.65 -103.29
C PRO N 307 -67.68 28.95 -104.77
N GLU N 308 -66.43 29.09 -105.20
CA GLU N 308 -65.31 28.76 -104.36
C GLU N 308 -64.99 29.84 -103.36
N ALA N 309 -65.02 29.41 -102.11
CA ALA N 309 -64.37 30.03 -100.96
C ALA N 309 -63.63 28.88 -100.29
N ARG N 310 -64.05 27.68 -100.66
CA ARG N 310 -63.37 26.44 -100.32
C ARG N 310 -61.98 26.44 -100.94
N ILE N 311 -61.81 27.23 -102.00
CA ILE N 311 -60.59 27.26 -102.80
C ILE N 311 -59.51 28.09 -102.12
N SER N 312 -59.94 29.12 -101.40
CA SER N 312 -59.04 30.10 -100.83
C SER N 312 -59.77 31.11 -99.96
N ILE N 313 -59.09 31.54 -98.89
CA ILE N 313 -59.56 32.63 -98.05
C ILE N 313 -58.67 33.82 -98.37
N ASP N 314 -59.20 35.02 -98.22
CA ASP N 314 -58.41 36.21 -98.49
C ASP N 314 -58.92 37.43 -97.72
N PHE N 315 -58.00 38.26 -97.20
CA PHE N 315 -58.37 39.41 -96.38
C PHE N 315 -57.54 40.63 -96.71
N VAL N 316 -57.81 41.25 -97.86
CA VAL N 316 -57.20 42.55 -98.10
C VAL N 316 -57.88 43.46 -97.09
N ALA N 317 -57.09 44.24 -96.35
CA ALA N 317 -57.62 45.21 -95.39
C ALA N 317 -58.35 46.32 -96.14
N THR N 318 -59.43 46.83 -95.54
CA THR N 318 -60.30 47.79 -96.21
C THR N 318 -60.50 49.05 -95.37
N GLY N 319 -59.86 49.08 -94.21
CA GLY N 319 -59.88 50.25 -93.35
C GLY N 319 -60.83 50.09 -92.19
N PRO N 320 -60.65 50.87 -91.12
CA PRO N 320 -59.50 51.74 -90.89
C PRO N 320 -58.39 50.93 -90.28
N TRP N 321 -57.21 51.52 -90.09
CA TRP N 321 -56.12 50.76 -89.54
C TRP N 321 -56.56 50.19 -88.22
N ARG N 322 -56.31 48.90 -88.02
CA ARG N 322 -56.62 48.26 -86.78
C ARG N 322 -55.28 47.96 -86.13
N LEU N 323 -55.09 48.48 -84.94
CA LEU N 323 -53.76 48.50 -84.33
C LEU N 323 -53.65 47.44 -83.25
N ILE N 324 -52.48 46.80 -83.17
CA ILE N 324 -52.10 46.02 -81.98
C ILE N 324 -50.96 46.81 -81.39
N ASP N 325 -50.54 46.48 -80.18
CA ASP N 325 -49.47 47.25 -79.57
C ASP N 325 -48.10 46.56 -79.62
N MET N 326 -47.06 47.27 -79.17
CA MET N 326 -45.72 46.67 -78.99
C MET N 326 -45.06 47.21 -77.75
N PHE N 327 -44.23 46.41 -77.08
CA PHE N 327 -43.88 46.71 -75.69
C PHE N 327 -42.46 47.04 -75.23
N GLY N 328 -41.58 46.04 -75.22
CA GLY N 328 -40.22 46.22 -74.72
C GLY N 328 -39.32 46.92 -75.72
N SER N 329 -38.05 47.11 -75.36
CA SER N 329 -37.10 47.85 -76.21
C SER N 329 -35.95 46.99 -76.76
N VAL N 330 -36.29 45.76 -77.14
CA VAL N 330 -35.38 44.86 -77.84
C VAL N 330 -35.52 45.00 -79.37
N PRO N 331 -34.44 45.37 -80.03
CA PRO N 331 -34.43 45.33 -81.49
C PRO N 331 -34.87 43.94 -81.98
N ILE N 332 -35.85 43.87 -82.88
CA ILE N 332 -36.43 42.60 -83.28
C ILE N 332 -35.52 41.75 -84.16
N TYR N 333 -35.42 40.46 -83.84
CA TYR N 333 -34.57 39.53 -84.58
C TYR N 333 -35.25 38.30 -85.19
N MET N 334 -36.57 38.16 -85.04
CA MET N 334 -37.24 36.94 -85.46
C MET N 334 -38.65 37.22 -85.91
N VAL N 335 -39.03 36.68 -87.05
CA VAL N 335 -40.41 36.68 -87.45
C VAL N 335 -40.88 35.27 -87.24
N ASP N 336 -41.82 35.08 -86.32
CA ASP N 336 -42.37 33.76 -86.06
C ASP N 336 -43.85 33.84 -86.29
N LEU N 337 -44.41 32.89 -87.03
CA LEU N 337 -45.83 32.97 -87.33
C LEU N 337 -46.39 31.58 -87.49
N TYR N 338 -47.57 31.34 -86.91
CA TYR N 338 -48.28 30.04 -86.99
C TYR N 338 -49.70 30.25 -87.49
N VAL N 339 -50.23 29.38 -88.35
CA VAL N 339 -51.63 29.50 -88.80
C VAL N 339 -52.41 28.25 -88.42
N TYR N 340 -53.63 28.42 -87.91
CA TYR N 340 -54.45 27.31 -87.42
C TYR N 340 -55.88 27.48 -87.88
N TRP N 341 -56.59 26.37 -88.06
CA TRP N 341 -58.00 26.48 -88.40
C TRP N 341 -58.74 25.71 -87.35
N THR N 342 -59.81 26.27 -86.78
CA THR N 342 -60.51 25.60 -85.65
C THR N 342 -61.95 25.12 -86.00
N ASP N 343 -62.37 23.99 -85.44
CA ASP N 343 -63.78 23.51 -85.53
C ASP N 343 -64.38 23.41 -84.14
N GLN N 344 -65.69 23.61 -84.01
CA GLN N 344 -66.35 23.20 -82.77
C GLN N 344 -66.58 21.69 -82.88
N THR N 345 -66.36 20.92 -81.81
CA THR N 345 -65.80 21.39 -80.54
C THR N 345 -64.36 21.88 -80.69
N GLY N 346 -64.10 23.06 -80.15
CA GLY N 346 -62.93 23.88 -80.50
C GLY N 346 -61.54 23.30 -80.34
N GLY N 347 -61.09 22.52 -81.32
CA GLY N 347 -59.73 21.96 -81.33
C GLY N 347 -58.82 22.68 -82.34
N GLN N 348 -57.52 22.67 -82.09
CA GLN N 348 -56.64 23.50 -82.89
C GLN N 348 -56.43 23.15 -84.36
N TYR N 349 -55.84 22.00 -84.69
CA TYR N 349 -55.52 21.65 -86.08
C TYR N 349 -54.72 22.69 -86.88
N LEU N 350 -53.40 22.67 -86.75
CA LEU N 350 -52.50 23.56 -87.49
C LEU N 350 -52.65 23.38 -89.00
N ILE N 351 -53.01 24.46 -89.70
CA ILE N 351 -53.28 24.44 -91.16
C ILE N 351 -52.15 23.82 -91.99
N ASN N 352 -52.51 23.28 -93.17
CA ASN N 352 -51.63 22.54 -94.07
C ASN N 352 -51.64 23.16 -95.48
N ILE N 353 -50.48 23.40 -96.07
CA ILE N 353 -50.42 24.06 -97.39
C ILE N 353 -50.27 23.07 -98.60
N PRO N 354 -51.29 23.01 -99.49
CA PRO N 354 -51.37 22.10 -100.64
C PRO N 354 -50.20 22.24 -101.61
N PRO N 355 -49.91 21.22 -102.46
CA PRO N 355 -48.71 21.18 -103.31
C PRO N 355 -48.49 22.42 -104.16
N GLY N 356 -49.58 23.08 -104.56
CA GLY N 356 -49.51 24.14 -105.54
C GLY N 356 -49.56 25.61 -105.14
N ARG N 357 -49.58 25.93 -103.85
CA ARG N 357 -49.76 27.32 -103.45
C ARG N 357 -48.84 27.81 -102.35
N ILE N 358 -48.67 29.14 -102.30
CA ILE N 358 -47.75 29.78 -101.37
C ILE N 358 -48.61 30.60 -100.40
N LEU N 359 -48.24 30.61 -99.13
CA LEU N 359 -49.00 31.25 -98.04
C LEU N 359 -48.40 32.60 -97.63
N THR N 360 -49.18 33.67 -97.74
CA THR N 360 -48.61 35.02 -97.67
C THR N 360 -49.30 36.02 -96.73
N CYS N 361 -48.57 36.48 -95.71
CA CYS N 361 -49.02 37.61 -94.89
C CYS N 361 -48.30 38.90 -95.32
N LYS N 362 -48.71 40.03 -94.76
CA LYS N 362 -47.90 41.25 -94.84
C LYS N 362 -47.90 41.82 -93.43
N LEU N 363 -47.18 42.90 -93.19
CA LEU N 363 -47.10 43.44 -91.85
C LEU N 363 -46.97 44.94 -91.96
N VAL N 364 -47.15 45.67 -90.86
CA VAL N 364 -46.85 47.13 -90.78
C VAL N 364 -46.47 47.59 -89.38
N PHE N 365 -45.50 48.47 -89.34
CA PHE N 365 -45.17 49.16 -88.13
C PHE N 365 -45.47 50.59 -88.48
N ILE N 366 -46.04 51.32 -87.54
CA ILE N 366 -46.25 52.74 -87.69
C ILE N 366 -45.63 53.39 -86.49
N LYS N 367 -45.07 54.58 -86.64
CA LYS N 367 -44.54 55.23 -85.47
C LYS N 367 -45.69 55.86 -84.72
N LYS N 368 -45.84 55.39 -83.49
CA LYS N 368 -46.88 55.78 -82.56
C LYS N 368 -47.14 57.27 -82.57
N SER N 369 -46.09 58.06 -82.71
CA SER N 369 -46.16 59.51 -82.63
C SER N 369 -47.00 60.11 -83.76
N LEU N 370 -46.93 59.56 -84.96
CA LEU N 370 -47.79 60.08 -86.01
C LEU N 370 -49.27 59.82 -85.73
N SER N 371 -49.59 58.59 -85.32
CA SER N 371 -50.97 58.17 -85.04
C SER N 371 -51.66 58.82 -83.83
N LYS N 372 -50.91 58.93 -82.74
CA LYS N 372 -51.47 59.32 -81.46
C LYS N 372 -50.67 60.48 -80.92
N TYR N 373 -51.31 61.34 -80.15
CA TYR N 373 -50.61 62.56 -79.76
C TYR N 373 -49.21 62.25 -79.24
#